data_9CZ2
#
_entry.id   9CZ2
#
_cell.length_a   1.00
_cell.length_b   1.00
_cell.length_c   1.00
_cell.angle_alpha   90.00
_cell.angle_beta   90.00
_cell.angle_gamma   90.00
#
_symmetry.space_group_name_H-M   'P 1'
#
loop_
_entity.id
_entity.type
_entity.pdbx_description
1 polymer 'Modulator of FtsH protease HflK'
2 polymer 'Modulator of FtsH protease HflC'
3 polymer 'ATP-dependent zinc metalloprotease FtsH'
#
loop_
_entity_poly.entity_id
_entity_poly.type
_entity_poly.pdbx_seq_one_letter_code
_entity_poly.pdbx_strand_id
1 'polypeptide(L)'
;MAWNQPGNNGQDRDPWGSSKPGGNSEGNGNKGGRDQGPPDLDDIFRKLSKKLGGLGGGKGTGSGGGSSSQGPRPQLGGRV
VTIAAAAIVIIWAASGFYTIKEAERGVVTRFGKFSHLVEPGLNWKPTFIDEVKPVNVEAVRELAASGVMLTSDENVVRVE
MNVQYRVTNPEKYLYSVTSPDDSLRQATDSALRGVIGKYTMDRILTEGRTVIRSDTQRELEETIRPYDMGITLLDVNFQA
ARPPEEVKAAFDDAIAARENEQQYIREAEAYTNEVQPRANGQAQRILEEARAYKAQTILEAQGEVARFAKLLPEYKAAPE
ITRERLYIETMEKVLGNTRKVLVNDKGGNLMVLPLDQMLKGGNAPAAKSDNGASNLLRLPPASSSTTSGASNTSSTSQGD
IMDQRRANAQRNDYQRQGE
;
XA,XC,XE,XG,XI,XK,XM,XO,XQ,XS,XU,XW
2 'polypeptide(L)'
;MRKSVIAIIIIVLVVLYMSVFVVKEGERGITLRFGKVLRDDDNKPLVYEPGLHFKIPFIETVKMLDARIQTMDNQADRFV
TKEKKDLIVDSYIKWRISDFSRYYLATGGGDISQAEVLLKRKFSDRLRSEIGRLDVKDIVTDSRGRLTLEVRDALNSGSA
GTEDEVTTPAADNAIAEAAERVTAETKGKVPVINPNSMAALGIEVVDVRIKQINLPTEVSEAIYNRMRAEREAVARRHRS
QGQEEAEKLRATADYEVTRTLAEAERQGRIMRGEGDAEAAKLFADAFSKDPDFYAFIRSLRAYENSFSGNQDVMVMSPDS
DFFRYMKTPTSATR
;
XB,XD,XF,XH,XJ,XL,XN,XP,XR,XT,XX,XV
3 'polypeptide(L)'
;MAKNLILWLVIAVVLMSVFQSFGPSESNGRKVDYSTFLQEVNNDQVREARINGREINVTKKDSNRYTTYIPVQDPKLLDN
LLTKNVKVVGEPPEEPSLLASIFISWFPMLLLIGVWIFFMRQMQGGGGKGAMSFGKSKARMLTEDQIKTTFADVAGCDEA
KEEVAELVEYLREPSRFQKLGGKIPKGVLMVGPPGTGKTLLAKAIAGEAKVPFFTISGSDFVEMFVGVGASRVRDMFEQA
KKAAPCIIFIDEIDAVGRQRGAGLGGGHDEREQTLNQMLVEMDGFEGNEGIIVIAATNRPDVLDPALLRPGRFDRQVVVG
LPDVRGREQILKVHMRRVPLAPDIDAAIIARGTPGFSGADLANLVNEAALFAARGNKRVVSMVEFEKAKDKIMMGAERRS
MVMTEAQKESTAYHEAGHAIIGRLVPEHDPVHKVTIIPRGRALGVTFFLPEGDAISASRQKLESQISTLYGGRLAEEIIY
GPEHVSTGASNDIKVATNLARNMVTQWGFSEKLGPLLYAEEEGEVFLGRSVAKAKHMSDETARIIDQEVKALIERNYNRA
RQLLTDNMDILHAMKDALMKYETIDAPQIDDLMARRDVRPPAGWEEPGASNNSGDNGSPKAPRPVDEPRTPNPGNTMSEQ
LGDK
;
A,B,C,D,E,F,G,H,I,J,K,L
#
# COMPACT_ATOMS: atom_id res chain seq x y z
N ARG A 79 -30.24 11.46 -115.57
CA ARG A 79 -29.72 10.22 -115.01
C ARG A 79 -29.48 10.34 -113.51
N VAL A 80 -29.16 11.56 -113.05
CA VAL A 80 -28.92 11.77 -111.62
C VAL A 80 -30.20 11.57 -110.83
N VAL A 81 -31.35 11.93 -111.41
CA VAL A 81 -32.62 11.76 -110.70
C VAL A 81 -32.92 10.28 -110.50
N THR A 82 -32.60 9.45 -111.50
CA THR A 82 -32.85 8.02 -111.40
C THR A 82 -32.07 7.38 -110.25
N ILE A 83 -30.81 7.82 -110.06
CA ILE A 83 -29.97 7.27 -109.01
C ILE A 83 -30.57 7.53 -107.63
N ALA A 84 -31.11 8.74 -107.42
CA ALA A 84 -31.68 9.10 -106.13
C ALA A 84 -32.87 8.22 -105.76
N ALA A 85 -33.73 7.91 -106.73
CA ALA A 85 -34.92 7.12 -106.46
C ALA A 85 -34.57 5.71 -105.99
N ALA A 86 -33.58 5.07 -106.62
CA ALA A 86 -33.21 3.71 -106.26
C ALA A 86 -32.73 3.59 -104.80
N ALA A 87 -31.97 4.57 -104.33
CA ALA A 87 -31.39 4.51 -102.98
C ALA A 87 -32.46 4.47 -101.88
N ILE A 88 -33.53 5.26 -102.02
CA ILE A 88 -34.53 5.33 -100.96
C ILE A 88 -35.36 4.05 -100.84
N VAL A 89 -35.64 3.36 -101.94
CA VAL A 89 -36.49 2.17 -101.88
C VAL A 89 -35.81 1.00 -101.16
N ILE A 90 -34.49 0.83 -101.30
CA ILE A 90 -33.83 -0.34 -100.70
C ILE A 90 -33.92 -0.32 -99.18
N ILE A 91 -33.78 0.85 -98.55
CA ILE A 91 -33.81 0.89 -97.09
C ILE A 91 -35.18 0.46 -96.55
N TRP A 92 -36.26 0.86 -97.22
CA TRP A 92 -37.60 0.46 -96.80
C TRP A 92 -37.75 -1.06 -96.80
N ALA A 93 -37.31 -1.71 -97.89
CA ALA A 93 -37.42 -3.16 -97.97
C ALA A 93 -36.49 -3.85 -96.98
N ALA A 94 -35.26 -3.35 -96.83
CA ALA A 94 -34.31 -3.94 -95.90
C ALA A 94 -34.87 -3.95 -94.48
N SER A 95 -35.18 -2.76 -93.95
CA SER A 95 -35.76 -2.67 -92.62
C SER A 95 -37.10 -3.39 -92.56
N GLY A 96 -37.89 -3.31 -93.65
CA GLY A 96 -39.18 -3.96 -93.68
C GLY A 96 -39.11 -5.46 -93.38
N PHE A 97 -38.10 -6.14 -93.90
CA PHE A 97 -37.96 -7.56 -93.63
C PHE A 97 -37.63 -7.76 -92.16
N TYR A 98 -38.34 -8.69 -91.51
CA TYR A 98 -38.13 -9.00 -90.11
C TYR A 98 -38.21 -10.51 -89.93
N THR A 99 -37.28 -11.06 -89.16
CA THR A 99 -37.23 -12.49 -88.89
C THR A 99 -37.80 -12.76 -87.50
N ILE A 100 -38.51 -13.87 -87.38
CA ILE A 100 -39.15 -14.28 -86.13
C ILE A 100 -38.84 -15.75 -85.89
N LYS A 101 -38.80 -16.12 -84.61
CA LYS A 101 -38.51 -17.50 -84.21
C LYS A 101 -39.51 -18.47 -84.85
N GLU A 102 -39.10 -19.74 -84.88
CA GLU A 102 -39.95 -20.79 -85.46
C GLU A 102 -41.24 -21.02 -84.67
N ALA A 103 -41.37 -20.47 -83.46
CA ALA A 103 -42.56 -20.59 -82.65
C ALA A 103 -42.97 -19.23 -82.12
N GLU A 104 -42.86 -18.22 -82.98
CA GLU A 104 -43.23 -16.84 -82.69
C GLU A 104 -44.39 -16.45 -83.59
N ARG A 105 -45.39 -15.79 -83.02
CA ARG A 105 -46.58 -15.37 -83.77
C ARG A 105 -46.61 -13.86 -83.86
N GLY A 106 -45.98 -13.32 -84.90
CA GLY A 106 -46.00 -11.89 -85.11
C GLY A 106 -47.43 -11.38 -85.32
N VAL A 107 -47.65 -10.13 -84.93
CA VAL A 107 -48.95 -9.48 -85.08
C VAL A 107 -48.71 -8.20 -85.87
N VAL A 108 -48.88 -8.26 -87.20
CA VAL A 108 -48.70 -7.06 -88.00
C VAL A 108 -49.87 -6.13 -87.70
N THR A 109 -49.57 -4.85 -87.48
CA THR A 109 -50.59 -3.87 -87.13
C THR A 109 -50.41 -2.56 -87.89
N ARG A 110 -51.53 -2.03 -88.39
CA ARG A 110 -51.53 -0.70 -88.98
C ARG A 110 -51.21 0.29 -87.86
N PHE A 111 -51.02 1.58 -88.23
CA PHE A 111 -50.63 2.61 -87.27
C PHE A 111 -51.41 2.51 -85.95
N GLY A 112 -52.74 2.57 -86.04
CA GLY A 112 -53.60 2.36 -84.89
C GLY A 112 -54.26 0.99 -84.88
N LYS A 113 -54.73 0.57 -86.06
CA LYS A 113 -55.48 -0.65 -86.27
C LYS A 113 -54.62 -1.88 -86.52
N PHE A 114 -55.12 -3.03 -86.10
CA PHE A 114 -54.48 -4.31 -86.35
C PHE A 114 -54.76 -4.71 -87.80
N SER A 115 -53.78 -5.35 -88.45
CA SER A 115 -53.92 -5.73 -89.86
C SER A 115 -54.16 -7.22 -90.10
N HIS A 116 -53.30 -8.08 -89.57
CA HIS A 116 -53.44 -9.52 -89.78
C HIS A 116 -52.38 -10.23 -88.95
N LEU A 117 -52.55 -11.54 -88.77
CA LEU A 117 -51.63 -12.36 -88.00
C LEU A 117 -50.67 -13.08 -88.94
N VAL A 118 -49.38 -12.82 -88.76
CA VAL A 118 -48.32 -13.45 -89.56
C VAL A 118 -47.86 -14.71 -88.87
N GLU A 119 -47.57 -15.74 -89.67
CA GLU A 119 -47.11 -17.03 -89.16
C GLU A 119 -45.58 -17.05 -89.15
N PRO A 120 -44.97 -17.98 -88.38
CA PRO A 120 -43.50 -18.04 -88.33
C PRO A 120 -42.84 -18.05 -89.71
N GLY A 121 -41.59 -17.60 -89.74
CA GLY A 121 -40.81 -17.51 -90.97
C GLY A 121 -40.38 -16.08 -91.21
N LEU A 122 -39.97 -15.76 -92.44
CA LEU A 122 -39.55 -14.43 -92.81
C LEU A 122 -40.66 -13.76 -93.60
N ASN A 123 -41.24 -12.70 -93.03
CA ASN A 123 -42.30 -11.92 -93.65
C ASN A 123 -41.79 -10.51 -93.90
N TRP A 124 -42.61 -9.72 -94.60
CA TRP A 124 -42.28 -8.33 -94.93
C TRP A 124 -43.40 -7.41 -94.45
N LYS A 125 -43.01 -6.27 -93.87
CA LYS A 125 -43.93 -5.25 -93.41
C LYS A 125 -43.43 -3.91 -93.94
N PRO A 126 -44.26 -3.11 -94.63
CA PRO A 126 -43.77 -1.81 -95.09
C PRO A 126 -43.27 -0.95 -93.93
N THR A 127 -41.98 -0.60 -93.99
CA THR A 127 -41.37 0.17 -92.91
C THR A 127 -42.02 1.54 -92.77
N PHE A 128 -42.29 1.93 -91.53
CA PHE A 128 -42.90 3.20 -91.12
C PHE A 128 -44.40 3.24 -91.36
N ILE A 129 -45.01 2.19 -91.91
CA ILE A 129 -46.44 2.14 -92.17
C ILE A 129 -47.14 1.21 -91.19
N ASP A 130 -46.64 -0.02 -91.04
CA ASP A 130 -47.18 -1.01 -90.13
C ASP A 130 -46.04 -1.56 -89.28
N GLU A 131 -46.41 -2.09 -88.12
CA GLU A 131 -45.46 -2.65 -87.16
C GLU A 131 -45.94 -4.01 -86.68
N VAL A 132 -44.98 -4.85 -86.32
CA VAL A 132 -45.24 -6.21 -85.84
C VAL A 132 -44.95 -6.27 -84.35
N LYS A 133 -45.76 -7.04 -83.62
CA LYS A 133 -45.62 -7.20 -82.18
C LYS A 133 -45.83 -8.68 -81.88
N PRO A 134 -44.75 -9.46 -81.78
CA PRO A 134 -44.91 -10.89 -81.52
C PRO A 134 -45.22 -11.22 -80.07
N VAL A 135 -45.81 -12.40 -79.90
CA VAL A 135 -46.19 -12.95 -78.60
C VAL A 135 -45.94 -14.45 -78.64
N ASN A 136 -45.53 -15.01 -77.50
CA ASN A 136 -45.28 -16.45 -77.41
C ASN A 136 -46.59 -17.10 -76.96
N VAL A 137 -47.08 -18.05 -77.76
CA VAL A 137 -48.36 -18.72 -77.51
C VAL A 137 -48.21 -20.23 -77.31
N GLU A 138 -46.99 -20.77 -77.38
CA GLU A 138 -46.75 -22.20 -77.23
C GLU A 138 -45.64 -22.46 -76.20
N ALA A 139 -45.71 -21.76 -75.07
CA ALA A 139 -44.72 -21.94 -74.01
C ALA A 139 -45.37 -21.76 -72.65
N VAL A 140 -45.27 -22.80 -71.82
CA VAL A 140 -45.82 -22.78 -70.47
C VAL A 140 -45.29 -21.56 -69.70
N ARG A 141 -46.16 -20.99 -68.87
CA ARG A 141 -45.83 -19.83 -68.03
C ARG A 141 -46.00 -20.24 -66.57
N GLU A 142 -45.82 -19.29 -65.66
CA GLU A 142 -45.92 -19.57 -64.23
C GLU A 142 -46.45 -18.33 -63.49
N LEU A 143 -47.30 -18.57 -62.50
CA LEU A 143 -47.87 -17.49 -61.69
C LEU A 143 -48.11 -18.06 -60.30
N ALA A 144 -47.18 -17.78 -59.38
CA ALA A 144 -47.27 -18.26 -58.01
C ALA A 144 -48.07 -17.27 -57.18
N ALA A 145 -49.15 -17.76 -56.55
CA ALA A 145 -50.03 -16.96 -55.70
C ALA A 145 -50.04 -17.57 -54.30
N SER A 146 -49.71 -16.75 -53.31
CA SER A 146 -49.66 -17.18 -51.91
C SER A 146 -50.31 -16.10 -51.05
N GLY A 147 -50.40 -16.37 -49.77
CA GLY A 147 -50.98 -15.43 -48.83
C GLY A 147 -51.52 -16.12 -47.60
N VAL A 148 -51.71 -15.34 -46.54
CA VAL A 148 -52.21 -15.83 -45.26
C VAL A 148 -53.73 -15.74 -45.33
N MET A 149 -54.36 -16.79 -45.87
CA MET A 149 -55.80 -16.82 -46.00
C MET A 149 -56.49 -17.24 -44.69
N LEU A 150 -57.78 -16.96 -44.62
CA LEU A 150 -58.62 -17.28 -43.46
C LEU A 150 -59.52 -18.47 -43.78
N THR A 151 -59.58 -19.43 -42.86
CA THR A 151 -60.39 -20.63 -43.04
C THR A 151 -61.82 -20.37 -42.56
N SER A 152 -62.63 -21.43 -42.49
CA SER A 152 -64.03 -21.33 -42.08
C SER A 152 -64.24 -21.47 -40.57
N ASP A 153 -63.20 -21.85 -39.81
CA ASP A 153 -63.31 -22.02 -38.36
C ASP A 153 -62.57 -20.94 -37.59
N GLU A 154 -62.35 -19.78 -38.22
CA GLU A 154 -61.64 -18.64 -37.63
C GLU A 154 -60.17 -18.94 -37.39
N ASN A 155 -59.64 -19.96 -38.06
CA ASN A 155 -58.24 -20.35 -37.95
C ASN A 155 -57.47 -19.80 -39.14
N VAL A 156 -56.16 -19.63 -38.94
CA VAL A 156 -55.26 -19.10 -39.96
C VAL A 156 -54.42 -20.25 -40.49
N VAL A 157 -54.19 -20.24 -41.81
CA VAL A 157 -53.39 -21.26 -42.49
C VAL A 157 -52.52 -20.58 -43.54
N ARG A 158 -51.23 -20.88 -43.54
CA ARG A 158 -50.30 -20.32 -44.52
C ARG A 158 -50.34 -21.22 -45.74
N VAL A 159 -51.07 -20.80 -46.77
CA VAL A 159 -51.22 -21.55 -48.01
C VAL A 159 -50.48 -20.85 -49.13
N GLU A 160 -49.83 -21.65 -49.99
CA GLU A 160 -49.12 -21.17 -51.16
C GLU A 160 -49.57 -22.02 -52.34
N MET A 161 -49.74 -21.40 -53.51
CA MET A 161 -50.19 -22.10 -54.70
C MET A 161 -49.37 -21.64 -55.90
N ASN A 162 -49.29 -22.51 -56.90
CA ASN A 162 -48.59 -22.24 -58.15
C ASN A 162 -49.59 -22.48 -59.27
N VAL A 163 -49.66 -21.56 -60.22
CA VAL A 163 -50.60 -21.62 -61.33
C VAL A 163 -49.81 -21.55 -62.63
N GLN A 164 -49.73 -22.68 -63.34
CA GLN A 164 -49.05 -22.74 -64.63
C GLN A 164 -50.11 -22.49 -65.70
N TYR A 165 -49.84 -21.53 -66.58
CA TYR A 165 -50.80 -21.16 -67.62
C TYR A 165 -50.07 -20.82 -68.91
N ARG A 166 -50.87 -20.54 -69.94
CA ARG A 166 -50.40 -20.16 -71.26
C ARG A 166 -51.28 -19.00 -71.75
N VAL A 167 -51.00 -18.55 -72.96
CA VAL A 167 -51.73 -17.45 -73.59
C VAL A 167 -52.34 -17.98 -74.89
N THR A 168 -53.08 -17.13 -75.60
CA THR A 168 -53.79 -17.47 -76.82
C THR A 168 -53.61 -16.29 -77.75
N ASN A 169 -54.40 -16.25 -78.85
CA ASN A 169 -54.34 -15.23 -79.90
C ASN A 169 -54.16 -13.83 -79.30
N PRO A 170 -53.11 -13.08 -79.67
CA PRO A 170 -52.89 -11.77 -79.02
C PRO A 170 -54.01 -10.75 -79.19
N GLU A 171 -55.01 -10.98 -80.03
CA GLU A 171 -56.07 -9.99 -80.15
C GLU A 171 -56.85 -9.88 -78.85
N LYS A 172 -57.04 -11.00 -78.16
CA LYS A 172 -57.72 -11.00 -76.87
C LYS A 172 -56.77 -10.61 -75.75
N TYR A 173 -55.65 -11.33 -75.63
CA TYR A 173 -54.66 -11.10 -74.57
C TYR A 173 -54.18 -9.65 -74.50
N LEU A 174 -54.01 -9.01 -75.65
CA LEU A 174 -53.49 -7.65 -75.70
C LEU A 174 -54.58 -6.59 -75.58
N TYR A 175 -55.80 -6.86 -76.03
CA TYR A 175 -56.87 -5.86 -76.05
C TYR A 175 -58.12 -6.34 -75.31
N SER A 176 -57.95 -7.00 -74.16
CA SER A 176 -59.05 -7.41 -73.31
C SER A 176 -59.02 -6.69 -71.97
N VAL A 177 -57.88 -6.74 -71.27
CA VAL A 177 -57.69 -6.09 -69.98
C VAL A 177 -56.27 -5.57 -69.90
N THR A 178 -56.09 -4.45 -69.20
CA THR A 178 -54.75 -3.94 -68.99
C THR A 178 -54.05 -4.84 -67.99
N SER A 179 -52.73 -4.98 -68.16
CA SER A 179 -51.90 -5.86 -67.32
C SER A 179 -52.57 -7.22 -67.12
N PRO A 180 -52.71 -8.04 -68.17
CA PRO A 180 -53.41 -9.33 -67.99
C PRO A 180 -52.75 -10.25 -66.99
N ASP A 181 -51.42 -10.24 -66.89
CA ASP A 181 -50.75 -11.08 -65.91
C ASP A 181 -51.11 -10.66 -64.49
N ASP A 182 -51.07 -9.36 -64.22
CA ASP A 182 -51.38 -8.86 -62.88
C ASP A 182 -52.86 -9.03 -62.56
N SER A 183 -53.74 -8.73 -63.52
CA SER A 183 -55.17 -8.86 -63.29
C SER A 183 -55.54 -10.31 -62.95
N LEU A 184 -54.92 -11.27 -63.63
CA LEU A 184 -55.20 -12.67 -63.34
C LEU A 184 -54.75 -13.03 -61.93
N ARG A 185 -53.66 -12.42 -61.46
CA ARG A 185 -53.16 -12.73 -60.12
C ARG A 185 -54.17 -12.29 -59.06
N GLN A 186 -54.83 -11.14 -59.27
CA GLN A 186 -55.82 -10.69 -58.31
C GLN A 186 -56.99 -11.67 -58.27
N ALA A 187 -57.43 -12.15 -59.44
CA ALA A 187 -58.50 -13.14 -59.49
C ALA A 187 -58.10 -14.41 -58.76
N THR A 188 -56.84 -14.82 -58.90
CA THR A 188 -56.36 -16.04 -58.25
C THR A 188 -56.43 -15.90 -56.74
N ASP A 189 -56.06 -14.74 -56.20
CA ASP A 189 -56.11 -14.53 -54.76
C ASP A 189 -57.53 -14.63 -54.25
N SER A 190 -58.48 -13.99 -54.95
CA SER A 190 -59.88 -14.04 -54.55
C SER A 190 -60.40 -15.47 -54.57
N ALA A 191 -60.02 -16.24 -55.59
CA ALA A 191 -60.46 -17.63 -55.68
C ALA A 191 -59.88 -18.46 -54.55
N LEU A 192 -58.57 -18.34 -54.32
CA LEU A 192 -57.92 -19.11 -53.27
C LEU A 192 -58.50 -18.77 -51.90
N ARG A 193 -58.65 -17.48 -51.59
CA ARG A 193 -59.22 -17.09 -50.31
C ARG A 193 -60.67 -17.54 -50.20
N GLY A 194 -61.47 -17.27 -51.24
CA GLY A 194 -62.86 -17.69 -51.23
C GLY A 194 -62.99 -19.18 -51.04
N VAL A 195 -62.21 -19.96 -51.78
CA VAL A 195 -62.23 -21.41 -51.66
C VAL A 195 -61.79 -21.84 -50.26
N ILE A 196 -60.62 -21.35 -49.83
CA ILE A 196 -60.13 -21.65 -48.48
C ILE A 196 -61.15 -21.25 -47.43
N GLY A 197 -61.82 -20.11 -47.65
CA GLY A 197 -62.82 -19.63 -46.71
C GLY A 197 -63.94 -20.61 -46.43
N LYS A 198 -64.23 -21.50 -47.37
CA LYS A 198 -65.32 -22.46 -47.18
C LYS A 198 -64.94 -23.60 -46.24
N TYR A 199 -63.72 -24.13 -46.39
CA TYR A 199 -63.27 -25.27 -45.61
C TYR A 199 -62.57 -24.86 -44.32
N THR A 200 -62.53 -25.81 -43.39
CA THR A 200 -61.88 -25.64 -42.09
C THR A 200 -60.38 -25.92 -42.21
N MET A 201 -59.65 -25.50 -41.17
CA MET A 201 -58.19 -25.64 -41.17
C MET A 201 -57.75 -27.10 -41.27
N ASP A 202 -58.31 -27.97 -40.43
CA ASP A 202 -57.91 -29.38 -40.44
C ASP A 202 -58.14 -30.02 -41.80
N ARG A 203 -59.27 -29.73 -42.43
CA ARG A 203 -59.56 -30.29 -43.75
C ARG A 203 -58.55 -29.80 -44.78
N ILE A 204 -58.35 -28.48 -44.84
CA ILE A 204 -57.43 -27.86 -45.79
C ILE A 204 -56.01 -28.41 -45.67
N LEU A 205 -55.60 -28.82 -44.46
CA LEU A 205 -54.22 -29.26 -44.29
C LEU A 205 -53.95 -30.63 -44.92
N THR A 206 -54.89 -31.57 -44.81
CA THR A 206 -54.72 -32.92 -45.34
C THR A 206 -55.65 -33.26 -46.50
N GLU A 207 -56.96 -33.09 -46.31
CA GLU A 207 -57.93 -33.47 -47.33
C GLU A 207 -58.09 -32.41 -48.42
N GLY A 208 -58.17 -31.13 -48.03
CA GLY A 208 -58.40 -30.06 -48.99
C GLY A 208 -57.38 -29.94 -50.10
N ARG A 209 -56.16 -30.45 -49.89
CA ARG A 209 -55.08 -30.37 -50.88
C ARG A 209 -55.53 -30.68 -52.32
N THR A 210 -56.33 -31.74 -52.49
CA THR A 210 -56.80 -32.12 -53.82
C THR A 210 -57.97 -31.26 -54.29
N VAL A 211 -58.98 -31.05 -53.44
CA VAL A 211 -60.16 -30.28 -53.85
C VAL A 211 -59.86 -28.79 -53.94
N ILE A 212 -59.00 -28.25 -53.07
CA ILE A 212 -58.72 -26.81 -53.08
C ILE A 212 -58.18 -26.38 -54.44
N ARG A 213 -57.22 -27.14 -54.99
CA ARG A 213 -56.69 -26.80 -56.30
C ARG A 213 -57.76 -26.89 -57.38
N SER A 214 -58.62 -27.90 -57.30
CA SER A 214 -59.69 -28.06 -58.29
C SER A 214 -60.67 -26.89 -58.22
N ASP A 215 -61.12 -26.55 -57.02
CA ASP A 215 -62.06 -25.45 -56.87
C ASP A 215 -61.44 -24.12 -57.28
N THR A 216 -60.21 -23.85 -56.81
CA THR A 216 -59.53 -22.62 -57.18
C THR A 216 -59.32 -22.53 -58.68
N GLN A 217 -59.03 -23.66 -59.32
CA GLN A 217 -58.85 -23.66 -60.78
C GLN A 217 -60.17 -23.40 -61.49
N ARG A 218 -61.25 -24.06 -61.05
CA ARG A 218 -62.55 -23.86 -61.66
C ARG A 218 -63.06 -22.44 -61.40
N GLU A 219 -62.91 -21.95 -60.17
CA GLU A 219 -63.36 -20.60 -59.86
C GLU A 219 -62.57 -19.57 -60.64
N LEU A 220 -61.24 -19.74 -60.72
CA LEU A 220 -60.41 -18.82 -61.48
C LEU A 220 -60.86 -18.73 -62.93
N GLU A 221 -61.18 -19.88 -63.54
CA GLU A 221 -61.65 -19.86 -64.93
C GLU A 221 -62.97 -19.13 -65.04
N GLU A 222 -63.91 -19.39 -64.13
CA GLU A 222 -65.18 -18.70 -64.15
C GLU A 222 -65.00 -17.20 -63.90
N THR A 223 -64.02 -16.84 -63.08
CA THR A 223 -63.76 -15.43 -62.78
C THR A 223 -63.25 -14.69 -64.01
N ILE A 224 -62.49 -15.37 -64.88
CA ILE A 224 -61.92 -14.72 -66.06
C ILE A 224 -62.71 -15.00 -67.33
N ARG A 225 -63.87 -15.66 -67.23
CA ARG A 225 -64.67 -15.89 -68.43
C ARG A 225 -65.22 -14.58 -68.99
N PRO A 226 -65.89 -13.73 -68.21
CA PRO A 226 -66.36 -12.45 -68.77
C PRO A 226 -65.27 -11.57 -69.37
N TYR A 227 -64.06 -11.59 -68.79
CA TYR A 227 -62.98 -10.73 -69.25
C TYR A 227 -62.70 -10.91 -70.74
N ASP A 228 -62.77 -12.16 -71.22
CA ASP A 228 -62.52 -12.55 -72.61
C ASP A 228 -61.03 -12.58 -72.93
N MET A 229 -60.16 -12.44 -71.93
CA MET A 229 -58.71 -12.46 -72.14
C MET A 229 -58.29 -13.75 -72.86
N GLY A 230 -57.14 -13.68 -73.52
CA GLY A 230 -56.60 -14.82 -74.21
C GLY A 230 -55.76 -15.73 -73.35
N ILE A 231 -55.79 -15.57 -72.04
CA ILE A 231 -55.02 -16.42 -71.15
C ILE A 231 -55.79 -17.72 -70.93
N THR A 232 -55.09 -18.85 -71.01
CA THR A 232 -55.67 -20.17 -70.83
C THR A 232 -54.98 -20.85 -69.64
N LEU A 233 -55.78 -21.39 -68.73
CA LEU A 233 -55.24 -22.06 -67.56
C LEU A 233 -54.82 -23.49 -67.93
N LEU A 234 -53.56 -23.82 -67.66
CA LEU A 234 -53.05 -25.15 -67.96
C LEU A 234 -53.16 -26.10 -66.78
N ASP A 235 -52.64 -25.71 -65.61
CA ASP A 235 -52.71 -26.56 -64.43
C ASP A 235 -52.57 -25.72 -63.18
N VAL A 236 -53.22 -26.18 -62.11
CA VAL A 236 -53.17 -25.55 -60.79
C VAL A 236 -52.64 -26.63 -59.85
N ASN A 237 -51.36 -26.56 -59.52
CA ASN A 237 -50.69 -27.55 -58.68
C ASN A 237 -50.43 -26.97 -57.28
N PHE A 238 -51.26 -27.40 -56.34
CA PHE A 238 -51.13 -26.97 -54.94
C PHE A 238 -49.75 -27.31 -54.41
N GLN A 239 -49.13 -26.36 -53.71
CA GLN A 239 -47.77 -26.54 -53.20
C GLN A 239 -47.71 -26.80 -51.70
N ALA A 240 -48.30 -25.95 -50.86
CA ALA A 240 -48.25 -26.18 -49.42
C ALA A 240 -49.42 -25.51 -48.73
N ALA A 241 -49.76 -26.05 -47.54
CA ALA A 241 -50.81 -25.56 -46.68
C ALA A 241 -50.36 -25.55 -45.22
N ARG A 242 -49.06 -25.43 -44.98
CA ARG A 242 -48.46 -25.48 -43.65
C ARG A 242 -49.13 -24.49 -42.69
N PRO A 243 -49.25 -24.82 -41.40
CA PRO A 243 -49.93 -23.93 -40.46
C PRO A 243 -49.08 -22.72 -40.13
N PRO A 244 -49.67 -21.72 -39.46
CA PRO A 244 -48.91 -20.52 -39.07
C PRO A 244 -47.67 -20.88 -38.25
N GLU A 245 -46.59 -20.11 -38.48
CA GLU A 245 -45.35 -20.35 -37.77
C GLU A 245 -45.52 -20.15 -36.26
N GLU A 246 -46.46 -19.29 -35.85
CA GLU A 246 -46.65 -19.07 -34.42
C GLU A 246 -47.18 -20.32 -33.73
N VAL A 247 -48.07 -21.06 -34.40
CA VAL A 247 -48.62 -22.30 -33.87
C VAL A 247 -47.86 -23.54 -34.35
N LYS A 248 -46.91 -23.37 -35.29
CA LYS A 248 -46.13 -24.50 -35.78
C LYS A 248 -45.38 -25.20 -34.66
N ALA A 249 -44.85 -24.41 -33.71
CA ALA A 249 -44.10 -24.96 -32.58
C ALA A 249 -44.92 -26.03 -31.86
N ALA A 250 -46.16 -25.72 -31.50
CA ALA A 250 -47.00 -26.70 -30.83
C ALA A 250 -47.33 -27.86 -31.76
N PHE A 251 -47.59 -27.57 -33.04
CA PHE A 251 -47.87 -28.63 -34.01
C PHE A 251 -46.73 -29.64 -34.06
N ASP A 252 -45.49 -29.17 -33.92
CA ASP A 252 -44.35 -30.08 -33.90
C ASP A 252 -44.29 -30.83 -32.58
N ASP A 253 -44.61 -30.14 -31.47
CA ASP A 253 -44.61 -30.78 -30.16
C ASP A 253 -45.65 -31.90 -30.10
N ALA A 254 -46.81 -31.69 -30.75
CA ALA A 254 -47.84 -32.71 -30.77
C ALA A 254 -47.32 -34.02 -31.34
N ILE A 255 -46.46 -33.93 -32.35
CA ILE A 255 -45.87 -35.14 -32.93
C ILE A 255 -44.80 -35.68 -31.99
N ALA A 256 -43.97 -34.79 -31.43
CA ALA A 256 -42.96 -35.22 -30.47
C ALA A 256 -43.60 -35.85 -29.24
N ALA A 257 -44.80 -35.40 -28.88
CA ALA A 257 -45.49 -35.96 -27.71
C ALA A 257 -45.83 -37.42 -27.95
N ARG A 258 -46.21 -37.77 -29.18
CA ARG A 258 -46.50 -39.17 -29.50
C ARG A 258 -45.29 -40.03 -29.23
N GLU A 259 -44.11 -39.59 -29.70
CA GLU A 259 -42.88 -40.33 -29.44
C GLU A 259 -42.61 -40.38 -27.94
N ASN A 260 -42.81 -39.26 -27.24
CA ASN A 260 -42.61 -39.25 -25.80
C ASN A 260 -43.57 -40.19 -25.11
N GLU A 261 -44.82 -40.25 -25.59
CA GLU A 261 -45.80 -41.17 -25.02
C GLU A 261 -45.32 -42.61 -25.18
N GLN A 262 -44.91 -42.96 -26.40
CA GLN A 262 -44.40 -44.29 -26.67
C GLN A 262 -43.08 -44.53 -25.94
N GLN A 263 -42.22 -43.51 -25.90
CA GLN A 263 -40.91 -43.65 -25.27
C GLN A 263 -41.02 -44.04 -23.80
N TYR A 264 -42.04 -43.53 -23.10
CA TYR A 264 -42.22 -43.95 -21.71
C TYR A 264 -42.53 -45.43 -21.66
N ILE A 265 -43.40 -45.90 -22.56
CA ILE A 265 -43.73 -47.32 -22.61
C ILE A 265 -42.52 -48.14 -23.02
N ARG A 266 -41.80 -47.68 -24.05
CA ARG A 266 -40.62 -48.40 -24.52
C ARG A 266 -39.58 -48.53 -23.43
N GLU A 267 -39.31 -47.43 -22.70
CA GLU A 267 -38.37 -47.50 -21.60
C GLU A 267 -38.91 -48.36 -20.46
N ALA A 268 -40.23 -48.31 -20.23
CA ALA A 268 -40.84 -49.06 -19.15
C ALA A 268 -40.65 -50.56 -19.32
N GLU A 269 -40.88 -51.07 -20.53
CA GLU A 269 -40.72 -52.52 -20.76
C GLU A 269 -39.28 -52.96 -20.49
N ALA A 270 -38.31 -52.14 -20.87
CA ALA A 270 -36.91 -52.46 -20.61
C ALA A 270 -36.65 -52.62 -19.12
N TYR A 271 -37.15 -51.67 -18.32
CA TYR A 271 -36.94 -51.72 -16.88
C TYR A 271 -37.56 -52.98 -16.26
N THR A 272 -38.79 -53.31 -16.66
CA THR A 272 -39.44 -54.51 -16.13
C THR A 272 -38.66 -55.76 -16.49
N ASN A 273 -38.27 -55.90 -17.75
CA ASN A 273 -37.52 -57.06 -18.19
C ASN A 273 -36.13 -57.11 -17.59
N GLU A 274 -35.56 -55.96 -17.23
CA GLU A 274 -34.23 -55.91 -16.64
C GLU A 274 -34.20 -56.29 -15.18
N VAL A 275 -35.19 -55.85 -14.39
CA VAL A 275 -35.19 -56.11 -12.96
C VAL A 275 -35.55 -57.55 -12.63
N GLN A 276 -36.46 -58.16 -13.41
CA GLN A 276 -36.90 -59.52 -13.10
C GLN A 276 -35.76 -60.54 -13.02
N PRO A 277 -34.84 -60.63 -13.99
CA PRO A 277 -33.74 -61.60 -13.83
C PRO A 277 -32.86 -61.31 -12.63
N ARG A 278 -32.66 -60.02 -12.30
CA ARG A 278 -31.81 -59.66 -11.17
C ARG A 278 -32.37 -60.19 -9.86
N ALA A 279 -33.70 -60.16 -9.71
CA ALA A 279 -34.33 -60.63 -8.48
C ALA A 279 -34.05 -62.12 -8.27
N ASN A 280 -34.10 -62.90 -9.34
CA ASN A 280 -33.82 -64.33 -9.24
C ASN A 280 -32.41 -64.58 -8.72
N GLY A 281 -31.43 -63.81 -9.23
CA GLY A 281 -30.06 -63.98 -8.76
C GLY A 281 -29.91 -63.67 -7.28
N GLN A 282 -30.56 -62.59 -6.82
CA GLN A 282 -30.50 -62.24 -5.40
C GLN A 282 -31.13 -63.32 -4.54
N ALA A 283 -32.17 -63.98 -5.04
CA ALA A 283 -32.84 -65.03 -4.28
C ALA A 283 -31.89 -66.17 -3.95
N GLN A 284 -31.12 -66.63 -4.93
CA GLN A 284 -30.16 -67.70 -4.68
C GLN A 284 -29.11 -67.27 -3.67
N ARG A 285 -28.69 -66.00 -3.73
CA ARG A 285 -27.66 -65.51 -2.81
C ARG A 285 -28.11 -65.62 -1.36
N ILE A 286 -29.35 -65.21 -1.07
CA ILE A 286 -29.85 -65.32 0.30
C ILE A 286 -30.09 -66.79 0.64
N LEU A 287 -30.54 -67.58 -0.34
CA LEU A 287 -30.77 -69.00 -0.12
C LEU A 287 -29.46 -69.69 0.21
N GLU A 288 -28.41 -69.38 -0.55
CA GLU A 288 -27.10 -69.99 -0.32
C GLU A 288 -26.50 -69.53 1.00
N GLU A 289 -26.72 -68.26 1.36
CA GLU A 289 -26.17 -67.73 2.60
C GLU A 289 -26.74 -68.49 3.80
N ALA A 290 -28.03 -68.83 3.76
CA ALA A 290 -28.62 -69.59 4.86
C ALA A 290 -27.95 -70.96 4.99
N ARG A 291 -27.71 -71.63 3.86
CA ARG A 291 -27.04 -72.92 3.88
C ARG A 291 -25.66 -72.79 4.51
N ALA A 292 -24.91 -71.76 4.11
CA ALA A 292 -23.58 -71.54 4.69
C ALA A 292 -23.68 -71.30 6.19
N TYR A 293 -24.69 -70.53 6.63
CA TYR A 293 -24.88 -70.29 8.04
C TYR A 293 -25.14 -71.60 8.78
N LYS A 294 -26.00 -72.45 8.22
CA LYS A 294 -26.29 -73.74 8.84
C LYS A 294 -25.03 -74.60 8.94
N ALA A 295 -24.25 -74.67 7.85
CA ALA A 295 -23.02 -75.45 7.87
C ALA A 295 -22.02 -74.88 8.87
N GLN A 296 -21.86 -73.56 8.90
CA GLN A 296 -20.92 -72.93 9.82
C GLN A 296 -21.33 -73.17 11.27
N THR A 297 -22.62 -73.04 11.58
CA THR A 297 -23.06 -73.19 12.97
C THR A 297 -22.88 -74.62 13.48
N ILE A 298 -23.17 -75.63 12.66
CA ILE A 298 -23.00 -77.01 13.12
C ILE A 298 -21.53 -77.30 13.38
N LEU A 299 -20.65 -76.93 12.44
CA LEU A 299 -19.23 -77.16 12.61
C LEU A 299 -18.66 -76.37 13.78
N GLU A 300 -19.09 -75.11 13.93
CA GLU A 300 -18.61 -74.29 15.04
C GLU A 300 -19.03 -74.88 16.37
N ALA A 301 -20.25 -75.42 16.45
CA ALA A 301 -20.73 -76.04 17.68
C ALA A 301 -19.86 -77.22 18.07
N GLN A 302 -19.49 -78.06 17.08
CA GLN A 302 -18.65 -79.23 17.36
C GLN A 302 -17.32 -78.82 17.99
N GLY A 303 -16.70 -77.76 17.46
CA GLY A 303 -15.44 -77.31 18.02
C GLY A 303 -15.59 -76.85 19.46
N GLU A 304 -16.63 -76.06 19.74
CA GLU A 304 -16.86 -75.58 21.10
C GLU A 304 -17.15 -76.75 22.04
N VAL A 305 -17.92 -77.73 21.56
CA VAL A 305 -18.25 -78.89 22.38
C VAL A 305 -16.97 -79.61 22.81
N ALA A 306 -16.04 -79.79 21.88
CA ALA A 306 -14.78 -80.45 22.21
C ALA A 306 -14.03 -79.68 23.28
N ARG A 307 -13.97 -78.35 23.16
CA ARG A 307 -13.29 -77.53 24.15
C ARG A 307 -13.92 -77.73 25.53
N PHE A 308 -15.25 -77.68 25.61
CA PHE A 308 -15.93 -77.88 26.87
C PHE A 308 -15.72 -79.29 27.41
N ALA A 309 -15.77 -80.29 26.53
CA ALA A 309 -15.59 -81.67 26.97
C ALA A 309 -14.20 -81.89 27.55
N LYS A 310 -13.17 -81.33 26.92
CA LYS A 310 -11.81 -81.47 27.45
C LYS A 310 -11.59 -80.63 28.70
N LEU A 311 -12.18 -79.44 28.74
CA LEU A 311 -12.00 -78.54 29.88
C LEU A 311 -12.80 -78.97 31.10
N LEU A 312 -13.96 -79.61 30.91
CA LEU A 312 -14.79 -80.02 32.05
C LEU A 312 -14.04 -80.89 33.06
N PRO A 313 -13.32 -81.94 32.68
CA PRO A 313 -12.60 -82.72 33.70
C PRO A 313 -11.59 -81.90 34.49
N GLU A 314 -10.94 -80.92 33.84
CA GLU A 314 -9.98 -80.09 34.55
C GLU A 314 -10.67 -79.30 35.65
N TYR A 315 -11.85 -78.74 35.35
CA TYR A 315 -12.58 -78.00 36.37
C TYR A 315 -13.03 -78.93 37.50
N LYS A 316 -13.47 -80.13 37.15
CA LYS A 316 -13.88 -81.09 38.17
C LYS A 316 -12.72 -81.49 39.07
N ALA A 317 -11.49 -81.46 38.55
CA ALA A 317 -10.34 -81.81 39.37
C ALA A 317 -10.10 -80.77 40.46
N ALA A 318 -10.08 -79.49 40.08
CA ALA A 318 -9.90 -78.38 41.02
C ALA A 318 -10.96 -77.33 40.70
N PRO A 319 -12.19 -77.49 41.25
CA PRO A 319 -13.23 -76.50 40.96
C PRO A 319 -12.95 -75.11 41.51
N GLU A 320 -12.58 -75.04 42.78
CA GLU A 320 -12.34 -73.74 43.42
C GLU A 320 -11.17 -73.00 42.77
N ILE A 321 -10.05 -73.70 42.55
CA ILE A 321 -8.90 -73.06 41.94
C ILE A 321 -9.21 -72.64 40.50
N THR A 322 -9.85 -73.53 39.74
CA THR A 322 -10.19 -73.19 38.36
C THR A 322 -11.17 -72.02 38.32
N ARG A 323 -12.23 -72.09 39.14
CA ARG A 323 -13.20 -71.01 39.20
C ARG A 323 -12.54 -69.71 39.62
N GLU A 324 -11.72 -69.75 40.67
CA GLU A 324 -11.04 -68.56 41.15
C GLU A 324 -10.09 -67.99 40.10
N ARG A 325 -9.31 -68.86 39.46
CA ARG A 325 -8.37 -68.39 38.44
C ARG A 325 -9.10 -67.77 37.27
N LEU A 326 -10.12 -68.46 36.75
CA LEU A 326 -10.90 -67.91 35.64
C LEU A 326 -11.63 -66.64 36.06
N TYR A 327 -12.18 -66.63 37.28
CA TYR A 327 -12.94 -65.48 37.76
C TYR A 327 -12.06 -64.23 37.83
N ILE A 328 -10.90 -64.34 38.48
CA ILE A 328 -9.99 -63.20 38.58
C ILE A 328 -9.59 -62.72 37.20
N GLU A 329 -9.21 -63.65 36.32
CA GLU A 329 -8.82 -63.30 34.96
C GLU A 329 -9.96 -62.60 34.24
N THR A 330 -11.16 -63.18 34.30
CA THR A 330 -12.33 -62.59 33.65
C THR A 330 -12.59 -61.18 34.19
N MET A 331 -12.57 -61.03 35.52
CA MET A 331 -12.83 -59.74 36.15
C MET A 331 -11.85 -58.68 35.66
N GLU A 332 -10.56 -59.01 35.63
CA GLU A 332 -9.52 -58.07 35.21
C GLU A 332 -9.83 -57.46 33.84
N LYS A 333 -10.22 -58.28 32.88
CA LYS A 333 -10.50 -57.76 31.54
C LYS A 333 -11.72 -56.83 31.54
N VAL A 334 -12.84 -57.28 32.11
CA VAL A 334 -14.03 -56.43 32.14
C VAL A 334 -13.79 -55.20 33.00
N LEU A 335 -12.94 -55.31 34.03
CA LEU A 335 -12.65 -54.17 34.88
C LEU A 335 -11.72 -53.18 34.18
N GLY A 336 -10.76 -53.71 33.39
CA GLY A 336 -9.83 -52.84 32.70
C GLY A 336 -10.47 -51.99 31.62
N ASN A 337 -11.54 -52.49 31.00
CA ASN A 337 -12.23 -51.78 29.92
C ASN A 337 -13.49 -51.07 30.39
N THR A 338 -13.59 -50.75 31.69
CA THR A 338 -14.73 -50.05 32.24
C THR A 338 -14.22 -48.97 33.19
N ARG A 339 -15.14 -48.13 33.67
CA ARG A 339 -14.82 -47.01 34.56
C ARG A 339 -15.14 -47.36 36.00
N LYS A 340 -14.19 -48.02 36.67
CA LYS A 340 -14.37 -48.35 38.08
C LYS A 340 -14.56 -47.08 38.90
N VAL A 341 -15.29 -47.19 40.01
CA VAL A 341 -15.60 -46.07 40.89
C VAL A 341 -15.01 -46.25 42.28
N LEU A 342 -15.24 -47.43 42.88
CA LEU A 342 -14.73 -47.74 44.23
C LEU A 342 -15.15 -46.69 45.25
N VAL A 343 -16.47 -46.52 45.39
CA VAL A 343 -17.08 -45.57 46.31
C VAL A 343 -18.03 -46.33 47.23
N ASN A 344 -17.94 -46.06 48.53
CA ASN A 344 -18.83 -46.63 49.53
C ASN A 344 -20.28 -46.57 49.06
N ASP A 345 -20.94 -47.73 49.05
CA ASP A 345 -22.32 -47.81 48.56
C ASP A 345 -23.27 -46.89 49.31
N LYS A 346 -22.95 -46.52 50.56
CA LYS A 346 -23.72 -45.58 51.35
C LYS A 346 -24.19 -44.38 50.53
N GLY A 347 -23.26 -43.72 49.85
CA GLY A 347 -23.53 -42.55 49.03
C GLY A 347 -24.04 -42.86 47.65
N GLY A 348 -25.30 -43.29 47.56
CA GLY A 348 -25.90 -43.63 46.29
C GLY A 348 -26.60 -42.45 45.63
N ASN A 349 -25.88 -41.33 45.53
CA ASN A 349 -26.38 -40.09 44.92
C ASN A 349 -25.56 -39.83 43.67
N LEU A 350 -26.06 -40.31 42.53
CA LEU A 350 -25.39 -40.18 41.24
C LEU A 350 -26.42 -39.83 40.18
N MET A 351 -25.93 -39.56 38.97
CA MET A 351 -26.75 -39.22 37.83
C MET A 351 -26.25 -40.00 36.62
N VAL A 352 -27.11 -40.13 35.61
CA VAL A 352 -26.76 -40.92 34.44
C VAL A 352 -25.99 -40.13 33.39
N LEU A 353 -26.33 -38.84 33.15
CA LEU A 353 -25.70 -37.97 32.15
C LEU A 353 -25.48 -38.73 30.84
N PRO A 354 -26.54 -39.08 30.11
CA PRO A 354 -26.38 -39.86 28.88
C PRO A 354 -26.03 -38.99 27.69
N LEU A 355 -25.56 -39.67 26.64
CA LEU A 355 -25.16 -39.02 25.39
C LEU A 355 -25.51 -39.91 24.21
N MET B 1 -43.44 25.43 -115.83
CA MET B 1 -44.55 24.59 -115.28
C MET B 1 -44.03 23.47 -114.38
N ARG B 2 -42.83 23.64 -113.84
CA ARG B 2 -42.20 22.66 -112.96
C ARG B 2 -42.34 23.01 -111.49
N LYS B 3 -42.12 24.26 -111.11
CA LYS B 3 -42.24 24.65 -109.71
C LYS B 3 -43.69 24.57 -109.23
N SER B 4 -44.64 24.97 -110.08
CA SER B 4 -46.04 24.94 -109.69
C SER B 4 -46.53 23.52 -109.47
N VAL B 5 -46.21 22.59 -110.37
CA VAL B 5 -46.69 21.22 -110.24
C VAL B 5 -46.03 20.51 -109.06
N ILE B 6 -44.72 20.68 -108.89
CA ILE B 6 -44.04 20.00 -107.79
C ILE B 6 -44.47 20.55 -106.44
N ALA B 7 -44.76 21.85 -106.35
CA ALA B 7 -45.16 22.45 -105.07
C ALA B 7 -46.49 21.89 -104.57
N ILE B 8 -47.49 21.79 -105.45
CA ILE B 8 -48.79 21.29 -105.03
C ILE B 8 -48.72 19.82 -104.64
N ILE B 9 -47.87 19.03 -105.32
CA ILE B 9 -47.76 17.60 -105.03
C ILE B 9 -47.24 17.38 -103.61
N ILE B 10 -46.22 18.13 -103.21
CA ILE B 10 -45.60 17.91 -101.89
C ILE B 10 -46.53 18.30 -100.75
N ILE B 11 -47.28 19.39 -100.89
CA ILE B 11 -48.11 19.84 -99.77
C ILE B 11 -49.29 18.92 -99.51
N VAL B 12 -49.89 18.32 -100.53
CA VAL B 12 -51.04 17.44 -100.33
C VAL B 12 -50.68 16.24 -99.45
N LEU B 13 -49.45 15.74 -99.57
CA LEU B 13 -49.07 14.55 -98.81
C LEU B 13 -49.11 14.79 -97.31
N VAL B 14 -48.61 15.94 -96.86
CA VAL B 14 -48.61 16.22 -95.41
C VAL B 14 -50.03 16.43 -94.92
N VAL B 15 -50.87 17.06 -95.75
CA VAL B 15 -52.26 17.29 -95.37
C VAL B 15 -53.00 15.97 -95.18
N LEU B 16 -52.79 15.02 -96.08
CA LEU B 16 -53.47 13.73 -95.99
C LEU B 16 -53.05 12.95 -94.76
N TYR B 17 -51.76 12.99 -94.41
CA TYR B 17 -51.28 12.23 -93.25
C TYR B 17 -51.94 12.70 -91.97
N MET B 18 -52.08 14.02 -91.81
CA MET B 18 -52.74 14.56 -90.62
C MET B 18 -54.22 14.20 -90.61
N SER B 19 -54.85 14.23 -91.78
CA SER B 19 -56.29 13.97 -91.86
C SER B 19 -56.63 12.52 -91.52
N VAL B 20 -55.83 11.57 -92.00
CA VAL B 20 -56.15 10.16 -91.75
C VAL B 20 -55.91 9.82 -90.29
N PHE B 21 -56.86 9.08 -89.71
CA PHE B 21 -56.76 8.61 -88.34
C PHE B 21 -57.55 7.32 -88.27
N VAL B 22 -56.92 6.27 -87.75
CA VAL B 22 -57.54 4.96 -87.62
C VAL B 22 -57.77 4.67 -86.14
N VAL B 23 -58.71 3.76 -85.89
CA VAL B 23 -59.12 3.38 -84.54
C VAL B 23 -58.59 1.97 -84.26
N LYS B 24 -57.88 1.82 -83.16
CA LYS B 24 -57.32 0.53 -82.78
C LYS B 24 -58.43 -0.47 -82.49
N GLU B 25 -58.06 -1.75 -82.40
CA GLU B 25 -59.03 -2.80 -82.14
C GLU B 25 -59.61 -2.69 -80.74
N GLY B 26 -58.76 -2.54 -79.72
CA GLY B 26 -59.24 -2.44 -78.34
C GLY B 26 -59.43 -1.01 -77.87
N GLU B 27 -59.65 -0.09 -78.80
CA GLU B 27 -59.89 1.30 -78.48
C GLU B 27 -60.95 1.82 -79.42
N ARG B 28 -61.58 2.93 -79.03
CA ARG B 28 -62.59 3.57 -79.85
C ARG B 28 -62.39 5.07 -79.73
N GLY B 29 -62.35 5.75 -80.87
CA GLY B 29 -62.15 7.18 -80.91
C GLY B 29 -63.41 7.90 -81.37
N ILE B 30 -63.72 8.99 -80.70
CA ILE B 30 -64.88 9.82 -81.02
C ILE B 30 -64.34 11.12 -81.59
N THR B 31 -64.52 11.33 -82.90
CA THR B 31 -64.05 12.56 -83.52
C THR B 31 -64.77 13.75 -82.89
N LEU B 32 -64.03 14.84 -82.67
CA LEU B 32 -64.55 16.03 -82.04
C LEU B 32 -64.29 17.26 -82.88
N ARG B 33 -65.26 18.18 -82.86
CA ARG B 33 -65.17 19.46 -83.54
C ARG B 33 -64.34 20.37 -82.62
N PHE B 34 -64.29 21.67 -82.92
CA PHE B 34 -63.57 22.62 -82.07
C PHE B 34 -63.87 22.38 -80.59
N GLY B 35 -65.16 22.49 -80.22
CA GLY B 35 -65.60 22.20 -78.86
C GLY B 35 -66.63 21.10 -78.76
N LYS B 36 -67.40 20.85 -79.81
CA LYS B 36 -68.45 19.84 -79.82
C LYS B 36 -67.97 18.54 -80.44
N VAL B 37 -68.90 17.60 -80.53
CA VAL B 37 -68.69 16.28 -81.12
C VAL B 37 -69.59 16.16 -82.34
N LEU B 38 -69.25 15.22 -83.21
CA LEU B 38 -70.05 14.99 -84.41
C LEU B 38 -71.28 14.16 -84.05
N ARG B 39 -72.44 14.58 -84.53
CA ARG B 39 -73.69 13.89 -84.25
C ARG B 39 -74.31 13.36 -85.53
N ASP B 40 -75.34 12.54 -85.35
CA ASP B 40 -76.10 11.92 -86.44
C ASP B 40 -77.28 11.19 -85.82
N ASP B 41 -78.30 10.94 -86.64
CA ASP B 41 -79.49 10.20 -86.21
C ASP B 41 -80.16 10.82 -84.99
N ASP B 42 -80.61 12.06 -85.15
CA ASP B 42 -81.34 12.80 -84.11
C ASP B 42 -80.47 13.07 -82.88
N ASN B 43 -79.29 13.64 -83.11
CA ASN B 43 -78.35 14.03 -82.06
C ASN B 43 -77.94 12.84 -81.18
N LYS B 44 -77.35 11.85 -81.82
CA LYS B 44 -76.80 10.66 -81.16
C LYS B 44 -75.29 10.68 -81.41
N PRO B 45 -74.44 11.02 -80.43
CA PRO B 45 -72.99 11.03 -80.71
C PRO B 45 -72.50 9.73 -81.30
N LEU B 46 -71.69 9.84 -82.35
CA LEU B 46 -71.16 8.70 -83.08
C LEU B 46 -69.78 8.30 -82.59
N VAL B 47 -69.61 7.01 -82.30
CA VAL B 47 -68.35 6.42 -81.91
C VAL B 47 -67.87 5.61 -83.10
N TYR B 48 -66.56 5.59 -83.33
CA TYR B 48 -65.98 4.91 -84.47
C TYR B 48 -65.52 3.50 -84.16
N GLU B 49 -65.79 2.60 -85.10
CA GLU B 49 -65.39 1.21 -85.01
C GLU B 49 -63.91 1.14 -85.40
N PRO B 50 -63.29 -0.05 -85.34
CA PRO B 50 -61.85 -0.08 -85.72
C PRO B 50 -61.59 -0.06 -87.23
N GLY B 51 -61.77 1.12 -87.82
CA GLY B 51 -61.54 1.32 -89.24
C GLY B 51 -60.97 2.70 -89.51
N LEU B 52 -60.73 2.99 -90.78
CA LEU B 52 -60.16 4.27 -91.18
C LEU B 52 -61.22 5.36 -91.24
N HIS B 53 -60.85 6.57 -90.83
CA HIS B 53 -61.72 7.73 -90.84
C HIS B 53 -60.91 8.97 -91.20
N PHE B 54 -61.60 9.98 -91.73
CA PHE B 54 -60.98 11.22 -92.19
C PHE B 54 -61.46 12.42 -91.39
N LYS B 55 -60.52 13.28 -90.98
CA LYS B 55 -60.76 14.50 -90.22
C LYS B 55 -60.07 15.67 -90.91
N ILE B 56 -60.76 16.80 -91.03
CA ILE B 56 -60.14 17.99 -91.61
C ILE B 56 -58.95 18.32 -90.71
N PRO B 57 -57.70 18.30 -91.19
CA PRO B 57 -56.56 18.57 -90.30
C PRO B 57 -56.62 19.91 -89.59
N PHE B 58 -56.33 19.87 -88.29
CA PHE B 58 -56.25 21.02 -87.38
C PHE B 58 -57.61 21.59 -86.99
N ILE B 59 -58.71 21.06 -87.55
CA ILE B 59 -60.05 21.53 -87.23
C ILE B 59 -60.77 20.53 -86.33
N GLU B 60 -60.61 19.24 -86.62
CA GLU B 60 -61.22 18.16 -85.85
C GLU B 60 -60.17 17.55 -84.93
N THR B 61 -60.60 17.21 -83.72
CA THR B 61 -59.75 16.57 -82.71
C THR B 61 -60.43 15.26 -82.32
N VAL B 62 -59.63 14.23 -82.08
CA VAL B 62 -60.13 12.90 -81.73
C VAL B 62 -59.67 12.54 -80.33
N LYS B 63 -60.60 11.97 -79.55
CA LYS B 63 -60.34 11.49 -78.20
C LYS B 63 -60.49 9.99 -78.24
N MET B 64 -59.45 9.26 -77.85
CA MET B 64 -59.45 7.80 -77.89
C MET B 64 -59.82 7.25 -76.52
N LEU B 65 -60.99 6.61 -76.45
CA LEU B 65 -61.50 6.01 -75.22
C LEU B 65 -61.39 4.50 -75.38
N ASP B 66 -60.64 3.87 -74.46
CA ASP B 66 -60.43 2.44 -74.52
C ASP B 66 -61.71 1.67 -74.22
N ALA B 67 -61.93 0.60 -74.98
CA ALA B 67 -63.09 -0.27 -74.79
C ALA B 67 -62.73 -1.57 -74.07
N ARG B 68 -61.46 -1.76 -73.73
CA ARG B 68 -61.02 -2.93 -72.99
C ARG B 68 -61.43 -2.77 -71.53
N ILE B 69 -61.63 -3.90 -70.85
CA ILE B 69 -62.06 -3.88 -69.46
C ILE B 69 -60.94 -3.34 -68.58
N GLN B 70 -61.30 -2.40 -67.71
CA GLN B 70 -60.36 -1.79 -66.79
C GLN B 70 -60.37 -2.51 -65.45
N THR B 71 -59.20 -2.57 -64.82
CA THR B 71 -59.02 -3.22 -63.53
C THR B 71 -58.67 -2.17 -62.49
N MET B 72 -59.46 -2.13 -61.42
CA MET B 72 -59.31 -1.17 -60.33
C MET B 72 -59.09 -1.94 -59.04
N ASP B 73 -57.94 -1.71 -58.39
CA ASP B 73 -57.59 -2.39 -57.15
C ASP B 73 -57.75 -1.43 -55.98
N ASN B 74 -58.29 -1.95 -54.88
CA ASN B 74 -58.51 -1.18 -53.66
C ASN B 74 -57.50 -1.61 -52.60
N GLN B 75 -56.88 -0.64 -51.96
CA GLN B 75 -55.89 -0.92 -50.94
C GLN B 75 -56.56 -1.46 -49.68
N ALA B 76 -55.73 -1.87 -48.72
CA ALA B 76 -56.23 -2.38 -47.45
C ALA B 76 -57.04 -1.31 -46.74
N ASP B 77 -58.18 -1.70 -46.19
CA ASP B 77 -59.07 -0.78 -45.49
C ASP B 77 -59.80 -1.53 -44.39
N ARG B 78 -60.25 -0.77 -43.39
CA ARG B 78 -60.93 -1.32 -42.22
C ARG B 78 -62.44 -1.19 -42.35
N PHE B 79 -63.13 -2.27 -42.00
CA PHE B 79 -64.58 -2.34 -42.04
C PHE B 79 -65.09 -2.77 -40.68
N VAL B 80 -66.31 -2.32 -40.34
CA VAL B 80 -66.95 -2.64 -39.07
C VAL B 80 -68.08 -3.61 -39.36
N THR B 81 -68.07 -4.75 -38.67
CA THR B 81 -69.08 -5.78 -38.86
C THR B 81 -70.27 -5.50 -37.94
N LYS B 82 -71.20 -6.45 -37.86
CA LYS B 82 -72.37 -6.27 -37.01
C LYS B 82 -72.00 -6.34 -35.53
N GLU B 83 -70.95 -7.08 -35.19
CA GLU B 83 -70.49 -7.22 -33.81
C GLU B 83 -69.27 -6.34 -33.52
N LYS B 84 -69.08 -5.26 -34.27
CA LYS B 84 -67.97 -4.33 -34.09
C LYS B 84 -66.60 -4.98 -34.31
N LYS B 85 -66.56 -6.10 -35.02
CA LYS B 85 -65.31 -6.81 -35.29
C LYS B 85 -64.60 -6.14 -36.46
N ASP B 86 -63.44 -5.54 -36.20
CA ASP B 86 -62.69 -4.89 -37.26
C ASP B 86 -62.05 -5.94 -38.16
N LEU B 87 -62.17 -5.72 -39.47
CA LEU B 87 -61.65 -6.63 -40.49
C LEU B 87 -60.74 -5.87 -41.44
N ILE B 88 -59.80 -6.61 -42.05
CA ILE B 88 -58.87 -6.06 -43.03
C ILE B 88 -59.18 -6.80 -44.33
N VAL B 89 -59.64 -6.05 -45.33
CA VAL B 89 -60.07 -6.61 -46.61
C VAL B 89 -59.27 -6.00 -47.75
N ASP B 90 -58.75 -6.87 -48.63
CA ASP B 90 -58.06 -6.47 -49.84
C ASP B 90 -58.95 -6.91 -50.99
N SER B 91 -59.38 -5.95 -51.81
CA SER B 91 -60.32 -6.24 -52.89
C SER B 91 -60.03 -5.37 -54.11
N TYR B 92 -60.44 -5.89 -55.27
CA TYR B 92 -60.31 -5.21 -56.54
C TYR B 92 -61.66 -5.24 -57.27
N ILE B 93 -61.87 -4.25 -58.12
CA ILE B 93 -63.09 -4.11 -58.90
C ILE B 93 -62.71 -3.97 -60.36
N LYS B 94 -63.50 -4.57 -61.25
CA LYS B 94 -63.28 -4.52 -62.68
C LYS B 94 -64.51 -3.97 -63.37
N TRP B 95 -64.31 -2.94 -64.19
CA TRP B 95 -65.39 -2.29 -64.91
C TRP B 95 -64.98 -2.01 -66.34
N ARG B 96 -65.97 -1.75 -67.18
CA ARG B 96 -65.77 -1.44 -68.59
C ARG B 96 -66.55 -0.18 -68.95
N ILE B 97 -66.03 0.59 -69.89
CA ILE B 97 -66.73 1.78 -70.34
C ILE B 97 -67.92 1.35 -71.19
N SER B 98 -69.12 1.69 -70.75
CA SER B 98 -70.34 1.32 -71.48
C SER B 98 -70.76 2.42 -72.44
N ASP B 99 -70.78 3.66 -71.97
CA ASP B 99 -71.16 4.84 -72.76
C ASP B 99 -69.90 5.70 -72.85
N PHE B 100 -69.14 5.55 -73.95
CA PHE B 100 -67.90 6.30 -74.11
C PHE B 100 -68.15 7.80 -74.06
N SER B 101 -69.22 8.27 -74.71
CA SER B 101 -69.53 9.69 -74.69
C SER B 101 -69.83 10.17 -73.27
N ARG B 102 -70.76 9.49 -72.59
CA ARG B 102 -71.12 9.89 -71.23
C ARG B 102 -69.94 9.74 -70.27
N TYR B 103 -69.19 8.65 -70.37
CA TYR B 103 -68.04 8.46 -69.50
C TYR B 103 -67.04 9.60 -69.68
N TYR B 104 -66.72 9.93 -70.94
CA TYR B 104 -65.83 11.04 -71.22
C TYR B 104 -66.39 12.33 -70.66
N LEU B 105 -67.71 12.51 -70.75
CA LEU B 105 -68.35 13.72 -70.24
C LEU B 105 -68.36 13.74 -68.72
N ALA B 106 -68.95 12.71 -68.10
CA ALA B 106 -68.96 12.59 -66.65
C ALA B 106 -67.55 12.72 -66.09
N THR B 107 -66.65 11.85 -66.56
CA THR B 107 -65.24 11.87 -66.20
C THR B 107 -64.52 12.79 -67.20
N GLY B 108 -64.82 14.09 -67.08
CA GLY B 108 -64.30 15.12 -67.97
C GLY B 108 -62.82 15.00 -68.26
N GLY B 109 -62.52 14.83 -69.55
CA GLY B 109 -61.17 14.63 -70.02
C GLY B 109 -60.77 13.18 -70.14
N GLY B 110 -61.73 12.25 -70.07
CA GLY B 110 -61.50 10.81 -70.14
C GLY B 110 -60.29 10.33 -69.35
N ASP B 111 -60.26 10.66 -68.07
CA ASP B 111 -59.17 10.30 -67.18
C ASP B 111 -59.59 9.13 -66.30
N ILE B 112 -58.86 8.01 -66.43
CA ILE B 112 -59.12 6.83 -65.62
C ILE B 112 -59.00 7.16 -64.14
N SER B 113 -58.10 8.08 -63.79
CA SER B 113 -57.88 8.45 -62.39
C SER B 113 -59.18 8.93 -61.74
N GLN B 114 -59.88 9.86 -62.38
CA GLN B 114 -61.16 10.33 -61.84
C GLN B 114 -62.15 9.19 -61.71
N ALA B 115 -62.20 8.30 -62.70
CA ALA B 115 -63.18 7.20 -62.68
C ALA B 115 -62.92 6.22 -61.54
N GLU B 116 -61.66 5.87 -61.28
CA GLU B 116 -61.37 4.92 -60.20
C GLU B 116 -61.80 5.48 -58.85
N VAL B 117 -61.55 6.78 -58.62
CA VAL B 117 -61.93 7.41 -57.37
C VAL B 117 -63.43 7.29 -57.14
N LEU B 118 -64.22 7.68 -58.15
CA LEU B 118 -65.68 7.64 -58.01
C LEU B 118 -66.18 6.24 -57.69
N LEU B 119 -65.65 5.23 -58.37
CA LEU B 119 -66.06 3.85 -58.07
C LEU B 119 -65.70 3.47 -56.65
N LYS B 120 -64.53 3.91 -56.18
CA LYS B 120 -64.10 3.58 -54.82
C LYS B 120 -65.06 4.13 -53.77
N ARG B 121 -65.47 5.39 -53.92
CA ARG B 121 -66.39 6.00 -52.95
C ARG B 121 -67.69 5.21 -52.87
N LYS B 122 -68.30 4.91 -54.02
CA LYS B 122 -69.55 4.16 -54.02
C LYS B 122 -69.35 2.75 -53.48
N PHE B 123 -68.28 2.09 -53.88
CA PHE B 123 -67.99 0.73 -53.40
C PHE B 123 -67.90 0.70 -51.88
N SER B 124 -67.17 1.65 -51.30
CA SER B 124 -67.01 1.74 -49.85
C SER B 124 -68.37 1.75 -49.15
N ASP B 125 -69.24 2.69 -49.55
CA ASP B 125 -70.56 2.82 -48.95
C ASP B 125 -71.36 1.52 -49.03
N ARG B 126 -71.48 0.96 -50.24
CA ARG B 126 -72.24 -0.28 -50.39
C ARG B 126 -71.63 -1.41 -49.58
N LEU B 127 -70.30 -1.58 -49.67
CA LEU B 127 -69.63 -2.65 -48.94
C LEU B 127 -69.77 -2.47 -47.42
N ARG B 128 -69.51 -1.26 -46.93
CA ARG B 128 -69.62 -0.99 -45.49
C ARG B 128 -71.03 -1.27 -45.00
N SER B 129 -72.04 -0.84 -45.75
CA SER B 129 -73.42 -1.07 -45.36
C SER B 129 -73.72 -2.56 -45.24
N GLU B 130 -73.28 -3.35 -46.22
CA GLU B 130 -73.52 -4.79 -46.18
C GLU B 130 -72.81 -5.43 -44.99
N ILE B 131 -71.50 -5.20 -44.86
CA ILE B 131 -70.74 -5.76 -43.74
C ILE B 131 -71.33 -5.35 -42.41
N GLY B 132 -71.90 -4.14 -42.31
CA GLY B 132 -72.48 -3.70 -41.06
C GLY B 132 -73.61 -4.59 -40.59
N ARG B 133 -74.41 -5.09 -41.52
CA ARG B 133 -75.52 -5.98 -41.20
C ARG B 133 -75.13 -7.45 -41.18
N LEU B 134 -73.88 -7.78 -41.54
CA LEU B 134 -73.40 -9.15 -41.60
C LEU B 134 -72.45 -9.45 -40.44
N ASP B 135 -72.37 -10.74 -40.11
CA ASP B 135 -71.50 -11.25 -39.07
C ASP B 135 -70.24 -11.81 -39.71
N VAL B 136 -69.14 -11.81 -38.93
CA VAL B 136 -67.85 -12.32 -39.41
C VAL B 136 -68.00 -13.72 -40.00
N LYS B 137 -68.83 -14.56 -39.39
CA LYS B 137 -69.03 -15.91 -39.93
C LYS B 137 -69.71 -15.85 -41.29
N ASP B 138 -70.69 -14.96 -41.45
CA ASP B 138 -71.39 -14.81 -42.72
C ASP B 138 -70.53 -14.17 -43.81
N ILE B 139 -69.38 -13.59 -43.44
CA ILE B 139 -68.49 -12.94 -44.41
C ILE B 139 -67.37 -13.88 -44.86
N VAL B 140 -67.00 -14.87 -44.04
CA VAL B 140 -65.94 -15.81 -44.41
C VAL B 140 -66.49 -17.06 -45.09
N THR B 141 -67.76 -17.40 -44.84
CA THR B 141 -68.38 -18.59 -45.44
C THR B 141 -69.01 -18.32 -46.80
N ASP B 142 -69.25 -17.05 -47.15
CA ASP B 142 -69.84 -16.72 -48.45
C ASP B 142 -69.00 -17.28 -49.58
N SER B 143 -69.59 -18.20 -50.35
CA SER B 143 -68.91 -18.86 -51.45
C SER B 143 -69.51 -18.60 -52.82
N ARG B 144 -70.63 -17.88 -52.90
CA ARG B 144 -71.30 -17.58 -54.17
C ARG B 144 -71.16 -16.12 -54.58
N GLY B 145 -70.23 -15.40 -53.96
CA GLY B 145 -70.08 -13.98 -54.22
C GLY B 145 -71.39 -13.22 -54.13
N ARG B 146 -72.19 -13.53 -53.12
CA ARG B 146 -73.47 -12.86 -52.93
C ARG B 146 -73.27 -11.38 -52.62
N LEU B 147 -72.44 -11.08 -51.62
CA LEU B 147 -72.20 -9.69 -51.26
C LEU B 147 -71.55 -8.94 -52.42
N THR B 148 -70.60 -9.57 -53.10
CA THR B 148 -69.97 -8.92 -54.25
C THR B 148 -71.00 -8.70 -55.35
N LEU B 149 -71.88 -9.69 -55.56
CA LEU B 149 -72.93 -9.54 -56.57
C LEU B 149 -73.91 -8.46 -56.16
N GLU B 150 -74.31 -8.45 -54.88
CA GLU B 150 -75.22 -7.42 -54.40
C GLU B 150 -74.60 -6.04 -54.54
N VAL B 151 -73.35 -5.88 -54.11
CA VAL B 151 -72.66 -4.61 -54.26
C VAL B 151 -72.53 -4.26 -55.74
N ARG B 152 -72.21 -5.26 -56.57
CA ARG B 152 -72.12 -5.03 -58.00
C ARG B 152 -73.49 -4.69 -58.57
N ASP B 153 -74.52 -5.39 -58.11
CA ASP B 153 -75.89 -5.09 -58.53
C ASP B 153 -76.27 -3.67 -58.15
N ALA B 154 -75.90 -3.25 -56.94
CA ALA B 154 -76.21 -1.91 -56.48
C ALA B 154 -75.45 -0.87 -57.29
N LEU B 155 -74.16 -1.12 -57.54
CA LEU B 155 -73.38 -0.18 -58.33
C LEU B 155 -73.90 -0.10 -59.76
N ASN B 156 -74.30 -1.23 -60.34
CA ASN B 156 -74.82 -1.22 -61.70
C ASN B 156 -76.21 -0.61 -61.76
N SER B 157 -77.06 -0.94 -60.77
CA SER B 157 -78.42 -0.42 -60.68
C SER B 157 -78.62 0.13 -59.27
N GLY B 158 -78.85 1.42 -59.17
CA GLY B 158 -79.04 2.08 -57.90
C GLY B 158 -80.47 2.01 -57.40
N SER B 159 -80.82 2.98 -56.57
CA SER B 159 -82.15 3.12 -55.98
C SER B 159 -82.68 4.51 -56.28
N ALA B 160 -83.94 4.73 -55.91
CA ALA B 160 -84.58 6.03 -56.13
C ALA B 160 -85.91 6.10 -55.38
N PRO B 191 -87.03 2.10 -67.20
CA PRO B 191 -85.84 2.59 -67.91
C PRO B 191 -85.06 3.65 -67.12
N VAL B 192 -85.69 4.26 -66.12
CA VAL B 192 -85.06 5.27 -65.28
C VAL B 192 -83.69 4.80 -64.82
N ILE B 193 -82.69 5.67 -64.99
CA ILE B 193 -81.31 5.38 -64.60
C ILE B 193 -81.06 6.14 -63.31
N ASN B 194 -81.07 5.41 -62.19
CA ASN B 194 -80.80 6.00 -60.87
C ASN B 194 -79.52 6.84 -60.92
N PRO B 195 -79.47 8.03 -60.32
CA PRO B 195 -78.25 8.84 -60.42
C PRO B 195 -77.08 8.28 -59.62
N ASN B 196 -77.32 7.41 -58.64
CA ASN B 196 -76.25 6.79 -57.89
C ASN B 196 -75.77 5.48 -58.52
N SER B 197 -76.25 5.15 -59.71
CA SER B 197 -75.88 3.95 -60.42
C SER B 197 -74.72 4.22 -61.37
N MET B 198 -73.94 3.18 -61.65
CA MET B 198 -72.87 3.32 -62.62
C MET B 198 -73.42 3.42 -64.04
N ALA B 199 -74.72 3.13 -64.23
CA ALA B 199 -75.32 3.26 -65.56
C ALA B 199 -75.55 4.72 -65.91
N ALA B 200 -75.71 5.59 -64.91
CA ALA B 200 -75.86 7.01 -65.22
C ALA B 200 -74.60 7.53 -65.87
N LEU B 201 -73.45 6.96 -65.51
CA LEU B 201 -72.17 7.24 -66.14
C LEU B 201 -71.92 6.14 -67.16
N GLY B 202 -70.89 6.33 -67.97
CA GLY B 202 -70.56 5.30 -68.94
C GLY B 202 -69.65 4.25 -68.34
N ILE B 203 -70.14 3.55 -67.32
CA ILE B 203 -69.36 2.52 -66.64
C ILE B 203 -70.25 1.31 -66.40
N GLU B 204 -69.65 0.13 -66.46
CA GLU B 204 -70.34 -1.14 -66.22
C GLU B 204 -69.39 -2.03 -65.40
N VAL B 205 -69.74 -2.28 -64.15
CA VAL B 205 -68.89 -3.11 -63.28
C VAL B 205 -69.11 -4.55 -63.69
N VAL B 206 -68.17 -5.10 -64.46
CA VAL B 206 -68.29 -6.48 -64.93
C VAL B 206 -68.12 -7.48 -63.80
N ASP B 207 -67.32 -7.16 -62.79
CA ASP B 207 -67.09 -8.10 -61.70
C ASP B 207 -66.58 -7.37 -60.47
N VAL B 208 -66.75 -8.02 -59.31
CA VAL B 208 -66.32 -7.52 -58.02
C VAL B 208 -65.84 -8.72 -57.22
N ARG B 209 -64.60 -8.65 -56.73
CA ARG B 209 -64.02 -9.76 -55.97
C ARG B 209 -63.12 -9.22 -54.86
N ILE B 210 -62.96 -10.04 -53.82
CA ILE B 210 -62.12 -9.73 -52.67
C ILE B 210 -60.94 -10.68 -52.72
N LYS B 211 -59.73 -10.13 -52.81
CA LYS B 211 -58.53 -10.94 -52.96
C LYS B 211 -58.16 -11.67 -51.67
N GLN B 212 -58.02 -10.93 -50.56
CA GLN B 212 -57.61 -11.55 -49.30
C GLN B 212 -58.18 -10.76 -48.13
N ILE B 213 -58.90 -11.47 -47.26
CA ILE B 213 -59.52 -10.88 -46.08
C ILE B 213 -58.59 -11.18 -44.91
N ASN B 214 -57.70 -10.23 -44.62
CA ASN B 214 -56.77 -10.40 -43.51
C ASN B 214 -57.49 -10.00 -42.23
N LEU B 215 -56.76 -9.94 -41.12
CA LEU B 215 -57.31 -9.60 -39.82
C LEU B 215 -56.37 -8.65 -39.11
N PRO B 216 -56.84 -7.96 -38.06
CA PRO B 216 -55.95 -7.05 -37.32
C PRO B 216 -54.81 -7.82 -36.66
N THR B 217 -53.74 -7.09 -36.35
CA THR B 217 -52.58 -7.70 -35.73
C THR B 217 -52.89 -8.21 -34.32
N GLU B 218 -53.68 -7.46 -33.56
CA GLU B 218 -54.01 -7.87 -32.20
C GLU B 218 -54.99 -9.04 -32.20
N VAL B 219 -56.05 -8.95 -33.01
CA VAL B 219 -57.04 -10.02 -33.07
C VAL B 219 -56.41 -11.32 -33.54
N SER B 220 -55.44 -11.25 -34.47
CA SER B 220 -54.81 -12.46 -34.97
C SER B 220 -53.87 -13.07 -33.94
N GLU B 221 -53.24 -12.25 -33.10
CA GLU B 221 -52.31 -12.78 -32.11
C GLU B 221 -53.05 -13.59 -31.04
N ALA B 222 -54.30 -13.24 -30.76
CA ALA B 222 -55.05 -13.98 -29.75
C ALA B 222 -55.52 -15.33 -30.28
N ILE B 223 -55.72 -15.44 -31.60
CA ILE B 223 -56.14 -16.72 -32.17
C ILE B 223 -55.02 -17.75 -32.06
N TYR B 224 -53.78 -17.33 -32.32
CA TYR B 224 -52.65 -18.25 -32.25
C TYR B 224 -52.51 -18.81 -30.83
N ASN B 225 -52.65 -17.95 -29.82
CA ASN B 225 -52.56 -18.42 -28.44
C ASN B 225 -53.66 -19.40 -28.10
N ARG B 226 -54.78 -19.38 -28.83
CA ARG B 226 -55.87 -20.32 -28.59
C ARG B 226 -55.60 -21.64 -29.29
N MET B 227 -55.23 -21.59 -30.57
CA MET B 227 -54.93 -22.81 -31.31
C MET B 227 -53.68 -23.48 -30.76
N ARG B 228 -52.66 -22.68 -30.43
CA ARG B 228 -51.43 -23.23 -29.87
C ARG B 228 -51.70 -23.91 -28.54
N ALA B 229 -52.52 -23.29 -27.69
CA ALA B 229 -52.84 -23.87 -26.40
C ALA B 229 -53.63 -25.16 -26.57
N GLU B 230 -54.55 -25.20 -27.55
CA GLU B 230 -55.34 -26.41 -27.77
C GLU B 230 -54.45 -27.58 -28.19
N ARG B 231 -53.48 -27.33 -29.07
CA ARG B 231 -52.59 -28.39 -29.50
C ARG B 231 -51.77 -28.92 -28.33
N GLU B 232 -51.33 -28.02 -27.44
CA GLU B 232 -50.57 -28.44 -26.27
C GLU B 232 -51.37 -29.38 -25.38
N ALA B 233 -52.68 -29.14 -25.27
CA ALA B 233 -53.54 -30.00 -24.46
C ALA B 233 -53.46 -31.44 -24.94
N VAL B 234 -53.56 -31.65 -26.26
CA VAL B 234 -53.45 -32.98 -26.83
C VAL B 234 -52.08 -33.58 -26.51
N ALA B 235 -51.02 -32.78 -26.68
CA ALA B 235 -49.68 -33.24 -26.40
C ALA B 235 -49.52 -33.66 -24.94
N ARG B 236 -50.06 -32.86 -24.01
CA ARG B 236 -49.97 -33.21 -22.60
C ARG B 236 -50.73 -34.49 -22.31
N ARG B 237 -51.89 -34.66 -22.95
CA ARG B 237 -52.69 -35.86 -22.76
C ARG B 237 -51.91 -37.10 -23.20
N HIS B 238 -51.26 -37.02 -24.36
CA HIS B 238 -50.49 -38.16 -24.87
C HIS B 238 -49.35 -38.52 -23.93
N ARG B 239 -48.58 -37.52 -23.48
CA ARG B 239 -47.48 -37.79 -22.57
C ARG B 239 -47.98 -38.37 -21.26
N SER B 240 -49.11 -37.86 -20.76
CA SER B 240 -49.67 -38.37 -19.52
C SER B 240 -50.11 -39.82 -19.68
N GLN B 241 -50.72 -40.15 -20.83
CA GLN B 241 -51.15 -41.51 -21.08
C GLN B 241 -49.97 -42.47 -21.07
N GLY B 242 -48.87 -42.10 -21.73
CA GLY B 242 -47.69 -42.94 -21.73
C GLY B 242 -47.17 -43.23 -20.34
N GLN B 243 -47.14 -42.20 -19.49
CA GLN B 243 -46.66 -42.38 -18.13
C GLN B 243 -47.54 -43.36 -17.36
N GLU B 244 -48.86 -43.31 -17.60
CA GLU B 244 -49.77 -44.23 -16.93
C GLU B 244 -49.41 -45.68 -17.25
N GLU B 245 -49.22 -46.00 -18.53
CA GLU B 245 -48.83 -47.35 -18.92
C GLU B 245 -47.48 -47.71 -18.32
N ALA B 246 -46.53 -46.77 -18.35
CA ALA B 246 -45.19 -47.03 -17.80
C ALA B 246 -45.26 -47.34 -16.32
N GLU B 247 -46.04 -46.55 -15.56
CA GLU B 247 -46.17 -46.79 -14.13
C GLU B 247 -46.80 -48.16 -13.87
N LYS B 248 -47.82 -48.52 -14.64
CA LYS B 248 -48.48 -49.81 -14.47
C LYS B 248 -47.50 -50.96 -14.68
N LEU B 249 -46.70 -50.89 -15.74
CA LEU B 249 -45.73 -51.96 -16.00
C LEU B 249 -44.69 -52.04 -14.88
N ARG B 250 -44.20 -50.89 -14.42
CA ARG B 250 -43.23 -50.88 -13.33
C ARG B 250 -43.85 -51.44 -12.05
N ALA B 251 -45.12 -51.14 -11.81
CA ALA B 251 -45.81 -51.63 -10.60
C ALA B 251 -45.83 -53.15 -10.55
N THR B 252 -46.25 -53.80 -11.63
CA THR B 252 -46.30 -55.25 -11.63
C THR B 252 -44.91 -55.87 -11.55
N ALA B 253 -43.91 -55.23 -12.17
CA ALA B 253 -42.55 -55.74 -12.10
C ALA B 253 -42.05 -55.78 -10.66
N ASP B 254 -42.30 -54.71 -9.91
CA ASP B 254 -41.85 -54.66 -8.51
C ASP B 254 -42.54 -55.74 -7.68
N TYR B 255 -43.82 -56.00 -7.96
CA TYR B 255 -44.54 -57.05 -7.22
C TYR B 255 -43.89 -58.40 -7.44
N GLU B 256 -43.59 -58.73 -8.70
CA GLU B 256 -42.95 -60.02 -8.99
C GLU B 256 -41.58 -60.11 -8.34
N VAL B 257 -40.81 -59.01 -8.37
CA VAL B 257 -39.50 -58.99 -7.74
C VAL B 257 -39.63 -59.25 -6.25
N THR B 258 -40.59 -58.59 -5.59
CA THR B 258 -40.80 -58.78 -4.17
C THR B 258 -41.22 -60.22 -3.87
N ARG B 259 -42.07 -60.80 -4.71
CA ARG B 259 -42.52 -62.17 -4.50
C ARG B 259 -41.35 -63.14 -4.54
N THR B 260 -40.48 -63.01 -5.55
CA THR B 260 -39.33 -63.90 -5.65
C THR B 260 -38.41 -63.73 -4.45
N LEU B 261 -38.15 -62.50 -4.04
CA LEU B 261 -37.29 -62.26 -2.88
C LEU B 261 -37.90 -62.85 -1.62
N ALA B 262 -39.23 -62.74 -1.46
CA ALA B 262 -39.89 -63.29 -0.28
C ALA B 262 -39.78 -64.81 -0.25
N GLU B 263 -39.89 -65.45 -1.41
CA GLU B 263 -39.77 -66.91 -1.48
C GLU B 263 -38.40 -67.35 -1.00
N ALA B 264 -37.34 -66.67 -1.45
CA ALA B 264 -35.99 -67.01 -1.04
C ALA B 264 -35.81 -66.90 0.47
N GLU B 265 -36.39 -65.86 1.08
CA GLU B 265 -36.26 -65.70 2.52
C GLU B 265 -36.94 -66.83 3.27
N ARG B 266 -38.09 -67.30 2.78
CA ARG B 266 -38.77 -68.42 3.41
C ARG B 266 -37.91 -69.67 3.35
N GLN B 267 -37.36 -69.97 2.17
CA GLN B 267 -36.49 -71.13 2.02
C GLN B 267 -35.24 -70.99 2.88
N GLY B 268 -34.67 -69.78 2.92
CA GLY B 268 -33.48 -69.55 3.73
C GLY B 268 -33.76 -69.77 5.21
N ARG B 269 -34.94 -69.34 5.67
CA ARG B 269 -35.29 -69.51 7.08
C ARG B 269 -35.30 -70.99 7.47
N ILE B 270 -35.76 -71.85 6.56
CA ILE B 270 -35.78 -73.28 6.83
C ILE B 270 -34.37 -73.79 7.13
N MET B 271 -33.40 -73.38 6.32
CA MET B 271 -32.02 -73.81 6.52
C MET B 271 -31.47 -73.30 7.84
N ARG B 272 -31.76 -72.04 8.18
CA ARG B 272 -31.28 -71.47 9.44
C ARG B 272 -31.81 -72.24 10.63
N GLY B 273 -33.09 -72.63 10.59
CA GLY B 273 -33.65 -73.41 11.68
C GLY B 273 -32.97 -74.74 11.87
N GLU B 274 -32.67 -75.42 10.75
CA GLU B 274 -32.00 -76.72 10.82
C GLU B 274 -30.64 -76.59 11.50
N GLY B 275 -29.83 -75.62 11.06
CA GLY B 275 -28.51 -75.43 11.65
C GLY B 275 -28.60 -75.10 13.13
N ASP B 276 -29.50 -74.19 13.50
CA ASP B 276 -29.66 -73.83 14.91
C ASP B 276 -30.11 -75.02 15.72
N ALA B 277 -31.04 -75.82 15.18
CA ALA B 277 -31.52 -76.99 15.90
C ALA B 277 -30.40 -78.02 16.06
N GLU B 278 -29.65 -78.29 14.99
CA GLU B 278 -28.55 -79.25 15.07
C GLU B 278 -27.51 -78.81 16.08
N ALA B 279 -27.15 -77.52 16.07
CA ALA B 279 -26.17 -77.03 17.02
C ALA B 279 -26.70 -77.11 18.45
N ALA B 280 -27.99 -76.85 18.65
CA ALA B 280 -28.57 -76.93 19.98
C ALA B 280 -28.50 -78.35 20.52
N LYS B 281 -28.65 -79.35 19.65
CA LYS B 281 -28.56 -80.74 20.07
C LYS B 281 -27.20 -81.02 20.69
N LEU B 282 -26.13 -80.65 19.97
CA LEU B 282 -24.78 -80.85 20.51
C LEU B 282 -24.57 -80.04 21.77
N PHE B 283 -25.01 -78.77 21.76
CA PHE B 283 -24.89 -77.93 22.95
C PHE B 283 -25.65 -78.53 24.11
N ALA B 284 -26.87 -79.01 23.88
CA ALA B 284 -27.69 -79.58 24.95
C ALA B 284 -27.00 -80.78 25.59
N ASP B 285 -26.52 -81.72 24.77
CA ASP B 285 -25.88 -82.91 25.32
C ASP B 285 -24.52 -82.59 25.92
N ALA B 286 -23.70 -81.82 25.21
CA ALA B 286 -22.36 -81.50 25.71
C ALA B 286 -22.38 -80.61 26.95
N PHE B 287 -23.42 -79.81 27.12
CA PHE B 287 -23.53 -78.92 28.28
C PHE B 287 -24.38 -79.50 29.39
N SER B 288 -25.25 -80.48 29.09
CA SER B 288 -26.05 -81.08 30.15
C SER B 288 -25.20 -81.90 31.11
N LYS B 289 -23.97 -82.26 30.71
CA LYS B 289 -23.07 -82.98 31.60
C LYS B 289 -22.86 -82.21 32.90
N ASP B 290 -22.73 -80.88 32.79
CA ASP B 290 -22.54 -80.01 33.96
C ASP B 290 -23.19 -78.67 33.60
N PRO B 291 -24.45 -78.44 34.02
CA PRO B 291 -25.07 -77.16 33.67
C PRO B 291 -24.47 -75.96 34.37
N ASP B 292 -24.15 -76.09 35.66
CA ASP B 292 -23.56 -74.97 36.40
C ASP B 292 -22.23 -74.54 35.80
N PHE B 293 -21.36 -75.50 35.45
CA PHE B 293 -20.06 -75.14 34.89
C PHE B 293 -20.22 -74.46 33.53
N TYR B 294 -21.13 -74.96 32.69
CA TYR B 294 -21.34 -74.32 31.40
C TYR B 294 -21.86 -72.90 31.59
N ALA B 295 -22.79 -72.72 32.54
CA ALA B 295 -23.30 -71.38 32.83
C ALA B 295 -22.17 -70.47 33.30
N PHE B 296 -21.31 -71.01 34.17
CA PHE B 296 -20.18 -70.24 34.69
C PHE B 296 -19.26 -69.78 33.56
N ILE B 297 -18.84 -70.71 32.70
CA ILE B 297 -17.95 -70.36 31.60
C ILE B 297 -18.66 -69.44 30.61
N ARG B 298 -19.91 -69.76 30.26
CA ARG B 298 -20.63 -68.94 29.29
C ARG B 298 -20.93 -67.55 29.85
N SER B 299 -21.26 -67.46 31.14
CA SER B 299 -21.54 -66.16 31.73
C SER B 299 -20.30 -65.28 31.74
N LEU B 300 -19.14 -65.86 32.07
CA LEU B 300 -17.90 -65.09 32.09
C LEU B 300 -17.56 -64.55 30.70
N ARG B 301 -17.69 -65.39 29.68
CA ARG B 301 -17.38 -64.97 28.31
C ARG B 301 -18.31 -63.85 27.85
N ALA B 302 -19.57 -63.90 28.27
CA ALA B 302 -20.54 -62.88 27.85
C ALA B 302 -20.16 -61.49 28.36
N TYR B 303 -19.55 -61.42 29.55
CA TYR B 303 -19.19 -60.12 30.13
C TYR B 303 -18.21 -59.35 29.25
N GLU B 304 -17.09 -59.98 28.86
CA GLU B 304 -16.10 -59.29 28.04
C GLU B 304 -16.68 -58.83 26.71
N ASN B 305 -17.56 -59.64 26.11
CA ASN B 305 -18.13 -59.28 24.83
C ASN B 305 -19.00 -58.03 24.92
N SER B 306 -19.66 -57.82 26.06
CA SER B 306 -20.53 -56.67 26.25
C SER B 306 -19.79 -55.43 26.75
N PHE B 307 -19.01 -55.57 27.81
CA PHE B 307 -18.28 -54.45 28.41
C PHE B 307 -17.01 -54.07 27.64
N SER B 308 -16.79 -54.61 26.43
CA SER B 308 -15.63 -54.29 25.60
C SER B 308 -15.36 -52.78 25.54
N GLY B 309 -16.41 -51.97 25.50
CA GLY B 309 -16.27 -50.54 25.40
C GLY B 309 -16.21 -49.84 26.75
N ASN B 310 -15.44 -48.74 26.79
CA ASN B 310 -15.27 -47.99 28.02
C ASN B 310 -16.52 -47.20 28.40
N GLN B 311 -17.38 -46.87 27.43
CA GLN B 311 -18.62 -46.16 27.71
C GLN B 311 -19.42 -46.84 28.81
N ASP B 312 -19.37 -48.17 28.88
CA ASP B 312 -20.06 -48.93 29.91
C ASP B 312 -19.33 -48.73 31.23
N VAL B 313 -19.93 -47.97 32.14
CA VAL B 313 -19.31 -47.65 33.43
C VAL B 313 -19.80 -48.65 34.47
N MET B 314 -18.96 -48.87 35.49
CA MET B 314 -19.28 -49.78 36.58
C MET B 314 -19.04 -49.04 37.90
N VAL B 315 -20.11 -48.79 38.64
CA VAL B 315 -20.01 -48.08 39.92
C VAL B 315 -19.74 -49.14 40.98
N MET B 316 -18.45 -49.44 41.18
CA MET B 316 -18.04 -50.40 42.19
C MET B 316 -17.99 -49.72 43.56
N SER B 317 -17.66 -50.51 44.58
CA SER B 317 -17.51 -50.02 45.95
C SER B 317 -16.33 -50.75 46.58
N PRO B 318 -15.71 -50.17 47.61
CA PRO B 318 -14.62 -50.89 48.29
C PRO B 318 -15.10 -52.21 48.90
N ASP B 319 -16.32 -52.19 49.45
CA ASP B 319 -16.91 -53.38 50.07
C ASP B 319 -17.07 -54.53 49.09
N SER B 320 -17.23 -54.22 47.79
CA SER B 320 -17.43 -55.20 46.72
C SER B 320 -16.55 -56.44 46.86
N ASP B 321 -17.21 -57.60 46.78
CA ASP B 321 -16.58 -58.92 46.90
C ASP B 321 -15.24 -59.04 46.20
N PHE B 322 -15.15 -58.59 44.94
CA PHE B 322 -13.89 -58.70 44.21
C PHE B 322 -12.80 -57.86 44.86
N PHE B 323 -13.09 -56.59 45.13
CA PHE B 323 -12.12 -55.70 45.76
C PHE B 323 -12.07 -56.05 47.24
N ARG B 324 -11.34 -57.14 47.52
CA ARG B 324 -11.13 -57.72 48.85
C ARG B 324 -9.67 -57.67 49.26
N TYR B 325 -8.75 -57.98 48.34
CA TYR B 325 -7.32 -57.97 48.61
C TYR B 325 -6.70 -56.60 48.37
N MET B 326 -7.48 -55.64 47.90
CA MET B 326 -7.00 -54.27 47.70
C MET B 326 -6.89 -53.52 49.02
N LYS B 327 -7.32 -54.13 50.13
CA LYS B 327 -7.28 -53.56 51.45
C LYS B 327 -6.14 -54.19 52.24
N THR B 328 -5.90 -53.64 53.44
CA THR B 328 -4.85 -54.14 54.32
C THR B 328 -4.92 -55.66 54.44
N PRO B 329 -3.78 -56.38 54.40
CA PRO B 329 -3.93 -57.83 54.53
C PRO B 329 -4.33 -58.27 55.94
N ARG C 79 -58.44 55.09 -101.57
CA ARG C 79 -58.11 53.67 -101.59
C ARG C 79 -57.41 53.25 -100.30
N VAL C 80 -56.67 54.17 -99.69
CA VAL C 80 -55.96 53.86 -98.45
C VAL C 80 -56.94 53.61 -97.32
N VAL C 81 -58.08 54.30 -97.32
CA VAL C 81 -59.07 54.10 -96.25
C VAL C 81 -59.67 52.71 -96.31
N THR C 82 -59.88 52.20 -97.53
CA THR C 82 -60.47 50.87 -97.69
C THR C 82 -59.58 49.78 -97.11
N ILE C 83 -58.27 49.92 -97.28
CA ILE C 83 -57.32 48.92 -96.78
C ILE C 83 -57.39 48.81 -95.26
N ALA C 84 -57.50 49.95 -94.58
CA ALA C 84 -57.52 49.96 -93.12
C ALA C 84 -58.72 49.20 -92.56
N ALA C 85 -59.90 49.36 -93.17
CA ALA C 85 -61.11 48.71 -92.68
C ALA C 85 -61.00 47.19 -92.67
N ALA C 86 -60.40 46.61 -93.72
CA ALA C 86 -60.27 45.16 -93.80
C ALA C 86 -59.46 44.58 -92.65
N ALA C 87 -58.40 45.28 -92.22
CA ALA C 87 -57.55 44.77 -91.15
C ALA C 87 -58.29 44.62 -89.82
N ILE C 88 -59.10 45.61 -89.45
CA ILE C 88 -59.76 45.58 -88.14
C ILE C 88 -60.84 44.50 -88.04
N VAL C 89 -61.60 44.26 -89.12
CA VAL C 89 -62.70 43.31 -89.03
C VAL C 89 -62.24 41.86 -88.87
N ILE C 90 -61.12 41.47 -89.48
CA ILE C 90 -60.69 40.08 -89.39
C ILE C 90 -60.33 39.70 -87.95
N ILE C 91 -59.62 40.59 -87.23
CA ILE C 91 -59.24 40.28 -85.86
C ILE C 91 -60.49 40.17 -84.98
N TRP C 92 -61.47 41.06 -85.20
CA TRP C 92 -62.71 41.01 -84.44
C TRP C 92 -63.41 39.67 -84.62
N ALA C 93 -63.52 39.20 -85.87
CA ALA C 93 -64.17 37.93 -86.12
C ALA C 93 -63.34 36.78 -85.59
N ALA C 94 -62.02 36.83 -85.76
CA ALA C 94 -61.14 35.79 -85.23
C ALA C 94 -61.33 35.65 -83.73
N SER C 95 -61.04 36.72 -82.98
CA SER C 95 -61.27 36.72 -81.54
C SER C 95 -62.74 36.49 -81.23
N GLY C 96 -63.62 37.07 -82.05
CA GLY C 96 -65.05 36.88 -81.85
C GLY C 96 -65.47 35.43 -81.88
N PHE C 97 -64.94 34.67 -82.84
CA PHE C 97 -65.27 33.26 -82.92
C PHE C 97 -64.66 32.54 -81.72
N TYR C 98 -65.46 31.68 -81.09
CA TYR C 98 -65.02 30.95 -79.91
C TYR C 98 -65.71 29.60 -79.88
N THR C 99 -65.02 28.60 -79.36
CA THR C 99 -65.55 27.26 -79.22
C THR C 99 -65.73 26.91 -77.76
N ILE C 100 -66.85 26.27 -77.43
CA ILE C 100 -67.16 25.81 -76.09
C ILE C 100 -67.22 24.28 -76.13
N LYS C 101 -66.62 23.66 -75.13
CA LYS C 101 -66.52 22.21 -75.07
C LYS C 101 -67.90 21.57 -74.99
N GLU C 102 -67.91 20.23 -75.15
CA GLU C 102 -69.15 19.46 -75.08
C GLU C 102 -69.59 19.31 -73.63
N ALA C 103 -68.63 19.14 -72.73
CA ALA C 103 -68.94 19.02 -71.31
C ALA C 103 -69.19 20.38 -70.67
N GLU C 104 -69.03 21.48 -71.41
CA GLU C 104 -69.24 22.84 -70.94
C GLU C 104 -70.39 23.48 -71.71
N ARG C 105 -71.02 24.47 -71.08
CA ARG C 105 -72.14 25.20 -71.68
C ARG C 105 -71.88 26.69 -71.51
N GLY C 106 -71.53 27.35 -72.61
CA GLY C 106 -71.28 28.78 -72.57
C GLY C 106 -72.51 29.57 -72.15
N VAL C 107 -72.25 30.70 -71.48
CA VAL C 107 -73.29 31.61 -71.01
C VAL C 107 -72.95 32.99 -71.58
N VAL C 108 -73.54 33.33 -72.73
CA VAL C 108 -73.29 34.63 -73.34
C VAL C 108 -73.98 35.70 -72.49
N THR C 109 -73.27 36.79 -72.23
CA THR C 109 -73.80 37.87 -71.40
C THR C 109 -73.50 39.24 -72.00
N ARG C 110 -74.55 40.05 -72.14
CA ARG C 110 -74.39 41.43 -72.57
C ARG C 110 -73.61 42.18 -71.50
N PHE C 111 -73.23 43.43 -71.80
CA PHE C 111 -72.44 44.25 -70.87
C PHE C 111 -72.93 44.15 -69.43
N GLY C 112 -74.20 44.49 -69.20
CA GLY C 112 -74.81 44.34 -67.89
C GLY C 112 -75.74 43.14 -67.76
N LYS C 113 -76.53 42.94 -68.81
CA LYS C 113 -77.54 41.89 -68.87
C LYS C 113 -77.02 40.58 -69.45
N PHE C 114 -77.61 39.47 -69.00
CA PHE C 114 -77.32 38.17 -69.56
C PHE C 114 -78.06 38.11 -70.90
N SER C 115 -77.45 37.45 -71.90
CA SER C 115 -78.06 37.42 -73.23
C SER C 115 -78.73 36.10 -73.62
N HIS C 116 -78.01 34.98 -73.53
CA HIS C 116 -78.59 33.69 -73.90
C HIS C 116 -77.58 32.61 -73.58
N LEU C 117 -78.06 31.36 -73.57
CA LEU C 117 -77.23 30.19 -73.33
C LEU C 117 -76.89 29.56 -74.67
N VAL C 118 -75.60 29.48 -74.97
CA VAL C 118 -75.11 28.88 -76.22
C VAL C 118 -74.86 27.40 -76.00
N GLU C 119 -75.18 26.60 -77.00
CA GLU C 119 -74.99 25.16 -76.93
C GLU C 119 -73.63 24.80 -77.49
N PRO C 120 -73.10 23.61 -77.18
CA PRO C 120 -71.76 23.23 -77.66
C PRO C 120 -71.54 23.45 -79.15
N GLY C 121 -70.27 23.65 -79.50
CA GLY C 121 -69.84 23.90 -80.87
C GLY C 121 -69.14 25.23 -81.00
N LEU C 122 -69.02 25.73 -82.22
CA LEU C 122 -68.36 27.00 -82.48
C LEU C 122 -69.41 28.06 -82.73
N ASN C 123 -69.46 29.05 -81.84
CA ASN C 123 -70.37 30.18 -81.93
C ASN C 123 -69.55 31.44 -82.13
N TRP C 124 -70.25 32.55 -82.37
CA TRP C 124 -69.61 33.85 -82.56
C TRP C 124 -70.21 34.85 -81.58
N LYS C 125 -69.33 35.66 -81.00
CA LYS C 125 -69.71 36.72 -80.08
C LYS C 125 -68.98 37.98 -80.52
N PRO C 126 -69.66 39.11 -80.74
CA PRO C 126 -68.93 40.34 -81.09
C PRO C 126 -67.92 40.68 -80.00
N THR C 127 -66.64 40.70 -80.40
CA THR C 127 -65.56 40.94 -79.44
C THR C 127 -65.68 42.32 -78.81
N PHE C 128 -65.49 42.36 -77.49
CA PHE C 128 -65.55 43.54 -76.62
C PHE C 128 -66.99 43.96 -76.34
N ILE C 129 -68.00 43.25 -76.84
CA ILE C 129 -69.40 43.58 -76.63
C ILE C 129 -70.05 42.61 -75.65
N ASP C 130 -69.90 41.31 -75.89
CA ASP C 130 -70.46 40.26 -75.05
C ASP C 130 -69.35 39.27 -74.69
N GLU C 131 -69.56 38.55 -73.59
CA GLU C 131 -68.60 37.56 -73.11
C GLU C 131 -69.35 36.29 -72.75
N VAL C 132 -68.64 35.16 -72.88
CA VAL C 132 -69.17 33.84 -72.61
C VAL C 132 -68.48 33.28 -71.37
N LYS C 133 -69.24 32.56 -70.54
CA LYS C 133 -68.73 31.93 -69.32
C LYS C 133 -69.03 30.43 -69.43
N PRO C 134 -68.05 29.59 -69.79
CA PRO C 134 -68.35 28.14 -69.89
C PRO C 134 -68.29 27.48 -68.51
N VAL C 135 -69.35 26.75 -68.19
CA VAL C 135 -69.48 26.00 -66.94
C VAL C 135 -69.61 24.52 -67.31
N ASN C 136 -68.84 23.66 -66.62
CA ASN C 136 -68.89 22.24 -66.92
C ASN C 136 -70.20 21.68 -66.36
N VAL C 137 -71.21 21.57 -67.24
CA VAL C 137 -72.53 21.08 -66.84
C VAL C 137 -72.66 19.57 -66.92
N GLU C 138 -71.63 18.86 -67.38
CA GLU C 138 -71.63 17.40 -67.48
C GLU C 138 -70.65 16.72 -66.53
N ALA C 139 -69.48 17.32 -66.31
CA ALA C 139 -68.49 16.72 -65.42
C ALA C 139 -69.07 16.53 -64.02
N VAL C 140 -68.64 15.45 -63.37
CA VAL C 140 -69.11 15.08 -62.02
C VAL C 140 -68.10 15.59 -61.00
N ARG C 141 -68.54 16.48 -60.13
CA ARG C 141 -67.71 17.04 -59.07
C ARG C 141 -67.81 16.17 -57.83
N GLU C 142 -66.90 16.41 -56.88
CA GLU C 142 -66.85 15.65 -55.64
C GLU C 142 -66.61 16.59 -54.46
N LEU C 143 -67.09 16.15 -53.29
CA LEU C 143 -66.95 16.93 -52.06
C LEU C 143 -66.92 15.95 -50.89
N ALA C 144 -65.72 15.68 -50.38
CA ALA C 144 -65.56 14.78 -49.24
C ALA C 144 -65.71 15.57 -47.95
N ALA C 145 -66.66 15.16 -47.11
CA ALA C 145 -66.92 15.82 -45.84
C ALA C 145 -66.73 14.81 -44.72
N SER C 146 -65.87 15.16 -43.75
CA SER C 146 -65.55 14.31 -42.62
C SER C 146 -65.52 15.17 -41.36
N GLY C 147 -65.31 14.51 -40.23
CA GLY C 147 -65.24 15.20 -38.96
C GLY C 147 -65.59 14.29 -37.82
N VAL C 148 -65.17 14.72 -36.62
CA VAL C 148 -65.43 13.97 -35.39
C VAL C 148 -66.77 14.47 -34.84
N MET C 149 -67.86 13.86 -35.30
CA MET C 149 -69.18 14.27 -34.87
C MET C 149 -69.53 13.66 -33.51
N LEU C 150 -70.58 14.21 -32.89
CA LEU C 150 -71.08 13.77 -31.60
C LEU C 150 -72.35 12.96 -31.81
N THR C 151 -72.43 11.80 -31.17
CA THR C 151 -73.59 10.93 -31.31
C THR C 151 -74.67 11.33 -30.29
N SER C 152 -75.72 10.51 -30.19
CA SER C 152 -76.83 10.76 -29.26
C SER C 152 -76.61 10.16 -27.87
N ASP C 153 -75.58 9.34 -27.69
CA ASP C 153 -75.28 8.70 -26.41
C ASP C 153 -74.04 9.27 -25.75
N GLU C 154 -73.66 10.51 -26.11
CA GLU C 154 -72.51 11.21 -25.56
C GLU C 154 -71.19 10.54 -25.92
N ASN C 155 -71.18 9.69 -26.94
CA ASN C 155 -69.98 9.01 -27.41
C ASN C 155 -69.42 9.74 -28.62
N VAL C 156 -68.11 9.59 -28.84
CA VAL C 156 -67.41 10.24 -29.94
C VAL C 156 -67.08 9.18 -30.99
N VAL C 157 -67.24 9.55 -32.26
CA VAL C 157 -66.96 8.66 -33.39
C VAL C 157 -66.28 9.48 -34.48
N ARG C 158 -65.20 8.94 -35.04
CA ARG C 158 -64.48 9.59 -36.14
C ARG C 158 -65.18 9.12 -37.40
N VAL C 159 -66.03 9.98 -37.95
CA VAL C 159 -66.83 9.68 -39.12
C VAL C 159 -66.33 10.46 -40.33
N GLU C 160 -66.35 9.80 -41.49
CA GLU C 160 -65.94 10.39 -42.76
C GLU C 160 -67.01 10.05 -43.78
N MET C 161 -67.31 11.00 -44.66
CA MET C 161 -68.35 10.82 -45.68
C MET C 161 -67.87 11.43 -46.99
N ASN C 162 -68.41 10.89 -48.09
CA ASN C 162 -68.13 11.36 -49.44
C ASN C 162 -69.44 11.70 -50.12
N VAL C 163 -69.50 12.85 -50.77
CA VAL C 163 -70.70 13.30 -51.47
C VAL C 163 -70.35 13.56 -52.93
N GLN C 164 -70.91 12.74 -53.83
CA GLN C 164 -70.72 12.91 -55.26
C GLN C 164 -71.86 13.74 -55.80
N TYR C 165 -71.54 14.80 -56.56
CA TYR C 165 -72.57 15.67 -57.11
C TYR C 165 -72.18 16.16 -58.50
N ARG C 166 -73.13 16.87 -59.12
CA ARG C 166 -72.98 17.46 -60.43
C ARG C 166 -73.54 18.88 -60.34
N VAL C 167 -73.51 19.60 -61.46
CA VAL C 167 -74.02 20.97 -61.54
C VAL C 167 -75.12 20.99 -62.60
N THR C 168 -75.79 22.14 -62.70
CA THR C 168 -76.93 22.37 -63.60
C THR C 168 -76.76 23.76 -64.19
N ASN C 169 -77.84 24.29 -64.81
CA ASN C 169 -77.87 25.58 -65.49
C ASN C 169 -77.13 26.65 -64.68
N PRO C 170 -76.09 27.30 -65.23
CA PRO C 170 -75.29 28.23 -64.42
C PRO C 170 -75.98 29.51 -63.97
N GLU C 171 -77.20 29.80 -64.41
CA GLU C 171 -77.83 31.05 -63.98
C GLU C 171 -78.03 31.06 -62.47
N LYS C 172 -78.33 29.90 -61.88
CA LYS C 172 -78.46 29.80 -60.43
C LYS C 172 -77.08 29.66 -59.78
N TYR C 173 -76.32 28.65 -60.20
CA TYR C 173 -75.00 28.37 -59.63
C TYR C 173 -74.09 29.59 -59.61
N LEU C 174 -74.13 30.41 -60.67
CA LEU C 174 -73.23 31.55 -60.78
C LEU C 174 -73.75 32.82 -60.11
N TYR C 175 -75.06 33.07 -60.06
CA TYR C 175 -75.59 34.32 -59.52
C TYR C 175 -76.63 34.10 -58.43
N SER C 176 -76.44 33.08 -57.57
CA SER C 176 -77.33 32.84 -56.43
C SER C 176 -76.63 33.07 -55.10
N VAL C 177 -75.48 32.41 -54.88
CA VAL C 177 -74.71 32.53 -53.66
C VAL C 177 -73.23 32.59 -54.00
N THR C 178 -72.47 33.33 -53.20
CA THR C 178 -71.03 33.40 -53.41
C THR C 178 -70.41 32.09 -52.97
N SER C 179 -69.35 31.66 -53.68
CA SER C 179 -68.64 30.41 -53.44
C SER C 179 -69.61 29.26 -53.18
N PRO C 180 -70.39 28.84 -54.18
CA PRO C 180 -71.38 27.77 -53.94
C PRO C 180 -70.77 26.45 -53.48
N ASP C 181 -69.59 26.08 -53.97
CA ASP C 181 -68.98 24.82 -53.54
C ASP C 181 -68.64 24.87 -52.06
N ASP C 182 -68.02 25.96 -51.61
CA ASP C 182 -67.68 26.08 -50.19
C ASP C 182 -68.94 26.23 -49.35
N SER C 183 -69.91 27.02 -49.83
CA SER C 183 -71.17 27.19 -49.11
C SER C 183 -71.86 25.85 -48.93
N LEU C 184 -71.81 25.00 -49.96
CA LEU C 184 -72.42 23.67 -49.86
C LEU C 184 -71.69 22.83 -48.81
N ARG C 185 -70.36 22.98 -48.74
CA ARG C 185 -69.59 22.22 -47.76
C ARG C 185 -69.97 22.63 -46.34
N GLN C 186 -70.20 23.93 -46.12
CA GLN C 186 -70.61 24.38 -44.80
C GLN C 186 -72.00 23.86 -44.48
N ALA C 187 -72.90 23.90 -45.48
CA ALA C 187 -74.25 23.36 -45.29
C ALA C 187 -74.19 21.87 -45.00
N THR C 188 -73.27 21.16 -45.66
CA THR C 188 -73.14 19.72 -45.46
C THR C 188 -72.74 19.40 -44.02
N ASP C 189 -71.85 20.20 -43.45
CA ASP C 189 -71.43 19.98 -42.06
C ASP C 189 -72.59 20.14 -41.11
N SER C 190 -73.40 21.18 -41.30
CA SER C 190 -74.56 21.38 -40.43
C SER C 190 -75.54 20.22 -40.54
N ALA C 191 -75.77 19.72 -41.75
CA ALA C 191 -76.66 18.59 -41.93
C ALA C 191 -76.07 17.33 -41.30
N LEU C 192 -74.79 17.07 -41.58
CA LEU C 192 -74.12 15.90 -41.03
C LEU C 192 -74.08 15.94 -39.50
N ARG C 193 -73.75 17.09 -38.93
CA ARG C 193 -73.70 17.23 -37.48
C ARG C 193 -75.08 16.99 -36.87
N GLY C 194 -76.11 17.61 -37.44
CA GLY C 194 -77.46 17.46 -36.90
C GLY C 194 -77.95 16.03 -36.90
N VAL C 195 -77.83 15.34 -38.04
CA VAL C 195 -78.33 13.98 -38.16
C VAL C 195 -77.60 13.03 -37.21
N ILE C 196 -76.26 13.06 -37.22
CA ILE C 196 -75.46 12.19 -36.36
C ILE C 196 -75.87 12.38 -34.89
N GLY C 197 -76.16 13.61 -34.50
CA GLY C 197 -76.59 13.89 -33.14
C GLY C 197 -77.82 13.12 -32.71
N LYS C 198 -78.69 12.78 -33.66
CA LYS C 198 -79.94 12.08 -33.34
C LYS C 198 -79.72 10.60 -33.05
N TYR C 199 -78.86 9.92 -33.81
CA TYR C 199 -78.65 8.49 -33.64
C TYR C 199 -77.53 8.21 -32.65
N THR C 200 -77.55 6.99 -32.10
CA THR C 200 -76.56 6.54 -31.14
C THR C 200 -75.33 5.98 -31.86
N MET C 201 -74.23 5.87 -31.09
CA MET C 201 -72.96 5.41 -31.63
C MET C 201 -73.05 3.99 -32.19
N ASP C 202 -73.57 3.04 -31.40
CA ASP C 202 -73.62 1.64 -31.84
C ASP C 202 -74.42 1.49 -33.13
N ARG C 203 -75.56 2.16 -33.23
CA ARG C 203 -76.40 2.07 -34.42
C ARG C 203 -75.65 2.58 -35.65
N ILE C 204 -75.11 3.79 -35.55
CA ILE C 204 -74.43 4.45 -36.67
C ILE C 204 -73.32 3.58 -37.26
N LEU C 205 -72.64 2.78 -36.44
CA LEU C 205 -71.52 2.00 -36.94
C LEU C 205 -71.96 0.80 -37.78
N THR C 206 -73.03 0.09 -37.37
CA THR C 206 -73.46 -1.11 -38.08
C THR C 206 -74.82 -1.01 -38.77
N GLU C 207 -75.87 -0.63 -38.05
CA GLU C 207 -77.23 -0.58 -38.59
C GLU C 207 -77.60 0.77 -39.19
N GLY C 208 -77.29 1.86 -38.47
CA GLY C 208 -77.66 3.19 -38.89
C GLY C 208 -77.08 3.63 -40.22
N ARG C 209 -75.95 3.05 -40.62
CA ARG C 209 -75.26 3.41 -41.87
C ARG C 209 -76.18 3.59 -43.08
N THR C 210 -77.08 2.64 -43.33
CA THR C 210 -77.95 2.75 -44.50
C THR C 210 -79.03 3.80 -44.31
N VAL C 211 -79.66 3.86 -43.14
CA VAL C 211 -80.69 4.87 -42.91
C VAL C 211 -80.09 6.27 -42.81
N ILE C 212 -78.79 6.39 -42.52
CA ILE C 212 -78.17 7.71 -42.43
C ILE C 212 -77.94 8.29 -43.82
N ARG C 213 -77.27 7.54 -44.71
CA ARG C 213 -77.05 8.00 -46.08
C ARG C 213 -78.35 8.43 -46.77
N SER C 214 -79.49 7.91 -46.31
CA SER C 214 -80.81 8.30 -46.83
C SER C 214 -81.26 9.60 -46.18
N ASP C 215 -81.08 9.71 -44.85
CA ASP C 215 -81.49 10.91 -44.12
C ASP C 215 -80.57 12.09 -44.43
N THR C 216 -79.25 11.87 -44.32
CA THR C 216 -78.30 12.96 -44.58
C THR C 216 -78.43 13.45 -46.01
N GLN C 217 -78.70 12.55 -46.96
CA GLN C 217 -78.88 12.97 -48.34
C GLN C 217 -80.17 13.76 -48.47
N ARG C 218 -81.25 13.27 -47.87
CA ARG C 218 -82.52 13.98 -47.91
C ARG C 218 -82.45 15.29 -47.14
N GLU C 219 -81.83 15.26 -45.95
CA GLU C 219 -81.71 16.47 -45.14
C GLU C 219 -80.86 17.52 -45.83
N LEU C 220 -79.74 17.10 -46.42
CA LEU C 220 -78.87 18.05 -47.13
C LEU C 220 -79.62 18.72 -48.27
N GLU C 221 -80.46 17.97 -48.99
CA GLU C 221 -81.23 18.55 -50.08
C GLU C 221 -82.20 19.60 -49.55
N GLU C 222 -82.89 19.28 -48.46
CA GLU C 222 -83.82 20.24 -47.86
C GLU C 222 -83.08 21.50 -47.41
N THR C 223 -81.82 21.34 -46.97
CA THR C 223 -81.03 22.49 -46.51
C THR C 223 -80.76 23.47 -47.65
N ILE C 224 -80.60 22.99 -48.88
CA ILE C 224 -80.29 23.84 -50.02
C ILE C 224 -81.52 24.15 -50.87
N ARG C 225 -82.71 23.73 -50.44
CA ARG C 225 -83.91 24.05 -51.22
C ARG C 225 -84.19 25.55 -51.21
N PRO C 226 -84.25 26.23 -50.06
CA PRO C 226 -84.47 27.70 -50.09
C PRO C 226 -83.42 28.44 -50.90
N TYR C 227 -82.16 28.00 -50.84
CA TYR C 227 -81.07 28.64 -51.56
C TYR C 227 -81.37 28.77 -53.05
N ASP C 228 -81.97 27.72 -53.64
CA ASP C 228 -82.32 27.66 -55.06
C ASP C 228 -81.12 27.48 -55.98
N MET C 229 -79.93 27.22 -55.43
CA MET C 229 -78.73 27.02 -56.22
C MET C 229 -78.96 25.92 -57.25
N GLY C 230 -78.15 25.95 -58.31
CA GLY C 230 -78.29 24.99 -59.38
C GLY C 230 -77.48 23.73 -59.19
N ILE C 231 -76.95 23.48 -58.00
CA ILE C 231 -76.19 22.26 -57.75
C ILE C 231 -77.18 21.11 -57.58
N THR C 232 -76.86 19.97 -58.21
CA THR C 232 -77.68 18.77 -58.15
C THR C 232 -76.92 17.64 -57.48
N LEU C 233 -77.56 16.99 -56.52
CA LEU C 233 -76.94 15.90 -55.78
C LEU C 233 -77.03 14.60 -56.59
N LEU C 234 -75.87 13.98 -56.82
CA LEU C 234 -75.78 12.74 -57.58
C LEU C 234 -75.79 11.50 -56.69
N ASP C 235 -74.91 11.44 -55.69
CA ASP C 235 -74.87 10.30 -54.80
C ASP C 235 -74.22 10.70 -53.48
N VAL C 236 -74.67 10.05 -52.41
CA VAL C 236 -74.16 10.26 -51.06
C VAL C 236 -73.65 8.90 -50.61
N ASN C 237 -72.34 8.67 -50.74
CA ASN C 237 -71.71 7.39 -50.43
C ASN C 237 -70.82 7.50 -49.19
N PHE C 238 -71.33 6.98 -48.07
CA PHE C 238 -70.61 6.95 -46.80
C PHE C 238 -69.29 6.22 -46.96
N GLN C 239 -68.23 6.79 -46.37
CA GLN C 239 -66.88 6.25 -46.49
C GLN C 239 -66.36 5.54 -45.25
N ALA C 240 -66.38 6.17 -44.07
CA ALA C 240 -65.82 5.52 -42.89
C ALA C 240 -66.47 6.03 -41.60
N ALA C 241 -66.50 5.15 -40.59
CA ALA C 241 -67.05 5.43 -39.27
C ALA C 241 -66.15 4.89 -38.16
N ARG C 242 -64.84 4.76 -38.42
CA ARG C 242 -63.92 4.21 -37.43
C ARG C 242 -64.04 4.95 -36.09
N PRO C 243 -63.89 4.26 -34.96
CA PRO C 243 -63.96 4.94 -33.66
C PRO C 243 -62.70 5.75 -33.42
N PRO C 244 -62.69 6.61 -32.40
CA PRO C 244 -61.48 7.38 -32.07
C PRO C 244 -60.27 6.45 -31.89
N GLU C 245 -59.11 6.90 -32.38
CA GLU C 245 -57.91 6.09 -32.25
C GLU C 245 -57.55 5.83 -30.79
N GLU C 246 -57.90 6.76 -29.89
CA GLU C 246 -57.57 6.57 -28.48
C GLU C 246 -58.31 5.39 -27.87
N VAL C 247 -59.55 5.14 -28.30
CA VAL C 247 -60.35 4.03 -27.76
C VAL C 247 -60.26 2.76 -28.60
N LYS C 248 -59.57 2.80 -29.75
CA LYS C 248 -59.45 1.61 -30.58
C LYS C 248 -58.77 0.47 -29.83
N ALA C 249 -57.79 0.80 -28.98
CA ALA C 249 -57.06 -0.20 -28.20
C ALA C 249 -58.00 -1.10 -27.40
N ALA C 250 -58.92 -0.50 -26.66
CA ALA C 250 -59.85 -1.30 -25.86
C ALA C 250 -60.77 -2.14 -26.72
N PHE C 251 -61.24 -1.60 -27.85
CA PHE C 251 -62.15 -2.32 -28.73
C PHE C 251 -61.58 -3.67 -29.17
N ASP C 252 -60.28 -3.72 -29.50
CA ASP C 252 -59.68 -4.98 -29.92
C ASP C 252 -59.44 -5.91 -28.73
N ASP C 253 -59.13 -5.35 -27.56
CA ASP C 253 -58.89 -6.18 -26.39
C ASP C 253 -60.12 -6.98 -25.99
N ALA C 254 -61.31 -6.38 -26.13
CA ALA C 254 -62.54 -7.09 -25.82
C ALA C 254 -62.67 -8.38 -26.63
N ILE C 255 -62.20 -8.35 -27.89
CA ILE C 255 -62.25 -9.55 -28.71
C ILE C 255 -61.20 -10.54 -28.25
N ALA C 256 -59.98 -10.04 -27.95
CA ALA C 256 -58.91 -10.90 -27.47
C ALA C 256 -59.30 -11.61 -26.17
N ALA C 257 -60.14 -10.96 -25.34
CA ALA C 257 -60.55 -11.59 -24.09
C ALA C 257 -61.38 -12.84 -24.36
N ARG C 258 -62.25 -12.80 -25.38
CA ARG C 258 -63.02 -13.98 -25.74
C ARG C 258 -62.08 -15.11 -26.12
N GLU C 259 -61.07 -14.81 -26.93
CA GLU C 259 -60.09 -15.82 -27.30
C GLU C 259 -59.34 -16.32 -26.08
N ASN C 260 -58.98 -15.41 -25.16
CA ASN C 260 -58.30 -15.82 -23.94
C ASN C 260 -59.20 -16.70 -23.09
N GLU C 261 -60.50 -16.38 -23.06
CA GLU C 261 -61.45 -17.20 -22.32
C GLU C 261 -61.43 -18.64 -22.83
N GLN C 262 -61.52 -18.78 -24.15
CA GLN C 262 -61.44 -20.10 -24.76
C GLN C 262 -60.10 -20.77 -24.44
N GLN C 263 -59.01 -19.99 -24.53
CA GLN C 263 -57.68 -20.52 -24.26
C GLN C 263 -57.56 -21.01 -22.82
N TYR C 264 -58.20 -20.31 -21.88
CA TYR C 264 -58.18 -20.76 -20.49
C TYR C 264 -58.82 -22.13 -20.37
N ILE C 265 -59.93 -22.35 -21.07
CA ILE C 265 -60.61 -23.63 -21.03
C ILE C 265 -59.71 -24.74 -21.58
N ARG C 266 -58.94 -24.43 -22.64
CA ARG C 266 -58.03 -25.44 -23.20
C ARG C 266 -57.03 -25.89 -22.15
N GLU C 267 -56.45 -24.96 -21.40
CA GLU C 267 -55.51 -25.33 -20.35
C GLU C 267 -56.22 -26.12 -19.26
N ALA C 268 -57.48 -25.77 -18.97
CA ALA C 268 -58.25 -26.50 -17.97
C ALA C 268 -58.46 -27.94 -18.43
N GLU C 269 -58.83 -28.12 -19.70
CA GLU C 269 -59.02 -29.46 -20.24
C GLU C 269 -57.71 -30.24 -20.21
N ALA C 270 -56.60 -29.57 -20.52
CA ALA C 270 -55.29 -30.21 -20.52
C ALA C 270 -54.96 -30.79 -19.14
N TYR C 271 -55.16 -30.00 -18.08
CA TYR C 271 -54.81 -30.44 -16.74
C TYR C 271 -55.60 -31.69 -16.33
N THR C 272 -56.91 -31.69 -16.53
CA THR C 272 -57.72 -32.85 -16.18
C THR C 272 -57.28 -34.08 -16.97
N ASN C 273 -57.13 -33.93 -18.29
CA ASN C 273 -56.70 -35.05 -19.11
C ASN C 273 -55.26 -35.44 -18.81
N GLU C 274 -54.44 -34.50 -18.32
CA GLU C 274 -53.06 -34.79 -17.97
C GLU C 274 -52.94 -35.42 -16.58
N VAL C 275 -53.68 -34.90 -15.61
CA VAL C 275 -53.59 -35.38 -14.23
C VAL C 275 -54.32 -36.70 -14.02
N GLN C 276 -55.46 -36.91 -14.68
CA GLN C 276 -56.24 -38.13 -14.47
C GLN C 276 -55.45 -39.41 -14.78
N PRO C 277 -54.74 -39.54 -15.91
CA PRO C 277 -53.97 -40.77 -16.14
C PRO C 277 -52.93 -41.03 -15.05
N ARG C 278 -52.33 -39.96 -14.52
CA ARG C 278 -51.33 -40.13 -13.46
C ARG C 278 -51.95 -40.79 -12.24
N ALA C 279 -53.19 -40.43 -11.91
CA ALA C 279 -53.86 -41.05 -10.77
C ALA C 279 -54.04 -42.54 -11.00
N ASN C 280 -54.41 -42.94 -12.22
CA ASN C 280 -54.58 -44.35 -12.53
C ASN C 280 -53.27 -45.10 -12.35
N GLY C 281 -52.17 -44.53 -12.84
CA GLY C 281 -50.87 -45.18 -12.67
C GLY C 281 -50.49 -45.28 -11.21
N GLN C 282 -50.72 -44.21 -10.45
CA GLN C 282 -50.41 -44.24 -9.02
C GLN C 282 -51.28 -45.25 -8.30
N ALA C 283 -52.55 -45.36 -8.72
CA ALA C 283 -53.46 -46.32 -8.11
C ALA C 283 -52.94 -47.74 -8.27
N GLN C 284 -52.51 -48.10 -9.48
CA GLN C 284 -51.97 -49.44 -9.72
C GLN C 284 -50.72 -49.68 -8.89
N ARG C 285 -49.88 -48.66 -8.75
CA ARG C 285 -48.65 -48.80 -7.98
C ARG C 285 -48.95 -49.15 -6.52
N ILE C 286 -49.89 -48.44 -5.89
CA ILE C 286 -50.21 -48.75 -4.51
C ILE C 286 -50.95 -50.08 -4.42
N LEU C 287 -51.76 -50.40 -5.44
CA LEU C 287 -52.47 -51.68 -5.44
C LEU C 287 -51.49 -52.84 -5.50
N GLU C 288 -50.47 -52.74 -6.37
CA GLU C 288 -49.49 -53.81 -6.48
C GLU C 288 -48.68 -53.95 -5.19
N GLU C 289 -48.38 -52.82 -4.54
CA GLU C 289 -47.60 -52.88 -3.29
C GLU C 289 -48.35 -53.70 -2.23
N ALA C 290 -49.66 -53.54 -2.15
CA ALA C 290 -50.44 -54.32 -1.18
C ALA C 290 -50.33 -55.81 -1.48
N ARG C 291 -50.45 -56.18 -2.77
CA ARG C 291 -50.31 -57.57 -3.17
C ARG C 291 -48.94 -58.12 -2.79
N ALA C 292 -47.89 -57.35 -3.04
CA ALA C 292 -46.54 -57.78 -2.68
C ALA C 292 -46.43 -57.98 -1.17
N TYR C 293 -47.03 -57.08 -0.40
CA TYR C 293 -47.01 -57.21 1.06
C TYR C 293 -47.65 -58.53 1.49
N LYS C 294 -48.80 -58.86 0.88
CA LYS C 294 -49.48 -60.12 1.21
C LYS C 294 -48.57 -61.31 0.95
N ALA C 295 -47.92 -61.34 -0.22
CA ALA C 295 -47.02 -62.44 -0.54
C ALA C 295 -45.84 -62.47 0.43
N GLN C 296 -45.24 -61.30 0.69
CA GLN C 296 -44.12 -61.23 1.62
C GLN C 296 -44.55 -61.64 3.03
N THR C 297 -45.71 -61.16 3.48
CA THR C 297 -46.16 -61.49 4.83
C THR C 297 -46.49 -62.97 4.96
N ILE C 298 -47.10 -63.55 3.94
CA ILE C 298 -47.43 -64.98 3.99
C ILE C 298 -46.15 -65.82 3.98
N LEU C 299 -45.24 -65.50 3.06
CA LEU C 299 -44.00 -66.25 2.94
C LEU C 299 -43.13 -66.08 4.19
N GLU C 300 -43.06 -64.86 4.73
CA GLU C 300 -42.26 -64.63 5.93
C GLU C 300 -42.81 -65.43 7.11
N ALA C 301 -44.14 -65.49 7.23
CA ALA C 301 -44.77 -66.25 8.30
C ALA C 301 -44.40 -67.72 8.21
N GLN C 302 -44.43 -68.28 7.00
CA GLN C 302 -44.09 -69.69 6.80
C GLN C 302 -42.68 -70.01 7.28
N GLY C 303 -41.73 -69.13 6.98
CA GLY C 303 -40.36 -69.37 7.42
C GLY C 303 -40.23 -69.40 8.93
N GLU C 304 -40.86 -68.45 9.62
CA GLU C 304 -40.79 -68.43 11.08
C GLU C 304 -41.46 -69.65 11.67
N VAL C 305 -42.58 -70.08 11.08
CA VAL C 305 -43.28 -71.28 11.56
C VAL C 305 -42.37 -72.49 11.51
N ALA C 306 -41.64 -72.66 10.41
CA ALA C 306 -40.74 -73.80 10.27
C ALA C 306 -39.64 -73.76 11.33
N ARG C 307 -39.06 -72.58 11.58
CA ARG C 307 -38.00 -72.47 12.58
C ARG C 307 -38.52 -72.86 13.96
N PHE C 308 -39.68 -72.34 14.35
CA PHE C 308 -40.24 -72.67 15.66
C PHE C 308 -40.60 -74.15 15.76
N ALA C 309 -41.18 -74.71 14.69
CA ALA C 309 -41.57 -76.12 14.71
C ALA C 309 -40.36 -77.03 14.87
N LYS C 310 -39.26 -76.73 14.18
CA LYS C 310 -38.05 -77.54 14.29
C LYS C 310 -37.37 -77.37 15.64
N LEU C 311 -37.36 -76.14 16.16
CA LEU C 311 -36.69 -75.86 17.43
C LEU C 311 -37.46 -76.38 18.64
N LEU C 312 -38.80 -76.42 18.57
CA LEU C 312 -39.58 -76.84 19.73
C LEU C 312 -39.23 -78.24 20.24
N PRO C 313 -39.11 -79.28 19.40
CA PRO C 313 -38.71 -80.59 19.95
C PRO C 313 -37.36 -80.56 20.63
N GLU C 314 -36.42 -79.78 20.08
CA GLU C 314 -35.10 -79.66 20.70
C GLU C 314 -35.22 -79.02 22.08
N TYR C 315 -36.04 -77.98 22.21
CA TYR C 315 -36.21 -77.31 23.48
C TYR C 315 -36.80 -78.25 24.53
N LYS C 316 -37.75 -79.11 24.13
CA LYS C 316 -38.32 -80.07 25.08
C LYS C 316 -37.27 -81.06 25.59
N ALA C 317 -36.22 -81.32 24.79
CA ALA C 317 -35.20 -82.26 25.22
C ALA C 317 -34.38 -81.70 26.38
N ALA C 318 -33.87 -80.47 26.22
CA ALA C 318 -33.09 -79.80 27.26
C ALA C 318 -33.59 -78.36 27.37
N PRO C 319 -34.69 -78.14 28.09
CA PRO C 319 -35.18 -76.75 28.21
C PRO C 319 -34.26 -75.84 28.98
N GLU C 320 -33.74 -76.28 30.11
CA GLU C 320 -32.85 -75.46 30.93
C GLU C 320 -31.59 -75.06 30.17
N ILE C 321 -30.96 -76.00 29.48
CA ILE C 321 -29.71 -75.72 28.78
C ILE C 321 -29.93 -74.70 27.66
N THR C 322 -30.92 -74.93 26.80
CA THR C 322 -31.16 -74.00 25.71
C THR C 322 -31.62 -72.64 26.22
N ARG C 323 -32.54 -72.63 27.19
CA ARG C 323 -33.02 -71.37 27.75
C ARG C 323 -31.87 -70.57 28.36
N GLU C 324 -31.04 -71.22 29.19
CA GLU C 324 -29.91 -70.53 29.79
C GLU C 324 -28.93 -70.07 28.71
N ARG C 325 -28.65 -70.94 27.73
CA ARG C 325 -27.76 -70.56 26.64
C ARG C 325 -28.38 -69.41 25.84
N LEU C 326 -29.70 -69.44 25.66
CA LEU C 326 -30.40 -68.38 24.95
C LEU C 326 -30.32 -67.07 25.71
N TYR C 327 -30.56 -67.11 27.02
CA TYR C 327 -30.56 -65.90 27.83
C TYR C 327 -29.17 -65.26 27.86
N ILE C 328 -28.14 -66.05 28.22
CA ILE C 328 -26.78 -65.53 28.25
C ILE C 328 -26.40 -64.95 26.90
N GLU C 329 -26.77 -65.62 25.81
CA GLU C 329 -26.47 -65.13 24.48
C GLU C 329 -27.22 -63.83 24.20
N THR C 330 -28.53 -63.82 24.44
CA THR C 330 -29.33 -62.62 24.19
C THR C 330 -28.88 -61.45 25.07
N MET C 331 -28.57 -61.72 26.34
CA MET C 331 -28.15 -60.65 27.24
C MET C 331 -26.89 -59.98 26.71
N GLU C 332 -25.89 -60.78 26.34
CA GLU C 332 -24.65 -60.26 25.77
C GLU C 332 -24.92 -59.30 24.62
N LYS C 333 -25.81 -59.69 23.71
CA LYS C 333 -26.15 -58.85 22.56
C LYS C 333 -26.73 -57.51 23.01
N VAL C 334 -27.87 -57.54 23.71
CA VAL C 334 -28.52 -56.31 24.17
C VAL C 334 -27.58 -55.50 25.06
N LEU C 335 -26.82 -56.17 25.92
CA LEU C 335 -25.88 -55.47 26.80
C LEU C 335 -24.90 -54.62 26.00
N GLY C 336 -24.25 -55.23 24.99
CA GLY C 336 -23.31 -54.49 24.18
C GLY C 336 -23.98 -53.38 23.39
N ASN C 337 -25.21 -53.62 22.94
CA ASN C 337 -25.95 -52.62 22.18
C ASN C 337 -26.26 -51.37 22.99
N THR C 338 -26.27 -51.47 24.32
CA THR C 338 -26.60 -50.35 25.21
C THR C 338 -25.49 -50.14 26.23
N ARG C 339 -25.71 -49.26 27.20
CA ARG C 339 -24.70 -48.93 28.21
C ARG C 339 -25.13 -49.47 29.57
N LYS C 340 -24.13 -49.70 30.43
CA LYS C 340 -24.31 -50.22 31.77
C LYS C 340 -23.65 -49.29 32.79
N VAL C 341 -24.25 -49.21 33.99
CA VAL C 341 -23.70 -48.39 35.06
C VAL C 341 -23.26 -49.25 36.25
N LEU C 342 -23.92 -50.40 36.43
CA LEU C 342 -23.63 -51.36 37.52
C LEU C 342 -23.56 -50.66 38.89
N VAL C 343 -24.57 -49.83 39.17
CA VAL C 343 -24.69 -49.12 40.43
C VAL C 343 -25.82 -49.75 41.25
N ASN C 344 -25.53 -50.02 42.52
CA ASN C 344 -26.53 -50.55 43.46
C ASN C 344 -27.81 -49.74 43.36
N ASP C 345 -28.95 -50.43 43.50
CA ASP C 345 -30.27 -49.83 43.32
C ASP C 345 -30.93 -49.43 44.64
N LYS C 346 -30.14 -49.03 45.64
CA LYS C 346 -30.70 -48.59 46.91
C LYS C 346 -30.88 -47.08 46.97
N GLY C 347 -30.09 -46.33 46.21
CA GLY C 347 -30.22 -44.88 46.16
C GLY C 347 -30.87 -44.43 44.88
N GLY C 348 -32.12 -43.99 44.95
CA GLY C 348 -32.83 -43.55 43.77
C GLY C 348 -32.73 -42.08 43.45
N ASN C 349 -31.52 -41.57 43.21
CA ASN C 349 -31.33 -40.16 42.86
C ASN C 349 -30.94 -39.95 41.41
N LEU C 350 -31.11 -40.97 40.55
CA LEU C 350 -30.76 -40.81 39.15
C LEU C 350 -31.72 -39.85 38.44
N MET C 351 -31.16 -38.87 37.73
CA MET C 351 -31.93 -37.91 36.94
C MET C 351 -31.89 -38.37 35.48
N VAL C 352 -33.08 -38.46 34.85
CA VAL C 352 -33.21 -38.94 33.47
C VAL C 352 -32.25 -38.25 32.50
N LEU C 353 -32.13 -36.90 32.58
CA LEU C 353 -31.29 -36.10 31.67
C LEU C 353 -31.42 -36.50 30.20
N PRO C 354 -32.57 -36.29 29.56
CA PRO C 354 -32.70 -36.64 28.14
C PRO C 354 -31.90 -35.71 27.25
N LEU C 355 -30.84 -36.23 26.63
CA LEU C 355 -29.95 -35.48 25.73
C LEU C 355 -30.69 -34.59 24.75
N MET D 1 -61.14 75.14 -92.52
CA MET D 1 -62.21 74.46 -91.74
C MET D 1 -61.84 73.01 -91.42
N ARG D 2 -60.54 72.73 -91.34
CA ARG D 2 -60.03 71.39 -91.06
C ARG D 2 -59.66 71.21 -89.60
N LYS D 3 -58.94 72.18 -89.02
CA LYS D 3 -58.54 72.08 -87.62
C LYS D 3 -59.75 72.16 -86.70
N SER D 4 -60.72 73.02 -87.02
CA SER D 4 -61.90 73.16 -86.17
C SER D 4 -62.74 71.89 -86.15
N VAL D 5 -62.98 71.29 -87.32
CA VAL D 5 -63.82 70.10 -87.41
C VAL D 5 -63.12 68.88 -86.80
N ILE D 6 -61.83 68.70 -87.09
CA ILE D 6 -61.13 67.53 -86.57
C ILE D 6 -60.98 67.59 -85.06
N ALA D 7 -60.80 68.79 -84.49
CA ALA D 7 -60.62 68.91 -83.05
C ALA D 7 -61.87 68.50 -82.27
N ILE D 8 -63.05 68.96 -82.71
CA ILE D 8 -64.27 68.70 -81.95
C ILE D 8 -64.64 67.22 -81.95
N ILE D 9 -64.42 66.50 -83.05
CA ILE D 9 -64.81 65.09 -83.12
C ILE D 9 -64.04 64.26 -82.10
N ILE D 10 -62.75 64.53 -81.92
CA ILE D 10 -61.91 63.72 -81.03
C ILE D 10 -62.34 63.87 -79.57
N ILE D 11 -62.71 65.09 -79.14
CA ILE D 11 -63.06 65.29 -77.73
C ILE D 11 -64.38 64.63 -77.39
N VAL D 12 -65.35 64.62 -78.32
CA VAL D 12 -66.67 64.06 -78.03
C VAL D 12 -66.57 62.56 -77.74
N LEU D 13 -65.74 61.83 -78.49
CA LEU D 13 -65.66 60.38 -78.30
C LEU D 13 -65.17 60.01 -76.90
N VAL D 14 -64.14 60.68 -76.40
CA VAL D 14 -63.63 60.32 -75.08
C VAL D 14 -64.62 60.68 -73.99
N VAL D 15 -65.36 61.78 -74.15
CA VAL D 15 -66.32 62.20 -73.14
C VAL D 15 -67.43 61.15 -73.00
N LEU D 16 -67.91 60.62 -74.14
CA LEU D 16 -68.96 59.61 -74.10
C LEU D 16 -68.48 58.32 -73.45
N TYR D 17 -67.21 57.96 -73.65
CA TYR D 17 -66.69 56.72 -73.07
C TYR D 17 -66.70 56.78 -71.55
N MET D 18 -66.37 57.94 -70.97
CA MET D 18 -66.39 58.07 -69.52
C MET D 18 -67.82 58.13 -69.00
N SER D 19 -68.71 58.80 -69.72
CA SER D 19 -70.09 58.95 -69.26
C SER D 19 -70.83 57.62 -69.22
N VAL D 20 -70.62 56.75 -70.21
CA VAL D 20 -71.32 55.47 -70.22
C VAL D 20 -70.77 54.57 -69.11
N PHE D 21 -71.68 53.90 -68.41
CA PHE D 21 -71.32 52.97 -67.35
C PHE D 21 -72.43 51.94 -67.28
N VAL D 22 -72.06 50.66 -67.27
CA VAL D 22 -73.01 49.56 -67.23
C VAL D 22 -72.98 48.91 -65.85
N VAL D 23 -74.12 48.31 -65.50
CA VAL D 23 -74.31 47.63 -64.22
C VAL D 23 -74.35 46.13 -64.52
N LYS D 24 -73.43 45.38 -63.92
CA LYS D 24 -73.36 43.94 -64.15
C LYS D 24 -74.63 43.26 -63.61
N GLU D 25 -74.77 41.98 -63.96
CA GLU D 25 -75.95 41.23 -63.55
C GLU D 25 -75.99 41.03 -62.04
N GLY D 26 -74.87 40.66 -61.43
CA GLY D 26 -74.83 40.45 -60.00
C GLY D 26 -74.39 41.70 -59.24
N GLU D 27 -74.68 42.87 -59.80
CA GLU D 27 -74.33 44.14 -59.19
C GLU D 27 -75.47 45.13 -59.43
N ARG D 28 -75.46 46.18 -58.60
CA ARG D 28 -76.45 47.25 -58.68
C ARG D 28 -75.70 48.55 -58.42
N GLY D 29 -75.94 49.55 -59.26
CA GLY D 29 -75.26 50.84 -59.16
C GLY D 29 -76.18 51.96 -58.71
N ILE D 30 -75.67 52.78 -57.79
CA ILE D 30 -76.37 53.95 -57.28
C ILE D 30 -75.58 55.19 -57.69
N THR D 31 -76.10 55.95 -58.64
CA THR D 31 -75.42 57.17 -59.04
C THR D 31 -75.42 58.15 -57.87
N LEU D 32 -74.31 58.87 -57.71
CA LEU D 32 -74.13 59.79 -56.60
C LEU D 32 -73.67 61.15 -57.09
N ARG D 33 -74.11 62.20 -56.38
CA ARG D 33 -73.70 63.57 -56.69
C ARG D 33 -72.32 63.77 -56.06
N PHE D 34 -71.83 65.01 -56.05
CA PHE D 34 -70.52 65.31 -55.44
C PHE D 34 -70.39 64.70 -54.05
N GLY D 35 -71.27 65.10 -53.13
CA GLY D 35 -71.28 64.56 -51.77
C GLY D 35 -72.57 63.88 -51.39
N LYS D 36 -73.66 64.28 -52.04
CA LYS D 36 -74.98 63.73 -51.80
C LYS D 36 -75.25 62.64 -52.84
N VAL D 37 -76.44 62.06 -52.77
CA VAL D 37 -76.86 61.00 -53.68
C VAL D 37 -78.04 61.53 -54.49
N LEU D 38 -78.25 60.94 -55.66
CA LEU D 38 -79.34 61.38 -56.51
C LEU D 38 -80.64 60.79 -56.00
N ARG D 39 -81.67 61.63 -55.90
CA ARG D 39 -82.98 61.23 -55.41
C ARG D 39 -84.03 61.44 -56.50
N ASP D 40 -85.24 60.93 -56.21
CA ASP D 40 -86.43 61.00 -57.04
C ASP D 40 -87.59 60.45 -56.21
N ASP D 41 -88.81 60.81 -56.61
CA ASP D 41 -90.02 60.30 -55.98
C ASP D 41 -90.06 60.59 -54.47
N ASP D 42 -90.05 61.90 -54.14
CA ASP D 42 -90.11 62.36 -52.76
C ASP D 42 -88.89 61.91 -51.94
N ASN D 43 -87.71 62.20 -52.48
CA ASN D 43 -86.43 61.93 -51.84
C ASN D 43 -86.22 60.44 -51.53
N LYS D 44 -86.27 59.63 -52.59
CA LYS D 44 -86.02 58.19 -52.52
C LYS D 44 -84.82 57.85 -53.41
N PRO D 45 -83.62 57.56 -52.88
CA PRO D 45 -82.48 57.24 -53.76
C PRO D 45 -82.80 56.11 -54.75
N LEU D 46 -82.39 56.33 -56.00
CA LEU D 46 -82.64 55.40 -57.09
C LEU D 46 -81.46 54.46 -57.31
N VAL D 47 -81.76 53.16 -57.38
CA VAL D 47 -80.77 52.11 -57.63
C VAL D 47 -80.99 51.62 -59.06
N TYR D 48 -79.90 51.28 -59.74
CA TYR D 48 -79.94 50.88 -61.14
C TYR D 48 -80.01 49.36 -61.32
N GLU D 49 -80.82 48.94 -62.28
CA GLU D 49 -80.97 47.54 -62.65
C GLU D 49 -79.77 47.18 -63.51
N PRO D 50 -79.64 45.91 -63.95
CA PRO D 50 -78.43 45.58 -64.75
C PRO D 50 -78.55 45.92 -66.24
N GLY D 51 -78.45 47.22 -66.53
CA GLY D 51 -78.49 47.73 -67.89
C GLY D 51 -77.56 48.92 -68.03
N LEU D 52 -77.60 49.53 -69.21
CA LEU D 52 -76.74 50.68 -69.49
C LEU D 52 -77.35 51.96 -68.93
N HIS D 53 -76.47 52.83 -68.42
CA HIS D 53 -76.88 54.11 -67.85
C HIS D 53 -75.81 55.16 -68.20
N PHE D 54 -76.23 56.43 -68.18
CA PHE D 54 -75.35 57.55 -68.52
C PHE D 54 -75.17 58.47 -67.31
N LYS D 55 -73.92 58.87 -67.07
CA LYS D 55 -73.56 59.75 -65.96
C LYS D 55 -72.72 60.91 -66.49
N ILE D 56 -73.02 62.12 -66.05
CA ILE D 56 -72.25 63.30 -66.46
C ILE D 56 -70.80 63.08 -66.02
N PRO D 57 -69.81 62.99 -66.93
CA PRO D 57 -68.43 62.77 -66.49
C PRO D 57 -67.91 63.83 -65.53
N PHE D 58 -67.25 63.35 -64.46
CA PHE D 58 -66.59 64.12 -63.40
C PHE D 58 -67.55 64.77 -62.42
N ILE D 59 -68.86 64.69 -62.64
CA ILE D 59 -69.84 65.25 -61.72
C ILE D 59 -70.54 64.16 -60.92
N GLU D 60 -70.88 63.06 -61.58
CA GLU D 60 -71.54 61.91 -60.97
C GLU D 60 -70.54 60.79 -60.69
N THR D 61 -70.72 60.12 -59.56
CA THR D 61 -69.90 58.98 -59.18
C THR D 61 -70.85 57.83 -58.90
N VAL D 62 -70.49 56.63 -59.36
CA VAL D 62 -71.32 55.44 -59.22
C VAL D 62 -70.63 54.41 -58.32
N LYS D 63 -71.42 53.85 -57.41
CA LYS D 63 -70.96 52.82 -56.49
C LYS D 63 -71.69 51.52 -56.85
N MET D 64 -70.92 50.46 -57.09
CA MET D 64 -71.47 49.17 -57.51
C MET D 64 -71.63 48.27 -56.29
N LEU D 65 -72.88 47.97 -55.95
CA LEU D 65 -73.24 47.14 -54.80
C LEU D 65 -73.71 45.78 -55.29
N ASP D 66 -73.02 44.73 -54.85
CA ASP D 66 -73.36 43.38 -55.26
C ASP D 66 -74.71 42.95 -54.68
N ALA D 67 -75.51 42.26 -55.50
CA ALA D 67 -76.83 41.79 -55.11
C ALA D 67 -76.87 40.30 -54.84
N ARG D 68 -75.74 39.59 -55.00
CA ARG D 68 -75.66 38.17 -54.72
C ARG D 68 -75.64 37.96 -53.20
N ILE D 69 -76.07 36.77 -52.78
CA ILE D 69 -76.08 36.46 -51.36
C ILE D 69 -74.65 36.40 -50.84
N GLN D 70 -74.39 37.13 -49.75
CA GLN D 70 -73.07 37.19 -49.14
C GLN D 70 -73.02 36.19 -47.98
N THR D 71 -71.85 35.57 -47.80
CA THR D 71 -71.66 34.56 -46.77
C THR D 71 -70.66 35.08 -45.73
N MET D 72 -71.06 34.99 -44.46
CA MET D 72 -70.25 35.41 -43.32
C MET D 72 -70.04 34.21 -42.42
N ASP D 73 -68.79 33.81 -42.22
CA ASP D 73 -68.46 32.67 -41.38
C ASP D 73 -67.90 33.15 -40.06
N ASN D 74 -68.23 32.42 -38.99
CA ASN D 74 -67.77 32.72 -37.64
C ASN D 74 -66.71 31.71 -37.24
N GLN D 75 -65.59 32.20 -36.73
CA GLN D 75 -64.52 31.31 -36.30
C GLN D 75 -64.91 30.62 -35.00
N ALA D 76 -64.05 29.69 -34.56
CA ALA D 76 -64.30 28.97 -33.32
C ALA D 76 -64.37 29.94 -32.15
N ASP D 77 -65.39 29.77 -31.32
CA ASP D 77 -65.60 30.63 -30.15
C ASP D 77 -66.27 29.80 -29.06
N ARG D 78 -66.09 30.25 -27.82
CA ARG D 78 -66.58 29.53 -26.65
C ARG D 78 -67.90 30.12 -26.14
N PHE D 79 -68.87 29.23 -25.86
CA PHE D 79 -70.17 29.60 -25.34
C PHE D 79 -70.46 28.80 -24.07
N VAL D 80 -71.24 29.39 -23.18
CA VAL D 80 -71.61 28.78 -21.91
C VAL D 80 -73.09 28.39 -21.96
N THR D 81 -73.38 27.13 -21.69
CA THR D 81 -74.76 26.64 -21.71
C THR D 81 -75.42 26.90 -20.37
N LYS D 82 -76.63 26.35 -20.17
CA LYS D 82 -77.37 26.57 -18.94
C LYS D 82 -76.72 25.88 -17.74
N GLU D 83 -75.97 24.79 -17.97
CA GLU D 83 -75.30 24.05 -16.90
C GLU D 83 -73.82 24.43 -16.77
N LYS D 84 -73.46 25.63 -17.21
CA LYS D 84 -72.08 26.14 -17.14
C LYS D 84 -71.12 25.30 -17.99
N LYS D 85 -71.63 24.55 -18.95
CA LYS D 85 -70.81 23.72 -19.83
C LYS D 85 -70.25 24.58 -20.95
N ASP D 86 -68.93 24.77 -20.96
CA ASP D 86 -68.33 25.56 -22.03
C ASP D 86 -68.35 24.73 -23.32
N LEU D 87 -68.87 25.34 -24.39
CA LEU D 87 -69.04 24.71 -25.68
C LEU D 87 -68.36 25.53 -26.77
N ILE D 88 -67.86 24.84 -27.80
CA ILE D 88 -67.19 25.47 -28.93
C ILE D 88 -68.01 25.14 -30.17
N VAL D 89 -68.57 26.17 -30.81
CA VAL D 89 -69.43 26.03 -31.97
C VAL D 89 -68.88 26.82 -33.15
N ASP D 90 -68.92 26.21 -34.33
CA ASP D 90 -68.50 26.83 -35.58
C ASP D 90 -69.75 27.00 -36.43
N SER D 91 -70.04 28.23 -36.84
CA SER D 91 -71.26 28.53 -37.59
C SER D 91 -71.00 29.59 -38.64
N TYR D 92 -71.84 29.56 -39.68
CA TYR D 92 -71.79 30.51 -40.78
C TYR D 92 -73.20 31.07 -41.02
N ILE D 93 -73.25 32.28 -41.56
CA ILE D 93 -74.50 32.98 -41.83
C ILE D 93 -74.52 33.43 -43.29
N LYS D 94 -75.71 33.44 -43.87
CA LYS D 94 -75.95 33.84 -45.25
C LYS D 94 -76.92 35.00 -45.25
N TRP D 95 -76.55 36.11 -45.90
CA TRP D 95 -77.40 37.29 -45.97
C TRP D 95 -77.28 37.95 -47.33
N ARG D 96 -78.29 38.74 -47.67
CA ARG D 96 -78.36 39.46 -48.93
C ARG D 96 -78.70 40.93 -48.67
N ILE D 97 -78.18 41.79 -49.54
CA ILE D 97 -78.47 43.23 -49.43
C ILE D 97 -79.89 43.46 -49.94
N SER D 98 -80.75 43.98 -49.08
CA SER D 98 -82.15 44.22 -49.45
C SER D 98 -82.36 45.63 -49.98
N ASP D 99 -81.88 46.64 -49.26
CA ASP D 99 -81.99 48.04 -49.66
C ASP D 99 -80.57 48.56 -49.86
N PHE D 100 -80.12 48.55 -51.11
CA PHE D 100 -78.77 49.01 -51.44
C PHE D 100 -78.54 50.43 -50.94
N SER D 101 -79.54 51.30 -51.06
CA SER D 101 -79.42 52.66 -50.58
C SER D 101 -79.23 52.70 -49.07
N ARG D 102 -80.10 52.00 -48.34
CA ARG D 102 -80.02 51.97 -46.88
C ARG D 102 -78.71 51.34 -46.42
N TYR D 103 -78.45 50.11 -46.88
CA TYR D 103 -77.20 49.41 -46.55
C TYR D 103 -75.98 50.30 -46.77
N TYR D 104 -75.87 50.91 -47.95
CA TYR D 104 -74.74 51.78 -48.25
C TYR D 104 -74.61 52.92 -47.24
N LEU D 105 -75.73 53.58 -46.93
CA LEU D 105 -75.66 54.72 -46.01
C LEU D 105 -75.37 54.27 -44.59
N ALA D 106 -76.08 53.24 -44.09
CA ALA D 106 -75.78 52.74 -42.76
C ALA D 106 -74.37 52.16 -42.72
N THR D 107 -74.01 51.36 -43.72
CA THR D 107 -72.68 50.79 -43.89
C THR D 107 -71.85 51.70 -44.79
N GLY D 108 -71.69 52.95 -44.33
CA GLY D 108 -71.01 54.01 -45.08
C GLY D 108 -69.75 53.60 -45.83
N GLY D 109 -69.66 54.03 -47.08
CA GLY D 109 -68.54 53.66 -47.92
C GLY D 109 -68.63 52.26 -48.49
N GLY D 110 -69.80 51.63 -48.43
CA GLY D 110 -70.01 50.27 -48.89
C GLY D 110 -68.94 49.30 -48.44
N ASP D 111 -68.76 49.23 -47.13
CA ASP D 111 -67.75 48.36 -46.51
C ASP D 111 -68.39 47.07 -46.03
N ILE D 112 -67.90 45.95 -46.55
CA ILE D 112 -68.42 44.64 -46.17
C ILE D 112 -68.21 44.39 -44.68
N SER D 113 -67.05 44.79 -44.15
CA SER D 113 -66.76 44.58 -42.73
C SER D 113 -67.78 45.25 -41.83
N GLN D 114 -68.20 46.48 -42.16
CA GLN D 114 -69.17 47.19 -41.32
C GLN D 114 -70.46 46.41 -41.17
N ALA D 115 -70.96 45.83 -42.26
CA ALA D 115 -72.20 45.05 -42.19
C ALA D 115 -71.99 43.75 -41.43
N GLU D 116 -70.90 43.04 -41.75
CA GLU D 116 -70.62 41.76 -41.09
C GLU D 116 -70.38 41.98 -39.60
N VAL D 117 -69.66 43.03 -39.24
CA VAL D 117 -69.37 43.33 -37.83
C VAL D 117 -70.67 43.52 -37.05
N LEU D 118 -71.56 44.37 -37.55
CA LEU D 118 -72.84 44.62 -36.87
C LEU D 118 -73.64 43.33 -36.71
N LEU D 119 -73.67 42.52 -37.77
CA LEU D 119 -74.43 41.27 -37.72
C LEU D 119 -73.85 40.31 -36.70
N LYS D 120 -72.52 40.25 -36.58
CA LYS D 120 -71.87 39.35 -35.63
C LYS D 120 -72.29 39.66 -34.20
N ARG D 121 -72.24 40.93 -33.80
CA ARG D 121 -72.60 41.34 -32.45
C ARG D 121 -74.05 40.96 -32.13
N LYS D 122 -74.98 41.29 -33.03
CA LYS D 122 -76.38 40.97 -32.77
C LYS D 122 -76.57 39.45 -32.73
N PHE D 123 -76.00 38.75 -33.72
CA PHE D 123 -76.06 37.29 -33.72
C PHE D 123 -75.46 36.73 -32.43
N SER D 124 -74.26 37.20 -32.08
CA SER D 124 -73.60 36.78 -30.84
C SER D 124 -74.50 36.98 -29.63
N ASP D 125 -75.03 38.20 -29.47
CA ASP D 125 -75.90 38.52 -28.34
C ASP D 125 -77.11 37.57 -28.30
N ARG D 126 -77.83 37.46 -29.41
CA ARG D 126 -78.98 36.57 -29.46
C ARG D 126 -78.55 35.12 -29.22
N LEU D 127 -77.46 34.70 -29.85
CA LEU D 127 -76.98 33.33 -29.68
C LEU D 127 -76.58 33.07 -28.22
N ARG D 128 -75.81 33.99 -27.63
CA ARG D 128 -75.40 33.83 -26.23
C ARG D 128 -76.61 33.70 -25.31
N SER D 129 -77.64 34.52 -25.53
CA SER D 129 -78.84 34.45 -24.71
C SER D 129 -79.54 33.10 -24.87
N GLU D 130 -79.66 32.61 -26.10
CA GLU D 130 -80.34 31.34 -26.35
C GLU D 130 -79.60 30.18 -25.71
N ILE D 131 -78.29 30.05 -25.98
CA ILE D 131 -77.50 28.95 -25.41
C ILE D 131 -77.56 28.96 -23.89
N GLY D 132 -77.66 30.15 -23.29
CA GLY D 132 -77.75 30.23 -21.84
C GLY D 132 -78.96 29.51 -21.28
N ARG D 133 -80.08 29.59 -21.99
CA ARG D 133 -81.32 28.94 -21.58
C ARG D 133 -81.47 27.51 -22.09
N LEU D 134 -80.54 27.03 -22.91
CA LEU D 134 -80.60 25.70 -23.49
C LEU D 134 -79.59 24.75 -22.85
N ASP D 135 -79.88 23.47 -22.96
CA ASP D 135 -79.04 22.40 -22.42
C ASP D 135 -78.12 21.88 -23.52
N VAL D 136 -76.97 21.33 -23.10
CA VAL D 136 -75.98 20.80 -24.04
C VAL D 136 -76.61 19.75 -24.96
N LYS D 137 -77.49 18.91 -24.40
CA LYS D 137 -78.12 17.88 -25.23
C LYS D 137 -79.03 18.50 -26.28
N ASP D 138 -79.79 19.52 -25.90
CA ASP D 138 -80.69 20.19 -26.84
C ASP D 138 -79.93 21.00 -27.90
N ILE D 139 -78.63 21.21 -27.72
CA ILE D 139 -77.81 21.98 -28.66
C ILE D 139 -77.06 21.07 -29.64
N VAL D 140 -76.80 19.81 -29.27
CA VAL D 140 -76.08 18.88 -30.12
C VAL D 140 -77.06 18.00 -30.89
N THR D 141 -78.27 17.83 -30.35
CA THR D 141 -79.29 17.02 -31.00
C THR D 141 -80.15 17.82 -31.97
N ASP D 142 -80.13 19.15 -31.87
CA ASP D 142 -80.92 20.00 -32.77
C ASP D 142 -80.55 19.73 -34.22
N SER D 143 -81.54 19.25 -34.98
CA SER D 143 -81.39 18.92 -36.39
C SER D 143 -82.33 19.70 -37.29
N ARG D 144 -83.24 20.51 -36.72
CA ARG D 144 -84.22 21.28 -37.47
C ARG D 144 -83.91 22.78 -37.45
N GLY D 145 -82.69 23.16 -37.07
CA GLY D 145 -82.30 24.57 -36.98
C GLY D 145 -83.30 25.46 -36.30
N ARG D 146 -83.88 25.01 -35.19
CA ARG D 146 -84.86 25.81 -34.45
C ARG D 146 -84.22 27.08 -33.90
N LEU D 147 -83.12 26.91 -33.16
CA LEU D 147 -82.44 28.08 -32.58
C LEU D 147 -81.88 28.99 -33.66
N THR D 148 -81.29 28.41 -34.70
CA THR D 148 -80.74 29.23 -35.79
C THR D 148 -81.87 29.96 -36.51
N LEU D 149 -83.01 29.30 -36.70
CA LEU D 149 -84.14 29.94 -37.36
C LEU D 149 -84.72 31.04 -36.47
N GLU D 150 -84.93 30.75 -35.19
CA GLU D 150 -85.47 31.74 -34.27
C GLU D 150 -84.51 32.93 -34.14
N VAL D 151 -83.22 32.64 -33.98
CA VAL D 151 -82.23 33.71 -33.92
C VAL D 151 -82.27 34.52 -35.20
N ARG D 152 -82.41 33.84 -36.34
CA ARG D 152 -82.52 34.53 -37.63
C ARG D 152 -83.78 35.36 -37.67
N ASP D 153 -84.90 34.81 -37.15
CA ASP D 153 -86.15 35.57 -37.08
C ASP D 153 -85.96 36.83 -36.26
N ALA D 154 -85.25 36.71 -35.12
CA ALA D 154 -85.00 37.87 -34.28
C ALA D 154 -84.09 38.86 -34.99
N LEU D 155 -83.05 38.37 -35.67
CA LEU D 155 -82.16 39.26 -36.41
C LEU D 155 -82.90 39.95 -37.54
N ASN D 156 -83.83 39.25 -38.20
CA ASN D 156 -84.57 39.87 -39.29
C ASN D 156 -85.61 40.85 -38.75
N SER D 157 -86.28 40.49 -37.66
CA SER D 157 -87.27 41.35 -37.01
C SER D 157 -86.91 41.37 -35.53
N GLY D 158 -86.55 42.55 -35.02
CA GLY D 158 -86.12 42.70 -33.65
C GLY D 158 -87.24 42.89 -32.67
N SER D 159 -86.90 43.52 -31.55
CA SER D 159 -87.83 43.81 -30.46
C SER D 159 -87.79 45.31 -30.16
N ALA D 160 -88.67 45.73 -29.26
CA ALA D 160 -88.74 47.14 -28.86
C ALA D 160 -89.65 47.30 -27.65
N PRO D 191 -95.27 48.39 -39.25
CA PRO D 191 -94.16 48.53 -40.19
C PRO D 191 -92.86 49.03 -39.54
N VAL D 192 -92.94 49.49 -38.29
CA VAL D 192 -91.76 49.96 -37.54
C VAL D 192 -90.62 48.98 -37.67
N ILE D 193 -89.44 49.49 -38.01
CA ILE D 193 -88.23 48.69 -38.18
C ILE D 193 -87.38 48.92 -36.94
N ASN D 194 -87.40 47.94 -36.03
CA ASN D 194 -86.61 47.99 -34.80
C ASN D 194 -85.17 48.37 -35.10
N PRO D 195 -84.53 49.26 -34.32
CA PRO D 195 -83.15 49.63 -34.66
C PRO D 195 -82.12 48.54 -34.40
N ASN D 196 -82.42 47.55 -33.57
CA ASN D 196 -81.51 46.44 -33.32
C ASN D 196 -81.71 45.29 -34.30
N SER D 197 -82.58 45.46 -35.30
CA SER D 197 -82.88 44.46 -36.30
C SER D 197 -82.01 44.64 -37.53
N MET D 198 -81.77 43.53 -38.25
CA MET D 198 -81.04 43.62 -39.49
C MET D 198 -81.87 44.26 -40.59
N ALA D 199 -83.17 44.45 -40.36
CA ALA D 199 -84.04 45.12 -41.32
C ALA D 199 -83.78 46.62 -41.32
N ALA D 200 -83.33 47.17 -40.18
CA ALA D 200 -83.01 48.60 -40.12
C ALA D 200 -81.93 48.96 -41.12
N LEU D 201 -81.04 48.01 -41.40
CA LEU D 201 -80.00 48.16 -42.41
C LEU D 201 -80.52 47.47 -43.68
N GLY D 202 -79.79 47.65 -44.77
CA GLY D 202 -80.20 47.02 -46.01
C GLY D 202 -79.63 45.62 -46.08
N ILE D 203 -80.04 44.77 -45.14
CA ILE D 203 -79.58 43.38 -45.04
C ILE D 203 -80.75 42.47 -44.75
N GLU D 204 -80.69 41.26 -45.29
CA GLU D 204 -81.70 40.22 -45.07
C GLU D 204 -80.96 38.91 -44.88
N VAL D 205 -80.98 38.37 -43.66
CA VAL D 205 -80.30 37.11 -43.38
C VAL D 205 -81.16 35.99 -43.95
N VAL D 206 -80.78 35.48 -45.12
CA VAL D 206 -81.56 34.43 -45.77
C VAL D 206 -81.47 33.12 -45.00
N ASP D 207 -80.34 32.85 -44.34
CA ASP D 207 -80.20 31.61 -43.60
C ASP D 207 -79.10 31.73 -42.55
N VAL D 208 -79.19 30.86 -41.55
CA VAL D 208 -78.23 30.77 -40.45
C VAL D 208 -78.07 29.29 -40.12
N ARG D 209 -76.83 28.80 -40.10
CA ARG D 209 -76.57 27.40 -39.85
C ARG D 209 -75.28 27.24 -39.06
N ILE D 210 -75.19 26.11 -38.35
CA ILE D 210 -74.06 25.77 -37.50
C ILE D 210 -73.35 24.59 -38.17
N LYS D 211 -72.09 24.81 -38.56
CA LYS D 211 -71.34 23.78 -39.29
C LYS D 211 -70.94 22.62 -38.38
N GLN D 212 -70.28 22.91 -37.25
CA GLN D 212 -69.83 21.85 -36.35
C GLN D 212 -69.79 22.37 -34.93
N ILE D 213 -70.37 21.60 -34.01
CA ILE D 213 -70.40 21.94 -32.59
C ILE D 213 -69.29 21.11 -31.95
N ASN D 214 -68.10 21.72 -31.84
CA ASN D 214 -66.95 21.06 -31.24
C ASN D 214 -67.07 21.16 -29.72
N LEU D 215 -66.03 20.73 -29.02
CA LEU D 215 -66.00 20.76 -27.56
C LEU D 215 -64.62 21.17 -27.10
N PRO D 216 -64.46 21.56 -25.83
CA PRO D 216 -63.12 21.88 -25.33
C PRO D 216 -62.23 20.65 -25.36
N THR D 217 -60.91 20.89 -25.34
CA THR D 217 -59.97 19.78 -25.33
C THR D 217 -60.11 18.93 -24.08
N GLU D 218 -60.43 19.55 -22.95
CA GLU D 218 -60.61 18.80 -21.70
C GLU D 218 -61.85 17.92 -21.76
N VAL D 219 -62.97 18.46 -22.24
CA VAL D 219 -64.21 17.70 -22.32
C VAL D 219 -64.06 16.49 -23.24
N SER D 220 -63.30 16.64 -24.33
CA SER D 220 -63.16 15.55 -25.29
C SER D 220 -62.31 14.40 -24.77
N GLU D 221 -61.28 14.69 -23.96
CA GLU D 221 -60.43 13.62 -23.45
C GLU D 221 -61.16 12.76 -22.42
N ALA D 222 -62.14 13.34 -21.70
CA ALA D 222 -62.87 12.59 -20.69
C ALA D 222 -63.90 11.66 -21.31
N ILE D 223 -64.43 12.00 -22.50
CA ILE D 223 -65.42 11.15 -23.14
C ILE D 223 -64.76 9.86 -23.64
N TYR D 224 -63.56 9.98 -24.21
CA TYR D 224 -62.84 8.79 -24.69
C TYR D 224 -62.58 7.84 -23.54
N ASN D 225 -62.16 8.37 -22.38
CA ASN D 225 -61.91 7.52 -21.22
C ASN D 225 -63.19 6.80 -20.79
N ARG D 226 -64.33 7.48 -20.87
CA ARG D 226 -65.60 6.86 -20.49
C ARG D 226 -65.89 5.65 -21.38
N MET D 227 -65.80 5.82 -22.70
CA MET D 227 -66.03 4.71 -23.61
C MET D 227 -64.95 3.66 -23.46
N ARG D 228 -63.69 4.10 -23.28
CA ARG D 228 -62.59 3.17 -23.11
C ARG D 228 -62.78 2.33 -21.85
N ALA D 229 -63.27 2.94 -20.78
CA ALA D 229 -63.51 2.19 -19.55
C ALA D 229 -64.60 1.14 -19.75
N GLU D 230 -65.66 1.51 -20.48
CA GLU D 230 -66.75 0.55 -20.73
C GLU D 230 -66.25 -0.64 -21.53
N ARG D 231 -65.44 -0.40 -22.56
CA ARG D 231 -64.93 -1.49 -23.38
C ARG D 231 -64.05 -2.43 -22.55
N GLU D 232 -63.24 -1.86 -21.65
CA GLU D 232 -62.39 -2.68 -20.79
C GLU D 232 -63.21 -3.61 -19.92
N ALA D 233 -64.39 -3.17 -19.49
CA ALA D 233 -65.26 -4.00 -18.66
C ALA D 233 -65.63 -5.29 -19.38
N VAL D 234 -66.00 -5.19 -20.66
CA VAL D 234 -66.34 -6.37 -21.44
C VAL D 234 -65.15 -7.32 -21.52
N ALA D 235 -63.96 -6.77 -21.76
CA ALA D 235 -62.76 -7.61 -21.81
C ALA D 235 -62.53 -8.30 -20.47
N ARG D 236 -62.69 -7.57 -19.37
CA ARG D 236 -62.53 -8.16 -18.05
C ARG D 236 -63.58 -9.23 -17.80
N ARG D 237 -64.81 -8.99 -18.26
CA ARG D 237 -65.88 -9.96 -18.07
C ARG D 237 -65.58 -11.27 -18.78
N HIS D 238 -65.14 -11.19 -20.04
CA HIS D 238 -64.82 -12.39 -20.79
C HIS D 238 -63.62 -13.11 -20.18
N ARG D 239 -62.56 -12.37 -19.86
CA ARG D 239 -61.38 -13.00 -19.27
C ARG D 239 -61.70 -13.56 -17.88
N SER D 240 -62.48 -12.83 -17.08
CA SER D 240 -62.85 -13.33 -15.76
C SER D 240 -63.72 -14.57 -15.89
N GLN D 241 -64.66 -14.56 -16.84
CA GLN D 241 -65.53 -15.71 -17.06
C GLN D 241 -64.71 -16.95 -17.41
N GLY D 242 -63.72 -16.79 -18.28
CA GLY D 242 -62.87 -17.91 -18.65
C GLY D 242 -62.11 -18.47 -17.46
N GLN D 243 -61.56 -17.58 -16.62
CA GLN D 243 -60.84 -18.02 -15.44
C GLN D 243 -61.77 -18.74 -14.47
N GLU D 244 -63.00 -18.24 -14.32
CA GLU D 244 -63.96 -18.89 -13.44
C GLU D 244 -64.25 -20.31 -13.91
N GLU D 245 -64.55 -20.48 -15.20
CA GLU D 245 -64.82 -21.80 -15.75
C GLU D 245 -63.61 -22.72 -15.59
N ALA D 246 -62.42 -22.20 -15.88
CA ALA D 246 -61.20 -23.00 -15.76
C ALA D 246 -60.99 -23.49 -14.34
N GLU D 247 -61.20 -22.61 -13.36
CA GLU D 247 -61.02 -23.01 -11.96
C GLU D 247 -62.01 -24.09 -11.57
N LYS D 248 -63.26 -23.97 -12.02
CA LYS D 248 -64.27 -24.98 -11.72
C LYS D 248 -63.86 -26.35 -12.25
N LEU D 249 -63.37 -26.41 -13.49
CA LEU D 249 -62.93 -27.68 -14.07
C LEU D 249 -61.79 -28.28 -13.27
N ARG D 250 -60.83 -27.44 -12.87
CA ARG D 250 -59.71 -27.92 -12.06
C ARG D 250 -60.20 -28.45 -10.71
N ALA D 251 -61.21 -27.81 -10.14
CA ALA D 251 -61.75 -28.25 -8.86
C ALA D 251 -62.34 -29.66 -8.98
N THR D 252 -63.16 -29.90 -10.00
CA THR D 252 -63.74 -31.21 -10.19
C THR D 252 -62.66 -32.24 -10.55
N ALA D 253 -61.65 -31.81 -11.31
CA ALA D 253 -60.56 -32.72 -11.67
C ALA D 253 -59.85 -33.24 -10.43
N ASP D 254 -59.55 -32.34 -9.47
CA ASP D 254 -58.87 -32.75 -8.25
C ASP D 254 -59.73 -33.73 -7.46
N TYR D 255 -61.05 -33.49 -7.43
CA TYR D 255 -61.96 -34.38 -6.72
C TYR D 255 -61.91 -35.78 -7.30
N GLU D 256 -61.96 -35.89 -8.63
CA GLU D 256 -61.92 -37.20 -9.27
C GLU D 256 -60.60 -37.90 -9.00
N VAL D 257 -59.49 -37.16 -9.03
CA VAL D 257 -58.18 -37.75 -8.74
C VAL D 257 -58.17 -38.30 -7.31
N THR D 258 -58.64 -37.49 -6.36
CA THR D 258 -58.70 -37.93 -4.97
C THR D 258 -59.66 -39.11 -4.82
N ARG D 259 -60.80 -39.07 -5.51
CA ARG D 259 -61.76 -40.15 -5.43
C ARG D 259 -61.18 -41.45 -5.97
N THR D 260 -60.55 -41.38 -7.14
CA THR D 260 -59.94 -42.58 -7.73
C THR D 260 -58.83 -43.12 -6.82
N LEU D 261 -57.97 -42.22 -6.33
CA LEU D 261 -56.88 -42.64 -5.45
C LEU D 261 -57.43 -43.23 -4.16
N ALA D 262 -58.50 -42.66 -3.63
CA ALA D 262 -59.09 -43.18 -2.39
C ALA D 262 -59.64 -44.58 -2.60
N GLU D 263 -60.30 -44.83 -3.73
CA GLU D 263 -60.82 -46.16 -4.02
C GLU D 263 -59.70 -47.18 -4.08
N ALA D 264 -58.59 -46.84 -4.75
CA ALA D 264 -57.46 -47.75 -4.84
C ALA D 264 -56.87 -48.01 -3.45
N GLU D 265 -56.77 -46.98 -2.62
CA GLU D 265 -56.25 -47.16 -1.27
C GLU D 265 -57.16 -48.06 -0.46
N ARG D 266 -58.48 -47.93 -0.65
CA ARG D 266 -59.43 -48.78 0.05
C ARG D 266 -59.22 -50.24 -0.33
N GLN D 267 -59.06 -50.51 -1.63
CA GLN D 267 -58.83 -51.88 -2.10
C GLN D 267 -57.54 -52.43 -1.53
N GLY D 268 -56.48 -51.61 -1.49
CA GLY D 268 -55.21 -52.06 -0.96
C GLY D 268 -55.29 -52.46 0.50
N ARG D 269 -56.05 -51.70 1.30
CA ARG D 269 -56.19 -52.03 2.71
C ARG D 269 -56.84 -53.38 2.89
N ILE D 270 -57.82 -53.71 2.04
CA ILE D 270 -58.48 -55.01 2.10
C ILE D 270 -57.47 -56.13 1.91
N MET D 271 -56.57 -55.97 0.93
CA MET D 271 -55.55 -56.97 0.68
C MET D 271 -54.64 -57.15 1.89
N ARG D 272 -54.24 -56.04 2.52
CA ARG D 272 -53.37 -56.11 3.69
C ARG D 272 -54.02 -56.90 4.82
N GLY D 273 -55.31 -56.66 5.06
CA GLY D 273 -55.99 -57.40 6.13
C GLY D 273 -56.02 -58.89 5.86
N GLU D 274 -56.31 -59.28 4.61
CA GLU D 274 -56.31 -60.70 4.26
C GLU D 274 -54.93 -61.31 4.48
N GLY D 275 -53.89 -60.62 4.03
CA GLY D 275 -52.53 -61.12 4.23
C GLY D 275 -52.19 -61.23 5.70
N ASP D 276 -52.54 -60.21 6.48
CA ASP D 276 -52.30 -60.26 7.92
C ASP D 276 -53.10 -61.39 8.55
N ALA D 277 -54.35 -61.58 8.11
CA ALA D 277 -55.18 -62.66 8.63
C ALA D 277 -54.58 -64.00 8.26
N GLU D 278 -54.11 -64.14 7.01
CA GLU D 278 -53.48 -65.39 6.58
C GLU D 278 -52.26 -65.70 7.43
N ALA D 279 -51.42 -64.70 7.68
CA ALA D 279 -50.24 -64.90 8.51
C ALA D 279 -50.58 -64.96 9.98
N ALA D 280 -51.70 -64.36 10.40
CA ALA D 280 -52.11 -64.44 11.79
C ALA D 280 -52.36 -65.88 12.19
N LYS D 281 -53.02 -66.65 11.32
CA LYS D 281 -53.27 -68.06 11.59
C LYS D 281 -51.95 -68.82 11.70
N LEU D 282 -51.04 -68.59 10.74
CA LEU D 282 -49.73 -69.23 10.75
C LEU D 282 -49.02 -69.02 12.08
N PHE D 283 -49.13 -67.82 12.66
CA PHE D 283 -48.54 -67.56 13.96
C PHE D 283 -49.45 -68.02 15.10
N ALA D 284 -50.78 -67.97 14.89
CA ALA D 284 -51.74 -68.37 15.92
C ALA D 284 -51.75 -69.87 16.22
N ASP D 285 -51.06 -70.70 15.43
CA ASP D 285 -51.02 -72.15 15.65
C ASP D 285 -49.60 -72.64 15.94
N ALA D 286 -48.60 -72.17 15.19
CA ALA D 286 -47.23 -72.57 15.44
C ALA D 286 -46.77 -72.14 16.82
N PHE D 287 -46.91 -70.85 17.12
CA PHE D 287 -46.55 -70.35 18.45
C PHE D 287 -47.46 -70.90 19.53
N SER D 288 -48.69 -71.29 19.17
CA SER D 288 -49.62 -71.86 20.14
C SER D 288 -49.13 -73.18 20.70
N LYS D 289 -48.27 -73.89 19.96
CA LYS D 289 -47.75 -75.17 20.44
C LYS D 289 -46.98 -74.99 21.74
N ASP D 290 -46.19 -73.93 21.85
CA ASP D 290 -45.37 -73.66 23.03
C ASP D 290 -45.20 -72.16 23.20
N PRO D 291 -46.25 -71.46 23.63
CA PRO D 291 -46.13 -69.99 23.81
C PRO D 291 -45.04 -69.58 24.78
N ASP D 292 -44.69 -70.45 25.73
CA ASP D 292 -43.60 -70.14 26.66
C ASP D 292 -42.29 -69.98 25.88
N PHE D 293 -41.95 -71.00 25.08
CA PHE D 293 -40.74 -70.93 24.26
C PHE D 293 -40.83 -69.79 23.26
N TYR D 294 -42.00 -69.61 22.63
CA TYR D 294 -42.15 -68.53 21.66
C TYR D 294 -42.00 -67.17 22.33
N ALA D 295 -42.64 -66.98 23.48
CA ALA D 295 -42.53 -65.69 24.15
C ALA D 295 -41.13 -65.51 24.71
N PHE D 296 -40.48 -66.61 25.11
CA PHE D 296 -39.10 -66.54 25.56
C PHE D 296 -38.21 -66.11 24.40
N ILE D 297 -38.33 -66.81 23.27
CA ILE D 297 -37.55 -66.47 22.08
C ILE D 297 -37.94 -65.10 21.54
N ARG D 298 -39.25 -64.78 21.55
CA ARG D 298 -39.70 -63.52 20.99
C ARG D 298 -39.32 -62.34 21.88
N SER D 299 -39.45 -62.49 23.20
CA SER D 299 -39.09 -61.38 24.08
C SER D 299 -37.58 -61.19 24.07
N LEU D 300 -36.82 -62.28 24.06
CA LEU D 300 -35.37 -62.19 23.93
C LEU D 300 -35.02 -61.53 22.60
N ARG D 301 -35.73 -61.93 21.53
CA ARG D 301 -35.52 -61.36 20.21
C ARG D 301 -35.95 -59.91 20.17
N ALA D 302 -37.04 -59.57 20.88
CA ALA D 302 -37.53 -58.19 20.88
C ALA D 302 -36.53 -57.25 21.52
N TYR D 303 -35.81 -57.71 22.55
CA TYR D 303 -34.81 -56.85 23.19
C TYR D 303 -33.73 -56.45 22.20
N GLU D 304 -33.10 -57.44 21.55
CA GLU D 304 -32.06 -57.16 20.57
C GLU D 304 -32.57 -56.28 19.44
N ASN D 305 -33.84 -56.41 19.08
CA ASN D 305 -34.42 -55.61 18.00
C ASN D 305 -34.53 -54.15 18.41
N SER D 306 -35.21 -53.88 19.53
CA SER D 306 -35.43 -52.51 19.98
C SER D 306 -34.18 -51.90 20.60
N PHE D 307 -33.51 -52.63 21.49
CA PHE D 307 -32.32 -52.09 22.15
C PHE D 307 -31.09 -52.03 21.25
N SER D 308 -31.19 -52.41 19.98
CA SER D 308 -30.06 -52.32 19.04
C SER D 308 -29.37 -50.96 19.13
N GLY D 309 -30.15 -49.89 19.26
CA GLY D 309 -29.59 -48.56 19.40
C GLY D 309 -28.85 -48.41 20.71
N ASN D 310 -27.91 -47.46 20.73
CA ASN D 310 -27.08 -47.21 21.91
C ASN D 310 -27.42 -45.90 22.61
N GLN D 311 -28.36 -45.12 22.06
CA GLN D 311 -28.78 -43.89 22.75
C GLN D 311 -29.33 -44.21 24.13
N ASP D 312 -30.07 -45.31 24.25
CA ASP D 312 -30.63 -45.74 25.51
C ASP D 312 -29.51 -46.04 26.52
N VAL D 313 -29.81 -45.83 27.79
CA VAL D 313 -28.87 -46.05 28.88
C VAL D 313 -29.54 -46.93 29.93
N MET D 314 -28.97 -48.10 30.18
CA MET D 314 -29.48 -49.06 31.15
C MET D 314 -28.63 -49.05 32.41
N VAL D 315 -29.29 -48.96 33.56
CA VAL D 315 -28.62 -48.94 34.85
C VAL D 315 -28.87 -50.29 35.50
N MET D 316 -27.79 -51.05 35.70
CA MET D 316 -27.81 -52.37 36.31
C MET D 316 -27.11 -52.31 37.66
N SER D 317 -26.97 -53.46 38.30
CA SER D 317 -26.33 -53.57 39.60
C SER D 317 -25.49 -54.85 39.61
N PRO D 318 -24.47 -54.93 40.47
CA PRO D 318 -23.63 -56.15 40.49
C PRO D 318 -24.37 -57.43 40.85
N ASP D 319 -25.58 -57.34 41.40
CA ASP D 319 -26.38 -58.51 41.76
C ASP D 319 -27.64 -58.61 40.90
N SER D 320 -27.56 -58.15 39.65
CA SER D 320 -28.71 -58.19 38.76
C SER D 320 -29.02 -59.63 38.34
N ASP D 321 -30.15 -59.78 37.64
CA ASP D 321 -30.62 -61.07 37.13
C ASP D 321 -29.52 -61.82 36.37
N PHE D 322 -28.74 -61.11 35.56
CA PHE D 322 -27.67 -61.73 34.77
C PHE D 322 -26.29 -61.49 35.36
N PHE D 323 -26.12 -60.44 36.16
CA PHE D 323 -24.83 -60.16 36.81
C PHE D 323 -24.81 -60.94 38.11
N ARG D 324 -24.56 -62.24 37.97
CA ARG D 324 -24.51 -63.19 39.07
C ARG D 324 -23.18 -63.92 39.14
N TYR D 325 -22.57 -64.23 37.99
CA TYR D 325 -21.29 -64.92 37.95
C TYR D 325 -20.12 -63.95 38.03
N MET D 326 -20.38 -62.63 38.05
CA MET D 326 -19.33 -61.64 38.18
C MET D 326 -18.85 -61.49 39.62
N LYS D 327 -19.42 -62.25 40.56
CA LYS D 327 -19.08 -62.21 41.97
C LYS D 327 -18.12 -63.35 42.31
N THR D 328 -17.44 -63.22 43.43
CA THR D 328 -16.48 -64.22 43.86
C THR D 328 -17.16 -65.58 44.03
N PRO D 329 -16.61 -66.67 43.47
CA PRO D 329 -17.29 -67.96 43.66
C PRO D 329 -17.36 -68.40 45.13
N ARG E 79 -41.36 87.42 -79.58
CA ARG E 79 -42.10 86.16 -79.63
C ARG E 79 -41.57 85.17 -78.59
N VAL E 80 -40.31 85.33 -78.18
CA VAL E 80 -39.74 84.42 -77.20
C VAL E 80 -40.41 84.59 -75.85
N VAL E 81 -40.85 85.79 -75.51
CA VAL E 81 -41.51 86.01 -74.22
C VAL E 81 -42.86 85.28 -74.19
N THR E 82 -43.57 85.26 -75.30
CA THR E 82 -44.85 84.58 -75.37
C THR E 82 -44.71 83.08 -75.11
N ILE E 83 -43.64 82.49 -75.64
CA ILE E 83 -43.41 81.05 -75.47
C ILE E 83 -43.21 80.71 -74.00
N ALA E 84 -42.52 81.58 -73.26
CA ALA E 84 -42.24 81.32 -71.85
C ALA E 84 -43.51 81.23 -71.02
N ALA E 85 -44.49 82.10 -71.28
CA ALA E 85 -45.73 82.08 -70.51
C ALA E 85 -46.47 80.76 -70.67
N ALA E 86 -46.55 80.24 -71.91
CA ALA E 86 -47.23 78.98 -72.14
C ALA E 86 -46.58 77.82 -71.38
N ALA E 87 -45.25 77.79 -71.32
CA ALA E 87 -44.54 76.68 -70.70
C ALA E 87 -44.84 76.53 -69.21
N ILE E 88 -44.93 77.64 -68.48
CA ILE E 88 -45.12 77.54 -67.03
C ILE E 88 -46.53 77.06 -66.68
N VAL E 89 -47.54 77.47 -67.45
CA VAL E 89 -48.91 77.10 -67.10
C VAL E 89 -49.19 75.61 -67.27
N ILE E 90 -48.60 74.95 -68.28
CA ILE E 90 -48.88 73.53 -68.49
C ILE E 90 -48.39 72.68 -67.33
N ILE E 91 -47.18 72.95 -66.81
CA ILE E 91 -46.68 72.15 -65.69
C ILE E 91 -47.55 72.36 -64.46
N TRP E 92 -48.02 73.59 -64.25
CA TRP E 92 -48.87 73.88 -63.09
C TRP E 92 -50.13 73.03 -63.11
N ALA E 93 -50.83 72.99 -64.25
CA ALA E 93 -52.05 72.21 -64.36
C ALA E 93 -51.76 70.72 -64.32
N ALA E 94 -50.71 70.27 -65.00
CA ALA E 94 -50.36 68.84 -65.01
C ALA E 94 -50.16 68.31 -63.60
N SER E 95 -49.18 68.87 -62.88
CA SER E 95 -48.95 68.46 -61.51
C SER E 95 -50.16 68.79 -60.64
N GLY E 96 -50.81 69.92 -60.92
CA GLY E 96 -51.97 70.32 -60.15
C GLY E 96 -53.08 69.30 -60.14
N PHE E 97 -53.34 68.66 -61.29
CA PHE E 97 -54.40 67.66 -61.34
C PHE E 97 -54.00 66.46 -60.50
N TYR E 98 -54.94 65.97 -59.69
CA TYR E 98 -54.70 64.85 -58.80
C TYR E 98 -55.98 64.06 -58.63
N THR E 99 -55.83 62.74 -58.45
CA THR E 99 -56.94 61.84 -58.25
C THR E 99 -56.88 61.27 -56.84
N ILE E 100 -58.04 61.19 -56.20
CA ILE E 100 -58.18 60.68 -54.84
C ILE E 100 -58.99 59.38 -54.88
N LYS E 101 -58.52 58.38 -54.15
CA LYS E 101 -59.19 57.09 -54.11
C LYS E 101 -60.59 57.24 -53.51
N GLU E 102 -61.37 56.17 -53.63
CA GLU E 102 -62.76 56.19 -53.16
C GLU E 102 -62.85 56.09 -51.65
N ALA E 103 -61.98 55.30 -51.03
CA ALA E 103 -62.02 55.16 -49.58
C ALA E 103 -61.32 56.31 -48.84
N GLU E 104 -60.76 57.27 -49.56
CA GLU E 104 -60.10 58.43 -48.98
C GLU E 104 -60.83 59.70 -49.39
N ARG E 105 -60.68 60.75 -48.56
CA ARG E 105 -61.30 62.04 -48.80
C ARG E 105 -60.23 63.11 -48.65
N GLY E 106 -59.81 63.69 -49.77
CA GLY E 106 -58.79 64.72 -49.74
C GLY E 106 -59.21 65.93 -48.93
N VAL E 107 -58.23 66.61 -48.35
CA VAL E 107 -58.43 67.82 -47.55
C VAL E 107 -57.60 68.92 -48.18
N VAL E 108 -58.22 69.73 -49.04
CA VAL E 108 -57.51 70.84 -49.66
C VAL E 108 -57.27 71.92 -48.61
N THR E 109 -56.05 72.45 -48.58
CA THR E 109 -55.66 73.46 -47.59
C THR E 109 -54.90 74.61 -48.22
N ARG E 110 -55.33 75.84 -47.93
CA ARG E 110 -54.60 77.02 -48.38
C ARG E 110 -53.23 77.02 -47.70
N PHE E 111 -52.36 77.96 -48.12
CA PHE E 111 -50.98 78.02 -47.61
C PHE E 111 -50.90 77.80 -46.11
N GLY E 112 -51.59 78.64 -45.33
CA GLY E 112 -51.67 78.45 -43.90
C GLY E 112 -52.99 77.86 -43.43
N LYS E 113 -54.07 78.38 -44.03
CA LYS E 113 -55.45 78.03 -43.71
C LYS E 113 -55.98 76.83 -44.49
N PHE E 114 -56.90 76.11 -43.85
CA PHE E 114 -57.60 75.02 -44.51
C PHE E 114 -58.62 75.65 -45.46
N SER E 115 -58.86 75.03 -46.62
CA SER E 115 -59.75 75.61 -47.61
C SER E 115 -61.11 74.93 -47.71
N HIS E 116 -61.14 73.61 -47.92
CA HIS E 116 -62.41 72.91 -48.06
C HIS E 116 -62.12 71.41 -48.18
N LEU E 117 -63.18 70.62 -48.01
CA LEU E 117 -63.10 69.17 -48.13
C LEU E 117 -63.61 68.80 -49.53
N VAL E 118 -62.75 68.14 -50.30
CA VAL E 118 -63.09 67.74 -51.66
C VAL E 118 -63.69 66.34 -51.63
N GLU E 119 -64.70 66.14 -52.45
CA GLU E 119 -65.42 64.88 -52.55
C GLU E 119 -64.75 63.97 -53.57
N PRO E 120 -65.03 62.66 -53.52
CA PRO E 120 -64.42 61.71 -54.46
C PRO E 120 -64.52 62.16 -55.93
N GLY E 121 -63.57 61.66 -56.73
CA GLY E 121 -63.48 61.98 -58.14
C GLY E 121 -62.14 62.61 -58.45
N LEU E 122 -62.02 63.26 -59.60
CA LEU E 122 -60.78 63.92 -60.00
C LEU E 122 -60.93 65.42 -59.79
N ASN E 123 -60.11 65.97 -58.89
CA ASN E 123 -60.10 67.40 -58.61
C ASN E 123 -58.76 67.99 -59.01
N TRP E 124 -58.67 69.31 -58.93
CA TRP E 124 -57.46 70.05 -59.26
C TRP E 124 -57.06 70.94 -58.09
N LYS E 125 -55.75 70.98 -57.80
CA LYS E 125 -55.21 71.81 -56.74
C LYS E 125 -54.01 72.58 -57.31
N PRO E 126 -53.96 73.91 -57.19
CA PRO E 126 -52.77 74.63 -57.67
C PRO E 126 -51.49 74.13 -57.00
N THR E 127 -50.60 73.58 -57.80
CA THR E 127 -49.35 73.02 -57.28
C THR E 127 -48.49 74.09 -56.61
N PHE E 128 -47.96 73.75 -55.44
CA PHE E 128 -47.09 74.57 -54.59
C PHE E 128 -47.87 75.64 -53.83
N ILE E 129 -49.19 75.72 -53.99
CA ILE E 129 -50.03 76.70 -53.31
C ILE E 129 -50.86 76.02 -52.22
N ASP E 130 -51.56 74.95 -52.58
CA ASP E 130 -52.38 74.18 -51.65
C ASP E 130 -51.98 72.71 -51.77
N GLU E 131 -52.26 71.96 -50.72
CA GLU E 131 -51.92 70.54 -50.66
C GLU E 131 -53.12 69.75 -50.15
N VAL E 132 -53.21 68.50 -50.59
CA VAL E 132 -54.27 67.59 -50.20
C VAL E 132 -53.69 66.49 -49.32
N LYS E 133 -54.45 66.06 -48.32
CA LYS E 133 -54.05 65.01 -47.38
C LYS E 133 -55.09 63.91 -47.42
N PRO E 134 -54.83 62.74 -48.02
CA PRO E 134 -55.86 61.68 -48.02
C PRO E 134 -55.90 60.93 -46.69
N VAL E 135 -57.10 60.83 -46.13
CA VAL E 135 -57.36 60.09 -44.90
C VAL E 135 -58.34 58.97 -45.23
N ASN E 136 -58.02 57.74 -44.80
CA ASN E 136 -58.91 56.62 -45.08
C ASN E 136 -60.13 56.73 -44.17
N VAL E 137 -61.21 57.32 -44.71
CA VAL E 137 -62.44 57.55 -43.95
C VAL E 137 -63.42 56.39 -44.00
N GLU E 138 -63.13 55.34 -44.77
CA GLU E 138 -64.02 54.19 -44.92
C GLU E 138 -63.47 52.90 -44.32
N ALA E 139 -62.16 52.68 -44.41
CA ALA E 139 -61.57 51.46 -43.85
C ALA E 139 -61.85 51.34 -42.36
N VAL E 140 -62.08 50.11 -41.91
CA VAL E 140 -62.40 49.81 -40.52
C VAL E 140 -61.12 49.41 -39.81
N ARG E 141 -60.74 50.19 -38.82
CA ARG E 141 -59.53 49.95 -38.05
C ARG E 141 -59.82 49.06 -36.83
N GLU E 142 -58.75 48.57 -36.22
CA GLU E 142 -58.81 47.70 -35.06
C GLU E 142 -57.80 48.15 -34.03
N LEU E 143 -58.10 47.86 -32.75
CA LEU E 143 -57.22 48.24 -31.65
C LEU E 143 -57.37 47.19 -30.55
N ALA E 144 -56.43 46.25 -30.50
CA ALA E 144 -56.45 45.19 -29.49
C ALA E 144 -55.76 45.70 -28.23
N ALA E 145 -56.47 45.68 -27.10
CA ALA E 145 -55.97 46.12 -25.82
C ALA E 145 -56.04 44.98 -24.81
N SER E 146 -54.90 44.66 -24.18
CA SER E 146 -54.83 43.60 -23.20
C SER E 146 -53.99 44.06 -22.01
N GLY E 147 -53.90 43.21 -21.00
CA GLY E 147 -53.12 43.48 -19.81
C GLY E 147 -53.66 42.69 -18.64
N VAL E 148 -52.80 42.52 -17.63
CA VAL E 148 -53.17 41.79 -16.41
C VAL E 148 -53.74 42.82 -15.43
N MET E 149 -55.03 43.08 -15.55
CA MET E 149 -55.71 44.01 -14.67
C MET E 149 -56.06 43.35 -13.34
N LEU E 150 -56.39 44.19 -12.35
CA LEU E 150 -56.75 43.73 -11.01
C LEU E 150 -58.26 43.80 -10.84
N THR E 151 -58.84 42.73 -10.30
CA THR E 151 -60.28 42.63 -10.09
C THR E 151 -60.65 43.23 -8.73
N SER E 152 -61.91 43.03 -8.33
CA SER E 152 -62.43 43.55 -7.07
C SER E 152 -62.22 42.59 -5.90
N ASP E 153 -61.78 41.35 -6.15
CA ASP E 153 -61.55 40.36 -5.11
C ASP E 153 -60.05 40.11 -4.91
N GLU E 154 -59.21 41.07 -5.29
CA GLU E 154 -57.76 41.00 -5.17
C GLU E 154 -57.15 39.94 -6.08
N ASN E 155 -57.89 39.50 -7.11
CA ASN E 155 -57.42 38.51 -8.06
C ASN E 155 -56.94 39.19 -9.33
N VAL E 156 -56.05 38.50 -10.04
CA VAL E 156 -55.49 38.98 -11.30
C VAL E 156 -56.10 38.17 -12.42
N VAL E 157 -56.39 38.82 -13.54
CA VAL E 157 -56.98 38.17 -14.70
C VAL E 157 -56.29 38.69 -15.96
N ARG E 158 -55.86 37.78 -16.82
CA ARG E 158 -55.22 38.12 -18.10
C ARG E 158 -56.34 38.31 -19.11
N VAL E 159 -56.69 39.56 -19.40
CA VAL E 159 -57.79 39.88 -20.30
C VAL E 159 -57.24 40.44 -21.61
N GLU E 160 -57.87 40.06 -22.71
CA GLU E 160 -57.53 40.53 -24.04
C GLU E 160 -58.84 40.91 -24.73
N MET E 161 -58.80 42.01 -25.48
CA MET E 161 -59.99 42.52 -26.15
C MET E 161 -59.62 43.05 -27.53
N ASN E 162 -60.63 43.10 -28.41
CA ASN E 162 -60.52 43.67 -29.74
C ASN E 162 -61.52 44.80 -29.85
N VAL E 163 -61.07 45.96 -30.33
CA VAL E 163 -61.91 47.13 -30.50
C VAL E 163 -61.80 47.55 -31.96
N GLN E 164 -62.87 47.33 -32.72
CA GLN E 164 -62.93 47.69 -34.11
C GLN E 164 -63.56 49.08 -34.21
N TYR E 165 -62.87 49.99 -34.91
CA TYR E 165 -63.33 51.36 -35.03
C TYR E 165 -63.01 51.88 -36.44
N ARG E 166 -63.44 53.12 -36.67
CA ARG E 166 -63.27 53.81 -37.94
C ARG E 166 -62.85 55.24 -37.60
N VAL E 167 -62.66 56.06 -38.63
CA VAL E 167 -62.27 57.46 -38.48
C VAL E 167 -63.36 58.29 -39.14
N THR E 168 -63.26 59.62 -39.04
CA THR E 168 -64.26 60.55 -39.54
C THR E 168 -63.50 61.73 -40.15
N ASN E 169 -64.25 62.81 -40.44
CA ASN E 169 -63.76 64.05 -41.06
C ASN E 169 -62.40 64.46 -40.49
N PRO E 170 -61.34 64.58 -41.30
CA PRO E 170 -60.01 64.89 -40.74
C PRO E 170 -59.90 66.24 -40.05
N GLU E 171 -60.89 67.13 -40.15
CA GLU E 171 -60.75 68.41 -39.47
C GLU E 171 -60.68 68.22 -37.96
N LYS E 172 -61.42 67.25 -37.43
CA LYS E 172 -61.37 66.92 -36.01
C LYS E 172 -60.27 65.90 -35.71
N TYR E 173 -60.31 64.76 -36.40
CA TYR E 173 -59.34 63.68 -36.19
C TYR E 173 -57.90 64.13 -36.31
N LEU E 174 -57.59 65.01 -37.26
CA LEU E 174 -56.21 65.43 -37.50
C LEU E 174 -55.76 66.60 -36.64
N TYR E 175 -56.68 67.46 -36.18
CA TYR E 175 -56.30 68.62 -35.38
C TYR E 175 -57.00 68.64 -34.03
N SER E 176 -57.10 67.48 -33.38
CA SER E 176 -57.66 67.38 -32.04
C SER E 176 -56.61 66.93 -31.03
N VAL E 177 -55.94 65.82 -31.28
CA VAL E 177 -54.89 65.29 -30.42
C VAL E 177 -53.75 64.81 -31.30
N THR E 178 -52.52 64.94 -30.79
CA THR E 178 -51.37 64.43 -31.53
C THR E 178 -51.40 62.91 -31.46
N SER E 179 -51.01 62.26 -32.58
CA SER E 179 -51.05 60.80 -32.72
C SER E 179 -52.39 60.26 -32.21
N PRO E 180 -53.50 60.57 -32.88
CA PRO E 180 -54.81 60.13 -32.38
C PRO E 180 -54.96 58.62 -32.29
N ASP E 181 -54.36 57.86 -33.21
CA ASP E 181 -54.49 56.41 -33.15
C ASP E 181 -53.82 55.85 -31.90
N ASP E 182 -52.60 56.31 -31.60
CA ASP E 182 -51.93 55.87 -30.38
C ASP E 182 -52.63 56.43 -29.15
N SER E 183 -53.11 57.68 -29.24
CA SER E 183 -53.80 58.30 -28.11
C SER E 183 -54.99 57.48 -27.64
N LEU E 184 -55.73 56.90 -28.59
CA LEU E 184 -56.89 56.08 -28.23
C LEU E 184 -56.48 54.82 -27.46
N ARG E 185 -55.33 54.24 -27.80
CA ARG E 185 -54.91 53.01 -27.16
C ARG E 185 -54.69 53.19 -25.66
N GLN E 186 -54.12 54.33 -25.25
CA GLN E 186 -53.92 54.55 -23.82
C GLN E 186 -55.26 54.70 -23.10
N ALA E 187 -56.22 55.40 -23.73
CA ALA E 187 -57.54 55.56 -23.15
C ALA E 187 -58.21 54.21 -22.92
N THR E 188 -58.03 53.28 -23.86
CA THR E 188 -58.63 51.96 -23.71
C THR E 188 -58.06 51.24 -22.50
N ASP E 189 -56.76 51.35 -22.27
CA ASP E 189 -56.14 50.71 -21.12
C ASP E 189 -56.70 51.27 -19.82
N SER E 190 -56.81 52.60 -19.74
CA SER E 190 -57.36 53.23 -18.54
C SER E 190 -58.80 52.77 -18.29
N ALA E 191 -59.60 52.67 -19.35
CA ALA E 191 -60.97 52.22 -19.21
C ALA E 191 -61.02 50.75 -18.77
N LEU E 192 -60.16 49.93 -19.37
CA LEU E 192 -60.12 48.51 -19.02
C LEU E 192 -59.75 48.32 -17.54
N ARG E 193 -58.74 49.05 -17.07
CA ARG E 193 -58.33 48.94 -15.67
C ARG E 193 -59.46 49.38 -14.73
N GLY E 194 -60.07 50.52 -15.03
CA GLY E 194 -61.15 51.03 -14.19
C GLY E 194 -62.33 50.07 -14.09
N VAL E 195 -62.82 49.61 -15.24
CA VAL E 195 -63.98 48.72 -15.27
C VAL E 195 -63.66 47.40 -14.57
N ILE E 196 -62.56 46.76 -14.94
CA ILE E 196 -62.16 45.48 -14.34
C ILE E 196 -62.08 45.59 -12.82
N GLY E 197 -61.59 46.74 -12.32
CA GLY E 197 -61.47 46.94 -10.88
C GLY E 197 -62.77 46.77 -10.11
N LYS E 198 -63.91 47.09 -10.74
CA LYS E 198 -65.19 47.00 -10.06
C LYS E 198 -65.70 45.57 -9.93
N TYR E 199 -65.55 44.76 -10.98
CA TYR E 199 -66.05 43.40 -10.97
C TYR E 199 -65.00 42.42 -10.45
N THR E 200 -65.48 41.27 -9.99
CA THR E 200 -64.63 40.20 -9.48
C THR E 200 -64.18 39.28 -10.61
N MET E 201 -63.16 38.46 -10.31
CA MET E 201 -62.58 37.56 -11.31
C MET E 201 -63.60 36.56 -11.84
N ASP E 202 -64.31 35.86 -10.95
CA ASP E 202 -65.26 34.84 -11.40
C ASP E 202 -66.34 35.46 -12.29
N ARG E 203 -66.86 36.62 -11.92
CA ARG E 203 -67.86 37.29 -12.75
C ARG E 203 -67.27 37.66 -14.10
N ILE E 204 -66.11 38.34 -14.08
CA ILE E 204 -65.44 38.76 -15.31
C ILE E 204 -65.14 37.58 -16.21
N LEU E 205 -64.87 36.41 -15.63
CA LEU E 205 -64.51 35.25 -16.43
C LEU E 205 -65.71 34.63 -17.15
N THR E 206 -66.88 34.55 -16.50
CA THR E 206 -68.06 33.93 -17.09
C THR E 206 -69.21 34.88 -17.38
N GLU E 207 -69.67 35.64 -16.39
CA GLU E 207 -70.84 36.52 -16.54
C GLU E 207 -70.49 37.91 -17.08
N GLY E 208 -69.47 38.54 -16.52
CA GLY E 208 -69.10 39.90 -16.86
C GLY E 208 -68.72 40.12 -18.32
N ARG E 209 -68.30 39.06 -19.02
CA ARG E 209 -67.91 39.14 -20.43
C ARG E 209 -68.82 40.00 -21.29
N THR E 210 -70.14 39.86 -21.10
CA THR E 210 -71.09 40.66 -21.87
C THR E 210 -71.21 42.10 -21.35
N VAL E 211 -71.34 42.28 -20.03
CA VAL E 211 -71.50 43.63 -19.48
C VAL E 211 -70.19 44.40 -19.52
N ILE E 212 -69.04 43.73 -19.31
CA ILE E 212 -67.75 44.41 -19.29
C ILE E 212 -67.51 45.14 -20.62
N ARG E 213 -67.74 44.45 -21.73
CA ARG E 213 -67.54 45.09 -23.03
C ARG E 213 -68.50 46.26 -23.23
N SER E 214 -69.76 46.08 -22.81
CA SER E 214 -70.73 47.17 -22.94
C SER E 214 -70.32 48.36 -22.10
N ASP E 215 -69.97 48.12 -20.83
CA ASP E 215 -69.55 49.21 -19.95
C ASP E 215 -68.25 49.82 -20.44
N THR E 216 -67.27 48.97 -20.77
CA THR E 216 -65.99 49.47 -21.27
C THR E 216 -66.17 50.26 -22.55
N GLN E 217 -67.09 49.82 -23.41
CA GLN E 217 -67.33 50.55 -24.66
C GLN E 217 -67.98 51.89 -24.38
N ARG E 218 -68.99 51.91 -23.50
CA ARG E 218 -69.65 53.16 -23.15
C ARG E 218 -68.70 54.08 -22.39
N GLU E 219 -67.93 53.52 -21.45
CA GLU E 219 -66.99 54.33 -20.69
C GLU E 219 -65.89 54.87 -21.59
N LEU E 220 -65.34 54.01 -22.46
CA LEU E 220 -64.28 54.45 -23.37
C LEU E 220 -64.76 55.60 -24.27
N GLU E 221 -66.01 55.52 -24.73
CA GLU E 221 -66.55 56.61 -25.54
C GLU E 221 -66.56 57.91 -24.75
N GLU E 222 -67.03 57.84 -23.49
CA GLU E 222 -67.02 59.01 -22.63
C GLU E 222 -65.59 59.48 -22.37
N THR E 223 -64.63 58.56 -22.35
CA THR E 223 -63.24 58.92 -22.08
C THR E 223 -62.67 59.82 -23.18
N ILE E 224 -63.11 59.64 -24.43
CA ILE E 224 -62.63 60.45 -25.54
C ILE E 224 -63.60 61.55 -25.93
N ARG E 225 -64.69 61.73 -25.15
CA ARG E 225 -65.62 62.82 -25.46
C ARG E 225 -64.96 64.18 -25.21
N PRO E 226 -64.34 64.45 -24.05
CA PRO E 226 -63.68 65.75 -23.87
C PRO E 226 -62.61 66.04 -24.92
N TYR E 227 -61.87 65.01 -25.35
CA TYR E 227 -60.83 65.21 -26.36
C TYR E 227 -61.40 65.85 -27.62
N ASP E 228 -62.61 65.47 -28.01
CA ASP E 228 -63.31 65.96 -29.21
C ASP E 228 -62.73 65.34 -30.48
N MET E 229 -61.84 64.35 -30.36
CA MET E 229 -61.25 63.68 -31.51
C MET E 229 -62.34 63.13 -32.43
N GLY E 230 -62.00 62.98 -33.70
CA GLY E 230 -62.96 62.48 -34.68
C GLY E 230 -63.02 60.99 -34.86
N ILE E 231 -62.43 60.21 -33.97
CA ILE E 231 -62.51 58.75 -34.07
C ILE E 231 -63.88 58.31 -33.58
N THR E 232 -64.49 57.37 -34.31
CA THR E 232 -65.80 56.83 -33.94
C THR E 232 -65.64 55.34 -33.66
N LEU E 233 -66.16 54.91 -32.52
CA LEU E 233 -66.09 53.51 -32.14
C LEU E 233 -67.20 52.71 -32.83
N LEU E 234 -66.81 51.63 -33.50
CA LEU E 234 -67.78 50.78 -34.20
C LEU E 234 -68.23 49.64 -33.28
N ASP E 235 -67.29 48.86 -32.76
CA ASP E 235 -67.63 47.77 -31.86
C ASP E 235 -66.44 47.42 -30.99
N VAL E 236 -66.75 46.93 -29.79
CA VAL E 236 -65.76 46.52 -28.78
C VAL E 236 -65.97 45.03 -28.56
N ASN E 237 -65.11 44.19 -29.15
CA ASN E 237 -65.25 42.73 -29.08
C ASN E 237 -64.25 42.11 -28.10
N PHE E 238 -64.74 41.83 -26.89
CA PHE E 238 -63.97 41.14 -25.86
C PHE E 238 -63.55 39.76 -26.37
N GLN E 239 -62.28 39.41 -26.13
CA GLN E 239 -61.74 38.13 -26.61
C GLN E 239 -61.61 37.06 -25.55
N ALA E 240 -60.93 37.35 -24.44
CA ALA E 240 -60.71 36.34 -23.40
C ALA E 240 -60.53 36.98 -22.04
N ALA E 241 -60.80 36.18 -21.01
CA ALA E 241 -60.67 36.57 -19.61
C ALA E 241 -59.87 35.52 -18.85
N ARG E 242 -59.00 34.81 -19.55
CA ARG E 242 -58.19 33.75 -18.97
C ARG E 242 -57.38 34.29 -17.78
N PRO E 243 -57.20 33.49 -16.71
CA PRO E 243 -56.38 33.96 -15.59
C PRO E 243 -54.91 33.95 -15.95
N PRO E 244 -54.04 34.53 -15.10
CA PRO E 244 -52.60 34.52 -15.36
C PRO E 244 -52.05 33.13 -15.65
N GLU E 245 -51.03 33.08 -16.51
CA GLU E 245 -50.43 31.80 -16.89
C GLU E 245 -49.83 31.08 -15.68
N GLU E 246 -49.42 31.82 -14.64
CA GLU E 246 -48.84 31.20 -13.46
C GLU E 246 -49.87 30.36 -12.70
N VAL E 247 -51.13 30.79 -12.69
CA VAL E 247 -52.19 30.08 -11.96
C VAL E 247 -52.97 29.11 -12.84
N LYS E 248 -52.66 29.02 -14.14
CA LYS E 248 -53.39 28.13 -15.04
C LYS E 248 -53.30 26.68 -14.59
N ALA E 249 -52.16 26.26 -14.03
CA ALA E 249 -51.95 24.89 -13.60
C ALA E 249 -53.05 24.43 -12.64
N ALA E 250 -53.32 25.22 -11.60
CA ALA E 250 -54.36 24.82 -10.64
C ALA E 250 -55.75 24.80 -11.29
N PHE E 251 -56.04 25.76 -12.16
CA PHE E 251 -57.35 25.85 -12.80
C PHE E 251 -57.75 24.55 -13.51
N ASP E 252 -56.81 23.92 -14.23
CA ASP E 252 -57.14 22.67 -14.91
C ASP E 252 -57.24 21.50 -13.95
N ASP E 253 -56.51 21.55 -12.83
CA ASP E 253 -56.54 20.45 -11.87
C ASP E 253 -57.95 20.26 -11.31
N ALA E 254 -58.69 21.36 -11.10
CA ALA E 254 -60.06 21.26 -10.60
C ALA E 254 -60.92 20.44 -11.56
N ILE E 255 -60.69 20.60 -12.87
CA ILE E 255 -61.44 19.83 -13.85
C ILE E 255 -60.98 18.38 -13.86
N ALA E 256 -59.65 18.18 -13.79
CA ALA E 256 -59.10 16.83 -13.76
C ALA E 256 -59.58 16.03 -12.56
N ALA E 257 -59.86 16.71 -11.44
CA ALA E 257 -60.35 15.99 -10.26
C ALA E 257 -61.73 15.43 -10.52
N ARG E 258 -62.59 16.17 -11.23
CA ARG E 258 -63.90 15.66 -11.59
C ARG E 258 -63.75 14.40 -12.43
N GLU E 259 -62.83 14.43 -13.40
CA GLU E 259 -62.55 13.25 -14.21
C GLU E 259 -62.01 12.13 -13.34
N ASN E 260 -61.18 12.48 -12.35
CA ASN E 260 -60.62 11.46 -11.45
C ASN E 260 -61.72 10.80 -10.64
N GLU E 261 -62.72 11.58 -10.21
CA GLU E 261 -63.84 11.01 -9.45
C GLU E 261 -64.51 9.89 -10.24
N GLN E 262 -64.89 10.18 -11.48
CA GLN E 262 -65.50 9.15 -12.32
C GLN E 262 -64.52 8.02 -12.58
N GLN E 263 -63.25 8.34 -12.83
CA GLN E 263 -62.25 7.31 -13.07
C GLN E 263 -62.07 6.42 -11.85
N TYR E 264 -62.12 7.01 -10.65
CA TYR E 264 -62.01 6.21 -9.44
C TYR E 264 -63.21 5.28 -9.30
N ILE E 265 -64.40 5.79 -9.60
CA ILE E 265 -65.61 4.98 -9.51
C ILE E 265 -65.54 3.82 -10.51
N ARG E 266 -65.04 4.09 -11.72
CA ARG E 266 -64.91 3.01 -12.71
C ARG E 266 -64.01 1.90 -12.19
N GLU E 267 -62.89 2.25 -11.57
CA GLU E 267 -62.01 1.24 -11.01
C GLU E 267 -62.70 0.47 -9.88
N ALA E 268 -63.52 1.17 -9.09
CA ALA E 268 -64.24 0.50 -8.02
C ALA E 268 -65.20 -0.54 -8.58
N GLU E 269 -65.94 -0.18 -9.63
CA GLU E 269 -66.86 -1.12 -10.26
C GLU E 269 -66.10 -2.31 -10.85
N ALA E 270 -64.93 -2.05 -11.43
CA ALA E 270 -64.13 -3.13 -12.02
C ALA E 270 -63.76 -4.16 -10.98
N TYR E 271 -63.32 -3.72 -9.80
CA TYR E 271 -62.96 -4.65 -8.73
C TYR E 271 -64.16 -5.48 -8.31
N THR E 272 -65.34 -4.85 -8.17
CA THR E 272 -66.55 -5.56 -7.81
C THR E 272 -66.89 -6.62 -8.85
N ASN E 273 -66.89 -6.23 -10.13
CA ASN E 273 -67.21 -7.16 -11.20
C ASN E 273 -66.13 -8.23 -11.33
N GLU E 274 -64.86 -7.82 -11.33
CA GLU E 274 -63.75 -8.78 -11.48
C GLU E 274 -63.70 -9.81 -10.35
N VAL E 275 -63.92 -9.39 -9.10
CA VAL E 275 -63.75 -10.28 -7.96
C VAL E 275 -64.90 -11.28 -7.82
N GLN E 276 -66.13 -10.89 -8.18
CA GLN E 276 -67.28 -11.78 -7.98
C GLN E 276 -67.14 -13.15 -8.65
N PRO E 277 -66.74 -13.27 -9.93
CA PRO E 277 -66.56 -14.62 -10.49
C PRO E 277 -65.51 -15.44 -9.77
N ARG E 278 -64.46 -14.79 -9.25
CA ARG E 278 -63.41 -15.52 -8.54
C ARG E 278 -63.97 -16.18 -7.29
N ALA E 279 -64.87 -15.49 -6.58
CA ALA E 279 -65.46 -16.07 -5.38
C ALA E 279 -66.25 -17.33 -5.72
N ASN E 280 -66.96 -17.33 -6.84
CA ASN E 280 -67.70 -18.51 -7.25
C ASN E 280 -66.76 -19.68 -7.49
N GLY E 281 -65.62 -19.43 -8.14
CA GLY E 281 -64.65 -20.48 -8.38
C GLY E 281 -64.09 -21.04 -7.09
N GLN E 282 -63.76 -20.15 -6.14
CA GLN E 282 -63.23 -20.60 -4.85
C GLN E 282 -64.27 -21.43 -4.11
N ALA E 283 -65.55 -21.06 -4.22
CA ALA E 283 -66.61 -21.82 -3.57
C ALA E 283 -66.65 -23.25 -4.09
N GLN E 284 -66.60 -23.41 -5.42
CA GLN E 284 -66.62 -24.74 -6.00
C GLN E 284 -65.40 -25.55 -5.57
N ARG E 285 -64.23 -24.92 -5.49
CA ARG E 285 -63.02 -25.63 -5.09
C ARG E 285 -63.16 -26.22 -3.70
N ILE E 286 -63.67 -25.43 -2.74
CA ILE E 286 -63.83 -25.97 -1.39
C ILE E 286 -64.98 -26.98 -1.38
N LEU E 287 -66.01 -26.77 -2.20
CA LEU E 287 -67.13 -27.69 -2.26
C LEU E 287 -66.66 -29.06 -2.75
N GLU E 288 -65.84 -29.08 -3.81
CA GLU E 288 -65.34 -30.34 -4.34
C GLU E 288 -64.44 -31.04 -3.32
N GLU E 289 -63.65 -30.27 -2.58
CA GLU E 289 -62.78 -30.86 -1.56
C GLU E 289 -63.60 -31.59 -0.49
N ALA E 290 -64.76 -31.01 -0.11
CA ALA E 290 -65.60 -31.67 0.87
C ALA E 290 -66.12 -33.00 0.33
N ARG E 291 -66.54 -33.03 -0.93
CA ARG E 291 -67.00 -34.27 -1.54
C ARG E 291 -65.92 -35.33 -1.51
N ALA E 292 -64.68 -34.94 -1.87
CA ALA E 292 -63.57 -35.89 -1.84
C ALA E 292 -63.34 -36.42 -0.43
N TYR E 293 -63.44 -35.54 0.58
CA TYR E 293 -63.27 -35.98 1.96
C TYR E 293 -64.33 -37.01 2.34
N LYS E 294 -65.59 -36.75 1.96
CA LYS E 294 -66.66 -37.69 2.25
C LYS E 294 -66.40 -39.03 1.59
N ALA E 295 -66.07 -39.02 0.30
CA ALA E 295 -65.76 -40.25 -0.40
C ALA E 295 -64.52 -40.91 0.20
N GLN E 296 -63.48 -40.11 0.44
CA GLN E 296 -62.24 -40.65 0.99
C GLN E 296 -62.43 -41.25 2.38
N THR E 297 -63.15 -40.55 3.27
CA THR E 297 -63.35 -41.08 4.61
C THR E 297 -64.27 -42.30 4.57
N ILE E 298 -65.28 -42.30 3.70
CA ILE E 298 -66.15 -43.46 3.57
C ILE E 298 -65.37 -44.64 3.04
N LEU E 299 -64.58 -44.41 1.97
CA LEU E 299 -63.78 -45.48 1.39
C LEU E 299 -62.75 -45.98 2.39
N GLU E 300 -62.12 -45.06 3.13
CA GLU E 300 -61.13 -45.47 4.14
C GLU E 300 -61.80 -46.29 5.22
N ALA E 301 -63.03 -45.91 5.62
CA ALA E 301 -63.77 -46.65 6.63
C ALA E 301 -64.04 -48.08 6.16
N GLN E 302 -64.44 -48.24 4.89
CA GLN E 302 -64.73 -49.57 4.37
C GLN E 302 -63.51 -50.48 4.43
N GLY E 303 -62.33 -49.96 4.07
CA GLY E 303 -61.13 -50.77 4.12
C GLY E 303 -60.80 -51.22 5.52
N GLU E 304 -60.87 -50.30 6.49
CA GLU E 304 -60.58 -50.66 7.87
C GLU E 304 -61.57 -51.69 8.40
N VAL E 305 -62.85 -51.55 8.03
CA VAL E 305 -63.87 -52.49 8.47
C VAL E 305 -63.52 -53.91 8.01
N ALA E 306 -63.10 -54.04 6.75
CA ALA E 306 -62.75 -55.35 6.22
C ALA E 306 -61.56 -55.96 6.96
N ARG E 307 -60.54 -55.15 7.24
CA ARG E 307 -59.36 -55.66 7.92
C ARG E 307 -59.71 -56.21 9.31
N PHE E 308 -60.49 -55.44 10.09
CA PHE E 308 -60.88 -55.90 11.41
C PHE E 308 -61.74 -57.15 11.34
N ALA E 309 -62.67 -57.20 10.38
CA ALA E 309 -63.54 -58.36 10.24
C ALA E 309 -62.75 -59.62 9.90
N LYS E 310 -61.74 -59.49 9.04
CA LYS E 310 -60.93 -60.64 8.65
C LYS E 310 -60.05 -61.12 9.79
N LEU E 311 -59.51 -60.19 10.59
CA LEU E 311 -58.61 -60.55 11.68
C LEU E 311 -59.33 -61.17 12.88
N LEU E 312 -60.60 -60.82 13.11
CA LEU E 312 -61.31 -61.37 14.27
C LEU E 312 -61.36 -62.90 14.26
N PRO E 313 -61.74 -63.59 13.17
CA PRO E 313 -61.72 -65.06 13.21
C PRO E 313 -60.34 -65.61 13.53
N GLU E 314 -59.29 -64.94 13.08
CA GLU E 314 -57.93 -65.38 13.39
C GLU E 314 -57.59 -65.08 14.84
N TYR E 315 -58.03 -63.91 15.32
CA TYR E 315 -57.80 -63.54 16.72
C TYR E 315 -58.55 -64.46 17.66
N LYS E 316 -59.75 -64.90 17.25
CA LYS E 316 -60.54 -65.81 18.08
C LYS E 316 -59.85 -67.16 18.23
N ALA E 317 -59.14 -67.60 17.18
CA ALA E 317 -58.43 -68.87 17.22
C ALA E 317 -57.42 -68.91 18.36
N ALA E 318 -56.65 -67.83 18.53
CA ALA E 318 -55.62 -67.77 19.57
C ALA E 318 -55.45 -66.32 20.02
N PRO E 319 -56.30 -65.84 20.93
CA PRO E 319 -56.16 -64.45 21.40
C PRO E 319 -54.84 -64.19 22.11
N GLU E 320 -54.40 -65.11 22.98
CA GLU E 320 -53.14 -64.93 23.70
C GLU E 320 -51.97 -64.85 22.74
N ILE E 321 -51.96 -65.72 21.72
CA ILE E 321 -50.87 -65.73 20.75
C ILE E 321 -50.89 -64.45 19.94
N THR E 322 -52.07 -64.04 19.47
CA THR E 322 -52.18 -62.83 18.67
C THR E 322 -51.89 -61.60 19.53
N ARG E 323 -52.46 -61.55 20.74
CA ARG E 323 -52.21 -60.39 21.61
C ARG E 323 -50.74 -60.32 22.01
N GLU E 324 -50.11 -61.47 22.26
CA GLU E 324 -48.69 -61.46 22.62
C GLU E 324 -47.84 -60.97 21.46
N ARG E 325 -48.11 -61.45 20.25
CA ARG E 325 -47.35 -61.00 19.08
C ARG E 325 -47.63 -59.52 18.82
N LEU E 326 -48.91 -59.14 18.79
CA LEU E 326 -49.28 -57.75 18.57
C LEU E 326 -48.69 -56.85 19.65
N TYR E 327 -48.68 -57.33 20.90
CA TYR E 327 -48.14 -56.53 21.99
C TYR E 327 -46.63 -56.36 21.85
N ILE E 328 -45.90 -57.47 21.70
CA ILE E 328 -44.45 -57.41 21.55
C ILE E 328 -44.08 -56.53 20.35
N GLU E 329 -44.83 -56.65 19.25
CA GLU E 329 -44.58 -55.82 18.08
C GLU E 329 -44.75 -54.34 18.42
N THR E 330 -45.93 -53.97 18.93
CA THR E 330 -46.19 -52.60 19.35
C THR E 330 -45.12 -52.10 20.31
N MET E 331 -44.74 -52.93 21.28
CA MET E 331 -43.73 -52.55 22.27
C MET E 331 -42.38 -52.29 21.61
N GLU E 332 -41.85 -53.28 20.88
CA GLU E 332 -40.54 -53.10 20.26
C GLU E 332 -40.52 -51.94 19.28
N LYS E 333 -41.66 -51.65 18.63
CA LYS E 333 -41.70 -50.53 17.69
C LYS E 333 -41.54 -49.20 18.44
N VAL E 334 -42.37 -48.97 19.46
CA VAL E 334 -42.27 -47.73 20.23
C VAL E 334 -40.99 -47.71 21.05
N LEU E 335 -40.44 -48.88 21.39
CA LEU E 335 -39.23 -48.96 22.17
C LEU E 335 -38.01 -48.56 21.35
N GLY E 336 -37.94 -49.01 20.11
CA GLY E 336 -36.80 -48.72 19.26
C GLY E 336 -36.69 -47.27 18.81
N ASN E 337 -37.82 -46.55 18.78
CA ASN E 337 -37.84 -45.16 18.36
C ASN E 337 -37.88 -44.17 19.51
N THR E 338 -37.57 -44.61 20.73
CA THR E 338 -37.55 -43.76 21.92
C THR E 338 -36.26 -44.03 22.70
N ARG E 339 -35.90 -43.08 23.56
CA ARG E 339 -34.69 -43.21 24.38
C ARG E 339 -35.05 -44.04 25.60
N LYS E 340 -34.77 -45.33 25.55
CA LYS E 340 -35.07 -46.24 26.65
C LYS E 340 -34.13 -46.00 27.84
N VAL E 341 -34.63 -46.37 29.02
CA VAL E 341 -33.89 -46.26 30.27
C VAL E 341 -33.80 -47.61 30.98
N LEU E 342 -34.93 -48.28 31.18
CA LEU E 342 -35.02 -49.59 31.84
C LEU E 342 -34.31 -49.61 33.20
N VAL E 343 -34.80 -48.77 34.11
CA VAL E 343 -34.27 -48.70 35.47
C VAL E 343 -35.45 -48.71 36.44
N ASN E 344 -35.35 -49.56 37.47
CA ASN E 344 -36.39 -49.65 38.50
C ASN E 344 -36.70 -48.28 39.06
N ASP E 345 -37.95 -47.84 38.90
CA ASP E 345 -38.33 -46.54 39.42
C ASP E 345 -38.22 -46.52 40.94
N LYS E 346 -37.42 -45.59 41.47
CA LYS E 346 -37.24 -45.41 42.90
C LYS E 346 -37.78 -44.08 43.38
N GLY E 347 -37.34 -42.99 42.75
CA GLY E 347 -37.80 -41.66 43.10
C GLY E 347 -38.20 -40.91 41.85
N GLY E 348 -39.18 -40.03 42.00
CA GLY E 348 -39.65 -39.24 40.88
C GLY E 348 -38.88 -37.96 40.66
N ASN E 349 -37.56 -38.08 40.51
CA ASN E 349 -36.69 -36.93 40.26
C ASN E 349 -36.24 -37.02 38.80
N LEU E 350 -36.79 -36.16 37.96
CA LEU E 350 -36.49 -36.13 36.54
C LEU E 350 -36.22 -34.71 36.07
N MET E 351 -35.36 -34.58 35.07
CA MET E 351 -35.03 -33.32 34.43
C MET E 351 -35.73 -33.28 33.08
N VAL E 352 -36.10 -32.09 32.63
CA VAL E 352 -36.83 -31.98 31.38
C VAL E 352 -35.92 -31.89 30.16
N LEU E 353 -34.79 -31.20 30.27
CA LEU E 353 -33.81 -30.99 29.20
C LEU E 353 -34.49 -30.80 27.83
N PRO E 354 -35.29 -29.76 27.66
CA PRO E 354 -36.02 -29.59 26.39
C PRO E 354 -35.12 -29.14 25.26
N LEU E 355 -35.72 -29.08 24.07
CA LEU E 355 -35.03 -28.70 22.85
C LEU E 355 -35.42 -27.29 22.43
N MET F 1 -29.14 100.27 -70.74
CA MET F 1 -30.26 100.19 -69.76
C MET F 1 -30.73 98.75 -69.54
N ARG F 2 -29.84 97.79 -69.80
CA ARG F 2 -30.15 96.38 -69.63
C ARG F 2 -29.63 95.81 -68.32
N LYS F 3 -28.40 96.13 -67.93
CA LYS F 3 -27.85 95.61 -66.69
C LYS F 3 -28.58 96.19 -65.47
N SER F 4 -28.93 97.47 -65.52
CA SER F 4 -29.62 98.09 -64.39
C SER F 4 -31.00 97.49 -64.18
N VAL F 5 -31.78 97.33 -65.26
CA VAL F 5 -33.14 96.81 -65.13
C VAL F 5 -33.12 95.33 -64.75
N ILE F 6 -32.25 94.53 -65.38
CA ILE F 6 -32.20 93.11 -65.08
C ILE F 6 -31.70 92.84 -63.66
N ALA F 7 -30.79 93.67 -63.16
CA ALA F 7 -30.24 93.48 -61.83
C ALA F 7 -31.29 93.65 -60.73
N ILE F 8 -32.12 94.71 -60.82
CA ILE F 8 -33.09 95.00 -59.77
C ILE F 8 -34.16 93.91 -59.67
N ILE F 9 -34.61 93.37 -60.81
CA ILE F 9 -35.67 92.35 -60.79
C ILE F 9 -35.20 91.09 -60.05
N ILE F 10 -33.98 90.63 -60.33
CA ILE F 10 -33.50 89.38 -59.75
C ILE F 10 -33.37 89.48 -58.24
N ILE F 11 -32.91 90.62 -57.73
CA ILE F 11 -32.73 90.76 -56.28
C ILE F 11 -34.08 90.84 -55.56
N VAL F 12 -35.07 91.49 -56.18
CA VAL F 12 -36.37 91.68 -55.54
C VAL F 12 -37.05 90.34 -55.28
N LEU F 13 -37.02 89.42 -56.25
CA LEU F 13 -37.72 88.15 -56.09
C LEU F 13 -37.15 87.33 -54.93
N VAL F 14 -35.83 87.27 -54.79
CA VAL F 14 -35.25 86.48 -53.70
C VAL F 14 -35.55 87.11 -52.35
N VAL F 15 -35.57 88.44 -52.27
CA VAL F 15 -35.87 89.11 -51.00
C VAL F 15 -37.29 88.78 -50.55
N LEU F 16 -38.24 88.79 -51.49
CA LEU F 16 -39.63 88.51 -51.14
C LEU F 16 -39.81 87.08 -50.65
N TYR F 17 -39.11 86.11 -51.26
CA TYR F 17 -39.27 84.73 -50.81
C TYR F 17 -38.79 84.54 -49.38
N MET F 18 -37.68 85.19 -49.02
CA MET F 18 -37.19 85.11 -47.65
C MET F 18 -38.17 85.76 -46.69
N SER F 19 -38.76 86.90 -47.10
CA SER F 19 -39.68 87.63 -46.22
C SER F 19 -40.96 86.86 -45.95
N VAL F 20 -41.51 86.18 -46.96
CA VAL F 20 -42.76 85.46 -46.76
C VAL F 20 -42.54 84.25 -45.88
N PHE F 21 -43.46 84.03 -44.94
CA PHE F 21 -43.43 82.88 -44.05
C PHE F 21 -44.87 82.60 -43.69
N VAL F 22 -45.27 81.33 -43.81
CA VAL F 22 -46.64 80.92 -43.56
C VAL F 22 -46.72 80.14 -42.25
N VAL F 23 -47.90 80.19 -41.63
CA VAL F 23 -48.20 79.50 -40.39
C VAL F 23 -49.14 78.35 -40.73
N LYS F 24 -48.73 77.12 -40.42
CA LYS F 24 -49.54 75.96 -40.71
C LYS F 24 -50.83 75.99 -39.90
N GLU F 25 -51.75 75.09 -40.26
CA GLU F 25 -53.05 75.05 -39.58
C GLU F 25 -52.90 74.63 -38.13
N GLY F 26 -52.11 73.59 -37.87
CA GLY F 26 -51.92 73.12 -36.52
C GLY F 26 -50.72 73.71 -35.81
N GLU F 27 -50.32 74.92 -36.22
CA GLU F 27 -49.19 75.61 -35.63
C GLU F 27 -49.51 77.09 -35.53
N ARG F 28 -48.76 77.79 -34.66
CA ARG F 28 -48.90 79.22 -34.46
C ARG F 28 -47.51 79.81 -34.29
N GLY F 29 -47.23 80.90 -34.99
CA GLY F 29 -45.94 81.57 -34.95
C GLY F 29 -46.01 82.92 -34.27
N ILE F 30 -45.00 83.20 -33.44
CA ILE F 30 -44.87 84.46 -32.72
C ILE F 30 -43.69 85.21 -33.33
N THR F 31 -43.97 86.27 -34.09
CA THR F 31 -42.88 87.06 -34.67
C THR F 31 -42.07 87.72 -33.57
N LEU F 32 -40.75 87.75 -33.76
CA LEU F 32 -39.82 88.30 -32.78
C LEU F 32 -38.89 89.34 -33.40
N ARG F 33 -38.59 90.38 -32.63
CA ARG F 33 -37.66 91.42 -33.04
C ARG F 33 -36.25 90.88 -32.80
N PHE F 34 -35.22 91.75 -32.92
CA PHE F 34 -33.83 91.33 -32.69
C PHE F 34 -33.70 90.50 -31.42
N GLY F 35 -34.07 91.09 -30.28
CA GLY F 35 -34.09 90.39 -29.00
C GLY F 35 -35.45 90.36 -28.36
N LYS F 36 -36.29 91.36 -28.66
CA LYS F 36 -37.63 91.47 -28.12
C LYS F 36 -38.65 90.87 -29.07
N VAL F 37 -39.92 90.94 -28.67
CA VAL F 37 -41.05 90.45 -29.45
C VAL F 37 -41.94 91.64 -29.80
N LEU F 38 -42.72 91.49 -30.85
CA LEU F 38 -43.61 92.55 -31.31
C LEU F 38 -44.86 92.57 -30.43
N ARG F 39 -45.24 93.78 -29.99
CA ARG F 39 -46.39 93.96 -29.11
C ARG F 39 -47.47 94.79 -29.79
N ASP F 40 -48.63 94.82 -29.13
CA ASP F 40 -49.79 95.58 -29.56
C ASP F 40 -50.84 95.46 -28.46
N ASP F 41 -51.78 96.41 -28.45
CA ASP F 41 -52.90 96.40 -27.51
C ASP F 41 -52.44 96.36 -26.05
N ASP F 42 -51.70 97.39 -25.64
CA ASP F 42 -51.23 97.53 -24.26
C ASP F 42 -50.28 96.40 -23.85
N ASN F 43 -49.25 96.19 -24.67
CA ASN F 43 -48.21 95.18 -24.44
C ASN F 43 -48.80 93.78 -24.27
N LYS F 44 -49.52 93.34 -25.29
CA LYS F 44 -50.11 92.01 -25.36
C LYS F 44 -49.41 91.31 -26.53
N PRO F 45 -48.49 90.36 -26.31
CA PRO F 45 -47.84 89.69 -27.45
C PRO F 45 -48.84 89.14 -28.46
N LEU F 46 -48.55 89.39 -29.74
CA LEU F 46 -49.43 88.99 -30.83
C LEU F 46 -49.00 87.65 -31.42
N VAL F 47 -49.96 86.73 -31.53
CA VAL F 47 -49.75 85.41 -32.12
C VAL F 47 -50.42 85.45 -33.48
N TYR F 48 -49.83 84.75 -34.45
CA TYR F 48 -50.33 84.73 -35.81
C TYR F 48 -51.24 83.55 -36.07
N GLU F 49 -52.32 83.80 -36.80
CA GLU F 49 -53.30 82.79 -37.15
C GLU F 49 -52.74 81.99 -38.32
N PRO F 50 -53.45 80.94 -38.79
CA PRO F 50 -52.88 80.14 -39.89
C PRO F 50 -53.09 80.75 -41.28
N GLY F 51 -52.31 81.79 -41.57
CA GLY F 51 -52.36 82.46 -42.85
C GLY F 51 -50.97 82.95 -43.22
N LEU F 52 -50.89 83.66 -44.34
CA LEU F 52 -49.61 84.18 -44.81
C LEU F 52 -49.24 85.45 -44.07
N HIS F 53 -47.95 85.60 -43.77
CA HIS F 53 -47.41 86.76 -43.07
C HIS F 53 -46.07 87.12 -43.67
N PHE F 54 -45.69 88.40 -43.53
CA PHE F 54 -44.44 88.92 -44.05
C PHE F 54 -43.56 89.40 -42.89
N LYS F 55 -42.28 89.03 -42.95
CA LYS F 55 -41.28 89.40 -41.95
C LYS F 55 -40.06 89.98 -42.65
N ILE F 56 -39.54 91.09 -42.12
CA ILE F 56 -38.34 91.73 -42.67
C ILE F 56 -37.23 90.68 -42.70
N PRO F 57 -36.70 90.29 -43.87
CA PRO F 57 -35.64 89.26 -43.88
C PRO F 57 -34.40 89.65 -43.09
N PHE F 58 -33.95 88.71 -42.25
CA PHE F 58 -32.74 88.76 -41.42
C PHE F 58 -32.87 89.68 -40.21
N ILE F 59 -34.00 90.38 -40.05
CA ILE F 59 -34.22 91.25 -38.91
C ILE F 59 -35.21 90.63 -37.93
N GLU F 60 -36.26 90.01 -38.44
CA GLU F 60 -37.29 89.37 -37.65
C GLU F 60 -37.08 87.86 -37.64
N THR F 61 -37.32 87.25 -36.49
CA THR F 61 -37.21 85.80 -36.33
C THR F 61 -38.56 85.30 -35.84
N VAL F 62 -39.00 84.17 -36.38
CA VAL F 62 -40.29 83.57 -36.04
C VAL F 62 -40.07 82.24 -35.33
N LYS F 63 -40.81 82.04 -34.24
CA LYS F 63 -40.77 80.81 -33.46
C LYS F 63 -42.13 80.13 -33.65
N MET F 64 -42.12 78.90 -34.13
CA MET F 64 -43.35 78.15 -34.41
C MET F 64 -43.67 77.25 -33.24
N LEU F 65 -44.78 77.56 -32.55
CA LEU F 65 -45.24 76.80 -31.39
C LEU F 65 -46.45 75.99 -31.79
N ASP F 66 -46.36 74.66 -31.63
CA ASP F 66 -47.45 73.78 -31.99
C ASP F 66 -48.63 73.97 -31.04
N ALA F 67 -49.83 73.97 -31.61
CA ALA F 67 -51.07 74.14 -30.86
C ALA F 67 -51.84 72.84 -30.67
N ARG F 68 -51.35 71.73 -31.21
CA ARG F 68 -52.03 70.45 -31.04
C ARG F 68 -51.83 69.92 -29.63
N ILE F 69 -52.79 69.15 -29.15
CA ILE F 69 -52.71 68.60 -27.80
C ILE F 69 -51.59 67.56 -27.79
N GLN F 70 -50.68 67.69 -26.83
CA GLN F 70 -49.54 66.81 -26.68
C GLN F 70 -49.85 65.74 -25.64
N THR F 71 -49.31 64.54 -25.88
CA THR F 71 -49.50 63.40 -24.99
C THR F 71 -48.18 63.09 -24.31
N MET F 72 -48.20 63.07 -22.98
CA MET F 72 -47.05 62.80 -22.14
C MET F 72 -47.34 61.58 -21.28
N ASP F 73 -46.54 60.53 -21.45
CA ASP F 73 -46.71 59.29 -20.70
C ASP F 73 -45.65 59.21 -19.61
N ASN F 74 -46.03 58.64 -18.46
CA ASN F 74 -45.15 58.48 -17.33
C ASN F 74 -44.77 57.02 -17.17
N GLN F 75 -43.48 56.76 -16.99
CA GLN F 75 -42.99 55.40 -16.83
C GLN F 75 -43.41 54.86 -15.45
N ALA F 76 -43.11 53.59 -15.23
CA ALA F 76 -43.42 52.95 -13.96
C ALA F 76 -42.69 53.65 -12.82
N ASP F 77 -43.40 53.90 -11.73
CA ASP F 77 -42.82 54.57 -10.56
C ASP F 77 -43.47 54.00 -9.31
N ARG F 78 -42.76 54.14 -8.19
CA ARG F 78 -43.21 53.62 -6.90
C ARG F 78 -43.82 54.73 -6.07
N PHE F 79 -45.01 54.46 -5.52
CA PHE F 79 -45.75 55.38 -4.68
C PHE F 79 -46.15 54.66 -3.40
N VAL F 80 -46.28 55.42 -2.31
CA VAL F 80 -46.62 54.89 -1.00
C VAL F 80 -48.06 55.27 -0.67
N THR F 81 -48.87 54.26 -0.37
CA THR F 81 -50.27 54.46 -0.03
C THR F 81 -50.38 54.80 1.46
N LYS F 82 -51.61 54.86 1.98
CA LYS F 82 -51.81 55.15 3.38
C LYS F 82 -51.37 54.00 4.27
N GLU F 83 -51.42 52.76 3.77
CA GLU F 83 -51.00 51.58 4.50
C GLU F 83 -49.60 51.09 4.09
N LYS F 84 -48.78 52.00 3.56
CA LYS F 84 -47.41 51.68 3.13
C LYS F 84 -47.36 50.65 2.00
N LYS F 85 -48.45 50.48 1.26
CA LYS F 85 -48.49 49.53 0.16
C LYS F 85 -47.85 50.14 -1.07
N ASP F 86 -46.71 49.59 -1.50
CA ASP F 86 -46.05 50.11 -2.69
C ASP F 86 -46.82 49.68 -3.94
N LEU F 87 -47.02 50.63 -4.85
CA LEU F 87 -47.73 50.37 -6.10
C LEU F 87 -46.90 50.83 -7.29
N ILE F 88 -47.14 50.17 -8.43
CA ILE F 88 -46.51 50.51 -9.70
C ILE F 88 -47.64 50.94 -10.62
N VAL F 89 -47.63 52.22 -11.01
CA VAL F 89 -48.68 52.78 -11.86
C VAL F 89 -48.08 53.42 -13.09
N ASP F 90 -48.71 53.17 -14.24
CA ASP F 90 -48.34 53.77 -15.52
C ASP F 90 -49.50 54.69 -15.90
N SER F 91 -49.20 55.96 -16.14
CA SER F 91 -50.23 56.94 -16.46
C SER F 91 -49.72 57.92 -17.49
N TYR F 92 -50.67 58.52 -18.21
CA TYR F 92 -50.38 59.51 -19.24
C TYR F 92 -51.26 60.72 -19.02
N ILE F 93 -50.75 61.88 -19.46
CA ILE F 93 -51.45 63.15 -19.34
C ILE F 93 -51.50 63.80 -20.71
N LYS F 94 -52.59 64.54 -20.95
CA LYS F 94 -52.79 65.27 -22.20
C LYS F 94 -52.89 66.75 -21.87
N TRP F 95 -52.08 67.57 -22.53
CA TRP F 95 -52.10 69.01 -22.33
C TRP F 95 -52.00 69.71 -23.67
N ARG F 96 -52.45 70.96 -23.67
CA ARG F 96 -52.44 71.83 -24.84
C ARG F 96 -51.85 73.18 -24.47
N ILE F 97 -51.16 73.80 -25.42
CA ILE F 97 -50.60 75.12 -25.16
C ILE F 97 -51.73 76.13 -25.19
N SER F 98 -51.95 76.80 -24.06
CA SER F 98 -53.02 77.79 -23.96
C SER F 98 -52.51 79.19 -24.27
N ASP F 99 -51.38 79.57 -23.67
CA ASP F 99 -50.75 80.87 -23.89
C ASP F 99 -49.40 80.60 -24.56
N PHE F 100 -49.37 80.71 -25.88
CA PHE F 100 -48.13 80.47 -26.62
C PHE F 100 -47.02 81.40 -26.15
N SER F 101 -47.35 82.66 -25.84
CA SER F 101 -46.37 83.61 -25.35
C SER F 101 -45.78 83.16 -24.01
N ARG F 102 -46.65 82.87 -23.04
CA ARG F 102 -46.17 82.44 -21.73
C ARG F 102 -45.37 81.15 -21.82
N TYR F 103 -45.85 80.18 -22.60
CA TYR F 103 -45.11 78.93 -22.78
C TYR F 103 -43.72 79.22 -23.35
N TYR F 104 -43.67 80.05 -24.40
CA TYR F 104 -42.39 80.45 -24.98
C TYR F 104 -41.50 81.11 -23.94
N LEU F 105 -42.08 81.93 -23.06
CA LEU F 105 -41.30 82.62 -22.05
C LEU F 105 -40.82 81.66 -20.96
N ALA F 106 -41.75 81.01 -20.28
CA ALA F 106 -41.41 80.03 -19.25
C ALA F 106 -40.44 78.99 -19.80
N THR F 107 -40.84 78.29 -20.84
CA THR F 107 -40.03 77.28 -21.51
C THR F 107 -39.22 77.95 -22.62
N GLY F 108 -38.28 78.81 -22.19
CA GLY F 108 -37.40 79.56 -23.08
C GLY F 108 -36.86 78.74 -24.22
N GLY F 109 -37.16 79.18 -25.45
CA GLY F 109 -36.77 78.46 -26.64
C GLY F 109 -37.83 77.49 -27.14
N GLY F 110 -39.07 77.62 -26.66
CA GLY F 110 -40.19 76.77 -27.00
C GLY F 110 -39.87 75.29 -27.09
N ASP F 111 -39.35 74.74 -26.00
CA ASP F 111 -38.98 73.33 -25.91
C ASP F 111 -40.04 72.58 -25.10
N ILE F 112 -40.63 71.55 -25.72
CA ILE F 112 -41.64 70.72 -25.08
C ILE F 112 -41.09 70.01 -23.84
N SER F 113 -39.79 69.71 -23.84
CA SER F 113 -39.17 68.96 -22.75
C SER F 113 -39.34 69.65 -21.40
N GLN F 114 -38.99 70.94 -21.31
CA GLN F 114 -39.08 71.64 -20.03
C GLN F 114 -40.51 71.62 -19.48
N ALA F 115 -41.52 71.80 -20.33
CA ALA F 115 -42.89 71.77 -19.83
C ALA F 115 -43.26 70.39 -19.30
N GLU F 116 -42.85 69.33 -20.00
CA GLU F 116 -43.15 67.98 -19.54
C GLU F 116 -42.47 67.69 -18.20
N VAL F 117 -41.21 68.13 -18.05
CA VAL F 117 -40.48 67.91 -16.80
C VAL F 117 -41.22 68.56 -15.64
N LEU F 118 -41.61 69.83 -15.80
CA LEU F 118 -42.33 70.55 -14.77
C LEU F 118 -43.64 69.84 -14.41
N LEU F 119 -44.34 69.33 -15.42
CA LEU F 119 -45.60 68.63 -15.17
C LEU F 119 -45.37 67.38 -14.33
N LYS F 120 -44.27 66.66 -14.58
CA LYS F 120 -43.98 65.45 -13.82
C LYS F 120 -43.81 65.75 -12.34
N ARG F 121 -43.01 66.77 -12.01
CA ARG F 121 -42.78 67.12 -10.62
C ARG F 121 -44.09 67.49 -9.92
N LYS F 122 -44.89 68.37 -10.53
CA LYS F 122 -46.16 68.76 -9.93
C LYS F 122 -47.11 67.57 -9.87
N PHE F 123 -47.24 66.83 -10.98
CA PHE F 123 -48.12 65.68 -11.01
C PHE F 123 -47.75 64.65 -9.94
N SER F 124 -46.45 64.31 -9.86
CA SER F 124 -45.98 63.36 -8.85
C SER F 124 -46.39 63.80 -7.45
N ASP F 125 -46.09 65.05 -7.09
CA ASP F 125 -46.46 65.57 -5.78
C ASP F 125 -47.97 65.50 -5.57
N ARG F 126 -48.74 66.00 -6.54
CA ARG F 126 -50.20 65.97 -6.44
C ARG F 126 -50.71 64.53 -6.33
N LEU F 127 -50.23 63.65 -7.21
CA LEU F 127 -50.67 62.26 -7.17
C LEU F 127 -50.22 61.57 -5.89
N ARG F 128 -48.93 61.71 -5.55
CA ARG F 128 -48.41 61.07 -4.34
C ARG F 128 -49.16 61.55 -3.10
N SER F 129 -49.45 62.85 -3.02
CA SER F 129 -50.18 63.38 -1.87
C SER F 129 -51.54 62.71 -1.73
N GLU F 130 -52.25 62.57 -2.86
CA GLU F 130 -53.55 61.91 -2.82
C GLU F 130 -53.41 60.45 -2.44
N ILE F 131 -52.51 59.72 -3.13
CA ILE F 131 -52.30 58.31 -2.85
C ILE F 131 -51.91 58.08 -1.39
N GLY F 132 -51.18 59.03 -0.79
CA GLY F 132 -50.79 58.89 0.60
C GLY F 132 -51.98 58.80 1.54
N ARG F 133 -53.03 59.56 1.23
CA ARG F 133 -54.25 59.58 2.03
C ARG F 133 -55.28 58.54 1.59
N LEU F 134 -55.05 57.84 0.49
CA LEU F 134 -55.98 56.86 -0.06
C LEU F 134 -55.49 55.43 0.17
N ASP F 135 -56.45 54.51 0.15
CA ASP F 135 -56.21 53.09 0.35
C ASP F 135 -56.07 52.40 -1.00
N VAL F 136 -55.34 51.28 -1.00
CA VAL F 136 -55.10 50.51 -2.22
C VAL F 136 -56.40 50.16 -2.92
N LYS F 137 -57.44 49.82 -2.14
CA LYS F 137 -58.72 49.45 -2.75
C LYS F 137 -59.34 50.62 -3.49
N ASP F 138 -59.28 51.81 -2.91
CA ASP F 138 -59.83 53.00 -3.56
C ASP F 138 -59.04 53.46 -4.77
N ILE F 139 -57.82 52.94 -4.97
CA ILE F 139 -56.96 53.33 -6.08
C ILE F 139 -57.09 52.34 -7.24
N VAL F 140 -57.49 51.10 -6.94
CA VAL F 140 -57.62 50.06 -7.96
C VAL F 140 -59.07 49.96 -8.42
N THR F 141 -60.02 50.37 -7.58
CA THR F 141 -61.43 50.32 -7.93
C THR F 141 -61.91 51.59 -8.63
N ASP F 142 -61.15 52.68 -8.55
CA ASP F 142 -61.53 53.94 -9.20
C ASP F 142 -61.73 53.74 -10.69
N SER F 143 -62.95 53.97 -11.15
CA SER F 143 -63.33 53.83 -12.55
C SER F 143 -63.86 55.12 -13.17
N ARG F 144 -64.04 56.18 -12.36
CA ARG F 144 -64.54 57.46 -12.81
C ARG F 144 -63.46 58.53 -12.83
N GLY F 145 -62.19 58.13 -12.76
CA GLY F 145 -61.06 59.05 -12.72
C GLY F 145 -61.24 60.21 -11.76
N ARG F 146 -61.76 59.93 -10.55
CA ARG F 146 -61.96 60.97 -9.56
C ARG F 146 -60.63 61.56 -9.13
N LEU F 147 -59.70 60.71 -8.71
CA LEU F 147 -58.38 61.18 -8.29
C LEU F 147 -57.63 61.82 -9.44
N THR F 148 -57.67 61.18 -10.63
CA THR F 148 -56.99 61.74 -11.78
C THR F 148 -57.60 63.08 -12.19
N LEU F 149 -58.92 63.19 -12.11
CA LEU F 149 -59.58 64.46 -12.44
C LEU F 149 -59.23 65.54 -11.43
N GLU F 150 -59.23 65.18 -10.14
CA GLU F 150 -58.90 66.15 -9.10
C GLU F 150 -57.48 66.68 -9.28
N VAL F 151 -56.53 65.79 -9.58
CA VAL F 151 -55.15 66.20 -9.81
C VAL F 151 -55.09 67.23 -10.93
N ARG F 152 -55.90 67.05 -11.98
CA ARG F 152 -55.92 68.00 -13.07
C ARG F 152 -56.40 69.37 -12.59
N ASP F 153 -57.42 69.38 -11.73
CA ASP F 153 -57.91 70.64 -11.18
C ASP F 153 -56.81 71.36 -10.42
N ALA F 154 -56.04 70.62 -9.62
CA ALA F 154 -54.95 71.23 -8.87
C ALA F 154 -53.85 71.73 -9.80
N LEU F 155 -53.50 70.94 -10.81
CA LEU F 155 -52.46 71.35 -11.75
C LEU F 155 -52.90 72.57 -12.55
N ASN F 156 -54.18 72.64 -12.92
CA ASN F 156 -54.66 73.78 -13.68
C ASN F 156 -54.80 75.01 -12.79
N SER F 157 -55.34 74.82 -11.58
CA SER F 157 -55.51 75.90 -10.60
C SER F 157 -54.96 75.38 -9.28
N GLY F 158 -53.91 76.03 -8.78
CA GLY F 158 -53.28 75.62 -7.55
C GLY F 158 -53.95 76.19 -6.32
N SER F 159 -53.16 76.30 -5.25
CA SER F 159 -53.60 76.82 -3.96
C SER F 159 -52.68 77.97 -3.54
N ALA F 160 -53.02 78.59 -2.43
CA ALA F 160 -52.25 79.71 -1.91
C ALA F 160 -52.60 79.98 -0.44
N PRO F 191 -59.02 85.83 -10.40
CA PRO F 191 -58.19 85.80 -11.61
C PRO F 191 -56.72 85.48 -11.33
N VAL F 192 -56.28 85.75 -10.09
CA VAL F 192 -54.90 85.47 -9.68
C VAL F 192 -54.48 84.08 -10.10
N ILE F 193 -53.32 83.98 -10.74
CA ILE F 193 -52.78 82.72 -11.23
C ILE F 193 -51.68 82.30 -10.25
N ASN F 194 -52.01 81.33 -9.40
CA ASN F 194 -51.06 80.78 -8.43
C ASN F 194 -49.74 80.40 -9.13
N PRO F 195 -48.58 80.71 -8.55
CA PRO F 195 -47.33 80.38 -9.26
C PRO F 195 -47.03 78.89 -9.32
N ASN F 196 -47.64 78.07 -8.47
CA ASN F 196 -47.45 76.63 -8.52
C ASN F 196 -48.45 75.94 -9.46
N SER F 197 -49.25 76.71 -10.18
CA SER F 197 -50.25 76.20 -11.10
C SER F 197 -49.69 76.12 -12.52
N MET F 198 -50.23 75.21 -13.31
CA MET F 198 -49.83 75.11 -14.71
C MET F 198 -50.38 76.27 -15.54
N ALA F 199 -51.30 77.06 -14.97
CA ALA F 199 -51.84 78.22 -15.68
C ALA F 199 -50.84 79.36 -15.75
N ALA F 200 -49.91 79.43 -14.78
CA ALA F 200 -48.90 80.48 -14.82
C ALA F 200 -48.03 80.34 -16.05
N LEU F 201 -47.84 79.11 -16.51
CA LEU F 201 -47.12 78.80 -17.73
C LEU F 201 -48.16 78.61 -18.84
N GLY F 202 -47.69 78.51 -20.07
CA GLY F 202 -48.61 78.34 -21.17
C GLY F 202 -48.94 76.88 -21.40
N ILE F 203 -49.56 76.25 -20.39
CA ILE F 203 -49.97 74.85 -20.47
C ILE F 203 -51.37 74.73 -19.88
N GLU F 204 -52.15 73.80 -20.45
CA GLU F 204 -53.50 73.52 -19.97
C GLU F 204 -53.69 72.00 -20.03
N VAL F 205 -53.70 71.34 -18.88
CA VAL F 205 -53.88 69.88 -18.85
C VAL F 205 -55.35 69.61 -19.08
N VAL F 206 -55.71 69.23 -20.31
CA VAL F 206 -57.11 68.98 -20.65
C VAL F 206 -57.64 67.72 -19.96
N ASP F 207 -56.78 66.71 -19.74
CA ASP F 207 -57.20 65.47 -19.12
C ASP F 207 -56.00 64.74 -18.53
N VAL F 208 -56.30 63.85 -17.58
CA VAL F 208 -55.31 63.03 -16.90
C VAL F 208 -55.94 61.66 -16.67
N ARG F 209 -55.23 60.61 -17.07
CA ARG F 209 -55.75 59.25 -16.93
C ARG F 209 -54.61 58.29 -16.60
N ILE F 210 -54.98 57.17 -15.97
CA ILE F 210 -54.06 56.12 -15.53
C ILE F 210 -54.31 54.90 -16.40
N LYS F 211 -53.29 54.49 -17.16
CA LYS F 211 -53.45 53.36 -18.07
C LYS F 211 -53.53 52.02 -17.33
N GLN F 212 -52.55 51.74 -16.47
CA GLN F 212 -52.53 50.46 -15.78
C GLN F 212 -51.84 50.59 -14.42
N ILE F 213 -52.53 50.12 -13.38
CA ILE F 213 -52.02 50.16 -12.01
C ILE F 213 -51.47 48.77 -11.71
N ASN F 214 -50.17 48.59 -11.95
CA ASN F 214 -49.54 47.31 -11.68
C ASN F 214 -49.22 47.21 -10.20
N LEU F 215 -48.51 46.16 -9.80
CA LEU F 215 -48.14 45.94 -8.41
C LEU F 215 -46.68 45.53 -8.33
N PRO F 216 -46.07 45.57 -7.14
CA PRO F 216 -44.68 45.13 -7.00
C PRO F 216 -44.52 43.65 -7.34
N THR F 217 -43.28 43.27 -7.65
CA THR F 217 -42.99 41.89 -7.99
C THR F 217 -43.27 40.96 -6.81
N GLU F 218 -42.96 41.40 -5.59
CA GLU F 218 -43.19 40.56 -4.42
C GLU F 218 -44.69 40.44 -4.13
N VAL F 219 -45.40 41.56 -4.16
CA VAL F 219 -46.85 41.56 -3.90
C VAL F 219 -47.58 40.71 -4.93
N SER F 220 -47.10 40.72 -6.18
CA SER F 220 -47.77 39.95 -7.23
C SER F 220 -47.54 38.45 -7.05
N GLU F 221 -46.38 38.06 -6.53
CA GLU F 221 -46.10 36.64 -6.33
C GLU F 221 -46.99 36.05 -5.24
N ALA F 222 -47.40 36.88 -4.27
CA ALA F 222 -48.25 36.39 -3.18
C ALA F 222 -49.69 36.23 -3.62
N ILE F 223 -50.15 37.01 -4.60
CA ILE F 223 -51.53 36.90 -5.06
C ILE F 223 -51.74 35.60 -5.82
N TYR F 224 -50.79 35.23 -6.68
CA TYR F 224 -50.90 33.99 -7.44
C TYR F 224 -50.94 32.78 -6.51
N ASN F 225 -50.10 32.77 -5.47
CA ASN F 225 -50.11 31.67 -4.52
C ASN F 225 -51.46 31.57 -3.82
N ARG F 226 -52.06 32.72 -3.49
CA ARG F 226 -53.36 32.72 -2.84
C ARG F 226 -54.41 32.12 -3.76
N MET F 227 -54.46 32.58 -5.01
CA MET F 227 -55.42 32.04 -5.96
C MET F 227 -55.12 30.56 -6.25
N ARG F 228 -53.84 30.22 -6.36
CA ARG F 228 -53.46 28.83 -6.60
C ARG F 228 -53.92 27.93 -5.45
N ALA F 229 -53.73 28.38 -4.21
CA ALA F 229 -54.12 27.58 -3.06
C ALA F 229 -55.63 27.34 -3.05
N GLU F 230 -56.42 28.37 -3.38
CA GLU F 230 -57.87 28.20 -3.40
C GLU F 230 -58.28 27.19 -4.46
N ARG F 231 -57.70 27.28 -5.65
CA ARG F 231 -58.04 26.34 -6.72
C ARG F 231 -57.62 24.91 -6.37
N GLU F 232 -56.44 24.75 -5.77
CA GLU F 232 -55.98 23.42 -5.39
C GLU F 232 -56.93 22.77 -4.39
N ALA F 233 -57.49 23.58 -3.47
CA ALA F 233 -58.40 23.05 -2.47
C ALA F 233 -59.61 22.38 -3.11
N VAL F 234 -60.23 23.05 -4.09
CA VAL F 234 -61.37 22.46 -4.77
C VAL F 234 -60.97 21.19 -5.50
N ALA F 235 -59.83 21.24 -6.21
CA ALA F 235 -59.35 20.05 -6.91
C ALA F 235 -59.07 18.91 -5.94
N ARG F 236 -58.43 19.22 -4.82
CA ARG F 236 -58.15 18.20 -3.80
C ARG F 236 -59.44 17.67 -3.20
N ARG F 237 -60.40 18.56 -2.93
CA ARG F 237 -61.67 18.15 -2.37
C ARG F 237 -62.40 17.20 -3.31
N HIS F 238 -62.42 17.53 -4.60
CA HIS F 238 -63.07 16.65 -5.58
C HIS F 238 -62.39 15.30 -5.65
N ARG F 239 -61.05 15.28 -5.68
CA ARG F 239 -60.32 14.03 -5.72
C ARG F 239 -60.62 13.17 -4.50
N SER F 240 -60.74 13.81 -3.33
CA SER F 240 -61.04 13.07 -2.10
C SER F 240 -62.42 12.44 -2.18
N GLN F 241 -63.39 13.15 -2.77
CA GLN F 241 -64.75 12.61 -2.91
C GLN F 241 -64.73 11.30 -3.70
N GLY F 242 -63.98 11.27 -4.80
CA GLY F 242 -63.90 10.05 -5.60
C GLY F 242 -63.33 8.88 -4.81
N GLN F 243 -62.28 9.14 -4.03
CA GLN F 243 -61.69 8.08 -3.22
C GLN F 243 -62.67 7.61 -2.16
N GLU F 244 -63.45 8.55 -1.60
CA GLU F 244 -64.46 8.18 -0.60
C GLU F 244 -65.51 7.26 -1.21
N GLU F 245 -66.05 7.66 -2.37
CA GLU F 245 -67.06 6.84 -3.04
C GLU F 245 -66.47 5.49 -3.45
N ALA F 246 -65.25 5.49 -3.99
CA ALA F 246 -64.63 4.24 -4.42
C ALA F 246 -64.44 3.28 -3.25
N GLU F 247 -64.02 3.79 -2.10
CA GLU F 247 -63.83 2.93 -0.93
C GLU F 247 -65.16 2.33 -0.48
N LYS F 248 -66.24 3.12 -0.50
CA LYS F 248 -67.54 2.60 -0.12
C LYS F 248 -67.97 1.47 -1.04
N LEU F 249 -67.81 1.65 -2.35
CA LEU F 249 -68.15 0.60 -3.31
C LEU F 249 -67.28 -0.63 -3.08
N ARG F 250 -65.98 -0.42 -2.85
CA ARG F 250 -65.08 -1.53 -2.60
C ARG F 250 -65.43 -2.24 -1.30
N ALA F 251 -65.86 -1.48 -0.29
CA ALA F 251 -66.18 -2.06 1.02
C ALA F 251 -67.33 -3.05 0.92
N THR F 252 -68.40 -2.67 0.21
CA THR F 252 -69.53 -3.58 0.06
C THR F 252 -69.14 -4.80 -0.78
N ALA F 253 -68.26 -4.61 -1.78
CA ALA F 253 -67.84 -5.73 -2.62
C ALA F 253 -67.18 -6.84 -1.79
N ASP F 254 -66.30 -6.47 -0.85
CA ASP F 254 -65.65 -7.48 -0.02
C ASP F 254 -66.67 -8.26 0.81
N TYR F 255 -67.73 -7.58 1.29
CA TYR F 255 -68.75 -8.25 2.07
C TYR F 255 -69.39 -9.39 1.30
N GLU F 256 -69.73 -9.15 0.02
CA GLU F 256 -70.35 -10.18 -0.78
C GLU F 256 -69.42 -11.37 -0.97
N VAL F 257 -68.13 -11.11 -1.20
CA VAL F 257 -67.16 -12.19 -1.37
C VAL F 257 -67.13 -13.07 -0.12
N THR F 258 -67.06 -12.45 1.05
CA THR F 258 -67.06 -13.22 2.30
C THR F 258 -68.37 -13.96 2.47
N ARG F 259 -69.50 -13.31 2.14
CA ARG F 259 -70.80 -13.96 2.26
C ARG F 259 -70.89 -15.18 1.37
N THR F 260 -70.47 -15.06 0.11
CA THR F 260 -70.50 -16.20 -0.80
C THR F 260 -69.58 -17.32 -0.31
N LEU F 261 -68.37 -16.97 0.12
CA LEU F 261 -67.44 -17.97 0.61
C LEU F 261 -67.97 -18.64 1.87
N ALA F 262 -68.62 -17.87 2.76
CA ALA F 262 -69.18 -18.45 3.97
C ALA F 262 -70.29 -19.42 3.66
N GLU F 263 -71.16 -19.07 2.69
CA GLU F 263 -72.24 -19.97 2.30
C GLU F 263 -71.67 -21.27 1.75
N ALA F 264 -70.65 -21.18 0.89
CA ALA F 264 -70.01 -22.36 0.34
C ALA F 264 -69.39 -23.22 1.43
N GLU F 265 -68.77 -22.58 2.42
CA GLU F 265 -68.16 -23.32 3.53
C GLU F 265 -69.24 -24.04 4.34
N ARG F 266 -70.40 -23.40 4.50
CA ARG F 266 -71.50 -24.02 5.23
C ARG F 266 -71.93 -25.30 4.53
N GLN F 267 -72.10 -25.24 3.20
CA GLN F 267 -72.49 -26.43 2.45
C GLN F 267 -71.41 -27.50 2.54
N GLY F 268 -70.13 -27.10 2.47
CA GLY F 268 -69.05 -28.06 2.56
C GLY F 268 -69.02 -28.78 3.90
N ARG F 269 -69.30 -28.04 4.98
CA ARG F 269 -69.32 -28.65 6.31
C ARG F 269 -70.41 -29.72 6.40
N ILE F 270 -71.57 -29.46 5.79
CA ILE F 270 -72.65 -30.44 5.80
C ILE F 270 -72.19 -31.73 5.12
N MET F 271 -71.53 -31.60 3.98
CA MET F 271 -71.03 -32.78 3.26
C MET F 271 -70.04 -33.55 4.12
N ARG F 272 -69.14 -32.83 4.80
CA ARG F 272 -68.16 -33.49 5.67
C ARG F 272 -68.87 -34.24 6.79
N GLY F 273 -69.95 -33.68 7.33
CA GLY F 273 -70.69 -34.36 8.38
C GLY F 273 -71.29 -35.66 7.90
N GLU F 274 -71.80 -35.67 6.66
CA GLU F 274 -72.37 -36.89 6.10
C GLU F 274 -71.34 -38.00 6.06
N GLY F 275 -70.14 -37.71 5.55
CA GLY F 275 -69.09 -38.72 5.52
C GLY F 275 -68.71 -39.19 6.90
N ASP F 276 -68.59 -38.26 7.86
CA ASP F 276 -68.27 -38.65 9.23
C ASP F 276 -69.37 -39.50 9.82
N ALA F 277 -70.63 -39.13 9.58
CA ALA F 277 -71.75 -39.93 10.09
C ALA F 277 -71.77 -41.29 9.42
N GLU F 278 -71.56 -41.33 8.11
CA GLU F 278 -71.53 -42.61 7.39
C GLU F 278 -70.42 -43.49 7.91
N ALA F 279 -69.23 -42.91 8.15
CA ALA F 279 -68.12 -43.69 8.68
C ALA F 279 -68.42 -44.18 10.08
N ALA F 280 -69.11 -43.37 10.88
CA ALA F 280 -69.46 -43.78 12.23
C ALA F 280 -70.39 -44.99 12.20
N LYS F 281 -71.30 -45.02 11.23
CA LYS F 281 -72.22 -46.16 11.09
C LYS F 281 -71.44 -47.44 10.85
N LEU F 282 -70.48 -47.40 9.93
CA LEU F 282 -69.67 -48.57 9.62
C LEU F 282 -68.83 -48.99 10.82
N PHE F 283 -68.08 -48.04 11.40
CA PHE F 283 -67.25 -48.34 12.56
C PHE F 283 -68.09 -48.84 13.72
N ALA F 284 -69.26 -48.24 13.94
CA ALA F 284 -70.14 -48.66 15.04
C ALA F 284 -70.47 -50.15 14.94
N ASP F 285 -71.07 -50.57 13.84
CA ASP F 285 -71.45 -51.98 13.69
C ASP F 285 -70.24 -52.89 13.55
N ALA F 286 -69.28 -52.50 12.69
CA ALA F 286 -68.09 -53.30 12.46
C ALA F 286 -67.35 -53.65 13.75
N PHE F 287 -67.16 -52.67 14.62
CA PHE F 287 -66.46 -52.87 15.89
C PHE F 287 -67.39 -53.28 17.03
N SER F 288 -68.71 -53.17 16.85
CA SER F 288 -69.65 -53.55 17.91
C SER F 288 -69.57 -55.04 18.23
N LYS F 289 -69.24 -55.87 17.24
CA LYS F 289 -69.14 -57.31 17.48
C LYS F 289 -68.07 -57.61 18.53
N ASP F 290 -66.97 -56.85 18.52
CA ASP F 290 -65.87 -57.06 19.47
C ASP F 290 -65.14 -55.76 19.71
N PRO F 291 -65.73 -54.85 20.50
CA PRO F 291 -65.06 -53.58 20.79
C PRO F 291 -63.82 -53.73 21.66
N ASP F 292 -63.71 -54.84 22.39
CA ASP F 292 -62.53 -55.07 23.23
C ASP F 292 -61.31 -55.31 22.35
N PHE F 293 -61.44 -56.22 21.39
CA PHE F 293 -60.31 -56.50 20.50
C PHE F 293 -60.03 -55.30 19.59
N TYR F 294 -61.09 -54.60 19.16
CA TYR F 294 -60.90 -53.41 18.33
C TYR F 294 -60.13 -52.35 19.10
N ALA F 295 -60.46 -52.14 20.38
CA ALA F 295 -59.75 -51.15 21.17
C ALA F 295 -58.31 -51.58 21.39
N PHE F 296 -58.07 -52.89 21.52
CA PHE F 296 -56.71 -53.39 21.65
C PHE F 296 -55.91 -53.07 20.40
N ILE F 297 -56.47 -53.41 19.23
CA ILE F 297 -55.82 -53.13 17.96
C ILE F 297 -55.71 -51.63 17.74
N ARG F 298 -56.79 -50.89 18.02
CA ARG F 298 -56.77 -49.45 17.82
C ARG F 298 -55.84 -48.76 18.82
N SER F 299 -55.73 -49.29 20.04
CA SER F 299 -54.82 -48.68 21.00
C SER F 299 -53.37 -48.99 20.62
N LEU F 300 -53.08 -50.26 20.32
CA LEU F 300 -51.73 -50.63 19.87
C LEU F 300 -51.36 -49.84 18.63
N ARG F 301 -52.32 -49.65 17.72
CA ARG F 301 -52.09 -48.86 16.52
C ARG F 301 -51.86 -47.41 16.87
N ALA F 302 -52.70 -46.86 17.74
CA ALA F 302 -52.57 -45.46 18.16
C ALA F 302 -51.21 -45.19 18.80
N TYR F 303 -50.69 -46.15 19.58
CA TYR F 303 -49.40 -45.95 20.24
C TYR F 303 -48.29 -45.71 19.22
N GLU F 304 -48.04 -46.72 18.36
CA GLU F 304 -47.00 -46.60 17.33
C GLU F 304 -47.16 -45.35 16.48
N ASN F 305 -48.41 -44.90 16.28
CA ASN F 305 -48.66 -43.68 15.51
C ASN F 305 -48.01 -42.47 16.17
N SER F 306 -48.25 -42.29 17.47
CA SER F 306 -47.72 -41.15 18.21
C SER F 306 -46.30 -41.41 18.71
N PHE F 307 -46.09 -42.53 19.40
CA PHE F 307 -44.77 -42.89 19.93
C PHE F 307 -43.67 -42.83 18.89
N SER F 308 -43.99 -43.08 17.62
CA SER F 308 -43.04 -43.00 16.50
C SER F 308 -42.11 -41.80 16.64
N GLY F 309 -42.70 -40.61 16.86
CA GLY F 309 -41.95 -39.41 17.12
C GLY F 309 -40.93 -39.65 18.22
N ASN F 310 -39.65 -39.48 17.93
CA ASN F 310 -38.60 -39.80 18.90
C ASN F 310 -38.35 -38.71 19.93
N GLN F 311 -39.05 -37.57 19.87
CA GLN F 311 -38.86 -36.54 20.88
C GLN F 311 -39.24 -37.03 22.27
N ASP F 312 -40.07 -38.07 22.37
CA ASP F 312 -40.50 -38.65 23.63
C ASP F 312 -39.41 -39.52 24.23
N VAL F 313 -39.51 -39.76 25.54
CA VAL F 313 -38.57 -40.60 26.26
C VAL F 313 -39.36 -41.43 27.27
N MET F 314 -39.21 -42.75 27.19
CA MET F 314 -39.91 -43.71 28.06
C MET F 314 -38.92 -44.34 29.03
N VAL F 315 -39.20 -44.21 30.33
CA VAL F 315 -38.36 -44.77 31.38
C VAL F 315 -39.08 -46.00 31.93
N MET F 316 -38.66 -47.18 31.47
CA MET F 316 -39.20 -48.46 31.91
C MET F 316 -38.36 -48.96 33.09
N SER F 317 -38.58 -50.21 33.49
CA SER F 317 -37.87 -50.84 34.58
C SER F 317 -37.58 -52.29 34.21
N PRO F 318 -36.51 -52.89 34.75
CA PRO F 318 -36.20 -54.28 34.39
C PRO F 318 -37.26 -55.28 34.81
N ASP F 319 -38.14 -54.95 35.76
CA ASP F 319 -39.18 -55.85 36.21
C ASP F 319 -40.49 -55.72 35.43
N SER F 320 -40.58 -54.73 34.55
CA SER F 320 -41.77 -54.53 33.71
C SER F 320 -42.18 -55.83 33.02
N ASP F 321 -43.50 -56.01 32.88
CA ASP F 321 -44.06 -57.22 32.28
C ASP F 321 -43.43 -57.56 30.93
N PHE F 322 -43.38 -56.60 30.00
CA PHE F 322 -42.80 -56.90 28.69
C PHE F 322 -41.32 -57.26 28.79
N PHE F 323 -40.64 -56.83 29.86
CA PHE F 323 -39.24 -57.12 30.09
C PHE F 323 -39.06 -58.21 31.13
N ARG F 324 -40.09 -59.03 31.35
CA ARG F 324 -40.02 -60.12 32.30
C ARG F 324 -39.00 -61.15 31.87
N TYR F 325 -38.89 -61.40 30.56
CA TYR F 325 -37.92 -62.36 30.04
C TYR F 325 -36.50 -61.83 30.04
N MET F 326 -36.29 -60.59 30.50
CA MET F 326 -34.94 -60.02 30.61
C MET F 326 -34.19 -60.58 31.82
N LYS F 327 -34.83 -61.44 32.61
CA LYS F 327 -34.24 -62.07 33.79
C LYS F 327 -34.00 -63.54 33.50
N THR F 328 -32.94 -64.07 34.11
CA THR F 328 -32.55 -65.47 33.93
C THR F 328 -33.75 -66.39 34.14
N PRO F 329 -33.95 -67.43 33.28
CA PRO F 329 -35.10 -68.30 33.47
C PRO F 329 -34.86 -69.38 34.52
N ARG G 79 -3.95 113.83 -46.01
CA ARG G 79 -5.10 113.02 -46.40
C ARG G 79 -4.98 111.59 -45.84
N VAL G 80 -3.74 111.12 -45.67
CA VAL G 80 -3.52 109.79 -45.14
C VAL G 80 -3.97 109.70 -43.68
N VAL G 81 -3.83 110.80 -42.93
CA VAL G 81 -4.24 110.79 -41.52
C VAL G 81 -5.76 110.66 -41.43
N THR G 82 -6.49 111.28 -42.34
CA THR G 82 -7.95 111.21 -42.32
C THR G 82 -8.43 109.78 -42.52
N ILE G 83 -7.77 109.03 -43.41
CA ILE G 83 -8.14 107.64 -43.68
C ILE G 83 -8.00 106.79 -42.42
N ALA G 84 -6.92 107.01 -41.67
CA ALA G 84 -6.68 106.22 -40.46
C ALA G 84 -7.77 106.44 -39.43
N ALA G 85 -8.23 107.68 -39.26
CA ALA G 85 -9.28 107.97 -38.28
C ALA G 85 -10.57 107.25 -38.62
N ALA G 86 -10.95 107.25 -39.90
CA ALA G 86 -12.17 106.59 -40.34
C ALA G 86 -12.14 105.10 -40.05
N ALA G 87 -11.00 104.44 -40.31
CA ALA G 87 -10.90 103.00 -40.14
C ALA G 87 -11.09 102.56 -38.67
N ILE G 88 -10.54 103.32 -37.73
CA ILE G 88 -10.61 102.91 -36.33
C ILE G 88 -12.02 103.02 -35.76
N VAL G 89 -12.81 104.02 -36.18
CA VAL G 89 -14.15 104.17 -35.61
C VAL G 89 -15.08 103.04 -36.00
N ILE G 90 -14.96 102.50 -37.22
CA ILE G 90 -15.87 101.43 -37.66
C ILE G 90 -15.69 100.18 -36.81
N ILE G 91 -14.44 99.79 -36.54
CA ILE G 91 -14.19 98.59 -35.75
C ILE G 91 -14.72 98.76 -34.33
N TRP G 92 -14.56 99.96 -33.76
CA TRP G 92 -15.05 100.21 -32.41
C TRP G 92 -16.56 100.00 -32.33
N ALA G 93 -17.30 100.55 -33.29
CA ALA G 93 -18.76 100.40 -33.29
C ALA G 93 -19.18 98.96 -33.58
N ALA G 94 -18.50 98.30 -34.53
CA ALA G 94 -18.84 96.93 -34.90
C ALA G 94 -18.79 95.99 -33.71
N SER G 95 -17.61 95.87 -33.09
CA SER G 95 -17.46 94.99 -31.93
C SER G 95 -18.36 95.45 -30.78
N GLY G 96 -18.51 96.76 -30.61
CA GLY G 96 -19.36 97.28 -29.54
C GLY G 96 -20.77 96.74 -29.57
N PHE G 97 -21.36 96.61 -30.76
CA PHE G 97 -22.72 96.11 -30.87
C PHE G 97 -22.77 94.65 -30.44
N TYR G 98 -23.77 94.30 -29.63
CA TYR G 98 -23.94 92.96 -29.12
C TYR G 98 -25.41 92.67 -28.91
N THR G 99 -25.79 91.40 -29.11
CA THR G 99 -27.15 90.94 -28.95
C THR G 99 -27.22 89.99 -27.76
N ILE G 100 -28.27 90.11 -26.97
CA ILE G 100 -28.50 89.28 -25.79
C ILE G 100 -29.75 88.45 -26.02
N LYS G 101 -29.66 87.17 -25.67
CA LYS G 101 -30.77 86.23 -25.86
C LYS G 101 -31.98 86.65 -25.02
N GLU G 102 -33.10 85.99 -25.28
CA GLU G 102 -34.34 86.31 -24.58
C GLU G 102 -34.33 85.75 -23.16
N ALA G 103 -33.75 84.57 -22.97
CA ALA G 103 -33.65 83.98 -21.64
C ALA G 103 -32.49 84.55 -20.83
N GLU G 104 -31.71 85.47 -21.41
CA GLU G 104 -30.59 86.12 -20.74
C GLU G 104 -30.84 87.61 -20.63
N ARG G 105 -30.20 88.22 -19.62
CA ARG G 105 -30.27 89.66 -19.39
C ARG G 105 -28.85 90.15 -19.21
N GLY G 106 -28.32 90.85 -20.22
CA GLY G 106 -26.98 91.38 -20.13
C GLY G 106 -26.85 92.36 -18.98
N VAL G 107 -25.64 92.42 -18.42
CA VAL G 107 -25.33 93.33 -17.32
C VAL G 107 -24.15 94.18 -17.79
N VAL G 108 -24.41 95.35 -18.34
CA VAL G 108 -23.32 96.21 -18.77
C VAL G 108 -22.63 96.75 -17.54
N THR G 109 -21.29 96.70 -17.54
CA THR G 109 -20.49 97.12 -16.39
C THR G 109 -19.31 97.99 -16.81
N ARG G 110 -19.10 99.10 -16.11
CA ARG G 110 -17.93 99.93 -16.32
C ARG G 110 -16.71 99.10 -15.93
N PHE G 111 -15.50 99.63 -16.21
CA PHE G 111 -14.25 98.90 -15.97
C PHE G 111 -14.26 98.16 -14.64
N GLY G 112 -14.46 98.88 -13.53
CA GLY G 112 -14.63 98.27 -12.23
C GLY G 112 -16.07 98.24 -11.76
N LYS G 113 -16.75 99.37 -12.00
CA LYS G 113 -18.12 99.60 -11.56
C LYS G 113 -19.17 99.05 -12.51
N PHE G 114 -20.30 98.64 -11.94
CA PHE G 114 -21.46 98.23 -12.72
C PHE G 114 -22.11 99.50 -13.28
N SER G 115 -22.66 99.42 -14.49
CA SER G 115 -23.25 100.59 -15.14
C SER G 115 -24.77 100.59 -15.16
N HIS G 116 -25.39 99.53 -15.68
CA HIS G 116 -26.85 99.46 -15.76
C HIS G 116 -27.22 98.08 -16.30
N LEU G 117 -28.50 97.73 -16.15
CA LEU G 117 -29.03 96.46 -16.62
C LEU G 117 -29.72 96.71 -17.97
N VAL G 118 -29.25 96.02 -19.00
CA VAL G 118 -29.79 96.16 -20.35
C VAL G 118 -30.89 95.12 -20.55
N GLU G 119 -31.97 95.55 -21.21
CA GLU G 119 -33.12 94.72 -21.51
C GLU G 119 -32.97 94.12 -22.89
N PRO G 120 -33.72 93.05 -23.20
CA PRO G 120 -33.58 92.38 -24.51
C PRO G 120 -33.64 93.32 -25.70
N GLY G 121 -33.02 92.88 -26.80
CA GLY G 121 -32.92 93.62 -28.04
C GLY G 121 -31.47 93.83 -28.39
N LEU G 122 -31.18 94.76 -29.30
CA LEU G 122 -29.82 95.06 -29.70
C LEU G 122 -29.38 96.36 -29.03
N ASN G 123 -28.35 96.26 -28.19
CA ASN G 123 -27.78 97.41 -27.50
C ASN G 123 -26.34 97.59 -27.96
N TRP G 124 -25.73 98.70 -27.55
CA TRP G 124 -24.35 99.00 -27.86
C TRP G 124 -23.56 99.27 -26.59
N LYS G 125 -22.34 98.74 -26.53
CA LYS G 125 -21.44 98.96 -25.41
C LYS G 125 -20.08 99.36 -25.98
N PRO G 126 -19.49 100.48 -25.56
CA PRO G 126 -18.15 100.82 -26.07
C PRO G 126 -17.14 99.72 -25.76
N THR G 127 -16.58 99.13 -26.82
CA THR G 127 -15.64 98.04 -26.67
C THR G 127 -14.36 98.49 -25.97
N PHE G 128 -13.90 97.67 -25.03
CA PHE G 128 -12.72 97.87 -24.19
C PHE G 128 -12.98 98.86 -23.06
N ILE G 129 -14.18 99.43 -22.95
CA ILE G 129 -14.53 100.36 -21.89
C ILE G 129 -15.46 99.70 -20.87
N ASP G 130 -16.55 99.08 -21.35
CA ASP G 130 -17.49 98.38 -20.52
C ASP G 130 -17.71 96.99 -21.11
N GLU G 131 -18.15 96.06 -20.26
CA GLU G 131 -18.39 94.67 -20.66
C GLU G 131 -19.74 94.20 -20.14
N VAL G 132 -20.35 93.28 -20.88
CA VAL G 132 -21.65 92.71 -20.54
C VAL G 132 -21.45 91.25 -20.15
N LYS G 133 -22.22 90.80 -19.15
CA LYS G 133 -22.18 89.43 -18.65
C LYS G 133 -23.57 88.83 -18.76
N PRO G 134 -23.85 87.94 -19.73
CA PRO G 134 -25.20 87.37 -19.81
C PRO G 134 -25.41 86.25 -18.80
N VAL G 135 -26.49 86.37 -18.04
CA VAL G 135 -26.91 85.40 -17.03
C VAL G 135 -28.27 84.84 -17.44
N ASN G 136 -28.42 83.51 -17.36
CA ASN G 136 -29.69 82.90 -17.74
C ASN G 136 -30.66 83.10 -16.59
N VAL G 137 -31.50 84.14 -16.70
CA VAL G 137 -32.47 84.48 -15.67
C VAL G 137 -33.82 83.78 -15.87
N GLU G 138 -34.00 83.06 -16.97
CA GLU G 138 -35.25 82.37 -17.29
C GLU G 138 -35.13 80.86 -17.25
N ALA G 139 -33.99 80.31 -17.69
CA ALA G 139 -33.80 78.87 -17.67
C ALA G 139 -33.93 78.33 -16.25
N VAL G 140 -34.52 77.15 -16.12
CA VAL G 140 -34.76 76.52 -14.83
C VAL G 140 -33.64 75.53 -14.55
N ARG G 141 -32.86 75.82 -13.50
CA ARG G 141 -31.74 74.99 -13.10
C ARG G 141 -32.24 73.92 -12.11
N GLU G 142 -31.38 72.94 -11.83
CA GLU G 142 -31.69 71.84 -10.93
C GLU G 142 -30.56 71.64 -9.95
N LEU G 143 -30.91 71.11 -8.77
CA LEU G 143 -29.94 70.87 -7.70
C LEU G 143 -30.41 69.65 -6.92
N ALA G 144 -29.82 68.49 -7.22
CA ALA G 144 -30.17 67.25 -6.54
C ALA G 144 -29.32 67.15 -5.27
N ALA G 145 -30.00 67.03 -4.13
CA ALA G 145 -29.35 66.96 -2.82
C ALA G 145 -29.73 65.65 -2.14
N SER G 146 -28.71 64.88 -1.74
CA SER G 146 -28.89 63.60 -1.08
C SER G 146 -27.92 63.52 0.09
N GLY G 147 -27.99 62.44 0.84
CA GLY G 147 -27.11 62.20 1.96
C GLY G 147 -27.76 61.28 2.98
N VAL G 148 -26.91 60.59 3.74
CA VAL G 148 -27.35 59.64 4.76
C VAL G 148 -27.51 60.44 6.07
N MET G 149 -28.68 61.02 6.27
CA MET G 149 -28.96 61.78 7.46
C MET G 149 -29.43 60.86 8.59
N LEU G 150 -29.41 61.40 9.81
CA LEU G 150 -29.83 60.68 11.01
C LEU G 150 -31.22 61.13 11.44
N THR G 151 -32.07 60.16 11.78
CA THR G 151 -33.44 60.44 12.19
C THR G 151 -33.48 60.77 13.68
N SER G 152 -34.70 60.86 14.24
CA SER G 152 -34.89 61.19 15.64
C SER G 152 -34.91 59.99 16.57
N ASP G 153 -34.94 58.77 16.02
CA ASP G 153 -34.96 57.54 16.82
C ASP G 153 -33.64 56.78 16.71
N GLU G 154 -32.55 57.48 16.38
CA GLU G 154 -31.20 56.91 16.24
C GLU G 154 -31.10 55.94 15.07
N ASN G 155 -32.04 56.01 14.13
CA ASN G 155 -32.04 55.16 12.95
C ASN G 155 -31.45 55.89 11.75
N VAL G 156 -30.94 55.12 10.80
CA VAL G 156 -30.33 55.65 9.59
C VAL G 156 -31.31 55.49 8.46
N VAL G 157 -31.40 56.51 7.60
CA VAL G 157 -32.31 56.50 6.45
C VAL G 157 -31.59 57.06 5.24
N ARG G 158 -31.67 56.36 4.11
CA ARG G 158 -31.06 56.81 2.86
C ARG G 158 -32.09 57.70 2.17
N VAL G 159 -31.91 59.01 2.30
CA VAL G 159 -32.84 59.99 1.74
C VAL G 159 -32.20 60.70 0.56
N GLU G 160 -33.00 60.95 -0.47
CA GLU G 160 -32.59 61.68 -1.67
C GLU G 160 -33.67 62.70 -1.98
N MET G 161 -33.25 63.90 -2.40
CA MET G 161 -34.17 64.97 -2.74
C MET G 161 -33.69 65.69 -3.99
N ASN G 162 -34.64 66.31 -4.69
CA ASN G 162 -34.38 67.08 -5.89
C ASN G 162 -34.95 68.47 -5.69
N VAL G 163 -34.16 69.49 -6.02
CA VAL G 163 -34.56 70.89 -5.86
C VAL G 163 -34.39 71.59 -7.20
N GLN G 164 -35.50 71.92 -7.85
CA GLN G 164 -35.49 72.65 -9.11
C GLN G 164 -35.60 74.13 -8.76
N TYR G 165 -34.68 74.93 -9.29
CA TYR G 165 -34.62 76.35 -8.95
C TYR G 165 -34.23 77.17 -10.17
N ARG G 166 -34.21 78.49 -9.96
CA ARG G 166 -33.89 79.48 -10.97
C ARG G 166 -32.93 80.49 -10.33
N VAL G 167 -32.55 81.50 -11.11
CA VAL G 167 -31.64 82.55 -10.67
C VAL G 167 -32.39 83.87 -10.82
N THR G 168 -31.78 84.97 -10.39
CA THR G 168 -32.38 86.30 -10.39
C THR G 168 -31.30 87.30 -10.81
N ASN G 169 -31.59 88.59 -10.62
CA ASN G 169 -30.74 89.73 -10.99
C ASN G 169 -29.28 89.46 -10.64
N PRO G 170 -28.35 89.50 -11.62
CA PRO G 170 -26.95 89.16 -11.31
C PRO G 170 -26.26 90.10 -10.33
N GLU G 171 -26.84 91.23 -9.95
CA GLU G 171 -26.14 92.09 -9.00
C GLU G 171 -26.02 91.39 -7.66
N LYS G 172 -27.04 90.62 -7.28
CA LYS G 172 -27.00 89.84 -6.05
C LYS G 172 -26.28 88.51 -6.28
N TYR G 173 -26.77 87.71 -7.23
CA TYR G 173 -26.21 86.40 -7.53
C TYR G 173 -24.71 86.43 -7.80
N LEU G 174 -24.23 87.45 -8.49
CA LEU G 174 -22.82 87.52 -8.86
C LEU G 174 -21.93 88.15 -7.79
N TYR G 175 -22.43 89.09 -6.98
CA TYR G 175 -21.60 89.76 -5.98
C TYR G 175 -22.20 89.68 -4.57
N SER G 176 -22.75 88.54 -4.19
CA SER G 176 -23.25 88.32 -2.83
C SER G 176 -22.44 87.25 -2.08
N VAL G 177 -22.31 86.07 -2.67
CA VAL G 177 -21.59 84.95 -2.07
C VAL G 177 -20.75 84.27 -3.14
N THR G 178 -19.60 83.75 -2.73
CA THR G 178 -18.74 83.03 -3.67
C THR G 178 -19.39 81.68 -3.97
N SER G 179 -19.30 81.26 -5.25
CA SER G 179 -19.93 80.04 -5.74
C SER G 179 -21.35 79.92 -5.21
N PRO G 180 -22.27 80.80 -5.63
CA PRO G 180 -23.64 80.74 -5.09
C PRO G 180 -24.35 79.42 -5.37
N ASP G 181 -24.10 78.81 -6.52
CA ASP G 181 -24.71 77.52 -6.83
C ASP G 181 -24.23 76.45 -5.86
N ASP G 182 -22.91 76.39 -5.64
CA ASP G 182 -22.35 75.40 -4.72
C ASP G 182 -22.73 75.70 -3.28
N SER G 183 -22.71 76.97 -2.89
CA SER G 183 -23.06 77.35 -1.52
C SER G 183 -24.46 76.89 -1.15
N LEU G 184 -25.41 77.01 -2.08
CA LEU G 184 -26.77 76.59 -1.78
C LEU G 184 -26.86 75.09 -1.53
N ARG G 185 -26.02 74.30 -2.22
CA ARG G 185 -26.03 72.86 -1.99
C ARG G 185 -25.68 72.54 -0.54
N GLN G 186 -24.72 73.29 0.01
CA GLN G 186 -24.34 73.08 1.41
C GLN G 186 -25.47 73.46 2.34
N ALA G 187 -26.16 74.58 2.04
CA ALA G 187 -27.30 74.99 2.85
C ALA G 187 -28.40 73.94 2.80
N THR G 188 -28.61 73.33 1.63
CA THR G 188 -29.64 72.30 1.49
C THR G 188 -29.32 71.09 2.36
N ASP G 189 -28.04 70.70 2.41
CA ASP G 189 -27.63 69.56 3.22
C ASP G 189 -27.90 69.83 4.69
N SER G 190 -27.54 71.03 5.17
CA SER G 190 -27.77 71.38 6.57
C SER G 190 -29.26 71.35 6.90
N ALA G 191 -30.09 71.86 5.99
CA ALA G 191 -31.53 71.86 6.21
C ALA G 191 -32.09 70.44 6.22
N LEU G 192 -31.68 69.62 5.25
CA LEU G 192 -32.17 68.25 5.16
C LEU G 192 -31.82 67.45 6.40
N ARG G 193 -30.57 67.55 6.88
CA ARG G 193 -30.17 66.82 8.07
C ARG G 193 -30.92 67.31 9.30
N GLY G 194 -30.98 68.64 9.49
CA GLY G 194 -31.67 69.18 10.63
C GLY G 194 -33.14 68.78 10.67
N VAL G 195 -33.82 68.92 9.55
CA VAL G 195 -35.24 68.58 9.47
C VAL G 195 -35.44 67.09 9.74
N ILE G 196 -34.69 66.23 9.03
CA ILE G 196 -34.78 64.78 9.24
C ILE G 196 -34.52 64.43 10.69
N GLY G 197 -33.59 65.15 11.34
CA GLY G 197 -33.27 64.89 12.73
C GLY G 197 -34.46 64.99 13.66
N LYS G 198 -35.44 65.83 13.33
CA LYS G 198 -36.60 66.01 14.19
C LYS G 198 -37.59 64.85 14.07
N TYR G 199 -37.84 64.37 12.85
CA TYR G 199 -38.79 63.29 12.63
C TYR G 199 -38.11 61.93 12.70
N THR G 200 -38.91 60.90 12.95
CA THR G 200 -38.44 59.53 13.04
C THR G 200 -38.38 58.89 11.66
N MET G 201 -37.66 57.76 11.57
CA MET G 201 -37.48 57.06 10.30
C MET G 201 -38.80 56.59 9.69
N ASP G 202 -39.64 55.89 10.47
CA ASP G 202 -40.89 55.37 9.94
C ASP G 202 -41.78 56.49 9.39
N ARG G 203 -41.88 57.60 10.11
CA ARG G 203 -42.68 58.72 9.66
C ARG G 203 -42.13 59.29 8.35
N ILE G 204 -40.83 59.57 8.31
CA ILE G 204 -40.19 60.16 7.14
C ILE G 204 -40.39 59.30 5.90
N LEU G 205 -40.55 57.99 6.06
CA LEU G 205 -40.67 57.13 4.90
C LEU G 205 -42.02 57.27 4.20
N THR G 206 -43.13 57.32 4.96
CA THR G 206 -44.46 57.42 4.38
C THR G 206 -45.20 58.72 4.64
N GLU G 207 -45.33 59.12 5.91
CA GLU G 207 -46.10 60.32 6.29
C GLU G 207 -45.29 61.60 6.31
N GLY G 208 -44.10 61.56 6.92
CA GLY G 208 -43.28 62.75 7.06
C GLY G 208 -42.87 63.39 5.75
N ARG G 209 -42.75 62.58 4.68
CA ARG G 209 -42.34 63.04 3.36
C ARG G 209 -42.98 64.37 2.94
N THR G 210 -44.30 64.48 3.08
CA THR G 210 -44.97 65.72 2.71
C THR G 210 -44.54 66.89 3.59
N VAL G 211 -44.42 66.66 4.91
CA VAL G 211 -43.99 67.73 5.81
C VAL G 211 -42.47 67.89 5.81
N ILE G 212 -41.73 66.92 5.25
CA ILE G 212 -40.27 67.03 5.19
C ILE G 212 -39.87 68.00 4.09
N ARG G 213 -40.54 67.91 2.92
CA ARG G 213 -40.23 68.81 1.82
C ARG G 213 -40.61 70.25 2.16
N SER G 214 -41.56 70.46 3.07
CA SER G 214 -41.98 71.80 3.44
C SER G 214 -41.01 72.42 4.44
N ASP G 215 -40.65 71.68 5.49
CA ASP G 215 -39.72 72.20 6.48
C ASP G 215 -38.34 72.42 5.85
N THR G 216 -37.86 71.44 5.10
CA THR G 216 -36.56 71.57 4.44
C THR G 216 -36.57 72.74 3.46
N GLN G 217 -37.69 72.94 2.76
CA GLN G 217 -37.78 74.06 1.83
C GLN G 217 -37.81 75.38 2.58
N ARG G 218 -38.59 75.46 3.65
CA ARG G 218 -38.65 76.68 4.45
C ARG G 218 -37.31 76.92 5.15
N GLU G 219 -36.71 75.85 5.70
CA GLU G 219 -35.42 75.98 6.37
C GLU G 219 -34.34 76.38 5.37
N LEU G 220 -34.33 75.73 4.20
CA LEU G 220 -33.33 76.06 3.18
C LEU G 220 -33.47 77.50 2.73
N GLU G 221 -34.70 77.97 2.52
CA GLU G 221 -34.91 79.36 2.13
C GLU G 221 -34.47 80.29 3.25
N GLU G 222 -34.87 79.98 4.48
CA GLU G 222 -34.45 80.77 5.64
C GLU G 222 -32.94 80.72 5.81
N THR G 223 -32.32 79.58 5.47
CA THR G 223 -30.87 79.45 5.61
C THR G 223 -30.13 80.37 4.65
N ILE G 224 -30.70 80.63 3.46
CA ILE G 224 -30.03 81.49 2.47
C ILE G 224 -30.58 82.90 2.45
N ARG G 225 -31.50 83.24 3.35
CA ARG G 225 -31.98 84.64 3.40
C ARG G 225 -30.86 85.56 3.86
N PRO G 226 -30.18 85.29 4.99
CA PRO G 226 -29.05 86.16 5.39
C PRO G 226 -27.97 86.26 4.33
N TYR G 227 -27.70 85.15 3.63
CA TYR G 227 -26.65 85.11 2.60
C TYR G 227 -26.83 86.21 1.57
N ASP G 228 -28.08 86.48 1.18
CA ASP G 228 -28.49 87.50 0.21
C ASP G 228 -28.24 87.06 -1.23
N MET G 229 -27.90 85.79 -1.47
CA MET G 229 -27.68 85.30 -2.83
C MET G 229 -28.92 85.57 -3.69
N GLY G 230 -28.71 85.66 -5.00
CA GLY G 230 -29.81 85.91 -5.90
C GLY G 230 -30.51 84.68 -6.41
N ILE G 231 -30.24 83.52 -5.82
CA ILE G 231 -30.92 82.29 -6.22
C ILE G 231 -32.32 82.29 -5.63
N THR G 232 -33.31 81.88 -6.42
CA THR G 232 -34.70 81.82 -6.00
C THR G 232 -35.16 80.37 -6.05
N LEU G 233 -35.78 79.91 -4.97
CA LEU G 233 -36.28 78.54 -4.89
C LEU G 233 -37.63 78.45 -5.60
N LEU G 234 -37.72 77.55 -6.58
CA LEU G 234 -38.96 77.34 -7.31
C LEU G 234 -39.81 76.24 -6.69
N ASP G 235 -39.23 75.06 -6.50
CA ASP G 235 -39.93 73.94 -5.90
C ASP G 235 -38.92 72.97 -5.30
N VAL G 236 -39.34 72.30 -4.23
CA VAL G 236 -38.54 71.31 -3.52
C VAL G 236 -39.35 70.01 -3.59
N ASN G 237 -38.96 69.12 -4.50
CA ASN G 237 -39.67 67.86 -4.72
C ASN G 237 -38.86 66.69 -4.16
N PHE G 238 -39.29 66.21 -3.00
CA PHE G 238 -38.68 65.04 -2.36
C PHE G 238 -38.73 63.85 -3.31
N GLN G 239 -37.64 63.06 -3.35
CA GLN G 239 -37.57 61.93 -4.26
C GLN G 239 -37.79 60.58 -3.57
N ALA G 240 -37.04 60.26 -2.52
CA ALA G 240 -37.20 58.98 -1.85
C ALA G 240 -36.73 59.08 -0.40
N ALA G 241 -37.27 58.19 0.42
CA ALA G 241 -36.92 58.06 1.84
C ALA G 241 -36.69 56.59 2.19
N ARG G 242 -36.30 55.79 1.20
CA ARG G 242 -36.07 54.35 1.34
C ARG G 242 -35.10 54.06 2.49
N PRO G 243 -35.27 52.95 3.23
CA PRO G 243 -34.34 52.66 4.32
C PRO G 243 -32.98 52.25 3.79
N PRO G 244 -31.96 52.16 4.66
CA PRO G 244 -30.63 51.74 4.22
C PRO G 244 -30.67 50.41 3.47
N GLU G 245 -29.82 50.29 2.46
CA GLU G 245 -29.75 49.08 1.66
C GLU G 245 -29.36 47.87 2.50
N GLU G 246 -28.60 48.08 3.57
CA GLU G 246 -28.17 46.97 4.43
C GLU G 246 -29.35 46.34 5.16
N VAL G 247 -30.35 47.14 5.56
CA VAL G 247 -31.51 46.63 6.28
C VAL G 247 -32.69 46.31 5.36
N LYS G 248 -32.58 46.59 4.07
CA LYS G 248 -33.68 46.30 3.14
C LYS G 248 -34.03 44.81 3.14
N ALA G 249 -33.02 43.95 3.28
CA ALA G 249 -33.23 42.50 3.30
C ALA G 249 -34.27 42.11 4.35
N ALA G 250 -34.10 42.58 5.58
CA ALA G 250 -35.06 42.25 6.64
C ALA G 250 -36.45 42.80 6.35
N PHE G 251 -36.53 44.01 5.78
CA PHE G 251 -37.82 44.63 5.51
C PHE G 251 -38.71 43.78 4.62
N ASP G 252 -38.16 43.21 3.55
CA ASP G 252 -38.96 42.38 2.66
C ASP G 252 -39.40 41.10 3.36
N ASP G 253 -38.49 40.46 4.09
CA ASP G 253 -38.82 39.22 4.79
C ASP G 253 -39.98 39.41 5.76
N ALA G 254 -40.04 40.57 6.42
CA ALA G 254 -41.14 40.84 7.34
C ALA G 254 -42.48 40.78 6.62
N ILE G 255 -42.53 41.26 5.37
CA ILE G 255 -43.76 41.21 4.59
C ILE G 255 -44.04 39.78 4.15
N ALA G 256 -43.00 39.07 3.69
CA ALA G 256 -43.17 37.69 3.24
C ALA G 256 -43.69 36.80 4.36
N ALA G 257 -43.34 37.10 5.62
CA ALA G 257 -43.82 36.28 6.72
C ALA G 257 -45.34 36.39 6.85
N ARG G 258 -45.87 37.60 6.69
CA ARG G 258 -47.32 37.79 6.73
C ARG G 258 -48.01 36.96 5.66
N GLU G 259 -47.52 37.05 4.42
CA GLU G 259 -48.09 36.27 3.33
C GLU G 259 -47.88 34.78 3.56
N ASN G 260 -46.74 34.40 4.14
CA ASN G 260 -46.48 32.99 4.41
C ASN G 260 -47.34 32.46 5.56
N GLU G 261 -47.82 33.35 6.43
CA GLU G 261 -48.68 32.90 7.52
C GLU G 261 -50.06 32.54 6.99
N GLN G 262 -50.63 33.41 6.16
CA GLN G 262 -51.93 33.14 5.56
C GLN G 262 -51.93 31.83 4.78
N GLN G 263 -50.85 31.57 4.04
CA GLN G 263 -50.78 30.33 3.28
C GLN G 263 -50.79 29.11 4.20
N TYR G 264 -50.16 29.23 5.38
CA TYR G 264 -50.16 28.13 6.32
C TYR G 264 -51.59 27.81 6.77
N ILE G 265 -52.39 28.85 7.01
CA ILE G 265 -53.78 28.63 7.40
C ILE G 265 -54.56 27.98 6.27
N ARG G 266 -54.31 28.43 5.04
CA ARG G 266 -54.98 27.86 3.87
C ARG G 266 -54.64 26.38 3.73
N GLU G 267 -53.36 26.03 3.92
CA GLU G 267 -52.96 24.64 3.83
C GLU G 267 -53.61 23.81 4.93
N ALA G 268 -53.80 24.39 6.12
CA ALA G 268 -54.44 23.68 7.21
C ALA G 268 -55.88 23.32 6.84
N GLU G 269 -56.61 24.26 6.23
CA GLU G 269 -57.98 24.01 5.82
C GLU G 269 -58.06 22.86 4.81
N ALA G 270 -57.05 22.74 3.95
CA ALA G 270 -57.02 21.66 2.97
C ALA G 270 -56.98 20.31 3.66
N TYR G 271 -56.14 20.17 4.70
CA TYR G 271 -56.04 18.91 5.42
C TYR G 271 -57.38 18.50 6.02
N THR G 272 -58.12 19.45 6.60
CA THR G 272 -59.42 19.15 7.18
C THR G 272 -60.37 18.62 6.11
N ASN G 273 -60.45 19.33 4.98
CA ASN G 273 -61.31 18.89 3.89
C ASN G 273 -60.79 17.60 3.26
N GLU G 274 -59.48 17.35 3.35
CA GLU G 274 -58.88 16.13 2.81
C GLU G 274 -59.07 14.93 3.73
N VAL G 275 -58.90 15.12 5.03
CA VAL G 275 -58.97 14.01 5.98
C VAL G 275 -60.40 13.55 6.22
N GLN G 276 -61.36 14.50 6.25
CA GLN G 276 -62.75 14.12 6.54
C GLN G 276 -63.32 13.07 5.59
N PRO G 277 -63.16 13.18 4.26
CA PRO G 277 -63.66 12.09 3.39
C PRO G 277 -63.04 10.74 3.69
N ARG G 278 -61.76 10.71 4.07
CA ARG G 278 -61.10 9.45 4.39
C ARG G 278 -61.77 8.77 5.58
N ALA G 279 -62.18 9.56 6.58
CA ALA G 279 -62.83 8.98 7.75
C ALA G 279 -64.15 8.31 7.35
N ASN G 280 -64.91 8.94 6.45
CA ASN G 280 -66.16 8.35 6.01
C ASN G 280 -65.92 7.01 5.33
N GLY G 281 -64.89 6.93 4.48
CA GLY G 281 -64.58 5.67 3.82
C GLY G 281 -64.20 4.59 4.81
N GLN G 282 -63.37 4.93 5.79
CA GLN G 282 -62.97 3.96 6.81
C GLN G 282 -64.17 3.48 7.61
N ALA G 283 -65.12 4.38 7.88
CA ALA G 283 -66.32 4.00 8.63
C ALA G 283 -67.11 2.93 7.90
N GLN G 284 -67.35 3.13 6.61
CA GLN G 284 -68.09 2.13 5.83
C GLN G 284 -67.33 0.81 5.77
N ARG G 285 -66.01 0.87 5.65
CA ARG G 285 -65.21 -0.36 5.57
C ARG G 285 -65.36 -1.19 6.83
N ILE G 286 -65.24 -0.56 8.01
CA ILE G 286 -65.38 -1.32 9.25
C ILE G 286 -66.83 -1.73 9.46
N LEU G 287 -67.79 -0.90 9.01
CA LEU G 287 -69.20 -1.25 9.15
C LEU G 287 -69.52 -2.51 8.35
N GLU G 288 -68.99 -2.61 7.13
CA GLU G 288 -69.23 -3.78 6.30
C GLU G 288 -68.61 -5.03 6.92
N GLU G 289 -67.45 -4.88 7.55
CA GLU G 289 -66.78 -6.02 8.17
C GLU G 289 -67.65 -6.62 9.26
N ALA G 290 -68.32 -5.77 10.05
CA ALA G 290 -69.20 -6.29 11.09
C ALA G 290 -70.34 -7.09 10.50
N ARG G 291 -70.94 -6.57 9.42
CA ARG G 291 -72.02 -7.28 8.74
C ARG G 291 -71.54 -8.65 8.24
N ALA G 292 -70.36 -8.68 7.63
CA ALA G 292 -69.82 -9.96 7.15
C ALA G 292 -69.61 -10.94 8.29
N TYR G 293 -69.12 -10.47 9.43
CA TYR G 293 -68.86 -11.35 10.56
C TYR G 293 -70.13 -12.04 11.06
N LYS G 294 -71.21 -11.27 11.25
CA LYS G 294 -72.47 -11.88 11.70
C LYS G 294 -72.97 -12.90 10.69
N ALA G 295 -72.97 -12.54 9.40
CA ALA G 295 -73.41 -13.47 8.37
C ALA G 295 -72.51 -14.69 8.31
N GLN G 296 -71.19 -14.47 8.36
CA GLN G 296 -70.25 -15.59 8.33
C GLN G 296 -70.43 -16.48 9.55
N THR G 297 -70.61 -15.87 10.74
CA THR G 297 -70.78 -16.67 11.95
C THR G 297 -72.12 -17.40 11.93
N ILE G 298 -73.16 -16.76 11.40
CA ILE G 298 -74.46 -17.41 11.32
C ILE G 298 -74.39 -18.61 10.39
N LEU G 299 -73.76 -18.44 9.22
CA LEU G 299 -73.64 -19.55 8.28
C LEU G 299 -72.78 -20.66 8.87
N GLU G 300 -71.69 -20.29 9.54
CA GLU G 300 -70.83 -21.29 10.17
C GLU G 300 -71.58 -22.06 11.26
N ALA G 301 -72.43 -21.35 12.02
CA ALA G 301 -73.21 -21.99 13.07
C ALA G 301 -74.14 -23.04 12.49
N GLN G 302 -74.79 -22.74 11.37
CA GLN G 302 -75.71 -23.68 10.75
C GLN G 302 -74.99 -24.97 10.33
N GLY G 303 -73.79 -24.83 9.76
CA GLY G 303 -73.05 -26.01 9.34
C GLY G 303 -72.68 -26.91 10.50
N GLU G 304 -72.18 -26.32 11.60
CA GLU G 304 -71.82 -27.12 12.76
C GLU G 304 -73.05 -27.78 13.37
N VAL G 305 -74.19 -27.08 13.37
CA VAL G 305 -75.42 -27.65 13.92
C VAL G 305 -75.80 -28.90 13.14
N ALA G 306 -75.73 -28.83 11.80
CA ALA G 306 -76.09 -29.98 10.97
C ALA G 306 -75.17 -31.16 11.23
N ARG G 307 -73.86 -30.90 11.35
CA ARG G 307 -72.91 -31.99 11.60
C ARG G 307 -73.21 -32.70 12.91
N PHE G 308 -73.46 -31.93 13.98
CA PHE G 308 -73.79 -32.52 15.26
C PHE G 308 -75.09 -33.32 15.18
N ALA G 309 -76.09 -32.77 14.49
CA ALA G 309 -77.37 -33.46 14.35
C ALA G 309 -77.21 -34.78 13.60
N LYS G 310 -76.36 -34.79 12.57
CA LYS G 310 -76.14 -36.02 11.80
C LYS G 310 -75.37 -37.06 12.60
N LEU G 311 -74.40 -36.63 13.41
CA LEU G 311 -73.59 -37.56 14.18
C LEU G 311 -74.33 -38.14 15.37
N LEU G 312 -75.27 -37.41 15.96
CA LEU G 312 -75.98 -37.90 17.15
C LEU G 312 -76.66 -39.26 16.92
N PRO G 313 -77.43 -39.49 15.84
CA PRO G 313 -77.99 -40.84 15.64
C PRO G 313 -76.92 -41.92 15.57
N GLU G 314 -75.80 -41.62 14.92
CA GLU G 314 -74.71 -42.60 14.82
C GLU G 314 -74.03 -42.79 16.16
N TYR G 315 -73.82 -41.70 16.90
CA TYR G 315 -73.17 -41.80 18.21
C TYR G 315 -74.05 -42.55 19.20
N LYS G 316 -75.37 -42.29 19.18
CA LYS G 316 -76.29 -42.99 20.07
C LYS G 316 -76.34 -44.48 19.76
N ALA G 317 -76.06 -44.87 18.52
CA ALA G 317 -76.12 -46.29 18.15
C ALA G 317 -75.05 -47.08 18.89
N ALA G 318 -73.80 -46.60 18.89
CA ALA G 318 -72.69 -47.27 19.55
C ALA G 318 -71.82 -46.23 20.24
N PRO G 319 -72.29 -45.68 21.38
CA PRO G 319 -71.46 -44.69 22.09
C PRO G 319 -70.10 -45.22 22.48
N GLU G 320 -70.05 -46.46 22.99
CA GLU G 320 -68.78 -47.11 23.36
C GLU G 320 -67.75 -47.01 22.25
N ILE G 321 -68.11 -47.54 21.07
CA ILE G 321 -67.20 -47.51 19.93
C ILE G 321 -66.96 -46.08 19.46
N THR G 322 -68.04 -45.31 19.28
CA THR G 322 -67.93 -43.93 18.83
C THR G 322 -67.05 -43.10 19.76
N ARG G 323 -67.40 -43.06 21.05
CA ARG G 323 -66.62 -42.27 21.99
C ARG G 323 -65.19 -42.79 22.10
N GLU G 324 -65.00 -44.11 22.17
CA GLU G 324 -63.65 -44.66 22.27
C GLU G 324 -62.83 -44.32 21.04
N ARG G 325 -63.41 -44.48 19.84
CA ARG G 325 -62.68 -44.17 18.61
C ARG G 325 -62.31 -42.70 18.59
N LEU G 326 -63.28 -41.82 18.82
CA LEU G 326 -63.02 -40.39 18.87
C LEU G 326 -62.01 -40.06 19.96
N TYR G 327 -62.14 -40.72 21.12
CA TYR G 327 -61.22 -40.48 22.24
C TYR G 327 -59.81 -40.94 21.90
N ILE G 328 -59.66 -42.19 21.46
CA ILE G 328 -58.34 -42.70 21.11
C ILE G 328 -57.74 -41.88 19.97
N GLU G 329 -58.57 -41.41 19.04
CA GLU G 329 -58.07 -40.59 17.94
C GLU G 329 -57.55 -39.26 18.45
N THR G 330 -58.33 -38.58 19.31
CA THR G 330 -57.91 -37.30 19.86
C THR G 330 -56.65 -37.45 20.70
N MET G 331 -56.60 -38.50 21.53
CA MET G 331 -55.42 -38.74 22.35
C MET G 331 -54.18 -38.93 21.48
N GLU G 332 -54.24 -39.85 20.53
CA GLU G 332 -53.12 -40.10 19.63
C GLU G 332 -52.68 -38.82 18.92
N LYS G 333 -53.65 -38.02 18.46
CA LYS G 333 -53.35 -36.76 17.79
C LYS G 333 -52.45 -35.87 18.65
N VAL G 334 -52.91 -35.54 19.86
CA VAL G 334 -52.12 -34.67 20.73
C VAL G 334 -50.87 -35.39 21.21
N LEU G 335 -50.97 -36.69 21.49
CA LEU G 335 -49.80 -37.45 21.91
C LEU G 335 -48.72 -37.43 20.83
N GLY G 336 -49.13 -37.54 19.56
CA GLY G 336 -48.17 -37.51 18.47
C GLY G 336 -47.72 -36.10 18.15
N ASN G 337 -48.58 -35.11 18.42
CA ASN G 337 -48.24 -33.71 18.20
C ASN G 337 -47.44 -33.13 19.36
N THR G 338 -47.28 -33.88 20.45
CA THR G 338 -46.54 -33.45 21.63
C THR G 338 -45.56 -34.55 22.03
N ARG G 339 -44.86 -34.36 23.15
CA ARG G 339 -43.92 -35.34 23.66
C ARG G 339 -44.58 -36.17 24.75
N LYS G 340 -44.03 -37.36 24.96
CA LYS G 340 -44.54 -38.31 25.95
C LYS G 340 -43.45 -38.64 26.96
N VAL G 341 -43.88 -39.15 28.12
CA VAL G 341 -43.00 -39.53 29.21
C VAL G 341 -43.18 -40.99 29.61
N LEU G 342 -44.42 -41.40 29.88
CA LEU G 342 -44.78 -42.77 30.28
C LEU G 342 -43.90 -43.26 31.44
N VAL G 343 -43.96 -42.52 32.55
CA VAL G 343 -43.23 -42.86 33.77
C VAL G 343 -44.18 -42.79 34.95
N ASN G 344 -44.27 -43.88 35.71
CA ASN G 344 -45.08 -43.90 36.92
C ASN G 344 -44.70 -42.72 37.80
N ASP G 345 -45.69 -41.93 38.19
CA ASP G 345 -45.42 -40.73 38.98
C ASP G 345 -45.29 -41.09 40.46
N LYS G 346 -44.05 -41.27 40.91
CA LYS G 346 -43.75 -41.53 42.31
C LYS G 346 -43.34 -40.26 43.04
N GLY G 347 -42.84 -39.27 42.31
CA GLY G 347 -42.43 -38.01 42.88
C GLY G 347 -42.76 -36.89 41.92
N GLY G 348 -43.13 -35.74 42.47
CA GLY G 348 -43.47 -34.59 41.65
C GLY G 348 -42.31 -33.66 41.38
N ASN G 349 -41.08 -34.15 41.52
CA ASN G 349 -39.88 -33.34 41.28
C ASN G 349 -39.55 -33.35 39.79
N LEU G 350 -39.84 -32.24 39.13
CA LEU G 350 -39.57 -32.09 37.71
C LEU G 350 -39.39 -30.61 37.40
N MET G 351 -38.53 -30.31 36.43
CA MET G 351 -38.27 -28.94 36.01
C MET G 351 -39.04 -28.64 34.73
N VAL G 352 -39.08 -27.34 34.38
CA VAL G 352 -39.77 -26.87 33.19
C VAL G 352 -38.82 -26.26 32.17
N LEU G 353 -37.83 -25.49 32.61
CA LEU G 353 -36.86 -24.84 31.74
C LEU G 353 -37.51 -24.08 30.58
N PRO G 354 -38.36 -23.08 30.88
CA PRO G 354 -39.05 -22.36 29.82
C PRO G 354 -38.17 -21.25 29.25
N LEU G 355 -38.74 -20.49 28.32
CA LEU G 355 -38.06 -19.38 27.68
C LEU G 355 -39.00 -18.18 27.59
N MET H 1 9.57 120.37 -36.49
CA MET H 1 8.75 120.35 -35.24
C MET H 1 7.70 119.24 -35.28
N ARG H 2 8.00 118.16 -36.00
CA ARG H 2 7.11 117.02 -36.14
C ARG H 2 7.47 115.88 -35.20
N LYS H 3 8.76 115.55 -35.10
CA LYS H 3 9.18 114.47 -34.21
C LYS H 3 8.97 114.83 -32.75
N SER H 4 9.23 116.09 -32.38
CA SER H 4 9.07 116.51 -30.99
C SER H 4 7.60 116.48 -30.56
N VAL H 5 6.71 117.00 -31.39
CA VAL H 5 5.29 117.05 -31.03
C VAL H 5 4.67 115.66 -31.04
N ILE H 6 4.98 114.85 -32.06
CA ILE H 6 4.41 113.50 -32.14
C ILE H 6 4.94 112.62 -31.02
N ALA H 7 6.21 112.80 -30.62
CA ALA H 7 6.80 111.98 -29.58
C ALA H 7 6.12 112.18 -28.23
N ILE H 8 5.84 113.44 -27.85
CA ILE H 8 5.23 113.69 -26.55
C ILE H 8 3.80 113.14 -26.48
N ILE H 9 3.07 113.21 -27.59
CA ILE H 9 1.67 112.77 -27.60
C ILE H 9 1.56 111.26 -27.31
N ILE H 10 2.38 110.45 -27.97
CA ILE H 10 2.25 108.99 -27.82
C ILE H 10 2.65 108.53 -26.42
N ILE H 11 3.68 109.12 -25.82
CA ILE H 11 4.13 108.66 -24.51
C ILE H 11 3.11 109.03 -23.43
N VAL H 12 2.41 110.15 -23.58
CA VAL H 12 1.42 110.56 -22.58
C VAL H 12 0.30 109.53 -22.47
N LEU H 13 -0.19 109.01 -23.59
CA LEU H 13 -1.30 108.06 -23.56
C LEU H 13 -0.93 106.77 -22.82
N VAL H 14 0.26 106.24 -23.07
CA VAL H 14 0.64 105.00 -22.40
C VAL H 14 0.86 105.23 -20.90
N VAL H 15 1.38 106.39 -20.53
CA VAL H 15 1.59 106.70 -19.12
C VAL H 15 0.26 106.73 -18.37
N LEU H 16 -0.76 107.34 -18.99
CA LEU H 16 -2.06 107.44 -18.34
C LEU H 16 -2.69 106.06 -18.17
N TYR H 17 -2.53 105.16 -19.15
CA TYR H 17 -3.12 103.83 -19.02
C TYR H 17 -2.49 103.07 -17.87
N MET H 18 -1.17 103.20 -17.71
CA MET H 18 -0.50 102.55 -16.58
C MET H 18 -0.97 103.14 -15.25
N SER H 19 -1.16 104.47 -15.21
CA SER H 19 -1.56 105.12 -13.98
C SER H 19 -2.95 104.74 -13.53
N VAL H 20 -3.90 104.64 -14.47
CA VAL H 20 -5.27 104.32 -14.11
C VAL H 20 -5.38 102.86 -13.68
N PHE H 21 -6.13 102.64 -12.60
CA PHE H 21 -6.37 101.30 -12.07
C PHE H 21 -7.75 101.38 -11.42
N VAL H 22 -8.61 100.42 -11.73
CA VAL H 22 -9.98 100.41 -11.27
C VAL H 22 -10.20 99.28 -10.27
N VAL H 23 -11.21 99.47 -9.42
CA VAL H 23 -11.61 98.52 -8.39
C VAL H 23 -12.95 97.91 -8.81
N LYS H 24 -12.98 96.59 -8.95
CA LYS H 24 -14.19 95.90 -9.37
C LYS H 24 -15.29 96.05 -8.31
N GLU H 25 -16.51 95.66 -8.68
CA GLU H 25 -17.64 95.76 -7.76
C GLU H 25 -17.49 94.82 -6.58
N GLY H 26 -17.12 93.57 -6.85
CA GLY H 26 -16.94 92.58 -5.80
C GLY H 26 -15.50 92.51 -5.31
N GLU H 27 -14.79 93.63 -5.42
CA GLU H 27 -13.40 93.74 -5.00
C GLU H 27 -13.19 95.09 -4.36
N ARG H 28 -12.12 95.21 -3.59
CA ARG H 28 -11.74 96.45 -2.95
C ARG H 28 -10.23 96.57 -3.02
N GLY H 29 -9.74 97.74 -3.44
CA GLY H 29 -8.33 97.98 -3.60
C GLY H 29 -7.80 98.97 -2.57
N ILE H 30 -6.67 98.63 -1.97
CA ILE H 30 -5.97 99.48 -1.01
C ILE H 30 -4.66 99.87 -1.67
N THR H 31 -4.55 101.13 -2.10
CA THR H 31 -3.32 101.59 -2.73
C THR H 31 -2.19 101.57 -1.71
N LEU H 32 -1.01 101.13 -2.14
CA LEU H 32 0.16 101.01 -1.28
C LEU H 32 1.37 101.73 -1.89
N ARG H 33 2.16 102.35 -1.01
CA ARG H 33 3.39 103.02 -1.41
C ARG H 33 4.48 101.94 -1.52
N PHE H 34 5.74 102.37 -1.68
CA PHE H 34 6.87 101.42 -1.80
C PHE H 34 6.79 100.32 -0.75
N GLY H 35 6.81 100.68 0.54
CA GLY H 35 6.67 99.73 1.62
C GLY H 35 5.47 100.00 2.52
N LYS H 36 5.05 101.26 2.59
CA LYS H 36 3.92 101.66 3.42
C LYS H 36 2.62 101.67 2.61
N VAL H 37 1.54 102.04 3.29
CA VAL H 37 0.21 102.17 2.72
C VAL H 37 -0.17 103.64 2.82
N LEU H 38 -1.07 104.09 1.95
CA LEU H 38 -1.47 105.49 1.95
C LEU H 38 -2.48 105.72 3.07
N ARG H 39 -2.27 106.78 3.84
CA ARG H 39 -3.10 107.11 4.99
C ARG H 39 -3.81 108.44 4.80
N ASP H 40 -4.77 108.67 5.70
CA ASP H 40 -5.58 109.88 5.75
C ASP H 40 -6.43 109.80 7.00
N ASP H 41 -6.92 110.95 7.46
CA ASP H 41 -7.79 111.02 8.63
C ASP H 41 -7.17 110.39 9.88
N ASP H 42 -6.04 110.96 10.31
CA ASP H 42 -5.34 110.53 11.52
C ASP H 42 -4.82 109.10 11.41
N ASN H 43 -4.10 108.83 10.33
CA ASN H 43 -3.47 107.53 10.06
C ASN H 43 -4.49 106.38 10.05
N LYS H 44 -5.46 106.51 9.15
CA LYS H 44 -6.50 105.50 8.93
C LYS H 44 -6.30 104.99 7.50
N PRO H 45 -5.77 103.78 7.27
CA PRO H 45 -5.59 103.30 5.88
C PRO H 45 -6.86 103.42 5.06
N LEU H 46 -6.71 103.98 3.86
CA LEU H 46 -7.82 104.23 2.96
C LEU H 46 -7.99 103.10 1.96
N VAL H 47 -9.23 102.59 1.85
CA VAL H 47 -9.59 101.57 0.88
C VAL H 47 -10.42 102.26 -0.18
N TYR H 48 -10.27 101.82 -1.42
CA TYR H 48 -10.95 102.44 -2.56
C TYR H 48 -12.25 101.73 -2.91
N GLU H 49 -13.26 102.53 -3.22
CA GLU H 49 -14.58 102.05 -3.61
C GLU H 49 -14.49 101.62 -5.08
N PRO H 50 -15.59 101.08 -5.65
CA PRO H 50 -15.50 100.64 -7.06
C PRO H 50 -15.68 101.74 -8.10
N GLY H 51 -14.62 102.54 -8.25
CA GLY H 51 -14.60 103.63 -9.21
C GLY H 51 -13.21 103.78 -9.78
N LEU H 52 -13.03 104.81 -10.60
CA LEU H 52 -11.73 105.05 -11.23
C LEU H 52 -10.79 105.76 -10.27
N HIS H 53 -9.52 105.38 -10.31
CA HIS H 53 -8.49 105.98 -9.47
C HIS H 53 -7.20 106.10 -10.27
N PHE H 54 -6.35 107.04 -9.86
CA PHE H 54 -5.06 107.28 -10.52
C PHE H 54 -3.93 107.00 -9.54
N LYS H 55 -2.92 106.28 -10.02
CA LYS H 55 -1.73 105.92 -9.24
C LYS H 55 -0.49 106.28 -10.04
N ILE H 56 0.50 106.90 -9.38
CA ILE H 56 1.76 107.22 -10.03
C ILE H 56 2.30 105.91 -10.60
N PRO H 57 2.46 105.76 -11.92
CA PRO H 57 2.97 104.48 -12.47
C PRO H 57 4.32 104.06 -11.91
N PHE H 58 4.42 102.78 -11.53
CA PHE H 58 5.62 102.12 -11.03
C PHE H 58 6.01 102.50 -9.61
N ILE H 59 5.29 103.42 -8.97
CA ILE H 59 5.60 103.85 -7.61
C ILE H 59 4.64 103.25 -6.59
N GLU H 60 3.36 103.19 -6.93
CA GLU H 60 2.34 102.64 -6.03
C GLU H 60 1.98 101.22 -6.44
N THR H 61 1.69 100.39 -5.43
CA THR H 61 1.28 99.00 -5.62
C THR H 61 -0.11 98.86 -5.04
N VAL H 62 -0.97 98.12 -5.75
CA VAL H 62 -2.36 97.93 -5.35
C VAL H 62 -2.64 96.46 -5.06
N LYS H 63 -3.34 96.21 -3.97
CA LYS H 63 -3.75 94.89 -3.54
C LYS H 63 -5.27 94.83 -3.65
N MET H 64 -5.77 93.86 -4.42
CA MET H 64 -7.21 93.71 -4.66
C MET H 64 -7.76 92.70 -3.66
N LEU H 65 -8.61 93.19 -2.75
CA LEU H 65 -9.22 92.37 -1.71
C LEU H 65 -10.68 92.15 -2.04
N ASP H 66 -11.06 90.88 -2.17
CA ASP H 66 -12.44 90.52 -2.48
C ASP H 66 -13.36 90.85 -1.30
N ALA H 67 -14.54 91.39 -1.60
CA ALA H 67 -15.53 91.74 -0.61
C ALA H 67 -16.70 90.76 -0.55
N ARG H 68 -16.70 89.74 -1.40
CA ARG H 68 -17.76 88.74 -1.42
C ARG H 68 -17.62 87.77 -0.25
N ILE H 69 -18.75 87.23 0.19
CA ILE H 69 -18.75 86.29 1.30
C ILE H 69 -18.07 85.00 0.86
N GLN H 70 -17.10 84.55 1.66
CA GLN H 70 -16.33 83.34 1.36
C GLN H 70 -16.90 82.15 2.10
N THR H 71 -16.85 80.98 1.46
CA THR H 71 -17.35 79.72 2.01
C THR H 71 -16.21 78.75 2.24
N MET H 72 -16.10 78.25 3.48
CA MET H 72 -15.07 77.30 3.87
C MET H 72 -15.76 76.04 4.39
N ASP H 73 -15.48 74.90 3.75
CA ASP H 73 -16.08 73.63 4.12
C ASP H 73 -15.09 72.77 4.92
N ASN H 74 -15.63 72.02 5.88
CA ASN H 74 -14.85 71.13 6.73
C ASN H 74 -15.12 69.69 6.33
N GLN H 75 -14.05 68.93 6.11
CA GLN H 75 -14.17 67.53 5.74
C GLN H 75 -14.51 66.70 6.99
N ALA H 76 -14.75 65.41 6.78
CA ALA H 76 -15.08 64.51 7.88
C ALA H 76 -13.95 64.46 8.90
N ASP H 77 -14.31 64.59 10.18
CA ASP H 77 -13.34 64.57 11.26
C ASP H 77 -14.00 63.95 12.48
N ARG H 78 -13.18 63.44 13.39
CA ARG H 78 -13.65 62.75 14.59
C ARG H 78 -13.62 63.70 15.78
N PHE H 79 -14.74 63.77 16.50
CA PHE H 79 -14.90 64.60 17.68
C PHE H 79 -15.40 63.71 18.81
N VAL H 80 -15.06 64.08 20.04
CA VAL H 80 -15.43 63.30 21.23
C VAL H 80 -16.56 64.03 21.96
N THR H 81 -17.66 63.31 22.19
CA THR H 81 -18.83 63.86 22.87
C THR H 81 -18.64 63.76 24.38
N LYS H 82 -19.70 64.05 25.13
CA LYS H 82 -19.62 63.98 26.59
C LYS H 82 -19.54 62.54 27.08
N GLU H 83 -20.11 61.59 26.33
CA GLU H 83 -20.07 60.18 26.68
C GLU H 83 -19.02 59.40 25.89
N LYS H 84 -17.98 60.09 25.41
CA LYS H 84 -16.88 59.50 24.65
C LYS H 84 -17.35 58.88 23.34
N LYS H 85 -18.52 59.27 22.84
CA LYS H 85 -19.04 58.76 21.57
C LYS H 85 -18.40 59.51 20.41
N ASP H 86 -17.59 58.83 19.62
CA ASP H 86 -16.96 59.48 18.48
C ASP H 86 -18.00 59.72 17.40
N LEU H 87 -18.01 60.95 16.86
CA LEU H 87 -18.96 61.36 15.82
C LEU H 87 -18.22 61.91 14.61
N ILE H 88 -18.85 61.79 13.45
CA ILE H 88 -18.33 62.30 12.19
C ILE H 88 -19.31 63.35 11.72
N VAL H 89 -18.86 64.60 11.64
CA VAL H 89 -19.68 65.73 11.24
C VAL H 89 -19.09 66.43 10.03
N ASP H 90 -19.94 66.77 9.07
CA ASP H 90 -19.56 67.52 7.89
C ASP H 90 -20.22 68.89 8.03
N SER H 91 -19.40 69.95 8.04
CA SER H 91 -19.90 71.30 8.26
C SER H 91 -19.14 72.30 7.40
N TYR H 92 -19.81 73.43 7.13
CA TYR H 92 -19.23 74.53 6.37
C TYR H 92 -19.50 75.83 7.11
N ILE H 93 -18.63 76.80 6.89
CA ILE H 93 -18.71 78.12 7.52
C ILE H 93 -18.64 79.18 6.44
N LYS H 94 -19.36 80.28 6.67
CA LYS H 94 -19.40 81.42 5.77
C LYS H 94 -18.92 82.65 6.51
N TRP H 95 -17.93 83.34 5.94
CA TRP H 95 -17.39 84.56 6.55
C TRP H 95 -17.17 85.62 5.47
N ARG H 96 -17.11 86.87 5.92
CA ARG H 96 -16.88 88.02 5.05
C ARG H 96 -15.79 88.89 5.65
N ILE H 97 -15.04 89.55 4.77
CA ILE H 97 -13.98 90.45 5.21
C ILE H 97 -14.63 91.73 5.71
N SER H 98 -14.40 92.05 6.99
CA SER H 98 -14.97 93.25 7.59
C SER H 98 -14.00 94.43 7.52
N ASP H 99 -12.74 94.21 7.87
CA ASP H 99 -11.71 95.24 7.83
C ASP H 99 -10.70 94.82 6.77
N PHE H 100 -10.86 95.37 5.56
CA PHE H 100 -9.96 95.06 4.46
C PHE H 100 -8.52 95.40 4.82
N SER H 101 -8.32 96.52 5.52
CA SER H 101 -6.98 96.90 5.96
C SER H 101 -6.41 95.86 6.91
N ARG H 102 -7.18 95.51 7.95
CA ARG H 102 -6.72 94.54 8.94
C ARG H 102 -6.45 93.18 8.31
N TYR H 103 -7.31 92.73 7.40
CA TYR H 103 -7.10 91.43 6.76
C TYR H 103 -5.78 91.41 6.01
N TYR H 104 -5.50 92.47 5.24
CA TYR H 104 -4.23 92.55 4.52
C TYR H 104 -3.05 92.47 5.48
N LEU H 105 -3.17 93.10 6.65
CA LEU H 105 -2.09 93.09 7.63
C LEU H 105 -1.96 91.72 8.30
N ALA H 106 -3.04 91.29 8.95
CA ALA H 106 -3.06 89.98 9.61
C ALA H 106 -2.62 88.88 8.65
N THR H 107 -3.36 88.73 7.55
CA THR H 107 -3.04 87.74 6.51
C THR H 107 -2.09 88.38 5.50
N GLY H 108 -0.86 88.62 5.97
CA GLY H 108 0.20 89.24 5.17
C GLY H 108 0.28 88.69 3.76
N GLY H 109 0.12 89.58 2.79
CA GLY H 109 0.10 89.21 1.40
C GLY H 109 -1.30 88.99 0.85
N GLY H 110 -2.33 89.44 1.58
CA GLY H 110 -3.73 89.28 1.22
C GLY H 110 -4.10 87.92 0.67
N ASP H 111 -3.74 86.86 1.41
CA ASP H 111 -4.03 85.49 1.01
C ASP H 111 -5.20 84.95 1.83
N ILE H 112 -6.26 84.52 1.13
CA ILE H 112 -7.42 83.93 1.78
C ILE H 112 -7.04 82.72 2.62
N SER H 113 -6.03 81.96 2.18
CA SER H 113 -5.62 80.73 2.86
C SER H 113 -5.26 80.99 4.31
N GLN H 114 -4.46 82.03 4.58
CA GLN H 114 -4.07 82.33 5.96
C GLN H 114 -5.28 82.57 6.85
N ALA H 115 -6.29 83.28 6.34
CA ALA H 115 -7.49 83.52 7.13
C ALA H 115 -8.28 82.24 7.34
N GLU H 116 -8.39 81.41 6.29
CA GLU H 116 -9.17 80.17 6.40
C GLU H 116 -8.57 79.21 7.43
N VAL H 117 -7.24 79.06 7.41
CA VAL H 117 -6.59 78.17 8.38
C VAL H 117 -6.89 78.62 9.80
N LEU H 118 -6.73 79.92 10.06
CA LEU H 118 -7.00 80.48 11.39
C LEU H 118 -8.43 80.16 11.85
N LEU H 119 -9.40 80.33 10.95
CA LEU H 119 -10.79 80.06 11.31
C LEU H 119 -11.00 78.58 11.62
N LYS H 120 -10.34 77.69 10.86
CA LYS H 120 -10.48 76.26 11.09
C LYS H 120 -10.03 75.87 12.49
N ARG H 121 -8.83 76.33 12.89
CA ARG H 121 -8.33 76.02 14.22
C ARG H 121 -9.26 76.54 15.32
N LYS H 122 -9.70 77.79 15.20
CA LYS H 122 -10.61 78.36 16.19
C LYS H 122 -11.93 77.61 16.21
N PHE H 123 -12.50 77.37 15.03
CA PHE H 123 -13.76 76.63 14.92
C PHE H 123 -13.66 75.26 15.58
N SER H 124 -12.62 74.50 15.22
CA SER H 124 -12.40 73.17 15.79
C SER H 124 -12.38 73.22 17.32
N ASP H 125 -11.51 74.08 17.88
CA ASP H 125 -11.42 74.20 19.34
C ASP H 125 -12.76 74.55 19.96
N ARG H 126 -13.41 75.61 19.44
CA ARG H 126 -14.71 76.00 19.97
C ARG H 126 -15.73 74.87 19.86
N LEU H 127 -15.79 74.25 18.67
CA LEU H 127 -16.72 73.14 18.46
C LEU H 127 -16.39 71.97 19.37
N ARG H 128 -15.10 71.64 19.48
CA ARG H 128 -14.68 70.52 20.34
C ARG H 128 -15.14 70.73 21.78
N SER H 129 -14.99 71.95 22.29
CA SER H 129 -15.40 72.25 23.66
C SER H 129 -16.89 72.07 23.85
N GLU H 130 -17.70 72.57 22.91
CA GLU H 130 -19.15 72.45 23.02
C GLU H 130 -19.58 70.99 22.98
N ILE H 131 -19.15 70.24 21.96
CA ILE H 131 -19.50 68.83 21.85
C ILE H 131 -19.04 68.06 23.07
N GLY H 132 -17.92 68.46 23.68
CA GLY H 132 -17.46 67.78 24.88
C GLY H 132 -18.46 67.85 26.01
N ARG H 133 -19.14 68.98 26.14
CA ARG H 133 -20.15 69.18 27.17
C ARG H 133 -21.55 68.74 26.74
N LEU H 134 -21.73 68.37 25.48
CA LEU H 134 -23.02 67.98 24.93
C LEU H 134 -23.09 66.48 24.69
N ASP H 135 -24.33 65.97 24.66
CA ASP H 135 -24.62 64.58 24.42
C ASP H 135 -24.92 64.39 22.94
N VAL H 136 -24.68 63.17 22.45
CA VAL H 136 -24.93 62.83 21.04
C VAL H 136 -26.33 63.23 20.62
N LYS H 137 -27.32 63.02 21.51
CA LYS H 137 -28.70 63.37 21.17
C LYS H 137 -28.85 64.88 21.00
N ASP H 138 -28.21 65.68 21.85
CA ASP H 138 -28.31 67.12 21.74
C ASP H 138 -27.55 67.68 20.54
N ILE H 139 -26.70 66.89 19.90
CA ILE H 139 -25.94 67.33 18.73
C ILE H 139 -26.61 66.91 17.42
N VAL H 140 -27.42 65.86 17.43
CA VAL H 140 -28.10 65.37 16.23
C VAL H 140 -29.53 65.90 16.10
N THR H 141 -30.17 66.27 17.22
CA THR H 141 -31.52 66.80 17.19
C THR H 141 -31.55 68.31 17.01
N ASP H 142 -30.43 68.99 17.24
CA ASP H 142 -30.35 70.43 17.08
C ASP H 142 -30.74 70.84 15.67
N SER H 143 -31.83 71.62 15.57
CA SER H 143 -32.34 72.11 14.29
C SER H 143 -32.35 73.62 14.20
N ARG H 144 -31.98 74.32 15.27
CA ARG H 144 -31.92 75.79 15.30
C ARG H 144 -30.49 76.29 15.35
N GLY H 145 -29.50 75.43 15.06
CA GLY H 145 -28.09 75.76 15.11
C GLY H 145 -27.66 76.49 16.35
N ARG H 146 -28.07 75.98 17.51
CA ARG H 146 -27.69 76.60 18.78
C ARG H 146 -26.20 76.52 19.01
N LEU H 147 -25.63 75.32 18.90
CA LEU H 147 -24.19 75.14 19.08
C LEU H 147 -23.42 75.86 17.98
N THR H 148 -23.90 75.74 16.73
CA THR H 148 -23.21 76.41 15.62
C THR H 148 -23.28 77.92 15.78
N LEU H 149 -24.43 78.44 16.24
CA LEU H 149 -24.54 79.88 16.44
C LEU H 149 -23.63 80.35 17.57
N GLU H 150 -23.58 79.59 18.67
CA GLU H 150 -22.71 79.95 19.78
C GLU H 150 -21.25 79.96 19.34
N VAL H 151 -20.84 78.95 18.57
CA VAL H 151 -19.48 78.91 18.03
C VAL H 151 -19.20 80.16 17.22
N ARG H 152 -20.19 80.61 16.44
CA ARG H 152 -20.02 81.82 15.64
C ARG H 152 -19.86 83.03 16.55
N ASP H 153 -20.64 83.10 17.64
CA ASP H 153 -20.52 84.18 18.60
C ASP H 153 -19.11 84.21 19.19
N ALA H 154 -18.58 83.03 19.52
CA ALA H 154 -17.24 82.93 20.07
C ALA H 154 -16.20 83.33 19.03
N LEU H 155 -16.36 82.88 17.79
CA LEU H 155 -15.41 83.21 16.75
C LEU H 155 -15.41 84.70 16.46
N ASN H 156 -16.58 85.34 16.50
CA ASN H 156 -16.66 86.77 16.25
C ASN H 156 -16.14 87.56 17.44
N SER H 157 -16.50 87.14 18.66
CA SER H 157 -16.05 87.78 19.89
C SER H 157 -15.56 86.68 20.82
N GLY H 158 -14.27 86.71 21.13
CA GLY H 158 -13.65 85.70 21.98
C GLY H 158 -13.78 85.99 23.46
N SER H 159 -12.84 85.44 24.21
CA SER H 159 -12.76 85.59 25.65
C SER H 159 -11.36 86.12 26.01
N ALA H 160 -11.18 86.41 27.29
CA ALA H 160 -9.90 86.93 27.77
C ALA H 160 -9.83 86.87 29.29
N PRO H 191 -15.72 98.09 23.27
CA PRO H 191 -15.32 97.79 21.89
C PRO H 191 -14.04 96.95 21.78
N VAL H 192 -13.40 96.64 22.92
CA VAL H 192 -12.19 95.82 22.95
C VAL H 192 -12.36 94.58 22.09
N ILE H 193 -11.38 94.33 21.23
CA ILE H 193 -11.38 93.19 20.32
C ILE H 193 -10.37 92.18 20.87
N ASN H 194 -10.90 91.12 21.50
CA ASN H 194 -10.06 90.05 22.04
C ASN H 194 -9.06 89.57 20.99
N PRO H 195 -7.79 89.32 21.35
CA PRO H 195 -6.83 88.90 20.31
C PRO H 195 -7.06 87.49 19.79
N ASN H 196 -7.78 86.64 20.53
CA ASN H 196 -8.07 85.29 20.07
C ASN H 196 -9.37 85.23 19.26
N SER H 197 -9.97 86.38 18.96
CA SER H 197 -11.21 86.48 18.21
C SER H 197 -10.93 86.67 16.73
N MET H 198 -11.88 86.24 15.90
CA MET H 198 -11.72 86.48 14.47
C MET H 198 -11.92 87.95 14.13
N ALA H 199 -12.43 88.75 15.08
CA ALA H 199 -12.58 90.18 14.84
C ALA H 199 -11.23 90.89 14.91
N ALA H 200 -10.28 90.33 15.68
CA ALA H 200 -8.94 90.90 15.73
C ALA H 200 -8.29 90.83 14.36
N LEU H 201 -8.65 89.83 13.58
CA LEU H 201 -8.23 89.64 12.22
C LEU H 201 -9.34 90.20 11.33
N GLY H 202 -9.05 90.34 10.04
CA GLY H 202 -10.06 90.88 9.17
C GLY H 202 -11.01 89.82 8.62
N ILE H 203 -11.71 89.15 9.54
CA ILE H 203 -12.69 88.12 9.19
C ILE H 203 -13.92 88.32 10.07
N GLU H 204 -15.08 88.01 9.49
CA GLU H 204 -16.37 88.10 10.19
C GLU H 204 -17.18 86.89 9.79
N VAL H 205 -17.37 85.93 10.71
CA VAL H 205 -18.11 84.72 10.40
C VAL H 205 -19.59 85.07 10.41
N VAL H 206 -20.15 85.25 9.21
CA VAL H 206 -21.57 85.61 9.09
C VAL H 206 -22.47 84.46 9.51
N ASP H 207 -22.04 83.21 9.29
CA ASP H 207 -22.87 82.06 9.64
C ASP H 207 -22.01 80.82 9.80
N VAL H 208 -22.56 79.85 10.53
CA VAL H 208 -21.94 78.55 10.79
C VAL H 208 -23.06 77.52 10.78
N ARG H 209 -22.90 76.46 9.98
CA ARG H 209 -23.92 75.44 9.87
C ARG H 209 -23.26 74.08 9.63
N ILE H 210 -23.99 73.03 9.97
CA ILE H 210 -23.54 71.65 9.85
C ILE H 210 -24.34 70.98 8.74
N LYS H 211 -23.65 70.55 7.69
CA LYS H 211 -24.29 69.95 6.52
C LYS H 211 -24.80 68.54 6.81
N GLN H 212 -23.93 67.66 7.32
CA GLN H 212 -24.31 66.27 7.55
C GLN H 212 -23.55 65.71 8.75
N ILE H 213 -24.30 65.19 9.72
CA ILE H 213 -23.74 64.59 10.93
C ILE H 213 -23.73 63.08 10.69
N ASN H 214 -22.62 62.57 10.20
CA ASN H 214 -22.50 61.13 9.95
C ASN H 214 -22.16 60.45 11.27
N LEU H 215 -21.85 59.17 11.22
CA LEU H 215 -21.48 58.39 12.40
C LEU H 215 -20.33 57.46 12.06
N PRO H 216 -19.66 56.90 13.07
CA PRO H 216 -18.59 55.94 12.77
C PRO H 216 -19.13 54.71 12.08
N THR H 217 -18.21 53.99 11.42
CA THR H 217 -18.61 52.78 10.69
C THR H 217 -19.16 51.72 11.65
N GLU H 218 -18.57 51.60 12.85
CA GLU H 218 -19.03 50.58 13.80
C GLU H 218 -20.37 50.97 14.41
N VAL H 219 -20.54 52.25 14.79
CA VAL H 219 -21.82 52.69 15.36
C VAL H 219 -22.95 52.46 14.36
N SER H 220 -22.67 52.67 13.07
CA SER H 220 -23.70 52.47 12.05
C SER H 220 -24.01 50.99 11.87
N GLU H 221 -23.03 50.12 12.09
CA GLU H 221 -23.23 48.69 11.96
C GLU H 221 -24.15 48.15 13.05
N ALA H 222 -24.14 48.77 14.23
CA ALA H 222 -24.98 48.31 15.32
C ALA H 222 -26.44 48.74 15.13
N ILE H 223 -26.67 49.86 14.44
CA ILE H 223 -28.05 50.31 14.23
C ILE H 223 -28.76 49.36 13.27
N TYR H 224 -28.08 48.94 12.21
CA TYR H 224 -28.68 48.01 11.25
C TYR H 224 -28.99 46.68 11.94
N ASN H 225 -28.09 46.21 12.80
CA ASN H 225 -28.33 44.96 13.52
C ASN H 225 -29.57 45.08 14.40
N ARG H 226 -29.74 46.23 15.04
CA ARG H 226 -30.91 46.45 15.89
C ARG H 226 -32.19 46.35 15.07
N MET H 227 -32.23 47.00 13.91
CA MET H 227 -33.40 46.93 13.05
C MET H 227 -33.62 45.52 12.53
N ARG H 228 -32.52 44.83 12.19
CA ARG H 228 -32.64 43.46 11.69
C ARG H 228 -33.23 42.54 12.74
N ALA H 229 -32.79 42.67 13.99
CA ALA H 229 -33.33 41.84 15.07
C ALA H 229 -34.79 42.16 15.31
N GLU H 230 -35.14 43.45 15.32
CA GLU H 230 -36.54 43.84 15.52
C GLU H 230 -37.42 43.33 14.39
N ARG H 231 -36.95 43.50 13.14
CA ARG H 231 -37.72 43.04 11.99
C ARG H 231 -37.90 41.52 12.02
N GLU H 232 -36.84 40.79 12.38
CA GLU H 232 -36.95 39.33 12.43
C GLU H 232 -38.00 38.91 13.45
N ALA H 233 -38.09 39.62 14.57
CA ALA H 233 -39.10 39.31 15.58
C ALA H 233 -40.50 39.39 14.99
N VAL H 234 -40.76 40.47 14.22
CA VAL H 234 -42.07 40.64 13.59
C VAL H 234 -42.35 39.49 12.63
N ALA H 235 -41.35 39.14 11.82
CA ALA H 235 -41.52 38.03 10.88
C ALA H 235 -41.81 36.73 11.60
N ARG H 236 -41.07 36.46 12.70
CA ARG H 236 -41.32 35.26 13.47
C ARG H 236 -42.67 35.32 14.16
N ARG H 237 -43.06 36.51 14.63
CA ARG H 237 -44.34 36.67 15.29
C ARG H 237 -45.49 36.31 14.36
N HIS H 238 -45.46 36.82 13.14
CA HIS H 238 -46.50 36.51 12.17
C HIS H 238 -46.52 35.03 11.83
N ARG H 239 -45.35 34.45 11.54
CA ARG H 239 -45.28 33.04 11.19
C ARG H 239 -45.72 32.18 12.36
N SER H 240 -45.35 32.54 13.59
CA SER H 240 -45.78 31.78 14.76
C SER H 240 -47.29 31.87 14.93
N GLN H 241 -47.86 33.06 14.71
CA GLN H 241 -49.30 33.23 14.82
C GLN H 241 -50.02 32.34 13.83
N GLY H 242 -49.57 32.34 12.57
CA GLY H 242 -50.17 31.47 11.57
C GLY H 242 -50.10 30.02 11.96
N GLN H 243 -48.95 29.60 12.50
CA GLN H 243 -48.79 28.22 12.94
C GLN H 243 -49.74 27.90 14.09
N GLU H 244 -49.95 28.86 14.99
CA GLU H 244 -50.86 28.66 16.10
C GLU H 244 -52.27 28.38 15.61
N GLU H 245 -52.78 29.21 14.70
CA GLU H 245 -54.11 29.00 14.16
C GLU H 245 -54.22 27.67 13.44
N ALA H 246 -53.21 27.33 12.62
CA ALA H 246 -53.22 26.07 11.89
C ALA H 246 -53.29 24.88 12.85
N GLU H 247 -52.50 24.93 13.93
CA GLU H 247 -52.52 23.82 14.88
C GLU H 247 -53.89 23.67 15.51
N LYS H 248 -54.53 24.79 15.87
CA LYS H 248 -55.88 24.72 16.44
C LYS H 248 -56.85 24.06 15.47
N LEU H 249 -56.79 24.44 14.19
CA LEU H 249 -57.64 23.82 13.18
C LEU H 249 -57.35 22.33 13.06
N ARG H 250 -56.07 21.97 13.07
CA ARG H 250 -55.70 20.56 12.98
C ARG H 250 -56.18 19.79 14.22
N ALA H 251 -56.15 20.42 15.39
CA ALA H 251 -56.56 19.75 16.62
C ALA H 251 -58.03 19.34 16.57
N THR H 252 -58.89 20.25 16.14
CA THR H 252 -60.31 19.93 16.05
C THR H 252 -60.57 18.90 14.96
N ALA H 253 -59.78 18.91 13.89
CA ALA H 253 -59.97 17.97 12.79
C ALA H 253 -59.81 16.53 13.26
N ASP H 254 -58.77 16.25 14.06
CA ASP H 254 -58.59 14.89 14.56
C ASP H 254 -59.75 14.48 15.45
N TYR H 255 -60.28 15.42 16.24
CA TYR H 255 -61.41 15.12 17.12
C TYR H 255 -62.62 14.69 16.31
N GLU H 256 -62.91 15.41 15.22
CA GLU H 256 -64.05 15.05 14.38
C GLU H 256 -63.84 13.68 13.74
N VAL H 257 -62.63 13.39 13.28
CA VAL H 257 -62.33 12.08 12.70
C VAL H 257 -62.56 10.99 13.73
N THR H 258 -62.03 11.19 14.94
CA THR H 258 -62.21 10.20 16.00
C THR H 258 -63.68 10.06 16.37
N ARG H 259 -64.41 11.17 16.39
CA ARG H 259 -65.84 11.13 16.70
C ARG H 259 -66.59 10.31 15.66
N THR H 260 -66.30 10.56 14.38
CA THR H 260 -66.96 9.81 13.31
C THR H 260 -66.58 8.33 13.36
N LEU H 261 -65.31 8.04 13.59
CA LEU H 261 -64.85 6.66 13.67
C LEU H 261 -65.51 5.94 14.85
N ALA H 262 -65.67 6.62 15.98
CA ALA H 262 -66.28 6.01 17.15
C ALA H 262 -67.74 5.65 16.89
N GLU H 263 -68.47 6.54 16.21
CA GLU H 263 -69.87 6.24 15.88
C GLU H 263 -69.97 4.99 15.03
N ALA H 264 -69.11 4.86 14.02
CA ALA H 264 -69.11 3.68 13.16
C ALA H 264 -68.80 2.42 13.97
N GLU H 265 -67.86 2.52 14.90
CA GLU H 265 -67.51 1.36 15.73
C GLU H 265 -68.69 0.92 16.57
N ARG H 266 -69.49 1.87 17.06
CA ARG H 266 -70.66 1.52 17.85
C ARG H 266 -71.65 0.73 17.02
N GLN H 267 -71.91 1.18 15.78
CA GLN H 267 -72.82 0.46 14.89
C GLN H 267 -72.30 -0.93 14.59
N GLY H 268 -70.99 -1.05 14.35
CA GLY H 268 -70.42 -2.36 14.05
C GLY H 268 -70.55 -3.33 15.21
N ARG H 269 -70.38 -2.84 16.44
CA ARG H 269 -70.52 -3.71 17.60
C ARG H 269 -71.94 -4.25 17.72
N ILE H 270 -72.93 -3.42 17.41
CA ILE H 270 -74.33 -3.85 17.46
C ILE H 270 -74.55 -4.99 16.48
N MET H 271 -74.04 -4.85 15.26
CA MET H 271 -74.18 -5.90 14.26
C MET H 271 -73.50 -7.18 14.71
N ARG H 272 -72.28 -7.06 15.27
CA ARG H 272 -71.56 -8.23 15.73
C ARG H 272 -72.30 -8.93 16.86
N GLY H 273 -72.91 -8.16 17.76
CA GLY H 273 -73.65 -8.75 18.85
C GLY H 273 -74.84 -9.57 18.37
N GLU H 274 -75.55 -9.05 17.36
CA GLU H 274 -76.69 -9.77 16.80
C GLU H 274 -76.27 -11.13 16.26
N GLY H 275 -75.19 -11.16 15.45
CA GLY H 275 -74.74 -12.42 14.89
C GLY H 275 -74.34 -13.43 15.96
N ASP H 276 -73.59 -12.99 16.96
CA ASP H 276 -73.19 -13.91 18.03
C ASP H 276 -74.41 -14.42 18.78
N ALA H 277 -75.38 -13.55 19.06
CA ALA H 277 -76.59 -13.98 19.74
C ALA H 277 -77.38 -14.95 18.88
N GLU H 278 -77.51 -14.65 17.59
CA GLU H 278 -78.25 -15.52 16.68
C GLU H 278 -77.60 -16.90 16.60
N ALA H 279 -76.27 -16.94 16.51
CA ALA H 279 -75.58 -18.23 16.45
C ALA H 279 -75.76 -19.00 17.76
N ALA H 280 -75.77 -18.29 18.88
CA ALA H 280 -75.98 -18.94 20.17
C ALA H 280 -77.35 -19.58 20.26
N LYS H 281 -78.36 -18.95 19.64
CA LYS H 281 -79.71 -19.50 19.65
C LYS H 281 -79.72 -20.88 18.99
N LEU H 282 -79.12 -20.99 17.81
CA LEU H 282 -79.04 -22.28 17.13
C LEU H 282 -78.23 -23.26 17.97
N PHE H 283 -77.09 -22.80 18.50
CA PHE H 283 -76.28 -23.63 19.38
C PHE H 283 -77.09 -24.11 20.58
N ALA H 284 -77.86 -23.21 21.19
CA ALA H 284 -78.69 -23.56 22.34
C ALA H 284 -79.73 -24.62 21.98
N ASP H 285 -80.36 -24.49 20.82
CA ASP H 285 -81.40 -25.41 20.39
C ASP H 285 -80.88 -26.67 19.71
N ALA H 286 -79.59 -26.71 19.38
CA ALA H 286 -78.99 -27.86 18.70
C ALA H 286 -78.05 -28.67 19.60
N PHE H 287 -77.46 -28.04 20.61
CA PHE H 287 -76.55 -28.70 21.55
C PHE H 287 -77.25 -29.15 22.82
N SER H 288 -78.32 -28.45 23.24
CA SER H 288 -79.05 -28.86 24.43
C SER H 288 -79.71 -30.23 24.25
N LYS H 289 -79.84 -30.70 23.02
CA LYS H 289 -80.36 -32.04 22.75
C LYS H 289 -79.55 -33.09 23.50
N ASP H 290 -78.22 -32.97 23.43
CA ASP H 290 -77.30 -33.93 24.05
C ASP H 290 -76.00 -33.20 24.37
N PRO H 291 -76.03 -32.32 25.38
CA PRO H 291 -74.83 -31.52 25.70
C PRO H 291 -73.66 -32.34 26.22
N ASP H 292 -73.91 -33.51 26.81
CA ASP H 292 -72.80 -34.35 27.27
C ASP H 292 -71.88 -34.71 26.11
N PHE H 293 -72.46 -35.24 25.03
CA PHE H 293 -71.67 -35.60 23.85
C PHE H 293 -71.06 -34.36 23.21
N TYR H 294 -71.86 -33.30 23.07
CA TYR H 294 -71.37 -32.06 22.46
C TYR H 294 -70.16 -31.51 23.21
N ALA H 295 -70.28 -31.34 24.53
CA ALA H 295 -69.15 -30.83 25.29
C ALA H 295 -67.98 -31.79 25.26
N PHE H 296 -68.26 -33.09 25.21
CA PHE H 296 -67.20 -34.09 25.12
C PHE H 296 -66.37 -33.87 23.86
N ILE H 297 -67.04 -33.68 22.73
CA ILE H 297 -66.33 -33.43 21.47
C ILE H 297 -65.62 -32.08 21.51
N ARG H 298 -66.26 -31.07 22.13
CA ARG H 298 -65.64 -29.75 22.21
C ARG H 298 -64.38 -29.79 23.04
N SER H 299 -64.36 -30.63 24.08
CA SER H 299 -63.14 -30.75 24.88
C SER H 299 -62.07 -31.45 24.06
N LEU H 300 -62.45 -32.54 23.37
CA LEU H 300 -61.52 -33.22 22.47
C LEU H 300 -61.04 -32.27 21.38
N ARG H 301 -61.94 -31.39 20.92
CA ARG H 301 -61.57 -30.42 19.89
C ARG H 301 -60.59 -29.39 20.44
N ALA H 302 -60.83 -28.92 21.67
CA ALA H 302 -59.93 -27.94 22.28
C ALA H 302 -58.54 -28.52 22.42
N TYR H 303 -58.44 -29.80 22.77
CA TYR H 303 -57.13 -30.44 22.91
C TYR H 303 -56.42 -30.49 21.58
N GLU H 304 -57.12 -30.92 20.52
CA GLU H 304 -56.53 -31.01 19.19
C GLU H 304 -56.04 -29.66 18.69
N ASN H 305 -56.75 -28.58 19.04
CA ASN H 305 -56.38 -27.25 18.58
C ASN H 305 -55.23 -26.66 19.38
N SER H 306 -55.17 -26.94 20.68
CA SER H 306 -54.15 -26.35 21.54
C SER H 306 -52.86 -27.17 21.61
N PHE H 307 -52.96 -28.45 21.99
CA PHE H 307 -51.79 -29.33 22.10
C PHE H 307 -50.91 -29.40 20.85
N SER H 308 -51.45 -29.03 19.68
CA SER H 308 -50.74 -29.06 18.40
C SER H 308 -49.28 -28.58 18.49
N GLY H 309 -49.06 -27.41 19.10
CA GLY H 309 -47.71 -26.89 19.22
C GLY H 309 -46.82 -27.84 20.01
N ASN H 310 -45.55 -27.92 19.59
CA ASN H 310 -44.60 -28.82 20.24
C ASN H 310 -44.26 -28.36 21.65
N GLN H 311 -44.33 -27.05 21.92
CA GLN H 311 -44.06 -26.53 23.26
C GLN H 311 -44.95 -27.18 24.30
N ASP H 312 -46.14 -27.61 23.90
CA ASP H 312 -47.10 -28.28 24.78
C ASP H 312 -46.68 -29.74 24.92
N VAL H 313 -46.47 -30.19 26.16
CA VAL H 313 -46.04 -31.56 26.42
C VAL H 313 -46.98 -32.17 27.46
N MET H 314 -47.09 -33.49 27.42
CA MET H 314 -47.95 -34.26 28.32
C MET H 314 -47.12 -35.35 28.98
N VAL H 315 -47.24 -35.46 30.30
CA VAL H 315 -46.54 -36.48 31.07
C VAL H 315 -47.55 -37.55 31.41
N MET H 316 -47.26 -38.78 30.99
CA MET H 316 -48.11 -39.96 31.19
C MET H 316 -47.37 -41.00 32.03
N SER H 317 -48.01 -42.16 32.18
CA SER H 317 -47.44 -43.26 32.95
C SER H 317 -47.98 -44.56 32.38
N PRO H 318 -47.25 -45.68 32.55
CA PRO H 318 -47.75 -46.96 32.02
C PRO H 318 -49.12 -47.36 32.52
N ASP H 319 -49.50 -46.92 33.72
CA ASP H 319 -50.80 -47.27 34.30
C ASP H 319 -51.95 -46.45 33.72
N SER H 320 -51.66 -45.30 33.12
CA SER H 320 -52.65 -44.43 32.49
C SER H 320 -53.66 -45.22 31.66
N ASP H 321 -54.94 -44.91 31.84
CA ASP H 321 -56.02 -45.62 31.17
C ASP H 321 -55.83 -45.70 29.65
N PHE H 322 -55.46 -44.59 29.00
CA PHE H 322 -55.26 -44.65 27.56
C PHE H 322 -54.20 -45.67 27.18
N PHE H 323 -53.19 -45.84 28.04
CA PHE H 323 -52.11 -46.80 27.82
C PHE H 323 -52.37 -48.11 28.56
N ARG H 324 -53.64 -48.43 28.80
CA ARG H 324 -53.99 -49.67 29.49
C ARG H 324 -53.55 -50.89 28.70
N TYR H 325 -53.48 -50.78 27.37
CA TYR H 325 -53.07 -51.89 26.52
C TYR H 325 -51.56 -51.94 26.29
N MET H 326 -50.79 -51.17 27.06
CA MET H 326 -49.32 -51.19 26.99
C MET H 326 -48.73 -52.20 27.97
N LYS H 327 -49.51 -53.21 28.38
CA LYS H 327 -49.09 -54.22 29.33
C LYS H 327 -49.31 -55.60 28.73
N THR H 328 -48.63 -56.59 29.31
CA THR H 328 -48.71 -57.97 28.85
C THR H 328 -50.17 -58.43 28.81
N PRO H 329 -50.60 -59.16 27.75
CA PRO H 329 -52.00 -59.60 27.72
C PRO H 329 -52.36 -60.54 28.89
N ARG I 79 42.46 115.54 -15.72
CA ARG I 79 41.06 115.24 -16.02
C ARG I 79 40.77 113.75 -15.88
N VAL I 80 41.79 112.92 -16.11
CA VAL I 80 41.60 111.47 -16.00
C VAL I 80 41.34 111.07 -14.56
N VAL I 81 41.93 111.78 -13.59
CA VAL I 81 41.72 111.46 -12.19
C VAL I 81 40.28 111.74 -11.78
N THR I 82 39.69 112.81 -12.32
CA THR I 82 38.31 113.15 -12.00
C THR I 82 37.35 112.06 -12.46
N ILE I 83 37.60 111.49 -13.64
CA ILE I 83 36.74 110.44 -14.18
C ILE I 83 36.74 109.22 -13.27
N ALA I 84 37.91 108.86 -12.74
CA ALA I 84 38.01 107.67 -11.89
C ALA I 84 37.18 107.80 -10.62
N ALA I 85 37.18 108.99 -10.00
CA ALA I 85 36.43 109.18 -8.77
C ALA I 85 34.93 109.00 -8.98
N ALA I 86 34.40 109.49 -10.10
CA ALA I 86 32.97 109.37 -10.39
C ALA I 86 32.54 107.91 -10.50
N ALA I 87 33.38 107.06 -11.09
CA ALA I 87 33.02 105.66 -11.30
C ALA I 87 32.80 104.91 -9.97
N ILE I 88 33.67 105.12 -8.98
CA ILE I 88 33.57 104.37 -7.73
C ILE I 88 32.36 104.79 -6.90
N VAL I 89 32.01 106.08 -6.89
CA VAL I 89 30.94 106.53 -6.00
C VAL I 89 29.56 106.02 -6.42
N ILE I 90 29.29 105.88 -7.73
CA ILE I 90 27.97 105.42 -8.15
C ILE I 90 27.70 103.99 -7.70
N ILE I 91 28.72 103.13 -7.75
CA ILE I 91 28.53 101.74 -7.32
C ILE I 91 28.22 101.69 -5.83
N TRP I 92 28.90 102.53 -5.05
CA TRP I 92 28.65 102.59 -3.61
C TRP I 92 27.20 102.94 -3.32
N ALA I 93 26.69 103.98 -4.00
CA ALA I 93 25.31 104.40 -3.81
C ALA I 93 24.33 103.38 -4.39
N ALA I 94 24.64 102.83 -5.56
CA ALA I 94 23.77 101.86 -6.22
C ALA I 94 23.50 100.66 -5.33
N SER I 95 24.56 99.93 -4.96
CA SER I 95 24.40 98.79 -4.07
C SER I 95 23.83 99.21 -2.72
N GLY I 96 24.24 100.40 -2.24
CA GLY I 96 23.74 100.89 -0.97
C GLY I 96 22.23 100.95 -0.88
N PHE I 97 21.57 101.39 -1.96
CA PHE I 97 20.12 101.48 -1.94
C PHE I 97 19.52 100.08 -1.84
N TYR I 98 18.54 99.92 -0.97
CA TYR I 98 17.88 98.65 -0.75
C TYR I 98 16.44 98.87 -0.35
N THR I 99 15.57 97.94 -0.75
CA THR I 99 14.16 97.97 -0.42
C THR I 99 13.85 96.81 0.51
N ILE I 100 13.03 97.07 1.53
CA ILE I 100 12.61 96.07 2.50
C ILE I 100 11.11 95.87 2.36
N LYS I 101 10.69 94.62 2.37
CA LYS I 101 9.28 94.28 2.21
C LYS I 101 8.46 94.86 3.36
N GLU I 102 7.13 94.80 3.19
CA GLU I 102 6.22 95.35 4.18
C GLU I 102 6.12 94.44 5.40
N ALA I 103 6.16 93.13 5.18
CA ALA I 103 6.11 92.17 6.28
C ALA I 103 7.46 91.98 6.96
N GLU I 104 8.51 92.67 6.49
CA GLU I 104 9.84 92.59 7.04
C GLU I 104 10.24 93.95 7.61
N ARG I 105 11.17 93.92 8.58
CA ARG I 105 11.68 95.13 9.22
C ARG I 105 13.21 95.06 9.22
N GLY I 106 13.84 95.86 8.36
CA GLY I 106 15.29 95.86 8.30
C GLY I 106 15.92 96.28 9.61
N VAL I 107 17.09 95.69 9.88
CA VAL I 107 17.87 95.98 11.09
C VAL I 107 19.25 96.43 10.61
N VAL I 108 19.46 97.74 10.49
CA VAL I 108 20.75 98.25 10.04
C VAL I 108 21.76 98.08 11.17
N THR I 109 22.95 97.59 10.82
CA THR I 109 24.01 97.33 11.80
C THR I 109 25.36 97.82 11.34
N ARG I 110 26.05 98.55 12.21
CA ARG I 110 27.43 98.98 11.95
C ARG I 110 28.31 97.74 11.89
N PHE I 111 29.59 97.92 11.51
CA PHE I 111 30.51 96.80 11.33
C PHE I 111 30.42 95.79 12.48
N GLY I 112 30.67 96.23 13.72
CA GLY I 112 30.50 95.37 14.87
C GLY I 112 29.24 95.65 15.64
N LYS I 113 28.94 96.94 15.80
CA LYS I 113 27.79 97.44 16.55
C LYS I 113 26.51 97.53 15.74
N PHE I 114 25.38 97.35 16.42
CA PHE I 114 24.07 97.54 15.80
C PHE I 114 23.83 99.05 15.74
N SER I 115 23.16 99.51 14.67
CA SER I 115 22.94 100.95 14.49
C SER I 115 21.53 101.43 14.77
N HIS I 116 20.51 100.84 14.14
CA HIS I 116 19.13 101.27 14.36
C HIS I 116 18.19 100.35 13.60
N LEU I 117 16.91 100.42 13.95
CA LEU I 117 15.87 99.64 13.29
C LEU I 117 15.16 100.53 12.27
N VAL I 118 15.20 100.11 11.01
CA VAL I 118 14.56 100.84 9.91
C VAL I 118 13.13 100.33 9.73
N GLU I 119 12.21 101.25 9.44
CA GLU I 119 10.82 100.90 9.22
C GLU I 119 10.59 100.64 7.74
N PRO I 120 9.49 99.94 7.38
CA PRO I 120 9.23 99.61 5.98
C PRO I 120 9.35 100.79 5.01
N GLY I 121 9.65 100.46 3.76
CA GLY I 121 9.85 101.43 2.69
C GLY I 121 11.22 101.27 2.09
N LEU I 122 11.70 102.27 1.35
CA LEU I 122 13.02 102.24 0.73
C LEU I 122 13.98 103.11 1.54
N ASN I 123 15.00 102.48 2.11
CA ASN I 123 16.04 103.16 2.87
C ASN I 123 17.37 102.99 2.15
N TRP I 124 18.39 103.69 2.64
CA TRP I 124 19.73 103.64 2.08
C TRP I 124 20.73 103.27 3.18
N LYS I 125 21.69 102.41 2.84
CA LYS I 125 22.75 102.00 3.75
C LYS I 125 24.08 102.11 3.00
N PRO I 126 25.08 102.82 3.52
CA PRO I 126 26.37 102.87 2.82
C PRO I 126 26.95 101.48 2.59
N THR I 127 27.18 101.14 1.32
CA THR I 127 27.70 99.83 0.96
C THR I 127 29.08 99.60 1.56
N PHE I 128 29.28 98.41 2.12
CA PHE I 128 30.52 97.92 2.75
C PHE I 128 30.73 98.50 4.14
N ILE I 129 29.84 99.35 4.64
CA ILE I 129 29.96 99.96 5.97
C ILE I 129 28.96 99.35 6.95
N ASP I 130 27.69 99.33 6.59
CA ASP I 130 26.63 98.77 7.40
C ASP I 130 25.80 97.81 6.57
N GLU I 131 25.12 96.89 7.25
CA GLU I 131 24.29 95.89 6.60
C GLU I 131 22.94 95.82 7.30
N VAL I 132 21.91 95.46 6.53
CA VAL I 132 20.54 95.36 7.00
C VAL I 132 20.12 93.90 7.04
N LYS I 133 19.33 93.54 8.04
CA LYS I 133 18.84 92.17 8.21
C LYS I 133 17.31 92.22 8.25
N PRO I 134 16.58 91.79 7.22
CA PRO I 134 15.11 91.84 7.31
C PRO I 134 14.58 90.70 8.16
N VAL I 135 13.75 91.05 9.14
CA VAL I 135 13.11 90.09 10.04
C VAL I 135 11.61 90.18 9.84
N ASN I 136 10.96 89.02 9.70
CA ASN I 136 9.51 88.96 9.49
C ASN I 136 8.80 89.23 10.82
N VAL I 137 8.46 90.52 11.04
CA VAL I 137 7.78 90.92 12.27
C VAL I 137 6.26 90.85 12.17
N GLU I 138 5.70 90.55 10.99
CA GLU I 138 4.24 90.52 10.80
C GLU I 138 3.67 89.14 10.54
N ALA I 139 4.36 88.27 9.78
CA ALA I 139 3.83 86.95 9.49
C ALA I 139 3.62 86.14 10.77
N VAL I 140 2.55 85.36 10.80
CA VAL I 140 2.20 84.53 11.95
C VAL I 140 2.61 83.09 11.65
N ARG I 141 3.59 82.59 12.38
CA ARG I 141 4.08 81.23 12.25
C ARG I 141 3.33 80.30 13.20
N GLU I 142 3.54 78.99 13.01
CA GLU I 142 2.93 77.97 13.84
C GLU I 142 3.99 76.97 14.26
N LEU I 143 3.73 76.30 15.39
CA LEU I 143 4.68 75.35 15.95
C LEU I 143 3.88 74.24 16.63
N ALA I 144 3.76 73.10 15.96
CA ALA I 144 3.04 71.96 16.51
C ALA I 144 3.99 71.12 17.36
N ALA I 145 3.63 70.92 18.62
CA ALA I 145 4.43 70.16 19.58
C ALA I 145 3.63 68.93 19.99
N SER I 146 4.22 67.76 19.82
CA SER I 146 3.57 66.49 20.13
C SER I 146 4.56 65.59 20.85
N GLY I 147 4.08 64.42 21.25
CA GLY I 147 4.89 63.44 21.94
C GLY I 147 4.05 62.52 22.78
N VAL I 148 4.63 61.38 23.11
CA VAL I 148 3.97 60.35 23.92
C VAL I 148 4.28 60.68 25.38
N MET I 149 3.47 61.54 25.97
CA MET I 149 3.64 61.96 27.37
C MET I 149 3.00 60.98 28.34
N LEU I 150 3.38 61.11 29.61
CA LEU I 150 2.87 60.30 30.70
C LEU I 150 1.87 61.10 31.51
N THR I 151 0.71 60.49 31.81
CA THR I 151 -0.34 61.17 32.57
C THR I 151 -0.10 61.01 34.07
N SER I 152 -1.09 61.43 34.87
CA SER I 152 -1.03 61.35 36.32
C SER I 152 -1.55 60.04 36.91
N ASP I 153 -2.17 59.19 36.08
CA ASP I 153 -2.72 57.91 36.53
C ASP I 153 -1.88 56.73 36.05
N GLU I 154 -0.60 56.97 35.76
CA GLU I 154 0.34 55.97 35.26
C GLU I 154 -0.05 55.45 33.88
N ASN I 155 -0.92 56.16 33.17
CA ASN I 155 -1.34 55.83 31.82
C ASN I 155 -0.57 56.69 30.82
N VAL I 156 -0.45 56.19 29.59
CA VAL I 156 0.25 56.89 28.52
C VAL I 156 -0.78 57.41 27.54
N VAL I 157 -0.55 58.64 27.04
CA VAL I 157 -1.44 59.29 26.09
C VAL I 157 -0.62 59.92 24.97
N ARG I 158 -1.02 59.67 23.72
CA ARG I 158 -0.37 60.27 22.55
C ARG I 158 -1.07 61.60 22.31
N VAL I 159 -0.43 62.69 22.74
CA VAL I 159 -1.00 64.04 22.65
C VAL I 159 -0.23 64.87 21.63
N GLU I 160 -0.98 65.68 20.87
CA GLU I 160 -0.46 66.60 19.88
C GLU I 160 -1.13 67.95 20.06
N MET I 161 -0.35 69.02 19.91
CA MET I 161 -0.84 70.38 20.08
C MET I 161 -0.29 71.26 18.96
N ASN I 162 -1.00 72.36 18.70
CA ASN I 162 -0.63 73.36 17.70
C ASN I 162 -0.54 74.71 18.41
N VAL I 163 0.55 75.45 18.15
CA VAL I 163 0.81 76.74 18.78
C VAL I 163 1.16 77.77 17.71
N GLN I 164 0.26 78.74 17.51
CA GLN I 164 0.47 79.82 16.56
C GLN I 164 1.09 81.00 17.29
N TYR I 165 2.19 81.54 16.73
CA TYR I 165 2.91 82.63 17.37
C TYR I 165 3.43 83.61 16.33
N ARG I 166 4.02 84.70 16.86
CA ARG I 166 4.62 85.77 16.08
C ARG I 166 5.93 86.15 16.77
N VAL I 167 6.62 87.15 16.21
CA VAL I 167 7.89 87.65 16.75
C VAL I 167 7.73 89.13 17.08
N THR I 168 8.79 89.72 17.63
CA THR I 168 8.82 91.11 18.09
C THR I 168 10.18 91.68 17.69
N ASN I 169 10.52 92.85 18.24
CA ASN I 169 11.75 93.61 17.95
C ASN I 169 12.96 92.68 17.81
N PRO I 170 13.65 92.68 16.66
CA PRO I 170 14.75 91.71 16.48
C PRO I 170 15.95 91.91 17.38
N GLU I 171 16.06 93.00 18.14
CA GLU I 171 17.23 93.15 19.00
C GLU I 171 17.27 92.06 20.06
N LYS I 172 16.10 91.65 20.55
CA LYS I 172 16.02 90.56 21.51
C LYS I 172 16.02 89.20 20.80
N TYR I 173 15.11 89.03 19.84
CA TYR I 173 14.97 87.77 19.11
C TYR I 173 16.28 87.30 18.50
N LEU I 174 17.09 88.23 17.98
CA LEU I 174 18.34 87.87 17.33
C LEU I 174 19.52 87.73 18.28
N TYR I 175 19.56 88.47 19.40
CA TYR I 175 20.70 88.43 20.31
C TYR I 175 20.29 88.13 21.75
N SER I 176 19.35 87.21 21.96
CA SER I 176 18.97 86.76 23.29
C SER I 176 19.34 85.31 23.53
N VAL I 177 18.92 84.42 22.63
CA VAL I 177 19.21 83.00 22.71
C VAL I 177 19.50 82.51 21.29
N THR I 178 20.40 81.54 21.19
CA THR I 178 20.69 80.96 19.88
C THR I 178 19.52 80.09 19.47
N SER I 179 19.20 80.11 18.16
CA SER I 179 18.07 79.38 17.57
C SER I 179 16.83 79.54 18.44
N PRO I 180 16.27 80.75 18.54
CA PRO I 180 15.09 80.94 19.41
C PRO I 180 13.90 80.07 19.06
N ASP I 181 13.65 79.82 17.77
CA ASP I 181 12.50 79.02 17.38
C ASP I 181 12.65 77.58 17.87
N ASP I 182 13.79 76.95 17.59
CA ASP I 182 13.99 75.57 18.02
C ASP I 182 14.12 75.47 19.54
N SER I 183 14.83 76.41 20.15
CA SER I 183 14.98 76.40 21.61
C SER I 183 13.63 76.48 22.31
N LEU I 184 12.71 77.29 21.75
CA LEU I 184 11.37 77.39 22.32
C LEU I 184 10.63 76.07 22.21
N ARG I 185 10.84 75.35 21.10
CA ARG I 185 10.16 74.07 20.91
C ARG I 185 10.57 73.07 21.98
N GLN I 186 11.84 73.05 22.38
CA GLN I 186 12.26 72.14 23.44
C GLN I 186 11.61 72.53 24.75
N ALA I 187 11.50 73.84 25.02
CA ALA I 187 10.80 74.30 26.20
C ALA I 187 9.34 73.89 26.15
N THR I 188 8.74 73.94 24.96
CA THR I 188 7.35 73.53 24.80
C THR I 188 7.18 72.05 25.12
N ASP I 189 8.13 71.21 24.69
CA ASP I 189 8.05 69.79 25.00
C ASP I 189 8.13 69.58 26.51
N SER I 190 9.05 70.28 27.17
CA SER I 190 9.16 70.19 28.63
C SER I 190 7.88 70.67 29.28
N ALA I 191 7.30 71.75 28.75
CA ALA I 191 6.06 72.29 29.29
C ALA I 191 4.90 71.34 29.05
N LEU I 192 4.77 70.84 27.82
CA LEU I 192 3.67 69.93 27.49
C LEU I 192 3.76 68.65 28.32
N ARG I 193 4.96 68.10 28.48
CA ARG I 193 5.13 66.88 29.28
C ARG I 193 4.72 67.14 30.72
N GLY I 194 5.19 68.24 31.30
CA GLY I 194 4.86 68.56 32.68
C GLY I 194 3.37 68.72 32.92
N VAL I 195 2.70 69.47 32.05
CA VAL I 195 1.27 69.72 32.21
C VAL I 195 0.49 68.41 32.14
N ILE I 196 0.73 67.60 31.11
CA ILE I 196 0.05 66.31 30.98
C ILE I 196 0.28 65.46 32.22
N GLY I 197 1.48 65.54 32.80
CA GLY I 197 1.79 64.79 34.01
C GLY I 197 0.85 65.07 35.17
N LYS I 198 0.31 66.28 35.24
CA LYS I 198 -0.57 66.65 36.34
C LYS I 198 -1.97 66.06 36.20
N TYR I 199 -2.53 66.06 34.99
CA TYR I 199 -3.88 65.55 34.78
C TYR I 199 -3.87 64.06 34.45
N THR I 200 -5.03 63.43 34.69
CA THR I 200 -5.21 62.02 34.41
C THR I 200 -5.55 61.82 32.93
N MET I 201 -5.44 60.57 32.49
CA MET I 201 -5.71 60.23 31.09
C MET I 201 -7.15 60.57 30.69
N ASP I 202 -8.13 60.11 31.48
CA ASP I 202 -9.54 60.32 31.14
C ASP I 202 -9.87 61.80 31.03
N ARG I 203 -9.38 62.62 31.94
CA ARG I 203 -9.63 64.05 31.87
C ARG I 203 -9.03 64.65 30.60
N ILE I 204 -7.75 64.35 30.34
CA ILE I 204 -7.04 64.87 29.18
C ILE I 204 -7.75 64.54 27.87
N LEU I 205 -8.45 63.41 27.80
CA LEU I 205 -9.07 63.03 26.54
C LEU I 205 -10.30 63.87 26.20
N THR I 206 -11.18 64.13 27.17
CA THR I 206 -12.40 64.87 26.93
C THR I 206 -12.49 66.22 27.64
N GLU I 207 -12.30 66.26 28.95
CA GLU I 207 -12.48 67.48 29.73
C GLU I 207 -11.26 68.39 29.71
N GLY I 208 -10.08 67.83 29.94
CA GLY I 208 -8.86 68.61 30.05
C GLY I 208 -8.51 69.42 28.81
N ARG I 209 -9.00 69.04 27.64
CA ARG I 209 -8.72 69.73 26.38
C ARG I 209 -8.77 71.26 26.46
N THR I 210 -9.78 71.80 27.16
CA THR I 210 -9.90 73.25 27.26
C THR I 210 -8.89 73.85 28.25
N VAL I 211 -8.77 73.26 29.44
CA VAL I 211 -7.84 73.79 30.44
C VAL I 211 -6.39 73.53 30.05
N ILE I 212 -6.11 72.40 29.39
CA ILE I 212 -4.74 72.05 29.03
C ILE I 212 -4.12 73.13 28.15
N ARG I 213 -4.86 73.60 27.13
CA ARG I 213 -4.33 74.64 26.27
C ARG I 213 -4.06 75.92 27.06
N SER I 214 -4.97 76.28 27.96
CA SER I 214 -4.78 77.48 28.79
C SER I 214 -3.56 77.33 29.68
N ASP I 215 -3.45 76.20 30.39
CA ASP I 215 -2.32 75.98 31.28
C ASP I 215 -1.01 75.89 30.49
N THR I 216 -1.02 75.11 29.40
CA THR I 216 0.19 74.97 28.58
C THR I 216 0.62 76.31 28.01
N GLN I 217 -0.35 77.15 27.63
CA GLN I 217 -0.02 78.46 27.08
C GLN I 217 0.57 79.37 28.15
N ARG I 218 -0.05 79.38 29.34
CA ARG I 218 0.45 80.21 30.43
C ARG I 218 1.79 79.71 30.94
N GLU I 219 1.94 78.39 31.09
CA GLU I 219 3.19 77.83 31.61
C GLU I 219 4.35 78.09 30.66
N LEU I 220 4.14 77.88 29.36
CA LEU I 220 5.21 78.10 28.39
C LEU I 220 5.71 79.54 28.43
N GLU I 221 4.80 80.49 28.63
CA GLU I 221 5.21 81.90 28.70
C GLU I 221 6.22 82.13 29.83
N GLU I 222 5.95 81.54 31.00
CA GLU I 222 6.88 81.66 32.12
C GLU I 222 8.21 81.01 31.78
N THR I 223 8.18 79.93 31.01
CA THR I 223 9.40 79.21 30.64
C THR I 223 10.31 80.04 29.74
N ILE I 224 9.73 80.90 28.89
CA ILE I 224 10.53 81.71 27.97
C ILE I 224 10.66 83.16 28.43
N ARG I 225 10.11 83.52 29.60
CA ARG I 225 10.29 84.89 30.09
C ARG I 225 11.75 85.15 30.44
N PRO I 226 12.43 84.31 31.24
CA PRO I 226 13.86 84.55 31.50
C PRO I 226 14.69 84.60 30.24
N TYR I 227 14.38 83.75 29.26
CA TYR I 227 15.13 83.70 28.00
C TYR I 227 15.18 85.07 27.33
N ASP I 228 14.08 85.82 27.41
CA ASP I 228 13.94 87.17 26.85
C ASP I 228 13.79 87.18 25.33
N MET I 229 13.60 86.02 24.70
CA MET I 229 13.41 85.95 23.25
C MET I 229 12.25 86.86 22.82
N GLY I 230 12.30 87.27 21.56
CA GLY I 230 11.29 88.16 21.03
C GLY I 230 10.05 87.48 20.49
N ILE I 231 9.86 86.20 20.75
CA ILE I 231 8.68 85.49 20.28
C ILE I 231 7.50 85.86 21.17
N THR I 232 6.35 86.12 20.55
CA THR I 232 5.12 86.44 21.25
C THR I 232 4.09 85.36 20.96
N LEU I 233 3.43 84.88 22.01
CA LEU I 233 2.43 83.84 21.85
C LEU I 233 1.10 84.44 21.40
N LEU I 234 0.59 83.98 20.26
CA LEU I 234 -0.68 84.44 19.72
C LEU I 234 -1.84 83.56 20.13
N ASP I 235 -1.74 82.25 19.88
CA ASP I 235 -2.80 81.33 20.26
C ASP I 235 -2.22 79.93 20.40
N VAL I 236 -2.82 79.16 21.30
CA VAL I 236 -2.44 77.77 21.58
C VAL I 236 -3.69 76.95 21.31
N ASN I 237 -3.75 76.30 20.15
CA ASN I 237 -4.92 75.52 19.72
C ASN I 237 -4.60 74.03 19.81
N PHE I 238 -5.11 73.38 20.85
CA PHE I 238 -4.95 71.95 21.04
C PHE I 238 -5.52 71.20 19.84
N GLN I 239 -4.81 70.15 19.39
CA GLN I 239 -5.25 69.39 18.22
C GLN I 239 -5.85 68.04 18.56
N ALA I 240 -5.15 67.20 19.31
CA ALA I 240 -5.70 65.88 19.65
C ALA I 240 -4.95 65.30 20.84
N ALA I 241 -5.64 64.38 21.53
CA ALA I 241 -5.11 63.66 22.70
C ALA I 241 -5.38 62.17 22.57
N ARG I 242 -5.45 61.66 21.34
CA ARG I 242 -5.81 60.27 21.07
C ARG I 242 -4.97 59.31 21.92
N PRO I 243 -5.54 58.19 22.37
CA PRO I 243 -4.80 57.26 23.23
C PRO I 243 -3.72 56.52 22.45
N PRO I 244 -2.85 55.78 23.13
CA PRO I 244 -1.80 55.03 22.41
C PRO I 244 -2.41 54.03 21.45
N GLU I 245 -1.80 53.93 20.26
CA GLU I 245 -2.27 53.02 19.24
C GLU I 245 -2.23 51.56 19.71
N GLU I 246 -1.31 51.23 20.63
CA GLU I 246 -1.21 49.85 21.10
C GLU I 246 -2.47 49.42 21.85
N VAL I 247 -3.07 50.34 22.63
CA VAL I 247 -4.27 50.04 23.39
C VAL I 247 -5.55 50.50 22.69
N LYS I 248 -5.43 51.17 21.54
CA LYS I 248 -6.63 51.61 20.81
C LYS I 248 -7.53 50.44 20.46
N ALA I 249 -6.93 49.29 20.12
CA ALA I 249 -7.70 48.08 19.80
C ALA I 249 -8.68 47.73 20.91
N ALA I 250 -8.22 47.71 22.16
CA ALA I 250 -9.09 47.36 23.28
C ALA I 250 -10.16 48.42 23.50
N PHE I 251 -9.81 49.71 23.30
CA PHE I 251 -10.75 50.79 23.51
C PHE I 251 -12.04 50.62 22.71
N ASP I 252 -11.94 50.17 21.45
CA ASP I 252 -13.15 50.02 20.64
C ASP I 252 -13.99 48.81 21.03
N ASP I 253 -13.37 47.71 21.49
CA ASP I 253 -14.17 46.55 21.87
C ASP I 253 -15.09 46.87 23.05
N ALA I 254 -14.64 47.72 23.98
CA ALA I 254 -15.48 48.09 25.11
C ALA I 254 -16.79 48.70 24.64
N ILE I 255 -16.75 49.47 23.55
CA ILE I 255 -17.97 50.05 22.99
C ILE I 255 -18.82 48.96 22.36
N ALA I 256 -18.18 48.06 21.61
CA ALA I 256 -18.90 46.97 20.95
C ALA I 256 -19.64 46.09 21.96
N ALA I 257 -19.11 45.96 23.18
CA ALA I 257 -19.77 45.12 24.17
C ALA I 257 -21.11 45.73 24.58
N ARG I 258 -21.16 47.05 24.71
CA ARG I 258 -22.42 47.71 25.03
C ARG I 258 -23.46 47.41 23.96
N GLU I 259 -23.07 47.56 22.69
CA GLU I 259 -23.98 47.26 21.59
C GLU I 259 -24.32 45.76 21.57
N ASN I 260 -23.34 44.90 21.85
CA ASN I 260 -23.59 43.46 21.87
C ASN I 260 -24.64 43.09 22.91
N GLU I 261 -24.65 43.80 24.04
CA GLU I 261 -25.63 43.53 25.09
C GLU I 261 -27.03 43.83 24.58
N GLN I 262 -27.21 44.99 23.94
CA GLN I 262 -28.51 45.39 23.42
C GLN I 262 -29.04 44.34 22.44
N GLN I 263 -28.19 43.86 21.52
CA GLN I 263 -28.64 42.86 20.56
C GLN I 263 -29.08 41.57 21.25
N TYR I 264 -28.36 41.16 22.29
CA TYR I 264 -28.74 39.95 23.01
C TYR I 264 -30.14 40.09 23.61
N ILE I 265 -30.46 41.28 24.13
CA ILE I 265 -31.78 41.51 24.70
C ILE I 265 -32.86 41.37 23.63
N ARG I 266 -32.59 41.90 22.43
CA ARG I 266 -33.55 41.77 21.33
C ARG I 266 -33.84 40.31 21.02
N GLU I 267 -32.79 39.47 20.99
CA GLU I 267 -32.99 38.06 20.70
C GLU I 267 -33.82 37.39 21.79
N ALA I 268 -33.63 37.81 23.04
CA ALA I 268 -34.41 37.24 24.13
C ALA I 268 -35.90 37.54 23.95
N GLU I 269 -36.23 38.78 23.56
CA GLU I 269 -37.61 39.14 23.32
C GLU I 269 -38.21 38.31 22.20
N ALA I 270 -37.42 38.04 21.16
CA ALA I 270 -37.90 37.23 20.03
C ALA I 270 -38.30 35.83 20.48
N TYR I 271 -37.47 35.19 21.30
CA TYR I 271 -37.74 33.83 21.74
C TYR I 271 -39.05 33.72 22.52
N THR I 272 -39.28 34.64 23.46
CA THR I 272 -40.53 34.60 24.22
C THR I 272 -41.73 34.81 23.29
N ASN I 273 -41.65 35.82 22.42
CA ASN I 273 -42.74 36.08 21.48
C ASN I 273 -42.88 34.96 20.47
N GLU I 274 -41.78 34.25 20.18
CA GLU I 274 -41.82 33.13 19.23
C GLU I 274 -42.35 31.85 19.87
N VAL I 275 -41.92 31.56 21.09
CA VAL I 275 -42.32 30.33 21.77
C VAL I 275 -43.75 30.40 22.32
N GLN I 276 -44.19 31.58 22.80
CA GLN I 276 -45.51 31.68 23.39
C GLN I 276 -46.64 31.24 22.46
N PRO I 277 -46.70 31.66 21.19
CA PRO I 277 -47.77 31.14 20.31
C PRO I 277 -47.76 29.63 20.18
N ARG I 278 -46.57 29.01 20.17
CA ARG I 278 -46.50 27.57 20.05
C ARG I 278 -47.16 26.89 21.24
N ALA I 279 -46.99 27.45 22.44
CA ALA I 279 -47.61 26.87 23.63
C ALA I 279 -49.12 26.92 23.54
N ASN I 280 -49.66 28.04 23.05
CA ASN I 280 -51.10 28.17 22.90
C ASN I 280 -51.65 27.12 21.95
N GLY I 281 -50.95 26.90 20.82
CA GLY I 281 -51.38 25.88 19.88
C GLY I 281 -51.38 24.49 20.50
N GLN I 282 -50.33 24.18 21.28
CA GLN I 282 -50.25 22.89 21.94
C GLN I 282 -51.38 22.69 22.94
N ALA I 283 -51.80 23.78 23.61
CA ALA I 283 -52.88 23.69 24.58
C ALA I 283 -54.17 23.21 23.91
N GLN I 284 -54.50 23.77 22.74
CA GLN I 284 -55.69 23.35 22.03
C GLN I 284 -55.58 21.88 21.60
N ARG I 285 -54.38 21.45 21.23
CA ARG I 285 -54.18 20.07 20.80
C ARG I 285 -54.52 19.09 21.92
N ILE I 286 -54.02 19.35 23.13
CA ILE I 286 -54.34 18.45 24.23
C ILE I 286 -55.80 18.60 24.64
N LEU I 287 -56.35 19.81 24.53
CA LEU I 287 -57.75 20.03 24.87
C LEU I 287 -58.66 19.22 23.94
N GLU I 288 -58.38 19.26 22.64
CA GLU I 288 -59.19 18.52 21.67
C GLU I 288 -59.04 17.02 21.86
N GLU I 289 -57.83 16.55 22.20
CA GLU I 289 -57.62 15.12 22.40
C GLU I 289 -58.45 14.60 23.56
N ALA I 290 -58.55 15.38 24.64
CA ALA I 290 -59.36 14.97 25.77
C ALA I 290 -60.83 14.84 25.38
N ARG I 291 -61.34 15.81 24.60
CA ARG I 291 -62.72 15.75 24.13
C ARG I 291 -62.97 14.49 23.31
N ALA I 292 -62.01 14.14 22.44
CA ALA I 292 -62.17 12.94 21.62
C ALA I 292 -62.27 11.69 22.50
N TYR I 293 -61.45 11.63 23.56
CA TYR I 293 -61.52 10.49 24.47
C TYR I 293 -62.90 10.39 25.11
N LYS I 294 -63.45 11.54 25.53
CA LYS I 294 -64.78 11.56 26.13
C LYS I 294 -65.82 11.03 25.14
N ALA I 295 -65.78 11.52 23.91
CA ALA I 295 -66.71 11.04 22.89
C ALA I 295 -66.46 9.56 22.60
N GLN I 296 -65.19 9.17 22.46
CA GLN I 296 -64.88 7.78 22.12
C GLN I 296 -65.32 6.81 23.22
N THR I 297 -65.09 7.14 24.49
CA THR I 297 -65.49 6.22 25.55
C THR I 297 -67.01 6.12 25.65
N ILE I 298 -67.72 7.23 25.46
CA ILE I 298 -69.18 7.20 25.53
C ILE I 298 -69.75 6.31 24.42
N LEU I 299 -69.27 6.50 23.19
CA LEU I 299 -69.75 5.70 22.07
C LEU I 299 -69.38 4.23 22.24
N GLU I 300 -68.15 3.95 22.69
CA GLU I 300 -67.73 2.57 22.88
C GLU I 300 -68.58 1.89 23.96
N ALA I 301 -68.92 2.62 25.02
CA ALA I 301 -69.76 2.06 26.07
C ALA I 301 -71.12 1.65 25.53
N GLN I 302 -71.72 2.51 24.69
CA GLN I 302 -73.03 2.20 24.12
C GLN I 302 -73.00 0.93 23.29
N GLY I 303 -71.95 0.75 22.48
CA GLY I 303 -71.87 -0.44 21.65
C GLY I 303 -71.77 -1.71 22.49
N GLU I 304 -70.93 -1.69 23.52
CA GLU I 304 -70.79 -2.85 24.39
C GLU I 304 -72.10 -3.15 25.11
N VAL I 305 -72.80 -2.10 25.54
CA VAL I 305 -74.08 -2.28 26.24
C VAL I 305 -75.07 -3.03 25.36
N ALA I 306 -75.16 -2.65 24.08
CA ALA I 306 -76.09 -3.31 23.17
C ALA I 306 -75.73 -4.79 23.00
N ARG I 307 -74.44 -5.09 22.84
CA ARG I 307 -74.03 -6.49 22.68
C ARG I 307 -74.40 -7.31 23.91
N PHE I 308 -74.10 -6.79 25.10
CA PHE I 308 -74.44 -7.50 26.33
C PHE I 308 -75.95 -7.61 26.49
N ALA I 309 -76.69 -6.54 26.17
CA ALA I 309 -78.14 -6.55 26.29
C ALA I 309 -78.75 -7.59 25.37
N LYS I 310 -78.21 -7.74 24.16
CA LYS I 310 -78.71 -8.73 23.22
C LYS I 310 -78.37 -10.14 23.66
N LEU I 311 -77.17 -10.32 24.24
CA LEU I 311 -76.73 -11.65 24.67
C LEU I 311 -77.48 -12.13 25.91
N LEU I 312 -77.90 -11.21 26.79
CA LEU I 312 -78.58 -11.59 28.03
C LEU I 312 -79.81 -12.47 27.82
N PRO I 313 -80.78 -12.14 26.96
CA PRO I 313 -81.91 -13.07 26.78
C PRO I 313 -81.49 -14.38 26.16
N GLU I 314 -80.43 -14.38 25.36
CA GLU I 314 -79.93 -15.61 24.77
C GLU I 314 -79.25 -16.47 25.81
N TYR I 315 -78.51 -15.86 26.72
CA TYR I 315 -77.85 -16.61 27.79
C TYR I 315 -78.88 -17.14 28.79
N LYS I 316 -79.96 -16.39 29.00
CA LYS I 316 -81.02 -16.84 29.90
C LYS I 316 -81.71 -18.08 29.35
N ALA I 317 -81.86 -18.14 28.02
CA ALA I 317 -82.51 -19.29 27.38
C ALA I 317 -81.74 -20.58 27.62
N ALA I 318 -80.43 -20.55 27.41
CA ALA I 318 -79.57 -21.72 27.59
C ALA I 318 -78.25 -21.28 28.18
N PRO I 319 -78.20 -21.03 29.49
CA PRO I 319 -76.92 -20.61 30.10
C PRO I 319 -75.86 -21.68 30.03
N GLU I 320 -76.23 -22.96 30.22
CA GLU I 320 -75.26 -24.04 30.20
C GLU I 320 -74.55 -24.12 28.86
N ILE I 321 -75.31 -24.09 27.76
CA ILE I 321 -74.70 -24.15 26.43
C ILE I 321 -73.80 -22.95 26.21
N THR I 322 -74.32 -21.74 26.46
CA THR I 322 -73.53 -20.53 26.31
C THR I 322 -72.30 -20.57 27.20
N ARG I 323 -72.49 -20.91 28.48
CA ARG I 323 -71.39 -20.98 29.44
C ARG I 323 -70.35 -22.01 29.00
N GLU I 324 -70.78 -23.25 28.80
CA GLU I 324 -69.86 -24.32 28.40
C GLU I 324 -69.20 -24.02 27.05
N ARG I 325 -69.97 -23.52 26.08
CA ARG I 325 -69.41 -23.23 24.75
C ARG I 325 -68.30 -22.19 24.83
N LEU I 326 -68.61 -20.99 25.31
CA LEU I 326 -67.62 -19.92 25.40
C LEU I 326 -66.45 -20.33 26.30
N TYR I 327 -66.72 -21.09 27.36
CA TYR I 327 -65.65 -21.52 28.25
C TYR I 327 -64.64 -22.40 27.53
N ILE I 328 -65.12 -23.45 26.86
CA ILE I 328 -64.24 -24.35 26.13
C ILE I 328 -63.45 -23.59 25.06
N GLU I 329 -64.11 -22.65 24.37
CA GLU I 329 -63.42 -21.89 23.34
C GLU I 329 -62.37 -20.97 23.96
N THR I 330 -62.70 -20.34 25.08
CA THR I 330 -61.74 -19.49 25.78
C THR I 330 -60.53 -20.31 26.21
N MET I 331 -60.79 -21.48 26.81
CA MET I 331 -59.70 -22.35 27.26
C MET I 331 -58.84 -22.80 26.09
N GLU I 332 -59.48 -23.24 25.00
CA GLU I 332 -58.76 -23.68 23.80
C GLU I 332 -57.75 -22.64 23.34
N LYS I 333 -58.18 -21.38 23.24
CA LYS I 333 -57.30 -20.30 22.82
C LYS I 333 -56.10 -20.15 23.74
N VAL I 334 -56.35 -19.86 25.02
CA VAL I 334 -55.27 -19.63 25.98
C VAL I 334 -54.37 -20.85 26.12
N LEU I 335 -54.96 -22.06 26.07
CA LEU I 335 -54.15 -23.27 26.21
C LEU I 335 -53.15 -23.38 25.07
N GLY I 336 -53.62 -23.21 23.83
CA GLY I 336 -52.71 -23.29 22.69
C GLY I 336 -51.72 -22.15 22.67
N ASN I 337 -52.11 -21.00 23.22
CA ASN I 337 -51.22 -19.85 23.27
C ASN I 337 -50.03 -20.10 24.17
N THR I 338 -50.25 -20.71 25.34
CA THR I 338 -49.21 -20.97 26.32
C THR I 338 -48.67 -22.38 26.17
N ARG I 339 -47.69 -22.71 27.01
CA ARG I 339 -47.02 -24.02 26.98
C ARG I 339 -47.62 -24.92 28.06
N LYS I 340 -48.47 -25.84 27.64
CA LYS I 340 -49.10 -26.77 28.57
C LYS I 340 -48.06 -27.72 29.18
N VAL I 341 -48.43 -28.28 30.34
CA VAL I 341 -47.58 -29.21 31.08
C VAL I 341 -48.28 -30.56 31.29
N LEU I 342 -49.54 -30.54 31.71
CA LEU I 342 -50.34 -31.74 31.99
C LEU I 342 -49.59 -32.73 32.90
N VAL I 343 -49.09 -32.21 34.02
CA VAL I 343 -48.39 -33.00 35.03
C VAL I 343 -49.23 -32.98 36.30
N ASN I 344 -49.72 -34.15 36.71
CA ASN I 344 -50.44 -34.29 37.97
C ASN I 344 -49.68 -33.59 39.07
N ASP I 345 -50.32 -32.61 39.71
CA ASP I 345 -49.66 -31.79 40.73
C ASP I 345 -49.54 -32.58 42.04
N LYS I 346 -48.52 -33.44 42.06
CA LYS I 346 -48.21 -34.28 43.23
C LYS I 346 -47.15 -33.65 44.14
N GLY I 347 -46.16 -32.98 43.56
CA GLY I 347 -45.08 -32.37 44.32
C GLY I 347 -44.95 -30.85 44.17
N GLY I 348 -44.25 -30.25 45.13
CA GLY I 348 -44.00 -28.82 45.18
C GLY I 348 -42.55 -28.48 44.94
N ASN I 349 -41.91 -29.20 44.00
CA ASN I 349 -40.49 -29.07 43.70
C ASN I 349 -40.26 -28.67 42.25
N LEU I 350 -41.03 -27.71 41.76
CA LEU I 350 -40.95 -27.22 40.38
C LEU I 350 -40.63 -25.73 40.41
N MET I 351 -39.65 -25.32 39.60
CA MET I 351 -39.17 -23.95 39.53
C MET I 351 -39.78 -23.24 38.31
N VAL I 352 -39.34 -22.00 38.09
CA VAL I 352 -39.81 -21.18 36.99
C VAL I 352 -38.70 -20.89 35.99
N LEU I 353 -37.50 -20.61 36.47
CA LEU I 353 -36.35 -20.28 35.64
C LEU I 353 -36.63 -19.20 34.59
N PRO I 354 -37.04 -18.00 35.02
CA PRO I 354 -37.35 -16.94 34.06
C PRO I 354 -36.07 -16.21 33.63
N LEU I 355 -36.26 -15.18 32.81
CA LEU I 355 -35.15 -14.38 32.32
C LEU I 355 -35.60 -12.95 32.04
N MET J 1 62.47 109.35 -8.70
CA MET J 1 61.65 109.44 -7.45
C MET J 1 60.27 108.82 -7.66
N ARG J 2 60.17 107.87 -8.58
CA ARG J 2 58.91 107.20 -8.90
C ARG J 2 58.78 105.85 -8.20
N LYS J 3 59.83 105.03 -8.22
CA LYS J 3 59.77 103.72 -7.58
C LYS J 3 59.65 103.85 -6.06
N SER J 4 60.36 104.81 -5.47
CA SER J 4 60.31 104.99 -4.02
C SER J 4 58.93 105.43 -3.54
N VAL J 5 58.32 106.40 -4.23
CA VAL J 5 57.01 106.90 -3.80
C VAL J 5 55.92 105.86 -4.01
N ILE J 6 55.92 105.19 -5.16
CA ILE J 6 54.91 104.18 -5.45
C ILE J 6 55.05 102.97 -4.52
N ALA J 7 56.28 102.64 -4.12
CA ALA J 7 56.52 101.46 -3.29
C ALA J 7 55.86 101.57 -1.92
N ILE J 8 55.98 102.72 -1.25
CA ILE J 8 55.44 102.84 0.10
C ILE J 8 53.91 102.75 0.13
N ILE J 9 53.24 103.22 -0.92
CA ILE J 9 51.78 103.20 -0.96
C ILE J 9 51.24 101.78 -0.90
N ILE J 10 51.83 100.87 -1.67
CA ILE J 10 51.32 99.51 -1.75
C ILE J 10 51.52 98.74 -0.45
N ILE J 11 52.66 98.92 0.23
CA ILE J 11 52.92 98.13 1.43
C ILE J 11 52.04 98.57 2.60
N VAL J 12 51.81 99.88 2.75
CA VAL J 12 51.04 100.36 3.90
C VAL J 12 49.59 99.87 3.87
N LEU J 13 48.94 99.90 2.71
CA LEU J 13 47.52 99.50 2.65
C LEU J 13 47.32 98.04 3.04
N VAL J 14 48.19 97.13 2.56
CA VAL J 14 48.01 95.73 2.90
C VAL J 14 48.30 95.49 4.38
N VAL J 15 49.27 96.20 4.95
CA VAL J 15 49.58 96.04 6.37
C VAL J 15 48.39 96.45 7.23
N LEU J 16 47.74 97.56 6.88
CA LEU J 16 46.60 98.03 7.65
C LEU J 16 45.43 97.06 7.59
N TYR J 17 45.22 96.43 6.43
CA TYR J 17 44.09 95.51 6.30
C TYR J 17 44.25 94.31 7.22
N MET J 18 45.47 93.80 7.36
CA MET J 18 45.70 92.69 8.26
C MET J 18 45.46 93.10 9.71
N SER J 19 45.85 94.32 10.07
CA SER J 19 45.71 94.78 11.45
C SER J 19 44.24 94.96 11.85
N VAL J 20 43.40 95.47 10.95
CA VAL J 20 42.01 95.70 11.31
C VAL J 20 41.26 94.38 11.46
N PHE J 21 40.46 94.30 12.52
CA PHE J 21 39.63 93.14 12.80
C PHE J 21 38.42 93.65 13.57
N VAL J 22 37.23 93.21 13.18
CA VAL J 22 35.99 93.66 13.81
C VAL J 22 35.41 92.55 14.67
N VAL J 23 34.68 92.97 15.69
CA VAL J 23 34.01 92.07 16.63
C VAL J 23 32.51 92.17 16.33
N LYS J 24 31.90 91.03 16.00
CA LYS J 24 30.48 91.03 15.68
C LYS J 24 29.66 91.39 16.91
N GLU J 25 28.37 91.64 16.69
CA GLU J 25 27.48 92.03 17.79
C GLU J 25 27.31 90.88 18.78
N GLY J 26 27.07 89.67 18.28
CA GLY J 26 26.91 88.52 19.13
C GLY J 26 28.20 87.76 19.34
N GLU J 27 29.33 88.46 19.26
CA GLU J 27 30.64 87.85 19.44
C GLU J 27 31.53 88.80 20.24
N ARG J 28 32.60 88.24 20.81
CA ARG J 28 33.59 88.98 21.57
C ARG J 28 34.95 88.40 21.25
N GLY J 29 35.93 89.27 20.97
CA GLY J 29 37.28 88.84 20.62
C GLY J 29 38.27 89.21 21.71
N ILE J 30 39.15 88.25 22.03
CA ILE J 30 40.21 88.42 23.02
C ILE J 30 41.55 88.43 22.30
N THR J 31 42.18 89.60 22.20
CA THR J 31 43.50 89.67 21.59
C THR J 31 44.50 88.90 22.45
N LEU J 32 45.42 88.18 21.81
CA LEU J 32 46.42 87.36 22.49
C LEU J 32 47.82 87.68 22.02
N ARG J 33 48.78 87.64 22.95
CA ARG J 33 50.18 87.86 22.64
C ARG J 33 50.76 86.57 22.07
N PHE J 34 52.09 86.50 21.89
CA PHE J 34 52.75 85.31 21.38
C PHE J 34 52.26 84.03 22.06
N GLY J 35 52.44 83.95 23.39
CA GLY J 35 51.97 82.83 24.17
C GLY J 35 50.99 83.23 25.26
N LYS J 36 51.10 84.47 25.71
CA LYS J 36 50.26 85.04 26.75
C LYS J 36 49.12 85.84 26.13
N VAL J 37 48.30 86.44 27.00
CA VAL J 37 47.17 87.26 26.61
C VAL J 37 47.45 88.67 27.14
N LEU J 38 46.83 89.66 26.50
CA LEU J 38 47.05 91.05 26.88
C LEU J 38 46.26 91.38 28.14
N ARG J 39 46.91 92.03 29.10
CA ARG J 39 46.31 92.41 30.36
C ARG J 39 46.30 93.92 30.51
N ASP J 40 45.57 94.36 31.54
CA ASP J 40 45.35 95.76 31.93
C ASP J 40 44.61 95.74 33.25
N ASP J 41 44.68 96.86 33.98
CA ASP J 41 43.96 97.04 35.24
C ASP J 41 44.25 95.93 36.26
N ASP J 42 45.52 95.84 36.66
CA ASP J 42 45.96 94.89 37.68
C ASP J 42 45.77 93.44 37.20
N ASN J 43 46.29 93.15 36.01
CA ASN J 43 46.22 91.83 35.40
C ASN J 43 44.78 91.34 35.24
N LYS J 44 44.01 92.14 34.50
CA LYS J 44 42.62 91.84 34.18
C LYS J 44 42.53 91.63 32.67
N PRO J 45 42.41 90.39 32.17
CA PRO J 45 42.29 90.19 30.71
C PRO J 45 41.20 91.06 30.09
N LEU J 46 41.52 91.68 28.97
CA LEU J 46 40.62 92.59 28.28
C LEU J 46 39.84 91.89 27.18
N VAL J 47 38.51 92.08 27.21
CA VAL J 47 37.60 91.54 26.21
C VAL J 47 37.14 92.72 25.37
N TYR J 48 36.94 92.47 24.07
CA TYR J 48 36.56 93.54 23.16
C TYR J 48 35.05 93.62 22.96
N GLU J 49 34.55 94.85 22.92
CA GLU J 49 33.15 95.12 22.69
C GLU J 49 32.90 94.99 21.19
N PRO J 50 31.64 95.15 20.71
CA PRO J 50 31.45 94.99 19.26
C PRO J 50 31.77 96.25 18.47
N GLY J 51 33.07 96.51 18.32
CA GLY J 51 33.57 97.65 17.58
C GLY J 51 34.86 97.29 16.87
N LEU J 52 35.47 98.28 16.23
CA LEU J 52 36.71 98.07 15.52
C LEU J 52 37.90 98.13 16.49
N HIS J 53 38.88 97.26 16.25
CA HIS J 53 40.10 97.20 17.06
C HIS J 53 41.28 96.93 16.14
N PHE J 54 42.47 97.34 16.58
CA PHE J 54 43.70 97.18 15.80
C PHE J 54 44.69 96.28 16.54
N LYS J 55 45.29 95.35 15.78
CA LYS J 55 46.28 94.40 16.28
C LYS J 55 47.50 94.42 15.36
N ILE J 56 48.69 94.45 15.97
CA ILE J 56 49.94 94.41 15.19
C ILE J 56 49.88 93.17 14.31
N PRO J 57 49.90 93.30 12.97
CA PRO J 57 49.80 92.09 12.13
C PRO J 57 50.89 91.06 12.37
N PHE J 58 50.46 89.80 12.46
CA PHE J 58 51.28 88.59 12.61
C PHE J 58 51.87 88.41 14.00
N ILE J 59 51.66 89.34 14.93
CA ILE J 59 52.16 89.22 16.29
C ILE J 59 51.03 88.90 17.27
N GLU J 60 49.88 89.54 17.11
CA GLU J 60 48.72 89.34 17.95
C GLU J 60 47.71 88.43 17.25
N THR J 61 47.07 87.55 18.04
CA THR J 61 46.05 86.64 17.53
C THR J 61 44.78 86.88 18.35
N VAL J 62 43.64 86.81 17.67
CA VAL J 62 42.33 87.06 18.27
C VAL J 62 41.51 85.78 18.31
N LYS J 63 40.88 85.53 19.46
CA LYS J 63 39.99 84.39 19.67
C LYS J 63 38.59 84.96 19.84
N MET J 64 37.66 84.56 18.98
CA MET J 64 36.29 85.08 18.99
C MET J 64 35.38 84.12 19.76
N LEU J 65 34.88 84.58 20.90
CA LEU J 65 34.00 83.82 21.78
C LEU J 65 32.58 84.38 21.69
N ASP J 66 31.64 83.53 21.29
CA ASP J 66 30.24 83.93 21.20
C ASP J 66 29.66 84.15 22.59
N ALA J 67 28.84 85.20 22.72
CA ALA J 67 28.22 85.56 23.99
C ALA J 67 26.75 85.20 24.07
N ARG J 68 26.16 84.64 23.02
CA ARG J 68 24.76 84.23 23.04
C ARG J 68 24.59 82.95 23.85
N ILE J 69 23.37 82.74 24.34
CA ILE J 69 23.09 81.53 25.12
C ILE J 69 23.21 80.31 24.22
N GLN J 70 23.97 79.32 24.67
CA GLN J 70 24.17 78.08 23.93
C GLN J 70 23.21 77.03 24.47
N THR J 71 22.73 76.16 23.58
CA THR J 71 21.79 75.11 23.93
C THR J 71 22.46 73.75 23.78
N MET J 72 22.40 72.96 24.84
CA MET J 72 22.97 71.62 24.90
C MET J 72 21.86 70.63 25.23
N ASP J 73 21.62 69.67 24.34
CA ASP J 73 20.60 68.67 24.54
C ASP J 73 21.27 67.36 24.93
N ASN J 74 20.61 66.60 25.81
CA ASN J 74 21.12 65.31 26.27
C ASN J 74 20.30 64.19 25.66
N GLN J 75 20.98 63.17 25.13
CA GLN J 75 20.32 62.03 24.55
C GLN J 75 19.68 61.17 25.64
N ALA J 76 18.95 60.14 25.21
CA ALA J 76 18.32 59.21 26.13
C ALA J 76 19.37 58.50 26.98
N ASP J 77 19.12 58.44 28.29
CA ASP J 77 20.04 57.81 29.22
C ASP J 77 19.23 57.21 30.36
N ARG J 78 19.83 56.22 31.03
CA ARG J 78 19.18 55.49 32.11
C ARG J 78 19.62 56.02 33.47
N PHE J 79 18.64 56.29 34.32
CA PHE J 79 18.84 56.78 35.68
C PHE J 79 18.07 55.88 36.63
N VAL J 80 18.56 55.77 37.87
CA VAL J 80 17.96 54.91 38.88
C VAL J 80 17.28 55.80 39.92
N THR J 81 15.99 55.56 40.15
CA THR J 81 15.18 56.34 41.06
C THR J 81 15.32 55.78 42.48
N LYS J 82 14.47 56.28 43.40
CA LYS J 82 14.54 55.85 44.79
C LYS J 82 14.03 54.42 44.96
N GLU J 83 13.10 53.98 44.12
CA GLU J 83 12.58 52.62 44.17
C GLU J 83 13.20 51.72 43.11
N LYS J 84 14.40 52.05 42.64
CA LYS J 84 15.13 51.28 41.63
C LYS J 84 14.39 51.24 40.29
N LYS J 85 13.48 52.17 40.04
CA LYS J 85 12.74 52.23 38.78
C LYS J 85 13.61 52.92 37.75
N ASP J 86 14.04 52.19 36.73
CA ASP J 86 14.87 52.80 35.70
C ASP J 86 14.01 53.71 34.82
N LEU J 87 14.52 54.91 34.56
CA LEU J 87 13.83 55.90 33.75
C LEU J 87 14.69 56.33 32.56
N ILE J 88 14.02 56.76 31.51
CA ILE J 88 14.65 57.27 30.29
C ILE J 88 14.21 58.71 30.19
N VAL J 89 15.18 59.64 30.34
CA VAL J 89 14.90 61.07 30.35
C VAL J 89 15.74 61.79 29.31
N ASP J 90 15.09 62.69 28.58
CA ASP J 90 15.74 63.56 27.58
C ASP J 90 15.63 64.97 28.14
N SER J 91 16.77 65.64 28.30
CA SER J 91 16.80 66.98 28.88
C SER J 91 17.87 67.82 28.20
N TYR J 92 17.65 69.14 28.24
CA TYR J 92 18.57 70.11 27.68
C TYR J 92 18.86 71.20 28.70
N ILE J 93 20.02 71.83 28.53
CA ILE J 93 20.48 72.90 29.41
C ILE J 93 20.83 74.11 28.55
N LYS J 94 20.61 75.29 29.10
CA LYS J 94 20.90 76.57 28.44
C LYS J 94 21.88 77.34 29.30
N TRP J 95 22.98 77.78 28.70
CA TRP J 95 24.01 78.51 29.42
C TRP J 95 24.60 79.61 28.54
N ARG J 96 25.20 80.60 29.21
CA ARG J 96 25.83 81.73 28.56
C ARG J 96 27.22 81.92 29.14
N ILE J 97 28.15 82.38 28.31
CA ILE J 97 29.51 82.65 28.77
C ILE J 97 29.49 83.94 29.58
N SER J 98 29.86 83.86 30.85
CA SER J 98 29.88 85.01 31.74
C SER J 98 31.25 85.68 31.76
N ASP J 99 32.31 84.88 31.90
CA ASP J 99 33.69 85.38 31.91
C ASP J 99 34.37 84.81 30.68
N PHE J 100 34.42 85.64 29.62
CA PHE J 100 35.05 85.21 28.37
C PHE J 100 36.49 84.81 28.59
N SER J 101 37.22 85.56 29.41
CA SER J 101 38.60 85.24 29.73
C SER J 101 38.70 83.91 30.46
N ARG J 102 37.94 83.77 31.55
CA ARG J 102 37.97 82.56 32.36
C ARG J 102 37.59 81.32 31.55
N TYR J 103 36.53 81.42 30.74
CA TYR J 103 36.12 80.27 29.93
C TYR J 103 37.23 79.87 28.97
N TYR J 104 37.83 80.84 28.28
CA TYR J 104 38.92 80.54 27.36
C TYR J 104 40.10 79.88 28.08
N LEU J 105 40.42 80.33 29.29
CA LEU J 105 41.53 79.75 30.03
C LEU J 105 41.17 78.37 30.56
N ALA J 106 40.10 78.28 31.36
CA ALA J 106 39.63 77.00 31.89
C ALA J 106 39.43 75.99 30.76
N THR J 107 38.58 76.33 29.80
CA THR J 107 38.32 75.49 28.63
C THR J 107 39.32 75.88 27.54
N GLY J 108 40.59 75.58 27.83
CA GLY J 108 41.72 75.89 26.96
C GLY J 108 41.50 75.63 25.49
N GLY J 109 41.62 76.70 24.69
CA GLY J 109 41.43 76.63 23.26
C GLY J 109 40.03 77.00 22.79
N GLY J 110 39.22 77.62 23.65
CA GLY J 110 37.85 78.01 23.36
C GLY J 110 37.06 76.97 22.58
N ASP J 111 36.97 75.77 23.13
CA ASP J 111 36.29 74.66 22.49
C ASP J 111 34.92 74.44 23.15
N ILE J 112 33.86 74.49 22.34
CA ILE J 112 32.51 74.27 22.84
C ILE J 112 32.41 72.91 23.52
N SER J 113 33.07 71.90 22.97
CA SER J 113 33.01 70.55 23.53
C SER J 113 33.52 70.53 24.97
N GLN J 114 34.66 71.17 25.24
CA GLN J 114 35.21 71.17 26.59
C GLN J 114 34.24 71.78 27.59
N ALA J 115 33.60 72.90 27.24
CA ALA J 115 32.65 73.53 28.15
C ALA J 115 31.42 72.67 28.33
N GLU J 116 30.87 72.14 27.23
CA GLU J 116 29.68 71.31 27.32
C GLU J 116 29.97 70.02 28.08
N VAL J 117 31.15 69.44 27.86
CA VAL J 117 31.52 68.21 28.55
C VAL J 117 31.46 68.39 30.06
N LEU J 118 32.12 69.43 30.58
CA LEU J 118 32.18 69.64 32.02
C LEU J 118 30.79 69.81 32.64
N LEU J 119 29.91 70.56 31.99
CA LEU J 119 28.57 70.79 32.52
C LEU J 119 27.74 69.51 32.62
N LYS J 120 27.84 68.63 31.62
CA LYS J 120 27.05 67.40 31.62
C LYS J 120 27.37 66.52 32.83
N ARG J 121 28.65 66.29 33.08
CA ARG J 121 29.10 65.42 34.18
C ARG J 121 28.57 65.93 35.51
N LYS J 122 28.72 67.24 35.77
CA LYS J 122 28.21 67.80 37.02
C LYS J 122 26.70 67.67 37.07
N PHE J 123 26.03 68.04 35.98
CA PHE J 123 24.57 67.88 35.89
C PHE J 123 24.19 66.43 36.13
N SER J 124 24.88 65.50 35.44
CA SER J 124 24.65 64.08 35.62
C SER J 124 24.81 63.69 37.08
N ASP J 125 25.94 64.07 37.69
CA ASP J 125 26.19 63.78 39.10
C ASP J 125 25.08 64.37 39.97
N ARG J 126 24.77 65.65 39.77
CA ARG J 126 23.69 66.28 40.53
C ARG J 126 22.37 65.58 40.26
N LEU J 127 22.07 65.31 38.98
CA LEU J 127 20.82 64.65 38.64
C LEU J 127 20.75 63.25 39.23
N ARG J 128 21.85 62.49 39.16
CA ARG J 128 21.87 61.16 39.74
C ARG J 128 21.55 61.21 41.22
N SER J 129 22.14 62.17 41.94
CA SER J 129 21.85 62.33 43.36
C SER J 129 20.38 62.70 43.58
N GLU J 130 19.86 63.64 42.78
CA GLU J 130 18.48 64.08 42.93
C GLU J 130 17.50 62.96 42.62
N ILE J 131 17.65 62.33 41.44
CA ILE J 131 16.76 61.24 41.05
C ILE J 131 16.79 60.12 42.07
N GLY J 132 17.94 59.89 42.71
CA GLY J 132 18.03 58.84 43.71
C GLY J 132 17.10 59.06 44.89
N ARG J 133 16.92 60.31 45.30
CA ARG J 133 16.07 60.65 46.43
C ARG J 133 14.61 60.89 46.08
N LEU J 134 14.26 60.89 44.79
CA LEU J 134 12.89 61.16 44.36
C LEU J 134 12.19 59.90 43.88
N ASP J 135 10.86 59.95 43.93
CA ASP J 135 9.98 58.87 43.50
C ASP J 135 9.56 59.14 42.06
N VAL J 136 9.24 58.05 41.33
CA VAL J 136 8.80 58.18 39.94
C VAL J 136 7.64 59.14 39.81
N LYS J 137 6.70 59.10 40.78
CA LYS J 137 5.55 60.01 40.72
C LYS J 137 6.00 61.45 40.87
N ASP J 138 6.94 61.72 41.78
CA ASP J 138 7.44 63.07 41.99
C ASP J 138 8.32 63.55 40.84
N ILE J 139 8.74 62.67 39.94
CA ILE J 139 9.58 63.05 38.82
C ILE J 139 8.76 63.33 37.55
N VAL J 140 7.57 62.74 37.45
CA VAL J 140 6.72 62.91 36.27
C VAL J 140 5.66 63.99 36.52
N THR J 141 5.32 64.23 37.79
CA THR J 141 4.32 65.24 38.12
C THR J 141 4.91 66.63 38.32
N ASP J 142 6.22 66.73 38.53
CA ASP J 142 6.84 68.04 38.71
C ASP J 142 6.60 68.93 37.49
N SER J 143 5.89 70.03 37.71
CA SER J 143 5.58 71.00 36.66
C SER J 143 6.14 72.39 36.93
N ARG J 144 6.82 72.59 38.08
CA ARG J 144 7.41 73.87 38.44
C ARG J 144 8.93 73.85 38.33
N GLY J 145 9.48 72.85 37.64
CA GLY J 145 10.94 72.70 37.52
C GLY J 145 11.67 72.85 38.83
N ARG J 146 11.15 72.27 39.90
CA ARG J 146 11.79 72.36 41.21
C ARG J 146 13.14 71.65 41.20
N LEU J 147 13.17 70.40 40.77
CA LEU J 147 14.42 69.66 40.71
C LEU J 147 15.37 70.29 39.70
N THR J 148 14.85 70.67 38.53
CA THR J 148 15.70 71.29 37.51
C THR J 148 16.25 72.63 38.00
N LEU J 149 15.43 73.40 38.71
CA LEU J 149 15.89 74.69 39.20
C LEU J 149 16.96 74.50 40.28
N GLU J 150 16.73 73.58 41.21
CA GLU J 150 17.72 73.33 42.26
C GLU J 150 19.04 72.86 41.66
N VAL J 151 18.98 71.94 40.69
CA VAL J 151 20.19 71.48 40.01
C VAL J 151 20.93 72.67 39.39
N ARG J 152 20.18 73.60 38.79
CA ARG J 152 20.79 74.78 38.21
C ARG J 152 21.45 75.65 39.28
N ASP J 153 20.78 75.80 40.42
CA ASP J 153 21.35 76.56 41.54
C ASP J 153 22.67 75.94 41.99
N ALA J 154 22.70 74.60 42.09
CA ALA J 154 23.91 73.91 42.50
C ALA J 154 25.00 74.05 41.45
N LEU J 155 24.64 73.91 40.17
CA LEU J 155 25.63 74.03 39.10
C LEU J 155 26.21 75.44 39.03
N ASN J 156 25.38 76.46 39.29
CA ASN J 156 25.88 77.82 39.24
C ASN J 156 26.73 78.13 40.48
N SER J 157 26.25 77.71 41.65
CA SER J 157 26.96 77.88 42.91
C SER J 157 26.97 76.53 43.61
N GLY J 158 28.17 75.98 43.82
CA GLY J 158 28.30 74.68 44.44
C GLY J 158 28.30 74.74 45.95
N SER J 159 28.92 73.72 46.55
CA SER J 159 29.04 73.57 47.99
C SER J 159 30.52 73.41 48.34
N ALA J 160 30.80 73.36 49.64
CA ALA J 160 32.16 73.20 50.13
C ALA J 160 32.17 72.82 51.60
N PRO J 191 31.64 85.60 48.36
CA PRO J 191 32.03 85.70 46.95
C PRO J 191 32.82 84.48 46.45
N VAL J 192 33.33 83.65 47.38
CA VAL J 192 34.07 82.44 47.03
C VAL J 192 33.34 81.64 45.97
N ILE J 193 34.06 81.26 44.92
CA ILE J 193 33.52 80.50 43.81
C ILE J 193 33.99 79.06 43.98
N ASN J 194 33.08 78.19 44.44
CA ASN J 194 33.37 76.77 44.61
C ASN J 194 34.00 76.20 43.34
N PRO J 195 35.04 75.37 43.43
CA PRO J 195 35.66 74.87 42.19
C PRO J 195 34.80 73.87 41.42
N ASN J 196 33.80 73.26 42.06
CA ASN J 196 32.91 72.34 41.37
C ASN J 196 31.70 73.05 40.77
N SER J 197 31.67 74.38 40.83
CA SER J 197 30.58 75.19 40.29
C SER J 197 30.89 75.65 38.88
N MET J 198 29.83 75.90 38.11
CA MET J 198 30.00 76.42 36.77
C MET J 198 30.45 77.87 36.78
N ALA J 199 30.41 78.53 37.95
CA ALA J 199 30.89 79.89 38.06
C ALA J 199 32.41 79.93 38.05
N ALA J 200 33.06 78.84 38.48
CA ALA J 200 34.51 78.76 38.43
C ALA J 200 34.99 78.83 36.99
N LEU J 201 34.17 78.38 36.06
CA LEU J 201 34.42 78.47 34.63
C LEU J 201 33.66 79.68 34.13
N GLY J 202 33.91 80.06 32.88
CA GLY J 202 33.18 81.18 32.31
C GLY J 202 31.88 80.69 31.73
N ILE J 203 31.01 80.15 32.59
CA ILE J 203 29.73 79.59 32.19
C ILE J 203 28.67 80.05 33.20
N GLU J 204 27.46 80.28 32.71
CA GLU J 204 26.33 80.67 33.54
C GLU J 204 25.11 79.95 32.98
N VAL J 205 24.61 78.94 33.70
CA VAL J 205 23.46 78.16 33.26
C VAL J 205 22.21 78.99 33.49
N VAL J 206 21.69 79.61 32.42
CA VAL J 206 20.49 80.43 32.55
C VAL J 206 19.26 79.56 32.84
N ASP J 207 19.22 78.34 32.32
CA ASP J 207 18.07 77.49 32.55
C ASP J 207 18.42 76.02 32.34
N VAL J 208 17.59 75.15 32.93
CA VAL J 208 17.71 73.70 32.84
C VAL J 208 16.30 73.15 32.77
N ARG J 209 16.01 72.32 31.76
CA ARG J 209 14.67 71.77 31.60
C ARG J 209 14.75 70.37 31.01
N ILE J 210 13.71 69.58 31.28
CA ILE J 210 13.58 68.19 30.83
C ILE J 210 12.47 68.14 29.79
N LYS J 211 12.83 67.76 28.57
CA LYS J 211 11.84 67.74 27.48
C LYS J 211 10.84 66.59 27.61
N GLN J 212 11.32 65.37 27.76
CA GLN J 212 10.44 64.20 27.77
C GLN J 212 11.05 63.10 28.63
N ILE J 213 10.29 62.65 29.62
CA ILE J 213 10.71 61.60 30.53
C ILE J 213 10.08 60.31 30.01
N ASN J 214 10.82 59.58 29.18
CA ASN J 214 10.34 58.33 28.62
C ASN J 214 10.53 57.22 29.66
N LEU J 215 10.26 55.97 29.27
CA LEU J 215 10.39 54.82 30.15
C LEU J 215 11.06 53.66 29.42
N PRO J 216 11.53 52.63 30.13
CA PRO J 216 12.14 51.48 29.46
C PRO J 216 11.14 50.77 28.56
N THR J 217 11.68 50.00 27.61
CA THR J 217 10.84 49.28 26.65
C THR J 217 9.96 48.25 27.37
N GLU J 218 10.50 47.58 28.39
CA GLU J 218 9.71 46.59 29.11
C GLU J 218 8.66 47.25 29.99
N VAL J 219 9.03 48.33 30.69
CA VAL J 219 8.07 49.05 31.53
C VAL J 219 6.89 49.55 30.70
N SER J 220 7.15 49.98 29.47
CA SER J 220 6.09 50.51 28.62
C SER J 220 5.13 49.42 28.18
N GLU J 221 5.64 48.19 27.99
CA GLU J 221 4.78 47.10 27.58
C GLU J 221 3.83 46.70 28.69
N ALA J 222 4.23 46.88 29.96
CA ALA J 222 3.37 46.52 31.07
C ALA J 222 2.25 47.54 31.25
N ILE J 223 2.47 48.80 30.89
CA ILE J 223 1.43 49.81 31.03
C ILE J 223 0.28 49.52 30.07
N TYR J 224 0.60 49.19 28.82
CA TYR J 224 -0.44 48.87 27.85
C TYR J 224 -1.22 47.63 28.27
N ASN J 225 -0.52 46.60 28.73
CA ASN J 225 -1.18 45.37 29.17
C ASN J 225 -2.13 45.65 30.33
N ARG J 226 -1.73 46.53 31.25
CA ARG J 226 -2.59 46.89 32.37
C ARG J 226 -3.85 47.58 31.87
N MET J 227 -3.68 48.58 31.00
CA MET J 227 -4.83 49.28 30.44
C MET J 227 -5.67 48.35 29.57
N ARG J 228 -5.01 47.45 28.83
CA ARG J 228 -5.74 46.51 27.98
C ARG J 228 -6.63 45.60 28.81
N ALA J 229 -6.12 45.10 29.93
CA ALA J 229 -6.92 44.24 30.79
C ALA J 229 -8.09 45.01 31.39
N GLU J 230 -7.86 46.28 31.75
CA GLU J 230 -8.93 47.10 32.32
C GLU J 230 -10.07 47.26 31.33
N ARG J 231 -9.76 47.50 30.06
CA ARG J 231 -10.81 47.67 29.06
C ARG J 231 -11.60 46.39 28.88
N GLU J 232 -10.93 45.23 28.91
CA GLU J 232 -11.63 43.96 28.78
C GLU J 232 -12.65 43.79 29.89
N ALA J 233 -12.33 44.26 31.10
CA ALA J 233 -13.28 44.15 32.21
C ALA J 233 -14.57 44.88 31.90
N VAL J 234 -14.47 46.09 31.35
CA VAL J 234 -15.67 46.84 30.97
C VAL J 234 -16.45 46.08 29.91
N ALA J 235 -15.74 45.56 28.90
CA ALA J 235 -16.40 44.79 27.86
C ALA J 235 -17.06 43.54 28.42
N ARG J 236 -16.37 42.84 29.33
CA ARG J 236 -16.94 41.64 29.92
C ARG J 236 -18.16 41.98 30.79
N ARG J 237 -18.09 43.08 31.53
CA ARG J 237 -19.22 43.47 32.38
C ARG J 237 -20.46 43.72 31.55
N HIS J 238 -20.32 44.48 30.46
CA HIS J 238 -21.46 44.74 29.59
C HIS J 238 -21.97 43.45 28.96
N ARG J 239 -21.06 42.63 28.43
CA ARG J 239 -21.45 41.37 27.82
C ARG J 239 -22.09 40.43 28.85
N SER J 240 -21.55 40.41 30.08
CA SER J 240 -22.11 39.56 31.12
C SER J 240 -23.52 40.01 31.48
N GLN J 241 -23.74 41.32 31.58
CA GLN J 241 -25.06 41.84 31.91
C GLN J 241 -26.09 41.42 30.87
N GLY J 242 -25.73 41.54 29.59
CA GLY J 242 -26.64 41.13 28.53
C GLY J 242 -27.00 39.65 28.64
N GLN J 243 -25.99 38.81 28.87
CA GLN J 243 -26.26 37.38 29.01
C GLN J 243 -27.10 37.10 30.24
N GLU J 244 -26.87 37.84 31.33
CA GLU J 244 -27.65 37.66 32.55
C GLU J 244 -29.12 37.94 32.29
N GLU J 245 -29.41 39.05 31.61
CA GLU J 245 -30.79 39.40 31.28
C GLU J 245 -31.45 38.35 30.42
N ALA J 246 -30.70 37.80 29.45
CA ALA J 246 -31.27 36.79 28.56
C ALA J 246 -31.75 35.55 29.31
N GLU J 247 -30.96 35.06 30.26
CA GLU J 247 -31.41 33.89 31.02
C GLU J 247 -32.66 34.23 31.83
N LYS J 248 -32.72 35.44 32.40
CA LYS J 248 -33.90 35.85 33.16
C LYS J 248 -35.13 35.88 32.25
N LEU J 249 -34.99 36.46 31.05
CA LEU J 249 -36.10 36.51 30.12
C LEU J 249 -36.53 35.10 29.70
N ARG J 250 -35.56 34.23 29.42
CA ARG J 250 -35.87 32.86 29.03
C ARG J 250 -36.53 32.11 30.18
N ALA J 251 -36.10 32.37 31.41
CA ALA J 251 -36.67 31.68 32.58
C ALA J 251 -38.15 32.00 32.73
N THR J 252 -38.52 33.28 32.66
CA THR J 252 -39.93 33.65 32.79
C THR J 252 -40.74 33.13 31.61
N ALA J 253 -40.15 33.11 30.41
CA ALA J 253 -40.85 32.59 29.24
C ALA J 253 -41.22 31.13 29.42
N ASP J 254 -40.27 30.32 29.93
CA ASP J 254 -40.55 28.91 30.16
C ASP J 254 -41.65 28.71 31.18
N TYR J 255 -41.66 29.54 32.23
CA TYR J 255 -42.70 29.43 33.26
C TYR J 255 -44.09 29.64 32.66
N GLU J 256 -44.23 30.67 31.82
CA GLU J 256 -45.53 30.93 31.20
C GLU J 256 -45.96 29.77 30.31
N VAL J 257 -45.02 29.19 29.56
CA VAL J 257 -45.34 28.05 28.71
C VAL J 257 -45.83 26.88 29.56
N THR J 258 -45.11 26.59 30.65
CA THR J 258 -45.52 25.50 31.53
C THR J 258 -46.88 25.79 32.15
N ARG J 259 -47.11 27.04 32.55
CA ARG J 259 -48.39 27.42 33.15
C ARG J 259 -49.53 27.18 32.17
N THR J 260 -49.35 27.62 30.92
CA THR J 260 -50.40 27.41 29.91
C THR J 260 -50.62 25.93 29.66
N LEU J 261 -49.53 25.15 29.57
CA LEU J 261 -49.66 23.71 29.36
C LEU J 261 -50.37 23.06 30.55
N ALA J 262 -50.08 23.51 31.77
CA ALA J 262 -50.73 22.94 32.94
C ALA J 262 -52.21 23.25 32.96
N GLU J 263 -52.58 24.48 32.58
CA GLU J 263 -54.00 24.85 32.53
C GLU J 263 -54.75 23.98 31.54
N ALA J 264 -54.17 23.76 30.35
CA ALA J 264 -54.81 22.92 29.36
C ALA J 264 -54.99 21.50 29.87
N GLU J 265 -53.99 20.97 30.58
CA GLU J 265 -54.10 19.62 31.13
C GLU J 265 -55.24 19.53 32.13
N ARG J 266 -55.44 20.59 32.92
CA ARG J 266 -56.53 20.60 33.89
C ARG J 266 -57.88 20.48 33.17
N GLN J 267 -58.07 21.27 32.11
CA GLN J 267 -59.30 21.21 31.35
C GLN J 267 -59.48 19.84 30.72
N GLY J 268 -58.39 19.28 30.18
CA GLY J 268 -58.47 17.95 29.57
C GLY J 268 -58.87 16.88 30.56
N ARG J 269 -58.34 16.97 31.79
CA ARG J 269 -58.68 15.98 32.81
C ARG J 269 -60.17 16.05 33.14
N ILE J 270 -60.73 17.25 33.18
CA ILE J 270 -62.16 17.41 33.47
C ILE J 270 -62.97 16.71 32.37
N MET J 271 -62.59 16.92 31.11
CA MET J 271 -63.29 16.27 30.01
C MET J 271 -63.20 14.75 30.11
N ARG J 272 -62.00 14.24 30.45
CA ARG J 272 -61.83 12.80 30.59
C ARG J 272 -62.69 12.25 31.71
N GLY J 273 -62.76 12.98 32.83
CA GLY J 273 -63.58 12.52 33.94
C GLY J 273 -65.05 12.46 33.59
N GLU J 274 -65.54 13.46 32.85
CA GLU J 274 -66.94 13.47 32.44
C GLU J 274 -67.27 12.26 31.58
N GLY J 275 -66.45 12.00 30.56
CA GLY J 275 -66.68 10.85 29.71
C GLY J 275 -66.63 9.53 30.46
N ASP J 276 -65.65 9.40 31.36
CA ASP J 276 -65.54 8.18 32.16
C ASP J 276 -66.76 8.02 33.05
N ALA J 277 -67.23 9.11 33.66
CA ALA J 277 -68.41 9.04 34.51
C ALA J 277 -69.65 8.66 33.70
N GLU J 278 -69.80 9.25 32.52
CA GLU J 278 -70.95 8.94 31.67
C GLU J 278 -70.94 7.46 31.28
N ALA J 279 -69.77 6.94 30.92
CA ALA J 279 -69.67 5.53 30.54
C ALA J 279 -70.03 4.63 31.70
N ALA J 280 -69.65 5.01 32.92
CA ALA J 280 -69.97 4.20 34.09
C ALA J 280 -71.47 4.09 34.30
N LYS J 281 -72.21 5.17 33.99
CA LYS J 281 -73.67 5.14 34.12
C LYS J 281 -74.27 4.03 33.26
N LEU J 282 -73.90 4.00 31.97
CA LEU J 282 -74.41 2.96 31.07
C LEU J 282 -74.01 1.57 31.57
N PHE J 283 -72.74 1.42 31.97
CA PHE J 283 -72.27 0.15 32.50
C PHE J 283 -73.09 -0.28 33.71
N ALA J 284 -73.36 0.66 34.62
CA ALA J 284 -74.14 0.34 35.82
C ALA J 284 -75.52 -0.20 35.49
N ASP J 285 -76.24 0.47 34.58
CA ASP J 285 -77.58 0.02 34.23
C ASP J 285 -77.60 -1.16 33.27
N ALA J 286 -76.47 -1.46 32.61
CA ALA J 286 -76.40 -2.56 31.65
C ALA J 286 -75.93 -3.85 32.32
N PHE J 287 -74.76 -3.82 32.95
CA PHE J 287 -74.20 -5.01 33.58
C PHE J 287 -75.01 -5.45 34.80
N SER J 288 -75.68 -4.51 35.48
CA SER J 288 -76.51 -4.86 36.64
C SER J 288 -77.55 -5.92 36.31
N LYS J 289 -78.00 -5.98 35.05
CA LYS J 289 -78.98 -6.98 34.64
C LYS J 289 -78.46 -8.39 34.90
N ASP J 290 -77.16 -8.62 34.66
CA ASP J 290 -76.56 -9.93 34.82
C ASP J 290 -75.04 -9.78 34.99
N PRO J 291 -74.58 -9.20 36.12
CA PRO J 291 -73.14 -9.03 36.30
C PRO J 291 -72.37 -10.33 36.39
N ASP J 292 -73.03 -11.42 36.81
CA ASP J 292 -72.35 -12.72 36.87
C ASP J 292 -71.90 -13.13 35.47
N PHE J 293 -72.81 -13.08 34.50
CA PHE J 293 -72.45 -13.45 33.13
C PHE J 293 -71.46 -12.44 32.55
N TYR J 294 -71.67 -11.15 32.81
CA TYR J 294 -70.74 -10.13 32.33
C TYR J 294 -69.34 -10.38 32.85
N ALA J 295 -69.22 -10.61 34.16
CA ALA J 295 -67.89 -10.86 34.74
C ALA J 295 -67.37 -12.22 34.30
N PHE J 296 -68.25 -13.18 34.07
CA PHE J 296 -67.82 -14.49 33.60
C PHE J 296 -67.21 -14.38 32.21
N ILE J 297 -67.87 -13.65 31.29
CA ILE J 297 -67.36 -13.51 29.95
C ILE J 297 -66.27 -12.44 29.90
N ARG J 298 -66.30 -11.47 30.82
CA ARG J 298 -65.24 -10.48 30.85
C ARG J 298 -63.96 -11.11 31.39
N SER J 299 -64.08 -12.04 32.33
CA SER J 299 -62.90 -12.73 32.84
C SER J 299 -62.36 -13.69 31.78
N LEU J 300 -63.26 -14.41 31.10
CA LEU J 300 -62.84 -15.27 30.00
C LEU J 300 -62.14 -14.44 28.94
N ARG J 301 -62.70 -13.27 28.63
CA ARG J 301 -62.09 -12.36 27.66
C ARG J 301 -60.75 -11.87 28.18
N ALA J 302 -60.68 -11.57 29.48
CA ALA J 302 -59.44 -11.09 30.09
C ALA J 302 -58.33 -12.11 29.93
N TYR J 303 -58.65 -13.41 30.07
CA TYR J 303 -57.63 -14.43 29.92
C TYR J 303 -57.10 -14.44 28.49
N GLU J 304 -58.01 -14.53 27.50
CA GLU J 304 -57.61 -14.53 26.10
C GLU J 304 -56.74 -13.32 25.76
N ASN J 305 -57.11 -12.15 26.26
CA ASN J 305 -56.36 -10.93 25.98
C ASN J 305 -55.03 -10.89 26.73
N SER J 306 -55.06 -11.15 28.04
CA SER J 306 -53.85 -11.08 28.85
C SER J 306 -52.85 -12.16 28.44
N PHE J 307 -53.31 -13.41 28.32
CA PHE J 307 -52.41 -14.51 27.96
C PHE J 307 -51.95 -14.47 26.49
N SER J 308 -52.32 -13.45 25.71
CA SER J 308 -51.87 -13.35 24.31
C SER J 308 -50.36 -13.52 24.15
N GLY J 309 -49.59 -13.18 25.18
CA GLY J 309 -48.16 -13.37 25.13
C GLY J 309 -47.79 -14.84 25.10
N ASN J 310 -46.54 -15.10 24.71
CA ASN J 310 -46.00 -16.46 24.64
C ASN J 310 -44.98 -16.76 25.73
N GLN J 311 -44.41 -15.72 26.36
CA GLN J 311 -43.45 -15.93 27.44
C GLN J 311 -44.06 -16.67 28.62
N ASP J 312 -45.39 -16.66 28.76
CA ASP J 312 -46.08 -17.32 29.86
C ASP J 312 -46.23 -18.81 29.58
N VAL J 313 -46.72 -19.53 30.59
CA VAL J 313 -46.92 -20.98 30.51
C VAL J 313 -48.13 -21.33 31.38
N MET J 314 -48.63 -22.56 31.21
CA MET J 314 -49.78 -23.08 31.94
C MET J 314 -49.43 -24.45 32.50
N VAL J 315 -49.71 -24.65 33.79
CA VAL J 315 -49.43 -25.90 34.48
C VAL J 315 -50.77 -26.54 34.83
N MET J 316 -51.14 -27.55 34.06
CA MET J 316 -52.39 -28.30 34.18
C MET J 316 -52.05 -29.76 34.46
N SER J 317 -53.07 -30.61 34.48
CA SER J 317 -52.89 -32.03 34.78
C SER J 317 -53.96 -32.81 34.04
N PRO J 318 -53.74 -34.11 33.77
CA PRO J 318 -54.74 -34.89 33.03
C PRO J 318 -56.05 -35.10 33.77
N ASP J 319 -56.10 -34.86 35.08
CA ASP J 319 -57.34 -35.04 35.85
C ASP J 319 -58.07 -33.72 36.08
N SER J 320 -57.46 -32.59 35.71
CA SER J 320 -58.09 -31.28 35.83
C SER J 320 -59.50 -31.30 35.24
N ASP J 321 -60.40 -30.56 35.89
CA ASP J 321 -61.80 -30.40 35.48
C ASP J 321 -61.96 -30.20 33.97
N PHE J 322 -61.12 -29.34 33.38
CA PHE J 322 -61.19 -29.11 31.94
C PHE J 322 -60.69 -30.32 31.17
N PHE J 323 -59.72 -31.04 31.73
CA PHE J 323 -59.13 -32.22 31.11
C PHE J 323 -59.77 -33.49 31.61
N ARG J 324 -61.06 -33.42 31.98
CA ARG J 324 -61.79 -34.58 32.47
C ARG J 324 -62.02 -35.59 31.35
N TYR J 325 -62.13 -35.13 30.11
CA TYR J 325 -62.34 -36.03 28.98
C TYR J 325 -61.04 -36.57 28.43
N MET J 326 -59.90 -36.27 29.07
CA MET J 326 -58.60 -36.82 28.68
C MET J 326 -58.49 -38.29 29.00
N LYS J 327 -59.45 -38.86 29.73
CA LYS J 327 -59.46 -40.25 30.14
C LYS J 327 -60.60 -40.97 29.43
N THR J 328 -60.41 -42.28 29.22
CA THR J 328 -61.38 -43.12 28.53
C THR J 328 -62.78 -42.93 29.13
N PRO J 329 -63.84 -42.87 28.29
CA PRO J 329 -65.16 -42.68 28.91
C PRO J 329 -65.61 -43.88 29.73
N ARG K 79 79.19 86.96 -14.66
CA ARG K 79 77.79 87.26 -14.39
C ARG K 79 76.94 85.99 -14.30
N VAL K 80 77.41 84.91 -14.94
CA VAL K 80 76.66 83.66 -14.92
C VAL K 80 76.63 83.07 -13.51
N VAL K 81 77.70 83.26 -12.74
CA VAL K 81 77.73 82.72 -11.39
C VAL K 81 76.74 83.45 -10.49
N THR K 82 76.60 84.76 -10.68
CA THR K 82 75.66 85.54 -9.87
C THR K 82 74.22 85.09 -10.08
N ILE K 83 73.86 84.76 -11.32
CA ILE K 83 72.51 84.33 -11.64
C ILE K 83 72.17 83.03 -10.92
N ALA K 84 73.12 82.10 -10.85
CA ALA K 84 72.88 80.81 -10.23
C ALA K 84 72.54 80.94 -8.75
N ALA K 85 73.24 81.82 -8.03
CA ALA K 85 73.00 81.97 -6.59
C ALA K 85 71.58 82.43 -6.29
N ALA K 86 71.07 83.40 -7.06
CA ALA K 86 69.73 83.90 -6.83
C ALA K 86 68.67 82.81 -6.99
N ALA K 87 68.85 81.93 -7.97
CA ALA K 87 67.88 80.87 -8.22
C ALA K 87 67.74 79.91 -7.05
N ILE K 88 68.86 79.51 -6.43
CA ILE K 88 68.79 78.52 -5.36
C ILE K 88 68.17 79.10 -4.08
N VAL K 89 68.45 80.36 -3.76
CA VAL K 89 67.93 80.90 -2.50
C VAL K 89 66.42 81.08 -2.52
N ILE K 90 65.82 81.40 -3.67
CA ILE K 90 64.37 81.57 -3.71
C ILE K 90 63.66 80.25 -3.41
N ILE K 91 64.17 79.14 -3.96
CA ILE K 91 63.54 77.84 -3.72
C ILE K 91 63.66 77.48 -2.25
N TRP K 92 64.81 77.79 -1.64
CA TRP K 92 65.02 77.50 -0.22
C TRP K 92 63.98 78.21 0.63
N ALA K 93 63.74 79.50 0.36
CA ALA K 93 62.77 80.26 1.13
C ALA K 93 61.35 79.79 0.85
N ALA K 94 61.03 79.50 -0.42
CA ALA K 94 59.69 79.06 -0.78
C ALA K 94 59.29 77.80 -0.02
N SER K 95 60.04 76.71 -0.21
CA SER K 95 59.75 75.47 0.50
C SER K 95 59.86 75.66 2.00
N GLY K 96 60.83 76.48 2.44
CA GLY K 96 61.01 76.74 3.86
C GLY K 96 59.75 77.26 4.53
N PHE K 97 59.02 78.14 3.86
CA PHE K 97 57.80 78.70 4.43
C PHE K 97 56.75 77.61 4.57
N TYR K 98 56.13 77.55 5.75
CA TYR K 98 55.10 76.56 6.04
C TYR K 98 54.08 77.17 6.97
N THR K 99 52.84 76.71 6.84
CA THR K 99 51.73 77.17 7.66
C THR K 99 51.25 76.05 8.56
N ILE K 100 50.94 76.39 9.81
CA ILE K 100 50.45 75.44 10.80
C ILE K 100 49.05 75.87 11.21
N LYS K 101 48.16 74.90 11.32
CA LYS K 101 46.77 75.19 11.66
C LYS K 101 46.66 75.72 13.08
N GLU K 102 45.47 76.23 13.40
CA GLU K 102 45.21 76.76 14.74
C GLU K 102 45.11 75.63 15.75
N ALA K 103 44.54 74.49 15.35
CA ALA K 103 44.44 73.36 16.26
C ALA K 103 45.75 72.62 16.35
N GLU K 104 46.52 72.58 15.26
CA GLU K 104 47.82 71.93 15.27
C GLU K 104 48.85 72.86 15.91
N ARG K 105 49.93 72.25 16.42
CA ARG K 105 51.02 72.99 17.07
C ARG K 105 52.34 72.56 16.46
N GLY K 106 52.91 73.42 15.61
CA GLY K 106 54.19 73.11 15.00
C GLY K 106 55.29 73.00 16.05
N VAL K 107 56.23 72.08 15.81
CA VAL K 107 57.37 71.85 16.69
C VAL K 107 58.62 71.92 15.82
N VAL K 108 59.26 73.09 15.76
CA VAL K 108 60.49 73.22 14.99
C VAL K 108 61.59 72.48 15.72
N THR K 109 62.38 71.70 14.99
CA THR K 109 63.43 70.88 15.57
C THR K 109 64.74 70.95 14.78
N ARG K 110 65.85 71.05 15.50
CA ARG K 110 67.17 70.98 14.88
C ARG K 110 67.33 69.58 14.29
N PHE K 111 68.43 69.37 13.54
CA PHE K 111 68.64 68.08 12.85
C PHE K 111 68.31 66.88 13.72
N GLY K 112 68.98 66.76 14.88
CA GLY K 112 68.66 65.72 15.82
C GLY K 112 67.85 66.22 17.01
N LYS K 113 68.26 67.38 17.51
CA LYS K 113 67.70 68.03 18.68
C LYS K 113 66.48 68.88 18.39
N PHE K 114 65.59 68.97 19.37
CA PHE K 114 64.44 69.85 19.29
C PHE K 114 64.95 71.27 19.52
N SER K 115 64.35 72.25 18.84
CA SER K 115 64.81 73.64 18.94
C SER K 115 63.87 74.53 19.74
N HIS K 116 62.59 74.58 19.41
CA HIS K 116 61.64 75.42 20.12
C HIS K 116 60.24 75.11 19.59
N LEU K 117 59.25 75.57 20.34
CA LEU K 117 57.84 75.38 20.00
C LEU K 117 57.32 76.65 19.34
N VAL K 118 56.85 76.53 18.10
CA VAL K 118 56.34 77.66 17.35
C VAL K 118 54.84 77.80 17.61
N GLU K 119 54.38 79.04 17.64
CA GLU K 119 53.00 79.39 17.90
C GLU K 119 52.23 79.50 16.59
N PRO K 120 50.89 79.43 16.63
CA PRO K 120 50.09 79.52 15.39
C PRO K 120 50.46 80.69 14.50
N GLY K 121 50.18 80.54 13.21
CA GLY K 121 50.48 81.54 12.20
C GLY K 121 51.41 80.95 11.15
N LEU K 122 52.05 81.80 10.36
CA LEU K 122 52.97 81.38 9.33
C LEU K 122 54.40 81.59 9.82
N ASN K 123 55.15 80.50 9.96
CA ASN K 123 56.54 80.52 10.40
C ASN K 123 57.43 80.04 9.27
N TRP K 124 58.74 80.15 9.47
CA TRP K 124 59.73 79.72 8.49
C TRP K 124 60.71 78.75 9.10
N LYS K 125 61.04 77.71 8.34
CA LYS K 125 62.02 76.69 8.74
C LYS K 125 62.99 76.50 7.58
N PRO K 126 64.31 76.61 7.78
CA PRO K 126 65.24 76.34 6.67
C PRO K 126 65.03 74.93 6.12
N THR K 127 64.67 74.85 4.84
CA THR K 127 64.37 73.58 4.20
C THR K 127 65.57 72.64 4.24
N PHE K 128 65.31 71.38 4.60
CA PHE K 128 66.27 70.28 4.73
C PHE K 128 67.08 70.39 6.02
N ILE K 129 66.83 71.39 6.85
CA ILE K 129 67.54 71.60 8.10
C ILE K 129 66.69 71.21 9.30
N ASP K 130 65.46 71.71 9.35
CA ASP K 130 64.53 71.45 10.44
C ASP K 130 63.21 70.95 9.86
N GLU K 131 62.46 70.23 10.70
CA GLU K 131 61.17 69.67 10.32
C GLU K 131 60.15 69.99 11.41
N VAL K 132 58.89 70.14 10.99
CA VAL K 132 57.79 70.45 11.88
C VAL K 132 56.85 69.25 11.94
N LYS K 133 56.29 69.00 13.12
CA LYS K 133 55.35 67.90 13.33
C LYS K 133 54.05 68.49 13.90
N PRO K 134 52.95 68.57 13.14
CA PRO K 134 51.72 69.14 13.70
C PRO K 134 50.99 68.15 14.60
N VAL K 135 50.71 68.58 15.84
CA VAL K 135 49.96 67.80 16.81
C VAL K 135 48.70 68.59 17.17
N ASN K 136 47.55 67.93 17.14
CA ASN K 136 46.27 68.59 17.43
C ASN K 136 46.09 68.67 18.94
N VAL K 137 46.42 69.83 19.50
CA VAL K 137 46.33 70.07 20.95
C VAL K 137 44.95 70.60 21.37
N GLU K 138 44.05 70.87 20.43
CA GLU K 138 42.73 71.42 20.73
C GLU K 138 41.58 70.44 20.49
N ALA K 139 41.66 69.61 19.45
CA ALA K 139 40.60 68.64 19.18
C ALA K 139 40.41 67.70 20.38
N VAL K 140 39.17 67.25 20.57
CA VAL K 140 38.81 66.37 21.67
C VAL K 140 38.83 64.94 21.15
N ARG K 141 39.74 64.14 21.68
CA ARG K 141 39.91 62.75 21.30
C ARG K 141 39.02 61.86 22.18
N GLU K 142 38.85 60.62 21.73
CA GLU K 142 38.02 59.64 22.43
C GLU K 142 38.68 58.27 22.37
N LEU K 143 38.35 57.44 23.36
CA LEU K 143 38.92 56.09 23.45
C LEU K 143 37.87 55.20 24.11
N ALA K 144 37.13 54.43 23.31
CA ALA K 144 36.11 53.54 23.84
C ALA K 144 36.77 52.22 24.20
N ALA K 145 36.62 51.82 25.46
CA ALA K 145 37.20 50.58 25.99
C ALA K 145 36.06 49.71 26.53
N SER K 146 36.01 48.47 26.07
CA SER K 146 34.98 47.53 26.49
C SER K 146 35.63 46.18 26.75
N GLY K 147 34.83 45.23 27.19
CA GLY K 147 35.30 43.89 27.47
C GLY K 147 34.41 43.21 28.49
N VAL K 148 34.50 41.88 28.51
CA VAL K 148 33.72 41.06 29.43
C VAL K 148 34.55 40.90 30.71
N MET K 149 34.39 41.86 31.62
CA MET K 149 35.13 41.80 32.88
C MET K 149 34.44 40.87 33.88
N LEU K 150 35.20 40.50 34.92
CA LEU K 150 34.73 39.64 35.99
C LEU K 150 34.42 40.47 37.24
N THR K 151 33.27 40.23 37.85
CA THR K 151 32.87 40.97 39.04
C THR K 151 33.43 40.30 40.29
N SER K 152 33.00 40.76 41.46
CA SER K 152 33.48 40.23 42.74
C SER K 152 32.68 39.04 43.26
N ASP K 153 31.54 38.73 42.65
CA ASP K 153 30.70 37.62 43.06
C ASP K 153 30.77 36.44 42.08
N GLU K 154 31.85 36.35 41.32
CA GLU K 154 32.07 35.29 40.32
C GLU K 154 31.08 35.38 39.15
N ASN K 155 30.46 36.54 38.97
CA ASN K 155 29.50 36.79 37.91
C ASN K 155 30.16 37.49 36.74
N VAL K 156 29.58 37.33 35.56
CA VAL K 156 30.09 37.91 34.32
C VAL K 156 29.19 39.07 33.92
N VAL K 157 29.80 40.14 33.43
CA VAL K 157 29.09 41.34 33.01
C VAL K 157 29.67 41.86 31.71
N ARG K 158 28.82 42.14 30.72
CA ARG K 158 29.27 42.71 29.44
C ARG K 158 29.29 44.22 29.66
N VAL K 159 30.49 44.77 29.89
CA VAL K 159 30.68 46.18 30.17
C VAL K 159 31.36 46.87 28.99
N GLU K 160 30.91 48.08 28.70
CA GLU K 160 31.49 48.93 27.65
C GLU K 160 31.63 50.32 28.25
N MET K 161 32.74 50.98 27.93
CA MET K 161 33.05 52.30 28.48
C MET K 161 33.55 53.22 27.39
N ASN K 162 33.38 54.52 27.63
CA ASN K 162 33.80 55.58 26.73
C ASN K 162 34.69 56.52 27.52
N VAL K 163 35.83 56.87 26.93
CA VAL K 163 36.80 57.77 27.55
C VAL K 163 37.12 58.90 26.58
N GLN K 164 36.65 60.10 26.88
CA GLN K 164 36.92 61.28 26.07
C GLN K 164 38.17 61.96 26.64
N TYR K 165 39.15 62.20 25.78
CA TYR K 165 40.42 62.80 26.24
C TYR K 165 40.95 63.77 25.19
N ARG K 166 42.05 64.41 25.55
CA ARG K 166 42.75 65.38 24.72
C ARG K 166 44.24 65.09 24.84
N VAL K 167 45.05 65.88 24.15
CA VAL K 167 46.50 65.77 24.19
C VAL K 167 47.03 67.11 24.73
N THR K 168 48.34 67.14 24.96
CA THR K 168 49.06 68.28 25.55
C THR K 168 50.37 68.40 24.79
N ASN K 169 51.31 69.20 25.34
CA ASN K 169 52.62 69.48 24.75
C ASN K 169 53.22 68.21 24.16
N PRO K 170 53.53 68.16 22.85
CA PRO K 170 53.98 66.89 22.25
C PRO K 170 55.32 66.37 22.73
N GLU K 171 56.09 67.12 23.52
CA GLU K 171 57.37 66.60 23.96
C GLU K 171 57.19 65.34 24.81
N LYS K 172 56.13 65.30 25.61
CA LYS K 172 55.83 64.11 26.40
C LYS K 172 55.03 63.07 25.62
N TYR K 173 53.88 63.50 25.07
CA TYR K 173 52.99 62.60 24.33
C TYR K 173 53.69 61.84 23.21
N LEU K 174 54.60 62.50 22.50
CA LEU K 174 55.29 61.87 21.39
C LEU K 174 56.53 61.08 21.80
N TYR K 175 57.18 61.46 22.90
CA TYR K 175 58.41 60.82 23.31
C TYR K 175 58.36 60.28 24.74
N SER K 176 57.22 59.69 25.12
CA SER K 176 57.06 59.02 26.40
C SER K 176 56.87 57.51 26.24
N VAL K 177 55.90 57.11 25.43
CA VAL K 177 55.58 55.71 25.17
C VAL K 177 55.31 55.54 23.67
N THR K 178 55.69 54.39 23.13
CA THR K 178 55.42 54.12 21.73
C THR K 178 53.93 53.83 21.59
N SER K 179 53.35 54.25 20.46
CA SER K 179 51.93 54.11 20.18
C SER K 179 51.11 54.53 21.40
N PRO K 180 51.11 55.82 21.76
CA PRO K 180 50.39 56.26 22.97
C PRO K 180 48.91 55.90 22.97
N ASP K 181 48.25 55.93 21.81
CA ASP K 181 46.83 55.58 21.76
C ASP K 181 46.60 54.12 22.14
N ASP K 182 47.40 53.21 21.57
CA ASP K 182 47.23 51.79 21.86
C ASP K 182 47.63 51.46 23.29
N SER K 183 48.76 52.02 23.76
CA SER K 183 49.22 51.73 25.12
C SER K 183 48.19 52.18 26.15
N LEU K 184 47.56 53.33 25.92
CA LEU K 184 46.52 53.80 26.84
C LEU K 184 45.33 52.85 26.85
N ARG K 185 45.01 52.29 25.67
CA ARG K 185 43.89 51.37 25.57
C ARG K 185 44.13 50.11 26.39
N GLN K 186 45.37 49.61 26.41
CA GLN K 186 45.66 48.43 27.20
C GLN K 186 45.55 48.74 28.69
N ALA K 187 46.04 49.92 29.10
CA ALA K 187 45.94 50.32 30.50
C ALA K 187 44.49 50.44 30.95
N THR K 188 43.60 50.88 30.05
CA THR K 188 42.19 51.04 30.39
C THR K 188 41.56 49.71 30.78
N ASP K 189 41.88 48.64 30.05
CA ASP K 189 41.32 47.33 30.37
C ASP K 189 41.72 46.88 31.76
N SER K 190 43.00 47.03 32.11
CA SER K 190 43.46 46.64 33.44
C SER K 190 42.77 47.44 34.51
N ALA K 191 42.59 48.74 34.28
CA ALA K 191 41.90 49.59 35.26
C ALA K 191 40.42 49.20 35.36
N LEU K 192 39.75 49.08 34.21
CA LEU K 192 38.35 48.71 34.18
C LEU K 192 38.14 47.33 34.81
N ARG K 193 38.98 46.36 34.45
CA ARG K 193 38.87 45.03 35.02
C ARG K 193 39.06 45.05 36.53
N GLY K 194 40.11 45.75 36.99
CA GLY K 194 40.40 45.81 38.41
C GLY K 194 39.27 46.39 39.25
N VAL K 195 38.73 47.54 38.84
CA VAL K 195 37.65 48.17 39.60
C VAL K 195 36.42 47.27 39.64
N ILE K 196 35.97 46.79 38.47
CA ILE K 196 34.82 45.89 38.40
C ILE K 196 35.05 44.67 39.30
N GLY K 197 36.29 44.19 39.35
CA GLY K 197 36.61 43.06 40.20
C GLY K 197 36.27 43.27 41.66
N LYS K 198 36.33 44.52 42.13
CA LYS K 198 36.07 44.81 43.54
C LYS K 198 34.57 44.79 43.86
N TYR K 199 33.74 45.35 42.98
CA TYR K 199 32.31 45.41 43.22
C TYR K 199 31.58 44.20 42.66
N THR K 200 30.40 43.96 43.21
CA THR K 200 29.54 42.85 42.78
C THR K 200 28.73 43.26 41.55
N MET K 201 28.18 42.25 40.88
CA MET K 201 27.43 42.48 39.64
C MET K 201 26.21 43.36 39.87
N ASP K 202 25.38 43.03 40.86
CA ASP K 202 24.15 43.78 41.09
C ASP K 202 24.43 45.26 41.37
N ARG K 203 25.45 45.56 42.17
CA ARG K 203 25.80 46.95 42.45
C ARG K 203 26.24 47.66 41.17
N ILE K 204 27.18 47.05 40.44
CA ILE K 204 27.72 47.62 39.20
C ILE K 204 26.63 47.94 38.19
N LEU K 205 25.53 47.18 38.18
CA LEU K 205 24.51 47.39 37.17
C LEU K 205 23.71 48.66 37.40
N THR K 206 23.33 48.96 38.64
CA THR K 206 22.54 50.15 38.96
C THR K 206 23.27 51.20 39.78
N GLU K 207 23.83 50.80 40.94
CA GLU K 207 24.47 51.76 41.83
C GLU K 207 25.90 52.09 41.41
N GLY K 208 26.69 51.08 41.08
CA GLY K 208 28.10 51.28 40.75
C GLY K 208 28.38 52.17 39.56
N ARG K 209 27.41 52.31 38.64
CA ARG K 209 27.55 53.13 37.44
C ARG K 209 28.21 54.49 37.69
N THR K 210 27.81 55.18 38.75
CA THR K 210 28.37 56.50 39.06
C THR K 210 29.78 56.40 39.66
N VAL K 211 29.98 55.51 40.64
CA VAL K 211 31.28 55.39 41.28
C VAL K 211 32.29 54.70 40.37
N ILE K 212 31.85 53.73 39.56
CA ILE K 212 32.77 52.99 38.69
C ILE K 212 33.50 53.94 37.76
N ARG K 213 32.78 54.87 37.14
CA ARG K 213 33.45 55.83 36.25
C ARG K 213 34.42 56.70 37.04
N SER K 214 34.03 57.13 38.24
CA SER K 214 34.92 57.91 39.09
C SER K 214 36.15 57.10 39.48
N ASP K 215 35.93 55.88 39.94
CA ASP K 215 37.04 55.01 40.35
C ASP K 215 37.90 54.66 39.15
N THR K 216 37.27 54.26 38.04
CA THR K 216 38.02 53.90 36.84
C THR K 216 38.85 55.08 36.35
N GLN K 217 38.32 56.30 36.43
CA GLN K 217 39.07 57.46 36.00
C GLN K 217 40.24 57.73 36.93
N ARG K 218 39.98 57.68 38.25
CA ARG K 218 41.03 57.91 39.23
C ARG K 218 42.07 56.80 39.20
N GLU K 219 41.63 55.55 39.12
CA GLU K 219 42.57 54.44 39.08
C GLU K 219 43.40 54.47 37.79
N LEU K 220 42.74 54.66 36.64
CA LEU K 220 43.46 54.71 35.38
C LEU K 220 44.46 55.86 35.36
N GLU K 221 44.05 57.03 35.88
CA GLU K 221 44.96 58.18 35.91
C GLU K 221 46.21 57.85 36.70
N GLU K 222 46.05 57.24 37.87
CA GLU K 222 47.21 56.83 38.67
C GLU K 222 48.03 55.80 37.93
N THR K 223 47.38 54.94 37.14
CA THR K 223 48.08 53.90 36.39
C THR K 223 49.01 54.49 35.33
N ILE K 224 48.64 55.64 34.76
CA ILE K 224 49.42 56.27 33.70
C ILE K 224 50.28 57.42 34.22
N ARG K 225 50.33 57.63 35.53
CA ARG K 225 51.18 58.70 36.05
C ARG K 225 52.65 58.38 35.83
N PRO K 226 53.16 57.20 36.21
CA PRO K 226 54.57 56.89 35.94
C PRO K 226 54.95 56.98 34.46
N TYR K 227 54.03 56.63 33.55
CA TYR K 227 54.32 56.68 32.12
C TYR K 227 54.80 58.07 31.70
N ASP K 228 54.21 59.12 32.26
CA ASP K 228 54.57 60.52 32.02
C ASP K 228 54.08 61.04 30.67
N MET K 229 53.25 60.28 29.95
CA MET K 229 52.73 60.74 28.66
C MET K 229 52.03 62.08 28.81
N GLY K 230 51.98 62.83 27.71
CA GLY K 230 51.35 64.13 27.72
C GLY K 230 49.87 64.10 27.40
N ILE K 231 49.25 62.94 27.39
CA ILE K 231 47.82 62.83 27.14
C ILE K 231 47.08 63.24 28.43
N THR K 232 46.02 64.02 28.28
CA THR K 232 45.23 64.48 29.42
C THR K 232 43.82 63.93 29.33
N LEU K 233 43.35 63.35 30.42
CA LEU K 233 42.02 62.77 30.49
C LEU K 233 40.97 63.84 30.75
N LEU K 234 39.94 63.88 29.90
CA LEU K 234 38.86 64.83 30.10
C LEU K 234 37.73 64.19 30.92
N ASP K 235 37.21 63.05 30.46
CA ASP K 235 36.16 62.38 31.20
C ASP K 235 36.11 60.91 30.80
N VAL K 236 35.68 60.09 31.76
CA VAL K 236 35.48 58.66 31.58
C VAL K 236 33.99 58.47 31.90
N ASN K 237 33.16 58.35 30.86
CA ASN K 237 31.71 58.24 31.01
C ASN K 237 31.26 56.80 30.72
N PHE K 238 30.91 56.09 31.79
CA PHE K 238 30.42 54.73 31.69
C PHE K 238 29.20 54.68 30.77
N GLN K 239 29.17 53.68 29.88
CA GLN K 239 28.11 53.55 28.89
C GLN K 239 27.11 52.44 29.20
N ALA K 240 27.55 51.20 29.43
CA ALA K 240 26.62 50.13 29.72
C ALA K 240 27.32 49.00 30.48
N ALA K 241 26.51 48.22 31.19
CA ALA K 241 26.94 47.08 31.99
C ALA K 241 25.99 45.89 31.80
N ARG K 242 25.38 45.79 30.63
CA ARG K 242 24.39 44.77 30.35
C ARG K 242 24.92 43.37 30.66
N PRO K 243 24.07 42.45 31.14
CA PRO K 243 24.54 41.10 31.47
C PRO K 243 24.86 40.30 30.23
N PRO K 244 25.49 39.13 30.37
CA PRO K 244 25.81 38.28 29.22
C PRO K 244 24.58 38.01 28.36
N GLU K 245 24.78 38.00 27.03
CA GLU K 245 23.68 37.78 26.12
C GLU K 245 23.07 36.39 26.30
N GLU K 246 23.86 35.40 26.72
CA GLU K 246 23.32 34.06 26.89
C GLU K 246 22.31 34.01 28.04
N VAL K 247 22.56 34.78 29.10
CA VAL K 247 21.67 34.82 30.26
C VAL K 247 20.68 35.97 30.20
N LYS K 248 20.77 36.87 29.20
CA LYS K 248 19.85 37.99 29.11
C LYS K 248 18.41 37.51 29.01
N ALA K 249 18.17 36.42 28.29
CA ALA K 249 16.83 35.86 28.19
C ALA K 249 16.23 35.60 29.57
N ALA K 250 16.97 34.91 30.43
CA ALA K 250 16.49 34.65 31.78
C ALA K 250 16.35 35.94 32.58
N PHE K 251 17.29 36.87 32.41
CA PHE K 251 17.19 38.16 33.10
C PHE K 251 15.88 38.85 32.74
N ASP K 252 15.48 38.77 31.47
CA ASP K 252 14.21 39.34 31.05
C ASP K 252 13.06 38.49 31.56
N ASP K 253 13.25 37.17 31.63
CA ASP K 253 12.21 36.28 32.13
C ASP K 253 11.89 36.60 33.59
N ALA K 254 12.93 36.90 34.40
CA ALA K 254 12.69 37.26 35.78
C ALA K 254 11.80 38.51 35.87
N ILE K 255 12.00 39.45 34.95
CA ILE K 255 11.17 40.64 34.89
C ILE K 255 9.82 40.30 34.28
N ALA K 256 9.84 39.53 33.18
CA ALA K 256 8.62 39.16 32.45
C ALA K 256 7.63 38.43 33.35
N ALA K 257 8.10 37.72 34.37
CA ALA K 257 7.18 37.03 35.26
C ALA K 257 6.36 38.05 36.05
N ARG K 258 6.99 39.14 36.50
CA ARG K 258 6.26 40.18 37.22
C ARG K 258 5.16 40.77 36.34
N GLU K 259 5.50 41.11 35.10
CA GLU K 259 4.48 41.62 34.18
C GLU K 259 3.40 40.58 33.91
N ASN K 260 3.77 39.29 33.91
CA ASN K 260 2.79 38.25 33.68
C ASN K 260 2.10 37.81 34.98
N GLU K 261 2.72 38.11 36.13
CA GLU K 261 2.08 37.84 37.42
C GLU K 261 0.72 38.51 37.48
N GLN K 262 0.68 39.81 37.17
CA GLN K 262 -0.56 40.56 37.16
C GLN K 262 -1.55 39.97 36.19
N GLN K 263 -1.09 39.49 35.02
CA GLN K 263 -1.98 38.90 34.04
C GLN K 263 -2.69 37.69 34.61
N TYR K 264 -1.99 36.90 35.43
CA TYR K 264 -2.64 35.75 36.07
C TYR K 264 -3.75 36.24 36.99
N ILE K 265 -3.49 37.32 37.73
CA ILE K 265 -4.51 37.91 38.59
C ILE K 265 -5.64 38.46 37.75
N ARG K 266 -5.32 39.10 36.62
CA ARG K 266 -6.35 39.65 35.74
C ARG K 266 -7.28 38.56 35.24
N GLU K 267 -6.72 37.40 34.86
CA GLU K 267 -7.56 36.30 34.40
C GLU K 267 -8.44 35.80 35.54
N ALA K 268 -7.91 35.77 36.75
CA ALA K 268 -8.71 35.36 37.90
C ALA K 268 -9.87 36.32 38.12
N GLU K 269 -9.60 37.62 38.05
CA GLU K 269 -10.66 38.61 38.22
C GLU K 269 -11.68 38.50 37.09
N ALA K 270 -11.20 38.26 35.86
CA ALA K 270 -12.08 38.10 34.73
C ALA K 270 -13.07 36.95 34.95
N TYR K 271 -12.57 35.82 35.44
CA TYR K 271 -13.43 34.68 35.72
C TYR K 271 -14.47 35.04 36.77
N THR K 272 -14.06 35.74 37.82
CA THR K 272 -14.99 36.14 38.88
C THR K 272 -16.09 37.03 38.34
N ASN K 273 -15.71 38.09 37.61
CA ASN K 273 -16.70 39.00 37.04
C ASN K 273 -17.53 38.30 35.96
N GLU K 274 -16.97 37.29 35.30
CA GLU K 274 -17.68 36.55 34.27
C GLU K 274 -18.60 35.48 34.87
N VAL K 275 -18.12 34.75 35.87
CA VAL K 275 -18.88 33.63 36.44
C VAL K 275 -19.99 34.11 37.37
N GLN K 276 -19.78 35.18 38.14
CA GLN K 276 -20.80 35.63 39.08
C GLN K 276 -22.13 35.98 38.39
N PRO K 277 -22.17 36.75 37.30
CA PRO K 277 -23.46 36.99 36.64
C PRO K 277 -24.12 35.72 36.16
N ARG K 278 -23.34 34.72 35.75
CA ARG K 278 -23.90 33.45 35.31
C ARG K 278 -24.69 32.79 36.45
N ALA K 279 -24.18 32.89 37.68
CA ALA K 279 -24.87 32.30 38.82
C ALA K 279 -26.23 32.96 39.02
N ASN K 280 -26.29 34.28 38.86
CA ASN K 280 -27.56 34.99 39.01
C ASN K 280 -28.57 34.50 37.99
N GLY K 281 -28.13 34.27 36.76
CA GLY K 281 -29.03 33.77 35.73
C GLY K 281 -29.56 32.39 36.07
N GLN K 282 -28.68 31.51 36.56
CA GLN K 282 -29.10 30.17 36.94
C GLN K 282 -30.08 30.21 38.10
N ALA K 283 -29.87 31.15 39.03
CA ALA K 283 -30.77 31.27 40.18
C ALA K 283 -32.19 31.57 39.72
N GLN K 284 -32.34 32.53 38.81
CA GLN K 284 -33.66 32.88 38.29
C GLN K 284 -34.29 31.71 37.56
N ARG K 285 -33.47 30.92 36.85
CA ARG K 285 -34.00 29.79 36.09
C ARG K 285 -34.63 28.76 37.03
N ILE K 286 -33.95 28.43 38.13
CA ILE K 286 -34.53 27.48 39.07
C ILE K 286 -35.70 28.13 39.81
N LEU K 287 -35.62 29.43 40.07
CA LEU K 287 -36.71 30.12 40.76
C LEU K 287 -37.98 30.07 39.92
N GLU K 288 -37.86 30.36 38.61
CA GLU K 288 -39.02 30.29 37.72
C GLU K 288 -39.53 28.86 37.62
N GLU K 289 -38.61 27.89 37.63
CA GLU K 289 -39.02 26.49 37.59
C GLU K 289 -39.82 26.13 38.82
N ALA K 290 -39.43 26.66 39.98
CA ALA K 290 -40.17 26.38 41.21
C ALA K 290 -41.60 26.87 41.11
N ARG K 291 -41.80 28.06 40.54
CA ARG K 291 -43.15 28.59 40.36
C ARG K 291 -44.00 27.66 39.50
N ALA K 292 -43.42 27.16 38.40
CA ALA K 292 -44.13 26.23 37.53
C ALA K 292 -44.55 24.97 38.27
N TYR K 293 -43.66 24.44 39.11
CA TYR K 293 -43.99 23.23 39.88
C TYR K 293 -45.19 23.48 40.79
N LYS K 294 -45.20 24.62 41.48
CA LYS K 294 -46.32 24.96 42.35
C LYS K 294 -47.61 25.05 41.55
N ALA K 295 -47.57 25.77 40.43
CA ALA K 295 -48.74 25.88 39.57
C ALA K 295 -49.11 24.54 38.98
N GLN K 296 -48.13 23.78 38.50
CA GLN K 296 -48.42 22.49 37.87
C GLN K 296 -49.00 21.48 38.87
N THR K 297 -48.44 21.40 40.08
CA THR K 297 -48.98 20.45 41.05
C THR K 297 -50.35 20.89 41.53
N ILE K 298 -50.57 22.19 41.70
CA ILE K 298 -51.88 22.69 42.13
C ILE K 298 -52.93 22.41 41.06
N LEU K 299 -52.61 22.72 39.80
CA LEU K 299 -53.56 22.47 38.72
C LEU K 299 -53.80 20.98 38.54
N GLU K 300 -52.75 20.16 38.63
CA GLU K 300 -52.93 18.72 38.51
C GLU K 300 -53.80 18.19 39.63
N ALA K 301 -53.62 18.71 40.85
CA ALA K 301 -54.43 18.30 41.98
C ALA K 301 -55.90 18.61 41.74
N GLN K 302 -56.19 19.80 41.21
CA GLN K 302 -57.57 20.18 40.94
C GLN K 302 -58.22 19.23 39.94
N GLY K 303 -57.48 18.83 38.91
CA GLY K 303 -58.03 17.92 37.92
C GLY K 303 -58.41 16.57 38.51
N GLU K 304 -57.53 16.00 39.34
CA GLU K 304 -57.82 14.71 39.96
C GLU K 304 -59.01 14.79 40.90
N VAL K 305 -59.15 15.92 41.61
CA VAL K 305 -60.27 16.10 42.52
C VAL K 305 -61.59 16.05 41.74
N ALA K 306 -61.64 16.74 40.60
CA ALA K 306 -62.86 16.74 39.79
C ALA K 306 -63.18 15.33 39.28
N ARG K 307 -62.16 14.62 38.82
CA ARG K 307 -62.37 13.25 38.32
C ARG K 307 -62.92 12.36 39.43
N PHE K 308 -62.32 12.41 40.62
CA PHE K 308 -62.82 11.60 41.73
C PHE K 308 -64.23 12.04 42.13
N ALA K 309 -64.47 13.36 42.16
CA ALA K 309 -65.79 13.87 42.47
C ALA K 309 -66.81 13.44 41.42
N LYS K 310 -66.36 13.27 40.17
CA LYS K 310 -67.23 12.88 39.07
C LYS K 310 -67.47 11.38 39.03
N LEU K 311 -66.52 10.57 39.52
CA LEU K 311 -66.64 9.12 39.48
C LEU K 311 -67.04 8.51 40.82
N LEU K 312 -66.90 9.25 41.92
CA LEU K 312 -67.32 8.69 43.21
C LEU K 312 -68.82 8.44 43.25
N PRO K 313 -69.70 9.40 42.87
CA PRO K 313 -71.13 9.08 42.90
C PRO K 313 -71.51 8.00 41.92
N GLU K 314 -70.84 7.96 40.76
CA GLU K 314 -71.09 6.90 39.78
C GLU K 314 -70.71 5.55 40.38
N TYR K 315 -69.60 5.52 41.12
CA TYR K 315 -69.15 4.30 41.76
C TYR K 315 -70.12 3.87 42.86
N LYS K 316 -70.60 4.83 43.66
CA LYS K 316 -71.54 4.52 44.72
C LYS K 316 -72.83 3.93 44.17
N ALA K 317 -73.19 4.29 42.93
CA ALA K 317 -74.43 3.77 42.34
C ALA K 317 -74.32 2.27 42.06
N ALA K 318 -73.20 1.83 41.49
CA ALA K 318 -72.97 0.42 41.16
C ALA K 318 -71.56 0.02 41.60
N PRO K 319 -71.36 -0.12 42.92
CA PRO K 319 -70.02 -0.52 43.40
C PRO K 319 -69.50 -1.84 42.83
N GLU K 320 -70.34 -2.88 42.82
CA GLU K 320 -69.91 -4.19 42.34
C GLU K 320 -69.46 -4.14 40.89
N ILE K 321 -70.29 -3.58 40.01
CA ILE K 321 -69.95 -3.48 38.59
C ILE K 321 -68.64 -2.69 38.42
N THR K 322 -68.56 -1.52 39.07
CA THR K 322 -67.36 -0.70 38.96
C THR K 322 -66.16 -1.41 39.58
N ARG K 323 -66.32 -1.98 40.77
CA ARG K 323 -65.21 -2.65 41.43
C ARG K 323 -64.72 -3.84 40.60
N GLU K 324 -65.65 -4.64 40.06
CA GLU K 324 -65.23 -5.78 39.25
C GLU K 324 -64.67 -5.34 37.91
N ARG K 325 -65.31 -4.35 37.27
CA ARG K 325 -64.82 -3.85 35.99
C ARG K 325 -63.42 -3.28 36.12
N LEU K 326 -63.24 -2.37 37.09
CA LEU K 326 -61.94 -1.76 37.34
C LEU K 326 -60.90 -2.83 37.69
N TYR K 327 -61.30 -3.81 38.52
CA TYR K 327 -60.40 -4.87 38.93
C TYR K 327 -59.98 -5.73 37.75
N ILE K 328 -60.96 -6.26 37.00
CA ILE K 328 -60.64 -7.10 35.84
C ILE K 328 -59.80 -6.31 34.83
N GLU K 329 -60.14 -5.04 34.62
CA GLU K 329 -59.36 -4.22 33.69
C GLU K 329 -57.92 -4.07 34.20
N THR K 330 -57.78 -3.67 35.46
CA THR K 330 -56.45 -3.54 36.07
C THR K 330 -55.69 -4.85 35.99
N MET K 331 -56.34 -5.95 36.39
CA MET K 331 -55.71 -7.26 36.38
C MET K 331 -55.23 -7.63 34.97
N GLU K 332 -56.12 -7.46 33.99
CA GLU K 332 -55.77 -7.74 32.59
C GLU K 332 -54.50 -6.99 32.18
N LYS K 333 -54.42 -5.71 32.52
CA LYS K 333 -53.25 -4.90 32.18
C LYS K 333 -51.97 -5.48 32.78
N VAL K 334 -51.94 -5.65 34.10
CA VAL K 334 -50.75 -6.19 34.76
C VAL K 334 -50.44 -7.60 34.25
N LEU K 335 -51.46 -8.44 34.12
CA LEU K 335 -51.28 -9.81 33.61
C LEU K 335 -50.54 -9.81 32.27
N GLY K 336 -50.86 -8.85 31.40
CA GLY K 336 -50.26 -8.75 30.09
C GLY K 336 -48.86 -8.14 30.10
N ASN K 337 -48.68 -7.05 30.84
CA ASN K 337 -47.38 -6.37 30.86
C ASN K 337 -46.29 -7.30 31.39
N THR K 338 -46.56 -8.01 32.48
CA THR K 338 -45.61 -8.94 33.07
C THR K 338 -45.86 -10.35 32.55
N ARG K 339 -44.92 -11.24 32.83
CA ARG K 339 -45.09 -12.63 32.43
C ARG K 339 -45.97 -13.36 33.44
N LYS K 340 -46.47 -14.52 33.03
CA LYS K 340 -47.30 -15.36 33.88
C LYS K 340 -46.68 -16.74 34.01
N VAL K 341 -47.03 -17.41 35.12
CA VAL K 341 -46.54 -18.76 35.44
C VAL K 341 -47.68 -19.75 35.59
N LEU K 342 -48.73 -19.38 36.32
CA LEU K 342 -49.89 -20.23 36.59
C LEU K 342 -49.51 -21.58 37.20
N VAL K 343 -48.56 -21.55 38.15
CA VAL K 343 -48.13 -22.72 38.89
C VAL K 343 -48.83 -22.71 40.24
N ASN K 344 -49.50 -23.81 40.59
CA ASN K 344 -50.17 -23.95 41.88
C ASN K 344 -49.21 -23.59 43.01
N ASP K 345 -49.75 -22.98 44.07
CA ASP K 345 -48.92 -22.52 45.19
C ASP K 345 -48.09 -23.64 45.82
N LYS K 346 -48.48 -24.91 45.64
CA LYS K 346 -47.74 -26.07 46.11
C LYS K 346 -46.25 -25.97 45.78
N GLY K 347 -45.95 -25.47 44.59
CA GLY K 347 -44.59 -25.31 44.11
C GLY K 347 -43.94 -24.05 44.66
N GLY K 348 -43.62 -24.09 45.96
CA GLY K 348 -43.04 -22.98 46.69
C GLY K 348 -41.55 -22.80 46.54
N ASN K 349 -40.89 -23.54 45.66
CA ASN K 349 -39.46 -23.41 45.42
C ASN K 349 -39.29 -22.85 44.02
N LEU K 350 -38.61 -21.71 43.93
CA LEU K 350 -38.40 -21.02 42.66
C LEU K 350 -36.95 -20.56 42.55
N MET K 351 -36.62 -20.03 41.37
CA MET K 351 -35.29 -19.50 41.08
C MET K 351 -35.49 -18.20 40.32
N VAL K 352 -34.91 -17.11 40.84
CA VAL K 352 -35.09 -15.79 40.22
C VAL K 352 -34.38 -15.69 38.87
N LEU K 353 -33.16 -16.25 38.75
CA LEU K 353 -32.36 -16.20 37.53
C LEU K 353 -32.27 -14.76 36.98
N PRO K 354 -31.57 -13.86 37.67
CA PRO K 354 -31.48 -12.47 37.20
C PRO K 354 -30.44 -12.33 36.10
N LEU K 355 -30.49 -11.16 35.44
CA LEU K 355 -29.57 -10.83 34.37
C LEU K 355 -28.75 -9.60 34.74
N MET L 1 92.53 75.79 -15.67
CA MET L 1 92.28 75.57 -14.22
C MET L 1 90.79 75.49 -13.91
N ARG L 2 90.02 74.99 -14.88
CA ARG L 2 88.58 74.85 -14.74
C ARG L 2 88.16 73.44 -14.36
N LYS L 3 88.73 72.42 -15.02
CA LYS L 3 88.38 71.05 -14.70
C LYS L 3 88.85 70.65 -13.30
N SER L 4 90.04 71.11 -12.90
CA SER L 4 90.57 70.76 -11.59
C SER L 4 89.74 71.37 -10.46
N VAL L 5 89.40 72.65 -10.58
CA VAL L 5 88.64 73.32 -9.51
C VAL L 5 87.21 72.79 -9.46
N ILE L 6 86.56 72.64 -10.61
CA ILE L 6 85.17 72.16 -10.63
C ILE L 6 85.08 70.72 -10.16
N ALA L 7 86.08 69.89 -10.47
CA ALA L 7 86.06 68.48 -10.08
C ALA L 7 86.08 68.28 -8.57
N ILE L 8 86.95 69.03 -7.88
CA ILE L 8 87.08 68.87 -6.43
C ILE L 8 85.81 69.32 -5.71
N ILE L 9 85.16 70.37 -6.21
CA ILE L 9 83.95 70.89 -5.57
C ILE L 9 82.83 69.84 -5.57
N ILE L 10 82.60 69.19 -6.71
CA ILE L 10 81.47 68.26 -6.82
C ILE L 10 81.68 67.02 -5.97
N ILE L 11 82.91 66.49 -5.91
CA ILE L 11 83.16 65.27 -5.14
C ILE L 11 83.06 65.53 -3.64
N VAL L 12 83.44 66.72 -3.18
CA VAL L 12 83.38 67.02 -1.75
C VAL L 12 81.95 66.93 -1.22
N LEU L 13 80.98 67.41 -1.98
CA LEU L 13 79.60 67.45 -1.52
C LEU L 13 79.03 66.06 -1.24
N VAL L 14 79.28 65.09 -2.13
CA VAL L 14 78.70 63.76 -1.91
C VAL L 14 79.36 63.08 -0.72
N VAL L 15 80.66 63.30 -0.51
CA VAL L 15 81.35 62.68 0.63
C VAL L 15 80.76 63.18 1.94
N LEU L 16 80.51 64.48 2.04
CA LEU L 16 79.94 65.04 3.25
C LEU L 16 78.53 64.52 3.51
N TYR L 17 77.74 64.35 2.44
CA TYR L 17 76.37 63.87 2.61
C TYR L 17 76.36 62.44 3.15
N MET L 18 77.28 61.60 2.67
CA MET L 18 77.38 60.23 3.16
C MET L 18 77.84 60.21 4.61
N SER L 19 78.77 61.09 4.96
CA SER L 19 79.32 61.12 6.32
C SER L 19 78.27 61.54 7.34
N VAL L 20 77.42 62.51 7.00
CA VAL L 20 76.44 63.00 7.95
C VAL L 20 75.36 61.94 8.20
N PHE L 21 75.00 61.79 9.47
CA PHE L 21 73.97 60.86 9.91
C PHE L 21 73.39 61.51 11.16
N VAL L 22 72.07 61.55 11.25
CA VAL L 22 71.38 62.24 12.34
C VAL L 22 70.77 61.25 13.32
N VAL L 23 70.66 61.70 14.57
CA VAL L 23 70.04 60.96 15.66
C VAL L 23 68.73 61.68 15.98
N LYS L 24 67.61 61.01 15.75
CA LYS L 24 66.32 61.62 16.01
C LYS L 24 66.11 61.81 17.52
N GLU L 25 65.06 62.56 17.86
CA GLU L 25 64.79 62.87 19.26
C GLU L 25 64.46 61.62 20.05
N GLY L 26 63.58 60.76 19.53
CA GLY L 26 63.21 59.54 20.22
C GLY L 26 64.04 58.34 19.82
N GLU L 27 65.28 58.58 19.38
CA GLU L 27 66.18 57.52 18.98
C GLU L 27 67.60 57.85 19.43
N ARG L 28 68.42 56.81 19.49
CA ARG L 28 69.83 56.93 19.87
C ARG L 28 70.63 56.00 18.97
N GLY L 29 71.74 56.50 18.42
CA GLY L 29 72.58 55.73 17.52
C GLY L 29 73.92 55.40 18.14
N ILE L 30 74.37 54.17 17.92
CA ILE L 30 75.67 53.68 18.41
C ILE L 30 76.55 53.47 17.19
N THR L 31 77.54 54.35 17.01
CA THR L 31 78.46 54.19 15.89
C THR L 31 79.27 52.90 16.06
N LEU L 32 79.49 52.19 14.95
CA LEU L 32 80.21 50.92 14.95
C LEU L 32 81.34 50.91 13.95
N ARG L 33 82.45 50.26 14.32
CA ARG L 33 83.61 50.09 13.45
C ARG L 33 83.30 48.92 12.52
N PHE L 34 84.31 48.45 11.77
CA PHE L 34 84.15 47.31 10.88
C PHE L 34 83.44 46.15 11.57
N GLY L 35 84.05 45.66 12.66
CA GLY L 35 83.48 44.58 13.46
C GLY L 35 83.21 44.96 14.89
N LYS L 36 83.95 45.94 15.41
CA LYS L 36 83.80 46.41 16.78
C LYS L 36 83.00 47.71 16.82
N VAL L 37 82.83 48.24 18.03
CA VAL L 37 82.15 49.50 18.26
C VAL L 37 83.15 50.48 18.87
N LEU L 38 82.87 51.77 18.70
CA LEU L 38 83.75 52.81 19.21
C LEU L 38 83.53 52.98 20.71
N ARG L 39 84.63 53.03 21.45
CA ARG L 39 84.60 53.16 22.90
C ARG L 39 85.25 54.47 23.32
N ASP L 40 85.16 54.75 24.63
CA ASP L 40 85.72 55.94 25.23
C ASP L 40 85.56 55.81 26.75
N ASP L 41 86.36 56.57 27.49
CA ASP L 41 86.29 56.60 28.95
C ASP L 41 86.49 55.22 29.57
N ASP L 42 87.66 54.64 29.34
CA ASP L 42 88.03 53.34 29.90
C ASP L 42 87.11 52.22 29.39
N ASN L 43 86.96 52.15 28.07
CA ASN L 43 86.14 51.14 27.40
C ASN L 43 84.70 51.13 27.92
N LYS L 44 84.06 52.29 27.79
CA LYS L 44 82.66 52.50 28.13
C LYS L 44 81.94 52.82 26.83
N PRO L 45 81.15 51.92 26.23
CA PRO L 45 80.49 52.24 24.94
C PRO L 45 79.74 53.57 24.98
N LEU L 46 79.95 54.36 23.93
CA LEU L 46 79.37 55.69 23.80
C LEU L 46 78.06 55.66 23.02
N VAL L 47 77.02 56.26 23.60
CA VAL L 47 75.72 56.40 22.97
C VAL L 47 75.59 57.86 22.56
N TYR L 48 74.91 58.10 21.43
CA TYR L 48 74.77 59.44 20.90
C TYR L 48 73.46 60.07 21.35
N GLU L 49 73.55 61.35 21.69
CA GLU L 49 72.40 62.14 22.10
C GLU L 49 71.65 62.54 20.82
N PRO L 50 70.51 63.22 20.93
CA PRO L 50 69.81 63.58 19.67
C PRO L 50 70.35 64.84 19.00
N GLY L 51 71.49 64.68 18.33
CA GLY L 51 72.12 65.75 17.60
C GLY L 51 72.80 65.21 16.35
N LEU L 52 73.49 66.11 15.64
CA LEU L 52 74.20 65.72 14.43
C LEU L 52 75.55 65.10 14.78
N HIS L 53 75.94 64.08 14.01
CA HIS L 53 77.21 63.38 14.21
C HIS L 53 77.80 63.03 12.86
N PHE L 54 79.13 62.86 12.84
CA PHE L 54 79.88 62.56 11.62
C PHE L 54 80.56 61.19 11.71
N LYS L 55 80.44 60.42 10.63
CA LYS L 55 81.05 59.10 10.51
C LYS L 55 81.81 59.02 9.19
N ILE L 56 83.04 58.49 9.24
CA ILE L 56 83.85 58.29 8.03
C ILE L 56 83.01 57.45 7.07
N PRO L 57 82.62 57.95 5.88
CA PRO L 57 81.78 57.14 4.98
C PRO L 57 82.39 55.80 4.62
N PHE L 58 81.56 54.76 4.69
CA PHE L 58 81.85 53.37 4.32
C PHE L 58 82.75 52.64 5.31
N ILE L 59 83.24 53.30 6.36
CA ILE L 59 84.09 52.67 7.36
C ILE L 59 83.32 52.44 8.66
N GLU L 60 82.54 53.43 9.09
CA GLU L 60 81.74 53.34 10.30
C GLU L 60 80.29 53.10 9.94
N THR L 61 79.62 52.26 10.74
CA THR L 61 78.21 51.97 10.56
C THR L 61 77.49 52.32 11.86
N VAL L 62 76.28 52.86 11.73
CA VAL L 62 75.48 53.30 12.87
C VAL L 62 74.24 52.43 13.02
N LYS L 63 73.97 52.01 14.24
CA LYS L 63 72.78 51.24 14.59
C LYS L 63 71.92 52.13 15.46
N MET L 64 70.68 52.35 15.05
CA MET L 64 69.75 53.25 15.74
C MET L 64 68.86 52.44 16.66
N LEU L 65 69.03 52.65 17.97
CA LEU L 65 68.27 51.96 19.01
C LEU L 65 67.26 52.93 19.61
N ASP L 66 65.99 52.58 19.52
CA ASP L 66 64.92 53.41 20.06
C ASP L 66 64.97 53.41 21.59
N ALA L 67 64.75 54.58 22.19
CA ALA L 67 64.76 54.75 23.64
C ALA L 67 63.37 54.89 24.23
N ARG L 68 62.33 54.83 23.42
CA ARG L 68 60.96 54.94 23.87
C ARG L 68 60.52 53.66 24.60
N ILE L 69 59.52 53.81 25.48
CA ILE L 69 58.99 52.66 26.18
C ILE L 69 58.30 51.76 25.18
N GLN L 70 58.65 50.47 25.20
CA GLN L 70 58.07 49.49 24.29
C GLN L 70 56.94 48.75 25.00
N THR L 71 55.90 48.41 24.25
CA THR L 71 54.73 47.72 24.76
C THR L 71 54.65 46.34 24.16
N MET L 72 54.57 45.32 25.03
CA MET L 72 54.47 43.93 24.63
C MET L 72 53.19 43.37 25.24
N ASP L 73 52.27 42.92 24.39
CA ASP L 73 51.00 42.36 24.82
C ASP L 73 51.07 40.84 24.73
N ASN L 74 50.42 40.18 25.68
CA ASN L 74 50.39 38.72 25.74
C ASN L 74 49.01 38.22 25.32
N GLN L 75 48.99 37.22 24.43
CA GLN L 75 47.75 36.64 23.98
C GLN L 75 47.12 35.80 25.09
N ALA L 76 45.92 35.29 24.82
CA ALA L 76 45.23 34.44 25.78
C ALA L 76 46.07 33.19 26.04
N ASP L 77 46.23 32.83 27.31
CA ASP L 77 47.02 31.67 27.68
C ASP L 77 46.44 31.06 28.94
N ARG L 78 46.73 29.78 29.14
CA ARG L 78 46.23 29.00 30.27
C ARG L 78 47.27 28.91 31.37
N PHE L 79 46.82 29.12 32.61
CA PHE L 79 47.66 29.05 33.80
C PHE L 79 46.98 28.17 34.83
N VAL L 80 47.77 27.56 35.71
CA VAL L 80 47.27 26.66 36.74
C VAL L 80 47.36 27.38 38.08
N THR L 81 46.24 27.47 38.78
CA THR L 81 46.15 28.16 40.07
C THR L 81 46.51 27.20 41.20
N LYS L 82 46.29 27.64 42.44
CA LYS L 82 46.58 26.81 43.60
C LYS L 82 45.60 25.65 43.73
N GLU L 83 44.37 25.84 43.27
CA GLU L 83 43.33 24.81 43.33
C GLU L 83 43.10 24.15 41.97
N LYS L 84 44.11 24.17 41.09
CA LYS L 84 44.03 23.58 39.75
C LYS L 84 42.97 24.24 38.88
N LYS L 85 42.57 25.47 39.21
CA LYS L 85 41.56 26.18 38.43
C LYS L 85 42.23 26.82 37.22
N ASP L 86 41.90 26.33 36.03
CA ASP L 86 42.49 26.89 34.81
C ASP L 86 41.88 28.26 34.54
N LEU L 87 42.74 29.24 34.28
CA LEU L 87 42.32 30.62 34.01
C LEU L 87 42.90 31.08 32.69
N ILE L 88 42.21 32.02 32.04
CA ILE L 88 42.63 32.62 30.78
C ILE L 88 42.85 34.09 31.09
N VAL L 89 44.10 34.54 30.99
CA VAL L 89 44.49 35.91 31.31
C VAL L 89 45.16 36.57 30.12
N ASP L 90 44.79 37.83 29.89
CA ASP L 90 45.37 38.67 28.85
C ASP L 90 46.10 39.79 29.58
N SER L 91 47.39 39.95 29.31
CA SER L 91 48.20 40.95 29.99
C SER L 91 49.21 41.57 29.02
N TYR L 92 49.61 42.79 29.36
CA TYR L 92 50.60 43.53 28.59
C TYR L 92 51.66 44.08 29.55
N ILE L 93 52.86 44.27 29.02
CA ILE L 93 54.01 44.75 29.80
C ILE L 93 54.60 45.95 29.07
N LYS L 94 55.14 46.88 29.86
CA LYS L 94 55.79 48.09 29.34
C LYS L 94 57.22 48.10 29.83
N TRP L 95 58.16 48.24 28.90
CA TRP L 95 59.58 48.26 29.23
C TRP L 95 60.28 49.31 28.38
N ARG L 96 61.44 49.75 28.85
CA ARG L 96 62.27 50.73 28.16
C ARG L 96 63.69 50.21 28.09
N ILE L 97 64.39 50.57 27.02
CA ILE L 97 65.79 50.17 26.89
C ILE L 97 66.63 51.03 27.83
N SER L 98 67.30 50.38 28.78
CA SER L 98 68.10 51.11 29.76
C SER L 98 69.56 51.24 29.32
N ASP L 99 70.16 50.13 28.87
CA ASP L 99 71.54 50.13 28.39
C ASP L 99 71.50 49.79 26.90
N PHE L 100 71.53 50.82 26.05
CA PHE L 100 71.51 50.59 24.61
C PHE L 100 72.66 49.68 24.18
N SER L 101 73.83 49.87 24.79
CA SER L 101 74.99 49.04 24.47
C SER L 101 74.74 47.58 24.85
N ARG L 102 74.34 47.35 26.09
CA ARG L 102 74.13 45.98 26.58
C ARG L 102 73.04 45.27 25.78
N TYR L 103 71.92 45.96 25.52
CA TYR L 103 70.84 45.34 24.77
C TYR L 103 71.29 44.93 23.37
N TYR L 104 72.03 45.82 22.69
CA TYR L 104 72.50 45.52 21.34
C TYR L 104 73.36 44.25 21.31
N LEU L 105 74.19 44.03 22.33
CA LEU L 105 75.05 42.85 22.32
C LEU L 105 74.25 41.59 22.59
N ALA L 106 73.55 41.55 23.74
CA ALA L 106 72.72 40.40 24.10
C ALA L 106 71.75 40.02 22.97
N THR L 107 70.90 40.98 22.60
CA THR L 107 69.93 40.81 21.52
C THR L 107 70.58 41.22 20.20
N GLY L 108 71.57 40.42 19.79
CA GLY L 108 72.34 40.65 18.58
C GLY L 108 71.50 41.02 17.38
N GLY L 109 71.76 42.20 16.84
CA GLY L 109 71.03 42.73 15.72
C GLY L 109 69.85 43.62 16.10
N GLY L 110 69.77 44.04 17.37
CA GLY L 110 68.70 44.89 17.88
C GLY L 110 67.30 44.59 17.41
N ASP L 111 66.84 43.35 17.58
CA ASP L 111 65.51 42.93 17.16
C ASP L 111 64.60 42.85 18.38
N ILE L 112 63.52 43.63 18.35
CA ILE L 112 62.54 43.63 19.43
C ILE L 112 61.91 42.26 19.61
N SER L 113 61.70 41.53 18.51
CA SER L 113 61.06 40.22 18.57
C SER L 113 61.81 39.27 19.49
N GLN L 114 63.13 39.13 19.27
CA GLN L 114 63.94 38.25 20.12
C GLN L 114 63.84 38.68 21.58
N ALA L 115 63.88 39.99 21.84
CA ALA L 115 63.79 40.49 23.20
C ALA L 115 62.43 40.16 23.82
N GLU L 116 61.36 40.30 23.03
CA GLU L 116 60.02 40.01 23.53
C GLU L 116 59.89 38.54 23.94
N VAL L 117 60.47 37.64 23.14
CA VAL L 117 60.43 36.22 23.45
C VAL L 117 61.08 35.96 24.80
N LEU L 118 62.29 36.49 25.00
CA LEU L 118 63.00 36.31 26.26
C LEU L 118 62.20 36.86 27.44
N LEU L 119 61.59 38.03 27.27
CA LEU L 119 60.79 38.61 28.35
C LEU L 119 59.59 37.73 28.67
N LYS L 120 59.01 37.10 27.65
CA LYS L 120 57.87 36.21 27.86
C LYS L 120 58.25 35.03 28.75
N ARG L 121 59.39 34.41 28.46
CA ARG L 121 59.84 33.24 29.25
C ARG L 121 60.00 33.62 30.72
N LYS L 122 60.69 34.72 31.00
CA LYS L 122 60.89 35.13 32.39
C LYS L 122 59.55 35.50 33.03
N PHE L 123 58.75 36.30 32.31
CA PHE L 123 57.44 36.69 32.81
C PHE L 123 56.58 35.47 33.11
N SER L 124 56.52 34.54 32.16
CA SER L 124 55.75 33.30 32.33
C SER L 124 56.16 32.58 33.61
N ASP L 125 57.46 32.29 33.78
CA ASP L 125 57.94 31.58 34.95
C ASP L 125 57.56 32.30 36.24
N ARG L 126 57.86 33.60 36.32
CA ARG L 126 57.51 34.38 37.50
C ARG L 126 56.01 34.36 37.75
N LEU L 127 55.22 34.59 36.69
CA LEU L 127 53.78 34.59 36.83
C LEU L 127 53.24 33.22 37.21
N ARG L 128 53.73 32.17 36.53
CA ARG L 128 53.28 30.80 36.82
C ARG L 128 53.49 30.44 38.28
N SER L 129 54.65 30.80 38.84
CA SER L 129 54.93 30.52 40.25
C SER L 129 53.95 31.26 41.14
N GLU L 130 53.67 32.53 40.83
CA GLU L 130 52.76 33.33 41.65
C GLU L 130 51.36 32.76 41.63
N ILE L 131 50.80 32.52 40.43
CA ILE L 131 49.46 31.96 40.32
C ILE L 131 49.36 30.63 41.04
N GLY L 132 50.44 29.85 41.05
CA GLY L 132 50.41 28.57 41.73
C GLY L 132 50.14 28.71 43.23
N ARG L 133 50.70 29.75 43.84
CA ARG L 133 50.50 30.02 45.26
C ARG L 133 49.28 30.88 45.57
N LEU L 134 48.58 31.39 44.55
CA LEU L 134 47.44 32.27 44.74
C LEU L 134 46.12 31.57 44.44
N ASP L 135 45.06 32.12 45.03
CA ASP L 135 43.70 31.65 44.86
C ASP L 135 43.03 32.48 43.76
N VAL L 136 42.03 31.87 43.11
CA VAL L 136 41.30 32.56 42.03
C VAL L 136 40.70 33.86 42.55
N LYS L 137 40.17 33.85 43.77
CA LYS L 137 39.60 35.06 44.34
C LYS L 137 40.66 36.14 44.53
N ASP L 138 41.85 35.74 45.00
CA ASP L 138 42.94 36.68 45.21
C ASP L 138 43.51 37.23 43.91
N ILE L 139 43.17 36.64 42.77
CA ILE L 139 43.68 37.08 41.47
C ILE L 139 42.69 38.02 40.77
N VAL L 140 41.40 37.93 41.07
CA VAL L 140 40.40 38.79 40.45
C VAL L 140 40.11 40.03 41.30
N THR L 141 40.33 39.96 42.61
CA THR L 141 40.08 41.09 43.50
C THR L 141 41.29 42.02 43.64
N ASP L 142 42.48 41.56 43.24
CA ASP L 142 43.68 42.38 43.32
C ASP L 142 43.48 43.66 42.51
N SER L 143 43.53 44.80 43.21
CA SER L 143 43.34 46.12 42.61
C SER L 143 44.56 47.03 42.77
N ARG L 144 45.59 46.59 43.49
CA ARG L 144 46.81 47.37 43.71
C ARG L 144 47.99 46.79 42.94
N GLY L 145 47.72 45.93 41.96
CA GLY L 145 48.77 45.27 41.20
C GLY L 145 49.88 44.68 42.06
N ARG L 146 49.49 43.99 43.13
CA ARG L 146 50.47 43.40 44.03
C ARG L 146 51.25 42.31 43.31
N LEU L 147 50.56 41.35 42.70
CA LEU L 147 51.23 40.29 41.97
C LEU L 147 52.00 40.85 40.77
N THR L 148 51.37 41.77 40.04
CA THR L 148 52.05 42.36 38.88
C THR L 148 53.27 43.17 39.30
N LEU L 149 53.17 43.89 40.43
CA LEU L 149 54.31 44.66 40.92
C LEU L 149 55.42 43.74 41.37
N GLU L 150 55.08 42.72 42.15
CA GLU L 150 56.09 41.76 42.62
C GLU L 150 56.76 41.07 41.45
N VAL L 151 55.97 40.61 40.48
CA VAL L 151 56.54 39.99 39.29
C VAL L 151 57.48 40.97 38.59
N ARG L 152 57.08 42.24 38.52
CA ARG L 152 57.94 43.24 37.90
C ARG L 152 59.22 43.43 38.71
N ASP L 153 59.09 43.44 40.05
CA ASP L 153 60.26 43.54 40.90
C ASP L 153 61.21 42.37 40.66
N ALA L 154 60.66 41.17 40.53
CA ALA L 154 61.47 39.98 40.27
C ALA L 154 62.10 40.07 38.89
N LEU L 155 61.33 40.50 37.88
CA LEU L 155 61.86 40.60 36.52
C LEU L 155 62.97 41.66 36.45
N ASN L 156 62.82 42.76 37.20
CA ASN L 156 63.85 43.79 37.18
C ASN L 156 65.07 43.35 37.98
N SER L 157 64.85 42.75 39.15
CA SER L 157 65.92 42.25 40.02
C SER L 157 65.56 40.84 40.42
N GLY L 158 66.39 39.88 40.01
CA GLY L 158 66.16 38.48 40.30
C GLY L 158 66.70 38.06 41.65
N SER L 159 67.00 36.76 41.75
CA SER L 159 67.54 36.14 42.95
C SER L 159 68.83 35.42 42.60
N ALA L 160 69.50 34.89 43.62
CA ALA L 160 70.75 34.16 43.42
C ALA L 160 71.13 33.40 44.68
N PRO L 191 75.07 45.99 43.95
CA PRO L 191 75.04 46.35 42.53
C PRO L 191 75.01 45.15 41.59
N VAL L 192 75.38 43.96 42.09
CA VAL L 192 75.38 42.73 41.32
C VAL L 192 74.05 42.59 40.56
N ILE L 193 74.16 42.31 39.26
CA ILE L 193 73.01 42.15 38.39
C ILE L 193 72.80 40.66 38.15
N ASN L 194 71.79 40.10 38.83
CA ASN L 194 71.44 38.69 38.68
C ASN L 194 71.29 38.33 37.20
N PRO L 195 71.81 37.18 36.74
CA PRO L 195 71.70 36.86 35.31
C PRO L 195 70.29 36.54 34.85
N ASN L 196 69.39 36.18 35.75
CA ASN L 196 67.99 35.91 35.40
C ASN L 196 67.12 37.17 35.46
N SER L 197 67.73 38.33 35.67
CA SER L 197 67.04 39.60 35.78
C SER L 197 67.04 40.33 34.45
N MET L 198 66.03 41.18 34.26
CA MET L 198 65.96 42.00 33.06
C MET L 198 67.00 43.10 33.08
N ALA L 199 67.65 43.33 34.23
CA ALA L 199 68.71 44.34 34.31
C ALA L 199 69.98 43.84 33.63
N ALA L 200 70.19 42.51 33.57
CA ALA L 200 71.35 41.97 32.89
C ALA L 200 71.34 42.37 31.42
N LEU L 201 70.16 42.53 30.86
CA LEU L 201 69.98 43.01 29.49
C LEU L 201 69.71 44.51 29.58
N GLY L 202 69.69 45.17 28.43
CA GLY L 202 69.41 46.59 28.42
C GLY L 202 67.92 46.82 28.36
N ILE L 203 67.21 46.36 29.41
CA ILE L 203 65.76 46.48 29.50
C ILE L 203 65.40 46.90 30.92
N GLU L 204 64.32 47.68 31.03
CA GLU L 204 63.81 48.15 32.31
C GLU L 204 62.29 48.11 32.22
N VAL L 205 61.66 47.16 32.90
CA VAL L 205 60.21 47.01 32.86
C VAL L 205 59.62 48.10 33.74
N VAL L 206 59.13 49.17 33.12
CA VAL L 206 58.56 50.28 33.88
C VAL L 206 57.22 49.88 34.51
N ASP L 207 56.47 48.99 33.89
CA ASP L 207 55.18 48.59 34.46
C ASP L 207 54.75 47.24 33.90
N VAL L 208 53.85 46.59 34.63
CA VAL L 208 53.27 45.31 34.27
C VAL L 208 51.81 45.35 34.72
N ARG L 209 50.90 45.01 33.81
CA ARG L 209 49.47 45.05 34.10
C ARG L 209 48.75 43.94 33.35
N ILE L 210 47.60 43.55 33.88
CA ILE L 210 46.76 42.49 33.33
C ILE L 210 45.50 43.14 32.78
N LYS L 211 45.28 43.01 31.48
CA LYS L 211 44.16 43.67 30.81
C LYS L 211 42.83 43.00 31.13
N GLN L 212 42.71 41.68 30.91
CA GLN L 212 41.45 40.99 31.12
C GLN L 212 41.69 39.54 31.50
N ILE L 213 41.11 39.14 32.63
CA ILE L 213 41.23 37.78 33.16
C ILE L 213 39.96 37.04 32.75
N ASN L 214 40.01 36.35 31.61
CA ASN L 214 38.86 35.59 31.14
C ASN L 214 38.85 34.25 31.89
N LEU L 215 37.97 33.33 31.47
CA LEU L 215 37.84 32.02 32.09
C LEU L 215 37.70 30.95 31.03
N PRO L 216 37.89 29.68 31.40
CA PRO L 216 37.70 28.59 30.42
C PRO L 216 36.27 28.51 29.91
N THR L 217 36.13 27.88 28.74
CA THR L 217 34.81 27.70 28.14
C THR L 217 33.89 26.86 29.03
N GLU L 218 34.45 25.83 29.67
CA GLU L 218 33.63 24.96 30.51
C GLU L 218 33.24 25.66 31.80
N VAL L 219 34.20 26.31 32.46
CA VAL L 219 33.92 27.02 33.71
C VAL L 219 32.87 28.09 33.49
N SER L 220 32.90 28.75 32.32
CA SER L 220 31.92 29.80 32.04
C SER L 220 30.54 29.22 31.80
N GLU L 221 30.45 28.00 31.24
CA GLU L 221 29.15 27.40 31.01
C GLU L 221 28.48 27.01 32.32
N ALA L 222 29.26 26.70 33.35
CA ALA L 222 28.68 26.34 34.64
C ALA L 222 28.14 27.58 35.36
N ILE L 223 28.73 28.75 35.12
CA ILE L 223 28.27 29.97 35.75
C ILE L 223 26.88 30.34 35.22
N TYR L 224 26.68 30.19 33.90
CA TYR L 224 25.39 30.50 33.30
C TYR L 224 24.30 29.62 33.91
N ASN L 225 24.60 28.33 34.13
CA ASN L 225 23.63 27.44 34.73
C ASN L 225 23.24 27.92 36.12
N ARG L 226 24.22 28.41 36.89
CA ARG L 226 23.95 28.95 38.21
C ARG L 226 23.03 30.16 38.11
N MET L 227 23.36 31.07 37.18
CA MET L 227 22.53 32.26 36.98
C MET L 227 21.14 31.87 36.46
N ARG L 228 21.09 30.87 35.58
CA ARG L 228 19.80 30.44 35.03
C ARG L 228 18.90 29.90 36.13
N ALA L 229 19.46 29.08 37.03
CA ALA L 229 18.66 28.54 38.13
C ALA L 229 18.14 29.65 39.03
N GLU L 230 18.99 30.62 39.37
CA GLU L 230 18.55 31.73 40.20
C GLU L 230 17.47 32.54 39.52
N ARG L 231 17.66 32.85 38.24
CA ARG L 231 16.66 33.60 37.49
C ARG L 231 15.36 32.82 37.39
N GLU L 232 15.44 31.51 37.15
CA GLU L 232 14.23 30.70 37.05
C GLU L 232 13.44 30.73 38.36
N ALA L 233 14.13 30.70 39.50
CA ALA L 233 13.44 30.71 40.79
C ALA L 233 12.62 31.97 40.97
N VAL L 234 13.21 33.14 40.72
CA VAL L 234 12.47 34.39 40.85
C VAL L 234 11.33 34.44 39.84
N ALA L 235 11.61 34.06 38.58
CA ALA L 235 10.57 34.06 37.57
C ALA L 235 9.46 33.08 37.92
N ARG L 236 9.83 31.89 38.38
CA ARG L 236 8.82 30.91 38.79
C ARG L 236 8.09 31.39 40.03
N ARG L 237 8.80 32.04 40.96
CA ARG L 237 8.18 32.53 42.18
C ARG L 237 7.08 33.53 41.87
N HIS L 238 7.34 34.47 40.96
CA HIS L 238 6.31 35.43 40.59
C HIS L 238 5.13 34.73 39.93
N ARG L 239 5.41 33.79 39.02
CA ARG L 239 4.33 33.04 38.38
C ARG L 239 3.58 32.21 39.42
N SER L 240 4.31 31.59 40.35
CA SER L 240 3.65 30.82 41.40
C SER L 240 2.85 31.75 42.30
N GLN L 241 3.42 32.92 42.62
CA GLN L 241 2.72 33.91 43.42
C GLN L 241 1.45 34.35 42.72
N GLY L 242 1.55 34.65 41.41
CA GLY L 242 0.38 35.05 40.65
C GLY L 242 -0.68 33.97 40.66
N GLN L 243 -0.28 32.72 40.45
CA GLN L 243 -1.25 31.62 40.49
C GLN L 243 -1.85 31.48 41.88
N GLU L 244 -1.02 31.69 42.92
CA GLU L 244 -1.53 31.65 44.28
C GLU L 244 -2.59 32.72 44.49
N GLU L 245 -2.27 33.96 44.09
CA GLU L 245 -3.23 35.06 44.19
C GLU L 245 -4.44 34.77 43.31
N ALA L 246 -4.21 34.28 42.09
CA ALA L 246 -5.29 33.94 41.18
C ALA L 246 -6.18 32.86 41.79
N GLU L 247 -5.57 31.85 42.40
CA GLU L 247 -6.34 30.78 43.02
C GLU L 247 -7.20 31.30 44.16
N LYS L 248 -6.69 32.27 44.92
CA LYS L 248 -7.45 32.83 46.03
C LYS L 248 -8.75 33.47 45.53
N LEU L 249 -8.67 34.26 44.46
CA LEU L 249 -9.87 34.88 43.90
C LEU L 249 -10.84 33.80 43.40
N ARG L 250 -10.31 32.79 42.72
CA ARG L 250 -11.16 31.71 42.21
C ARG L 250 -11.80 30.93 43.36
N ALA L 251 -11.04 30.70 44.43
CA ALA L 251 -11.56 29.94 45.57
C ALA L 251 -12.72 30.67 46.23
N THR L 252 -12.55 31.95 46.53
CA THR L 252 -13.63 32.72 47.14
C THR L 252 -14.79 32.88 46.17
N ALA L 253 -14.48 33.02 44.87
CA ALA L 253 -15.53 33.16 43.86
C ALA L 253 -16.43 31.93 43.84
N ASP L 254 -15.83 30.74 43.89
CA ASP L 254 -16.62 29.51 43.90
C ASP L 254 -17.51 29.44 45.13
N TYR L 255 -16.99 29.88 46.28
CA TYR L 255 -17.78 29.89 47.50
C TYR L 255 -19.01 30.78 47.35
N GLU L 256 -18.82 31.99 46.81
CA GLU L 256 -19.93 32.91 46.60
C GLU L 256 -20.94 32.32 45.61
N VAL L 257 -20.44 31.69 44.55
CA VAL L 257 -21.33 31.07 43.56
C VAL L 257 -22.17 29.99 44.22
N THR L 258 -21.53 29.13 45.02
CA THR L 258 -22.27 28.08 45.72
C THR L 258 -23.26 28.69 46.70
N ARG L 259 -22.86 29.75 47.41
CA ARG L 259 -23.75 30.42 48.35
C ARG L 259 -24.97 30.97 47.63
N THR L 260 -24.77 31.61 46.48
CA THR L 260 -25.89 32.15 45.72
C THR L 260 -26.80 31.03 45.25
N LEU L 261 -26.22 29.93 44.76
CA LEU L 261 -27.02 28.81 44.30
C LEU L 261 -27.81 28.20 45.45
N ALA L 262 -27.19 28.09 46.63
CA ALA L 262 -27.88 27.53 47.78
C ALA L 262 -29.02 28.44 48.24
N GLU L 263 -28.79 29.76 48.25
CA GLU L 263 -29.84 30.68 48.66
C GLU L 263 -31.01 30.60 47.70
N ALA L 264 -30.74 30.58 46.39
CA ALA L 264 -31.80 30.45 45.40
C ALA L 264 -32.53 29.12 45.58
N GLU L 265 -31.77 28.05 45.85
CA GLU L 265 -32.37 26.75 46.08
C GLU L 265 -33.21 26.76 47.35
N ARG L 266 -32.75 27.47 48.38
CA ARG L 266 -33.50 27.54 49.64
C ARG L 266 -34.86 28.17 49.42
N GLN L 267 -34.91 29.27 48.67
CA GLN L 267 -36.18 29.89 48.34
C GLN L 267 -37.03 28.94 47.53
N GLY L 268 -36.40 28.22 46.60
CA GLY L 268 -37.14 27.26 45.77
C GLY L 268 -37.74 26.13 46.59
N ARG L 269 -37.02 25.65 47.61
CA ARG L 269 -37.54 24.55 48.43
C ARG L 269 -38.82 24.96 49.15
N ILE L 270 -38.87 26.21 49.63
CA ILE L 270 -40.06 26.71 50.32
C ILE L 270 -41.27 26.62 49.41
N MET L 271 -41.10 26.96 48.13
CA MET L 271 -42.21 26.92 47.19
C MET L 271 -42.78 25.51 47.05
N ARG L 272 -41.92 24.48 47.07
CA ARG L 272 -42.41 23.11 46.96
C ARG L 272 -43.35 22.77 48.12
N GLY L 273 -43.03 23.24 49.32
CA GLY L 273 -43.89 22.97 50.45
C GLY L 273 -45.27 23.60 50.30
N GLU L 274 -45.32 24.83 49.78
CA GLU L 274 -46.60 25.49 49.57
C GLU L 274 -47.47 24.70 48.60
N GLY L 275 -46.91 24.36 47.43
CA GLY L 275 -47.68 23.60 46.46
C GLY L 275 -48.07 22.22 46.97
N ASP L 276 -47.12 21.52 47.59
CA ASP L 276 -47.41 20.19 48.13
C ASP L 276 -48.42 20.27 49.26
N ALA L 277 -48.27 21.24 50.16
CA ALA L 277 -49.21 21.39 51.26
C ALA L 277 -50.59 21.77 50.75
N GLU L 278 -50.66 22.73 49.82
CA GLU L 278 -51.93 23.14 49.26
C GLU L 278 -52.60 21.98 48.54
N ALA L 279 -51.84 21.21 47.77
CA ALA L 279 -52.40 20.06 47.07
C ALA L 279 -52.92 19.03 48.05
N ALA L 280 -52.23 18.84 49.17
CA ALA L 280 -52.67 17.87 50.18
C ALA L 280 -54.03 18.28 50.74
N LYS L 281 -54.28 19.58 50.89
CA LYS L 281 -55.56 20.05 51.40
C LYS L 281 -56.69 19.61 50.47
N LEU L 282 -56.55 19.89 49.17
CA LEU L 282 -57.57 19.47 48.20
C LEU L 282 -57.70 17.96 48.20
N PHE L 283 -56.56 17.26 48.18
CA PHE L 283 -56.58 15.80 48.25
C PHE L 283 -57.31 15.33 49.51
N ALA L 284 -57.00 15.96 50.64
CA ALA L 284 -57.64 15.61 51.90
C ALA L 284 -59.15 15.79 51.84
N ASP L 285 -59.63 16.91 51.28
CA ASP L 285 -61.06 17.16 51.24
C ASP L 285 -61.81 16.30 50.22
N ALA L 286 -61.15 15.90 49.14
CA ALA L 286 -61.82 15.11 48.10
C ALA L 286 -61.69 13.61 48.34
N PHE L 287 -60.45 13.12 48.43
CA PHE L 287 -60.21 11.69 48.65
C PHE L 287 -60.88 11.19 49.93
N SER L 288 -60.95 12.03 50.96
CA SER L 288 -61.57 11.60 52.23
C SER L 288 -63.06 11.34 52.09
N LYS L 289 -63.70 11.83 51.02
CA LYS L 289 -65.11 11.53 50.80
C LYS L 289 -65.35 10.03 50.84
N ASP L 290 -64.43 9.26 50.25
CA ASP L 290 -64.49 7.80 50.23
C ASP L 290 -63.06 7.30 50.01
N PRO L 291 -62.23 7.27 51.05
CA PRO L 291 -60.82 6.86 50.87
C PRO L 291 -60.66 5.41 50.47
N ASP L 292 -61.64 4.55 50.75
CA ASP L 292 -61.53 3.14 50.36
C ASP L 292 -61.50 3.03 48.84
N PHE L 293 -62.47 3.65 48.17
CA PHE L 293 -62.50 3.63 46.71
C PHE L 293 -61.26 4.31 46.13
N TYR L 294 -60.87 5.47 46.70
CA TYR L 294 -59.69 6.16 46.21
C TYR L 294 -58.44 5.29 46.37
N ALA L 295 -58.29 4.64 47.53
CA ALA L 295 -57.14 3.78 47.73
C ALA L 295 -57.26 2.54 46.88
N PHE L 296 -58.48 2.10 46.58
CA PHE L 296 -58.68 0.97 45.69
C PHE L 296 -58.24 1.35 44.28
N ILE L 297 -58.65 2.53 43.83
CA ILE L 297 -58.24 3.03 42.52
C ILE L 297 -56.75 3.32 42.51
N ARG L 298 -56.24 3.91 43.59
CA ARG L 298 -54.82 4.24 43.66
C ARG L 298 -53.96 2.98 43.69
N SER L 299 -54.44 1.93 44.37
CA SER L 299 -53.68 0.69 44.40
C SER L 299 -53.75 0.01 43.03
N LEU L 300 -54.96 -0.07 42.45
CA LEU L 300 -55.10 -0.64 41.11
C LEU L 300 -54.29 0.17 40.10
N ARG L 301 -54.24 1.49 40.28
CA ARG L 301 -53.48 2.34 39.37
C ARG L 301 -51.99 2.07 39.52
N ALA L 302 -51.51 1.97 40.76
CA ALA L 302 -50.09 1.71 41.01
C ALA L 302 -49.65 0.40 40.38
N TYR L 303 -50.52 -0.61 40.36
CA TYR L 303 -50.16 -1.88 39.74
C TYR L 303 -49.98 -1.69 38.25
N GLU L 304 -50.99 -1.11 37.58
CA GLU L 304 -50.94 -0.86 36.14
C GLU L 304 -49.70 -0.08 35.75
N ASN L 305 -49.26 0.86 36.59
CA ASN L 305 -48.09 1.68 36.29
C ASN L 305 -46.79 0.94 36.58
N SER L 306 -46.62 0.47 37.80
CA SER L 306 -45.39 -0.22 38.20
C SER L 306 -45.13 -1.47 37.36
N PHE L 307 -46.13 -2.34 37.25
CA PHE L 307 -45.94 -3.60 36.53
C PHE L 307 -45.76 -3.45 35.02
N SER L 308 -45.76 -2.23 34.47
CA SER L 308 -45.51 -2.02 33.04
C SER L 308 -44.29 -2.81 32.55
N GLY L 309 -43.28 -2.96 33.41
CA GLY L 309 -42.12 -3.76 33.07
C GLY L 309 -42.48 -5.20 32.79
N ASN L 310 -41.57 -5.91 32.13
CA ASN L 310 -41.79 -7.30 31.76
C ASN L 310 -40.76 -8.26 32.35
N GLN L 311 -39.62 -7.78 32.83
CA GLN L 311 -38.66 -8.65 33.50
C GLN L 311 -39.31 -9.35 34.68
N ASP L 312 -40.19 -8.64 35.39
CA ASP L 312 -40.93 -9.18 36.51
C ASP L 312 -41.80 -10.35 36.06
N VAL L 313 -41.95 -11.34 36.93
CA VAL L 313 -42.72 -12.55 36.65
C VAL L 313 -43.57 -12.87 37.86
N MET L 314 -44.88 -12.96 37.67
CA MET L 314 -45.86 -13.23 38.70
C MET L 314 -46.31 -14.68 38.63
N VAL L 315 -46.64 -15.25 39.79
CA VAL L 315 -47.06 -16.64 39.89
C VAL L 315 -48.47 -16.68 40.45
N MET L 316 -49.38 -17.29 39.69
CA MET L 316 -50.79 -17.47 40.02
C MET L 316 -51.12 -18.95 39.88
N SER L 317 -52.39 -19.31 39.98
CA SER L 317 -52.84 -20.69 39.86
C SER L 317 -54.15 -20.70 39.08
N PRO L 318 -54.51 -21.83 38.47
CA PRO L 318 -55.74 -21.87 37.67
C PRO L 318 -57.03 -21.77 38.48
N ASP L 319 -56.95 -21.65 39.81
CA ASP L 319 -58.13 -21.48 40.67
C ASP L 319 -57.99 -20.23 41.53
N SER L 320 -57.06 -19.34 41.20
CA SER L 320 -56.83 -18.11 41.93
C SER L 320 -58.08 -17.22 41.90
N ASP L 321 -58.03 -16.20 42.77
CA ASP L 321 -59.06 -15.18 42.92
C ASP L 321 -59.56 -14.66 41.58
N PHE L 322 -58.64 -14.38 40.67
CA PHE L 322 -58.97 -13.90 39.33
C PHE L 322 -59.22 -15.05 38.36
N PHE L 323 -58.62 -16.21 38.62
CA PHE L 323 -58.74 -17.39 37.78
C PHE L 323 -59.82 -18.34 38.28
N ARG L 324 -60.85 -17.81 38.95
CA ARG L 324 -61.94 -18.65 39.43
C ARG L 324 -62.66 -19.30 38.25
N TYR L 325 -62.78 -18.58 37.14
CA TYR L 325 -63.42 -19.08 35.93
C TYR L 325 -62.43 -19.74 34.97
N MET L 326 -61.12 -19.66 35.26
CA MET L 326 -60.11 -20.33 34.44
C MET L 326 -60.32 -21.85 34.42
N LYS L 327 -61.07 -22.38 35.39
CA LYS L 327 -61.42 -23.79 35.51
C LYS L 327 -62.90 -23.91 35.18
N THR L 328 -63.43 -25.14 35.22
CA THR L 328 -64.82 -25.46 34.91
C THR L 328 -65.78 -24.45 35.53
N PRO L 329 -66.75 -23.91 34.77
CA PRO L 329 -67.64 -22.92 35.38
C PRO L 329 -68.79 -23.55 36.17
N ARG M 79 113.08 43.86 -15.12
CA ARG M 79 111.92 44.67 -14.73
C ARG M 79 110.65 43.83 -14.68
N VAL M 80 110.57 42.83 -15.57
CA VAL M 80 109.40 41.97 -15.59
C VAL M 80 109.29 41.15 -14.32
N VAL M 81 110.42 40.76 -13.73
CA VAL M 81 110.40 39.98 -12.49
C VAL M 81 109.85 40.80 -11.35
N THR M 82 110.16 42.10 -11.32
CA THR M 82 109.68 42.98 -10.25
C THR M 82 108.15 43.08 -10.25
N ILE M 83 107.56 43.13 -11.44
CA ILE M 83 106.10 43.23 -11.56
C ILE M 83 105.43 42.02 -10.95
N ALA M 84 105.98 40.83 -11.19
CA ALA M 84 105.38 39.59 -10.67
C ALA M 84 105.34 39.57 -9.15
N ALA M 85 106.41 40.04 -8.50
CA ALA M 85 106.46 40.04 -7.04
C ALA M 85 105.37 40.94 -6.45
N ALA M 86 105.16 42.12 -7.03
CA ALA M 86 104.14 43.04 -6.52
C ALA M 86 102.75 42.43 -6.61
N ALA M 87 102.45 41.72 -7.70
CA ALA M 87 101.12 41.14 -7.89
C ALA M 87 100.76 40.11 -6.81
N ILE M 88 101.71 39.25 -6.45
CA ILE M 88 101.40 38.20 -5.48
C ILE M 88 101.19 38.76 -4.07
N VAL M 89 101.95 39.77 -3.68
CA VAL M 89 101.87 40.27 -2.29
C VAL M 89 100.53 40.95 -2.00
N ILE M 90 99.94 41.65 -2.97
CA ILE M 90 98.67 42.34 -2.71
C ILE M 90 97.56 41.33 -2.43
N ILE M 91 97.49 40.24 -3.19
CA ILE M 91 96.43 39.26 -3.00
C ILE M 91 96.57 38.60 -1.63
N TRP M 92 97.80 38.32 -1.21
CA TRP M 92 98.01 37.71 0.11
C TRP M 92 97.46 38.61 1.21
N ALA M 93 97.76 39.91 1.16
CA ALA M 93 97.26 40.83 2.18
C ALA M 93 95.76 41.04 2.05
N ALA M 94 95.26 41.16 0.82
CA ALA M 94 93.82 41.38 0.60
C ALA M 94 92.98 40.27 1.23
N SER M 95 93.18 39.03 0.78
CA SER M 95 92.42 37.92 1.33
C SER M 95 92.68 37.75 2.82
N GLY M 96 93.92 37.98 3.25
CA GLY M 96 94.25 37.85 4.66
C GLY M 96 93.38 38.69 5.58
N PHE M 97 93.08 39.92 5.17
CA PHE M 97 92.26 40.79 5.99
C PHE M 97 90.84 40.24 6.07
N TYR M 98 90.29 40.22 7.28
CA TYR M 98 88.95 39.71 7.52
C TYR M 98 88.34 40.46 8.69
N THR M 99 87.02 40.66 8.63
CA THR M 99 86.28 41.33 9.69
C THR M 99 85.36 40.31 10.36
N ILE M 100 85.27 40.38 11.68
CA ILE M 100 84.42 39.51 12.49
C ILE M 100 83.38 40.38 13.16
N LYS M 101 82.13 39.92 13.16
CA LYS M 101 81.05 40.70 13.73
C LYS M 101 81.26 40.90 15.24
N GLU M 102 80.43 41.77 15.81
CA GLU M 102 80.54 42.09 17.24
C GLU M 102 79.97 40.96 18.10
N ALA M 103 78.89 40.33 17.65
CA ALA M 103 78.31 39.22 18.40
C ALA M 103 79.06 37.90 18.18
N GLU M 104 80.10 37.91 17.35
CA GLU M 104 80.90 36.74 17.04
C GLU M 104 82.33 36.96 17.51
N ARG M 105 83.04 35.87 17.78
CA ARG M 105 84.43 35.92 18.25
C ARG M 105 85.27 34.97 17.41
N GLY M 106 86.08 35.52 16.52
CA GLY M 106 86.94 34.71 15.68
C GLY M 106 87.94 33.91 16.50
N VAL M 107 88.33 32.75 15.98
CA VAL M 107 89.29 31.86 16.63
C VAL M 107 90.42 31.63 15.65
N VAL M 108 91.49 32.42 15.76
CA VAL M 108 92.64 32.23 14.87
C VAL M 108 93.37 30.98 15.31
N THR M 109 93.73 30.14 14.34
CA THR M 109 94.41 28.88 14.62
C THR M 109 95.57 28.63 13.68
N ARG M 110 96.73 28.30 14.25
CA ARG M 110 97.88 27.89 13.45
C ARG M 110 97.50 26.58 12.77
N PHE M 111 98.37 26.11 11.85
CA PHE M 111 98.08 24.92 11.05
C PHE M 111 97.51 23.78 11.90
N GLY M 112 98.25 23.31 12.90
CA GLY M 112 97.73 22.30 13.79
C GLY M 112 97.29 22.86 15.13
N LYS M 113 98.12 23.77 15.64
CA LYS M 113 97.92 24.39 16.94
C LYS M 113 97.00 25.62 16.87
N PHE M 114 96.27 25.85 17.96
CA PHE M 114 95.46 27.06 18.09
C PHE M 114 96.40 28.21 18.38
N SER M 115 96.10 29.41 17.86
CA SER M 115 96.98 30.55 18.03
C SER M 115 96.51 31.59 19.03
N HIS M 116 95.29 32.10 18.89
CA HIS M 116 94.77 33.11 19.81
C HIS M 116 93.33 33.42 19.46
N LEU M 117 92.64 34.07 20.40
CA LEU M 117 91.26 34.50 20.21
C LEU M 117 91.27 35.98 19.87
N VAL M 118 90.73 36.33 18.71
CA VAL M 118 90.68 37.71 18.25
C VAL M 118 89.37 38.35 18.71
N GLU M 119 89.46 39.61 19.09
CA GLU M 119 88.33 40.39 19.55
C GLU M 119 87.73 41.14 18.36
N PRO M 120 86.46 41.60 18.48
CA PRO M 120 85.81 42.28 17.34
C PRO M 120 86.61 43.38 16.67
N GLY M 121 86.29 43.63 15.40
CA GLY M 121 86.95 44.62 14.58
C GLY M 121 87.56 43.99 13.35
N LEU M 122 88.48 44.68 12.69
CA LEU M 122 89.15 44.17 11.50
C LEU M 122 90.56 43.70 11.87
N ASN M 123 90.81 42.40 11.72
CA ASN M 123 92.10 41.80 11.99
C ASN M 123 92.68 41.26 10.69
N TRP M 124 93.93 40.81 10.76
CA TRP M 124 94.62 40.23 9.61
C TRP M 124 95.15 38.85 9.97
N LYS M 125 95.00 37.91 9.04
CA LYS M 125 95.50 36.55 9.19
C LYS M 125 96.26 36.18 7.91
N PRO M 126 97.51 35.74 7.99
CA PRO M 126 98.19 35.30 6.75
C PRO M 126 97.39 34.20 6.07
N THR M 127 96.92 34.49 4.85
CA THR M 127 96.09 33.55 4.12
C THR M 127 96.85 32.25 3.82
N PHE M 128 96.17 31.13 4.04
CA PHE M 128 96.65 29.76 3.85
C PHE M 128 97.55 29.32 5.00
N ILE M 129 97.79 30.15 6.00
CA ILE M 129 98.62 29.81 7.15
C ILE M 129 97.76 29.52 8.38
N ASP M 130 96.85 30.44 8.68
CA ASP M 130 95.92 30.31 9.80
C ASP M 130 94.52 30.59 9.29
N GLU M 131 93.53 30.07 10.02
CA GLU M 131 92.12 30.24 9.67
C GLU M 131 91.35 30.65 10.93
N VAL M 132 90.27 31.40 10.71
CA VAL M 132 89.44 31.91 11.79
C VAL M 132 88.08 31.20 11.76
N LYS M 133 87.55 30.93 12.94
CA LYS M 133 86.23 30.29 13.11
C LYS M 133 85.38 31.22 13.97
N PRO M 134 84.41 31.94 13.41
CA PRO M 134 83.60 32.82 14.25
C PRO M 134 82.53 32.06 15.02
N VAL M 135 82.50 32.28 16.33
CA VAL M 135 81.54 31.67 17.24
C VAL M 135 80.72 32.80 17.85
N ASN M 136 79.40 32.63 17.85
CA ASN M 136 78.50 33.67 18.36
C ASN M 136 78.46 33.58 19.88
N VAL M 137 79.27 34.42 20.54
CA VAL M 137 79.36 34.43 22.00
C VAL M 137 78.34 35.37 22.63
N GLU M 138 77.55 36.10 21.83
CA GLU M 138 76.53 37.01 22.32
C GLU M 138 75.12 36.55 21.99
N ALA M 139 74.92 35.97 20.81
CA ALA M 139 73.61 35.45 20.42
C ALA M 139 73.15 34.40 21.41
N VAL M 140 71.84 34.38 21.69
CA VAL M 140 71.26 33.46 22.66
C VAL M 140 70.66 32.29 21.90
N ARG M 141 71.16 31.09 22.21
CA ARG M 141 70.72 29.85 21.60
C ARG M 141 69.55 29.25 22.39
N GLU M 142 68.86 28.30 21.76
CA GLU M 142 67.73 27.63 22.38
C GLU M 142 67.82 26.13 22.11
N LEU M 143 67.31 25.34 23.07
CA LEU M 143 67.30 23.88 22.94
C LEU M 143 66.08 23.36 23.70
N ALA M 144 65.01 23.06 22.98
CA ALA M 144 63.79 22.54 23.58
C ALA M 144 63.91 21.02 23.68
N ALA M 145 63.78 20.49 24.89
CA ALA M 145 63.87 19.06 25.16
C ALA M 145 62.56 18.61 25.80
N SER M 146 61.92 17.60 25.19
CA SER M 146 60.66 17.07 25.67
C SER M 146 60.68 15.55 25.60
N GLY M 147 59.60 14.94 26.05
CA GLY M 147 59.45 13.51 26.05
C GLY M 147 58.47 13.06 27.11
N VAL M 148 57.96 11.84 26.92
CA VAL M 148 56.96 11.25 27.83
C VAL M 148 57.73 10.52 28.93
N MET M 149 58.10 11.24 29.98
CA MET M 149 58.79 10.65 31.11
C MET M 149 57.81 9.97 32.07
N LEU M 150 58.37 9.15 32.96
CA LEU M 150 57.61 8.41 33.96
C LEU M 150 57.74 9.06 35.33
N THR M 151 56.61 9.18 36.03
CA THR M 151 56.58 9.80 37.35
C THR M 151 56.87 8.74 38.42
N SER M 152 56.70 9.11 39.68
CA SER M 152 56.99 8.22 40.80
C SER M 152 55.79 7.36 41.23
N ASP M 153 54.59 7.63 40.71
CA ASP M 153 53.40 6.88 41.03
C ASP M 153 52.95 5.96 39.89
N GLU M 154 53.88 5.59 39.01
CA GLU M 154 53.62 4.73 37.86
C GLU M 154 52.67 5.36 36.85
N ASN M 155 52.51 6.69 36.90
CA ASN M 155 51.65 7.44 36.00
C ASN M 155 52.49 8.07 34.90
N VAL M 156 51.85 8.34 33.77
CA VAL M 156 52.50 8.91 32.59
C VAL M 156 52.09 10.37 32.47
N VAL M 157 53.07 11.22 32.14
CA VAL M 157 52.87 12.66 31.99
C VAL M 157 53.58 13.15 30.73
N ARG M 158 52.87 13.92 29.90
CA ARG M 158 53.45 14.50 28.69
C ARG M 158 54.08 15.83 29.12
N VAL M 159 55.41 15.82 29.29
CA VAL M 159 56.17 16.99 29.74
C VAL M 159 57.00 17.53 28.60
N GLU M 160 57.01 18.86 28.47
CA GLU M 160 57.80 19.58 27.48
C GLU M 160 58.46 20.75 28.18
N MET M 161 59.72 21.03 27.82
CA MET M 161 60.50 22.10 28.43
C MET M 161 61.25 22.87 27.36
N ASN M 162 61.56 24.13 27.69
CA ASN M 162 62.31 25.04 26.84
C ASN M 162 63.50 25.53 27.63
N VAL M 163 64.69 25.50 27.02
CA VAL M 163 65.93 25.89 27.66
C VAL M 163 66.70 26.86 26.76
N GLN M 164 66.74 28.13 27.16
CA GLN M 164 67.49 29.15 26.44
C GLN M 164 68.88 29.23 27.03
N TYR M 165 69.90 29.12 26.17
CA TYR M 165 71.28 29.10 26.63
C TYR M 165 72.17 29.86 25.65
N ARG M 166 73.45 29.96 26.00
CA ARG M 166 74.45 30.66 25.19
C ARG M 166 75.70 29.78 25.12
N VAL M 167 76.76 30.33 24.54
CA VAL M 167 78.03 29.65 24.36
C VAL M 167 79.13 30.42 25.12
N THR M 168 80.31 29.83 25.15
CA THR M 168 81.49 30.36 25.84
C THR M 168 82.69 30.08 24.93
N ASN M 169 83.91 30.25 25.48
CA ASN M 169 85.18 30.10 24.76
C ASN M 169 85.16 28.91 23.80
N PRO M 170 85.38 29.10 22.50
CA PRO M 170 85.29 27.98 21.55
C PRO M 170 86.36 26.93 21.68
N GLU M 171 87.42 27.14 22.48
CA GLU M 171 88.44 26.11 22.57
C GLU M 171 87.89 24.84 23.20
N LYS M 172 86.97 24.99 24.16
CA LYS M 172 86.31 23.86 24.80
C LYS M 172 85.10 23.40 23.98
N TYR M 173 84.19 24.33 23.70
CA TYR M 173 82.95 24.04 22.97
C TYR M 173 83.20 23.33 21.64
N LEU M 174 84.24 23.69 20.93
CA LEU M 174 84.50 23.12 19.61
C LEU M 174 85.29 21.81 19.62
N TYR M 175 86.21 21.62 20.57
CA TYR M 175 87.05 20.42 20.58
C TYR M 175 87.02 19.69 21.91
N SER M 176 85.85 19.56 22.53
CA SER M 176 85.66 18.81 23.77
C SER M 176 84.80 17.58 23.57
N VAL M 177 83.60 17.75 22.99
CA VAL M 177 82.67 16.66 22.75
C VAL M 177 82.06 16.82 21.37
N THR M 178 81.78 15.69 20.73
CA THR M 178 81.16 15.72 19.42
C THR M 178 79.70 16.13 19.54
N SER M 179 79.20 16.87 18.55
CA SER M 179 77.83 17.39 18.51
C SER M 179 77.41 17.96 19.87
N PRO M 180 78.01 19.08 20.30
CA PRO M 180 77.65 19.63 21.63
C PRO M 180 76.19 20.00 21.77
N ASP M 181 75.58 20.57 20.72
CA ASP M 181 74.18 20.95 20.81
C ASP M 181 73.28 19.72 20.87
N ASP M 182 73.51 18.74 20.01
CA ASP M 182 72.68 17.54 20.01
C ASP M 182 72.92 16.70 21.27
N SER M 183 74.19 16.55 21.67
CA SER M 183 74.50 15.77 22.87
C SER M 183 73.85 16.37 24.10
N LEU M 184 73.79 17.70 24.18
CA LEU M 184 73.17 18.36 25.32
C LEU M 184 71.70 18.00 25.43
N ARG M 185 71.01 17.82 24.29
CA ARG M 185 69.60 17.47 24.32
C ARG M 185 69.39 16.10 24.95
N GLN M 186 70.29 15.16 24.66
CA GLN M 186 70.16 13.83 25.27
C GLN M 186 70.37 13.90 26.77
N ALA M 187 71.36 14.70 27.20
CA ALA M 187 71.58 14.90 28.63
C ALA M 187 70.36 15.52 29.28
N THR M 188 69.73 16.47 28.58
CA THR M 188 68.53 17.13 29.10
C THR M 188 67.40 16.12 29.29
N ASP M 189 67.22 15.22 28.32
CA ASP M 189 66.17 14.23 28.43
C ASP M 189 66.42 13.30 29.62
N SER M 190 67.67 12.85 29.79
CA SER M 190 68.00 12.01 30.92
C SER M 190 67.75 12.74 32.24
N ALA M 191 68.11 14.02 32.30
CA ALA M 191 67.85 14.80 33.50
C ALA M 191 66.37 14.96 33.73
N LEU M 192 65.62 15.21 32.66
CA LEU M 192 64.17 15.37 32.76
C LEU M 192 63.52 14.08 33.27
N ARG M 193 63.93 12.93 32.73
CA ARG M 193 63.37 11.66 33.18
C ARG M 193 63.70 11.39 34.64
N GLY M 194 64.97 11.58 35.03
CA GLY M 194 65.36 11.33 36.40
C GLY M 194 64.60 12.17 37.41
N VAL M 195 64.53 13.48 37.16
CA VAL M 195 63.83 14.38 38.08
C VAL M 195 62.35 14.01 38.18
N ILE M 196 61.67 13.90 37.04
CA ILE M 196 60.26 13.53 37.02
C ILE M 196 60.05 12.20 37.75
N GLY M 197 60.99 11.27 37.60
CA GLY M 197 60.89 9.98 38.26
C GLY M 197 60.75 10.07 39.76
N LYS M 198 61.34 11.10 40.37
CA LYS M 198 61.29 11.23 41.83
C LYS M 198 59.94 11.74 42.33
N TYR M 199 59.35 12.71 41.64
CA TYR M 199 58.09 13.29 42.05
C TYR M 199 56.90 12.56 41.43
N THR M 200 55.75 12.71 42.08
CA THR M 200 54.51 12.09 41.61
C THR M 200 53.87 12.98 40.54
N MET M 201 52.91 12.39 39.82
CA MET M 201 52.24 13.10 38.73
C MET M 201 51.50 14.34 39.23
N ASP M 202 50.68 14.20 40.27
CA ASP M 202 49.89 15.32 40.78
C ASP M 202 50.77 16.49 41.21
N ARG M 203 51.86 16.22 41.92
CA ARG M 203 52.74 17.29 42.38
C ARG M 203 53.37 18.03 41.21
N ILE M 204 53.94 17.29 40.26
CA ILE M 204 54.61 17.87 39.09
C ILE M 204 53.70 18.84 38.31
N LEU M 205 52.39 18.65 38.37
CA LEU M 205 51.50 19.48 37.57
C LEU M 205 51.39 20.91 38.09
N THR M 206 51.20 21.08 39.41
CA THR M 206 51.03 22.40 40.01
C THR M 206 52.15 22.83 40.93
N GLU M 207 52.49 22.00 41.92
CA GLU M 207 53.52 22.36 42.91
C GLU M 207 54.93 22.12 42.39
N GLY M 208 55.17 20.96 41.79
CA GLY M 208 56.51 20.62 41.32
C GLY M 208 57.09 21.56 40.28
N ARG M 209 56.24 22.29 39.54
CA ARG M 209 56.66 23.22 38.50
C ARG M 209 57.87 24.08 38.87
N THR M 210 57.89 24.61 40.10
CA THR M 210 59.02 25.44 40.52
C THR M 210 60.25 24.62 40.88
N VAL M 211 60.10 23.55 41.68
CA VAL M 211 61.25 22.75 42.09
C VAL M 211 61.77 21.89 40.95
N ILE M 212 60.89 21.40 40.07
CA ILE M 212 61.33 20.53 38.97
C ILE M 212 62.34 21.25 38.08
N ARG M 213 62.06 22.50 37.73
CA ARG M 213 63.00 23.26 36.91
C ARG M 213 64.33 23.46 37.62
N SER M 214 64.28 23.75 38.93
CA SER M 214 65.49 23.95 39.71
C SER M 214 66.33 22.68 39.75
N ASP M 215 65.70 21.55 40.06
CA ASP M 215 66.43 20.29 40.15
C ASP M 215 66.98 19.88 38.79
N THR M 216 66.15 19.92 37.75
CA THR M 216 66.62 19.54 36.42
C THR M 216 67.71 20.49 35.93
N GLN M 217 67.59 21.78 36.25
CA GLN M 217 68.62 22.74 35.85
C GLN M 217 69.91 22.47 36.60
N ARG M 218 69.82 22.24 37.90
CA ARG M 218 71.00 21.96 38.71
C ARG M 218 71.63 20.63 38.33
N GLU M 219 70.81 19.60 38.14
CA GLU M 219 71.33 18.29 37.77
C GLU M 219 71.99 18.32 36.41
N LEU M 220 71.36 18.99 35.43
CA LEU M 220 71.95 19.10 34.10
C LEU M 220 73.33 19.73 34.16
N GLU M 221 73.51 20.76 34.99
CA GLU M 221 74.81 21.40 35.12
C GLU M 221 75.84 20.41 35.66
N GLU M 222 75.47 19.65 36.69
CA GLU M 222 76.35 18.63 37.22
C GLU M 222 76.64 17.57 36.17
N THR M 223 75.65 17.27 35.33
CA THR M 223 75.80 16.27 34.27
C THR M 223 76.81 16.70 33.22
N ILE M 224 76.92 18.01 32.94
CA ILE M 224 77.83 18.51 31.91
C ILE M 224 79.12 19.07 32.50
N ARG M 225 79.31 19.00 33.82
CA ARG M 225 80.57 19.48 34.40
C ARG M 225 81.74 18.59 33.97
N PRO M 226 81.68 17.26 34.11
CA PRO M 226 82.80 16.43 33.63
C PRO M 226 83.12 16.61 32.16
N TYR M 227 82.08 16.75 31.33
CA TYR M 227 82.27 16.92 29.88
C TYR M 227 83.20 18.08 29.56
N ASP M 228 83.08 19.18 30.31
CA ASP M 228 83.89 20.39 30.17
C ASP M 228 83.49 21.23 28.95
N MET M 229 82.37 20.90 28.30
CA MET M 229 81.90 21.65 27.13
C MET M 229 81.76 23.12 27.46
N GLY M 230 81.85 23.98 26.44
CA GLY M 230 81.76 25.40 26.64
C GLY M 230 80.36 25.98 26.64
N ILE M 231 79.32 25.14 26.71
CA ILE M 231 77.96 25.65 26.74
C ILE M 231 77.67 26.15 28.15
N THR M 232 77.01 27.31 28.24
CA THR M 232 76.65 27.93 29.51
C THR M 232 75.14 28.01 29.61
N LEU M 233 74.60 27.57 30.74
CA LEU M 233 73.16 27.59 30.97
C LEU M 233 72.74 28.99 31.44
N LEU M 234 71.81 29.61 30.70
CA LEU M 234 71.31 30.93 31.03
C LEU M 234 70.03 30.84 31.86
N ASP M 235 69.02 30.13 31.35
CA ASP M 235 67.77 29.99 32.07
C ASP M 235 67.05 28.73 31.58
N VAL M 236 66.31 28.12 32.49
CA VAL M 236 65.53 26.91 32.23
C VAL M 236 64.09 27.28 32.54
N ASN M 237 63.29 27.56 31.51
CA ASN M 237 61.91 28.01 31.66
C ASN M 237 60.96 26.88 31.29
N PHE M 238 60.39 26.24 32.31
CA PHE M 238 59.42 25.19 32.12
C PHE M 238 58.21 25.72 31.35
N GLN M 239 57.74 24.96 30.37
CA GLN M 239 56.63 25.38 29.52
C GLN M 239 55.31 24.68 29.82
N ALA M 240 55.27 23.35 29.83
CA ALA M 240 54.01 22.66 30.07
C ALA M 240 54.25 21.27 30.64
N ALA M 241 53.25 20.79 31.40
CA ALA M 241 53.25 19.47 32.02
C ALA M 241 51.89 18.80 31.87
N ARG M 242 51.15 19.15 30.81
CA ARG M 242 49.80 18.62 30.60
C ARG M 242 49.79 17.09 30.64
N PRO M 243 48.73 16.47 31.17
CA PRO M 243 48.68 15.01 31.22
C PRO M 243 48.44 14.43 29.84
N PRO M 244 48.58 13.11 29.69
CA PRO M 244 48.29 12.48 28.39
C PRO M 244 46.90 12.85 27.89
N GLU M 245 46.82 13.24 26.62
CA GLU M 245 45.55 13.66 26.03
C GLU M 245 44.44 12.62 26.18
N GLU M 246 44.80 11.34 26.27
CA GLU M 246 43.77 10.31 26.40
C GLU M 246 43.06 10.40 27.75
N VAL M 247 43.77 10.78 28.82
CA VAL M 247 43.17 10.87 30.15
C VAL M 247 42.70 12.27 30.50
N LYS M 248 42.95 13.27 29.66
CA LYS M 248 42.51 14.63 29.95
C LYS M 248 41.00 14.70 30.11
N ALA M 249 40.26 13.95 29.28
CA ALA M 249 38.80 13.93 29.34
C ALA M 249 38.30 13.59 30.74
N ALA M 250 38.81 12.51 31.34
CA ALA M 250 38.37 12.12 32.67
C ALA M 250 38.74 13.16 33.71
N PHE M 251 39.94 13.75 33.60
CA PHE M 251 40.36 14.79 34.53
C PHE M 251 39.34 15.92 34.56
N ASP M 252 38.79 16.27 33.40
CA ASP M 252 37.77 17.32 33.32
C ASP M 252 36.42 16.80 33.79
N ASP M 253 36.14 15.51 33.60
CA ASP M 253 34.85 14.96 34.02
C ASP M 253 34.67 15.11 35.51
N ALA M 254 35.75 14.94 36.29
CA ALA M 254 35.66 15.12 37.74
C ALA M 254 35.16 16.52 38.09
N ILE M 255 35.54 17.52 37.29
CA ILE M 255 35.06 18.88 37.53
C ILE M 255 33.59 18.99 37.17
N ALA M 256 33.19 18.39 36.04
CA ALA M 256 31.79 18.43 35.62
C ALA M 256 30.88 17.82 36.66
N ALA M 257 31.35 16.83 37.42
CA ALA M 257 30.53 16.22 38.45
C ALA M 257 30.20 17.23 39.54
N ARG M 258 31.20 18.04 39.93
CA ARG M 258 30.99 19.08 40.93
C ARG M 258 29.90 20.04 40.49
N GLU M 259 29.99 20.53 39.24
CA GLU M 259 28.97 21.44 38.73
C GLU M 259 27.63 20.73 38.64
N ASN M 260 27.64 19.45 38.23
CA ASN M 260 26.40 18.68 38.19
C ASN M 260 25.83 18.54 39.59
N GLU M 261 26.70 18.35 40.59
CA GLU M 261 26.24 18.25 41.98
C GLU M 261 25.63 19.57 42.42
N GLN M 262 26.28 20.68 42.09
CA GLN M 262 25.71 21.99 42.40
C GLN M 262 24.38 22.17 41.68
N GLN M 263 24.32 21.75 40.41
CA GLN M 263 23.09 21.85 39.64
C GLN M 263 21.99 21.00 40.28
N TYR M 264 22.35 19.83 40.83
CA TYR M 264 21.36 19.00 41.49
C TYR M 264 20.75 19.75 42.67
N ILE M 265 21.58 20.45 43.44
CA ILE M 265 21.08 21.23 44.57
C ILE M 265 20.19 22.37 44.08
N ARG M 266 20.58 23.02 42.98
CA ARG M 266 19.78 24.12 42.44
C ARG M 266 18.37 23.66 42.09
N GLU M 267 18.25 22.54 41.38
CA GLU M 267 16.93 22.01 41.06
C GLU M 267 16.24 21.50 42.31
N ALA M 268 17.01 20.90 43.23
CA ALA M 268 16.44 20.42 44.49
C ALA M 268 15.89 21.58 45.30
N GLU M 269 16.65 22.68 45.39
CA GLU M 269 16.16 23.84 46.12
C GLU M 269 14.94 24.42 45.41
N ALA M 270 14.95 24.40 44.08
CA ALA M 270 13.80 24.85 43.31
C ALA M 270 12.56 24.03 43.66
N TYR M 271 12.73 22.70 43.76
CA TYR M 271 11.60 21.82 44.07
C TYR M 271 11.01 22.15 45.44
N THR M 272 11.84 22.45 46.42
CA THR M 272 11.33 22.82 47.75
C THR M 272 10.47 24.07 47.66
N ASN M 273 10.88 25.05 46.86
CA ASN M 273 10.17 26.30 46.68
C ASN M 273 9.18 26.27 45.50
N GLU M 274 9.17 25.20 44.70
CA GLU M 274 8.25 25.07 43.58
C GLU M 274 6.95 24.41 44.01
N VAL M 275 7.04 23.41 44.89
CA VAL M 275 5.86 22.68 45.36
C VAL M 275 5.16 23.42 46.48
N GLN M 276 5.90 24.09 47.36
CA GLN M 276 5.29 24.79 48.49
C GLN M 276 4.25 25.83 48.09
N PRO M 277 4.46 26.69 47.08
CA PRO M 277 3.39 27.63 46.70
C PRO M 277 2.12 26.90 46.29
N ARG M 278 2.25 25.76 45.61
CA ARG M 278 1.09 24.97 45.24
C ARG M 278 0.36 24.47 46.48
N ALA M 279 1.11 24.08 47.51
CA ALA M 279 0.51 23.62 48.75
C ALA M 279 -0.34 24.73 49.37
N ASN M 280 0.15 25.96 49.33
CA ASN M 280 -0.62 27.09 49.85
C ASN M 280 -1.92 27.25 49.07
N GLY M 281 -1.85 27.13 47.75
CA GLY M 281 -3.05 27.22 46.94
C GLY M 281 -4.01 26.08 47.24
N GLN M 282 -3.47 24.87 47.36
CA GLN M 282 -4.31 23.72 47.70
C GLN M 282 -4.89 23.89 49.09
N ALA M 283 -4.10 24.43 50.02
CA ALA M 283 -4.55 24.70 51.38
C ALA M 283 -5.54 25.85 51.46
N GLN M 284 -5.81 26.54 50.35
CA GLN M 284 -6.74 27.65 50.27
C GLN M 284 -8.02 27.27 49.55
N ARG M 285 -8.11 26.05 49.01
CA ARG M 285 -9.29 25.56 48.30
C ARG M 285 -10.14 24.63 49.14
N ILE M 286 -9.52 23.72 49.90
CA ILE M 286 -10.31 22.84 50.74
C ILE M 286 -10.93 23.62 51.89
N LEU M 287 -10.21 24.64 52.39
CA LEU M 287 -10.77 25.46 53.46
C LEU M 287 -12.02 26.19 52.98
N GLU M 288 -11.95 26.78 51.78
CA GLU M 288 -13.11 27.48 51.23
C GLU M 288 -14.23 26.49 50.94
N GLU M 289 -13.89 25.28 50.48
CA GLU M 289 -14.91 24.27 50.21
C GLU M 289 -15.69 23.93 51.46
N ALA M 290 -14.99 23.85 52.60
CA ALA M 290 -15.67 23.56 53.86
C ALA M 290 -16.67 24.65 54.20
N ARG M 291 -16.28 25.92 54.01
CA ARG M 291 -17.18 27.03 54.27
C ARG M 291 -18.43 26.91 53.40
N ALA M 292 -18.24 26.58 52.12
CA ALA M 292 -19.38 26.40 51.23
C ALA M 292 -20.29 25.29 51.73
N TYR M 293 -19.70 24.19 52.20
CA TYR M 293 -20.49 23.08 52.72
C TYR M 293 -21.31 23.53 53.92
N LYS M 294 -20.69 24.29 54.83
CA LYS M 294 -21.41 24.80 56.00
C LYS M 294 -22.57 25.70 55.57
N ALA M 295 -22.28 26.65 54.68
CA ALA M 295 -23.33 27.53 54.18
C ALA M 295 -24.39 26.74 53.42
N GLN M 296 -23.96 25.82 52.56
CA GLN M 296 -24.91 25.03 51.78
C GLN M 296 -25.74 24.13 52.68
N THR M 297 -25.11 23.50 53.67
CA THR M 297 -25.85 22.61 54.57
C THR M 297 -26.81 23.40 55.45
N ILE M 298 -26.37 24.57 55.94
CA ILE M 298 -27.26 25.39 56.78
C ILE M 298 -28.45 25.88 55.96
N LEU M 299 -28.18 26.40 54.77
CA LEU M 299 -29.25 26.90 53.91
C LEU M 299 -30.18 25.78 53.47
N GLU M 300 -29.61 24.62 53.12
CA GLU M 300 -30.42 23.48 52.70
C GLU M 300 -31.32 23.02 53.83
N ALA M 301 -30.81 23.03 55.06
CA ALA M 301 -31.60 22.62 56.23
C ALA M 301 -32.83 23.51 56.39
N GLN M 302 -32.65 24.82 56.23
CA GLN M 302 -33.76 25.76 56.37
C GLN M 302 -34.88 25.45 55.40
N GLY M 303 -34.54 25.13 54.14
CA GLY M 303 -35.56 24.82 53.16
C GLY M 303 -36.39 23.60 53.52
N GLU M 304 -35.72 22.53 53.95
CA GLU M 304 -36.44 21.32 54.34
C GLU M 304 -37.32 21.57 55.56
N VAL M 305 -36.82 22.36 56.51
CA VAL M 305 -37.59 22.70 57.71
C VAL M 305 -38.89 23.40 57.32
N ALA M 306 -38.81 24.34 56.39
CA ALA M 306 -40.00 25.08 55.95
C ALA M 306 -41.03 24.16 55.31
N ARG M 307 -40.58 23.22 54.47
CA ARG M 307 -41.50 22.32 53.80
C ARG M 307 -42.30 21.49 54.81
N PHE M 308 -41.61 20.90 55.79
CA PHE M 308 -42.29 20.09 56.79
C PHE M 308 -43.23 20.94 57.64
N ALA M 309 -42.86 22.20 57.92
CA ALA M 309 -43.72 23.12 58.68
C ALA M 309 -45.14 23.18 58.12
N LYS M 310 -45.30 22.94 56.83
CA LYS M 310 -46.58 22.93 56.14
C LYS M 310 -47.10 21.51 55.92
N LEU M 311 -46.18 20.55 55.81
CA LEU M 311 -46.57 19.15 55.62
C LEU M 311 -47.26 18.62 56.86
N LEU M 312 -46.72 18.91 58.04
CA LEU M 312 -47.31 18.44 59.29
C LEU M 312 -48.76 18.86 59.47
N PRO M 313 -49.14 20.15 59.39
CA PRO M 313 -50.56 20.48 59.54
C PRO M 313 -51.45 19.83 58.50
N GLU M 314 -50.95 19.64 57.29
CA GLU M 314 -51.73 18.96 56.26
C GLU M 314 -51.84 17.47 56.55
N TYR M 315 -50.80 16.89 57.15
CA TYR M 315 -50.81 15.47 57.48
C TYR M 315 -51.78 15.18 58.61
N LYS M 316 -52.04 16.15 59.48
CA LYS M 316 -52.98 15.97 60.58
C LYS M 316 -54.41 16.05 60.09
N ALA M 317 -54.66 16.87 59.06
CA ALA M 317 -56.00 16.99 58.50
C ALA M 317 -56.53 15.64 58.04
N ALA M 318 -55.68 14.85 57.36
CA ALA M 318 -56.08 13.53 56.88
C ALA M 318 -54.83 12.66 56.74
N PRO M 319 -54.43 11.95 57.81
CA PRO M 319 -53.26 11.09 57.68
C PRO M 319 -53.46 9.93 56.72
N GLU M 320 -54.65 9.33 56.73
CA GLU M 320 -54.96 8.21 55.83
C GLU M 320 -54.67 8.56 54.38
N ILE M 321 -55.25 9.66 53.91
CA ILE M 321 -55.05 10.10 52.54
C ILE M 321 -53.60 10.46 52.30
N THR M 322 -53.03 11.30 53.19
CA THR M 322 -51.64 11.72 53.08
C THR M 322 -50.71 10.51 53.05
N ARG M 323 -50.76 9.67 54.10
CA ARG M 323 -49.93 8.48 54.16
C ARG M 323 -50.10 7.60 52.94
N GLU M 324 -51.34 7.16 52.68
CA GLU M 324 -51.62 6.25 51.57
C GLU M 324 -51.19 6.85 50.23
N ARG M 325 -51.44 8.14 50.02
CA ARG M 325 -51.03 8.78 48.76
C ARG M 325 -49.53 8.74 48.59
N LEU M 326 -48.79 9.33 49.55
CA LEU M 326 -47.33 9.35 49.48
C LEU M 326 -46.75 7.94 49.55
N TYR M 327 -47.39 7.04 50.29
CA TYR M 327 -46.89 5.67 50.41
C TYR M 327 -46.95 4.95 49.07
N ILE M 328 -48.10 5.03 48.38
CA ILE M 328 -48.25 4.37 47.09
C ILE M 328 -47.25 4.95 46.08
N GLU M 329 -47.00 6.25 46.15
CA GLU M 329 -46.04 6.87 45.23
C GLU M 329 -44.66 6.27 45.40
N THR M 330 -44.19 6.18 46.65
CA THR M 330 -42.89 5.59 46.93
C THR M 330 -42.87 4.12 46.50
N MET M 331 -43.92 3.38 46.86
CA MET M 331 -44.00 1.96 46.51
C MET M 331 -44.03 1.77 45.00
N GLU M 332 -44.94 2.46 44.32
CA GLU M 332 -45.05 2.36 42.86
C GLU M 332 -43.72 2.62 42.17
N LYS M 333 -43.00 3.65 42.63
CA LYS M 333 -41.69 3.96 42.07
C LYS M 333 -40.75 2.77 42.18
N VAL M 334 -40.48 2.30 43.40
CA VAL M 334 -39.57 1.17 43.59
C VAL M 334 -40.13 -0.08 42.92
N LEU M 335 -41.44 -0.33 43.07
CA LEU M 335 -42.09 -1.47 42.46
C LEU M 335 -41.80 -1.54 40.95
N GLY M 336 -41.99 -0.40 40.27
CA GLY M 336 -41.79 -0.38 38.83
C GLY M 336 -40.38 -0.65 38.37
N ASN M 337 -39.37 -0.23 39.15
CA ASN M 337 -37.98 -0.42 38.73
C ASN M 337 -37.39 -1.75 39.18
N THR M 338 -37.95 -2.39 40.20
CA THR M 338 -37.44 -3.67 40.66
C THR M 338 -38.11 -4.81 39.91
N ARG M 339 -37.44 -5.97 39.91
CA ARG M 339 -37.96 -7.16 39.23
C ARG M 339 -38.91 -7.90 40.18
N LYS M 340 -40.14 -7.38 40.23
CA LYS M 340 -41.20 -7.95 41.06
C LYS M 340 -41.37 -9.45 40.81
N VAL M 341 -41.62 -10.20 41.88
CA VAL M 341 -41.78 -11.64 41.81
C VAL M 341 -43.21 -12.06 42.12
N LEU M 342 -43.88 -11.39 43.05
CA LEU M 342 -45.26 -11.67 43.49
C LEU M 342 -45.52 -13.17 43.69
N VAL M 343 -44.70 -13.76 44.56
CA VAL M 343 -44.79 -15.17 44.92
C VAL M 343 -45.11 -15.26 46.41
N ASN M 344 -46.11 -16.08 46.75
CA ASN M 344 -46.53 -16.34 48.13
C ASN M 344 -45.33 -16.46 49.05
N ASP M 345 -45.37 -15.71 50.17
CA ASP M 345 -44.26 -15.65 51.12
C ASP M 345 -43.71 -17.01 51.48
N LYS M 346 -44.57 -17.96 51.84
CA LYS M 346 -44.10 -19.32 52.13
C LYS M 346 -43.32 -19.89 50.96
N GLY M 347 -43.81 -19.67 49.74
CA GLY M 347 -43.16 -20.09 48.52
C GLY M 347 -42.19 -19.04 48.00
N GLY M 348 -41.08 -18.81 48.70
CA GLY M 348 -40.14 -17.78 48.32
C GLY M 348 -38.68 -18.16 48.18
N ASN M 349 -38.38 -19.47 48.14
CA ASN M 349 -37.01 -19.93 47.95
C ASN M 349 -36.37 -19.23 46.77
N LEU M 350 -35.16 -18.71 46.98
CA LEU M 350 -34.47 -17.95 45.94
C LEU M 350 -32.97 -17.98 46.22
N MET M 351 -32.20 -17.43 45.27
CA MET M 351 -30.75 -17.37 45.36
C MET M 351 -30.31 -16.01 44.83
N VAL M 352 -29.16 -15.55 45.32
CA VAL M 352 -28.67 -14.22 44.91
C VAL M 352 -28.28 -14.21 43.43
N LEU M 353 -27.59 -15.24 42.97
CA LEU M 353 -27.13 -15.40 41.58
C LEU M 353 -26.55 -14.09 41.00
N PRO M 354 -25.45 -13.58 41.57
CA PRO M 354 -24.91 -12.31 41.08
C PRO M 354 -24.25 -12.44 39.71
N LEU M 355 -23.75 -11.32 39.18
CA LEU M 355 -23.10 -11.29 37.88
C LEU M 355 -21.58 -11.35 38.04
N MET N 1 121.33 27.84 -19.12
CA MET N 1 121.16 27.44 -17.69
C MET N 1 119.81 27.90 -17.15
N ARG N 2 118.83 28.05 -18.03
CA ARG N 2 117.49 28.49 -17.65
C ARG N 2 116.50 27.33 -17.51
N LYS N 3 116.52 26.40 -18.47
CA LYS N 3 115.60 25.27 -18.41
C LYS N 3 115.92 24.33 -17.25
N SER N 4 117.21 24.11 -16.98
CA SER N 4 117.60 23.22 -15.89
C SER N 4 117.22 23.80 -14.53
N VAL N 5 117.50 25.09 -14.30
CA VAL N 5 117.21 25.71 -13.01
C VAL N 5 115.71 25.88 -12.80
N ILE N 6 114.98 26.32 -13.84
CA ILE N 6 113.54 26.56 -13.69
C ILE N 6 112.78 25.25 -13.45
N ALA N 7 113.21 24.16 -14.06
CA ALA N 7 112.49 22.89 -13.90
C ALA N 7 112.55 22.38 -12.46
N ILE N 8 113.73 22.41 -11.83
CA ILE N 8 113.88 21.85 -10.49
C ILE N 8 113.09 22.64 -9.44
N ILE N 9 113.03 23.96 -9.56
CA ILE N 9 112.34 24.77 -8.55
C ILE N 9 110.85 24.43 -8.50
N ILE N 10 110.26 24.10 -9.65
CA ILE N 10 108.83 23.81 -9.70
C ILE N 10 108.50 22.53 -8.93
N ILE N 11 109.39 21.52 -9.00
CA ILE N 11 109.10 20.22 -8.39
C ILE N 11 109.13 20.29 -6.86
N VAL N 12 110.04 21.08 -6.28
CA VAL N 12 110.19 21.11 -4.82
C VAL N 12 108.91 21.60 -4.14
N LEU N 13 108.23 22.59 -4.73
CA LEU N 13 107.03 23.13 -4.11
C LEU N 13 105.93 22.07 -4.00
N VAL N 14 105.73 21.28 -5.05
CA VAL N 14 104.68 20.27 -5.01
C VAL N 14 105.05 19.15 -4.03
N VAL N 15 106.33 18.81 -3.94
CA VAL N 15 106.76 17.76 -3.01
C VAL N 15 106.48 18.18 -1.58
N LEU N 16 106.76 19.44 -1.24
CA LEU N 16 106.54 19.92 0.12
C LEU N 16 105.05 19.92 0.46
N TYR N 17 104.19 20.29 -0.49
CA TYR N 17 102.76 20.30 -0.21
C TYR N 17 102.25 18.90 0.08
N MET N 18 102.74 17.91 -0.67
CA MET N 18 102.35 16.52 -0.41
C MET N 18 102.91 16.05 0.92
N SER N 19 104.14 16.44 1.24
CA SER N 19 104.78 16.00 2.48
C SER N 19 104.09 16.57 3.71
N VAL N 20 103.66 17.83 3.66
CA VAL N 20 103.01 18.44 4.81
C VAL N 20 101.63 17.84 5.00
N PHE N 21 101.30 17.55 6.26
CA PHE N 21 100.02 16.97 6.65
C PHE N 21 99.77 17.55 8.03
N VAL N 22 98.55 18.03 8.24
CA VAL N 22 98.19 18.73 9.47
C VAL N 22 97.32 17.88 10.37
N VAL N 23 97.45 18.13 11.67
CA VAL N 23 96.69 17.47 12.72
C VAL N 23 95.76 18.53 13.30
N LYS N 24 94.45 18.34 13.14
CA LYS N 24 93.49 19.29 13.65
C LYS N 24 93.56 19.34 15.18
N GLU N 25 92.87 20.35 15.74
CA GLU N 25 92.90 20.53 17.18
C GLU N 25 92.20 19.39 17.90
N GLY N 26 91.01 19.00 17.43
CA GLY N 26 90.28 17.91 18.06
C GLY N 26 90.55 16.56 17.44
N GLU N 27 91.73 16.39 16.85
CA GLU N 27 92.14 15.12 16.25
C GLU N 27 93.61 14.89 16.54
N ARG N 28 94.01 13.62 16.40
CA ARG N 28 95.39 13.19 16.62
C ARG N 28 95.70 12.14 15.56
N GLY N 29 96.85 12.27 14.90
CA GLY N 29 97.24 11.35 13.83
C GLY N 29 98.41 10.47 14.20
N ILE N 30 98.32 9.19 13.81
CA ILE N 30 99.35 8.18 14.04
C ILE N 30 99.96 7.85 12.69
N THR N 31 101.20 8.30 12.45
CA THR N 31 101.84 7.99 11.18
C THR N 31 102.07 6.49 11.06
N LEU N 32 101.87 5.97 9.84
CA LEU N 32 101.99 4.56 9.53
C LEU N 32 102.91 4.31 8.35
N ARG N 33 103.69 3.23 8.42
CA ARG N 33 104.60 2.86 7.34
C ARG N 33 103.78 2.16 6.25
N PHE N 34 104.45 1.56 5.25
CA PHE N 34 103.77 0.87 4.16
C PHE N 34 102.70 -0.08 4.67
N GLY N 35 103.10 -1.06 5.49
CA GLY N 35 102.18 -2.00 6.09
C GLY N 35 102.19 -1.98 7.60
N LYS N 36 103.32 -1.57 8.18
CA LYS N 36 103.50 -1.48 9.61
C LYS N 36 103.28 -0.04 10.07
N VAL N 37 103.45 0.18 11.37
CA VAL N 37 103.31 1.50 11.98
C VAL N 37 104.67 1.88 12.56
N LEU N 38 104.86 3.19 12.73
CA LEU N 38 106.12 3.69 13.26
C LEU N 38 106.15 3.53 14.77
N ARG N 39 107.26 3.01 15.30
CA ARG N 39 107.43 2.78 16.72
C ARG N 39 108.57 3.63 17.26
N ASP N 40 108.60 3.75 18.58
CA ASP N 40 109.63 4.50 19.29
C ASP N 40 109.42 4.30 20.79
N ASP N 41 110.48 4.53 21.56
CA ASP N 41 110.43 4.45 23.03
C ASP N 41 109.93 3.10 23.55
N ASP N 42 110.68 2.05 23.22
CA ASP N 42 110.39 0.69 23.69
C ASP N 42 109.05 0.18 23.18
N ASN N 43 108.87 0.26 21.87
CA ASN N 43 107.64 -0.19 21.19
C ASN N 43 106.39 0.48 21.78
N LYS N 44 106.40 1.81 21.70
CA LYS N 44 105.29 2.64 22.13
C LYS N 44 104.77 3.35 20.88
N PRO N 45 103.63 2.95 20.30
CA PRO N 45 103.15 3.67 19.12
C PRO N 45 103.03 5.17 19.38
N LEU N 46 103.55 5.97 18.45
CA LEU N 46 103.59 7.42 18.61
C LEU N 46 102.40 8.07 17.94
N VAL N 47 101.71 8.93 18.69
CA VAL N 47 100.59 9.72 18.20
C VAL N 47 101.10 11.15 18.09
N TYR N 48 100.63 11.87 17.08
CA TYR N 48 101.05 13.25 16.86
C TYR N 48 100.08 14.23 17.51
N GLU N 49 100.63 15.25 18.12
CA GLU N 49 99.86 16.28 18.81
C GLU N 49 99.28 17.23 17.76
N PRO N 50 98.48 18.23 18.17
CA PRO N 50 97.90 19.13 17.14
C PRO N 50 98.85 20.24 16.72
N GLY N 51 99.81 19.88 15.88
CA GLY N 51 100.78 20.80 15.31
C GLY N 51 101.10 20.37 13.91
N LEU N 52 102.05 21.08 13.28
CA LEU N 52 102.46 20.73 11.93
C LEU N 52 103.45 19.57 11.96
N HIS N 53 103.34 18.67 10.98
CA HIS N 53 104.21 17.52 10.88
C HIS N 53 104.55 17.25 9.42
N PHE N 54 105.68 16.59 9.19
CA PHE N 54 106.16 16.27 7.85
C PHE N 54 106.24 14.77 7.67
N LYS N 55 105.75 14.28 6.52
CA LYS N 55 105.75 12.87 6.17
C LYS N 55 106.34 12.72 4.78
N ILE N 56 107.22 11.73 4.61
CA ILE N 56 107.81 11.44 3.30
C ILE N 56 106.64 11.17 2.35
N PRO N 57 106.41 11.96 1.29
CA PRO N 57 105.24 11.71 0.43
C PRO N 57 105.21 10.31 -0.17
N PHE N 58 104.04 9.69 -0.11
CA PHE N 58 103.72 8.37 -0.67
C PHE N 58 104.30 7.21 0.13
N ILE N 59 105.08 7.46 1.17
CA ILE N 59 105.69 6.41 1.98
C ILE N 59 104.99 6.25 3.32
N GLU N 60 104.64 7.36 3.96
CA GLU N 60 103.96 7.36 5.24
C GLU N 60 102.48 7.64 5.06
N THR N 61 101.64 6.95 5.84
CA THR N 61 100.20 7.14 5.82
C THR N 61 99.77 7.49 7.23
N VAL N 62 98.85 8.45 7.35
CA VAL N 62 98.37 8.95 8.63
C VAL N 62 96.89 8.64 8.80
N LYS N 63 96.54 8.16 10.00
CA LYS N 63 95.16 7.87 10.39
C LYS N 63 94.79 8.87 11.46
N MET N 64 93.74 9.65 11.21
CA MET N 64 93.31 10.71 12.12
C MET N 64 92.18 10.21 13.01
N LEU N 65 92.47 10.08 14.31
CA LEU N 65 91.51 9.63 15.31
C LEU N 65 91.08 10.80 16.17
N ASP N 66 89.78 11.07 16.19
CA ASP N 66 89.22 12.17 16.97
C ASP N 66 89.35 11.90 18.46
N ALA N 67 89.69 12.94 19.22
CA ALA N 67 89.86 12.83 20.67
C ALA N 67 88.70 13.43 21.45
N ARG N 68 87.70 13.98 20.76
CA ARG N 68 86.52 14.52 21.40
C ARG N 68 85.63 13.37 21.85
N ILE N 69 84.85 13.61 22.91
CA ILE N 69 83.97 12.57 23.42
C ILE N 69 82.90 12.29 22.37
N GLN N 70 82.70 11.01 22.07
CA GLN N 70 81.74 10.56 21.08
C GLN N 70 80.43 10.17 21.78
N THR N 71 79.32 10.39 21.08
CA THR N 71 78.00 10.12 21.61
C THR N 71 77.39 8.94 20.88
N MET N 72 76.98 7.93 21.64
CA MET N 72 76.35 6.72 21.13
C MET N 72 74.98 6.60 21.78
N ASP N 73 73.93 6.60 20.97
CA ASP N 73 72.57 6.50 21.45
C ASP N 73 72.03 5.10 21.18
N ASN N 74 71.21 4.60 22.10
CA ASN N 74 70.60 3.28 21.99
C ASN N 74 69.13 3.44 21.67
N GLN N 75 68.66 2.71 20.66
CA GLN N 75 67.26 2.77 20.29
C GLN N 75 66.41 2.06 21.35
N ALA N 76 65.10 2.14 21.18
CA ALA N 76 64.17 1.48 22.08
C ALA N 76 64.39 -0.03 22.06
N ASP N 77 64.46 -0.64 23.23
CA ASP N 77 64.67 -2.07 23.35
C ASP N 77 63.95 -2.57 24.60
N ARG N 78 63.64 -3.86 24.60
CA ARG N 78 62.90 -4.50 25.69
C ARG N 78 63.85 -5.21 26.64
N PHE N 79 63.64 -4.99 27.94
CA PHE N 79 64.43 -5.60 29.01
C PHE N 79 63.48 -6.26 29.99
N VAL N 80 63.95 -7.31 30.66
CA VAL N 80 63.16 -8.08 31.61
C VAL N 80 63.70 -7.77 33.01
N THR N 81 62.81 -7.32 33.89
CA THR N 81 63.16 -6.96 35.26
C THR N 81 63.14 -8.21 36.14
N LYS N 82 63.27 -8.01 37.46
CA LYS N 82 63.25 -9.12 38.39
C LYS N 82 61.86 -9.73 38.52
N GLU N 83 60.81 -8.94 38.30
CA GLU N 83 59.42 -9.41 38.37
C GLU N 83 58.82 -9.65 36.99
N LYS N 84 59.66 -9.92 35.98
CA LYS N 84 59.22 -10.18 34.62
C LYS N 84 58.51 -9.00 33.99
N LYS N 85 58.71 -7.79 34.51
CA LYS N 85 58.05 -6.59 33.97
C LYS N 85 58.83 -6.10 32.76
N ASP N 86 58.23 -6.18 31.57
CA ASP N 86 58.90 -5.71 30.38
C ASP N 86 58.92 -4.18 30.37
N LEU N 87 60.10 -3.61 30.13
CA LEU N 87 60.29 -2.17 30.08
C LEU N 87 60.98 -1.77 28.78
N ILE N 88 60.73 -0.54 28.35
CA ILE N 88 61.35 0.03 27.15
C ILE N 88 62.20 1.19 27.61
N VAL N 89 63.51 1.09 27.41
CA VAL N 89 64.47 2.08 27.87
C VAL N 89 65.23 2.68 26.69
N ASP N 90 65.34 4.01 26.68
CA ASP N 90 66.10 4.75 25.68
C ASP N 90 67.27 5.36 26.44
N SER N 91 68.50 5.05 26.00
CA SER N 91 69.68 5.52 26.70
C SER N 91 70.80 5.86 25.72
N TYR N 92 71.70 6.74 26.18
CA TYR N 92 72.86 7.17 25.42
C TYR N 92 74.08 7.05 26.32
N ILE N 93 75.23 6.85 25.70
CA ILE N 93 76.50 6.69 26.39
C ILE N 93 77.52 7.66 25.82
N LYS N 94 78.42 8.14 26.68
CA LYS N 94 79.48 9.06 26.30
C LYS N 94 80.82 8.42 26.62
N TRP N 95 81.70 8.36 25.62
CA TRP N 95 83.02 7.77 25.77
C TRP N 95 84.06 8.58 25.00
N ARG N 96 85.31 8.41 25.40
CA ARG N 96 86.44 9.09 24.76
C ARG N 96 87.53 8.06 24.45
N ILE N 97 88.27 8.30 23.38
CA ILE N 97 89.36 7.41 23.01
C ILE N 97 90.53 7.66 23.96
N SER N 98 90.92 6.62 24.70
CA SER N 98 92.01 6.73 25.66
C SER N 98 93.35 6.33 25.04
N ASP N 99 93.41 5.19 24.37
CA ASP N 99 94.61 4.71 23.72
C ASP N 99 94.32 4.70 22.22
N PHE N 100 94.73 5.77 21.53
CA PHE N 100 94.50 5.88 20.10
C PHE N 100 95.09 4.69 19.35
N SER N 101 96.26 4.22 19.77
CA SER N 101 96.89 3.07 19.15
C SER N 101 96.08 1.79 19.37
N ARG N 102 95.72 1.53 20.63
CA ARG N 102 94.98 0.31 20.97
C ARG N 102 93.64 0.24 20.26
N TYR N 103 92.90 1.34 20.25
CA TYR N 103 91.60 1.37 19.59
C TYR N 103 91.74 1.08 18.10
N TYR N 104 92.73 1.71 17.46
CA TYR N 104 92.96 1.52 16.02
C TYR N 104 93.21 0.06 15.68
N LEU N 105 93.95 -0.67 16.52
CA LEU N 105 94.27 -2.07 16.20
C LEU N 105 93.05 -2.97 16.34
N ALA N 106 92.47 -3.03 17.54
CA ALA N 106 91.27 -3.82 17.79
C ALA N 106 90.19 -3.51 16.76
N THR N 107 89.77 -2.24 16.73
CA THR N 107 88.77 -1.76 15.78
C THR N 107 89.48 -1.31 14.50
N GLY N 108 90.04 -2.30 13.81
CA GLY N 108 90.79 -2.11 12.58
C GLY N 108 90.16 -1.14 11.59
N GLY N 109 90.91 -0.09 11.27
CA GLY N 109 90.47 0.95 10.38
C GLY N 109 89.86 2.15 11.07
N GLY N 110 90.07 2.29 12.38
CA GLY N 110 89.54 3.38 13.20
C GLY N 110 88.10 3.78 12.89
N ASP N 111 87.20 2.80 12.93
CA ASP N 111 85.79 3.02 12.66
C ASP N 111 85.01 3.05 13.98
N ILE N 112 84.30 4.16 14.21
CA ILE N 112 83.50 4.33 15.42
C ILE N 112 82.48 3.21 15.58
N SER N 113 81.97 2.67 14.47
CA SER N 113 80.96 1.61 14.51
C SER N 113 81.42 0.41 15.32
N GLN N 114 82.61 -0.12 15.02
CA GLN N 114 83.11 -1.29 15.74
C GLN N 114 83.21 -1.03 17.24
N ALA N 115 83.68 0.16 17.63
CA ALA N 115 83.77 0.48 19.05
C ALA N 115 82.38 0.54 19.67
N GLU N 116 81.42 1.14 18.97
CA GLU N 116 80.06 1.21 19.46
C GLU N 116 79.43 -0.17 19.57
N VAL N 117 79.64 -1.01 18.56
CA VAL N 117 79.10 -2.37 18.58
C VAL N 117 79.62 -3.13 19.79
N LEU N 118 80.94 -3.13 19.98
CA LEU N 118 81.53 -3.83 21.12
C LEU N 118 80.99 -3.29 22.43
N LEU N 119 80.88 -1.96 22.54
CA LEU N 119 80.33 -1.36 23.75
C LEU N 119 78.87 -1.74 23.94
N LYS N 120 78.10 -1.80 22.84
CA LYS N 120 76.70 -2.15 22.93
C LYS N 120 76.50 -3.55 23.49
N ARG N 121 77.24 -4.53 22.97
CA ARG N 121 77.13 -5.90 23.47
C ARG N 121 77.48 -5.95 24.95
N LYS N 122 78.59 -5.31 25.35
CA LYS N 122 78.97 -5.29 26.75
C LYS N 122 77.94 -4.52 27.57
N PHE N 123 77.54 -3.34 27.08
CA PHE N 123 76.53 -2.55 27.77
C PHE N 123 75.24 -3.35 27.94
N SER N 124 74.73 -3.91 26.85
CA SER N 124 73.52 -4.74 26.91
C SER N 124 73.69 -5.88 27.91
N ASP N 125 74.77 -6.64 27.77
CA ASP N 125 75.04 -7.75 28.69
C ASP N 125 75.05 -7.29 30.14
N ARG N 126 75.85 -6.26 30.43
CA ARG N 126 75.91 -5.72 31.79
C ARG N 126 74.54 -5.20 32.22
N LEU N 127 73.89 -4.42 31.35
CA LEU N 127 72.59 -3.86 31.67
C LEU N 127 71.55 -4.94 31.89
N ARG N 128 71.51 -5.95 31.01
CA ARG N 128 70.56 -7.05 31.17
C ARG N 128 70.72 -7.74 32.53
N SER N 129 71.97 -7.97 32.94
CA SER N 129 72.22 -8.60 34.22
C SER N 129 71.72 -7.75 35.37
N GLU N 130 71.98 -6.44 35.33
CA GLU N 130 71.58 -5.54 36.41
C GLU N 130 70.06 -5.47 36.51
N ILE N 131 69.37 -5.16 35.40
CA ILE N 131 67.91 -5.08 35.42
C ILE N 131 67.29 -6.38 35.90
N GLY N 132 67.92 -7.52 35.59
CA GLY N 132 67.37 -8.80 36.04
C GLY N 132 67.28 -8.90 37.55
N ARG N 133 68.27 -8.34 38.26
CA ARG N 133 68.31 -8.36 39.71
C ARG N 133 67.60 -7.18 40.35
N LEU N 134 67.12 -6.22 39.57
CA LEU N 134 66.47 -5.02 40.07
C LEU N 134 64.96 -5.05 39.85
N ASP N 135 64.26 -4.28 40.68
CA ASP N 135 62.81 -4.15 40.65
C ASP N 135 62.43 -2.94 39.81
N VAL N 136 61.22 -2.99 39.24
CA VAL N 136 60.72 -1.89 38.39
C VAL N 136 60.80 -0.56 39.14
N LYS N 137 60.47 -0.55 40.43
CA LYS N 137 60.54 0.69 41.19
C LYS N 137 61.99 1.16 41.35
N ASP N 138 62.91 0.23 41.60
CA ASP N 138 64.32 0.58 41.74
C ASP N 138 64.94 1.03 40.42
N ILE N 139 64.27 0.81 39.29
CA ILE N 139 64.81 1.21 38.00
C ILE N 139 64.29 2.58 37.57
N VAL N 140 63.12 2.99 38.08
CA VAL N 140 62.52 4.29 37.75
C VAL N 140 62.84 5.36 38.79
N THR N 141 63.11 4.96 40.03
CA THR N 141 63.41 5.91 41.10
C THR N 141 64.89 6.27 41.18
N ASP N 142 65.77 5.47 40.57
CA ASP N 142 67.20 5.74 40.60
C ASP N 142 67.50 7.12 40.03
N SER N 143 68.05 7.99 40.88
CA SER N 143 68.39 9.36 40.54
C SER N 143 69.87 9.67 40.73
N ARG N 144 70.66 8.74 41.27
CA ARG N 144 72.08 8.91 41.53
C ARG N 144 72.95 8.13 40.56
N GLY N 145 72.36 7.68 39.45
CA GLY N 145 73.09 6.88 38.46
C GLY N 145 73.88 5.73 39.06
N ARG N 146 73.27 5.01 40.00
CA ARG N 146 73.93 3.87 40.63
C ARG N 146 74.18 2.77 39.60
N LEU N 147 73.12 2.37 38.89
CA LEU N 147 73.25 1.34 37.87
C LEU N 147 74.14 1.82 36.73
N THR N 148 73.97 3.08 36.30
CA THR N 148 74.77 3.60 35.21
C THR N 148 76.24 3.68 35.62
N LEU N 149 76.52 4.09 36.85
CA LEU N 149 77.89 4.19 37.31
C LEU N 149 78.52 2.81 37.46
N GLU N 150 77.78 1.87 38.07
CA GLU N 150 78.30 0.52 38.24
C GLU N 150 78.56 -0.13 36.87
N VAL N 151 77.59 -0.03 35.95
CA VAL N 151 77.79 -0.55 34.61
C VAL N 151 78.98 0.14 33.95
N ARG N 152 79.10 1.46 34.15
CA ARG N 152 80.23 2.20 33.61
C ARG N 152 81.52 1.74 34.27
N ASP N 153 81.49 1.52 35.59
CA ASP N 153 82.65 1.00 36.30
C ASP N 153 83.06 -0.36 35.72
N ALA N 154 82.07 -1.21 35.45
CA ALA N 154 82.34 -2.52 34.88
C ALA N 154 82.89 -2.38 33.47
N LEU N 155 82.29 -1.49 32.67
CA LEU N 155 82.78 -1.28 31.30
C LEU N 155 84.19 -0.70 31.32
N ASN N 156 84.48 0.18 32.27
CA ASN N 156 85.82 0.76 32.33
C ASN N 156 86.82 -0.25 32.87
N SER N 157 86.44 -0.98 33.93
CA SER N 157 87.28 -2.03 34.52
C SER N 157 86.39 -3.25 34.67
N GLY N 158 86.74 -4.32 33.96
CA GLY N 158 85.96 -5.54 33.96
C GLY N 158 86.26 -6.49 35.09
N SER N 159 85.96 -7.77 34.84
CA SER N 159 86.20 -8.86 35.77
C SER N 159 87.03 -9.92 35.05
N ALA N 160 87.42 -10.95 35.80
CA ALA N 160 88.22 -12.04 35.25
C ALA N 160 88.29 -13.21 36.22
N PRO N 191 96.82 -3.72 37.90
CA PRO N 191 97.00 -3.08 36.59
C PRO N 191 96.42 -3.89 35.43
N VAL N 192 96.24 -5.21 35.64
CA VAL N 192 95.67 -6.09 34.64
C VAL N 192 94.41 -5.49 34.04
N ILE N 193 94.35 -5.48 32.70
CA ILE N 193 93.22 -4.93 31.96
C ILE N 193 92.39 -6.11 31.47
N ASN N 194 91.27 -6.35 32.16
CA ASN N 194 90.35 -7.43 31.80
C ASN N 194 90.01 -7.38 30.31
N PRO N 195 89.97 -8.52 29.60
CA PRO N 195 89.69 -8.45 28.16
C PRO N 195 88.25 -8.09 27.83
N ASN N 196 87.32 -8.22 28.77
CA ASN N 196 85.93 -7.84 28.55
C ASN N 196 85.66 -6.38 28.91
N SER N 197 86.69 -5.63 29.26
CA SER N 197 86.59 -4.23 29.66
C SER N 197 86.87 -3.30 28.48
N MET N 198 86.30 -2.10 28.56
CA MET N 198 86.56 -1.11 27.52
C MET N 198 87.96 -0.55 27.64
N ALA N 199 88.67 -0.82 28.73
CA ALA N 199 90.05 -0.37 28.87
C ALA N 199 90.98 -1.20 28.00
N ALA N 200 90.61 -2.46 27.72
CA ALA N 200 91.40 -3.29 26.81
C ALA N 200 91.47 -2.64 25.43
N LEU N 201 90.42 -1.92 25.07
CA LEU N 201 90.33 -1.16 23.84
C LEU N 201 90.69 0.27 24.17
N GLY N 202 90.84 1.11 23.15
CA GLY N 202 91.16 2.49 23.39
C GLY N 202 89.87 3.27 23.59
N ILE N 203 89.12 2.92 24.64
CA ILE N 203 87.85 3.56 24.96
C ILE N 203 87.78 3.79 26.46
N GLU N 204 87.13 4.89 26.85
CA GLU N 204 86.91 5.24 28.24
C GLU N 204 85.50 5.81 28.33
N VAL N 205 84.58 5.10 28.97
CA VAL N 205 83.20 5.56 29.08
C VAL N 205 83.16 6.64 30.15
N VAL N 206 83.14 7.90 29.72
CA VAL N 206 83.11 9.00 30.68
C VAL N 206 81.76 9.07 31.40
N ASP N 207 80.68 8.66 30.74
CA ASP N 207 79.37 8.75 31.37
C ASP N 207 78.40 7.79 30.68
N VAL N 208 77.34 7.45 31.40
CA VAL N 208 76.27 6.59 30.93
C VAL N 208 74.97 7.15 31.51
N ARG N 209 73.97 7.35 30.66
CA ARG N 209 72.71 7.93 31.09
C ARG N 209 71.55 7.37 30.29
N ILE N 210 70.37 7.41 30.91
CA ILE N 210 69.12 6.90 30.34
C ILE N 210 68.24 8.11 30.04
N LYS N 211 67.91 8.30 28.76
CA LYS N 211 67.12 9.46 28.35
C LYS N 211 65.66 9.34 28.77
N GLN N 212 65.00 8.25 28.39
CA GLN N 212 63.58 8.07 28.72
C GLN N 212 63.24 6.59 28.82
N ILE N 213 62.63 6.21 29.94
CA ILE N 213 62.25 4.83 30.20
C ILE N 213 60.75 4.73 29.88
N ASN N 214 60.44 4.34 28.65
CA ASN N 214 59.04 4.20 28.24
C ASN N 214 58.53 2.86 28.75
N LEU N 215 57.30 2.49 28.35
CA LEU N 215 56.70 1.23 28.77
C LEU N 215 56.02 0.52 27.60
N PRO N 216 55.51 -0.69 27.79
CA PRO N 216 54.81 -1.37 26.69
C PRO N 216 53.39 -0.83 26.52
N THR N 217 52.85 -1.05 25.32
CA THR N 217 51.51 -0.57 25.00
C THR N 217 50.44 -1.21 25.89
N GLU N 218 50.59 -2.50 26.20
CA GLU N 218 49.59 -3.17 27.04
C GLU N 218 49.71 -2.72 28.49
N VAL N 219 50.94 -2.66 29.02
CA VAL N 219 51.13 -2.21 30.41
C VAL N 219 50.63 -0.78 30.58
N SER N 220 50.82 0.05 29.55
CA SER N 220 50.35 1.43 29.63
C SER N 220 48.84 1.51 29.56
N GLU N 221 48.19 0.57 28.86
CA GLU N 221 46.74 0.57 28.76
C GLU N 221 46.09 0.25 30.09
N ALA N 222 46.74 -0.55 30.93
CA ALA N 222 46.19 -0.89 32.23
C ALA N 222 46.36 0.26 33.22
N ILE N 223 47.40 1.06 33.05
CA ILE N 223 47.60 2.21 33.94
C ILE N 223 46.54 3.28 33.66
N TYR N 224 46.26 3.53 32.38
CA TYR N 224 45.25 4.53 32.02
C TYR N 224 43.88 4.12 32.54
N ASN N 225 43.53 2.84 32.41
CA ASN N 225 42.23 2.37 32.89
C ASN N 225 42.11 2.59 34.39
N ARG N 226 43.18 2.34 35.14
CA ARG N 226 43.15 2.56 36.58
C ARG N 226 42.93 4.04 36.88
N MET N 227 43.67 4.92 36.20
CA MET N 227 43.51 6.35 36.41
C MET N 227 42.12 6.81 35.96
N ARG N 228 41.64 6.30 34.82
CA ARG N 228 40.32 6.67 34.35
C ARG N 228 39.25 6.17 35.32
N ALA N 229 39.42 4.95 35.84
CA ALA N 229 38.47 4.41 36.81
C ALA N 229 38.46 5.26 38.08
N GLU N 230 39.64 5.70 38.53
CA GLU N 230 39.73 6.52 39.73
C GLU N 230 39.00 7.84 39.53
N ARG N 231 39.16 8.47 38.36
CA ARG N 231 38.47 9.72 38.09
C ARG N 231 36.96 9.52 38.09
N GLU N 232 36.49 8.41 37.51
CA GLU N 232 35.07 8.12 37.52
C GLU N 232 34.53 7.98 38.93
N ALA N 233 35.32 7.35 39.82
CA ALA N 233 34.91 7.20 41.21
C ALA N 233 34.69 8.56 41.86
N VAL N 234 35.63 9.49 41.66
CA VAL N 234 35.49 10.83 42.21
C VAL N 234 34.28 11.51 41.58
N ALA N 235 34.14 11.39 40.26
CA ALA N 235 33.00 11.99 39.57
C ALA N 235 31.69 11.39 40.07
N ARG N 236 31.66 10.06 40.25
CA ARG N 236 30.46 9.40 40.74
C ARG N 236 30.15 9.84 42.17
N ARG N 237 31.19 10.00 42.99
CA ARG N 237 31.00 10.42 44.37
C ARG N 237 30.34 11.79 44.43
N HIS N 238 30.83 12.75 43.65
CA HIS N 238 30.24 14.08 43.64
C HIS N 238 28.80 14.04 43.15
N ARG N 239 28.55 13.34 42.04
CA ARG N 239 27.19 13.24 41.53
C ARG N 239 26.30 12.48 42.50
N SER N 240 26.82 11.40 43.10
CA SER N 240 26.04 10.66 44.09
C SER N 240 25.80 11.53 45.31
N GLN N 241 26.80 12.29 45.74
CA GLN N 241 26.66 13.20 46.86
C GLN N 241 25.58 14.24 46.57
N GLY N 242 25.64 14.84 45.37
CA GLY N 242 24.62 15.81 44.99
C GLY N 242 23.22 15.21 45.01
N GLN N 243 23.08 13.99 44.49
CA GLN N 243 21.78 13.33 44.51
C GLN N 243 21.34 13.05 45.94
N GLU N 244 22.29 12.70 46.81
CA GLU N 244 21.96 12.47 48.22
C GLU N 244 21.41 13.74 48.84
N GLU N 245 22.13 14.87 48.64
CA GLU N 245 21.66 16.15 49.15
C GLU N 245 20.33 16.54 48.52
N ALA N 246 20.22 16.34 47.20
CA ALA N 246 18.98 16.67 46.50
C ALA N 246 17.81 15.87 47.05
N GLU N 247 18.00 14.56 47.26
CA GLU N 247 16.92 13.73 47.79
C GLU N 247 16.53 14.19 49.19
N LYS N 248 17.52 14.54 50.02
CA LYS N 248 17.23 15.02 51.36
C LYS N 248 16.39 16.30 51.32
N LEU N 249 16.76 17.24 50.45
CA LEU N 249 15.99 18.47 50.33
C LEU N 249 14.57 18.18 49.88
N ARG N 250 14.41 17.27 48.91
CA ARG N 250 13.08 16.90 48.44
C ARG N 250 12.27 16.25 49.55
N ALA N 251 12.93 15.45 50.40
CA ALA N 251 12.24 14.75 51.48
C ALA N 251 11.61 15.74 52.46
N THR N 252 12.39 16.73 52.92
CA THR N 252 11.85 17.71 53.86
C THR N 252 10.74 18.54 53.21
N ALA N 253 10.87 18.82 51.91
CA ALA N 253 9.84 19.59 51.21
C ALA N 253 8.49 18.88 51.24
N ASP N 254 8.48 17.57 50.99
CA ASP N 254 7.24 16.82 51.01
C ASP N 254 6.60 16.84 52.39
N TYR N 255 7.43 16.75 53.45
CA TYR N 255 6.91 16.80 54.81
C TYR N 255 6.21 18.13 55.08
N GLU N 256 6.82 19.23 54.66
CA GLU N 256 6.22 20.55 54.86
C GLU N 256 4.90 20.66 54.11
N VAL N 257 4.85 20.14 52.87
CA VAL N 257 3.62 20.18 52.09
C VAL N 257 2.51 19.43 52.81
N THR N 258 2.82 18.23 53.30
CA THR N 258 1.83 17.46 54.03
C THR N 258 1.40 18.17 55.30
N ARG N 259 2.35 18.78 56.01
CA ARG N 259 2.03 19.51 57.23
C ARG N 259 1.08 20.67 56.93
N THR N 260 1.39 21.45 55.90
CA THR N 260 0.52 22.57 55.53
C THR N 260 -0.85 22.08 55.10
N LEU N 261 -0.89 21.03 54.27
CA LEU N 261 -2.16 20.48 53.82
C LEU N 261 -2.95 19.92 55.00
N ALA N 262 -2.25 19.27 55.95
CA ALA N 262 -2.94 18.71 57.11
C ALA N 262 -3.56 19.81 57.96
N GLU N 263 -2.84 20.91 58.15
CA GLU N 263 -3.37 22.03 58.92
C GLU N 263 -4.63 22.58 58.27
N ALA N 264 -4.60 22.76 56.94
CA ALA N 264 -5.76 23.26 56.23
C ALA N 264 -6.96 22.32 56.38
N GLU N 265 -6.71 21.01 56.31
CA GLU N 265 -7.80 20.05 56.46
C GLU N 265 -8.38 20.12 57.87
N ARG N 266 -7.53 20.34 58.87
CA ARG N 266 -8.02 20.48 60.24
C ARG N 266 -8.97 21.67 60.35
N GLN N 267 -8.56 22.82 59.78
CA GLN N 267 -9.40 24.00 59.80
C GLN N 267 -10.68 23.76 59.02
N GLY N 268 -10.57 23.11 57.86
CA GLY N 268 -11.75 22.82 57.06
C GLY N 268 -12.69 21.86 57.75
N ARG N 269 -12.15 20.87 58.45
CA ARG N 269 -12.99 19.93 59.17
C ARG N 269 -13.79 20.63 60.26
N ILE N 270 -13.18 21.61 60.93
CA ILE N 270 -13.87 22.36 61.97
C ILE N 270 -15.10 23.05 61.41
N MET N 271 -14.94 23.69 60.24
CA MET N 271 -16.08 24.36 59.61
C MET N 271 -17.19 23.37 59.27
N ARG N 272 -16.81 22.20 58.74
CA ARG N 272 -17.80 21.19 58.40
C ARG N 272 -18.60 20.76 59.62
N GLY N 273 -17.93 20.60 60.77
CA GLY N 273 -18.63 20.23 61.99
C GLY N 273 -19.65 21.27 62.40
N GLU N 274 -19.30 22.56 62.28
CA GLU N 274 -20.22 23.62 62.64
C GLU N 274 -21.50 23.57 61.79
N GLY N 275 -21.34 23.41 60.48
CA GLY N 275 -22.51 23.33 59.61
C GLY N 275 -23.40 22.16 59.95
N ASP N 276 -22.80 20.99 60.20
CA ASP N 276 -23.59 19.82 60.57
C ASP N 276 -24.28 20.04 61.92
N ALA N 277 -23.57 20.63 62.87
CA ALA N 277 -24.15 20.91 64.18
C ALA N 277 -25.29 21.92 64.07
N GLU N 278 -25.07 22.99 63.30
CA GLU N 278 -26.11 24.01 63.13
C GLU N 278 -27.33 23.42 62.45
N ALA N 279 -27.13 22.61 61.41
CA ALA N 279 -28.24 22.00 60.71
C ALA N 279 -28.99 21.04 61.63
N ALA N 280 -28.26 20.32 62.49
CA ALA N 280 -28.89 19.40 63.42
C ALA N 280 -29.81 20.13 64.39
N LYS N 281 -29.45 21.36 64.79
CA LYS N 281 -30.28 22.13 65.69
C LYS N 281 -31.65 22.39 65.07
N LEU N 282 -31.67 22.86 63.82
CA LEU N 282 -32.93 23.11 63.15
C LEU N 282 -33.71 21.81 62.98
N PHE N 283 -33.03 20.75 62.55
CA PHE N 283 -33.67 19.44 62.42
C PHE N 283 -34.27 19.00 63.75
N ALA N 284 -33.52 19.16 64.83
CA ALA N 284 -34.00 18.77 66.16
C ALA N 284 -35.25 19.55 66.53
N ASP N 285 -35.28 20.85 66.23
CA ASP N 285 -36.44 21.68 66.55
C ASP N 285 -37.59 21.49 65.57
N ALA N 286 -37.28 21.17 64.31
CA ALA N 286 -38.30 21.00 63.28
C ALA N 286 -38.81 19.56 63.16
N PHE N 287 -37.90 18.59 63.10
CA PHE N 287 -38.33 17.20 62.95
C PHE N 287 -38.98 16.68 64.22
N SER N 288 -38.71 17.30 65.38
CA SER N 288 -39.34 16.89 66.63
C SER N 288 -40.84 17.17 66.61
N LYS N 289 -41.28 18.09 65.76
CA LYS N 289 -42.71 18.39 65.64
C LYS N 289 -43.48 17.14 65.24
N ASP N 290 -42.94 16.36 64.29
CA ASP N 290 -43.60 15.16 63.78
C ASP N 290 -42.54 14.16 63.36
N PRO N 291 -41.85 13.53 64.32
CA PRO N 291 -40.80 12.57 63.96
C PRO N 291 -41.33 11.25 63.44
N ASP N 292 -42.58 10.91 63.73
CA ASP N 292 -43.13 9.65 63.21
C ASP N 292 -43.41 9.77 61.72
N PHE N 293 -44.08 10.85 61.31
CA PHE N 293 -44.34 11.06 59.89
C PHE N 293 -43.05 11.40 59.15
N TYR N 294 -42.12 12.07 59.82
CA TYR N 294 -40.83 12.38 59.20
C TYR N 294 -40.12 11.09 58.79
N ALA N 295 -39.97 10.16 59.74
CA ALA N 295 -39.32 8.89 59.44
C ALA N 295 -40.13 8.11 58.41
N PHE N 296 -41.46 8.28 58.42
CA PHE N 296 -42.31 7.65 57.42
C PHE N 296 -41.89 8.10 56.02
N ILE N 297 -41.89 9.42 55.79
CA ILE N 297 -41.51 9.97 54.50
C ILE N 297 -39.99 9.94 54.30
N ARG N 298 -39.20 9.94 55.38
CA ARG N 298 -37.75 9.90 55.24
C ARG N 298 -37.27 8.49 54.91
N SER N 299 -37.83 7.48 55.57
CA SER N 299 -37.46 6.11 55.24
C SER N 299 -37.99 5.77 53.86
N LEU N 300 -39.20 6.23 53.53
CA LEU N 300 -39.76 6.04 52.20
C LEU N 300 -38.87 6.72 51.16
N ARG N 301 -38.33 7.89 51.49
CA ARG N 301 -37.45 8.62 50.57
C ARG N 301 -36.17 7.84 50.29
N ALA N 302 -35.62 7.18 51.30
CA ALA N 302 -34.40 6.39 51.13
C ALA N 302 -34.63 5.31 50.08
N TYR N 303 -35.82 4.73 50.06
CA TYR N 303 -36.12 3.66 49.10
C TYR N 303 -36.10 4.22 47.68
N GLU N 304 -36.72 5.38 47.48
CA GLU N 304 -36.79 6.00 46.16
C GLU N 304 -35.40 6.30 45.59
N ASN N 305 -34.40 6.51 46.45
CA ASN N 305 -33.05 6.82 46.01
C ASN N 305 -32.15 5.59 45.96
N SER N 306 -32.20 4.74 46.97
CA SER N 306 -31.34 3.55 46.99
C SER N 306 -31.79 2.50 45.97
N PHE N 307 -33.02 2.01 46.10
CA PHE N 307 -33.58 0.99 45.22
C PHE N 307 -33.58 1.35 43.73
N SER N 308 -33.37 2.62 43.38
CA SER N 308 -33.39 3.09 41.99
C SER N 308 -32.59 2.20 41.04
N GLY N 309 -31.51 1.57 41.52
CA GLY N 309 -30.71 0.71 40.66
C GLY N 309 -31.48 -0.56 40.30
N ASN N 310 -31.46 -0.91 39.02
CA ASN N 310 -32.20 -2.08 38.55
C ASN N 310 -31.68 -3.36 39.19
N GLN N 311 -30.38 -3.43 39.48
CA GLN N 311 -29.80 -4.59 40.15
C GLN N 311 -30.53 -4.89 41.46
N ASP N 312 -31.04 -3.86 42.13
CA ASP N 312 -31.76 -4.01 43.38
C ASP N 312 -33.16 -4.52 43.07
N VAL N 313 -33.49 -5.70 43.62
CA VAL N 313 -34.77 -6.35 43.37
C VAL N 313 -35.46 -6.62 44.70
N MET N 314 -36.79 -6.70 44.66
CA MET N 314 -37.63 -6.95 45.81
C MET N 314 -38.56 -8.14 45.51
N VAL N 315 -39.03 -8.78 46.57
CA VAL N 315 -39.91 -9.94 46.47
C VAL N 315 -41.18 -9.63 47.25
N MET N 316 -42.33 -9.77 46.57
CA MET N 316 -43.64 -9.50 47.13
C MET N 316 -44.52 -10.73 46.90
N SER N 317 -45.82 -10.63 47.20
CA SER N 317 -46.74 -11.74 47.08
C SER N 317 -48.13 -11.20 46.80
N PRO N 318 -49.01 -11.99 46.17
CA PRO N 318 -50.36 -11.48 45.86
C PRO N 318 -51.17 -11.07 47.09
N ASP N 319 -50.77 -11.47 48.29
CA ASP N 319 -51.44 -11.08 49.53
C ASP N 319 -50.50 -10.27 50.40
N SER N 320 -49.53 -9.59 49.78
CA SER N 320 -48.59 -8.76 50.50
C SER N 320 -49.28 -7.52 51.05
N ASP N 321 -48.54 -6.80 51.89
CA ASP N 321 -49.01 -5.55 52.47
C ASP N 321 -49.58 -4.60 51.40
N PHE N 322 -48.77 -4.28 50.40
CA PHE N 322 -49.20 -3.38 49.33
C PHE N 322 -50.22 -4.05 48.41
N PHE N 323 -50.06 -5.35 48.18
CA PHE N 323 -50.92 -6.11 47.29
C PHE N 323 -52.13 -6.68 48.03
N ARG N 324 -52.94 -5.77 48.57
CA ARG N 324 -54.16 -6.09 49.29
C ARG N 324 -55.39 -5.95 48.41
N TYR N 325 -55.27 -5.32 47.25
CA TYR N 325 -56.36 -5.13 46.30
C TYR N 325 -56.13 -5.88 45.00
N MET N 326 -55.16 -6.80 44.97
CA MET N 326 -54.87 -7.62 43.81
C MET N 326 -55.87 -8.75 43.63
N LYS N 327 -56.79 -8.94 44.58
CA LYS N 327 -57.80 -10.00 44.54
C LYS N 327 -59.17 -9.36 44.40
N THR N 328 -60.12 -10.17 43.89
CA THR N 328 -61.50 -9.78 43.63
C THR N 328 -62.09 -8.96 44.77
N PRO N 329 -62.78 -7.83 44.49
CA PRO N 329 -63.34 -7.10 45.63
C PRO N 329 -64.64 -7.70 46.15
N ARG O 79 124.37 -4.98 -27.72
CA ARG O 79 123.73 -3.98 -26.87
C ARG O 79 122.21 -4.16 -26.87
N VAL O 80 121.65 -4.61 -27.99
CA VAL O 80 120.22 -4.82 -28.08
C VAL O 80 119.77 -5.95 -27.16
N VAL O 81 120.61 -6.97 -26.98
CA VAL O 81 120.26 -8.09 -26.12
C VAL O 81 120.17 -7.63 -24.65
N THR O 82 121.05 -6.72 -24.25
CA THR O 82 121.04 -6.23 -22.87
C THR O 82 119.74 -5.50 -22.54
N ILE O 83 119.21 -4.73 -23.50
CA ILE O 83 117.99 -3.97 -23.26
C ILE O 83 116.81 -4.91 -22.99
N ALA O 84 116.73 -6.02 -23.72
CA ALA O 84 115.61 -6.95 -23.57
C ALA O 84 115.57 -7.56 -22.17
N ALA O 85 116.73 -7.92 -21.61
CA ALA O 85 116.76 -8.55 -20.29
C ALA O 85 116.18 -7.64 -19.20
N ALA O 86 116.52 -6.36 -19.23
CA ALA O 86 116.01 -5.42 -18.22
C ALA O 86 114.49 -5.32 -18.23
N ALA O 87 113.88 -5.37 -19.42
CA ALA O 87 112.43 -5.19 -19.55
C ALA O 87 111.62 -6.23 -18.78
N ILE O 88 112.01 -7.50 -18.85
CA ILE O 88 111.21 -8.55 -18.18
C ILE O 88 111.34 -8.45 -16.67
N VAL O 89 112.52 -8.09 -16.16
CA VAL O 89 112.73 -8.09 -14.71
C VAL O 89 111.89 -7.02 -13.99
N ILE O 90 111.67 -5.87 -14.61
CA ILE O 90 110.89 -4.82 -13.92
C ILE O 90 109.45 -5.28 -13.69
N ILE O 91 108.83 -5.94 -14.67
CA ILE O 91 107.45 -6.39 -14.49
C ILE O 91 107.38 -7.44 -13.39
N TRP O 92 108.37 -8.33 -13.33
CA TRP O 92 108.42 -9.35 -12.29
C TRP O 92 108.47 -8.70 -10.91
N ALA O 93 109.35 -7.71 -10.74
CA ALA O 93 109.49 -7.02 -9.47
C ALA O 93 108.27 -6.15 -9.16
N ALA O 94 107.74 -5.45 -10.16
CA ALA O 94 106.60 -4.54 -9.95
C ALA O 94 105.41 -5.26 -9.34
N SER O 95 104.87 -6.26 -10.03
CA SER O 95 103.75 -7.02 -9.50
C SER O 95 104.13 -7.71 -8.20
N GLY O 96 105.38 -8.19 -8.12
CA GLY O 96 105.83 -8.88 -6.93
C GLY O 96 105.68 -8.08 -5.65
N PHE O 97 105.97 -6.79 -5.69
CA PHE O 97 105.87 -5.98 -4.48
C PHE O 97 104.42 -5.86 -4.03
N TYR O 98 104.20 -6.05 -2.73
CA TYR O 98 102.88 -5.95 -2.14
C TYR O 98 103.02 -5.47 -0.70
N THR O 99 102.03 -4.71 -0.24
CA THR O 99 101.99 -4.22 1.13
C THR O 99 100.82 -4.87 1.87
N ILE O 100 101.06 -5.27 3.12
CA ILE O 100 100.05 -5.89 3.96
C ILE O 100 99.80 -5.00 5.17
N LYS O 101 98.54 -4.73 5.46
CA LYS O 101 98.18 -3.89 6.59
C LYS O 101 98.59 -4.57 7.91
N GLU O 102 98.48 -3.82 9.01
CA GLU O 102 98.83 -4.34 10.32
C GLU O 102 97.81 -5.35 10.82
N ALA O 103 96.53 -5.12 10.54
CA ALA O 103 95.48 -6.01 10.99
C ALA O 103 95.33 -7.27 10.15
N GLU O 104 96.11 -7.41 9.08
CA GLU O 104 96.09 -8.58 8.21
C GLU O 104 97.46 -9.27 8.28
N ARG O 105 97.47 -10.57 7.98
CA ARG O 105 98.70 -11.37 8.02
C ARG O 105 98.82 -12.15 6.72
N GLY O 106 99.71 -11.68 5.84
CA GLY O 106 99.92 -12.37 4.58
C GLY O 106 100.46 -13.78 4.78
N VAL O 107 100.14 -14.66 3.84
CA VAL O 107 100.59 -16.05 3.87
C VAL O 107 101.30 -16.33 2.56
N VAL O 108 102.62 -16.20 2.55
CA VAL O 108 103.40 -16.50 1.35
C VAL O 108 103.48 -18.01 1.23
N THR O 109 103.25 -18.52 0.01
CA THR O 109 103.24 -19.97 -0.22
C THR O 109 104.00 -20.36 -1.47
N ARG O 110 104.92 -21.31 -1.33
CA ARG O 110 105.62 -21.87 -2.49
C ARG O 110 104.57 -22.60 -3.34
N PHE O 111 104.99 -23.06 -4.52
CA PHE O 111 104.07 -23.72 -5.46
C PHE O 111 103.18 -24.74 -4.76
N GLY O 112 103.78 -25.74 -4.12
CA GLY O 112 103.03 -26.74 -3.37
C GLY O 112 103.03 -26.54 -1.87
N LYS O 113 104.20 -26.20 -1.34
CA LYS O 113 104.42 -26.02 0.08
C LYS O 113 104.25 -24.58 0.55
N PHE O 114 103.80 -24.43 1.79
CA PHE O 114 103.71 -23.12 2.42
C PHE O 114 105.12 -22.67 2.77
N SER O 115 105.40 -21.37 2.66
CA SER O 115 106.76 -20.88 2.89
C SER O 115 106.96 -20.18 4.22
N HIS O 116 106.16 -19.17 4.53
CA HIS O 116 106.34 -18.45 5.79
C HIS O 116 105.22 -17.43 5.95
N LEU O 117 105.08 -16.93 7.17
CA LEU O 117 104.10 -15.92 7.51
C LEU O 117 104.83 -14.57 7.52
N VAL O 118 104.36 -13.65 6.70
CA VAL O 118 104.99 -12.33 6.58
C VAL O 118 104.35 -11.38 7.57
N GLU O 119 105.18 -10.56 8.19
CA GLU O 119 104.78 -9.60 9.21
C GLU O 119 104.55 -8.24 8.58
N PRO O 120 103.83 -7.33 9.26
CA PRO O 120 103.55 -6.01 8.70
C PRO O 120 104.78 -5.30 8.14
N GLY O 121 104.52 -4.40 7.20
CA GLY O 121 105.57 -3.66 6.52
C GLY O 121 105.47 -3.93 5.03
N LEU O 122 106.52 -3.64 4.27
CA LEU O 122 106.55 -3.87 2.83
C LEU O 122 107.38 -5.11 2.55
N ASN O 123 106.73 -6.14 1.99
CA ASN O 123 107.38 -7.40 1.65
C ASN O 123 107.34 -7.59 0.14
N TRP O 124 108.10 -8.58 -0.33
CA TRP O 124 108.19 -8.91 -1.75
C TRP O 124 107.96 -10.41 -1.95
N LYS O 125 107.21 -10.74 -3.00
CA LYS O 125 106.92 -12.12 -3.37
C LYS O 125 107.21 -12.27 -4.87
N PRO O 126 108.02 -13.24 -5.29
CA PRO O 126 108.26 -13.40 -6.74
C PRO O 126 106.96 -13.63 -7.50
N THR O 127 106.68 -12.74 -8.45
CA THR O 127 105.46 -12.80 -9.24
C THR O 127 105.38 -14.11 -10.02
N PHE O 128 104.20 -14.74 -10.00
CA PHE O 128 103.87 -16.00 -10.68
C PHE O 128 104.43 -17.22 -9.98
N ILE O 129 105.15 -17.07 -8.86
CA ILE O 129 105.74 -18.19 -8.13
C ILE O 129 104.99 -18.45 -6.83
N ASP O 130 104.78 -17.41 -6.03
CA ASP O 130 104.07 -17.51 -4.76
C ASP O 130 102.99 -16.44 -4.72
N GLU O 131 101.98 -16.69 -3.89
CA GLU O 131 100.84 -15.80 -3.73
C GLU O 131 100.57 -15.59 -2.24
N VAL O 132 100.03 -14.42 -1.92
CA VAL O 132 99.71 -14.02 -0.55
C VAL O 132 98.20 -13.98 -0.39
N LYS O 133 97.73 -14.39 0.78
CA LYS O 133 96.30 -14.43 1.11
C LYS O 133 96.07 -13.59 2.36
N PRO O 134 95.46 -12.39 2.27
CA PRO O 134 95.25 -11.60 3.49
C PRO O 134 94.07 -12.12 4.30
N VAL O 135 94.32 -12.35 5.59
CA VAL O 135 93.32 -12.85 6.53
C VAL O 135 93.10 -11.78 7.60
N ASN O 136 91.84 -11.46 7.87
CA ASN O 136 91.49 -10.47 8.88
C ASN O 136 91.56 -11.15 10.24
N VAL O 137 92.71 -11.01 10.90
CA VAL O 137 92.94 -11.65 12.20
C VAL O 137 92.59 -10.75 13.38
N GLU O 138 92.21 -9.48 13.12
CA GLU O 138 91.86 -8.53 14.17
C GLU O 138 90.39 -8.14 14.15
N ALA O 139 89.79 -8.02 12.97
CA ALA O 139 88.37 -7.66 12.87
C ALA O 139 87.52 -8.70 13.58
N VAL O 140 86.39 -8.23 14.13
CA VAL O 140 85.45 -9.07 14.87
C VAL O 140 84.33 -9.48 13.92
N ARG O 141 84.22 -10.78 13.69
CA ARG O 141 83.17 -11.34 12.84
C ARG O 141 81.91 -11.59 13.66
N GLU O 142 80.81 -11.84 12.96
CA GLU O 142 79.52 -12.10 13.59
C GLU O 142 78.85 -13.30 12.94
N LEU O 143 78.02 -13.98 13.72
CA LEU O 143 77.30 -15.17 13.26
C LEU O 143 75.97 -15.23 14.00
N ALA O 144 74.89 -14.79 13.35
CA ALA O 144 73.58 -14.83 13.97
C ALA O 144 72.96 -16.19 13.69
N ALA O 145 72.59 -16.90 14.75
CA ALA O 145 72.02 -18.23 14.68
C ALA O 145 70.64 -18.24 15.34
N SER O 146 69.63 -18.67 14.59
CA SER O 146 68.26 -18.76 15.08
C SER O 146 67.67 -20.08 14.61
N GLY O 147 66.45 -20.35 15.02
CA GLY O 147 65.77 -21.56 14.64
C GLY O 147 64.71 -21.95 15.65
N VAL O 148 63.79 -22.80 15.19
CA VAL O 148 62.69 -23.27 16.03
C VAL O 148 63.18 -24.53 16.74
N MET O 149 63.83 -24.35 17.88
CA MET O 149 64.34 -25.47 18.64
C MET O 149 63.23 -26.11 19.50
N LEU O 150 63.51 -27.32 19.97
CA LEU O 150 62.61 -28.08 20.83
C LEU O 150 63.10 -28.01 22.27
N THR O 151 62.19 -27.74 23.20
CA THR O 151 62.52 -27.63 24.61
C THR O 151 62.47 -29.02 25.26
N SER O 152 62.57 -29.07 26.59
CA SER O 152 62.56 -30.32 27.33
C SER O 152 61.17 -30.81 27.71
N ASP O 153 60.13 -29.99 27.52
CA ASP O 153 58.75 -30.35 27.81
C ASP O 153 57.94 -30.55 26.55
N GLU O 154 58.61 -30.86 25.42
CA GLU O 154 57.98 -31.05 24.12
C GLU O 154 57.32 -29.78 23.59
N ASN O 155 57.70 -28.62 24.13
CA ASN O 155 57.16 -27.33 23.73
C ASN O 155 58.12 -26.65 22.76
N VAL O 156 57.57 -25.76 21.94
CA VAL O 156 58.33 -25.04 20.93
C VAL O 156 58.55 -23.61 21.40
N VAL O 157 59.76 -23.10 21.18
CA VAL O 157 60.14 -21.75 21.54
C VAL O 157 60.94 -21.14 20.40
N ARG O 158 60.59 -19.93 19.98
CA ARG O 158 61.32 -19.25 18.91
C ARG O 158 62.46 -18.50 19.56
N VAL O 159 63.65 -19.07 19.50
CA VAL O 159 64.86 -18.49 20.09
C VAL O 159 65.79 -18.02 18.99
N GLU O 160 66.43 -16.87 19.20
CA GLU O 160 67.41 -16.31 18.29
C GLU O 160 68.64 -15.94 19.11
N MET O 161 69.81 -16.19 18.54
CA MET O 161 71.08 -15.92 19.21
C MET O 161 72.05 -15.28 18.23
N ASN O 162 73.01 -14.54 18.79
CA ASN O 162 74.05 -13.86 18.02
C ASN O 162 75.39 -14.31 18.59
N VAL O 163 76.30 -14.69 17.70
CA VAL O 163 77.63 -15.19 18.08
C VAL O 163 78.69 -14.33 17.42
N GLN O 164 79.38 -13.53 18.21
CA GLN O 164 80.48 -12.69 17.73
C GLN O 164 81.77 -13.48 17.89
N TYR O 165 82.54 -13.59 16.82
CA TYR O 165 83.76 -14.38 16.82
C TYR O 165 84.85 -13.72 15.99
N ARG O 166 86.01 -14.36 16.00
CA ARG O 166 87.21 -13.90 15.30
C ARG O 166 87.81 -15.12 14.60
N VAL O 167 88.95 -14.92 13.95
CA VAL O 167 89.67 -15.98 13.24
C VAL O 167 91.06 -16.08 13.87
N THR O 168 91.85 -17.06 13.44
CA THR O 168 93.17 -17.33 13.98
C THR O 168 94.09 -17.67 12.81
N ASN O 169 95.29 -18.21 13.12
CA ASN O 169 96.34 -18.56 12.18
C ASN O 169 95.76 -19.25 10.93
N PRO O 170 95.97 -18.71 9.72
CA PRO O 170 95.33 -19.32 8.53
C PRO O 170 95.82 -20.70 8.17
N GLU O 171 96.88 -21.24 8.79
CA GLU O 171 97.32 -22.57 8.41
C GLU O 171 96.27 -23.61 8.78
N LYS O 172 95.60 -23.42 9.91
CA LYS O 172 94.52 -24.31 10.33
C LYS O 172 93.19 -23.91 9.70
N TYR O 173 92.81 -22.64 9.87
CA TYR O 173 91.54 -22.13 9.37
C TYR O 173 91.32 -22.40 7.88
N LEU O 174 92.39 -22.29 7.08
CA LEU O 174 92.26 -22.45 5.63
C LEU O 174 92.38 -23.89 5.15
N TYR O 175 93.16 -24.75 5.81
CA TYR O 175 93.37 -26.12 5.32
C TYR O 175 93.06 -27.17 6.38
N SER O 176 91.99 -26.97 7.15
CA SER O 176 91.51 -27.95 8.12
C SER O 176 90.15 -28.52 7.72
N VAL O 177 89.18 -27.64 7.47
CA VAL O 177 87.83 -28.03 7.08
C VAL O 177 87.37 -27.11 5.95
N THR O 178 86.57 -27.67 5.04
CA THR O 178 86.00 -26.86 3.98
C THR O 178 84.91 -25.98 4.55
N SER O 179 84.76 -24.77 3.98
CA SER O 179 83.78 -23.77 4.40
C SER O 179 83.70 -23.66 5.93
N PRO O 180 84.75 -23.17 6.60
CA PRO O 180 84.70 -23.11 8.07
C PRO O 180 83.58 -22.23 8.61
N ASP O 181 83.24 -21.15 7.93
CA ASP O 181 82.15 -20.29 8.40
C ASP O 181 80.82 -21.04 8.36
N ASP O 182 80.54 -21.72 7.26
CA ASP O 182 79.28 -22.47 7.14
C ASP O 182 79.27 -23.67 8.07
N SER O 183 80.38 -24.40 8.16
CA SER O 183 80.43 -25.58 9.03
C SER O 183 80.19 -25.19 10.49
N LEU O 184 80.73 -24.06 10.92
CA LEU O 184 80.51 -23.61 12.30
C LEU O 184 79.04 -23.28 12.54
N ARG O 185 78.35 -22.75 11.52
CA ARG O 185 76.94 -22.42 11.68
C ARG O 185 76.12 -23.66 11.97
N GLN O 186 76.45 -24.78 11.32
CA GLN O 186 75.73 -26.01 11.58
C GLN O 186 75.98 -26.50 13.00
N ALA O 187 77.23 -26.40 13.46
CA ALA O 187 77.56 -26.77 14.84
C ALA O 187 76.79 -25.90 15.83
N THR O 188 76.66 -24.60 15.51
CA THR O 188 75.92 -23.69 16.39
C THR O 188 74.46 -24.11 16.50
N ASP O 189 73.86 -24.51 15.37
CA ASP O 189 72.46 -24.94 15.40
C ASP O 189 72.32 -26.19 16.26
N SER O 190 73.22 -27.15 16.09
CA SER O 190 73.18 -28.37 16.90
C SER O 190 73.35 -28.06 18.37
N ALA O 191 74.25 -27.14 18.70
CA ALA O 191 74.49 -26.78 20.10
C ALA O 191 73.29 -26.09 20.71
N LEU O 192 72.74 -25.08 20.02
CA LEU O 192 71.60 -24.34 20.55
C LEU O 192 70.39 -25.25 20.77
N ARG O 193 70.11 -26.13 19.80
CA ARG O 193 68.98 -27.05 19.96
C ARG O 193 69.19 -27.97 21.18
N GLY O 194 70.39 -28.55 21.27
CA GLY O 194 70.69 -29.42 22.41
C GLY O 194 70.56 -28.71 23.73
N VAL O 195 71.13 -27.51 23.82
CA VAL O 195 71.07 -26.73 25.05
C VAL O 195 69.62 -26.41 25.40
N ILE O 196 68.87 -25.84 24.45
CA ILE O 196 67.45 -25.57 24.66
C ILE O 196 66.71 -26.85 25.01
N GLY O 197 67.12 -27.96 24.39
CA GLY O 197 66.51 -29.25 24.65
C GLY O 197 66.56 -29.67 26.11
N LYS O 198 67.57 -29.24 26.85
CA LYS O 198 67.70 -29.65 28.25
C LYS O 198 66.73 -28.89 29.16
N TYR O 199 66.55 -27.60 28.94
CA TYR O 199 65.67 -26.79 29.76
C TYR O 199 64.25 -26.76 29.20
N THR O 200 63.30 -26.44 30.09
CA THR O 200 61.89 -26.35 29.74
C THR O 200 61.57 -24.98 29.13
N MET O 201 60.40 -24.88 28.50
CA MET O 201 59.99 -23.65 27.82
C MET O 201 59.90 -22.47 28.78
N ASP O 202 59.19 -22.62 29.90
CA ASP O 202 59.02 -21.51 30.83
C ASP O 202 60.37 -21.00 31.34
N ARG O 203 61.29 -21.91 31.62
CA ARG O 203 62.63 -21.53 32.09
C ARG O 203 63.34 -20.72 31.01
N ILE O 204 63.37 -21.25 29.78
CA ILE O 204 64.07 -20.62 28.66
C ILE O 204 63.61 -19.20 28.39
N LEU O 205 62.38 -18.84 28.76
CA LEU O 205 61.88 -17.51 28.45
C LEU O 205 62.51 -16.44 29.34
N THR O 206 62.56 -16.65 30.65
CA THR O 206 63.09 -15.66 31.59
C THR O 206 64.37 -16.09 32.30
N GLU O 207 64.38 -17.25 32.94
CA GLU O 207 65.53 -17.70 33.71
C GLU O 207 66.63 -18.31 32.85
N GLY O 208 66.25 -19.20 31.93
CA GLY O 208 67.20 -19.91 31.09
C GLY O 208 68.10 -19.04 30.25
N ARG O 209 67.69 -17.80 29.95
CA ARG O 209 68.46 -16.86 29.15
C ARG O 209 69.95 -16.83 29.47
N THR O 210 70.30 -16.84 30.76
CA THR O 210 71.71 -16.80 31.15
C THR O 210 72.42 -18.14 30.93
N VAL O 211 71.82 -19.25 31.37
CA VAL O 211 72.45 -20.56 31.21
C VAL O 211 72.46 -20.99 29.76
N ILE O 212 71.41 -20.66 29.00
CA ILE O 212 71.33 -21.08 27.60
C ILE O 212 72.51 -20.54 26.80
N ARG O 213 72.81 -19.25 26.95
CA ARG O 213 73.94 -18.67 26.23
C ARG O 213 75.26 -19.28 26.68
N SER O 214 75.42 -19.48 27.99
CA SER O 214 76.67 -20.05 28.51
C SER O 214 76.88 -21.45 27.98
N ASP O 215 75.86 -22.30 28.06
CA ASP O 215 75.98 -23.67 27.57
C ASP O 215 76.18 -23.69 26.06
N THR O 216 75.38 -22.92 25.33
CA THR O 216 75.52 -22.87 23.87
C THR O 216 76.90 -22.39 23.47
N GLN O 217 77.45 -21.43 24.22
CA GLN O 217 78.79 -20.93 23.91
C GLN O 217 79.83 -22.01 24.20
N ARG O 218 79.70 -22.67 25.36
CA ARG O 218 80.64 -23.72 25.73
C ARG O 218 80.49 -24.93 24.81
N GLU O 219 79.24 -25.31 24.51
CA GLU O 219 79.01 -26.47 23.65
C GLU O 219 79.53 -26.21 22.23
N LEU O 220 79.27 -25.03 21.69
CA LEU O 220 79.75 -24.69 20.35
C LEU O 220 81.27 -24.84 20.26
N GLU O 221 81.99 -24.36 21.27
CA GLU O 221 83.44 -24.50 21.27
C GLU O 221 83.84 -25.96 21.36
N GLU O 222 83.19 -26.72 22.25
CA GLU O 222 83.47 -28.15 22.37
C GLU O 222 83.12 -28.88 21.08
N THR O 223 82.05 -28.43 20.41
CA THR O 223 81.64 -29.08 19.17
C THR O 223 82.66 -28.90 18.06
N ILE O 224 83.39 -27.77 18.06
CA ILE O 224 84.38 -27.49 17.02
C ILE O 224 85.80 -27.85 17.46
N ARG O 225 85.96 -28.46 18.64
CA ARG O 225 87.31 -28.85 19.05
C ARG O 225 87.82 -30.00 18.17
N PRO O 226 87.09 -31.12 17.99
CA PRO O 226 87.57 -32.16 17.08
C PRO O 226 87.78 -31.67 15.65
N TYR O 227 86.90 -30.78 15.18
CA TYR O 227 86.97 -30.28 13.81
C TYR O 227 88.34 -29.68 13.50
N ASP O 228 88.94 -29.03 14.49
CA ASP O 228 90.27 -28.40 14.44
C ASP O 228 90.25 -27.07 13.68
N MET O 229 89.08 -26.55 13.32
CA MET O 229 89.00 -25.26 12.64
C MET O 229 89.70 -24.19 13.47
N GLY O 230 90.17 -23.14 12.81
CA GLY O 230 90.85 -22.07 13.49
C GLY O 230 89.96 -20.95 14.00
N ILE O 231 88.64 -21.13 14.00
CA ILE O 231 87.73 -20.11 14.48
C ILE O 231 87.73 -20.13 16.01
N THR O 232 87.76 -18.93 16.62
CA THR O 232 87.72 -18.77 18.06
C THR O 232 86.52 -17.92 18.42
N LEU O 233 85.72 -18.39 19.39
CA LEU O 233 84.54 -17.65 19.81
C LEU O 233 84.92 -16.54 20.77
N LEU O 234 84.49 -15.31 20.47
CA LEU O 234 84.76 -14.16 21.32
C LEU O 234 83.67 -13.96 22.37
N ASP O 235 82.42 -13.88 21.94
CA ASP O 235 81.31 -13.70 22.86
C ASP O 235 80.03 -14.20 22.22
N VAL O 236 79.12 -14.69 23.07
CA VAL O 236 77.81 -15.20 22.68
C VAL O 236 76.80 -14.35 23.43
N ASN O 237 76.19 -13.38 22.75
CA ASN O 237 75.25 -12.43 23.35
C ASN O 237 73.83 -12.78 22.91
N PHE O 238 73.10 -13.40 23.83
CA PHE O 238 71.71 -13.79 23.60
C PHE O 238 70.86 -12.58 23.23
N GLN O 239 70.01 -12.73 22.21
CA GLN O 239 69.18 -11.63 21.73
C GLN O 239 67.72 -11.74 22.15
N ALA O 240 67.05 -12.87 21.87
CA ALA O 240 65.65 -13.00 22.26
C ALA O 240 65.27 -14.47 22.37
N ALA O 241 64.26 -14.72 23.21
CA ALA O 241 63.71 -16.05 23.45
C ALA O 241 62.18 -16.02 23.51
N ARG O 242 61.56 -15.06 22.82
CA ARG O 242 60.11 -14.89 22.83
C ARG O 242 59.39 -16.19 22.46
N PRO O 243 58.22 -16.48 23.05
CA PRO O 243 57.54 -17.74 22.73
C PRO O 243 56.96 -17.70 21.33
N PRO O 244 56.48 -18.86 20.81
CA PRO O 244 55.89 -18.88 19.46
C PRO O 244 54.77 -17.85 19.30
N GLU O 245 54.43 -17.53 18.05
CA GLU O 245 53.39 -16.54 17.81
C GLU O 245 51.99 -17.15 17.90
N GLU O 246 51.86 -18.44 17.57
CA GLU O 246 50.55 -19.07 17.64
C GLU O 246 50.05 -19.17 19.07
N VAL O 247 50.96 -19.44 20.02
CA VAL O 247 50.59 -19.56 21.44
C VAL O 247 50.79 -18.27 22.23
N LYS O 248 51.35 -17.22 21.61
CA LYS O 248 51.55 -15.96 22.32
C LYS O 248 50.23 -15.38 22.83
N ALA O 249 49.17 -15.51 22.02
CA ALA O 249 47.85 -15.00 22.40
C ALA O 249 47.40 -15.51 23.76
N ALA O 250 47.46 -16.84 23.96
CA ALA O 250 47.04 -17.39 25.24
C ALA O 250 47.96 -16.94 26.37
N PHE O 251 49.27 -16.87 26.11
CA PHE O 251 50.21 -16.37 27.11
C PHE O 251 49.81 -14.98 27.60
N ASP O 252 49.33 -14.14 26.67
CA ASP O 252 48.90 -12.80 27.01
C ASP O 252 47.56 -12.80 27.73
N ASP O 253 46.69 -13.77 27.39
CA ASP O 253 45.37 -13.82 28.02
C ASP O 253 45.49 -14.04 29.52
N ALA O 254 46.46 -14.85 29.96
CA ALA O 254 46.68 -15.06 31.38
C ALA O 254 46.95 -13.74 32.09
N ILE O 255 47.65 -12.81 31.41
CA ILE O 255 47.90 -11.49 31.96
C ILE O 255 46.61 -10.67 31.91
N ALA O 256 45.89 -10.74 30.79
CA ALA O 256 44.65 -9.99 30.64
C ALA O 256 43.62 -10.41 31.69
N ALA O 257 43.66 -11.67 32.13
CA ALA O 257 42.72 -12.11 33.16
C ALA O 257 43.01 -11.40 34.47
N ARG O 258 44.30 -11.26 34.80
CA ARG O 258 44.67 -10.54 36.02
C ARG O 258 44.19 -9.09 35.94
N GLU O 259 44.43 -8.44 34.80
CA GLU O 259 43.96 -7.07 34.62
C GLU O 259 42.44 -7.02 34.67
N ASN O 260 41.78 -8.00 34.05
CA ASN O 260 40.32 -8.04 34.09
C ASN O 260 39.83 -8.27 35.52
N GLU O 261 40.56 -9.06 36.29
CA GLU O 261 40.21 -9.28 37.69
C GLU O 261 40.24 -7.97 38.45
N GLN O 262 41.32 -7.21 38.29
CA GLN O 262 41.43 -5.89 38.93
C GLN O 262 40.29 -4.98 38.49
N GLN O 263 39.94 -5.03 37.20
CA GLN O 263 38.86 -4.20 36.69
C GLN O 263 37.54 -4.57 37.36
N TYR O 264 37.33 -5.86 37.62
CA TYR O 264 36.11 -6.27 38.32
C TYR O 264 36.09 -5.67 39.72
N ILE O 265 37.24 -5.66 40.39
CA ILE O 265 37.35 -5.08 41.72
C ILE O 265 37.10 -3.57 41.63
N ARG O 266 37.65 -2.93 40.60
CA ARG O 266 37.45 -1.49 40.41
C ARG O 266 35.96 -1.19 40.23
N GLU O 267 35.27 -1.97 39.40
CA GLU O 267 33.84 -1.79 39.21
C GLU O 267 33.09 -2.11 40.50
N ALA O 268 33.56 -3.10 41.26
CA ALA O 268 32.92 -3.44 42.53
C ALA O 268 33.00 -2.27 43.50
N GLU O 269 34.17 -1.64 43.61
CA GLU O 269 34.31 -0.49 44.50
C GLU O 269 33.36 0.63 44.11
N ALA O 270 33.15 0.82 42.81
CA ALA O 270 32.22 1.84 42.35
C ALA O 270 30.80 1.57 42.84
N TYR O 271 30.36 0.32 42.75
CA TYR O 271 28.99 -0.03 43.15
C TYR O 271 28.74 0.26 44.63
N THR O 272 29.65 -0.15 45.51
CA THR O 272 29.48 0.12 46.94
C THR O 272 29.44 1.63 47.20
N ASN O 273 30.39 2.37 46.64
CA ASN O 273 30.42 3.82 46.81
C ASN O 273 29.22 4.48 46.17
N GLU O 274 28.63 3.86 45.15
CA GLU O 274 27.46 4.43 44.48
C GLU O 274 26.17 4.20 45.26
N VAL O 275 25.98 3.00 45.82
CA VAL O 275 24.74 2.66 46.52
C VAL O 275 24.68 3.28 47.92
N GLN O 276 25.81 3.36 48.62
CA GLN O 276 25.79 3.89 50.00
C GLN O 276 25.20 5.29 50.10
N PRO O 277 25.59 6.28 49.30
CA PRO O 277 24.91 7.58 49.41
C PRO O 277 23.43 7.51 49.10
N ARG O 278 23.04 6.63 48.17
CA ARG O 278 21.63 6.46 47.84
C ARG O 278 20.85 5.95 49.04
N ALA O 279 21.43 5.01 49.80
CA ALA O 279 20.76 4.50 50.98
C ALA O 279 20.59 5.60 52.02
N ASN O 280 21.62 6.44 52.19
CA ASN O 280 21.51 7.55 53.13
C ASN O 280 20.39 8.50 52.71
N GLY O 281 20.32 8.83 51.42
CA GLY O 281 19.26 9.69 50.94
C GLY O 281 17.88 9.06 51.13
N GLN O 282 17.77 7.77 50.83
CA GLN O 282 16.49 7.08 51.01
C GLN O 282 16.09 7.03 52.48
N ALA O 283 17.06 6.95 53.38
CA ALA O 283 16.76 6.93 54.81
C ALA O 283 16.04 8.20 55.23
N GLN O 284 16.54 9.35 54.81
CA GLN O 284 15.89 10.62 55.13
C GLN O 284 14.48 10.67 54.55
N ARG O 285 14.29 10.10 53.36
CA ARG O 285 12.98 10.10 52.73
C ARG O 285 11.96 9.35 53.58
N ILE O 286 12.32 8.16 54.05
CA ILE O 286 11.39 7.40 54.88
C ILE O 286 11.25 8.06 56.24
N LEU O 287 12.32 8.68 56.75
CA LEU O 287 12.24 9.36 58.03
C LEU O 287 11.26 10.52 57.97
N GLU O 288 11.31 11.30 56.88
CA GLU O 288 10.39 12.42 56.71
C GLU O 288 8.95 11.91 56.57
N GLU O 289 8.77 10.78 55.88
CA GLU O 289 7.44 10.22 55.71
C GLU O 289 6.81 9.88 57.07
N ALA O 290 7.61 9.32 57.97
CA ALA O 290 7.10 8.99 59.30
C ALA O 290 6.66 10.25 60.04
N ARG O 291 7.49 11.29 59.98
CA ARG O 291 7.13 12.56 60.64
C ARG O 291 5.85 13.13 60.04
N ALA O 292 5.73 13.09 58.71
CA ALA O 292 4.53 13.59 58.06
C ALA O 292 3.30 12.82 58.51
N TYR O 293 3.43 11.49 58.63
CA TYR O 293 2.32 10.68 59.11
C TYR O 293 1.92 11.10 60.52
N LYS O 294 2.91 11.29 61.40
CA LYS O 294 2.64 11.71 62.76
C LYS O 294 1.94 13.08 62.77
N ALA O 295 2.48 14.04 62.02
CA ALA O 295 1.86 15.36 61.93
C ALA O 295 0.48 15.26 61.30
N GLN O 296 0.35 14.50 60.23
CA GLN O 296 -0.93 14.35 59.54
C GLN O 296 -1.95 13.67 60.45
N THR O 297 -1.56 12.60 61.13
CA THR O 297 -2.49 11.89 62.00
C THR O 297 -2.88 12.73 63.21
N ILE O 298 -1.93 13.49 63.75
CA ILE O 298 -2.25 14.34 64.91
C ILE O 298 -3.25 15.42 64.50
N LEU O 299 -3.00 16.09 63.37
CA LEU O 299 -3.90 17.14 62.90
C LEU O 299 -5.26 16.56 62.55
N GLU O 300 -5.29 15.40 61.89
CA GLU O 300 -6.56 14.77 61.55
C GLU O 300 -7.35 14.42 62.80
N ALA O 301 -6.66 13.95 63.83
CA ALA O 301 -7.34 13.62 65.09
C ALA O 301 -8.00 14.85 65.69
N GLN O 302 -7.30 15.99 65.67
CA GLN O 302 -7.85 17.22 66.23
C GLN O 302 -9.13 17.63 65.50
N GLY O 303 -9.14 17.52 64.17
CA GLY O 303 -10.33 17.91 63.42
C GLY O 303 -11.53 17.05 63.77
N GLU O 304 -11.33 15.73 63.85
CA GLU O 304 -12.42 14.83 64.19
C GLU O 304 -12.94 15.11 65.60
N VAL O 305 -12.04 15.42 66.53
CA VAL O 305 -12.45 15.73 67.90
C VAL O 305 -13.33 16.97 67.90
N ALA O 306 -12.93 18.00 67.16
CA ALA O 306 -13.73 19.23 67.08
C ALA O 306 -15.11 18.95 66.51
N ARG O 307 -15.19 18.12 65.47
CA ARG O 307 -16.48 17.79 64.88
C ARG O 307 -17.37 17.09 65.91
N PHE O 308 -16.82 16.10 66.62
CA PHE O 308 -17.61 15.41 67.63
C PHE O 308 -18.00 16.34 68.77
N ALA O 309 -17.14 17.32 69.08
CA ALA O 309 -17.46 18.27 70.14
C ALA O 309 -18.65 19.14 69.75
N LYS O 310 -18.90 19.31 68.45
CA LYS O 310 -20.04 20.08 67.96
C LYS O 310 -21.26 19.22 67.68
N LEU O 311 -21.07 17.91 67.51
CA LEU O 311 -22.16 16.99 67.22
C LEU O 311 -22.77 16.38 68.47
N LEU O 312 -21.95 16.13 69.50
CA LEU O 312 -22.49 15.56 70.74
C LEU O 312 -23.47 16.48 71.45
N PRO O 313 -23.21 17.79 71.59
CA PRO O 313 -24.23 18.65 72.24
C PRO O 313 -25.55 18.64 71.49
N GLU O 314 -25.50 18.67 70.15
CA GLU O 314 -26.73 18.61 69.37
C GLU O 314 -27.40 17.26 69.50
N TYR O 315 -26.61 16.19 69.65
CA TYR O 315 -27.19 14.85 69.81
C TYR O 315 -27.95 14.74 71.11
N LYS O 316 -27.42 15.34 72.19
CA LYS O 316 -28.10 15.31 73.47
C LYS O 316 -29.43 16.06 73.41
N ALA O 317 -29.51 17.09 72.57
CA ALA O 317 -30.74 17.87 72.45
C ALA O 317 -31.86 17.01 71.89
N ALA O 318 -31.60 16.28 70.81
CA ALA O 318 -32.60 15.43 70.16
C ALA O 318 -31.91 14.17 69.63
N PRO O 319 -31.68 13.17 70.48
CA PRO O 319 -31.04 11.94 69.98
C PRO O 319 -31.90 11.20 68.97
N GLU O 320 -33.21 11.23 69.13
CA GLU O 320 -34.13 10.56 68.20
C GLU O 320 -33.96 11.10 66.78
N ILE O 321 -33.96 12.43 66.63
CA ILE O 321 -33.90 13.04 65.31
C ILE O 321 -32.57 12.77 64.63
N THR O 322 -31.46 12.98 65.34
CA THR O 322 -30.14 12.79 64.73
C THR O 322 -29.90 11.32 64.37
N ARG O 323 -30.17 10.39 65.30
CA ARG O 323 -29.89 8.99 65.01
C ARG O 323 -30.87 8.43 63.97
N GLU O 324 -32.12 8.88 63.98
CA GLU O 324 -33.08 8.45 62.96
C GLU O 324 -32.61 8.90 61.58
N ARG O 325 -32.33 10.21 61.45
CA ARG O 325 -31.87 10.76 60.18
C ARG O 325 -30.54 10.14 59.77
N LEU O 326 -29.60 10.02 60.72
CA LEU O 326 -28.30 9.44 60.42
C LEU O 326 -28.44 7.99 59.98
N TYR O 327 -29.24 7.21 60.70
CA TYR O 327 -29.43 5.81 60.34
C TYR O 327 -30.10 5.67 58.98
N ILE O 328 -31.16 6.46 58.74
CA ILE O 328 -31.82 6.42 57.44
C ILE O 328 -30.86 6.86 56.34
N GLU O 329 -30.06 7.89 56.62
CA GLU O 329 -29.09 8.37 55.64
C GLU O 329 -28.03 7.30 55.38
N THR O 330 -27.48 6.74 56.45
CA THR O 330 -26.48 5.67 56.32
C THR O 330 -27.05 4.48 55.59
N MET O 331 -28.30 4.10 55.91
CA MET O 331 -28.93 2.95 55.27
C MET O 331 -29.09 3.19 53.78
N GLU O 332 -29.65 4.35 53.41
CA GLU O 332 -29.82 4.72 52.00
C GLU O 332 -28.53 4.52 51.20
N LYS O 333 -27.40 4.95 51.75
CA LYS O 333 -26.12 4.83 51.06
C LYS O 333 -25.74 3.36 50.85
N VAL O 334 -25.60 2.59 51.95
CA VAL O 334 -25.24 1.18 51.84
C VAL O 334 -26.23 0.43 50.97
N LEU O 335 -27.53 0.72 51.11
CA LEU O 335 -28.55 0.08 50.29
C LEU O 335 -28.27 0.32 48.80
N GLY O 336 -28.11 1.59 48.41
CA GLY O 336 -27.85 1.91 47.02
C GLY O 336 -26.56 1.31 46.50
N ASN O 337 -25.57 1.14 47.38
CA ASN O 337 -24.29 0.56 46.99
C ASN O 337 -24.28 -0.97 47.05
N THR O 338 -25.42 -1.59 47.35
CA THR O 338 -25.55 -3.04 47.42
C THR O 338 -26.76 -3.47 46.60
N ARG O 339 -26.84 -4.77 46.30
CA ARG O 339 -27.94 -5.33 45.53
C ARG O 339 -28.98 -5.87 46.51
N LYS O 340 -30.00 -5.06 46.79
CA LYS O 340 -31.04 -5.47 47.72
C LYS O 340 -31.72 -6.75 47.24
N VAL O 341 -32.26 -7.50 48.21
CA VAL O 341 -32.96 -8.76 47.95
C VAL O 341 -34.40 -8.71 48.47
N LEU O 342 -34.58 -8.25 49.70
CA LEU O 342 -35.89 -8.12 50.36
C LEU O 342 -36.71 -9.42 50.25
N VAL O 343 -36.06 -10.55 50.57
CA VAL O 343 -36.70 -11.86 50.54
C VAL O 343 -36.92 -12.34 51.96
N ASN O 344 -38.11 -12.87 52.23
CA ASN O 344 -38.44 -13.47 53.51
C ASN O 344 -37.35 -14.43 53.95
N ASP O 345 -36.84 -14.25 55.17
CA ASP O 345 -35.73 -15.06 55.65
C ASP O 345 -36.06 -16.54 55.76
N LYS O 346 -37.34 -16.93 55.75
CA LYS O 346 -37.69 -18.36 55.81
C LYS O 346 -37.04 -19.14 54.68
N GLY O 347 -36.90 -18.51 53.51
CA GLY O 347 -36.29 -19.15 52.35
C GLY O 347 -34.78 -19.10 52.40
N GLY O 348 -34.19 -19.78 53.36
CA GLY O 348 -32.74 -19.77 53.52
C GLY O 348 -32.02 -20.85 52.74
N ASN O 349 -32.08 -20.76 51.41
CA ASN O 349 -31.40 -21.69 50.51
C ASN O 349 -30.73 -20.91 49.39
N LEU O 350 -30.08 -19.80 49.75
CA LEU O 350 -29.40 -18.96 48.79
C LEU O 350 -28.04 -19.54 48.42
N MET O 351 -27.63 -19.26 47.18
CA MET O 351 -26.34 -19.70 46.66
C MET O 351 -25.56 -18.43 46.29
N VAL O 352 -24.44 -18.21 46.98
CA VAL O 352 -23.63 -17.01 46.79
C VAL O 352 -23.08 -16.89 45.36
N LEU O 353 -22.68 -18.00 44.75
CA LEU O 353 -22.10 -18.02 43.41
C LEU O 353 -21.03 -16.92 43.21
N PRO O 354 -19.91 -16.99 43.95
CA PRO O 354 -18.87 -15.96 43.82
C PRO O 354 -17.89 -16.28 42.72
N LEU O 355 -16.89 -15.42 42.53
CA LEU O 355 -15.86 -15.65 41.52
C LEU O 355 -14.61 -14.85 41.86
N MET P 1 124.04 -24.35 -38.70
CA MET P 1 123.91 -24.89 -37.31
C MET P 1 122.97 -24.04 -36.46
N ARG P 2 122.04 -23.34 -37.11
CA ARG P 2 121.09 -22.48 -36.44
C ARG P 2 119.73 -23.14 -36.24
N LYS P 3 119.21 -23.80 -37.28
CA LYS P 3 117.91 -24.46 -37.16
C LYS P 3 117.96 -25.64 -36.19
N SER P 4 119.05 -26.41 -36.23
CA SER P 4 119.16 -27.57 -35.34
C SER P 4 119.22 -27.16 -33.87
N VAL P 5 120.01 -26.13 -33.55
CA VAL P 5 120.16 -25.71 -32.15
C VAL P 5 118.89 -25.07 -31.61
N ILE P 6 118.23 -24.22 -32.40
CA ILE P 6 117.04 -23.54 -31.92
C ILE P 6 115.88 -24.50 -31.69
N ALA P 7 115.77 -25.55 -32.51
CA ALA P 7 114.66 -26.49 -32.38
C ALA P 7 114.72 -27.28 -31.07
N ILE P 8 115.90 -27.77 -30.69
CA ILE P 8 116.02 -28.59 -29.49
C ILE P 8 115.74 -27.79 -28.23
N ILE P 9 116.14 -26.52 -28.17
CA ILE P 9 115.94 -25.71 -26.97
C ILE P 9 114.44 -25.53 -26.67
N ILE P 10 113.63 -25.28 -27.69
CA ILE P 10 112.21 -25.00 -27.49
C ILE P 10 111.47 -26.23 -26.95
N ILE P 11 111.81 -27.43 -27.44
CA ILE P 11 111.07 -28.62 -27.03
C ILE P 11 111.33 -28.99 -25.57
N VAL P 12 112.54 -28.72 -25.06
CA VAL P 12 112.86 -29.09 -23.68
C VAL P 12 111.95 -28.34 -22.70
N LEU P 13 111.72 -27.05 -22.94
CA LEU P 13 110.91 -26.26 -22.01
C LEU P 13 109.47 -26.77 -21.92
N VAL P 14 108.86 -27.13 -23.05
CA VAL P 14 107.48 -27.59 -23.02
C VAL P 14 107.37 -28.95 -22.33
N VAL P 15 108.37 -29.82 -22.52
CA VAL P 15 108.34 -31.13 -21.88
C VAL P 15 108.38 -30.99 -20.37
N LEU P 16 109.24 -30.09 -19.87
CA LEU P 16 109.36 -29.89 -18.43
C LEU P 16 108.08 -29.33 -17.82
N TYR P 17 107.41 -28.41 -18.52
CA TYR P 17 106.18 -27.82 -17.99
C TYR P 17 105.09 -28.87 -17.83
N MET P 18 104.98 -29.79 -18.79
CA MET P 18 103.99 -30.85 -18.69
C MET P 18 104.36 -31.83 -17.59
N SER P 19 105.65 -32.12 -17.43
CA SER P 19 106.09 -33.09 -16.42
C SER P 19 105.86 -32.57 -15.01
N VAL P 20 106.09 -31.28 -14.77
CA VAL P 20 105.91 -30.74 -13.44
C VAL P 20 104.42 -30.68 -13.11
N PHE P 21 104.09 -31.07 -11.88
CA PHE P 21 102.73 -31.07 -11.38
C PHE P 21 102.86 -30.85 -9.88
N VAL P 22 102.09 -29.90 -9.35
CA VAL P 22 102.18 -29.52 -7.96
C VAL P 22 101.01 -30.02 -7.14
N VAL P 23 101.27 -30.22 -5.85
CA VAL P 23 100.28 -30.67 -4.88
C VAL P 23 99.99 -29.50 -3.94
N LYS P 24 98.74 -29.07 -3.88
CA LYS P 24 98.37 -27.98 -3.01
C LYS P 24 98.57 -28.37 -1.54
N GLU P 25 98.49 -27.37 -0.66
CA GLU P 25 98.68 -27.62 0.77
C GLU P 25 97.56 -28.48 1.34
N GLY P 26 96.31 -28.16 0.99
CA GLY P 26 95.17 -28.92 1.47
C GLY P 26 94.75 -30.01 0.50
N GLU P 27 95.71 -30.52 -0.28
CA GLU P 27 95.45 -31.55 -1.26
C GLU P 27 96.62 -32.54 -1.26
N ARG P 28 96.35 -33.74 -1.76
CA ARG P 28 97.36 -34.79 -1.87
C ARG P 28 97.11 -35.53 -3.17
N GLY P 29 98.17 -35.75 -3.95
CA GLY P 29 98.08 -36.43 -5.23
C GLY P 29 98.77 -37.79 -5.19
N ILE P 30 98.14 -38.79 -5.80
CA ILE P 30 98.68 -40.14 -5.90
C ILE P 30 99.04 -40.34 -7.36
N THR P 31 100.34 -40.34 -7.67
CA THR P 31 100.76 -40.55 -9.06
C THR P 31 100.39 -41.95 -9.50
N LEU P 32 99.93 -42.07 -10.75
CA LEU P 32 99.52 -43.34 -11.33
C LEU P 32 100.20 -43.56 -12.67
N ARG P 33 100.48 -44.82 -12.96
CA ARG P 33 101.08 -45.26 -14.22
C ARG P 33 99.97 -45.33 -15.27
N PHE P 34 100.25 -45.89 -16.45
CA PHE P 34 99.24 -46.02 -17.51
C PHE P 34 97.92 -46.53 -16.93
N GLY P 35 97.94 -47.73 -16.35
CA GLY P 35 96.78 -48.28 -15.66
C GLY P 35 97.05 -48.58 -14.20
N LYS P 36 98.31 -48.84 -13.86
CA LYS P 36 98.68 -49.19 -12.50
C LYS P 36 99.08 -47.93 -11.72
N VAL P 37 99.46 -48.14 -10.47
CA VAL P 37 99.89 -47.07 -9.57
C VAL P 37 101.35 -47.33 -9.20
N LEU P 38 102.05 -46.27 -8.81
CA LEU P 38 103.44 -46.38 -8.43
C LEU P 38 103.54 -46.92 -7.01
N ARG P 39 104.42 -47.90 -6.80
CA ARG P 39 104.61 -48.53 -5.51
C ARG P 39 106.01 -48.31 -4.98
N ASP P 40 106.17 -48.61 -3.68
CA ASP P 40 107.43 -48.51 -2.97
C ASP P 40 107.20 -49.04 -1.56
N ASP P 41 108.29 -49.39 -0.89
CA ASP P 41 108.24 -49.87 0.50
C ASP P 41 107.30 -51.07 0.68
N ASP P 42 107.64 -52.17 -0.01
CA ASP P 42 106.89 -53.42 0.09
C ASP P 42 105.45 -53.28 -0.40
N ASN P 43 105.31 -52.74 -1.61
CA ASN P 43 104.02 -52.54 -2.28
C ASN P 43 103.06 -51.73 -1.42
N LYS P 44 103.50 -50.51 -1.10
CA LYS P 44 102.70 -49.54 -0.33
C LYS P 44 102.47 -48.35 -1.24
N PRO P 45 101.25 -48.11 -1.77
CA PRO P 45 101.06 -46.94 -2.65
C PRO P 45 101.55 -45.65 -2.00
N LEU P 46 102.26 -44.85 -2.79
CA LEU P 46 102.86 -43.61 -2.32
C LEU P 46 101.97 -42.42 -2.61
N VAL P 47 101.73 -41.61 -1.58
CA VAL P 47 100.98 -40.37 -1.69
C VAL P 47 101.99 -39.24 -1.58
N TYR P 48 101.77 -38.17 -2.31
CA TYR P 48 102.69 -37.04 -2.35
C TYR P 48 102.31 -35.95 -1.37
N GLU P 49 103.32 -35.40 -0.71
CA GLU P 49 103.16 -34.32 0.25
C GLU P 49 102.98 -33.03 -0.55
N PRO P 50 102.75 -31.89 0.13
CA PRO P 50 102.51 -30.66 -0.67
C PRO P 50 103.79 -29.99 -1.15
N GLY P 51 104.41 -30.59 -2.16
CA GLY P 51 105.60 -30.04 -2.79
C GLY P 51 105.58 -30.35 -4.27
N LEU P 52 106.66 -29.99 -4.95
CA LEU P 52 106.76 -30.24 -6.38
C LEU P 52 107.20 -31.68 -6.66
N HIS P 53 106.63 -32.26 -7.71
CA HIS P 53 106.95 -33.61 -8.13
C HIS P 53 106.97 -33.66 -9.65
N PHE P 54 107.73 -34.62 -10.20
CA PHE P 54 107.89 -34.77 -11.65
C PHE P 54 107.33 -36.11 -12.12
N LYS P 55 106.58 -36.07 -13.22
CA LYS P 55 106.00 -37.24 -13.86
C LYS P 55 106.33 -37.20 -15.34
N ILE P 56 106.75 -38.32 -15.91
CA ILE P 56 107.02 -38.42 -17.35
C ILE P 56 105.76 -37.97 -18.08
N PRO P 57 105.78 -36.88 -18.87
CA PRO P 57 104.54 -36.41 -19.51
C PRO P 57 103.85 -37.44 -20.40
N PHE P 58 102.52 -37.53 -20.25
CA PHE P 58 101.60 -38.37 -21.00
C PHE P 58 101.65 -39.85 -20.63
N ILE P 59 102.53 -40.26 -19.72
CA ILE P 59 102.64 -41.65 -19.30
C ILE P 59 102.02 -41.85 -17.92
N GLU P 60 102.30 -40.94 -16.99
CA GLU P 60 101.79 -40.98 -15.63
C GLU P 60 100.66 -39.97 -15.45
N THR P 61 99.63 -40.37 -14.71
CA THR P 61 98.51 -39.49 -14.40
C THR P 61 98.34 -39.44 -12.89
N VAL P 62 98.00 -38.25 -12.39
CA VAL P 62 97.88 -37.98 -10.97
C VAL P 62 96.43 -37.68 -10.62
N LYS P 63 95.96 -38.26 -9.51
CA LYS P 63 94.62 -38.05 -9.00
C LYS P 63 94.76 -37.30 -7.68
N MET P 64 94.11 -36.15 -7.56
CA MET P 64 94.19 -35.30 -6.39
C MET P 64 93.02 -35.57 -5.45
N LEU P 65 93.32 -36.12 -4.27
CA LEU P 65 92.33 -36.43 -3.25
C LEU P 65 92.47 -35.42 -2.12
N ASP P 66 91.39 -34.70 -1.85
CA ASP P 66 91.41 -33.69 -0.80
C ASP P 66 91.52 -34.34 0.58
N ALA P 67 92.32 -33.73 1.44
CA ALA P 67 92.55 -34.22 2.80
C ALA P 67 91.81 -33.38 3.85
N ARG P 68 91.11 -32.33 3.45
CA ARG P 68 90.35 -31.52 4.39
C ARG P 68 89.09 -32.26 4.82
N ILE P 69 88.63 -31.97 6.03
CA ILE P 69 87.43 -32.61 6.52
C ILE P 69 86.24 -32.10 5.73
N GLN P 70 85.42 -33.01 5.22
CA GLN P 70 84.26 -32.66 4.43
C GLN P 70 83.01 -32.68 5.30
N THR P 71 82.04 -31.86 4.94
CA THR P 71 80.78 -31.74 5.67
C THR P 71 79.67 -32.36 4.84
N MET P 72 78.96 -33.31 5.43
CA MET P 72 77.85 -34.01 4.78
C MET P 72 76.61 -33.80 5.63
N ASP P 73 75.60 -33.17 5.04
CA ASP P 73 74.34 -32.90 5.72
C ASP P 73 73.28 -33.86 5.21
N ASN P 74 72.38 -34.27 6.10
CA ASN P 74 71.30 -35.19 5.77
C ASN P 74 69.98 -34.42 5.73
N GLN P 75 69.20 -34.65 4.68
CA GLN P 75 67.92 -33.99 4.55
C GLN P 75 66.92 -34.56 5.57
N ALA P 76 65.74 -33.95 5.60
CA ALA P 76 64.67 -34.41 6.49
C ALA P 76 64.29 -35.84 6.14
N ASP P 77 64.18 -36.68 7.17
CA ASP P 77 63.82 -38.08 6.98
C ASP P 77 63.06 -38.55 8.20
N ARG P 78 62.25 -39.59 8.02
CA ARG P 78 61.43 -40.14 9.10
C ARG P 78 62.09 -41.36 9.71
N PHE P 79 62.13 -41.39 11.04
CA PHE P 79 62.71 -42.47 11.82
C PHE P 79 61.65 -42.97 12.80
N VAL P 80 61.73 -44.24 13.16
CA VAL P 80 60.76 -44.87 14.06
C VAL P 80 61.40 -45.04 15.43
N THR P 81 60.74 -44.51 16.46
CA THR P 81 61.23 -44.57 17.83
C THR P 81 60.76 -45.87 18.49
N LYS P 82 60.97 -45.99 19.80
CA LYS P 82 60.58 -47.20 20.52
C LYS P 82 59.07 -47.33 20.66
N GLU P 83 58.35 -46.21 20.72
CA GLU P 83 56.89 -46.20 20.84
C GLU P 83 56.21 -45.91 19.51
N LYS P 84 56.88 -46.19 18.39
CA LYS P 84 56.37 -45.98 17.03
C LYS P 84 56.11 -44.50 16.75
N LYS P 85 56.73 -43.60 17.51
CA LYS P 85 56.58 -42.16 17.30
C LYS P 85 57.51 -41.74 16.17
N ASP P 86 56.97 -41.32 15.05
CA ASP P 86 57.81 -40.89 13.95
C ASP P 86 58.44 -39.54 14.28
N LEU P 87 59.73 -39.43 14.01
CA LEU P 87 60.49 -38.20 14.26
C LEU P 87 61.19 -37.75 12.99
N ILE P 88 61.42 -36.44 12.89
CA ILE P 88 62.13 -35.83 11.78
C ILE P 88 63.39 -35.21 12.36
N VAL P 89 64.54 -35.72 11.95
CA VAL P 89 65.85 -35.27 12.44
C VAL P 89 66.68 -34.74 11.28
N ASP P 90 67.28 -33.57 11.49
CA ASP P 90 68.19 -32.97 10.52
C ASP P 90 69.57 -33.01 11.18
N SER P 91 70.51 -33.71 10.56
CA SER P 91 71.83 -33.87 11.14
C SER P 91 72.87 -33.91 10.03
N TYR P 92 74.12 -33.64 10.42
CA TYR P 92 75.25 -33.63 9.52
C TYR P 92 76.38 -34.46 10.14
N ILE P 93 77.22 -35.01 9.27
CA ILE P 93 78.35 -35.85 9.69
C ILE P 93 79.60 -35.28 9.04
N LYS P 94 80.72 -35.39 9.76
CA LYS P 94 82.02 -34.93 9.31
C LYS P 94 83.01 -36.07 9.38
N TRP P 95 83.70 -36.33 8.27
CA TRP P 95 84.67 -37.42 8.17
C TRP P 95 85.91 -36.93 7.43
N ARG P 96 87.01 -37.66 7.64
CA ARG P 96 88.29 -37.37 7.02
C ARG P 96 88.85 -38.63 6.39
N ILE P 97 89.56 -38.45 5.28
CA ILE P 97 90.16 -39.58 4.57
C ILE P 97 91.37 -40.07 5.33
N SER P 98 91.34 -41.33 5.77
CA SER P 98 92.46 -41.92 6.50
C SER P 98 93.41 -42.66 5.57
N ASP P 99 92.87 -43.49 4.68
CA ASP P 99 93.66 -44.24 3.69
C ASP P 99 93.28 -43.74 2.31
N PHE P 100 94.05 -42.76 1.80
CA PHE P 100 93.79 -42.21 0.48
C PHE P 100 93.83 -43.30 -0.59
N SER P 101 94.76 -44.24 -0.47
CA SER P 101 94.89 -45.33 -1.44
C SER P 101 93.65 -46.22 -1.42
N ARG P 102 93.27 -46.70 -0.23
CA ARG P 102 92.12 -47.59 -0.10
C ARG P 102 90.83 -46.91 -0.58
N TYR P 103 90.62 -45.65 -0.20
CA TYR P 103 89.42 -44.93 -0.62
C TYR P 103 89.34 -44.82 -2.14
N TYR P 104 90.45 -44.48 -2.79
CA TYR P 104 90.47 -44.34 -4.24
C TYR P 104 90.00 -45.61 -4.94
N LEU P 105 90.40 -46.77 -4.42
CA LEU P 105 90.02 -48.04 -5.06
C LEU P 105 88.54 -48.35 -4.83
N ALA P 106 88.13 -48.46 -3.56
CA ALA P 106 86.73 -48.75 -3.25
C ALA P 106 85.78 -47.78 -3.94
N THR P 107 85.94 -46.49 -3.68
CA THR P 107 85.16 -45.44 -4.32
C THR P 107 85.89 -45.01 -5.59
N GLY P 108 85.89 -45.94 -6.56
CA GLY P 108 86.57 -45.75 -7.84
C GLY P 108 86.41 -44.38 -8.46
N GLY P 109 87.53 -43.71 -8.68
CA GLY P 109 87.55 -42.36 -9.23
C GLY P 109 87.57 -41.28 -8.18
N GLY P 110 87.86 -41.62 -6.92
CA GLY P 110 87.89 -40.70 -5.79
C GLY P 110 86.75 -39.69 -5.78
N ASP P 111 85.52 -40.20 -5.79
CA ASP P 111 84.33 -39.36 -5.78
C ASP P 111 83.70 -39.34 -4.40
N ILE P 112 83.55 -38.13 -3.85
CA ILE P 112 82.93 -37.93 -2.54
C ILE P 112 81.52 -38.51 -2.51
N SER P 113 80.83 -38.48 -3.65
CA SER P 113 79.44 -38.94 -3.72
C SER P 113 79.31 -40.40 -3.28
N GLN P 114 80.14 -41.29 -3.84
CA GLN P 114 80.07 -42.70 -3.47
C GLN P 114 80.29 -42.89 -1.97
N ALA P 115 81.24 -42.14 -1.39
CA ALA P 115 81.48 -42.26 0.05
C ALA P 115 80.28 -41.79 0.83
N GLU P 116 79.66 -40.69 0.40
CA GLU P 116 78.47 -40.19 1.09
C GLU P 116 77.33 -41.19 1.00
N VAL P 117 77.12 -41.78 -0.18
CA VAL P 117 76.06 -42.79 -0.32
C VAL P 117 76.34 -43.97 0.60
N LEU P 118 77.56 -44.51 0.53
CA LEU P 118 77.93 -45.63 1.39
C LEU P 118 77.80 -45.26 2.86
N LEU P 119 78.27 -44.07 3.23
CA LEU P 119 78.16 -43.63 4.62
C LEU P 119 76.69 -43.45 5.02
N LYS P 120 75.87 -42.93 4.11
CA LYS P 120 74.46 -42.69 4.40
C LYS P 120 73.73 -43.98 4.74
N ARG P 121 73.90 -45.03 3.92
CA ARG P 121 73.22 -46.29 4.19
C ARG P 121 73.61 -46.85 5.56
N LYS P 122 74.92 -46.89 5.84
CA LYS P 122 75.36 -47.39 7.15
C LYS P 122 74.89 -46.46 8.27
N PHE P 123 75.08 -45.16 8.10
CA PHE P 123 74.63 -44.19 9.10
C PHE P 123 73.13 -44.33 9.36
N SER P 124 72.34 -44.32 8.27
CA SER P 124 70.90 -44.47 8.38
C SER P 124 70.53 -45.73 9.14
N ASP P 125 71.04 -46.88 8.67
CA ASP P 125 70.75 -48.16 9.31
C ASP P 125 71.14 -48.14 10.78
N ARG P 126 72.37 -47.74 11.08
CA ARG P 126 72.82 -47.67 12.48
C ARG P 126 71.93 -46.73 13.28
N LEU P 127 71.67 -45.53 12.74
CA LEU P 127 70.82 -44.57 13.44
C LEU P 127 69.40 -45.10 13.64
N ARG P 128 68.83 -45.72 12.61
CA ARG P 128 67.49 -46.28 12.72
C ARG P 128 67.42 -47.30 13.85
N SER P 129 68.44 -48.17 13.95
CA SER P 129 68.47 -49.17 15.01
C SER P 129 68.54 -48.51 16.38
N GLU P 130 69.37 -47.47 16.52
CA GLU P 130 69.50 -46.78 17.80
C GLU P 130 68.19 -46.11 18.18
N ILE P 131 67.65 -45.28 17.29
CA ILE P 131 66.37 -44.61 17.56
C ILE P 131 65.27 -45.63 17.80
N GLY P 132 65.34 -46.78 17.13
CA GLY P 132 64.31 -47.81 17.29
C GLY P 132 64.21 -48.30 18.73
N ARG P 133 65.34 -48.41 19.41
CA ARG P 133 65.37 -48.85 20.80
C ARG P 133 65.24 -47.70 21.80
N LEU P 134 65.21 -46.46 21.32
CA LEU P 134 65.12 -45.28 22.17
C LEU P 134 63.75 -44.63 22.10
N ASP P 135 63.43 -43.89 23.15
CA ASP P 135 62.18 -43.15 23.29
C ASP P 135 62.38 -41.72 22.83
N VAL P 136 61.29 -41.09 22.37
CA VAL P 136 61.34 -39.70 21.89
C VAL P 136 61.98 -38.78 22.91
N LYS P 137 61.68 -38.99 24.20
CA LYS P 137 62.26 -38.15 25.23
C LYS P 137 63.78 -38.32 25.30
N ASP P 138 64.25 -39.57 25.18
CA ASP P 138 65.68 -39.84 25.21
C ASP P 138 66.42 -39.31 23.98
N ILE P 139 65.71 -38.87 22.95
CA ILE P 139 66.33 -38.37 21.72
C ILE P 139 66.41 -36.85 21.76
N VAL P 140 65.51 -36.21 22.52
CA VAL P 140 65.49 -34.76 22.63
C VAL P 140 66.22 -34.27 23.87
N THR P 141 66.33 -35.09 24.91
CA THR P 141 67.04 -34.73 26.13
C THR P 141 68.54 -35.07 26.07
N ASP P 142 68.93 -35.94 25.13
CA ASP P 142 70.33 -36.33 24.98
C ASP P 142 71.21 -35.11 24.77
N SER P 143 72.13 -34.88 25.71
CA SER P 143 73.05 -33.77 25.68
C SER P 143 74.51 -34.19 25.64
N ARG P 144 74.79 -35.50 25.72
CA ARG P 144 76.14 -36.03 25.70
C ARG P 144 76.46 -36.76 24.41
N GLY P 145 75.63 -36.60 23.36
CA GLY P 145 75.81 -37.26 22.09
C GLY P 145 76.14 -38.73 22.17
N ARG P 146 75.39 -39.47 22.99
CA ARG P 146 75.64 -40.90 23.14
C ARG P 146 75.37 -41.64 21.83
N LEU P 147 74.17 -41.44 21.26
CA LEU P 147 73.84 -42.11 20.01
C LEU P 147 74.73 -41.62 18.88
N THR P 148 75.02 -40.33 18.84
CA THR P 148 75.90 -39.82 17.80
C THR P 148 77.30 -40.40 17.96
N LEU P 149 77.77 -40.52 19.21
CA LEU P 149 79.08 -41.12 19.45
C LEU P 149 79.06 -42.61 19.13
N GLU P 150 78.01 -43.31 19.58
CA GLU P 150 77.91 -44.74 19.29
C GLU P 150 77.81 -44.98 17.79
N VAL P 151 76.99 -44.18 17.10
CA VAL P 151 76.89 -44.31 15.65
C VAL P 151 78.26 -44.13 15.01
N ARG P 152 79.04 -43.16 15.53
CA ARG P 152 80.39 -42.98 15.02
C ARG P 152 81.26 -44.18 15.35
N ASP P 153 81.11 -44.72 16.57
CA ASP P 153 81.81 -45.95 16.95
C ASP P 153 81.43 -47.08 16.01
N ALA P 154 80.13 -47.20 15.70
CA ALA P 154 79.66 -48.23 14.80
C ALA P 154 80.18 -47.97 13.38
N LEU P 155 80.14 -46.71 12.96
CA LEU P 155 80.63 -46.37 11.62
C LEU P 155 82.13 -46.62 11.52
N ASN P 156 82.88 -46.36 12.60
CA ASN P 156 84.32 -46.59 12.57
C ASN P 156 84.63 -48.08 12.64
N SER P 157 83.93 -48.81 13.52
CA SER P 157 84.07 -50.25 13.65
C SER P 157 82.66 -50.83 13.64
N GLY P 158 82.37 -51.64 12.63
CA GLY P 158 81.06 -52.23 12.47
C GLY P 158 80.87 -53.52 13.25
N SER P 159 79.94 -54.33 12.76
CA SER P 159 79.58 -55.62 13.32
C SER P 159 79.72 -56.68 12.23
N ALA P 160 79.53 -57.94 12.61
CA ALA P 160 79.61 -59.05 11.66
C ALA P 160 79.03 -60.32 12.26
N PRO P 191 92.61 -56.05 15.81
CA PRO P 191 92.85 -55.03 14.79
C PRO P 191 92.06 -55.22 13.50
N VAL P 192 91.47 -56.41 13.32
CA VAL P 192 90.65 -56.72 12.15
C VAL P 192 89.66 -55.59 11.89
N ILE P 193 89.61 -55.13 10.64
CA ILE P 193 88.73 -54.06 10.22
C ILE P 193 87.57 -54.70 9.47
N ASN P 194 86.42 -54.81 10.15
CA ASN P 194 85.21 -55.34 9.55
C ASN P 194 84.94 -54.67 8.20
N PRO P 195 84.52 -55.41 7.16
CA PRO P 195 84.31 -54.76 5.87
C PRO P 195 83.12 -53.83 5.84
N ASN P 196 82.19 -53.93 6.79
CA ASN P 196 81.04 -53.05 6.85
C ASN P 196 81.30 -51.78 7.66
N SER P 197 82.55 -51.56 8.06
CA SER P 197 82.95 -50.39 8.82
C SER P 197 83.48 -49.31 7.89
N MET P 198 83.38 -48.05 8.31
CA MET P 198 83.95 -46.98 7.50
C MET P 198 85.48 -46.99 7.59
N ALA P 199 86.06 -47.76 8.51
CA ALA P 199 87.50 -47.91 8.60
C ALA P 199 88.03 -48.80 7.50
N ALA P 200 87.19 -49.72 6.98
CA ALA P 200 87.61 -50.57 5.88
C ALA P 200 87.91 -49.74 4.65
N LEU P 201 87.21 -48.62 4.51
CA LEU P 201 87.42 -47.66 3.45
C LEU P 201 88.31 -46.57 4.03
N GLY P 202 88.72 -45.62 3.19
CA GLY P 202 89.54 -44.53 3.66
C GLY P 202 88.64 -43.44 4.22
N ILE P 203 87.91 -43.77 5.28
CA ILE P 203 86.98 -42.83 5.91
C ILE P 203 87.14 -42.94 7.42
N GLU P 204 87.04 -41.80 8.09
CA GLU P 204 87.13 -41.72 9.55
C GLU P 204 86.15 -40.66 10.00
N VAL P 205 85.03 -41.06 10.61
CA VAL P 205 84.01 -40.11 11.05
C VAL P 205 84.53 -39.45 12.33
N VAL P 206 85.04 -38.23 12.19
CA VAL P 206 85.60 -37.51 13.34
C VAL P 206 84.50 -37.05 14.29
N ASP P 207 83.31 -36.75 13.79
CA ASP P 207 82.24 -36.28 14.66
C ASP P 207 80.89 -36.48 13.99
N VAL P 208 79.85 -36.51 14.84
CA VAL P 208 78.46 -36.67 14.42
C VAL P 208 77.63 -35.78 15.33
N ARG P 209 76.78 -34.94 14.75
CA ARG P 209 75.96 -34.02 15.52
C ARG P 209 74.58 -33.89 14.87
N ILE P 210 73.61 -33.48 15.68
CA ILE P 210 72.22 -33.33 15.27
C ILE P 210 71.91 -31.83 15.27
N LYS P 211 71.58 -31.29 14.10
CA LYS P 211 71.32 -29.86 13.98
C LYS P 211 69.99 -29.47 14.62
N GLN P 212 68.90 -30.13 14.22
CA GLN P 212 67.59 -29.79 14.75
C GLN P 212 66.68 -31.03 14.76
N ILE P 213 66.13 -31.33 15.93
CA ILE P 213 65.23 -32.48 16.10
C ILE P 213 63.82 -31.91 16.06
N ASN P 214 63.21 -31.88 14.88
CA ASN P 214 61.86 -31.36 14.74
C ASN P 214 60.87 -32.44 15.17
N LEU P 215 59.58 -32.20 14.94
CA LEU P 215 58.51 -33.13 15.29
C LEU P 215 57.53 -33.23 14.14
N PRO P 216 56.74 -34.31 14.06
CA PRO P 216 55.73 -34.41 13.01
C PRO P 216 54.73 -33.27 13.07
N THR P 217 54.07 -33.04 11.93
CA THR P 217 53.05 -32.00 11.86
C THR P 217 51.89 -32.30 12.81
N GLU P 218 51.52 -33.57 12.94
CA GLU P 218 50.41 -33.95 13.81
C GLU P 218 50.80 -33.83 15.29
N VAL P 219 51.96 -34.36 15.66
CA VAL P 219 52.43 -34.30 17.04
C VAL P 219 52.54 -32.86 17.51
N SER P 220 52.97 -31.97 16.62
CA SER P 220 53.12 -30.56 16.99
C SER P 220 51.78 -29.88 17.21
N GLU P 221 50.74 -30.29 16.48
CA GLU P 221 49.44 -29.68 16.68
C GLU P 221 48.83 -30.06 18.03
N ALA P 222 49.13 -31.26 18.54
CA ALA P 222 48.54 -31.69 19.80
C ALA P 222 49.17 -31.05 21.03
N ILE P 223 50.46 -30.69 20.98
CA ILE P 223 51.07 -30.07 22.14
C ILE P 223 50.54 -28.64 22.34
N TYR P 224 50.37 -27.90 21.24
CA TYR P 224 49.86 -26.53 21.35
C TYR P 224 48.47 -26.52 22.00
N ASN P 225 47.62 -27.49 21.64
CA ASN P 225 46.31 -27.58 22.29
C ASN P 225 46.48 -27.78 23.79
N ARG P 226 47.44 -28.61 24.18
CA ARG P 226 47.71 -28.84 25.60
C ARG P 226 48.17 -27.54 26.26
N MET P 227 49.12 -26.84 25.63
CA MET P 227 49.60 -25.58 26.17
C MET P 227 48.48 -24.54 26.18
N ARG P 228 47.65 -24.52 25.14
CA ARG P 228 46.55 -23.58 25.08
C ARG P 228 45.54 -23.84 26.20
N ALA P 229 45.23 -25.11 26.46
CA ALA P 229 44.29 -25.45 27.51
C ALA P 229 44.80 -25.01 28.88
N GLU P 230 46.10 -25.21 29.14
CA GLU P 230 46.68 -24.80 30.41
C GLU P 230 46.59 -23.30 30.60
N ARG P 231 46.91 -22.54 29.54
CA ARG P 231 46.84 -21.08 29.63
C ARG P 231 45.42 -20.61 29.90
N GLU P 232 44.44 -21.23 29.23
CA GLU P 232 43.04 -20.86 29.45
C GLU P 232 42.64 -21.12 30.90
N ALA P 233 43.12 -22.21 31.48
CA ALA P 233 42.82 -22.52 32.88
C ALA P 233 43.27 -21.40 33.80
N VAL P 234 44.52 -20.96 33.64
CA VAL P 234 45.04 -19.88 34.47
C VAL P 234 44.24 -18.60 34.24
N ALA P 235 44.02 -18.26 32.97
CA ALA P 235 43.22 -17.07 32.67
C ALA P 235 41.81 -17.19 33.24
N ARG P 236 41.20 -18.37 33.06
CA ARG P 236 39.86 -18.60 33.61
C ARG P 236 39.90 -18.56 35.14
N ARG P 237 40.95 -19.13 35.73
CA ARG P 237 41.09 -19.13 37.18
C ARG P 237 41.16 -17.71 37.72
N HIS P 238 41.97 -16.86 37.10
CA HIS P 238 42.09 -15.48 37.55
C HIS P 238 40.76 -14.74 37.41
N ARG P 239 40.08 -14.90 36.27
CA ARG P 239 38.80 -14.23 36.09
C ARG P 239 37.77 -14.72 37.10
N SER P 240 37.77 -16.02 37.40
CA SER P 240 36.85 -16.55 38.41
C SER P 240 37.18 -15.98 39.78
N GLN P 241 38.48 -15.85 40.08
CA GLN P 241 38.90 -15.27 41.36
C GLN P 241 38.40 -13.84 41.49
N GLY P 242 38.51 -13.06 40.42
CA GLY P 242 38.04 -11.68 40.45
C GLY P 242 36.57 -11.59 40.78
N GLN P 243 35.75 -12.46 40.16
CA GLN P 243 34.32 -12.45 40.45
C GLN P 243 34.06 -12.78 41.91
N GLU P 244 34.85 -13.70 42.47
CA GLU P 244 34.69 -14.05 43.88
C GLU P 244 34.94 -12.83 44.77
N GLU P 245 36.06 -12.14 44.53
CA GLU P 245 36.36 -10.93 45.29
C GLU P 245 35.29 -9.87 45.11
N ALA P 246 34.87 -9.66 43.85
CA ALA P 246 33.83 -8.67 43.57
C ALA P 246 32.53 -9.03 44.27
N GLU P 247 32.15 -10.32 44.24
CA GLU P 247 30.93 -10.75 44.90
C GLU P 247 30.99 -10.49 46.40
N LYS P 248 32.15 -10.74 47.02
CA LYS P 248 32.30 -10.51 48.45
C LYS P 248 32.09 -9.04 48.79
N LEU P 249 32.70 -8.14 48.01
CA LEU P 249 32.53 -6.71 48.27
C LEU P 249 31.07 -6.29 48.09
N ARG P 250 30.42 -6.78 47.04
CA ARG P 250 29.00 -6.46 46.83
C ARG P 250 28.14 -7.01 47.96
N ALA P 251 28.49 -8.21 48.46
CA ALA P 251 27.73 -8.82 49.54
C ALA P 251 27.72 -7.95 50.79
N THR P 252 28.89 -7.50 51.22
CA THR P 252 28.96 -6.65 52.42
C THR P 252 28.30 -5.30 52.16
N ALA P 253 28.41 -4.76 50.95
CA ALA P 253 27.77 -3.50 50.62
C ALA P 253 26.26 -3.59 50.78
N ASP P 254 25.67 -4.67 50.28
CA ASP P 254 24.22 -4.86 50.40
C ASP P 254 23.82 -4.98 51.86
N TYR P 255 24.60 -5.71 52.66
CA TYR P 255 24.29 -5.86 54.08
C TYR P 255 24.28 -4.51 54.78
N GLU P 256 25.32 -3.70 54.54
CA GLU P 256 25.37 -2.38 55.16
C GLU P 256 24.21 -1.51 54.70
N VAL P 257 23.88 -1.57 53.40
CA VAL P 257 22.76 -0.80 52.89
C VAL P 257 21.46 -1.22 53.56
N THR P 258 21.26 -2.53 53.70
CA THR P 258 20.05 -3.03 54.36
C THR P 258 20.01 -2.59 55.82
N ARG P 259 21.17 -2.60 56.48
CA ARG P 259 21.23 -2.18 57.88
C ARG P 259 20.79 -0.73 58.05
N THR P 260 21.27 0.16 57.17
CA THR P 260 20.87 1.56 57.25
C THR P 260 19.38 1.71 57.01
N LEU P 261 18.85 1.00 56.01
CA LEU P 261 17.41 1.07 55.74
C LEU P 261 16.60 0.59 56.94
N ALA P 262 17.06 -0.48 57.59
CA ALA P 262 16.36 -0.98 58.76
C ALA P 262 16.45 0.01 59.91
N GLU P 263 17.61 0.66 60.07
CA GLU P 263 17.77 1.67 61.11
C GLU P 263 16.80 2.81 60.89
N ALA P 264 16.72 3.30 59.65
CA ALA P 264 15.79 4.38 59.33
C ALA P 264 14.35 3.95 59.55
N GLU P 265 14.02 2.71 59.15
CA GLU P 265 12.66 2.21 59.36
C GLU P 265 12.34 2.10 60.84
N ARG P 266 13.32 1.69 61.65
CA ARG P 266 13.09 1.59 63.08
C ARG P 266 12.78 2.96 63.67
N GLN P 267 13.56 3.98 63.29
CA GLN P 267 13.32 5.33 63.77
C GLN P 267 11.96 5.84 63.33
N GLY P 268 11.58 5.55 62.08
CA GLY P 268 10.29 6.00 61.58
C GLY P 268 9.12 5.40 62.34
N ARG P 269 9.22 4.12 62.71
CA ARG P 269 8.15 3.47 63.45
C ARG P 269 7.88 4.17 64.77
N ILE P 270 8.94 4.61 65.45
CA ILE P 270 8.79 5.31 66.72
C ILE P 270 7.94 6.55 66.54
N MET P 271 8.20 7.33 65.48
CA MET P 271 7.41 8.53 65.23
C MET P 271 5.94 8.18 65.00
N ARG P 272 5.66 7.10 64.27
CA ARG P 272 4.29 6.69 64.04
C ARG P 272 3.59 6.36 65.35
N GLY P 273 4.29 5.65 66.25
CA GLY P 273 3.71 5.32 67.54
C GLY P 273 3.39 6.55 68.36
N GLU P 274 4.28 7.54 68.34
CA GLU P 274 4.05 8.77 69.08
C GLU P 274 2.79 9.48 68.57
N GLY P 275 2.67 9.63 67.25
CA GLY P 275 1.49 10.26 66.69
C GLY P 275 0.22 9.51 67.03
N ASP P 276 0.25 8.18 66.89
CA ASP P 276 -0.92 7.38 67.22
C ASP P 276 -1.25 7.50 68.70
N ALA P 277 -0.23 7.49 69.56
CA ALA P 277 -0.45 7.63 71.00
C ALA P 277 -1.01 9.01 71.30
N GLU P 278 -0.43 10.05 70.71
CA GLU P 278 -0.93 11.41 70.92
C GLU P 278 -2.37 11.54 70.45
N ALA P 279 -2.66 10.99 69.27
CA ALA P 279 -4.03 11.05 68.74
C ALA P 279 -4.98 10.26 69.63
N ALA P 280 -4.53 9.13 70.18
CA ALA P 280 -5.37 8.33 71.05
C ALA P 280 -5.77 9.10 72.30
N LYS P 281 -4.86 9.94 72.81
CA LYS P 281 -5.18 10.75 73.99
C LYS P 281 -6.35 11.68 73.69
N LEU P 282 -6.27 12.42 72.58
CA LEU P 282 -7.36 13.31 72.20
C LEU P 282 -8.64 12.53 71.96
N PHE P 283 -8.55 11.40 71.25
CA PHE P 283 -9.73 10.56 71.04
C PHE P 283 -10.33 10.12 72.38
N ALA P 284 -9.47 9.69 73.32
CA ALA P 284 -9.96 9.18 74.60
C ALA P 284 -10.78 10.21 75.38
N ASP P 285 -10.27 11.43 75.53
CA ASP P 285 -11.03 12.44 76.27
C ASP P 285 -12.11 13.12 75.43
N ALA P 286 -12.20 12.82 74.14
CA ALA P 286 -13.19 13.38 73.23
C ALA P 286 -14.39 12.46 73.05
N PHE P 287 -14.15 11.15 72.94
CA PHE P 287 -15.20 10.16 72.75
C PHE P 287 -15.70 9.56 74.05
N SER P 288 -14.91 9.64 75.13
CA SER P 288 -15.36 9.15 76.43
C SER P 288 -16.61 9.88 76.89
N LYS P 289 -16.83 11.11 76.41
CA LYS P 289 -18.03 11.87 76.71
C LYS P 289 -19.27 11.04 76.44
N ASP P 290 -19.29 10.37 75.29
CA ASP P 290 -20.43 9.52 74.90
C ASP P 290 -19.87 8.40 74.02
N PRO P 291 -19.38 7.31 74.64
CA PRO P 291 -18.84 6.21 73.82
C PRO P 291 -19.85 5.55 72.91
N ASP P 292 -21.10 5.41 73.34
CA ASP P 292 -22.10 4.75 72.52
C ASP P 292 -22.46 5.61 71.31
N PHE P 293 -22.59 6.92 71.50
CA PHE P 293 -22.90 7.78 70.37
C PHE P 293 -21.72 7.82 69.39
N TYR P 294 -20.49 7.88 69.92
CA TYR P 294 -19.33 7.88 69.04
C TYR P 294 -19.22 6.56 68.28
N ALA P 295 -19.55 5.46 68.96
CA ALA P 295 -19.50 4.16 68.30
C ALA P 295 -20.61 4.07 67.26
N PHE P 296 -21.79 4.63 67.58
CA PHE P 296 -22.88 4.66 66.61
C PHE P 296 -22.48 5.48 65.39
N ILE P 297 -21.91 6.67 65.63
CA ILE P 297 -21.45 7.52 64.54
C ILE P 297 -20.35 6.83 63.76
N ARG P 298 -19.32 6.37 64.48
CA ARG P 298 -18.18 5.72 63.83
C ARG P 298 -18.61 4.45 63.11
N SER P 299 -19.57 3.69 63.67
CA SER P 299 -20.02 2.47 63.01
C SER P 299 -20.77 2.79 61.73
N LEU P 300 -21.66 3.79 61.76
CA LEU P 300 -22.41 4.17 60.57
C LEU P 300 -21.45 4.57 59.44
N ARG P 301 -20.47 5.43 59.75
CA ARG P 301 -19.49 5.84 58.75
C ARG P 301 -18.75 4.64 58.19
N ALA P 302 -18.33 3.72 59.07
CA ALA P 302 -17.62 2.52 58.63
C ALA P 302 -18.43 1.75 57.60
N TYR P 303 -19.75 1.68 57.78
CA TYR P 303 -20.60 1.01 56.80
C TYR P 303 -20.47 1.71 55.44
N GLU P 304 -20.72 3.02 55.42
CA GLU P 304 -20.65 3.81 54.20
C GLU P 304 -19.30 3.65 53.49
N ASN P 305 -18.21 3.70 54.25
CA ASN P 305 -16.87 3.57 53.67
C ASN P 305 -16.67 2.18 53.06
N SER P 306 -16.88 1.14 53.85
CA SER P 306 -16.66 -0.22 53.38
C SER P 306 -17.65 -0.61 52.28
N PHE P 307 -18.95 -0.48 52.54
CA PHE P 307 -19.97 -0.87 51.57
C PHE P 307 -20.00 -0.02 50.30
N SER P 308 -19.16 1.02 50.19
CA SER P 308 -19.11 1.82 48.96
C SER P 308 -19.02 0.94 47.72
N GLY P 309 -18.26 -0.15 47.80
CA GLY P 309 -18.17 -1.10 46.70
C GLY P 309 -19.53 -1.61 46.29
N ASN P 310 -19.61 -2.06 45.03
CA ASN P 310 -20.86 -2.56 44.46
C ASN P 310 -20.87 -4.06 44.23
N GLN P 311 -19.70 -4.72 44.17
CA GLN P 311 -19.67 -6.16 44.02
C GLN P 311 -20.40 -6.85 45.17
N ASP P 312 -20.34 -6.26 46.36
CA ASP P 312 -21.01 -6.80 47.53
C ASP P 312 -22.52 -6.80 47.33
N VAL P 313 -23.20 -7.63 48.11
CA VAL P 313 -24.65 -7.77 48.04
C VAL P 313 -25.21 -7.70 49.46
N MET P 314 -26.47 -7.27 49.57
CA MET P 314 -27.18 -7.18 50.84
C MET P 314 -28.46 -8.00 50.79
N VAL P 315 -28.67 -8.84 51.79
CA VAL P 315 -29.86 -9.69 51.89
C VAL P 315 -30.68 -9.23 53.09
N MET P 316 -31.85 -8.64 52.82
CA MET P 316 -32.75 -8.18 53.87
C MET P 316 -34.17 -8.69 53.58
N SER P 317 -35.15 -8.25 54.36
CA SER P 317 -36.54 -8.63 54.17
C SER P 317 -37.41 -7.46 54.57
N PRO P 318 -38.63 -7.33 54.00
CA PRO P 318 -39.50 -6.20 54.40
C PRO P 318 -39.86 -6.18 55.88
N ASP P 319 -39.73 -7.31 56.59
CA ASP P 319 -40.03 -7.36 58.00
C ASP P 319 -39.06 -6.56 58.85
N SER P 320 -37.83 -6.35 58.35
CA SER P 320 -36.79 -5.60 59.06
C SER P 320 -37.34 -4.27 59.58
N ASP P 321 -36.81 -3.84 60.72
CA ASP P 321 -37.27 -2.60 61.35
C ASP P 321 -37.09 -1.41 60.41
N PHE P 322 -36.01 -1.39 59.64
CA PHE P 322 -35.84 -0.29 58.68
C PHE P 322 -36.93 -0.32 57.62
N PHE P 323 -37.42 -1.52 57.27
CA PHE P 323 -38.51 -1.68 56.31
C PHE P 323 -39.88 -1.72 56.98
N ARG P 324 -39.99 -1.12 58.16
CA ARG P 324 -41.26 -1.04 58.86
C ARG P 324 -42.30 -0.27 58.05
N TYR P 325 -41.87 0.78 57.36
CA TYR P 325 -42.78 1.62 56.58
C TYR P 325 -43.05 1.07 55.18
N MET P 326 -42.42 -0.03 54.78
CA MET P 326 -42.72 -0.60 53.47
C MET P 326 -44.15 -1.12 53.41
N LYS P 327 -44.75 -1.45 54.55
CA LYS P 327 -46.11 -1.97 54.62
C LYS P 327 -47.13 -0.83 54.65
N THR P 328 -48.38 -1.19 54.36
CA THR P 328 -49.51 -0.26 54.30
C THR P 328 -49.63 0.58 55.57
N PRO P 329 -50.06 1.86 55.48
CA PRO P 329 -50.17 2.66 56.69
C PRO P 329 -51.37 2.27 57.55
N ARG Q 79 117.05 -57.94 -49.00
CA ARG Q 79 117.11 -56.86 -48.04
C ARG Q 79 115.70 -56.36 -47.70
N VAL Q 80 114.82 -56.36 -48.71
CA VAL Q 80 113.45 -55.90 -48.50
C VAL Q 80 112.71 -56.85 -47.57
N VAL Q 81 113.02 -58.15 -47.63
CA VAL Q 81 112.34 -59.13 -46.77
C VAL Q 81 112.71 -58.89 -45.31
N THR Q 82 113.96 -58.51 -45.04
CA THR Q 82 114.41 -58.28 -43.68
C THR Q 82 113.64 -57.13 -43.03
N ILE Q 83 113.35 -56.07 -43.80
CA ILE Q 83 112.65 -54.91 -43.26
C ILE Q 83 111.25 -55.30 -42.80
N ALA Q 84 110.56 -56.15 -43.57
CA ALA Q 84 109.20 -56.55 -43.22
C ALA Q 84 109.12 -57.29 -41.90
N ALA Q 85 110.13 -58.09 -41.57
CA ALA Q 85 110.11 -58.85 -40.31
C ALA Q 85 110.04 -57.93 -39.11
N ALA Q 86 110.82 -56.83 -39.12
CA ALA Q 86 110.83 -55.89 -38.01
C ALA Q 86 109.44 -55.26 -37.80
N ALA Q 87 108.78 -54.89 -38.90
CA ALA Q 87 107.49 -54.20 -38.81
C ALA Q 87 106.41 -55.02 -38.12
N ILE Q 88 106.32 -56.32 -38.42
CA ILE Q 88 105.25 -57.13 -37.84
C ILE Q 88 105.49 -57.37 -36.35
N VAL Q 89 106.73 -57.56 -35.93
CA VAL Q 89 106.99 -57.84 -34.52
C VAL Q 89 106.70 -56.65 -33.62
N ILE Q 90 106.94 -55.41 -34.10
CA ILE Q 90 106.70 -54.25 -33.25
C ILE Q 90 105.21 -54.09 -32.92
N ILE Q 91 104.33 -54.31 -33.91
CA ILE Q 91 102.90 -54.16 -33.67
C ILE Q 91 102.42 -55.20 -32.67
N TRP Q 92 102.95 -56.42 -32.76
CA TRP Q 92 102.55 -57.49 -31.83
C TRP Q 92 102.87 -57.09 -30.39
N ALA Q 93 104.08 -56.58 -30.15
CA ALA Q 93 104.45 -56.17 -28.80
C ALA Q 93 103.68 -54.93 -28.35
N ALA Q 94 103.50 -53.96 -29.25
CA ALA Q 94 102.79 -52.73 -28.90
C ALA Q 94 101.38 -53.03 -28.40
N SER Q 95 100.55 -53.65 -29.24
CA SER Q 95 99.20 -54.02 -28.83
C SER Q 95 99.25 -55.02 -27.70
N GLY Q 96 100.21 -55.95 -27.75
CA GLY Q 96 100.34 -56.97 -26.71
C GLY Q 96 100.45 -56.40 -25.32
N PHE Q 97 101.21 -55.33 -25.15
CA PHE Q 97 101.38 -54.73 -23.84
C PHE Q 97 100.06 -54.15 -23.35
N TYR Q 98 99.71 -54.42 -22.09
CA TYR Q 98 98.46 -53.96 -21.52
C TYR Q 98 98.68 -53.73 -20.02
N THR Q 99 97.98 -52.73 -19.50
CA THR Q 99 98.04 -52.37 -18.08
C THR Q 99 96.69 -52.65 -17.42
N ILE Q 100 96.75 -53.19 -16.20
CA ILE Q 100 95.56 -53.52 -15.42
C ILE Q 100 95.56 -52.64 -14.17
N LYS Q 101 94.40 -52.07 -13.85
CA LYS Q 101 94.26 -51.20 -12.69
C LYS Q 101 94.55 -51.96 -11.39
N GLU Q 102 94.67 -51.21 -10.30
CA GLU Q 102 94.91 -51.80 -8.99
C GLU Q 102 93.61 -52.37 -8.43
N ALA Q 103 92.49 -51.70 -8.67
CA ALA Q 103 91.20 -52.18 -8.22
C ALA Q 103 90.62 -53.26 -9.12
N GLU Q 104 91.31 -53.62 -10.20
CA GLU Q 104 90.89 -54.65 -11.13
C GLU Q 104 91.92 -55.78 -11.11
N ARG Q 105 91.49 -56.96 -11.56
CA ARG Q 105 92.36 -58.13 -11.61
C ARG Q 105 92.24 -58.78 -12.99
N GLY Q 106 93.27 -58.61 -13.81
CA GLY Q 106 93.28 -59.22 -15.12
C GLY Q 106 93.25 -60.74 -15.03
N VAL Q 107 92.67 -61.36 -16.06
CA VAL Q 107 92.58 -62.81 -16.15
C VAL Q 107 93.15 -63.21 -17.51
N VAL Q 108 94.44 -63.56 -17.55
CA VAL Q 108 95.03 -64.00 -18.81
C VAL Q 108 94.50 -65.39 -19.11
N THR Q 109 94.11 -65.62 -20.37
CA THR Q 109 93.55 -66.90 -20.79
C THR Q 109 94.12 -67.35 -22.11
N ARG Q 110 94.55 -68.62 -22.18
CA ARG Q 110 95.01 -69.19 -23.44
C ARG Q 110 93.80 -69.24 -24.38
N PHE Q 111 94.04 -69.59 -25.66
CA PHE Q 111 92.98 -69.59 -26.68
C PHE Q 111 91.68 -70.17 -26.15
N GLY Q 112 91.71 -71.42 -25.67
CA GLY Q 112 90.59 -72.04 -25.00
C GLY Q 112 90.74 -72.11 -23.50
N LYS Q 113 91.96 -72.44 -23.08
CA LYS Q 113 92.24 -72.67 -21.67
C LYS Q 113 92.61 -71.41 -20.91
N PHE Q 114 92.25 -71.41 -19.63
CA PHE Q 114 92.64 -70.36 -18.73
C PHE Q 114 94.12 -70.60 -18.41
N SER Q 115 94.89 -69.52 -18.29
CA SER Q 115 96.32 -69.65 -18.05
C SER Q 115 96.71 -69.34 -16.61
N HIS Q 116 96.33 -68.18 -16.10
CA HIS Q 116 96.66 -67.79 -14.74
C HIS Q 116 95.97 -66.47 -14.45
N LEU Q 117 95.90 -66.12 -13.17
CA LEU Q 117 95.31 -64.86 -12.73
C LEU Q 117 96.48 -63.91 -12.49
N VAL Q 118 96.47 -62.80 -13.20
CA VAL Q 118 97.54 -61.82 -13.10
C VAL Q 118 97.22 -60.84 -11.99
N GLU Q 119 98.23 -60.46 -11.25
CA GLU Q 119 98.12 -59.53 -10.13
C GLU Q 119 98.34 -58.12 -10.66
N PRO Q 120 97.91 -57.09 -9.91
CA PRO Q 120 98.06 -55.71 -10.38
C PRO Q 120 99.47 -55.38 -10.86
N GLY Q 121 99.54 -54.38 -11.74
CA GLY Q 121 100.78 -53.94 -12.34
C GLY Q 121 100.75 -54.03 -13.85
N LEU Q 122 101.92 -53.98 -14.49
CA LEU Q 122 102.04 -54.01 -15.94
C LEU Q 122 102.48 -55.39 -16.41
N ASN Q 123 101.61 -56.05 -17.17
CA ASN Q 123 101.89 -57.36 -17.76
C ASN Q 123 101.83 -57.27 -19.27
N TRP Q 124 102.21 -58.36 -19.94
CA TRP Q 124 102.21 -58.47 -21.39
C TRP Q 124 101.43 -59.70 -21.82
N LYS Q 125 100.62 -59.57 -22.86
CA LYS Q 125 99.85 -60.67 -23.41
C LYS Q 125 100.04 -60.71 -24.93
N PRO Q 126 100.45 -61.85 -25.51
CA PRO Q 126 100.55 -61.90 -26.99
C PRO Q 126 99.23 -61.58 -27.67
N THR Q 127 99.24 -60.51 -28.47
CA THR Q 127 98.03 -60.08 -29.17
C THR Q 127 97.51 -61.17 -30.09
N PHE Q 128 96.19 -61.38 -30.06
CA PHE Q 128 95.43 -62.37 -30.84
C PHE Q 128 95.57 -63.78 -30.30
N ILE Q 129 96.32 -64.00 -29.22
CA ILE Q 129 96.52 -65.32 -28.62
C ILE Q 129 95.74 -65.44 -27.31
N ASP Q 130 95.92 -64.49 -26.41
CA ASP Q 130 95.24 -64.47 -25.12
C ASP Q 130 94.58 -63.11 -24.91
N GLU Q 131 93.57 -63.10 -24.05
CA GLU Q 131 92.79 -61.91 -23.73
C GLU Q 131 92.64 -61.79 -22.22
N VAL Q 132 92.51 -60.55 -21.76
CA VAL Q 132 92.36 -60.23 -20.35
C VAL Q 132 90.95 -59.70 -20.09
N LYS Q 133 90.39 -60.07 -18.95
CA LYS Q 133 89.05 -59.64 -18.53
C LYS Q 133 89.18 -58.95 -17.18
N PRO Q 134 89.12 -57.61 -17.10
CA PRO Q 134 89.27 -56.98 -15.77
C PRO Q 134 87.97 -57.01 -14.97
N VAL Q 135 88.08 -57.49 -13.74
CA VAL Q 135 86.97 -57.56 -12.79
C VAL Q 135 87.34 -56.67 -11.61
N ASN Q 136 86.42 -55.80 -11.20
CA ASN Q 136 86.67 -54.86 -10.10
C ASN Q 136 86.58 -55.60 -8.77
N VAL Q 137 87.74 -56.00 -8.24
CA VAL Q 137 87.82 -56.75 -6.99
C VAL Q 137 87.91 -55.86 -5.76
N GLU Q 138 88.01 -54.54 -5.94
CA GLU Q 138 88.12 -53.59 -4.84
C GLU Q 138 86.91 -52.67 -4.70
N ALA Q 139 86.30 -52.25 -5.81
CA ALA Q 139 85.15 -51.36 -5.74
C ALA Q 139 84.02 -51.99 -4.94
N VAL Q 140 83.25 -51.14 -4.27
CA VAL Q 140 82.12 -51.55 -3.45
C VAL Q 140 80.84 -51.43 -4.27
N ARG Q 141 80.20 -52.56 -4.55
CA ARG Q 141 78.96 -52.59 -5.31
C ARG Q 141 77.78 -52.45 -4.36
N GLU Q 142 76.60 -52.20 -4.95
CA GLU Q 142 75.37 -52.02 -4.19
C GLU Q 142 74.25 -52.82 -4.86
N LEU Q 143 73.28 -53.22 -4.05
CA LEU Q 143 72.16 -54.03 -4.54
C LEU Q 143 70.94 -53.69 -3.68
N ALA Q 144 70.07 -52.82 -4.21
CA ALA Q 144 68.86 -52.42 -3.50
C ALA Q 144 67.75 -53.41 -3.81
N ALA Q 145 67.19 -54.03 -2.76
CA ALA Q 145 66.11 -55.00 -2.87
C ALA Q 145 64.92 -54.49 -2.07
N SER Q 146 63.76 -54.38 -2.73
CA SER Q 146 62.56 -53.87 -2.08
C SER Q 146 61.36 -54.71 -2.51
N GLY Q 147 60.22 -54.38 -1.93
CA GLY Q 147 58.95 -55.02 -2.24
C GLY Q 147 58.01 -54.91 -1.06
N VAL Q 148 56.72 -55.07 -1.34
CA VAL Q 148 55.68 -55.03 -0.30
C VAL Q 148 55.52 -56.45 0.22
N MET Q 149 56.33 -56.81 1.20
CA MET Q 149 56.25 -58.15 1.76
C MET Q 149 55.12 -58.24 2.79
N LEU Q 150 54.68 -59.47 3.05
CA LEU Q 150 53.64 -59.78 4.02
C LEU Q 150 54.26 -60.49 5.22
N THR Q 151 53.83 -60.10 6.41
CA THR Q 151 54.37 -60.61 7.66
C THR Q 151 53.72 -61.95 8.07
N SER Q 152 54.00 -62.39 9.29
CA SER Q 152 53.53 -63.67 9.82
C SER Q 152 52.18 -63.60 10.50
N ASP Q 153 51.63 -62.40 10.71
CA ASP Q 153 50.34 -62.21 11.34
C ASP Q 153 49.30 -61.75 10.33
N GLU Q 154 49.52 -62.04 9.05
CA GLU Q 154 48.66 -61.66 7.93
C GLU Q 154 48.64 -60.16 7.70
N ASN Q 155 49.64 -59.44 8.22
CA ASN Q 155 49.76 -57.99 8.04
C ASN Q 155 50.75 -57.69 6.92
N VAL Q 156 50.59 -56.52 6.31
CA VAL Q 156 51.44 -56.07 5.22
C VAL Q 156 52.36 -54.97 5.72
N VAL Q 157 53.61 -54.99 5.26
CA VAL Q 157 54.61 -54.01 5.64
C VAL Q 157 55.39 -53.61 4.39
N ARG Q 158 55.54 -52.32 4.16
CA ARG Q 158 56.31 -51.81 3.02
C ARG Q 158 57.76 -51.73 3.49
N VAL Q 159 58.54 -52.74 3.15
CA VAL Q 159 59.95 -52.81 3.54
C VAL Q 159 60.82 -52.61 2.31
N GLU Q 160 61.91 -51.89 2.51
CA GLU Q 160 62.94 -51.66 1.50
C GLU Q 160 64.29 -51.93 2.15
N MET Q 161 65.19 -52.56 1.41
CA MET Q 161 66.50 -52.93 1.93
C MET Q 161 67.58 -52.64 0.90
N ASN Q 162 68.80 -52.43 1.40
CA ASN Q 162 69.99 -52.16 0.59
C ASN Q 162 71.04 -53.19 0.96
N VAL Q 163 71.67 -53.80 -0.04
CA VAL Q 163 72.68 -54.82 0.17
C VAL Q 163 73.96 -54.37 -0.52
N GLN Q 164 74.96 -53.99 0.27
CA GLN Q 164 76.27 -53.60 -0.22
C GLN Q 164 77.15 -54.83 -0.21
N TYR Q 165 77.78 -55.13 -1.35
CA TYR Q 165 78.60 -56.33 -1.47
C TYR Q 165 79.83 -56.04 -2.34
N ARG Q 166 80.67 -57.06 -2.44
CA ARG Q 166 81.91 -57.02 -3.22
C ARG Q 166 81.99 -58.32 -4.01
N VAL Q 167 83.08 -58.47 -4.76
CA VAL Q 167 83.32 -59.64 -5.60
C VAL Q 167 84.62 -60.29 -5.11
N THR Q 168 84.99 -61.41 -5.73
CA THR Q 168 86.14 -62.21 -5.33
C THR Q 168 86.81 -62.67 -6.63
N ASN Q 169 87.75 -63.63 -6.51
CA ASN Q 169 88.56 -64.17 -7.60
C ASN Q 169 87.70 -64.38 -8.85
N PRO Q 170 88.07 -63.79 -10.01
CA PRO Q 170 87.18 -63.89 -11.19
C PRO Q 170 86.99 -65.28 -11.73
N GLU Q 171 87.72 -66.30 -11.28
CA GLU Q 171 87.49 -67.63 -11.83
C GLU Q 171 86.10 -68.11 -11.43
N LYS Q 172 85.64 -67.77 -10.23
CA LYS Q 172 84.29 -68.12 -9.80
C LYS Q 172 83.27 -67.15 -10.40
N TYR Q 173 83.46 -65.85 -10.15
CA TYR Q 173 82.54 -64.83 -10.63
C TYR Q 173 82.28 -64.90 -12.13
N LEU Q 174 83.31 -65.19 -12.92
CA LEU Q 174 83.17 -65.24 -14.37
C LEU Q 174 82.74 -66.60 -14.92
N TYR Q 175 83.14 -67.72 -14.30
CA TYR Q 175 82.83 -69.05 -14.84
C TYR Q 175 82.16 -69.97 -13.83
N SER Q 176 81.29 -69.45 -12.96
CA SER Q 176 80.50 -70.29 -12.05
C SER Q 176 79.02 -70.24 -12.37
N VAL Q 177 78.45 -69.04 -12.45
CA VAL Q 177 77.04 -68.84 -12.77
C VAL Q 177 76.92 -67.61 -13.67
N THR Q 178 75.95 -67.64 -14.58
CA THR Q 178 75.72 -66.50 -15.44
C THR Q 178 75.03 -65.40 -14.64
N SER Q 179 75.35 -64.14 -14.99
CA SER Q 179 74.84 -62.94 -14.33
C SER Q 179 74.84 -63.08 -12.81
N PRO Q 180 76.01 -63.15 -12.16
CA PRO Q 180 76.03 -63.31 -10.69
C PRO Q 180 75.38 -62.17 -9.96
N ASP Q 181 75.48 -60.94 -10.45
CA ASP Q 181 74.87 -59.79 -9.78
C ASP Q 181 73.34 -59.92 -9.77
N ASP Q 182 72.76 -60.27 -10.92
CA ASP Q 182 71.31 -60.41 -11.00
C ASP Q 182 70.83 -61.62 -10.20
N SER Q 183 71.56 -62.73 -10.28
CA SER Q 183 71.18 -63.92 -9.53
C SER Q 183 71.14 -63.66 -8.04
N LEU Q 184 72.10 -62.87 -7.53
CA LEU Q 184 72.12 -62.55 -6.11
C LEU Q 184 70.90 -61.73 -5.73
N ARG Q 185 70.47 -60.83 -6.62
CA ARG Q 185 69.29 -60.03 -6.33
C ARG Q 185 68.06 -60.90 -6.17
N GLN Q 186 67.95 -61.95 -6.99
CA GLN Q 186 66.83 -62.88 -6.84
C GLN Q 186 66.95 -63.63 -5.53
N ALA Q 187 68.17 -64.05 -5.17
CA ALA Q 187 68.39 -64.70 -3.89
C ALA Q 187 68.05 -63.76 -2.74
N THR Q 188 68.38 -62.48 -2.90
CA THR Q 188 68.10 -61.49 -1.86
C THR Q 188 66.60 -61.37 -1.64
N ASP Q 189 65.81 -61.43 -2.72
CA ASP Q 189 64.37 -61.36 -2.59
C ASP Q 189 63.85 -62.52 -1.74
N SER Q 190 64.36 -63.72 -1.99
CA SER Q 190 63.93 -64.88 -1.21
C SER Q 190 64.27 -64.70 0.27
N ALA Q 191 65.45 -64.16 0.56
CA ALA Q 191 65.83 -63.95 1.96
C ALA Q 191 64.96 -62.88 2.61
N LEU Q 192 64.82 -61.73 1.95
CA LEU Q 192 63.99 -60.67 2.50
C LEU Q 192 62.53 -61.12 2.65
N ARG Q 193 61.99 -61.76 1.61
CA ARG Q 193 60.62 -62.27 1.67
C ARG Q 193 60.47 -63.33 2.74
N GLY Q 194 61.36 -64.32 2.73
CA GLY Q 194 61.29 -65.39 3.72
C GLY Q 194 61.40 -64.89 5.15
N VAL Q 195 62.37 -64.02 5.41
CA VAL Q 195 62.60 -63.51 6.76
C VAL Q 195 61.39 -62.75 7.27
N ILE Q 196 60.92 -61.75 6.50
CA ILE Q 196 59.74 -60.98 6.90
C ILE Q 196 58.56 -61.91 7.15
N GLY Q 197 58.45 -62.96 6.34
CA GLY Q 197 57.38 -63.93 6.52
C GLY Q 197 57.35 -64.57 7.90
N LYS Q 198 58.50 -64.72 8.53
CA LYS Q 198 58.56 -65.35 9.86
C LYS Q 198 58.11 -64.41 10.97
N TYR Q 199 58.51 -63.14 10.92
CA TYR Q 199 58.20 -62.17 11.97
C TYR Q 199 56.89 -61.41 11.68
N THR Q 200 56.31 -60.88 12.75
CA THR Q 200 55.08 -60.09 12.68
C THR Q 200 55.37 -58.63 12.35
N MET Q 201 54.31 -57.92 11.96
CA MET Q 201 54.43 -56.51 11.58
C MET Q 201 54.94 -55.64 12.72
N ASP Q 202 54.32 -55.74 13.90
CA ASP Q 202 54.71 -54.89 15.03
C ASP Q 202 56.18 -55.08 15.39
N ARG Q 203 56.65 -56.32 15.41
CA ARG Q 203 58.05 -56.60 15.72
C ARG Q 203 58.96 -55.98 14.66
N ILE Q 204 58.67 -56.23 13.38
CA ILE Q 204 59.50 -55.76 12.27
C ILE Q 204 59.67 -54.25 12.27
N LEU Q 205 58.71 -53.50 12.81
CA LEU Q 205 58.82 -52.04 12.74
C LEU Q 205 59.86 -51.48 13.70
N THR Q 206 59.90 -51.97 14.94
CA THR Q 206 60.82 -51.47 15.96
C THR Q 206 61.88 -52.47 16.40
N GLU Q 207 61.46 -53.67 16.82
CA GLU Q 207 62.37 -54.68 17.35
C GLU Q 207 63.08 -55.47 16.25
N GLY Q 208 62.33 -55.91 15.24
CA GLY Q 208 62.87 -56.75 14.18
C GLY Q 208 63.99 -56.13 13.38
N ARG Q 209 64.09 -54.80 13.35
CA ARG Q 209 65.10 -54.06 12.60
C ARG Q 209 66.50 -54.67 12.69
N THR Q 210 66.91 -55.08 13.89
CA THR Q 210 68.23 -55.67 14.08
C THR Q 210 68.29 -57.13 13.63
N VAL Q 211 67.31 -57.95 14.03
CA VAL Q 211 67.34 -59.37 13.66
C VAL Q 211 67.00 -59.59 12.19
N ILE Q 212 66.11 -58.78 11.61
CA ILE Q 212 65.72 -58.97 10.22
C ILE Q 212 66.93 -58.87 9.29
N ARG Q 213 67.79 -57.87 9.51
CA ARG Q 213 68.99 -57.76 8.68
C ARG Q 213 69.91 -58.95 8.88
N SER Q 214 70.05 -59.42 10.13
CA SER Q 214 70.89 -60.57 10.42
C SER Q 214 70.36 -61.81 9.72
N ASP Q 215 69.05 -62.07 9.86
CA ASP Q 215 68.45 -63.24 9.23
C ASP Q 215 68.53 -63.14 7.71
N THR Q 216 68.20 -61.99 7.15
CA THR Q 216 68.25 -61.80 5.71
C THR Q 216 69.67 -62.03 5.19
N GLN Q 217 70.68 -61.63 5.97
CA GLN Q 217 72.06 -61.86 5.57
C GLN Q 217 72.39 -63.34 5.60
N ARG Q 218 71.96 -64.03 6.67
CA ARG Q 218 72.22 -65.46 6.78
C ARG Q 218 71.46 -66.24 5.72
N GLU Q 219 70.19 -65.90 5.49
CA GLU Q 219 69.40 -66.61 4.49
C GLU Q 219 69.96 -66.42 3.10
N LEU Q 220 70.35 -65.19 2.76
CA LEU Q 220 70.93 -64.92 1.45
C LEU Q 220 72.17 -65.77 1.20
N GLU Q 221 73.03 -65.90 2.21
CA GLU Q 221 74.24 -66.71 2.06
C GLU Q 221 73.88 -68.19 1.86
N GLU Q 222 72.94 -68.70 2.66
CA GLU Q 222 72.52 -70.09 2.52
C GLU Q 222 71.88 -70.33 1.17
N THR Q 223 71.16 -69.34 0.65
CA THR Q 223 70.50 -69.48 -0.64
C THR Q 223 71.49 -69.58 -1.78
N ILE Q 224 72.64 -68.91 -1.68
CA ILE Q 224 73.64 -68.91 -2.75
C ILE Q 224 74.81 -69.86 -2.47
N ARG Q 225 74.75 -70.67 -1.40
CA ARG Q 225 75.86 -71.57 -1.14
C ARG Q 225 76.00 -72.66 -2.19
N PRO Q 226 74.96 -73.42 -2.54
CA PRO Q 226 75.12 -74.45 -3.60
C PRO Q 226 75.60 -73.90 -4.93
N TYR Q 227 75.19 -72.69 -5.28
CA TYR Q 227 75.57 -72.07 -6.56
C TYR Q 227 77.08 -72.05 -6.75
N ASP Q 228 77.83 -71.78 -5.68
CA ASP Q 228 79.29 -71.69 -5.64
C ASP Q 228 79.82 -70.38 -6.22
N MET Q 229 78.96 -69.40 -6.50
CA MET Q 229 79.40 -68.11 -7.03
C MET Q 229 80.44 -67.50 -6.11
N GLY Q 230 81.28 -66.64 -6.67
CA GLY Q 230 82.33 -66.02 -5.89
C GLY Q 230 81.96 -64.72 -5.22
N ILE Q 231 80.68 -64.37 -5.16
CA ILE Q 231 80.26 -63.15 -4.48
C ILE Q 231 80.29 -63.38 -2.98
N THR Q 232 80.81 -62.40 -2.24
CA THR Q 232 80.90 -62.44 -0.79
C THR Q 232 80.05 -61.32 -0.23
N LEU Q 233 79.21 -61.65 0.76
CA LEU Q 233 78.34 -60.65 1.35
C LEU Q 233 79.11 -59.85 2.38
N LEU Q 234 79.08 -58.52 2.23
CA LEU Q 234 79.76 -57.62 3.15
C LEU Q 234 78.83 -57.13 4.26
N ASP Q 235 77.68 -56.57 3.89
CA ASP Q 235 76.76 -56.04 4.89
C ASP Q 235 75.35 -55.98 4.35
N VAL Q 236 74.40 -56.13 5.26
CA VAL Q 236 72.97 -56.00 4.99
C VAL Q 236 72.53 -54.89 5.92
N ASN Q 237 72.40 -53.68 5.40
CA ASN Q 237 72.04 -52.50 6.20
C ASN Q 237 70.59 -52.11 5.90
N PHE Q 238 69.71 -52.45 6.84
CA PHE Q 238 68.30 -52.12 6.71
C PHE Q 238 68.12 -50.61 6.56
N GLN Q 239 67.22 -50.20 5.67
CA GLN Q 239 66.96 -48.79 5.41
C GLN Q 239 65.66 -48.27 6.01
N ALA Q 240 64.53 -48.94 5.72
CA ALA Q 240 63.24 -48.48 6.20
C ALA Q 240 62.25 -49.63 6.23
N ALA Q 241 61.27 -49.52 7.13
CA ALA Q 241 60.22 -50.51 7.33
C ALA Q 241 58.86 -49.82 7.51
N ARG Q 242 58.70 -48.64 6.92
CA ARG Q 242 57.46 -47.87 7.08
C ARG Q 242 56.25 -48.73 6.74
N PRO Q 243 55.12 -48.56 7.43
CA PRO Q 243 53.94 -49.39 7.15
C PRO Q 243 53.31 -49.01 5.82
N PRO Q 244 52.36 -49.82 5.32
CA PRO Q 244 51.67 -49.46 4.08
C PRO Q 244 50.97 -48.12 4.19
N GLU Q 245 50.51 -47.61 3.06
CA GLU Q 245 49.89 -46.29 3.04
C GLU Q 245 48.39 -46.33 3.29
N GLU Q 246 47.71 -47.42 2.91
CA GLU Q 246 46.28 -47.49 3.15
C GLU Q 246 45.97 -47.57 4.64
N VAL Q 247 46.82 -48.26 5.42
CA VAL Q 247 46.63 -48.40 6.86
C VAL Q 247 47.40 -47.39 7.69
N LYS Q 248 48.23 -46.54 7.06
CA LYS Q 248 48.98 -45.54 7.82
C LYS Q 248 48.04 -44.59 8.57
N ALA Q 249 46.92 -44.23 7.94
CA ALA Q 249 45.94 -43.34 8.56
C ALA Q 249 45.50 -43.85 9.93
N ALA Q 250 45.10 -45.13 10.00
CA ALA Q 250 44.65 -45.69 11.26
C ALA Q 250 45.78 -45.74 12.29
N PHE Q 251 47.00 -46.07 11.85
CA PHE Q 251 48.13 -46.10 12.77
C PHE Q 251 48.31 -44.76 13.48
N ASP Q 252 48.03 -43.66 12.77
CA ASP Q 252 48.13 -42.33 13.37
C ASP Q 252 46.98 -42.03 14.31
N ASP Q 253 45.80 -42.61 14.04
CA ASP Q 253 44.62 -42.36 14.87
C ASP Q 253 44.85 -42.80 16.31
N ALA Q 254 45.57 -43.92 16.50
CA ALA Q 254 45.84 -44.40 17.85
C ALA Q 254 46.56 -43.36 18.68
N ILE Q 255 47.44 -42.56 18.06
CA ILE Q 255 48.13 -41.50 18.78
C ILE Q 255 47.15 -40.38 19.12
N ALA Q 256 46.30 -40.02 18.16
CA ALA Q 256 45.31 -38.97 18.38
C ALA Q 256 44.38 -39.30 19.54
N ALA Q 257 44.11 -40.59 19.77
CA ALA Q 257 43.24 -40.97 20.88
C ALA Q 257 43.89 -40.65 22.21
N ARG Q 258 45.19 -40.90 22.33
CA ARG Q 258 45.91 -40.56 23.56
C ARG Q 258 45.81 -39.07 23.82
N GLU Q 259 46.06 -38.26 22.79
CA GLU Q 259 45.95 -36.81 22.94
C GLU Q 259 44.52 -36.41 23.27
N ASN Q 260 43.54 -37.05 22.62
CA ASN Q 260 42.13 -36.73 22.89
C ASN Q 260 41.79 -37.04 24.33
N GLU Q 261 42.25 -38.19 24.83
CA GLU Q 261 42.03 -38.56 26.23
C GLU Q 261 42.60 -37.50 27.15
N GLN Q 262 43.82 -37.06 26.89
CA GLN Q 262 44.45 -36.04 27.73
C GLN Q 262 43.73 -34.71 27.63
N GLN Q 263 43.31 -34.31 26.42
CA GLN Q 263 42.62 -33.02 26.26
C GLN Q 263 41.32 -32.99 27.05
N TYR Q 264 40.61 -34.12 27.10
CA TYR Q 264 39.37 -34.17 27.87
C TYR Q 264 39.63 -33.90 29.35
N ILE Q 265 40.70 -34.46 29.89
CA ILE Q 265 41.04 -34.26 31.30
C ILE Q 265 41.33 -32.80 31.58
N ARG Q 266 42.01 -32.12 30.65
CA ARG Q 266 42.33 -30.70 30.83
C ARG Q 266 41.07 -29.87 31.04
N GLU Q 267 40.03 -30.12 30.23
CA GLU Q 267 38.79 -29.38 30.38
C GLU Q 267 38.13 -29.69 31.72
N ALA Q 268 38.21 -30.94 32.17
CA ALA Q 268 37.61 -31.32 33.44
C ALA Q 268 38.27 -30.57 34.59
N GLU Q 269 39.60 -30.54 34.62
CA GLU Q 269 40.30 -29.84 35.69
C GLU Q 269 39.99 -28.35 35.66
N ALA Q 270 39.91 -27.76 34.46
CA ALA Q 270 39.58 -26.35 34.33
C ALA Q 270 38.22 -26.05 34.96
N TYR Q 271 37.23 -26.89 34.66
CA TYR Q 271 35.89 -26.70 35.20
C TYR Q 271 35.90 -26.75 36.73
N THR Q 272 36.62 -27.70 37.30
CA THR Q 272 36.71 -27.82 38.76
C THR Q 272 37.31 -26.57 39.38
N ASN Q 273 38.45 -26.12 38.85
CA ASN Q 273 39.11 -24.94 39.38
C ASN Q 273 38.30 -23.66 39.15
N GLU Q 274 37.45 -23.65 38.13
CA GLU Q 274 36.65 -22.46 37.83
C GLU Q 274 35.41 -22.36 38.72
N VAL Q 275 34.73 -23.47 38.96
CA VAL Q 275 33.50 -23.46 39.74
C VAL Q 275 33.74 -23.28 41.23
N GLN Q 276 34.84 -23.82 41.77
CA GLN Q 276 35.08 -23.72 43.20
C GLN Q 276 35.17 -22.29 43.71
N PRO Q 277 35.90 -21.36 43.08
CA PRO Q 277 35.89 -19.97 43.58
C PRO Q 277 34.50 -19.35 43.59
N ARG Q 278 33.66 -19.68 42.62
CA ARG Q 278 32.31 -19.13 42.58
C ARG Q 278 31.52 -19.52 43.82
N ALA Q 279 31.69 -20.76 44.29
CA ALA Q 279 30.99 -21.21 45.49
C ALA Q 279 31.35 -20.37 46.70
N ASN Q 280 32.64 -20.02 46.83
CA ASN Q 280 33.07 -19.19 47.95
C ASN Q 280 32.38 -17.83 47.92
N GLY Q 281 32.28 -17.22 46.75
CA GLY Q 281 31.60 -15.94 46.64
C GLY Q 281 30.14 -16.03 47.02
N GLN Q 282 29.46 -17.08 46.54
CA GLN Q 282 28.06 -17.26 46.87
C GLN Q 282 27.86 -17.46 48.36
N ALA Q 283 28.80 -18.13 49.02
CA ALA Q 283 28.70 -18.36 50.46
C ALA Q 283 28.67 -17.04 51.22
N GLN Q 284 29.57 -16.12 50.87
CA GLN Q 284 29.60 -14.82 51.55
C GLN Q 284 28.30 -14.05 51.31
N ARG Q 285 27.74 -14.17 50.10
CA ARG Q 285 26.50 -13.46 49.80
C ARG Q 285 25.36 -13.93 50.68
N ILE Q 286 25.19 -15.25 50.81
CA ILE Q 286 24.12 -15.76 51.67
C ILE Q 286 24.44 -15.46 53.13
N LEU Q 287 25.72 -15.48 53.50
CA LEU Q 287 26.09 -15.17 54.87
C LEU Q 287 25.73 -13.73 55.23
N GLU Q 288 26.01 -12.80 54.33
CA GLU Q 288 25.69 -11.40 54.59
C GLU Q 288 24.18 -11.19 54.68
N GLU Q 289 23.42 -11.92 53.84
CA GLU Q 289 21.97 -11.79 53.88
C GLU Q 289 21.43 -12.20 55.24
N ALA Q 290 22.01 -13.25 55.85
CA ALA Q 290 21.59 -13.67 57.18
C ALA Q 290 21.88 -12.57 58.20
N ARG Q 291 23.07 -11.97 58.12
CA ARG Q 291 23.43 -10.88 59.02
C ARG Q 291 22.45 -9.72 58.87
N ALA Q 292 22.16 -9.33 57.63
CA ALA Q 292 21.21 -8.24 57.38
C ALA Q 292 19.85 -8.58 57.94
N TYR Q 293 19.41 -9.83 57.76
CA TYR Q 293 18.12 -10.26 58.30
C TYR Q 293 18.11 -10.13 59.82
N LYS Q 294 19.19 -10.58 60.47
CA LYS Q 294 19.28 -10.47 61.93
C LYS Q 294 19.24 -9.02 62.36
N ALA Q 295 20.01 -8.16 61.70
CA ALA Q 295 19.99 -6.74 62.03
C ALA Q 295 18.61 -6.14 61.74
N GLN Q 296 18.05 -6.48 60.58
CA GLN Q 296 16.75 -5.93 60.18
C GLN Q 296 15.63 -6.39 61.12
N THR Q 297 15.59 -7.68 61.45
CA THR Q 297 14.52 -8.17 62.31
C THR Q 297 14.67 -7.62 63.73
N ILE Q 298 15.90 -7.51 64.23
CA ILE Q 298 16.11 -6.96 65.56
C ILE Q 298 15.68 -5.49 65.59
N LEU Q 299 16.07 -4.72 64.57
CA LEU Q 299 15.69 -3.31 64.52
C LEU Q 299 14.18 -3.16 64.41
N GLU Q 300 13.53 -4.00 63.60
CA GLU Q 300 12.08 -3.93 63.47
C GLU Q 300 11.40 -4.24 64.80
N ALA Q 301 11.94 -5.20 65.55
CA ALA Q 301 11.38 -5.53 66.86
C ALA Q 301 11.44 -4.33 67.79
N GLN Q 302 12.57 -3.61 67.79
CA GLN Q 302 12.72 -2.44 68.64
C GLN Q 302 11.65 -1.40 68.35
N GLY Q 303 11.36 -1.16 67.07
CA GLY Q 303 10.33 -0.19 66.72
C GLY Q 303 8.96 -0.59 67.23
N GLU Q 304 8.61 -1.87 67.05
CA GLU Q 304 7.32 -2.36 67.53
C GLU Q 304 7.24 -2.26 69.05
N VAL Q 305 8.35 -2.57 69.73
CA VAL Q 305 8.37 -2.48 71.19
C VAL Q 305 8.06 -1.06 71.65
N ALA Q 306 8.66 -0.07 70.98
CA ALA Q 306 8.40 1.33 71.31
C ALA Q 306 6.95 1.68 71.04
N ARG Q 307 6.40 1.22 69.92
CA ARG Q 307 5.01 1.50 69.59
C ARG Q 307 4.07 0.93 70.63
N PHE Q 308 4.28 -0.32 71.03
CA PHE Q 308 3.42 -0.92 72.06
C PHE Q 308 3.58 -0.19 73.39
N ALA Q 309 4.79 0.26 73.70
CA ALA Q 309 5.03 1.01 74.93
C ALA Q 309 4.33 2.37 74.92
N LYS Q 310 3.93 2.85 73.75
CA LYS Q 310 3.24 4.13 73.59
C LYS Q 310 1.73 3.97 73.47
N LEU Q 311 1.27 2.90 72.83
CA LEU Q 311 -0.16 2.67 72.65
C LEU Q 311 -0.80 2.06 73.91
N LEU Q 312 -0.10 1.13 74.56
CA LEU Q 312 -0.65 0.50 75.77
C LEU Q 312 -1.00 1.51 76.85
N PRO Q 313 -0.12 2.44 77.26
CA PRO Q 313 -0.55 3.42 78.28
C PRO Q 313 -1.77 4.21 77.86
N GLU Q 314 -1.81 4.67 76.61
CA GLU Q 314 -2.98 5.39 76.11
C GLU Q 314 -4.19 4.47 76.10
N TYR Q 315 -4.00 3.21 75.71
CA TYR Q 315 -5.10 2.25 75.65
C TYR Q 315 -5.64 1.95 77.04
N LYS Q 316 -4.75 1.75 78.02
CA LYS Q 316 -5.18 1.48 79.40
C LYS Q 316 -6.09 2.57 79.94
N ALA Q 317 -5.86 3.82 79.52
CA ALA Q 317 -6.68 4.94 79.99
C ALA Q 317 -8.11 4.82 79.50
N ALA Q 318 -8.29 4.61 78.20
CA ALA Q 318 -9.62 4.52 77.57
C ALA Q 318 -9.69 3.28 76.70
N PRO Q 319 -9.78 2.09 77.31
CA PRO Q 319 -9.85 0.85 76.51
C PRO Q 319 -11.06 0.80 75.59
N GLU Q 320 -12.24 1.21 76.09
CA GLU Q 320 -13.46 1.19 75.27
C GLU Q 320 -13.28 2.02 74.01
N ILE Q 321 -12.88 3.28 74.16
CA ILE Q 321 -12.68 4.16 73.00
C ILE Q 321 -11.65 3.58 72.05
N THR Q 322 -10.50 3.14 72.58
CA THR Q 322 -9.45 2.58 71.74
C THR Q 322 -9.89 1.27 71.11
N ARG Q 323 -10.48 0.36 71.90
CA ARG Q 323 -10.89 -0.93 71.35
C ARG Q 323 -11.97 -0.77 70.29
N GLU Q 324 -12.99 0.06 70.57
CA GLU Q 324 -14.06 0.24 69.59
C GLU Q 324 -13.56 0.98 68.36
N ARG Q 325 -12.68 1.95 68.53
CA ARG Q 325 -12.14 2.68 67.38
C ARG Q 325 -11.27 1.75 66.53
N LEU Q 326 -10.29 1.10 67.16
CA LEU Q 326 -9.42 0.17 66.46
C LEU Q 326 -10.22 -0.96 65.82
N TYR Q 327 -11.25 -1.45 66.53
CA TYR Q 327 -12.07 -2.53 66.00
C TYR Q 327 -12.85 -2.08 64.78
N ILE Q 328 -13.56 -0.96 64.89
CA ILE Q 328 -14.33 -0.43 63.77
C ILE Q 328 -13.40 -0.15 62.58
N GLU Q 329 -12.22 0.41 62.87
CA GLU Q 329 -11.26 0.69 61.81
C GLU Q 329 -10.81 -0.60 61.13
N THR Q 330 -10.30 -1.55 61.91
CA THR Q 330 -9.87 -2.84 61.35
C THR Q 330 -11.01 -3.54 60.64
N MET Q 331 -12.20 -3.55 61.25
CA MET Q 331 -13.35 -4.20 60.64
C MET Q 331 -13.70 -3.54 59.31
N GLU Q 332 -13.75 -2.21 59.30
CA GLU Q 332 -14.03 -1.46 58.08
C GLU Q 332 -13.04 -1.82 56.97
N LYS Q 333 -11.77 -2.00 57.32
CA LYS Q 333 -10.76 -2.32 56.32
C LYS Q 333 -11.03 -3.68 55.69
N VAL Q 334 -11.15 -4.73 56.50
CA VAL Q 334 -11.43 -6.07 55.97
C VAL Q 334 -12.74 -6.06 55.20
N LEU Q 335 -13.75 -5.35 55.72
CA LEU Q 335 -15.03 -5.26 55.03
C LEU Q 335 -14.88 -4.59 53.68
N GLY Q 336 -13.99 -3.60 53.58
CA GLY Q 336 -13.75 -2.90 52.32
C GLY Q 336 -12.86 -3.64 51.35
N ASN Q 337 -12.11 -4.63 51.81
CA ASN Q 337 -11.20 -5.41 50.98
C ASN Q 337 -11.73 -6.82 50.70
N THR Q 338 -13.05 -6.94 50.55
CA THR Q 338 -13.64 -8.24 50.26
C THR Q 338 -15.04 -8.03 49.68
N ARG Q 339 -15.68 -9.13 49.31
CA ARG Q 339 -17.03 -9.14 48.74
C ARG Q 339 -18.01 -9.49 49.85
N LYS Q 340 -18.59 -8.48 50.49
CA LYS Q 340 -19.54 -8.71 51.56
C LYS Q 340 -20.79 -9.41 51.03
N VAL Q 341 -21.49 -10.11 51.93
CA VAL Q 341 -22.69 -10.88 51.61
C VAL Q 341 -23.89 -10.44 52.43
N LEU Q 342 -23.74 -10.39 53.76
CA LEU Q 342 -24.83 -10.03 54.67
C LEU Q 342 -26.06 -10.91 54.49
N VAL Q 343 -25.83 -12.23 54.61
CA VAL Q 343 -26.90 -13.23 54.51
C VAL Q 343 -27.21 -13.74 55.90
N ASN Q 344 -28.50 -13.76 56.23
CA ASN Q 344 -28.96 -14.26 57.51
C ASN Q 344 -28.53 -15.71 57.72
N ASP Q 345 -28.32 -16.08 58.98
CA ASP Q 345 -27.93 -17.42 59.42
C ASP Q 345 -28.70 -18.52 58.71
N LYS Q 346 -30.01 -18.28 58.50
CA LYS Q 346 -30.90 -19.21 57.80
C LYS Q 346 -30.26 -19.85 56.57
N GLY Q 347 -29.67 -19.02 55.71
CA GLY Q 347 -28.98 -19.47 54.50
C GLY Q 347 -28.05 -20.64 54.73
N GLY Q 348 -28.35 -21.77 54.08
CA GLY Q 348 -27.59 -23.00 54.26
C GLY Q 348 -26.63 -23.35 53.15
N ASN Q 349 -27.02 -24.29 52.28
CA ASN Q 349 -26.16 -24.75 51.20
C ASN Q 349 -25.74 -23.62 50.29
N LEU Q 350 -24.45 -23.62 49.93
CA LEU Q 350 -23.83 -22.61 49.08
C LEU Q 350 -22.82 -23.30 48.17
N MET Q 351 -22.17 -22.50 47.33
CA MET Q 351 -21.16 -22.98 46.39
C MET Q 351 -20.06 -21.93 46.30
N VAL Q 352 -18.82 -22.39 46.09
CA VAL Q 352 -17.66 -21.51 46.09
C VAL Q 352 -17.24 -21.02 44.70
N LEU Q 353 -17.46 -21.84 43.65
CA LEU Q 353 -17.06 -21.52 42.26
C LEU Q 353 -15.64 -20.97 42.22
N PRO Q 354 -14.63 -21.79 42.51
CA PRO Q 354 -13.24 -21.31 42.55
C PRO Q 354 -12.66 -21.12 41.16
N LEU Q 355 -12.46 -19.87 40.77
CA LEU Q 355 -11.89 -19.50 39.48
C LEU Q 355 -10.58 -20.21 39.21
N MET R 1 111.25 -73.95 -61.01
CA MET R 1 110.93 -74.67 -59.74
C MET R 1 110.46 -73.71 -58.65
N ARG R 2 109.86 -72.59 -59.07
CA ARG R 2 109.37 -71.57 -58.15
C ARG R 2 107.87 -71.66 -57.91
N LYS R 3 107.08 -71.86 -58.98
CA LYS R 3 105.63 -71.95 -58.82
C LYS R 3 105.23 -73.22 -58.05
N SER R 4 105.91 -74.33 -58.31
CA SER R 4 105.54 -75.57 -57.64
C SER R 4 105.86 -75.52 -56.14
N VAL R 5 107.05 -75.02 -55.79
CA VAL R 5 107.44 -74.97 -54.38
C VAL R 5 106.61 -73.94 -53.61
N ILE R 6 106.39 -72.76 -54.20
CA ILE R 6 105.64 -71.71 -53.50
C ILE R 6 104.17 -72.11 -53.32
N ALA R 7 103.60 -72.83 -54.29
CA ALA R 7 102.19 -73.22 -54.20
C ALA R 7 101.92 -74.16 -53.03
N ILE R 8 102.79 -75.16 -52.85
CA ILE R 8 102.58 -76.15 -51.80
C ILE R 8 102.73 -75.53 -50.41
N ILE R 9 103.64 -74.57 -50.25
CA ILE R 9 103.87 -73.96 -48.94
C ILE R 9 102.64 -73.23 -48.43
N ILE R 10 101.96 -72.47 -49.30
CA ILE R 10 100.83 -71.65 -48.88
C ILE R 10 99.64 -72.48 -48.43
N ILE R 11 99.36 -73.62 -49.08
CA ILE R 11 98.18 -74.40 -48.72
C ILE R 11 98.34 -75.04 -47.34
N VAL R 12 99.55 -75.47 -47.00
CA VAL R 12 99.76 -76.14 -45.71
C VAL R 12 99.48 -75.19 -44.54
N LEU R 13 99.92 -73.93 -44.64
CA LEU R 13 99.72 -72.99 -43.55
C LEU R 13 98.24 -72.72 -43.28
N VAL R 14 97.43 -72.54 -44.33
CA VAL R 14 96.01 -72.27 -44.12
C VAL R 14 95.29 -73.49 -43.57
N VAL R 15 95.70 -74.69 -43.98
CA VAL R 15 95.06 -75.92 -43.52
C VAL R 15 95.23 -76.07 -42.01
N LEU R 16 96.42 -75.74 -41.50
CA LEU R 16 96.67 -75.91 -40.07
C LEU R 16 95.79 -74.99 -39.23
N TYR R 17 95.57 -73.76 -39.68
CA TYR R 17 94.73 -72.84 -38.91
C TYR R 17 93.29 -73.33 -38.86
N MET R 18 92.77 -73.84 -39.97
CA MET R 18 91.41 -74.37 -39.98
C MET R 18 91.30 -75.63 -39.14
N SER R 19 92.32 -76.49 -39.19
CA SER R 19 92.29 -77.75 -38.44
C SER R 19 92.31 -77.54 -36.93
N VAL R 20 93.08 -76.57 -36.46
CA VAL R 20 93.17 -76.35 -35.01
C VAL R 20 91.87 -75.76 -34.49
N PHE R 21 91.43 -76.28 -33.35
CA PHE R 21 90.21 -75.83 -32.68
C PHE R 21 90.42 -76.10 -31.20
N VAL R 22 90.18 -75.09 -30.38
CA VAL R 22 90.39 -75.14 -28.94
C VAL R 22 89.05 -75.16 -28.23
N VAL R 23 89.07 -75.71 -27.02
CA VAL R 23 87.89 -75.85 -26.15
C VAL R 23 88.04 -74.85 -25.01
N LYS R 24 87.02 -74.01 -24.82
CA LYS R 24 87.04 -73.00 -23.78
C LYS R 24 87.09 -73.66 -22.39
N GLU R 25 87.45 -72.86 -21.38
CA GLU R 25 87.57 -73.37 -20.02
C GLU R 25 86.22 -73.76 -19.45
N GLY R 26 85.23 -72.88 -19.55
CA GLY R 26 83.90 -73.16 -19.04
C GLY R 26 82.98 -73.77 -20.06
N GLU R 27 83.57 -74.45 -21.06
CA GLU R 27 82.82 -75.11 -22.12
C GLU R 27 83.53 -76.41 -22.45
N ARG R 28 82.79 -77.33 -23.08
CA ARG R 28 83.35 -78.60 -23.51
C ARG R 28 82.73 -78.93 -24.87
N GLY R 29 83.58 -79.31 -25.81
CA GLY R 29 83.14 -79.63 -27.17
C GLY R 29 83.28 -81.10 -27.48
N ILE R 30 82.29 -81.63 -28.20
CA ILE R 30 82.26 -83.01 -28.65
C ILE R 30 82.46 -83.01 -30.15
N THR R 31 83.65 -83.43 -30.59
CA THR R 31 83.91 -83.48 -32.03
C THR R 31 82.99 -84.51 -32.67
N LEU R 32 82.51 -84.19 -33.88
CA LEU R 32 81.55 -85.03 -34.60
C LEU R 32 82.03 -85.35 -36.00
N ARG R 33 81.71 -86.56 -36.45
CA ARG R 33 82.01 -87.03 -37.79
C ARG R 33 80.94 -86.48 -38.73
N PHE R 34 80.91 -86.94 -39.98
CA PHE R 34 79.92 -86.49 -40.95
C PHE R 34 78.51 -86.46 -40.36
N GLY R 35 78.02 -87.62 -39.90
CA GLY R 35 76.74 -87.71 -39.21
C GLY R 35 76.86 -88.29 -37.81
N LYS R 36 77.89 -89.11 -37.60
CA LYS R 36 78.13 -89.74 -36.31
C LYS R 36 79.10 -88.91 -35.48
N VAL R 37 79.42 -89.41 -34.29
CA VAL R 37 80.36 -88.77 -33.38
C VAL R 37 81.57 -89.68 -33.23
N LEU R 38 82.69 -89.06 -32.84
CA LEU R 38 83.94 -89.79 -32.66
C LEU R 38 83.92 -90.52 -31.32
N ARG R 39 84.31 -91.80 -31.35
CA ARG R 39 84.32 -92.65 -30.16
C ARG R 39 85.74 -93.08 -29.82
N ASP R 40 85.86 -93.72 -28.67
CA ASP R 40 87.09 -94.24 -28.09
C ASP R 40 86.72 -95.03 -26.84
N ASP R 41 87.62 -95.93 -26.42
CA ASP R 41 87.43 -96.72 -25.21
C ASP R 41 86.13 -97.53 -25.23
N ASP R 42 86.01 -98.43 -26.21
CA ASP R 42 84.86 -99.32 -26.33
C ASP R 42 83.55 -98.57 -26.58
N ASN R 43 83.57 -97.71 -27.59
CA ASN R 43 82.41 -96.92 -28.00
C ASN R 43 81.86 -96.07 -26.86
N LYS R 44 82.73 -95.22 -26.34
CA LYS R 44 82.40 -94.26 -25.28
C LYS R 44 82.61 -92.88 -25.88
N PRO R 45 81.55 -92.09 -26.17
CA PRO R 45 81.78 -90.76 -26.76
C PRO R 45 82.79 -89.94 -25.96
N LEU R 46 83.73 -89.34 -26.68
CA LEU R 46 84.82 -88.59 -26.07
C LEU R 46 84.51 -87.10 -26.01
N VAL R 47 84.68 -86.53 -24.82
CA VAL R 47 84.51 -85.10 -24.60
C VAL R 47 85.91 -84.54 -24.42
N TYR R 48 86.14 -83.33 -24.91
CA TYR R 48 87.46 -82.71 -24.87
C TYR R 48 87.61 -81.79 -23.67
N GLU R 49 88.78 -81.85 -23.06
CA GLU R 49 89.14 -81.03 -21.92
C GLU R 49 89.49 -79.65 -22.48
N PRO R 50 89.80 -78.67 -21.61
CA PRO R 50 90.10 -77.33 -22.19
C PRO R 50 91.54 -77.18 -22.69
N GLY R 51 91.80 -77.77 -23.85
CA GLY R 51 93.09 -77.69 -24.50
C GLY R 51 92.93 -77.66 -26.00
N LEU R 52 94.07 -77.67 -26.70
CA LEU R 52 94.06 -77.64 -28.15
C LEU R 52 93.81 -79.02 -28.73
N HIS R 53 93.05 -79.06 -29.83
CA HIS R 53 92.72 -80.29 -30.52
C HIS R 53 92.68 -80.01 -32.02
N PHE R 54 92.91 -81.06 -32.81
CA PHE R 54 92.94 -80.96 -34.28
C PHE R 54 91.83 -81.79 -34.89
N LYS R 55 91.12 -81.21 -35.86
CA LYS R 55 90.05 -81.85 -36.61
C LYS R 55 90.31 -81.66 -38.10
N ILE R 56 90.13 -82.74 -38.86
CA ILE R 56 90.30 -82.70 -40.32
C ILE R 56 89.39 -81.60 -40.86
N PRO R 57 89.92 -80.53 -41.47
CA PRO R 57 89.03 -79.45 -41.96
C PRO R 57 87.97 -79.92 -42.95
N PHE R 58 86.74 -79.45 -42.72
CA PHE R 58 85.53 -79.67 -43.52
C PHE R 58 84.93 -81.06 -43.37
N ILE R 59 85.56 -81.96 -42.62
CA ILE R 59 85.03 -83.30 -42.41
C ILE R 59 84.45 -83.47 -41.01
N GLU R 60 85.11 -82.92 -40.01
CA GLU R 60 84.68 -82.99 -38.62
C GLU R 60 84.02 -81.68 -38.20
N THR R 61 82.96 -81.77 -37.40
CA THR R 61 82.25 -80.62 -36.87
C THR R 61 82.22 -80.74 -35.37
N VAL R 62 82.36 -79.60 -34.68
CA VAL R 62 82.39 -79.54 -33.22
C VAL R 62 81.17 -78.79 -32.70
N LYS R 63 80.54 -79.35 -31.67
CA LYS R 63 79.41 -78.73 -30.99
C LYS R 63 79.89 -78.37 -29.60
N MET R 64 79.75 -77.11 -29.22
CA MET R 64 80.24 -76.61 -27.93
C MET R 64 79.10 -76.59 -26.92
N LEU R 65 79.22 -77.44 -25.90
CA LEU R 65 78.25 -77.53 -24.81
C LEU R 65 78.88 -76.93 -23.57
N ASP R 66 78.22 -75.90 -23.02
CA ASP R 66 78.74 -75.21 -21.85
C ASP R 66 78.66 -76.11 -20.61
N ALA R 67 79.72 -76.04 -19.79
CA ALA R 67 79.81 -76.81 -18.55
C ALA R 67 79.57 -75.95 -17.32
N ARG R 68 79.39 -74.64 -17.49
CA ARG R 68 79.10 -73.72 -16.40
C ARG R 68 77.66 -73.90 -15.96
N ILE R 69 77.39 -73.54 -14.70
CA ILE R 69 76.04 -73.67 -14.17
C ILE R 69 75.13 -72.69 -14.89
N GLN R 70 74.01 -73.19 -15.41
CA GLN R 70 73.04 -72.40 -16.14
C GLN R 70 71.93 -71.97 -15.20
N THR R 71 71.40 -70.77 -15.43
CA THR R 71 70.33 -70.20 -14.61
C THR R 71 69.03 -70.20 -15.41
N MET R 72 68.01 -70.82 -14.83
CA MET R 72 66.68 -70.95 -15.42
C MET R 72 65.68 -70.31 -14.48
N ASP R 73 64.98 -69.29 -14.96
CA ASP R 73 63.98 -68.59 -14.17
C ASP R 73 62.58 -69.00 -14.60
N ASN R 74 61.67 -69.08 -13.63
CA ASN R 74 60.28 -69.45 -13.85
C ASN R 74 59.42 -68.20 -13.71
N GLN R 75 58.55 -67.97 -14.69
CA GLN R 75 57.71 -66.77 -14.65
C GLN R 75 56.61 -66.91 -13.58
N ALA R 76 55.87 -65.82 -13.41
CA ALA R 76 54.78 -65.79 -12.45
C ALA R 76 53.72 -66.82 -12.79
N ASP R 77 53.29 -67.58 -11.77
CA ASP R 77 52.28 -68.61 -11.96
C ASP R 77 51.47 -68.73 -10.67
N ARG R 78 50.25 -69.25 -10.82
CA ARG R 78 49.32 -69.44 -9.72
C ARG R 78 49.38 -70.86 -9.19
N PHE R 79 49.41 -71.00 -7.87
CA PHE R 79 49.48 -72.29 -7.20
C PHE R 79 48.31 -72.42 -6.23
N VAL R 80 47.87 -73.67 -6.02
CA VAL R 80 46.77 -73.99 -5.11
C VAL R 80 47.36 -74.68 -3.90
N THR R 81 47.09 -74.15 -2.71
CA THR R 81 47.58 -74.72 -1.47
C THR R 81 46.61 -75.80 -0.99
N LYS R 82 46.82 -76.30 0.23
CA LYS R 82 45.93 -77.33 0.76
C LYS R 82 44.56 -76.76 1.10
N GLU R 83 44.48 -75.46 1.44
CA GLU R 83 43.22 -74.79 1.76
C GLU R 83 42.69 -73.95 0.59
N LYS R 84 43.06 -74.31 -0.64
CA LYS R 84 42.63 -73.60 -1.85
C LYS R 84 43.07 -72.14 -1.88
N LYS R 85 44.10 -71.78 -1.11
CA LYS R 85 44.60 -70.42 -1.08
C LYS R 85 45.54 -70.20 -2.27
N ASP R 86 45.14 -69.31 -3.18
CA ASP R 86 45.94 -69.04 -4.36
C ASP R 86 47.22 -68.29 -3.98
N LEU R 87 48.35 -68.75 -4.51
CA LEU R 87 49.65 -68.14 -4.27
C LEU R 87 50.32 -67.73 -5.57
N ILE R 88 51.17 -66.71 -5.48
CA ILE R 88 51.96 -66.22 -6.60
C ILE R 88 53.41 -66.49 -6.24
N VAL R 89 54.05 -67.42 -6.94
CA VAL R 89 55.42 -67.82 -6.65
C VAL R 89 56.30 -67.56 -7.87
N ASP R 90 57.44 -66.91 -7.64
CA ASP R 90 58.46 -66.66 -8.65
C ASP R 90 59.67 -67.47 -8.23
N SER R 91 60.17 -68.33 -9.11
CA SER R 91 61.28 -69.22 -8.77
C SER R 91 62.23 -69.41 -9.94
N TYR R 92 63.46 -69.74 -9.60
CA TYR R 92 64.52 -70.02 -10.57
C TYR R 92 65.26 -71.27 -10.13
N ILE R 93 65.83 -71.99 -11.11
CA ILE R 93 66.56 -73.22 -10.89
C ILE R 93 67.93 -73.11 -11.52
N LYS R 94 68.91 -73.76 -10.89
CA LYS R 94 70.28 -73.79 -11.38
C LYS R 94 70.67 -75.25 -11.61
N TRP R 95 71.14 -75.55 -12.81
CA TRP R 95 71.51 -76.90 -13.20
C TRP R 95 72.83 -76.88 -13.97
N ARG R 96 73.48 -78.04 -14.00
CA ARG R 96 74.74 -78.22 -14.74
C ARG R 96 74.63 -79.47 -15.60
N ILE R 97 75.28 -79.43 -16.75
CA ILE R 97 75.29 -80.58 -17.66
C ILE R 97 76.25 -81.63 -17.10
N SER R 98 75.72 -82.82 -16.80
CA SER R 98 76.51 -83.91 -16.25
C SER R 98 77.05 -84.81 -17.35
N ASP R 99 76.19 -85.20 -18.29
CA ASP R 99 76.56 -86.05 -19.42
C ASP R 99 76.40 -85.21 -20.67
N PHE R 100 77.51 -84.63 -21.13
CA PHE R 100 77.49 -83.78 -22.33
C PHE R 100 76.92 -84.54 -23.53
N SER R 101 77.26 -85.82 -23.65
CA SER R 101 76.76 -86.64 -24.75
C SER R 101 75.24 -86.77 -24.71
N ARG R 102 74.71 -87.19 -23.55
CA ARG R 102 73.27 -87.39 -23.42
C ARG R 102 72.49 -86.10 -23.65
N TYR R 103 72.97 -84.98 -23.10
CA TYR R 103 72.28 -83.71 -23.29
C TYR R 103 72.21 -83.35 -24.77
N TYR R 104 73.33 -83.50 -25.49
CA TYR R 104 73.35 -83.21 -26.92
C TYR R 104 72.36 -84.08 -27.68
N LEU R 105 72.23 -85.35 -27.30
CA LEU R 105 71.31 -86.26 -27.97
C LEU R 105 69.86 -85.98 -27.59
N ALA R 106 69.56 -86.09 -26.29
CA ALA R 106 68.20 -85.82 -25.80
C ALA R 106 67.71 -84.45 -26.25
N THR R 107 68.45 -83.41 -25.87
CA THR R 107 68.14 -82.03 -26.27
C THR R 107 68.86 -81.75 -27.58
N GLY R 108 68.39 -82.45 -28.63
CA GLY R 108 68.95 -82.38 -29.97
C GLY R 108 69.30 -80.98 -30.45
N GLY R 109 70.57 -80.81 -30.78
CA GLY R 109 71.09 -79.53 -31.22
C GLY R 109 71.71 -78.70 -30.12
N GLY R 110 72.00 -79.29 -28.96
CA GLY R 110 72.55 -78.64 -27.78
C GLY R 110 71.96 -77.27 -27.50
N ASP R 111 70.64 -77.23 -27.33
CA ASP R 111 69.91 -75.99 -27.06
C ASP R 111 69.53 -75.93 -25.59
N ILE R 112 69.97 -74.87 -24.91
CA ILE R 112 69.64 -74.65 -23.51
C ILE R 112 68.13 -74.61 -23.30
N SER R 113 67.39 -74.08 -24.29
CA SER R 113 65.94 -73.95 -24.18
C SER R 113 65.27 -75.30 -23.96
N GLN R 114 65.60 -76.30 -24.79
CA GLN R 114 64.96 -77.62 -24.66
C GLN R 114 65.21 -78.21 -23.28
N ALA R 115 66.43 -78.07 -22.75
CA ALA R 115 66.71 -78.58 -21.42
C ALA R 115 65.89 -77.83 -20.37
N GLU R 116 65.82 -76.50 -20.49
CA GLU R 116 65.04 -75.70 -19.55
C GLU R 116 63.56 -76.02 -19.64
N VAL R 117 63.05 -76.20 -20.86
CA VAL R 117 61.63 -76.51 -21.05
C VAL R 117 61.27 -77.81 -20.33
N LEU R 118 62.06 -78.86 -20.57
CA LEU R 118 61.81 -80.15 -19.91
C LEU R 118 61.86 -80.00 -18.39
N LEU R 119 62.85 -79.25 -17.89
CA LEU R 119 62.98 -79.03 -16.46
C LEU R 119 61.79 -78.25 -15.91
N LYS R 120 61.29 -77.27 -16.67
CA LYS R 120 60.16 -76.46 -16.22
C LYS R 120 58.92 -77.31 -16.00
N ARG R 121 58.59 -78.17 -16.96
CA ARG R 121 57.41 -79.02 -16.84
C ARG R 121 57.50 -79.91 -15.61
N LYS R 122 58.65 -80.58 -15.43
CA LYS R 122 58.84 -81.43 -14.26
C LYS R 122 58.83 -80.60 -12.98
N PHE R 123 59.57 -79.49 -12.98
CA PHE R 123 59.64 -78.61 -11.81
C PHE R 123 58.25 -78.14 -11.38
N SER R 124 57.46 -77.66 -12.34
CA SER R 124 56.10 -77.19 -12.05
C SER R 124 55.31 -78.26 -11.29
N ASP R 125 55.24 -79.47 -11.86
CA ASP R 125 54.52 -80.57 -11.21
C ASP R 125 55.08 -80.84 -9.82
N ARG R 126 56.40 -80.98 -9.71
CA ARG R 126 57.02 -81.27 -8.43
C ARG R 126 56.73 -80.16 -7.42
N LEU R 127 56.94 -78.91 -7.80
CA LEU R 127 56.68 -77.81 -6.86
C LEU R 127 55.19 -77.73 -6.54
N ARG R 128 54.32 -77.86 -7.55
CA ARG R 128 52.89 -77.84 -7.31
C ARG R 128 52.47 -78.93 -6.33
N SER R 129 53.03 -80.13 -6.48
CA SER R 129 52.66 -81.25 -5.61
C SER R 129 53.02 -80.95 -4.16
N GLU R 130 54.22 -80.43 -3.91
CA GLU R 130 54.61 -80.09 -2.54
C GLU R 130 53.74 -78.97 -2.01
N ILE R 131 53.68 -77.85 -2.73
CA ILE R 131 52.85 -76.71 -2.32
C ILE R 131 51.39 -77.14 -2.19
N GLY R 132 50.94 -78.09 -3.00
CA GLY R 132 49.56 -78.53 -2.93
C GLY R 132 49.19 -79.13 -1.58
N ARG R 133 50.13 -79.84 -0.97
CA ARG R 133 49.90 -80.47 0.32
C ARG R 133 50.27 -79.57 1.50
N LEU R 134 50.81 -78.39 1.25
CA LEU R 134 51.22 -77.46 2.30
C LEU R 134 50.27 -76.27 2.39
N ASP R 135 50.26 -75.65 3.56
CA ASP R 135 49.45 -74.49 3.87
C ASP R 135 50.28 -73.22 3.64
N VAL R 136 49.59 -72.12 3.33
CA VAL R 136 50.25 -70.83 3.09
C VAL R 136 51.24 -70.49 4.20
N LYS R 137 50.89 -70.79 5.45
CA LYS R 137 51.82 -70.52 6.54
C LYS R 137 53.08 -71.37 6.42
N ASP R 138 52.92 -72.63 6.06
CA ASP R 138 54.07 -73.51 5.86
C ASP R 138 54.85 -73.18 4.59
N ILE R 139 54.31 -72.37 3.70
CA ILE R 139 54.97 -72.01 2.44
C ILE R 139 55.69 -70.67 2.59
N VAL R 140 55.22 -69.82 3.51
CA VAL R 140 55.85 -68.53 3.75
C VAL R 140 56.81 -68.59 4.93
N THR R 141 56.61 -69.53 5.86
CA THR R 141 57.49 -69.71 7.00
C THR R 141 58.64 -70.66 6.70
N ASP R 142 58.54 -71.45 5.63
CA ASP R 142 59.58 -72.39 5.25
C ASP R 142 60.90 -71.67 5.04
N SER R 143 61.89 -72.03 5.87
CA SER R 143 63.23 -71.47 5.81
C SER R 143 64.29 -72.53 5.53
N ARG R 144 63.91 -73.81 5.46
CA ARG R 144 64.82 -74.91 5.18
C ARG R 144 64.58 -75.50 3.80
N GLY R 145 63.86 -74.79 2.93
CA GLY R 145 63.54 -75.24 1.58
C GLY R 145 63.07 -76.68 1.51
N ARG R 146 62.09 -77.04 2.35
CA ARG R 146 61.60 -78.41 2.38
C ARG R 146 60.93 -78.78 1.05
N LEU R 147 59.98 -77.96 0.60
CA LEU R 147 59.32 -78.25 -0.67
C LEU R 147 60.31 -78.13 -1.82
N THR R 148 61.15 -77.10 -1.80
CA THR R 148 62.13 -76.92 -2.87
C THR R 148 63.16 -78.04 -2.88
N LEU R 149 63.59 -78.50 -1.70
CA LEU R 149 64.56 -79.60 -1.66
C LEU R 149 63.95 -80.89 -2.17
N GLU R 150 62.69 -81.15 -1.81
CA GLU R 150 62.00 -82.34 -2.31
C GLU R 150 61.94 -82.32 -3.82
N VAL R 151 61.64 -81.14 -4.39
CA VAL R 151 61.57 -80.99 -5.84
C VAL R 151 62.90 -81.40 -6.47
N ARG R 152 64.02 -81.03 -5.84
CA ARG R 152 65.33 -81.40 -6.37
C ARG R 152 65.52 -82.91 -6.34
N ASP R 153 65.13 -83.56 -5.23
CA ASP R 153 65.24 -85.01 -5.15
C ASP R 153 64.38 -85.67 -6.22
N ALA R 154 63.16 -85.16 -6.41
CA ALA R 154 62.29 -85.71 -7.44
C ALA R 154 62.84 -85.43 -8.83
N LEU R 155 63.33 -84.20 -9.06
CA LEU R 155 63.91 -83.86 -10.36
C LEU R 155 65.16 -84.68 -10.64
N ASN R 156 65.96 -84.94 -9.62
CA ASN R 156 67.18 -85.73 -9.81
C ASN R 156 66.84 -87.21 -9.96
N SER R 157 65.94 -87.72 -9.13
CA SER R 157 65.50 -89.11 -9.18
C SER R 157 63.97 -89.12 -9.17
N GLY R 158 63.37 -89.62 -10.24
CA GLY R 158 61.94 -89.67 -10.37
C GLY R 158 61.33 -90.90 -9.72
N SER R 159 60.15 -91.27 -10.24
CA SER R 159 59.40 -92.43 -9.78
C SER R 159 59.11 -93.34 -10.97
N ALA R 160 58.51 -94.48 -10.69
CA ALA R 160 58.17 -95.45 -11.73
C ALA R 160 57.21 -96.51 -11.19
N PRO R 191 71.34 -98.51 -9.69
CA PRO R 191 71.91 -97.56 -10.65
C PRO R 191 70.93 -97.08 -11.71
N VAL R 192 69.80 -97.78 -11.86
CA VAL R 192 68.77 -97.43 -12.84
C VAL R 192 68.45 -95.95 -12.75
N ILE R 193 68.44 -95.29 -13.91
CA ILE R 193 68.15 -93.87 -14.03
C ILE R 193 66.72 -93.77 -14.55
N ASN R 194 65.79 -93.44 -13.65
CA ASN R 194 64.38 -93.31 -14.01
C ASN R 194 64.25 -92.40 -15.25
N PRO R 195 63.42 -92.75 -16.23
CA PRO R 195 63.34 -91.91 -17.43
C PRO R 195 62.65 -90.57 -17.22
N ASN R 196 61.85 -90.41 -16.16
CA ASN R 196 61.19 -89.14 -15.87
C ASN R 196 62.04 -88.23 -14.98
N SER R 197 63.29 -88.61 -14.73
CA SER R 197 64.22 -87.85 -13.91
C SER R 197 65.10 -86.98 -14.79
N MET R 198 65.63 -85.90 -14.19
CA MET R 198 66.55 -85.06 -14.94
C MET R 198 67.88 -85.74 -15.17
N ALA R 199 68.13 -86.88 -14.51
CA ALA R 199 69.35 -87.65 -14.73
C ALA R 199 69.28 -88.39 -16.06
N ALA R 200 68.06 -88.73 -16.52
CA ALA R 200 67.92 -89.39 -17.81
C ALA R 200 68.44 -88.51 -18.93
N LEU R 201 68.32 -87.19 -18.75
CA LEU R 201 68.87 -86.20 -19.66
C LEU R 201 70.23 -85.79 -19.09
N GLY R 202 70.99 -85.03 -19.88
CA GLY R 202 72.29 -84.59 -19.39
C GLY R 202 72.13 -83.31 -18.58
N ILE R 203 71.38 -83.40 -17.48
CA ILE R 203 71.12 -82.28 -16.59
C ILE R 203 71.24 -82.75 -15.16
N GLU R 204 71.71 -81.84 -14.29
CA GLU R 204 71.84 -82.10 -12.86
C GLU R 204 71.39 -80.85 -12.12
N VAL R 205 70.22 -80.90 -11.50
CA VAL R 205 69.69 -79.75 -10.77
C VAL R 205 70.44 -79.69 -9.43
N VAL R 206 71.43 -78.79 -9.35
CA VAL R 206 72.21 -78.66 -8.12
C VAL R 206 71.39 -78.00 -7.02
N ASP R 207 70.46 -77.11 -7.38
CA ASP R 207 69.67 -76.40 -6.38
C ASP R 207 68.39 -75.88 -7.03
N VAL R 208 67.41 -75.61 -6.17
CA VAL R 208 66.10 -75.07 -6.58
C VAL R 208 65.69 -74.08 -5.49
N ARG R 209 65.32 -72.87 -5.90
CA ARG R 209 64.96 -71.82 -4.97
C ARG R 209 63.81 -70.98 -5.53
N ILE R 210 63.09 -70.33 -4.62
CA ILE R 210 61.95 -69.49 -4.93
C ILE R 210 62.35 -68.04 -4.70
N LYS R 211 62.15 -67.19 -5.70
CA LYS R 211 62.54 -65.79 -5.60
C LYS R 211 61.66 -65.02 -4.62
N GLN R 212 60.35 -65.03 -4.84
CA GLN R 212 59.43 -64.30 -3.98
C GLN R 212 58.06 -64.96 -4.01
N ILE R 213 57.55 -65.31 -2.84
CA ILE R 213 56.22 -65.92 -2.73
C ILE R 213 55.29 -64.76 -2.39
N ASN R 214 54.70 -64.17 -3.43
CA ASN R 214 53.78 -63.06 -3.22
C ASN R 214 52.43 -63.64 -2.82
N LEU R 215 51.41 -62.79 -2.75
CA LEU R 215 50.07 -63.24 -2.37
C LEU R 215 49.00 -62.60 -3.26
N PRO R 216 47.74 -63.03 -3.16
CA PRO R 216 46.67 -62.44 -3.98
C PRO R 216 46.27 -61.05 -3.53
N THR R 217 45.24 -60.52 -4.18
CA THR R 217 44.71 -59.19 -3.91
C THR R 217 43.38 -59.26 -3.20
N GLU R 218 42.58 -60.30 -3.45
CA GLU R 218 41.35 -60.47 -2.69
C GLU R 218 41.69 -60.72 -1.22
N VAL R 219 42.70 -61.57 -0.99
CA VAL R 219 43.16 -61.81 0.37
C VAL R 219 43.73 -60.54 0.98
N SER R 220 44.40 -59.71 0.17
CA SER R 220 45.04 -58.49 0.67
C SER R 220 44.04 -57.40 1.02
N GLU R 221 42.92 -57.29 0.30
CA GLU R 221 41.96 -56.24 0.64
C GLU R 221 41.30 -56.52 1.98
N ALA R 222 41.14 -57.79 2.34
CA ALA R 222 40.58 -58.15 3.64
C ALA R 222 41.59 -57.98 4.76
N ILE R 223 42.89 -58.03 4.44
CA ILE R 223 43.93 -57.87 5.45
C ILE R 223 43.94 -56.44 5.99
N TYR R 224 43.83 -55.45 5.10
CA TYR R 224 43.82 -54.06 5.54
C TYR R 224 42.64 -53.78 6.45
N ASN R 225 41.46 -54.31 6.11
CA ASN R 225 40.26 -54.04 6.90
C ASN R 225 40.38 -54.55 8.34
N ARG R 226 40.93 -55.76 8.53
CA ARG R 226 41.07 -56.30 9.88
C ARG R 226 42.00 -55.44 10.72
N MET R 227 43.15 -55.03 10.15
CA MET R 227 44.09 -54.20 10.91
C MET R 227 43.48 -52.86 11.27
N ARG R 228 42.76 -52.24 10.33
CA ARG R 228 42.13 -50.97 10.61
C ARG R 228 41.08 -51.09 11.71
N ALA R 229 40.27 -52.15 11.67
CA ALA R 229 39.24 -52.36 12.67
C ALA R 229 39.84 -52.54 14.06
N GLU R 230 40.93 -53.31 14.16
CA GLU R 230 41.55 -53.52 15.46
C GLU R 230 42.08 -52.23 16.07
N ARG R 231 42.77 -51.41 15.27
CA ARG R 231 43.36 -50.18 15.78
C ARG R 231 42.32 -49.19 16.29
N GLU R 232 41.19 -49.04 15.55
CA GLU R 232 40.16 -48.10 16.00
C GLU R 232 39.61 -48.50 17.36
N ALA R 233 39.47 -49.81 17.60
CA ALA R 233 38.99 -50.27 18.90
C ALA R 233 39.89 -49.78 20.02
N VAL R 234 41.21 -49.93 19.84
CA VAL R 234 42.17 -49.46 20.83
C VAL R 234 42.06 -47.94 20.97
N ALA R 235 41.98 -47.24 19.84
CA ALA R 235 41.86 -45.78 19.86
C ALA R 235 40.57 -45.36 20.58
N ARG R 236 39.47 -46.05 20.31
CA ARG R 236 38.21 -45.74 20.97
C ARG R 236 38.32 -46.02 22.46
N ARG R 237 38.99 -47.11 22.83
CA ARG R 237 39.17 -47.45 24.24
C ARG R 237 39.87 -46.34 24.99
N HIS R 238 40.95 -45.79 24.41
CA HIS R 238 41.68 -44.71 25.06
C HIS R 238 40.80 -43.47 25.23
N ARG R 239 40.08 -43.08 24.17
CA ARG R 239 39.21 -41.92 24.26
C ARG R 239 38.09 -42.15 25.26
N SER R 240 37.54 -43.38 25.30
CA SER R 240 36.48 -43.68 26.25
C SER R 240 36.98 -43.57 27.68
N GLN R 241 38.21 -44.04 27.94
CA GLN R 241 38.79 -43.95 29.27
C GLN R 241 38.92 -42.49 29.70
N GLY R 242 39.41 -41.64 28.80
CA GLY R 242 39.56 -40.23 29.13
C GLY R 242 38.26 -39.57 29.51
N GLN R 243 37.18 -39.87 28.76
CA GLN R 243 35.88 -39.31 29.08
C GLN R 243 35.41 -39.78 30.45
N GLU R 244 35.69 -41.04 30.79
CA GLU R 244 35.31 -41.57 32.09
C GLU R 244 35.98 -40.79 33.21
N GLU R 245 37.30 -40.56 33.08
CA GLU R 245 38.03 -39.81 34.10
C GLU R 245 37.49 -38.41 34.25
N ALA R 246 37.20 -37.74 33.13
CA ALA R 246 36.67 -36.38 33.19
C ALA R 246 35.36 -36.32 33.96
N GLU R 247 34.47 -37.30 33.73
CA GLU R 247 33.21 -37.33 34.45
C GLU R 247 33.43 -37.47 35.95
N LYS R 248 34.39 -38.31 36.34
CA LYS R 248 34.67 -38.52 37.76
C LYS R 248 35.13 -37.22 38.42
N LEU R 249 36.03 -36.48 37.78
CA LEU R 249 36.50 -35.21 38.35
C LEU R 249 35.35 -34.23 38.52
N ARG R 250 34.48 -34.11 37.52
CA ARG R 250 33.33 -33.22 37.62
C ARG R 250 32.38 -33.69 38.71
N ALA R 251 32.21 -35.01 38.84
CA ALA R 251 31.31 -35.56 39.85
C ALA R 251 31.75 -35.19 41.26
N THR R 252 33.03 -35.40 41.58
CA THR R 252 33.51 -35.06 42.92
C THR R 252 33.48 -33.56 43.16
N ALA R 253 33.76 -32.75 42.13
CA ALA R 253 33.79 -31.30 42.29
C ALA R 253 32.46 -30.75 42.78
N ASP R 254 31.34 -31.21 42.20
CA ASP R 254 30.03 -30.71 42.64
C ASP R 254 29.77 -31.06 44.10
N TYR R 255 30.20 -32.26 44.54
CA TYR R 255 30.01 -32.66 45.93
C TYR R 255 30.68 -31.69 46.87
N GLU R 256 31.94 -31.33 46.59
CA GLU R 256 32.66 -30.39 47.44
C GLU R 256 31.96 -29.03 47.44
N VAL R 257 31.54 -28.57 46.26
CA VAL R 257 30.83 -27.29 46.17
C VAL R 257 29.54 -27.34 46.98
N THR R 258 28.79 -28.43 46.84
CA THR R 258 27.56 -28.59 47.60
C THR R 258 27.84 -28.64 49.10
N ARG R 259 28.91 -29.35 49.49
CA ARG R 259 29.27 -29.44 50.90
C ARG R 259 29.60 -28.05 51.46
N THR R 260 30.39 -27.27 50.71
CA THR R 260 30.72 -25.93 51.16
C THR R 260 29.48 -25.05 51.27
N LEU R 261 28.57 -25.16 50.30
CA LEU R 261 27.34 -24.38 50.35
C LEU R 261 26.50 -24.76 51.56
N ALA R 262 26.46 -26.06 51.88
CA ALA R 262 25.70 -26.51 53.04
C ALA R 262 26.29 -25.95 54.33
N GLU R 263 27.63 -25.94 54.42
CA GLU R 263 28.28 -25.37 55.60
C GLU R 263 27.94 -23.90 55.74
N ALA R 264 28.00 -23.16 54.64
CA ALA R 264 27.64 -21.74 54.66
C ALA R 264 26.19 -21.56 55.06
N GLU R 265 25.29 -22.42 54.56
CA GLU R 265 23.89 -22.33 54.91
C GLU R 265 23.67 -22.59 56.40
N ARG R 266 24.43 -23.52 56.96
CA ARG R 266 24.30 -23.81 58.39
C ARG R 266 24.66 -22.60 59.22
N GLN R 267 25.75 -21.90 58.85
CA GLN R 267 26.15 -20.71 59.58
C GLN R 267 25.07 -19.63 59.47
N GLY R 268 24.48 -19.48 58.29
CA GLY R 268 23.43 -18.49 58.11
C GLY R 268 22.22 -18.78 58.98
N ARG R 269 21.86 -20.06 59.11
CA ARG R 269 20.73 -20.45 59.94
C ARG R 269 20.95 -20.04 61.40
N ILE R 270 22.19 -20.18 61.88
CA ILE R 270 22.52 -19.80 63.25
C ILE R 270 22.22 -18.33 63.48
N MET R 271 22.62 -17.47 62.54
CA MET R 271 22.38 -16.03 62.68
C MET R 271 20.87 -15.75 62.75
N ARG R 272 20.08 -16.44 61.93
CA ARG R 272 18.63 -16.25 61.94
C ARG R 272 18.06 -16.60 63.31
N GLY R 273 18.55 -17.69 63.92
CA GLY R 273 18.07 -18.07 65.23
C GLY R 273 18.37 -17.03 66.28
N GLU R 274 19.57 -16.44 66.23
CA GLU R 274 19.95 -15.41 67.19
C GLU R 274 19.00 -14.22 67.10
N GLY R 275 18.76 -13.72 65.88
CA GLY R 275 17.86 -12.59 65.72
C GLY R 275 16.45 -12.91 66.17
N ASP R 276 15.94 -14.08 65.77
CA ASP R 276 14.60 -14.48 66.20
C ASP R 276 14.55 -14.65 67.72
N ALA R 277 15.58 -15.28 68.29
CA ALA R 277 15.63 -15.46 69.74
C ALA R 277 15.76 -14.12 70.44
N GLU R 278 16.66 -13.26 69.94
CA GLU R 278 16.84 -11.94 70.53
C GLU R 278 15.56 -11.11 70.42
N ALA R 279 14.92 -11.15 69.24
CA ALA R 279 13.68 -10.40 69.05
C ALA R 279 12.58 -10.95 69.95
N ALA R 280 12.54 -12.27 70.14
CA ALA R 280 11.53 -12.87 71.00
C ALA R 280 11.66 -12.40 72.44
N LYS R 281 12.89 -12.17 72.89
CA LYS R 281 13.10 -11.68 74.26
C LYS R 281 12.44 -10.32 74.43
N LEU R 282 12.70 -9.39 73.50
CA LEU R 282 12.08 -8.08 73.57
C LEU R 282 10.56 -8.20 73.50
N PHE R 283 10.07 -9.02 72.56
CA PHE R 283 8.63 -9.26 72.45
C PHE R 283 8.07 -9.79 73.77
N ALA R 284 8.77 -10.76 74.37
CA ALA R 284 8.34 -11.32 75.65
C ALA R 284 8.26 -10.25 76.73
N ASP R 285 9.23 -9.35 76.78
CA ASP R 285 9.26 -8.30 77.78
C ASP R 285 8.41 -7.09 77.42
N ALA R 286 8.06 -6.92 76.14
CA ALA R 286 7.27 -5.79 75.67
C ALA R 286 5.78 -6.11 75.61
N PHE R 287 5.43 -7.33 75.20
CA PHE R 287 4.04 -7.75 75.08
C PHE R 287 3.49 -8.34 76.36
N SER R 288 4.34 -8.87 77.25
CA SER R 288 3.87 -9.41 78.53
C SER R 288 3.13 -8.35 79.35
N LYS R 289 3.45 -7.07 79.13
CA LYS R 289 2.76 -5.97 79.78
C LYS R 289 1.25 -6.18 79.72
N ASP R 290 0.75 -6.51 78.54
CA ASP R 290 -0.67 -6.75 78.29
C ASP R 290 -0.77 -7.64 77.06
N PRO R 291 -0.64 -8.97 77.21
CA PRO R 291 -0.72 -9.84 76.02
C PRO R 291 -2.11 -9.90 75.42
N ASP R 292 -3.14 -9.52 76.17
CA ASP R 292 -4.48 -9.50 75.61
C ASP R 292 -4.60 -8.36 74.60
N PHE R 293 -4.12 -7.18 74.98
CA PHE R 293 -4.14 -6.03 74.08
C PHE R 293 -3.20 -6.27 72.90
N TYR R 294 -2.04 -6.88 73.15
CA TYR R 294 -1.11 -7.17 72.07
C TYR R 294 -1.74 -8.15 71.09
N ALA R 295 -2.42 -9.17 71.60
CA ALA R 295 -3.07 -10.13 70.71
C ALA R 295 -4.26 -9.49 70.02
N PHE R 296 -4.87 -8.47 70.65
CA PHE R 296 -5.97 -7.76 70.02
C PHE R 296 -5.44 -6.94 68.85
N ILE R 297 -4.36 -6.20 69.06
CA ILE R 297 -3.75 -5.42 67.99
C ILE R 297 -3.15 -6.35 66.95
N ARG R 298 -2.51 -7.44 67.41
CA ARG R 298 -1.89 -8.38 66.48
C ARG R 298 -2.94 -9.16 65.69
N SER R 299 -4.07 -9.49 66.33
CA SER R 299 -5.12 -10.19 65.59
C SER R 299 -5.78 -9.25 64.60
N LEU R 300 -6.09 -8.03 65.04
CA LEU R 300 -6.67 -7.03 64.13
C LEU R 300 -5.72 -6.77 62.97
N ARG R 301 -4.42 -6.66 63.25
CA ARG R 301 -3.41 -6.46 62.22
C ARG R 301 -3.44 -7.60 61.20
N ALA R 302 -3.37 -8.84 61.69
CA ALA R 302 -3.34 -10.02 60.81
C ALA R 302 -4.55 -10.06 59.88
N TYR R 303 -5.73 -9.66 60.36
CA TYR R 303 -6.92 -9.68 59.52
C TYR R 303 -6.72 -8.80 58.29
N GLU R 304 -6.44 -7.51 58.50
CA GLU R 304 -6.24 -6.58 57.39
C GLU R 304 -5.20 -7.08 56.41
N ASN R 305 -4.05 -7.54 56.92
CA ASN R 305 -2.99 -8.06 56.06
C ASN R 305 -3.48 -9.24 55.23
N SER R 306 -4.06 -10.25 55.89
CA SER R 306 -4.53 -11.43 55.19
C SER R 306 -5.70 -11.12 54.27
N PHE R 307 -6.71 -10.40 54.77
CA PHE R 307 -7.88 -10.10 53.96
C PHE R 307 -7.63 -9.02 52.91
N SER R 308 -6.41 -8.48 52.80
CA SER R 308 -6.10 -7.50 51.76
C SER R 308 -6.54 -8.01 50.38
N GLY R 309 -6.31 -9.30 50.13
CA GLY R 309 -6.73 -9.90 48.88
C GLY R 309 -8.25 -9.91 48.78
N ASN R 310 -8.74 -9.80 47.55
CA ASN R 310 -10.17 -9.78 47.30
C ASN R 310 -10.72 -11.14 46.91
N GLN R 311 -9.87 -12.17 46.82
CA GLN R 311 -10.32 -13.54 46.52
C GLN R 311 -10.85 -14.20 47.79
N ASP R 312 -11.92 -13.61 48.32
CA ASP R 312 -12.56 -14.08 49.54
C ASP R 312 -13.93 -13.42 49.61
N VAL R 313 -14.86 -14.07 50.32
CA VAL R 313 -16.24 -13.61 50.43
C VAL R 313 -16.63 -13.61 51.90
N MET R 314 -16.52 -12.45 52.56
CA MET R 314 -16.94 -12.33 53.95
C MET R 314 -18.45 -12.46 54.04
N VAL R 315 -18.94 -13.27 54.99
CA VAL R 315 -20.37 -13.46 55.21
C VAL R 315 -20.70 -12.98 56.62
N MET R 316 -21.64 -12.03 56.69
CA MET R 316 -22.10 -11.45 57.95
C MET R 316 -23.62 -11.46 57.98
N SER R 317 -24.21 -10.83 58.98
CA SER R 317 -25.66 -10.69 59.13
C SER R 317 -25.96 -9.25 59.52
N PRO R 318 -27.17 -8.76 59.26
CA PRO R 318 -27.48 -7.36 59.64
C PRO R 318 -27.39 -7.09 61.14
N ASP R 319 -27.38 -8.12 61.98
CA ASP R 319 -27.24 -7.99 63.43
C ASP R 319 -25.91 -8.52 63.93
N SER R 320 -24.90 -8.59 63.06
CA SER R 320 -23.61 -9.12 63.44
C SER R 320 -22.96 -8.25 64.52
N ASP R 321 -21.94 -8.82 65.15
CA ASP R 321 -21.15 -8.17 66.19
C ASP R 321 -20.82 -6.71 65.89
N PHE R 322 -20.32 -6.43 64.68
CA PHE R 322 -19.99 -5.07 64.28
C PHE R 322 -21.22 -4.35 63.75
N PHE R 323 -22.14 -5.10 63.13
CA PHE R 323 -23.39 -4.56 62.62
C PHE R 323 -24.43 -4.50 63.75
N ARG R 324 -24.05 -3.77 64.81
CA ARG R 324 -24.87 -3.60 66.00
C ARG R 324 -25.67 -2.32 65.96
N TYR R 325 -25.15 -1.29 65.30
CA TYR R 325 -25.85 -0.02 65.11
C TYR R 325 -26.43 0.07 63.70
N MET R 326 -26.60 -1.08 63.04
CA MET R 326 -27.16 -1.18 61.70
C MET R 326 -28.68 -1.34 61.72
N LYS R 327 -29.32 -1.00 62.84
CA LYS R 327 -30.77 -1.14 63.01
C LYS R 327 -31.33 0.16 63.54
N THR R 328 -32.67 0.23 63.58
CA THR R 328 -33.35 1.44 64.01
C THR R 328 -32.89 1.86 65.40
N PRO R 329 -32.54 3.15 65.62
CA PRO R 329 -32.08 3.55 66.95
C PRO R 329 -33.23 3.99 67.86
N ARG S 79 88.17 -98.70 -76.65
CA ARG S 79 88.72 -98.25 -75.38
C ARG S 79 87.84 -97.17 -74.73
N VAL S 80 87.04 -96.49 -75.55
CA VAL S 80 86.16 -95.45 -75.02
C VAL S 80 85.09 -96.06 -74.12
N VAL S 81 84.64 -97.28 -74.43
CA VAL S 81 83.62 -97.93 -73.61
C VAL S 81 84.18 -98.26 -72.23
N THR S 82 85.45 -98.65 -72.16
CA THR S 82 86.07 -98.99 -70.88
C THR S 82 86.11 -97.78 -69.94
N ILE S 83 86.39 -96.60 -70.50
CA ILE S 83 86.45 -95.39 -69.69
C ILE S 83 85.10 -95.09 -69.05
N ALA S 84 84.02 -95.29 -69.80
CA ALA S 84 82.68 -95.01 -69.31
C ALA S 84 82.32 -95.88 -68.11
N ALA S 85 82.70 -97.16 -68.14
CA ALA S 85 82.35 -98.07 -67.06
C ALA S 85 82.96 -97.64 -65.73
N ALA S 86 84.23 -97.22 -65.75
CA ALA S 86 84.92 -96.81 -64.53
C ALA S 86 84.22 -95.62 -63.87
N ALA S 87 83.79 -94.64 -64.66
CA ALA S 87 83.17 -93.43 -64.11
C ALA S 87 81.87 -93.73 -63.35
N ILE S 88 81.02 -94.61 -63.89
CA ILE S 88 79.73 -94.86 -63.24
C ILE S 88 79.91 -95.64 -61.94
N VAL S 89 80.85 -96.57 -61.88
CA VAL S 89 81.01 -97.36 -60.66
C VAL S 89 81.54 -96.51 -59.51
N ILE S 90 82.41 -95.54 -59.78
CA ILE S 90 82.97 -94.71 -58.72
C ILE S 90 81.88 -93.87 -58.05
N ILE S 91 81.02 -93.25 -58.87
CA ILE S 91 79.94 -92.43 -58.32
C ILE S 91 78.96 -93.30 -57.52
N TRP S 92 78.68 -94.50 -58.02
CA TRP S 92 77.74 -95.40 -57.36
C TRP S 92 78.21 -95.73 -55.93
N ALA S 93 79.49 -96.06 -55.77
CA ALA S 93 79.99 -96.38 -54.44
C ALA S 93 80.03 -95.14 -53.56
N ALA S 94 80.46 -94.00 -54.11
CA ALA S 94 80.53 -92.76 -53.34
C ALA S 94 79.16 -92.41 -52.76
N SER S 95 78.17 -92.19 -53.64
CA SER S 95 76.82 -91.86 -53.18
C SER S 95 76.23 -92.98 -52.33
N GLY S 96 76.54 -94.23 -52.69
CA GLY S 96 76.02 -95.36 -51.94
C GLY S 96 76.37 -95.30 -50.46
N PHE S 97 77.60 -94.90 -50.14
CA PHE S 97 78.01 -94.81 -48.75
C PHE S 97 77.21 -93.70 -48.05
N TYR S 98 76.73 -93.99 -46.85
CA TYR S 98 75.93 -93.05 -46.09
C TYR S 98 76.16 -93.28 -44.60
N THR S 99 76.11 -92.20 -43.84
CA THR S 99 76.30 -92.23 -42.39
C THR S 99 75.00 -91.86 -41.68
N ILE S 100 74.72 -92.58 -40.60
CA ILE S 100 73.55 -92.36 -39.75
C ILE S 100 74.03 -91.93 -38.38
N LYS S 101 73.32 -90.99 -37.76
CA LYS S 101 73.70 -90.47 -36.46
C LYS S 101 73.67 -91.58 -35.41
N GLU S 102 74.23 -91.26 -34.24
CA GLU S 102 74.26 -92.24 -33.15
C GLU S 102 72.89 -92.35 -32.49
N ALA S 103 72.18 -91.22 -32.37
CA ALA S 103 70.85 -91.23 -31.80
C ALA S 103 69.78 -91.66 -32.81
N GLU S 104 70.18 -91.95 -34.05
CA GLU S 104 69.25 -92.37 -35.10
C GLU S 104 69.61 -93.79 -35.55
N ARG S 105 68.61 -94.49 -36.09
CA ARG S 105 68.77 -95.86 -36.58
C ARG S 105 68.15 -95.93 -37.98
N GLY S 106 69.01 -96.03 -38.99
CA GLY S 106 68.51 -96.13 -40.36
C GLY S 106 67.67 -97.37 -40.55
N VAL S 107 66.72 -97.28 -41.49
CA VAL S 107 65.81 -98.38 -41.80
C VAL S 107 65.93 -98.62 -43.31
N VAL S 108 66.78 -99.57 -43.71
CA VAL S 108 66.93 -99.89 -45.11
C VAL S 108 65.70 -100.65 -45.57
N THR S 109 65.15 -100.27 -46.74
CA THR S 109 63.94 -100.90 -47.26
C THR S 109 64.06 -101.19 -48.76
N ARG S 110 63.72 -102.42 -49.15
CA ARG S 110 63.62 -102.78 -50.55
C ARG S 110 62.48 -101.98 -51.18
N PHE S 111 62.35 -102.06 -52.52
CA PHE S 111 61.31 -101.32 -53.24
C PHE S 111 59.96 -101.37 -52.54
N GLY S 112 59.43 -102.57 -52.32
CA GLY S 112 58.20 -102.74 -51.57
C GLY S 112 58.40 -103.20 -50.13
N LYS S 113 59.30 -104.16 -49.96
CA LYS S 113 59.59 -104.79 -48.69
C LYS S 113 60.71 -104.12 -47.89
N PHE S 114 60.62 -104.24 -46.57
CA PHE S 114 61.67 -103.77 -45.68
C PHE S 114 62.82 -104.76 -45.77
N SER S 115 64.07 -104.27 -45.68
CA SER S 115 65.23 -105.14 -45.84
C SER S 115 65.96 -105.46 -44.54
N HIS S 116 66.36 -104.46 -43.76
CA HIS S 116 67.08 -104.73 -42.51
C HIS S 116 67.31 -103.42 -41.78
N LEU S 117 67.67 -103.54 -40.50
CA LEU S 117 67.96 -102.40 -39.64
C LEU S 117 69.47 -102.22 -39.56
N VAL S 118 69.95 -101.05 -39.97
CA VAL S 118 71.38 -100.73 -39.95
C VAL S 118 71.71 -100.07 -38.62
N GLU S 119 72.87 -100.44 -38.05
CA GLU S 119 73.34 -99.92 -36.78
C GLU S 119 74.28 -98.74 -37.02
N PRO S 120 74.50 -97.89 -36.01
CA PRO S 120 75.37 -96.72 -36.18
C PRO S 120 76.71 -97.04 -36.82
N GLY S 121 77.30 -96.03 -37.46
CA GLY S 121 78.56 -96.15 -38.17
C GLY S 121 78.36 -95.79 -39.62
N LEU S 122 79.30 -96.17 -40.48
CA LEU S 122 79.22 -95.89 -41.91
C LEU S 122 78.79 -97.15 -42.64
N ASN S 123 77.62 -97.10 -43.28
CA ASN S 123 77.07 -98.22 -44.03
C ASN S 123 76.99 -97.85 -45.50
N TRP S 124 76.63 -98.86 -46.32
CA TRP S 124 76.48 -98.70 -47.76
C TRP S 124 75.08 -99.17 -48.17
N LYS S 125 74.45 -98.42 -49.07
CA LYS S 125 73.11 -98.76 -49.56
C LYS S 125 73.11 -98.70 -51.10
N PRO S 126 72.68 -99.75 -51.80
CA PRO S 126 72.59 -99.67 -53.27
C PRO S 126 71.68 -98.52 -53.71
N THR S 127 72.27 -97.56 -54.41
CA THR S 127 71.53 -96.41 -54.91
C THR S 127 70.49 -96.83 -55.94
N PHE S 128 69.28 -96.26 -55.81
CA PHE S 128 68.13 -96.47 -56.69
C PHE S 128 67.42 -97.81 -56.43
N ILE S 129 67.91 -98.64 -55.51
CA ILE S 129 67.28 -99.92 -55.20
C ILE S 129 66.59 -99.88 -53.84
N ASP S 130 67.29 -99.42 -52.81
CA ASP S 130 66.76 -99.30 -51.46
C ASP S 130 67.05 -97.91 -50.92
N GLU S 131 66.25 -97.51 -49.93
CA GLU S 131 66.37 -96.21 -49.29
C GLU S 131 66.33 -96.40 -47.79
N VAL S 132 67.00 -95.49 -47.08
CA VAL S 132 67.10 -95.53 -45.61
C VAL S 132 66.29 -94.39 -45.02
N LYS S 133 65.65 -94.66 -43.89
CA LYS S 133 64.85 -93.68 -43.15
C LYS S 133 65.40 -93.58 -41.74
N PRO S 134 66.11 -92.51 -41.34
CA PRO S 134 66.62 -92.46 -39.97
C PRO S 134 65.54 -92.10 -38.96
N VAL S 135 65.44 -92.91 -37.90
CA VAL S 135 64.48 -92.71 -36.82
C VAL S 135 65.28 -92.49 -35.55
N ASN S 136 64.92 -91.44 -34.80
CA ASN S 136 65.64 -91.07 -33.58
C ASN S 136 65.19 -91.96 -32.43
N VAL S 137 65.96 -93.01 -32.16
CA VAL S 137 65.64 -93.97 -31.11
C VAL S 137 66.21 -93.60 -29.74
N GLU S 138 67.02 -92.53 -29.65
CA GLU S 138 67.64 -92.12 -28.39
C GLU S 138 67.13 -90.79 -27.85
N ALA S 139 66.84 -89.83 -28.71
CA ALA S 139 66.38 -88.52 -28.25
C ALA S 139 65.10 -88.63 -27.43
N VAL S 140 64.96 -87.71 -26.47
CA VAL S 140 63.80 -87.66 -25.58
C VAL S 140 62.83 -86.64 -26.15
N ARG S 141 61.65 -87.11 -26.55
CA ARG S 141 60.61 -86.26 -27.11
C ARG S 141 59.69 -85.74 -26.00
N GLU S 142 58.87 -84.76 -26.35
CA GLU S 142 57.92 -84.16 -25.41
C GLU S 142 56.57 -84.01 -26.10
N LEU S 143 55.50 -84.03 -25.31
CA LEU S 143 54.14 -83.94 -25.83
C LEU S 143 53.27 -83.27 -24.77
N ALA S 144 53.02 -81.96 -24.93
CA ALA S 144 52.19 -81.23 -23.99
C ALA S 144 50.72 -81.37 -24.39
N ALA S 145 49.91 -81.89 -23.46
CA ALA S 145 48.48 -82.10 -23.66
C ALA S 145 47.71 -81.32 -22.60
N SER S 146 46.78 -80.47 -23.04
CA SER S 146 45.97 -79.68 -22.13
C SER S 146 44.52 -79.68 -22.62
N GLY S 147 43.66 -79.04 -21.83
CA GLY S 147 42.26 -78.91 -22.15
C GLY S 147 41.42 -78.71 -20.91
N VAL S 148 40.21 -78.20 -21.12
CA VAL S 148 39.26 -77.94 -20.03
C VAL S 148 38.44 -79.20 -19.82
N MET S 149 38.95 -80.12 -19.00
CA MET S 149 38.24 -81.34 -18.71
C MET S 149 37.18 -81.11 -17.62
N LEU S 150 36.24 -82.05 -17.53
CA LEU S 150 35.16 -82.00 -16.55
C LEU S 150 35.41 -82.99 -15.43
N THR S 151 35.11 -82.56 -14.20
CA THR S 151 35.31 -83.38 -13.01
C THR S 151 34.08 -84.26 -12.77
N SER S 152 34.03 -84.91 -11.61
CA SER S 152 32.93 -85.80 -11.23
C SER S 152 31.77 -85.07 -10.57
N ASP S 153 31.94 -83.79 -10.24
CA ASP S 153 30.91 -82.98 -9.59
C ASP S 153 30.30 -81.94 -10.53
N GLU S 154 30.38 -82.20 -11.85
CA GLU S 154 29.86 -81.32 -12.90
C GLU S 154 30.62 -80.00 -13.00
N ASN S 155 31.83 -79.94 -12.46
CA ASN S 155 32.67 -78.75 -12.53
C ASN S 155 33.68 -78.92 -13.66
N VAL S 156 34.15 -77.79 -14.18
CA VAL S 156 35.13 -77.74 -15.25
C VAL S 156 36.45 -77.31 -14.65
N VAL S 157 37.54 -77.92 -15.13
CA VAL S 157 38.88 -77.63 -14.62
C VAL S 157 39.82 -77.47 -15.81
N ARG S 158 40.60 -76.39 -15.79
CA ARG S 158 41.58 -76.13 -16.84
C ARG S 158 42.84 -76.86 -16.42
N VAL S 159 43.04 -78.05 -17.00
CA VAL S 159 44.18 -78.91 -16.68
C VAL S 159 45.12 -78.93 -17.87
N GLU S 160 46.42 -78.93 -17.57
CA GLU S 160 47.47 -79.01 -18.57
C GLU S 160 48.43 -80.10 -18.11
N MET S 161 48.91 -80.89 -19.07
CA MET S 161 49.79 -82.00 -18.79
C MET S 161 50.91 -82.03 -19.82
N ASN S 162 52.03 -82.62 -19.42
CA ASN S 162 53.19 -82.78 -20.27
C ASN S 162 53.53 -84.26 -20.29
N VAL S 163 53.76 -84.81 -21.48
CA VAL S 163 54.07 -86.22 -21.66
C VAL S 163 55.41 -86.32 -22.38
N GLN S 164 56.43 -86.74 -21.65
CA GLN S 164 57.75 -86.98 -22.21
C GLN S 164 57.81 -88.45 -22.58
N TYR S 165 58.18 -88.75 -23.82
CA TYR S 165 58.22 -90.14 -24.28
C TYR S 165 59.41 -90.35 -25.20
N ARG S 166 59.55 -91.62 -25.61
CA ARG S 166 60.61 -92.06 -26.51
C ARG S 166 59.97 -92.98 -27.54
N VAL S 167 60.80 -93.52 -28.44
CA VAL S 167 60.32 -94.40 -29.50
C VAL S 167 61.04 -95.73 -29.33
N THR S 168 60.67 -96.71 -30.16
CA THR S 168 61.17 -98.08 -30.13
C THR S 168 61.34 -98.50 -31.58
N ASN S 169 61.54 -99.82 -31.80
CA ASN S 169 61.79 -100.43 -33.10
C ASN S 169 60.88 -99.81 -34.18
N PRO S 170 61.43 -99.23 -35.25
CA PRO S 170 60.58 -98.52 -36.22
C PRO S 170 59.63 -99.38 -37.04
N GLU S 171 59.72 -100.71 -36.99
CA GLU S 171 58.81 -101.49 -37.82
C GLU S 171 57.36 -101.32 -37.35
N LYS S 172 57.16 -101.19 -36.03
CA LYS S 172 55.82 -100.93 -35.51
C LYS S 172 55.48 -99.45 -35.59
N TYR S 173 56.34 -98.60 -35.04
CA TYR S 173 56.14 -97.15 -35.00
C TYR S 173 55.84 -96.55 -36.37
N LEU S 174 56.52 -97.03 -37.42
CA LEU S 174 56.37 -96.46 -38.75
C LEU S 174 55.22 -97.06 -39.57
N TYR S 175 54.89 -98.33 -39.41
CA TYR S 175 53.88 -98.98 -40.24
C TYR S 175 52.77 -99.65 -39.43
N SER S 176 52.32 -98.99 -38.35
CA SER S 176 51.20 -99.48 -37.56
C SER S 176 49.98 -98.57 -37.66
N VAL S 177 50.17 -97.28 -37.39
CA VAL S 177 49.10 -96.28 -37.47
C VAL S 177 49.67 -95.02 -38.12
N THR S 178 48.83 -94.33 -38.87
CA THR S 178 49.26 -93.09 -39.50
C THR S 178 49.38 -92.00 -38.43
N SER S 179 50.34 -91.09 -38.65
CA SER S 179 50.65 -89.99 -37.72
C SER S 179 50.73 -90.49 -36.28
N PRO S 180 51.74 -91.28 -35.92
CA PRO S 180 51.82 -91.79 -34.54
C PRO S 180 51.91 -90.71 -33.49
N ASP S 181 52.59 -89.60 -33.79
CA ASP S 181 52.71 -88.50 -32.82
C ASP S 181 51.34 -87.89 -32.53
N ASP S 182 50.57 -87.62 -33.58
CA ASP S 182 49.26 -87.01 -33.40
C ASP S 182 48.27 -87.96 -32.72
N SER S 183 48.27 -89.24 -33.11
CA SER S 183 47.35 -90.20 -32.51
C SER S 183 47.57 -90.33 -31.01
N LEU S 184 48.84 -90.30 -30.57
CA LEU S 184 49.11 -90.38 -29.13
C LEU S 184 48.56 -89.17 -28.41
N ARG S 185 48.59 -88.00 -29.06
CA ARG S 185 48.06 -86.79 -28.44
C ARG S 185 46.56 -86.91 -28.22
N GLN S 186 45.84 -87.52 -29.18
CA GLN S 186 44.40 -87.72 -29.00
C GLN S 186 44.15 -88.70 -27.86
N ALA S 187 44.94 -89.77 -27.79
CA ALA S 187 44.80 -90.74 -26.71
C ALA S 187 45.03 -90.09 -25.36
N THR S 188 45.99 -89.17 -25.28
CA THR S 188 46.27 -88.48 -24.02
C THR S 188 45.06 -87.67 -23.58
N ASP S 189 44.41 -87.00 -24.53
CA ASP S 189 43.21 -86.23 -24.18
C ASP S 189 42.12 -87.17 -23.67
N SER S 190 41.91 -88.30 -24.37
CA SER S 190 40.91 -89.26 -23.92
C SER S 190 41.24 -89.80 -22.54
N ALA S 191 42.52 -90.08 -22.28
CA ALA S 191 42.92 -90.58 -20.98
C ALA S 191 42.73 -89.52 -19.91
N LEU S 192 43.22 -88.30 -20.17
CA LEU S 192 43.09 -87.22 -19.20
C LEU S 192 41.63 -86.90 -18.91
N ARG S 193 40.80 -86.84 -19.96
CA ARG S 193 39.37 -86.59 -19.76
C ARG S 193 38.73 -87.69 -18.92
N GLY S 194 39.00 -88.94 -19.27
CA GLY S 194 38.41 -90.06 -18.54
C GLY S 194 38.76 -90.08 -17.08
N VAL S 195 40.05 -89.96 -16.75
CA VAL S 195 40.50 -90.03 -15.37
C VAL S 195 39.91 -88.89 -14.55
N ILE S 196 40.09 -87.64 -15.01
CA ILE S 196 39.57 -86.49 -14.28
C ILE S 196 38.06 -86.61 -14.06
N GLY S 197 37.35 -87.16 -15.04
CA GLY S 197 35.92 -87.34 -14.91
C GLY S 197 35.50 -88.17 -13.70
N LYS S 198 36.34 -89.13 -13.29
CA LYS S 198 36.00 -89.99 -12.18
C LYS S 198 36.18 -89.30 -10.82
N TYR S 199 37.25 -88.54 -10.64
CA TYR S 199 37.52 -87.88 -9.36
C TYR S 199 36.91 -86.49 -9.32
N THR S 200 36.70 -86.01 -8.10
CA THR S 200 36.14 -84.68 -7.87
C THR S 200 37.24 -83.61 -7.94
N MET S 201 36.80 -82.34 -8.06
CA MET S 201 37.74 -81.23 -8.18
C MET S 201 38.64 -81.08 -6.96
N ASP S 202 38.06 -81.05 -5.76
CA ASP S 202 38.85 -80.83 -4.54
C ASP S 202 39.93 -81.88 -4.37
N ARG S 203 39.60 -83.15 -4.63
CA ARG S 203 40.60 -84.21 -4.52
C ARG S 203 41.71 -84.00 -5.54
N ILE S 204 41.33 -83.80 -6.80
CA ILE S 204 42.29 -83.58 -7.90
C ILE S 204 43.26 -82.45 -7.62
N LEU S 205 42.85 -81.46 -6.82
CA LEU S 205 43.72 -80.31 -6.59
C LEU S 205 44.86 -80.64 -5.63
N THR S 206 44.57 -81.32 -4.52
CA THR S 206 45.58 -81.63 -3.51
C THR S 206 45.93 -83.11 -3.37
N GLU S 207 44.93 -83.97 -3.17
CA GLU S 207 45.20 -85.40 -2.97
C GLU S 207 45.40 -86.14 -4.27
N GLY S 208 44.52 -85.91 -5.25
CA GLY S 208 44.57 -86.61 -6.52
C GLY S 208 45.86 -86.45 -7.31
N ARG S 209 46.61 -85.36 -7.06
CA ARG S 209 47.86 -85.07 -7.76
C ARG S 209 48.77 -86.26 -7.97
N THR S 210 48.95 -87.10 -6.95
CA THR S 210 49.82 -88.27 -7.09
C THR S 210 49.15 -89.40 -7.86
N VAL S 211 47.90 -89.73 -7.51
CA VAL S 211 47.20 -90.82 -8.18
C VAL S 211 46.80 -90.45 -9.61
N ILE S 212 46.46 -89.18 -9.86
CA ILE S 212 46.01 -88.77 -11.18
C ILE S 212 47.08 -89.04 -12.23
N ARG S 213 48.33 -88.71 -11.94
CA ARG S 213 49.40 -88.98 -12.90
C ARG S 213 49.55 -90.48 -13.13
N SER S 214 49.46 -91.28 -12.06
CA SER S 214 49.55 -92.73 -12.20
C SER S 214 48.40 -93.27 -13.03
N ASP S 215 47.17 -92.86 -12.71
CA ASP S 215 46.00 -93.32 -13.45
C ASP S 215 46.04 -92.81 -14.89
N THR S 216 46.34 -91.52 -15.07
CA THR S 216 46.45 -90.95 -16.42
C THR S 216 47.52 -91.65 -17.23
N GLN S 217 48.63 -92.03 -16.57
CA GLN S 217 49.70 -92.73 -17.27
C GLN S 217 49.25 -94.13 -17.68
N ARG S 218 48.60 -94.85 -16.76
CA ARG S 218 48.12 -96.19 -17.07
C ARG S 218 47.01 -96.15 -18.12
N GLU S 219 46.07 -95.22 -17.99
CA GLU S 219 44.98 -95.15 -18.96
C GLU S 219 45.49 -94.77 -20.34
N LEU S 220 46.39 -93.79 -20.43
CA LEU S 220 46.97 -93.41 -21.71
C LEU S 220 47.64 -94.61 -22.39
N GLU S 221 48.38 -95.41 -21.61
CA GLU S 221 49.05 -96.58 -22.15
C GLU S 221 48.03 -97.59 -22.65
N GLU S 222 46.97 -97.84 -21.87
CA GLU S 222 45.92 -98.76 -22.29
C GLU S 222 45.22 -98.26 -23.55
N THR S 223 45.18 -96.94 -23.75
CA THR S 223 44.50 -96.38 -24.92
C THR S 223 45.35 -96.49 -26.17
N ILE S 224 46.68 -96.44 -26.06
CA ILE S 224 47.55 -96.56 -27.23
C ILE S 224 47.86 -98.00 -27.59
N ARG S 225 47.45 -98.96 -26.77
CA ARG S 225 47.71 -100.37 -27.11
C ARG S 225 47.00 -100.76 -28.40
N PRO S 226 45.69 -100.51 -28.57
CA PRO S 226 45.03 -100.76 -29.87
C PRO S 226 45.83 -100.25 -31.05
N TYR S 227 46.42 -99.06 -30.92
CA TYR S 227 47.23 -98.48 -31.99
C TYR S 227 48.45 -99.36 -32.27
N ASP S 228 49.07 -99.89 -31.22
CA ASP S 228 50.27 -100.73 -31.30
C ASP S 228 51.53 -99.93 -31.64
N MET S 229 51.52 -98.63 -31.35
CA MET S 229 52.67 -97.79 -31.63
C MET S 229 53.81 -98.13 -30.67
N GLY S 230 55.03 -98.05 -31.18
CA GLY S 230 56.20 -98.35 -30.38
C GLY S 230 56.68 -97.16 -29.60
N ILE S 231 55.90 -96.77 -28.58
CA ILE S 231 56.20 -95.64 -27.71
C ILE S 231 55.97 -96.07 -26.27
N THR S 232 56.75 -95.49 -25.36
CA THR S 232 56.65 -95.76 -23.93
C THR S 232 56.49 -94.45 -23.18
N LEU S 233 55.62 -94.44 -22.17
CA LEU S 233 55.37 -93.25 -21.38
C LEU S 233 56.37 -93.17 -20.24
N LEU S 234 56.97 -91.99 -20.06
CA LEU S 234 57.94 -91.75 -19.01
C LEU S 234 57.46 -90.76 -17.95
N ASP S 235 57.04 -89.57 -18.38
CA ASP S 235 56.61 -88.50 -17.47
C ASP S 235 55.13 -88.19 -17.67
N VAL S 236 54.36 -88.28 -16.59
CA VAL S 236 52.94 -87.93 -16.60
C VAL S 236 52.71 -87.07 -15.36
N ASN S 237 51.95 -85.98 -15.51
CA ASN S 237 51.76 -85.11 -14.36
C ASN S 237 50.61 -84.12 -14.50
N PHE S 238 49.76 -84.07 -13.48
CA PHE S 238 48.71 -83.07 -13.38
C PHE S 238 49.34 -81.76 -12.92
N GLN S 239 48.98 -80.64 -13.55
CA GLN S 239 49.60 -79.36 -13.22
C GLN S 239 48.69 -78.37 -12.50
N ALA S 240 47.45 -78.17 -12.96
CA ALA S 240 46.57 -77.23 -12.27
C ALA S 240 45.12 -77.53 -12.61
N ALA S 241 44.22 -76.87 -11.89
CA ALA S 241 42.78 -77.01 -12.16
C ALA S 241 42.09 -75.73 -11.70
N ARG S 242 41.72 -74.86 -12.66
CA ARG S 242 40.99 -73.64 -12.31
C ARG S 242 39.49 -73.94 -12.29
N PRO S 243 38.72 -73.53 -11.28
CA PRO S 243 37.27 -73.87 -11.28
C PRO S 243 36.55 -73.27 -12.47
N PRO S 244 35.32 -73.71 -12.75
CA PRO S 244 34.57 -73.11 -13.86
C PRO S 244 34.29 -71.64 -13.57
N GLU S 245 34.42 -70.81 -14.62
CA GLU S 245 34.22 -69.37 -14.49
C GLU S 245 32.88 -69.02 -13.84
N GLU S 246 31.84 -69.83 -14.09
CA GLU S 246 30.54 -69.56 -13.50
C GLU S 246 30.60 -69.55 -11.98
N VAL S 247 31.42 -70.42 -11.38
CA VAL S 247 31.56 -70.52 -9.93
C VAL S 247 32.92 -70.06 -9.43
N LYS S 248 33.89 -69.83 -10.33
CA LYS S 248 35.23 -69.42 -9.89
C LYS S 248 35.16 -68.15 -9.05
N ALA S 249 34.66 -67.06 -9.63
CA ALA S 249 34.54 -65.84 -8.85
C ALA S 249 33.49 -66.00 -7.75
N ALA S 250 32.51 -66.88 -7.95
CA ALA S 250 31.50 -67.14 -6.94
C ALA S 250 32.10 -67.78 -5.70
N PHE S 251 33.06 -68.68 -5.89
CA PHE S 251 33.71 -69.34 -4.76
C PHE S 251 34.37 -68.31 -3.84
N ASP S 252 35.11 -67.36 -4.42
CA ASP S 252 35.71 -66.32 -3.60
C ASP S 252 34.63 -65.44 -3.00
N ASP S 253 33.55 -65.20 -3.74
CA ASP S 253 32.44 -64.42 -3.22
C ASP S 253 31.81 -65.11 -2.02
N ALA S 254 31.75 -66.44 -2.05
CA ALA S 254 31.17 -67.17 -0.92
C ALA S 254 32.01 -66.95 0.34
N ILE S 255 33.33 -66.90 0.19
CA ILE S 255 34.19 -66.63 1.34
C ILE S 255 34.00 -65.19 1.79
N ALA S 256 33.70 -64.29 0.84
CA ALA S 256 33.45 -62.90 1.20
C ALA S 256 32.24 -62.79 2.11
N ALA S 257 31.21 -63.62 1.86
CA ALA S 257 30.05 -63.61 2.73
C ALA S 257 30.42 -64.05 4.14
N ARG S 258 31.34 -65.01 4.23
CA ARG S 258 31.82 -65.47 5.54
C ARG S 258 32.61 -64.38 6.23
N GLU S 259 33.29 -63.52 5.46
CA GLU S 259 34.07 -62.44 6.06
C GLU S 259 33.17 -61.45 6.79
N ASN S 260 31.91 -61.31 6.35
CA ASN S 260 30.98 -60.42 7.05
C ASN S 260 30.85 -60.83 8.51
N GLU S 261 30.69 -62.14 8.76
CA GLU S 261 30.59 -62.64 10.13
C GLU S 261 31.84 -62.27 10.92
N GLN S 262 33.01 -62.40 10.30
CA GLN S 262 34.26 -62.00 10.94
C GLN S 262 34.19 -60.56 11.43
N GLN S 263 33.74 -59.65 10.55
CA GLN S 263 33.64 -58.24 10.91
C GLN S 263 32.37 -57.94 11.71
N TYR S 264 31.36 -58.80 11.66
CA TYR S 264 30.16 -58.59 12.46
C TYR S 264 30.51 -58.58 13.95
N ILE S 265 31.43 -59.46 14.36
CA ILE S 265 31.84 -59.52 15.76
C ILE S 265 32.52 -58.22 16.16
N ARG S 266 33.39 -57.69 15.29
CA ARG S 266 34.08 -56.43 15.55
C ARG S 266 33.12 -55.33 15.99
N GLU S 267 31.97 -55.21 15.30
CA GLU S 267 30.95 -54.23 15.66
C GLU S 267 30.57 -54.38 17.14
N ALA S 268 30.17 -55.59 17.55
CA ALA S 268 29.80 -55.84 18.94
C ALA S 268 30.95 -55.47 19.88
N GLU S 269 32.16 -55.98 19.59
CA GLU S 269 33.35 -55.68 20.39
C GLU S 269 33.47 -54.19 20.68
N ALA S 270 33.35 -53.35 19.65
CA ALA S 270 33.43 -51.91 19.81
C ALA S 270 32.33 -51.41 20.75
N TYR S 271 31.07 -51.63 20.38
CA TYR S 271 29.95 -51.18 21.20
C TYR S 271 30.01 -51.74 22.62
N THR S 272 30.36 -53.02 22.76
CA THR S 272 30.44 -53.63 24.09
C THR S 272 31.53 -52.98 24.92
N ASN S 273 32.68 -52.69 24.30
CA ASN S 273 33.79 -52.06 25.02
C ASN S 273 33.59 -50.55 25.19
N GLU S 274 32.47 -50.00 24.73
CA GLU S 274 32.15 -48.58 24.87
C GLU S 274 31.12 -48.33 25.96
N VAL S 275 30.14 -49.21 26.09
CA VAL S 275 29.11 -49.06 27.12
C VAL S 275 29.66 -49.43 28.50
N GLN S 276 30.65 -50.33 28.56
CA GLN S 276 31.17 -50.73 29.87
C GLN S 276 31.89 -49.59 30.57
N PRO S 277 32.87 -48.90 29.97
CA PRO S 277 33.49 -47.77 30.70
C PRO S 277 32.48 -46.71 31.12
N ARG S 278 31.52 -46.39 30.23
CA ARG S 278 30.47 -45.44 30.56
C ARG S 278 29.77 -45.81 31.86
N ALA S 279 29.50 -47.10 32.05
CA ALA S 279 28.84 -47.58 33.26
C ALA S 279 29.67 -47.26 34.50
N ASN S 280 30.96 -47.57 34.46
CA ASN S 280 31.82 -47.31 35.62
C ASN S 280 31.88 -45.81 35.90
N GLY S 281 32.03 -44.98 34.87
CA GLY S 281 32.04 -43.54 35.09
C GLY S 281 30.73 -43.05 35.67
N GLN S 282 29.61 -43.55 35.12
CA GLN S 282 28.30 -43.18 35.65
C GLN S 282 28.13 -43.65 37.09
N ALA S 283 28.69 -44.82 37.40
CA ALA S 283 28.58 -45.36 38.76
C ALA S 283 29.23 -44.43 39.77
N GLN S 284 30.44 -43.96 39.47
CA GLN S 284 31.12 -43.04 40.38
C GLN S 284 30.33 -41.74 40.53
N ARG S 285 29.74 -41.26 39.43
CA ARG S 285 28.96 -40.03 39.49
C ARG S 285 27.77 -40.18 40.43
N ILE S 286 27.06 -41.30 40.35
CA ILE S 286 25.91 -41.50 41.22
C ILE S 286 26.36 -41.69 42.66
N LEU S 287 27.53 -42.30 42.86
CA LEU S 287 28.04 -42.48 44.22
C LEU S 287 28.31 -41.13 44.88
N GLU S 288 28.92 -40.20 44.13
CA GLU S 288 29.23 -38.88 44.68
C GLU S 288 27.96 -38.13 45.07
N GLU S 289 26.89 -38.29 44.27
CA GLU S 289 25.64 -37.59 44.58
C GLU S 289 25.09 -38.04 45.93
N ALA S 290 25.16 -39.33 46.23
CA ALA S 290 24.67 -39.81 47.52
C ALA S 290 25.47 -39.23 48.67
N ARG S 291 26.80 -39.18 48.51
CA ARG S 291 27.65 -38.60 49.56
C ARG S 291 27.28 -37.14 49.82
N ALA S 292 27.04 -36.37 48.76
CA ALA S 292 26.66 -34.98 48.93
C ALA S 292 25.35 -34.87 49.70
N TYR S 293 24.39 -35.75 49.42
CA TYR S 293 23.13 -35.74 50.15
C TYR S 293 23.37 -36.02 51.63
N LYS S 294 24.22 -37.01 51.93
CA LYS S 294 24.55 -37.33 53.32
C LYS S 294 25.20 -36.13 54.00
N ALA S 295 26.21 -35.54 53.37
CA ALA S 295 26.89 -34.38 53.93
C ALA S 295 25.93 -33.20 54.06
N GLN S 296 25.14 -32.95 53.01
CA GLN S 296 24.20 -31.83 53.04
C GLN S 296 23.12 -32.04 54.10
N THR S 297 22.58 -33.26 54.19
CA THR S 297 21.53 -33.51 55.17
C THR S 297 22.07 -33.41 56.59
N ILE S 298 23.30 -33.87 56.82
CA ILE S 298 23.90 -33.78 58.15
C ILE S 298 24.10 -32.31 58.54
N LEU S 299 24.63 -31.52 57.60
CA LEU S 299 24.86 -30.10 57.87
C LEU S 299 23.56 -29.36 58.08
N GLU S 300 22.53 -29.67 57.28
CA GLU S 300 21.24 -29.02 57.43
C GLU S 300 20.63 -29.34 58.79
N ALA S 301 20.80 -30.58 59.25
CA ALA S 301 20.27 -30.98 60.55
C ALA S 301 20.90 -30.16 61.67
N GLN S 302 22.21 -29.94 61.59
CA GLN S 302 22.90 -29.17 62.63
C GLN S 302 22.37 -27.75 62.73
N GLY S 303 22.11 -27.11 61.58
CA GLY S 303 21.60 -25.75 61.60
C GLY S 303 20.25 -25.65 62.29
N GLU S 304 19.34 -26.57 61.98
CA GLU S 304 18.03 -26.56 62.62
C GLU S 304 18.15 -26.78 64.12
N VAL S 305 19.06 -27.67 64.53
CA VAL S 305 19.27 -27.94 65.95
C VAL S 305 19.69 -26.66 66.68
N ALA S 306 20.61 -25.90 66.08
CA ALA S 306 21.08 -24.67 66.68
C ALA S 306 19.94 -23.67 66.88
N ARG S 307 19.07 -23.54 65.87
CA ARG S 307 17.95 -22.61 65.97
C ARG S 307 17.03 -23.01 67.13
N PHE S 308 16.69 -24.30 67.23
CA PHE S 308 15.83 -24.75 68.32
C PHE S 308 16.48 -24.52 69.67
N ALA S 309 17.81 -24.65 69.74
CA ALA S 309 18.51 -24.42 70.99
C ALA S 309 18.45 -22.96 71.42
N LYS S 310 18.19 -22.05 70.49
CA LYS S 310 18.08 -20.62 70.76
C LYS S 310 16.64 -20.15 70.94
N LEU S 311 15.69 -20.81 70.27
CA LEU S 311 14.30 -20.42 70.35
C LEU S 311 13.63 -21.01 71.60
N LEU S 312 13.90 -22.29 71.89
CA LEU S 312 13.33 -22.93 73.08
C LEU S 312 13.59 -22.15 74.36
N PRO S 313 14.82 -21.70 74.68
CA PRO S 313 15.02 -20.87 75.87
C PRO S 313 14.12 -19.64 75.91
N GLU S 314 13.96 -18.98 74.76
CA GLU S 314 13.10 -17.81 74.68
C GLU S 314 11.63 -18.20 74.73
N TYR S 315 11.30 -19.39 74.21
CA TYR S 315 9.92 -19.85 74.24
C TYR S 315 9.49 -20.16 75.67
N LYS S 316 10.40 -20.70 76.48
CA LYS S 316 10.09 -20.98 77.88
C LYS S 316 9.92 -19.69 78.67
N ALA S 317 10.65 -18.63 78.29
CA ALA S 317 10.54 -17.36 78.98
C ALA S 317 9.12 -16.81 78.92
N ALA S 318 8.48 -16.92 77.76
CA ALA S 318 7.11 -16.43 77.58
C ALA S 318 6.41 -17.27 76.53
N PRO S 319 5.87 -18.45 76.92
CA PRO S 319 5.15 -19.27 75.93
C PRO S 319 3.93 -18.58 75.33
N GLU S 320 3.19 -17.82 76.15
CA GLU S 320 2.00 -17.12 75.67
C GLU S 320 2.34 -16.20 74.51
N ILE S 321 3.23 -15.23 74.75
CA ILE S 321 3.63 -14.27 73.72
C ILE S 321 4.26 -15.00 72.54
N THR S 322 5.20 -15.91 72.82
CA THR S 322 5.88 -16.65 71.76
C THR S 322 4.87 -17.44 70.92
N ARG S 323 4.06 -18.28 71.55
CA ARG S 323 3.07 -19.07 70.83
C ARG S 323 2.08 -18.18 70.09
N GLU S 324 1.53 -17.18 70.78
CA GLU S 324 0.54 -16.30 70.17
C GLU S 324 1.14 -15.53 69.00
N ARG S 325 2.37 -15.03 69.16
CA ARG S 325 3.01 -14.28 68.07
C ARG S 325 3.23 -15.18 66.87
N LEU S 326 3.91 -16.32 67.08
CA LEU S 326 4.15 -17.27 65.99
C LEU S 326 2.84 -17.77 65.39
N TYR S 327 1.81 -17.94 66.21
CA TYR S 327 0.53 -18.45 65.73
C TYR S 327 -0.16 -17.44 64.82
N ILE S 328 -0.36 -16.21 65.30
CA ILE S 328 -1.02 -15.18 64.50
C ILE S 328 -0.24 -14.94 63.21
N GLU S 329 1.09 -15.01 63.27
CA GLU S 329 1.91 -14.80 62.08
C GLU S 329 1.65 -15.91 61.07
N THR S 330 1.77 -17.18 61.50
CA THR S 330 1.50 -18.30 60.61
C THR S 330 0.09 -18.23 60.05
N MET S 331 -0.90 -17.93 60.91
CA MET S 331 -2.28 -17.84 60.46
C MET S 331 -2.44 -16.79 59.37
N GLU S 332 -1.95 -15.57 59.63
CA GLU S 332 -2.01 -14.49 58.66
C GLU S 332 -1.46 -14.94 57.30
N LYS S 333 -0.32 -15.64 57.30
CA LYS S 333 0.27 -16.11 56.06
C LYS S 333 -0.68 -17.03 55.30
N VAL S 334 -1.07 -18.16 55.92
CA VAL S 334 -1.98 -19.10 55.24
C VAL S 334 -3.29 -18.42 54.89
N LEU S 335 -3.79 -17.54 55.75
CA LEU S 335 -5.02 -16.82 55.47
C LEU S 335 -4.89 -15.99 54.19
N GLY S 336 -3.75 -15.32 54.02
CA GLY S 336 -3.50 -14.52 52.83
C GLY S 336 -3.04 -15.33 51.64
N ASN S 337 -2.43 -16.49 51.89
CA ASN S 337 -1.94 -17.35 50.81
C ASN S 337 -3.06 -18.07 50.09
N THR S 338 -4.24 -18.18 50.71
CA THR S 338 -5.38 -18.88 50.12
C THR S 338 -6.63 -18.01 50.23
N ARG S 339 -7.73 -18.50 49.67
CA ARG S 339 -8.99 -17.80 49.74
C ARG S 339 -9.61 -17.99 51.12
N LYS S 340 -10.58 -17.12 51.45
CA LYS S 340 -11.25 -17.14 52.73
C LYS S 340 -12.76 -17.14 52.52
N VAL S 341 -13.46 -17.67 53.52
CA VAL S 341 -14.91 -17.81 53.50
C VAL S 341 -15.54 -17.05 54.67
N LEU S 342 -15.15 -17.42 55.90
CA LEU S 342 -15.69 -16.81 57.13
C LEU S 342 -17.22 -16.79 57.12
N VAL S 343 -17.80 -17.97 56.92
CA VAL S 343 -19.26 -18.14 56.89
C VAL S 343 -19.72 -18.89 58.13
N ASN S 344 -20.92 -18.53 58.58
CA ASN S 344 -21.58 -19.20 59.70
C ASN S 344 -21.62 -20.70 59.48
N ASP S 345 -21.08 -21.46 60.42
CA ASP S 345 -21.06 -22.91 60.26
C ASP S 345 -22.44 -23.54 60.34
N LYS S 346 -23.47 -22.79 60.78
CA LYS S 346 -24.85 -23.28 60.81
C LYS S 346 -25.23 -23.93 59.48
N GLY S 347 -24.83 -23.29 58.38
CA GLY S 347 -25.09 -23.77 57.03
C GLY S 347 -24.07 -24.81 56.63
N GLY S 348 -24.21 -26.00 57.19
CA GLY S 348 -23.27 -27.08 56.97
C GLY S 348 -23.42 -27.86 55.67
N ASN S 349 -23.63 -27.14 54.57
CA ASN S 349 -23.69 -27.73 53.24
C ASN S 349 -22.90 -26.82 52.31
N LEU S 350 -22.02 -27.39 51.50
CA LEU S 350 -21.22 -26.57 50.59
C LEU S 350 -20.61 -27.46 49.51
N MET S 351 -20.39 -26.87 48.34
CA MET S 351 -19.76 -27.55 47.22
C MET S 351 -18.43 -26.86 46.94
N VAL S 352 -17.50 -27.59 46.30
CA VAL S 352 -16.18 -27.06 45.99
C VAL S 352 -16.01 -26.72 44.51
N LEU S 353 -16.72 -27.37 43.60
CA LEU S 353 -16.66 -27.11 42.17
C LEU S 353 -15.23 -26.97 41.63
N PRO S 354 -14.37 -27.95 41.83
CA PRO S 354 -12.97 -27.81 41.40
C PRO S 354 -12.81 -28.08 39.91
N LEU S 355 -11.56 -27.95 39.45
CA LEU S 355 -11.23 -28.16 38.05
C LEU S 355 -11.19 -29.65 37.72
N MET T 1 73.85 -110.22 -87.85
CA MET T 1 73.26 -110.91 -86.66
C MET T 1 73.40 -110.09 -85.38
N ARG T 2 73.65 -108.78 -85.53
CA ARG T 2 73.81 -107.88 -84.39
C ARG T 2 72.56 -107.08 -84.08
N LYS T 3 71.89 -106.52 -85.09
CA LYS T 3 70.68 -105.75 -84.84
C LYS T 3 69.55 -106.63 -84.33
N SER T 4 69.42 -107.84 -84.88
CA SER T 4 68.37 -108.74 -84.42
C SER T 4 68.62 -109.21 -82.98
N VAL T 5 69.87 -109.57 -82.68
CA VAL T 5 70.19 -110.05 -81.33
C VAL T 5 70.09 -108.93 -80.30
N ILE T 6 70.61 -107.75 -80.62
CA ILE T 6 70.57 -106.64 -79.68
C ILE T 6 69.13 -106.18 -79.47
N ALA T 7 68.30 -106.23 -80.51
CA ALA T 7 66.91 -105.80 -80.39
C ALA T 7 66.13 -106.70 -79.44
N ILE T 8 66.30 -108.01 -79.56
CA ILE T 8 65.57 -108.94 -78.70
C ILE T 8 66.04 -108.81 -77.25
N ILE T 9 67.34 -108.57 -77.05
CA ILE T 9 67.90 -108.46 -75.70
C ILE T 9 67.29 -107.28 -74.95
N ILE T 10 67.23 -106.11 -75.60
CA ILE T 10 66.76 -104.91 -74.92
C ILE T 10 65.27 -104.99 -74.59
N ILE T 11 64.45 -105.56 -75.48
CA ILE T 11 63.02 -105.62 -75.22
C ILE T 11 62.73 -106.62 -74.11
N VAL T 12 63.47 -107.74 -74.06
CA VAL T 12 63.25 -108.75 -73.04
C VAL T 12 63.53 -108.18 -71.65
N LEU T 13 64.61 -107.41 -71.51
CA LEU T 13 64.96 -106.86 -70.19
C LEU T 13 63.89 -105.91 -69.67
N VAL T 14 63.36 -105.04 -70.53
CA VAL T 14 62.32 -104.11 -70.09
C VAL T 14 61.02 -104.86 -69.78
N VAL T 15 60.74 -105.93 -70.53
CA VAL T 15 59.52 -106.70 -70.29
C VAL T 15 59.55 -107.33 -68.90
N LEU T 16 60.69 -107.89 -68.50
CA LEU T 16 60.79 -108.52 -67.19
C LEU T 16 60.62 -107.51 -66.06
N TYR T 17 61.17 -106.30 -66.22
CA TYR T 17 61.02 -105.29 -65.17
C TYR T 17 59.57 -104.87 -65.01
N MET T 18 58.84 -104.75 -66.12
CA MET T 18 57.43 -104.38 -66.04
C MET T 18 56.61 -105.49 -65.41
N SER T 19 56.93 -106.75 -65.72
CA SER T 19 56.17 -107.87 -65.19
C SER T 19 56.33 -108.02 -63.68
N VAL T 20 57.53 -107.80 -63.16
CA VAL T 20 57.76 -107.96 -61.72
C VAL T 20 57.07 -106.82 -60.97
N PHE T 21 56.42 -107.17 -59.87
CA PHE T 21 55.73 -106.23 -59.01
C PHE T 21 55.76 -106.79 -57.60
N VAL T 22 56.15 -105.97 -56.63
CA VAL T 22 56.27 -106.39 -55.25
C VAL T 22 55.13 -105.81 -54.43
N VAL T 23 54.78 -106.52 -53.35
CA VAL T 23 53.72 -106.15 -52.43
C VAL T 23 54.38 -105.73 -51.13
N LYS T 24 54.12 -104.50 -50.69
CA LYS T 24 54.73 -104.00 -49.47
C LYS T 24 54.24 -104.80 -48.27
N GLU T 25 54.89 -104.59 -47.13
CA GLU T 25 54.55 -105.33 -45.93
C GLU T 25 53.16 -104.99 -45.42
N GLY T 26 52.82 -103.70 -45.38
CA GLY T 26 51.51 -103.29 -44.91
C GLY T 26 50.50 -103.12 -46.03
N GLU T 27 50.66 -103.86 -47.12
CA GLU T 27 49.75 -103.81 -48.25
C GLU T 27 49.55 -105.21 -48.82
N ARG T 28 48.46 -105.36 -49.56
CA ARG T 28 48.12 -106.61 -50.24
C ARG T 28 47.55 -106.26 -51.60
N GLY T 29 48.03 -106.94 -52.63
CA GLY T 29 47.58 -106.70 -54.00
C GLY T 29 46.77 -107.85 -54.57
N ILE T 30 45.71 -107.51 -55.30
CA ILE T 30 44.84 -108.46 -55.97
C ILE T 30 44.98 -108.23 -57.48
N THR T 31 45.66 -109.14 -58.17
CA THR T 31 45.81 -108.99 -59.61
C THR T 31 44.46 -109.08 -60.30
N LEU T 32 44.27 -108.25 -61.31
CA LEU T 32 43.03 -108.19 -62.08
C LEU T 32 43.34 -108.30 -63.57
N ARG T 33 42.29 -108.32 -64.37
CA ARG T 33 42.35 -108.39 -65.83
C ARG T 33 41.67 -107.14 -66.38
N PHE T 34 41.53 -107.08 -67.70
CA PHE T 34 40.88 -105.94 -68.36
C PHE T 34 39.56 -105.57 -67.68
N GLY T 35 38.61 -106.51 -67.64
CA GLY T 35 37.34 -106.31 -66.96
C GLY T 35 36.99 -107.44 -66.00
N LYS T 36 37.89 -108.40 -65.82
CA LYS T 36 37.70 -109.54 -64.93
C LYS T 36 38.89 -109.64 -63.99
N VAL T 37 38.90 -110.68 -63.15
CA VAL T 37 40.00 -110.94 -62.22
C VAL T 37 40.44 -112.39 -62.38
N LEU T 38 41.65 -112.67 -61.92
CA LEU T 38 42.20 -114.02 -61.96
C LEU T 38 41.67 -114.83 -60.79
N ARG T 39 41.13 -116.02 -61.08
CA ARG T 39 40.60 -116.90 -60.06
C ARG T 39 41.39 -118.20 -60.03
N ASP T 40 41.98 -118.49 -58.87
CA ASP T 40 42.77 -119.69 -58.62
C ASP T 40 42.31 -120.33 -57.30
N ASP T 41 42.95 -121.44 -56.95
CA ASP T 41 42.70 -122.17 -55.70
C ASP T 41 41.24 -122.57 -55.52
N ASP T 42 40.73 -123.31 -56.50
CA ASP T 42 39.37 -123.86 -56.46
C ASP T 42 38.29 -122.78 -56.39
N ASN T 43 38.35 -121.86 -57.35
CA ASN T 43 37.36 -120.78 -57.47
C ASN T 43 37.29 -119.92 -56.20
N LYS T 44 38.44 -119.35 -55.83
CA LYS T 44 38.59 -118.48 -54.66
C LYS T 44 39.49 -117.30 -55.03
N PRO T 45 39.03 -116.05 -55.04
CA PRO T 45 39.94 -114.94 -55.39
C PRO T 45 41.21 -114.95 -54.55
N LEU T 46 42.34 -114.76 -55.22
CA LEU T 46 43.66 -114.83 -54.62
C LEU T 46 44.20 -113.45 -54.26
N VAL T 47 44.63 -113.30 -53.01
CA VAL T 47 45.27 -112.09 -52.52
C VAL T 47 46.74 -112.43 -52.37
N TYR T 48 47.61 -111.46 -52.68
CA TYR T 48 49.05 -111.69 -52.67
C TYR T 48 49.69 -111.27 -51.35
N GLU T 49 50.63 -112.10 -50.89
CA GLU T 49 51.40 -111.86 -49.69
C GLU T 49 52.50 -110.87 -50.04
N PRO T 50 53.32 -110.44 -49.05
CA PRO T 50 54.41 -109.49 -49.41
C PRO T 50 55.65 -110.17 -49.97
N GLY T 51 55.55 -110.60 -51.24
CA GLY T 51 56.64 -111.23 -51.94
C GLY T 51 56.63 -110.86 -53.42
N LEU T 52 57.54 -111.46 -54.17
CA LEU T 52 57.64 -111.19 -55.59
C LEU T 52 56.61 -111.98 -56.38
N HIS T 53 56.05 -111.35 -57.42
CA HIS T 53 55.08 -111.97 -58.31
C HIS T 53 55.28 -111.44 -59.71
N PHE T 54 54.87 -112.23 -60.71
CA PHE T 54 55.00 -111.85 -62.12
C PHE T 54 53.61 -111.74 -62.75
N LYS T 55 53.40 -110.66 -63.51
CA LYS T 55 52.16 -110.41 -64.22
C LYS T 55 52.47 -110.08 -65.67
N ILE T 56 51.72 -110.66 -66.60
CA ILE T 56 51.91 -110.40 -68.03
C ILE T 56 51.80 -108.89 -68.25
N PRO T 57 52.86 -108.20 -68.72
CA PRO T 57 52.75 -106.74 -68.91
C PRO T 57 51.63 -106.31 -69.84
N PHE T 58 50.89 -105.29 -69.42
CA PHE T 58 49.78 -104.63 -70.10
C PHE T 58 48.49 -105.43 -70.08
N ILE T 59 48.48 -106.65 -69.55
CA ILE T 59 47.28 -107.48 -69.47
C ILE T 59 46.71 -107.51 -68.06
N GLU T 60 47.60 -107.62 -67.07
CA GLU T 60 47.22 -107.68 -65.66
C GLU T 60 47.43 -106.34 -64.98
N THR T 61 46.48 -105.96 -64.11
CA THR T 61 46.55 -104.73 -63.33
C THR T 61 46.41 -105.10 -61.87
N VAL T 62 47.15 -104.40 -61.01
CA VAL T 62 47.18 -104.64 -59.57
C VAL T 62 46.58 -103.47 -58.82
N LYS T 63 45.73 -103.78 -57.83
CA LYS T 63 45.12 -102.80 -56.94
C LYS T 63 45.70 -103.08 -55.55
N MET T 64 46.29 -102.05 -54.94
CA MET T 64 46.95 -102.19 -53.64
C MET T 64 46.00 -101.77 -52.52
N LEU T 65 45.59 -102.74 -51.70
CA LEU T 65 44.73 -102.52 -50.55
C LEU T 65 45.57 -102.67 -49.29
N ASP T 66 45.60 -101.61 -48.47
CA ASP T 66 46.40 -101.63 -47.26
C ASP T 66 45.81 -102.61 -46.23
N ALA T 67 46.69 -103.34 -45.56
CA ALA T 67 46.32 -104.32 -44.55
C ALA T 67 46.60 -103.83 -43.13
N ARG T 68 47.15 -102.63 -42.98
CA ARG T 68 47.41 -102.07 -41.67
C ARG T 68 46.11 -101.61 -41.03
N ILE T 69 46.07 -101.63 -39.70
CA ILE T 69 44.87 -101.24 -38.99
C ILE T 69 44.63 -99.75 -39.22
N GLN T 70 43.41 -99.42 -39.63
CA GLN T 70 43.01 -98.06 -39.94
C GLN T 70 42.30 -97.42 -38.75
N THR T 71 42.52 -96.11 -38.59
CA THR T 71 41.93 -95.35 -37.50
C THR T 71 40.97 -94.33 -38.10
N MET T 72 39.71 -94.36 -37.65
CA MET T 72 38.66 -93.46 -38.10
C MET T 72 38.14 -92.70 -36.89
N ASP T 73 38.27 -91.38 -36.90
CA ASP T 73 37.81 -90.53 -35.81
C ASP T 73 36.53 -89.81 -36.22
N ASN T 74 35.60 -89.70 -35.27
CA ASN T 74 34.33 -89.02 -35.47
C ASN T 74 34.37 -87.70 -34.71
N GLN T 75 33.95 -86.62 -35.37
CA GLN T 75 33.96 -85.32 -34.71
C GLN T 75 32.86 -85.27 -33.64
N ALA T 76 32.87 -84.18 -32.88
CA ALA T 76 31.89 -83.98 -31.81
C ALA T 76 30.48 -83.92 -32.38
N ASP T 77 29.56 -84.66 -31.73
CA ASP T 77 28.17 -84.69 -32.14
C ASP T 77 27.34 -84.96 -30.89
N ARG T 78 26.10 -84.45 -30.88
CA ARG T 78 25.22 -84.61 -29.74
C ARG T 78 24.40 -85.89 -29.86
N PHE T 79 24.28 -86.60 -28.74
CA PHE T 79 23.52 -87.84 -28.64
C PHE T 79 22.52 -87.68 -27.50
N VAL T 80 21.24 -87.53 -27.85
CA VAL T 80 20.20 -87.38 -26.83
C VAL T 80 20.21 -88.61 -25.93
N THR T 81 19.73 -88.44 -24.70
CA THR T 81 19.69 -89.49 -23.68
C THR T 81 18.24 -89.73 -23.26
N LYS T 82 18.07 -90.60 -22.25
CA LYS T 82 16.73 -90.92 -21.79
C LYS T 82 16.06 -89.73 -21.10
N GLU T 83 16.86 -88.85 -20.49
CA GLU T 83 16.35 -87.65 -19.83
C GLU T 83 16.55 -86.41 -20.69
N LYS T 84 16.70 -86.58 -22.01
CA LYS T 84 16.89 -85.48 -22.97
C LYS T 84 18.18 -84.71 -22.72
N LYS T 85 19.13 -85.29 -21.97
CA LYS T 85 20.41 -84.66 -21.67
C LYS T 85 21.41 -84.97 -22.77
N ASP T 86 21.36 -84.17 -23.84
CA ASP T 86 22.28 -84.31 -24.97
C ASP T 86 23.73 -84.40 -24.48
N LEU T 87 24.46 -85.38 -25.03
CA LEU T 87 25.83 -85.68 -24.62
C LEU T 87 26.77 -85.59 -25.82
N ILE T 88 27.57 -84.53 -25.88
CA ILE T 88 28.54 -84.39 -26.96
C ILE T 88 29.58 -85.48 -26.79
N VAL T 89 29.67 -86.38 -27.76
CA VAL T 89 30.57 -87.54 -27.71
C VAL T 89 31.56 -87.48 -28.87
N ASP T 90 32.84 -87.60 -28.55
CA ASP T 90 33.93 -87.67 -29.52
C ASP T 90 34.47 -89.10 -29.43
N SER T 91 34.51 -89.80 -30.57
CA SER T 91 34.94 -91.20 -30.55
C SER T 91 35.71 -91.55 -31.82
N TYR T 92 36.53 -92.60 -31.69
CA TYR T 92 37.32 -93.14 -32.79
C TYR T 92 37.13 -94.65 -32.83
N ILE T 93 37.29 -95.22 -34.03
CA ILE T 93 37.11 -96.64 -34.26
C ILE T 93 38.36 -97.19 -34.95
N LYS T 94 38.68 -98.44 -34.64
CA LYS T 94 39.81 -99.15 -35.24
C LYS T 94 39.26 -100.39 -35.94
N TRP T 95 39.59 -100.54 -37.22
CA TRP T 95 39.12 -101.66 -38.01
C TRP T 95 40.24 -102.18 -38.92
N ARG T 96 40.09 -103.43 -39.35
CA ARG T 96 41.03 -104.07 -40.26
C ARG T 96 40.25 -104.72 -41.41
N ILE T 97 40.86 -104.73 -42.59
CA ILE T 97 40.24 -105.34 -43.76
C ILE T 97 40.36 -106.85 -43.65
N SER T 98 39.21 -107.54 -43.62
CA SER T 98 39.18 -109.00 -43.49
C SER T 98 39.13 -109.69 -44.83
N ASP T 99 38.24 -109.28 -45.73
CA ASP T 99 38.09 -109.86 -47.07
C ASP T 99 38.46 -108.76 -48.07
N PHE T 100 39.71 -108.79 -48.53
CA PHE T 100 40.20 -107.80 -49.48
C PHE T 100 39.38 -107.82 -50.78
N SER T 101 39.01 -109.01 -51.26
CA SER T 101 38.25 -109.11 -52.50
C SER T 101 36.86 -108.49 -52.36
N ARG T 102 36.11 -108.92 -51.34
CA ARG T 102 34.76 -108.39 -51.12
C ARG T 102 34.79 -106.89 -50.86
N TYR T 103 35.76 -106.44 -50.04
CA TYR T 103 35.85 -105.03 -49.70
C TYR T 103 36.06 -104.16 -50.93
N TYR T 104 36.94 -104.60 -51.85
CA TYR T 104 37.20 -103.84 -53.07
C TYR T 104 35.93 -103.64 -53.88
N LEU T 105 35.06 -104.64 -53.94
CA LEU T 105 33.84 -104.55 -54.73
C LEU T 105 32.81 -103.62 -54.06
N ALA T 106 32.40 -103.96 -52.83
CA ALA T 106 31.45 -103.14 -52.09
C ALA T 106 31.90 -101.68 -52.04
N THR T 107 33.09 -101.46 -51.48
CA THR T 107 33.69 -100.13 -51.40
C THR T 107 34.51 -99.90 -52.67
N GLY T 108 33.78 -99.81 -53.79
CA GLY T 108 34.34 -99.65 -55.13
C GLY T 108 35.50 -98.68 -55.25
N GLY T 109 36.63 -99.19 -55.71
CA GLY T 109 37.84 -98.44 -55.88
C GLY T 109 38.80 -98.50 -54.72
N GLY T 110 38.61 -99.45 -53.79
CA GLY T 110 39.44 -99.63 -52.61
C GLY T 110 39.85 -98.35 -51.90
N ASP T 111 38.88 -97.48 -51.62
CA ASP T 111 39.11 -96.21 -50.98
C ASP T 111 38.70 -96.28 -49.51
N ILE T 112 39.64 -95.95 -48.63
CA ILE T 112 39.40 -95.94 -47.17
C ILE T 112 38.23 -95.04 -46.82
N SER T 113 38.05 -93.94 -47.56
CA SER T 113 36.99 -92.98 -47.25
C SER T 113 35.60 -93.62 -47.29
N GLN T 114 35.28 -94.34 -48.38
CA GLN T 114 33.96 -94.95 -48.48
C GLN T 114 33.68 -95.90 -47.33
N ALA T 115 34.67 -96.69 -46.93
CA ALA T 115 34.47 -97.60 -45.81
C ALA T 115 34.25 -96.82 -44.52
N GLU T 116 35.02 -95.75 -44.32
CA GLU T 116 34.83 -94.90 -43.14
C GLU T 116 33.46 -94.26 -43.15
N VAL T 117 33.01 -93.80 -44.32
CA VAL T 117 31.70 -93.18 -44.45
C VAL T 117 30.62 -94.17 -44.02
N LEU T 118 30.66 -95.39 -44.56
CA LEU T 118 29.69 -96.40 -44.18
C LEU T 118 29.76 -96.68 -42.69
N LEU T 119 30.97 -96.78 -42.15
CA LEU T 119 31.15 -97.04 -40.72
C LEU T 119 30.62 -95.88 -39.89
N LYS T 120 30.83 -94.64 -40.34
CA LYS T 120 30.36 -93.48 -39.58
C LYS T 120 28.85 -93.51 -39.42
N ARG T 121 28.12 -93.72 -40.53
CA ARG T 121 26.67 -93.80 -40.45
C ARG T 121 26.24 -94.94 -39.54
N LYS T 122 26.84 -96.12 -39.72
CA LYS T 122 26.49 -97.29 -38.93
C LYS T 122 26.81 -97.10 -37.45
N PHE T 123 28.07 -96.73 -37.15
CA PHE T 123 28.47 -96.58 -35.74
C PHE T 123 27.67 -95.51 -35.03
N SER T 124 27.58 -94.31 -35.63
CA SER T 124 26.80 -93.23 -35.05
C SER T 124 25.38 -93.68 -34.76
N ASP T 125 24.71 -94.23 -35.78
CA ASP T 125 23.35 -94.71 -35.62
C ASP T 125 23.27 -95.78 -34.53
N ARG T 126 24.18 -96.76 -34.56
CA ARG T 126 24.17 -97.81 -33.54
C ARG T 126 24.36 -97.23 -32.15
N LEU T 127 25.29 -96.28 -32.01
CA LEU T 127 25.57 -95.67 -30.71
C LEU T 127 24.33 -95.02 -30.12
N ARG T 128 23.52 -94.36 -30.96
CA ARG T 128 22.32 -93.68 -30.48
C ARG T 128 21.39 -94.62 -29.72
N SER T 129 21.22 -95.86 -30.20
CA SER T 129 20.33 -96.80 -29.54
C SER T 129 20.77 -97.10 -28.11
N GLU T 130 22.07 -97.36 -27.91
CA GLU T 130 22.56 -97.67 -26.57
C GLU T 130 22.36 -96.51 -25.62
N ILE T 131 22.83 -95.32 -26.01
CA ILE T 131 22.69 -94.13 -25.18
C ILE T 131 21.23 -93.83 -24.86
N GLY T 132 20.32 -94.16 -25.78
CA GLY T 132 18.91 -93.88 -25.54
C GLY T 132 18.35 -94.60 -24.33
N ARG T 133 18.80 -95.82 -24.08
CA ARG T 133 18.32 -96.60 -22.95
C ARG T 133 19.12 -96.38 -21.66
N LEU T 134 20.20 -95.61 -21.72
CA LEU T 134 21.05 -95.34 -20.57
C LEU T 134 20.87 -93.91 -20.07
N ASP T 135 21.19 -93.70 -18.80
CA ASP T 135 21.12 -92.40 -18.16
C ASP T 135 22.50 -91.74 -18.22
N VAL T 136 22.50 -90.41 -18.21
CA VAL T 136 23.73 -89.61 -18.30
C VAL T 136 24.80 -90.09 -17.33
N LYS T 137 24.42 -90.48 -16.11
CA LYS T 137 25.42 -90.92 -15.14
C LYS T 137 26.12 -92.20 -15.58
N ASP T 138 25.37 -93.16 -16.14
CA ASP T 138 25.98 -94.41 -16.60
C ASP T 138 26.81 -94.21 -17.87
N ILE T 139 26.69 -93.06 -18.54
CA ILE T 139 27.41 -92.80 -19.78
C ILE T 139 28.70 -92.01 -19.55
N VAL T 140 28.78 -91.24 -18.46
CA VAL T 140 29.97 -90.45 -18.15
C VAL T 140 30.84 -91.23 -17.17
N THR T 141 30.21 -92.12 -16.39
CA THR T 141 30.92 -92.96 -15.42
C THR T 141 31.41 -94.26 -16.03
N ASP T 142 30.87 -94.66 -17.19
CA ASP T 142 31.27 -95.91 -17.84
C ASP T 142 32.77 -95.93 -18.11
N SER T 143 33.44 -96.90 -17.48
CA SER T 143 34.87 -97.11 -17.64
C SER T 143 35.21 -98.47 -18.23
N ARG T 144 34.21 -99.32 -18.44
CA ARG T 144 34.39 -100.65 -19.02
C ARG T 144 33.83 -100.74 -20.44
N GLY T 145 33.55 -99.59 -21.07
CA GLY T 145 33.01 -99.54 -22.42
C GLY T 145 31.87 -100.47 -22.71
N ARG T 146 30.85 -100.50 -21.85
CA ARG T 146 29.72 -101.40 -22.06
C ARG T 146 28.96 -101.04 -23.33
N LEU T 147 28.55 -99.77 -23.46
CA LEU T 147 27.83 -99.34 -24.65
C LEU T 147 28.71 -99.46 -25.88
N THR T 148 29.98 -99.04 -25.78
CA THR T 148 30.88 -99.13 -26.92
C THR T 148 31.12 -100.59 -27.30
N LEU T 149 31.25 -101.48 -26.31
CA LEU T 149 31.45 -102.89 -26.60
C LEU T 149 30.21 -103.49 -27.25
N GLU T 150 29.02 -103.15 -26.74
CA GLU T 150 27.79 -103.66 -27.31
C GLU T 150 27.64 -103.23 -28.76
N VAL T 151 27.95 -101.96 -29.07
CA VAL T 151 27.90 -101.48 -30.45
C VAL T 151 28.81 -102.33 -31.33
N ARG T 152 29.98 -102.69 -30.81
CA ARG T 152 30.90 -103.52 -31.58
C ARG T 152 30.32 -104.90 -31.82
N ASP T 153 29.71 -105.50 -30.79
CA ASP T 153 29.09 -106.81 -30.96
C ASP T 153 27.98 -106.77 -32.00
N ALA T 154 27.15 -105.72 -31.95
CA ALA T 154 26.07 -105.59 -32.93
C ALA T 154 26.62 -105.35 -34.32
N LEU T 155 27.63 -104.50 -34.44
CA LEU T 155 28.23 -104.23 -35.74
C LEU T 155 28.95 -105.47 -36.27
N ASN T 156 29.62 -106.22 -35.39
CA ASN T 156 30.33 -107.41 -35.83
C ASN T 156 29.37 -108.59 -36.05
N SER T 157 28.41 -108.77 -35.15
CA SER T 157 27.43 -109.85 -35.24
C SER T 157 26.04 -109.28 -34.99
N GLY T 158 25.18 -109.37 -36.00
CA GLY T 158 23.84 -108.84 -35.87
C GLY T 158 22.91 -109.82 -35.18
N SER T 159 21.62 -109.69 -35.47
CA SER T 159 20.57 -110.52 -34.89
C SER T 159 19.76 -111.18 -36.00
N ALA T 160 18.80 -112.01 -35.59
CA ALA T 160 17.94 -112.71 -36.53
C ALA T 160 16.68 -113.21 -35.84
N PRO T 191 26.55 -119.99 -39.65
CA PRO T 191 27.54 -119.57 -40.65
C PRO T 191 27.10 -118.33 -41.43
N VAL T 192 25.79 -118.22 -41.68
CA VAL T 192 25.22 -117.08 -42.40
C VAL T 192 25.75 -115.78 -41.83
N ILE T 193 26.22 -114.90 -42.72
CA ILE T 193 26.77 -113.60 -42.35
C ILE T 193 25.70 -112.56 -42.66
N ASN T 194 25.03 -112.09 -41.59
CA ASN T 194 23.99 -111.08 -41.71
C ASN T 194 24.49 -109.88 -42.51
N PRO T 195 23.69 -109.31 -43.43
CA PRO T 195 24.18 -108.15 -44.20
C PRO T 195 24.32 -106.88 -43.38
N ASN T 196 23.68 -106.80 -42.22
CA ASN T 196 23.82 -105.61 -41.38
C ASN T 196 25.02 -105.68 -40.46
N SER T 197 25.81 -106.74 -40.54
CA SER T 197 27.03 -106.93 -39.77
C SER T 197 28.21 -106.48 -40.59
N MET T 198 29.29 -106.05 -39.91
CA MET T 198 30.49 -105.65 -40.61
C MET T 198 31.23 -106.84 -41.20
N ALA T 199 30.85 -108.06 -40.84
CA ALA T 199 31.50 -109.24 -41.40
C ALA T 199 31.06 -109.49 -42.83
N ALA T 200 29.85 -109.05 -43.20
CA ALA T 200 29.41 -109.21 -44.58
C ALA T 200 30.33 -108.47 -45.53
N LEU T 201 30.90 -107.36 -45.06
CA LEU T 201 31.89 -106.59 -45.80
C LEU T 201 33.26 -107.02 -45.31
N GLY T 202 34.30 -106.55 -45.98
CA GLY T 202 35.64 -106.89 -45.58
C GLY T 202 36.13 -105.92 -44.52
N ILE T 203 35.45 -105.90 -43.37
CA ILE T 203 35.81 -105.02 -42.26
C ILE T 203 35.66 -105.79 -40.95
N GLU T 204 36.55 -105.49 -40.00
CA GLU T 204 36.52 -106.11 -38.67
C GLU T 204 36.88 -105.02 -37.67
N VAL T 205 35.91 -104.54 -36.91
CA VAL T 205 36.13 -103.47 -35.93
C VAL T 205 36.80 -104.11 -34.72
N VAL T 206 38.13 -103.95 -34.61
CA VAL T 206 38.86 -104.54 -33.50
C VAL T 206 38.56 -103.84 -32.18
N ASP T 207 38.28 -102.54 -32.21
CA ASP T 207 38.00 -101.82 -30.97
C ASP T 207 37.22 -100.54 -31.27
N VAL T 208 36.54 -100.05 -30.24
CA VAL T 208 35.75 -98.82 -30.30
C VAL T 208 35.91 -98.12 -28.95
N ARG T 209 36.25 -96.83 -28.99
CA ARG T 209 36.46 -96.05 -27.77
C ARG T 209 35.94 -94.63 -27.97
N ILE T 210 35.58 -94.00 -26.86
CA ILE T 210 35.04 -92.64 -26.82
C ILE T 210 36.08 -91.73 -26.19
N LYS T 211 36.48 -90.68 -26.90
CA LYS T 211 37.52 -89.79 -26.40
C LYS T 211 37.03 -88.90 -25.26
N GLN T 212 35.92 -88.18 -25.47
CA GLN T 212 35.40 -87.28 -24.44
C GLN T 212 33.89 -87.35 -24.35
N ILE T 213 33.40 -87.67 -23.16
CA ILE T 213 31.97 -87.74 -22.85
C ILE T 213 31.52 -86.52 -22.05
N ASN T 214 32.38 -85.50 -21.91
CA ASN T 214 32.15 -84.30 -21.11
C ASN T 214 30.77 -83.69 -21.32
N LEU T 215 30.04 -83.56 -20.20
CA LEU T 215 28.71 -82.96 -20.15
C LEU T 215 28.70 -81.59 -20.82
N PRO T 216 27.85 -81.35 -21.82
CA PRO T 216 27.81 -80.01 -22.43
C PRO T 216 27.42 -78.96 -21.39
N THR T 217 27.54 -77.69 -21.80
CA THR T 217 27.23 -76.61 -20.87
C THR T 217 25.74 -76.48 -20.64
N GLU T 218 24.93 -76.64 -21.70
CA GLU T 218 23.48 -76.57 -21.58
C GLU T 218 22.94 -77.48 -20.47
N VAL T 219 23.34 -78.75 -20.50
CA VAL T 219 22.89 -79.71 -19.50
C VAL T 219 23.45 -79.37 -18.13
N SER T 220 24.76 -79.11 -18.07
CA SER T 220 25.45 -78.85 -16.80
C SER T 220 24.82 -77.69 -16.02
N GLU T 221 24.28 -76.69 -16.71
CA GLU T 221 23.70 -75.52 -16.05
C GLU T 221 22.63 -75.90 -15.02
N ALA T 222 21.74 -76.82 -15.39
CA ALA T 222 20.67 -77.20 -14.48
C ALA T 222 21.17 -78.00 -13.27
N ILE T 223 22.25 -78.78 -13.42
CA ILE T 223 22.72 -79.59 -12.31
C ILE T 223 23.40 -78.72 -11.25
N TYR T 224 24.28 -77.81 -11.65
CA TYR T 224 24.98 -77.00 -10.65
C TYR T 224 24.20 -75.75 -10.24
N ASN T 225 23.07 -75.46 -10.92
CA ASN T 225 22.24 -74.33 -10.49
C ASN T 225 21.79 -74.55 -9.05
N ARG T 226 21.46 -75.81 -8.71
CA ARG T 226 21.09 -76.16 -7.35
C ARG T 226 22.26 -75.93 -6.40
N MET T 227 23.48 -76.23 -6.86
CA MET T 227 24.66 -76.07 -6.03
C MET T 227 24.90 -74.61 -5.67
N ARG T 228 24.66 -73.69 -6.60
CA ARG T 228 24.86 -72.28 -6.30
C ARG T 228 23.89 -71.82 -5.22
N ALA T 229 22.63 -72.27 -5.29
CA ALA T 229 21.67 -71.89 -4.27
C ALA T 229 22.07 -72.45 -2.91
N GLU T 230 22.61 -73.68 -2.89
CA GLU T 230 23.03 -74.28 -1.63
C GLU T 230 24.24 -73.55 -1.04
N ARG T 231 25.19 -73.16 -1.89
CA ARG T 231 26.37 -72.48 -1.39
C ARG T 231 26.04 -71.12 -0.79
N GLU T 232 25.02 -70.43 -1.33
CA GLU T 232 24.63 -69.14 -0.78
C GLU T 232 23.72 -69.31 0.42
N ALA T 233 23.02 -70.45 0.53
CA ALA T 233 22.20 -70.68 1.71
C ALA T 233 23.10 -70.93 2.92
N VAL T 234 24.13 -71.76 2.75
CA VAL T 234 25.08 -72.00 3.83
C VAL T 234 25.80 -70.71 4.18
N ALA T 235 26.21 -69.94 3.16
CA ALA T 235 26.86 -68.66 3.41
C ALA T 235 25.93 -67.72 4.15
N ARG T 236 24.65 -67.71 3.78
CA ARG T 236 23.68 -66.88 4.49
C ARG T 236 23.51 -67.37 5.92
N ARG T 237 23.55 -68.70 6.12
CA ARG T 237 23.45 -69.27 7.45
C ARG T 237 24.60 -68.78 8.32
N HIS T 238 25.80 -68.71 7.74
CA HIS T 238 26.95 -68.21 8.47
C HIS T 238 26.74 -66.76 8.88
N ARG T 239 26.17 -65.95 7.97
CA ARG T 239 25.91 -64.55 8.30
C ARG T 239 24.95 -64.44 9.49
N SER T 240 23.95 -65.32 9.54
CA SER T 240 23.03 -65.32 10.67
C SER T 240 23.75 -65.69 11.96
N GLN T 241 24.66 -66.65 11.87
CA GLN T 241 25.44 -67.05 13.05
C GLN T 241 26.25 -65.87 13.58
N GLY T 242 26.91 -65.13 12.69
CA GLY T 242 27.67 -63.97 13.10
C GLY T 242 26.79 -62.93 13.76
N GLN T 243 25.63 -62.67 13.17
CA GLN T 243 24.70 -61.71 13.77
C GLN T 243 24.16 -62.24 15.09
N GLU T 244 23.91 -63.55 15.16
CA GLU T 244 23.41 -64.15 16.38
C GLU T 244 24.41 -63.96 17.52
N GLU T 245 25.69 -64.27 17.27
CA GLU T 245 26.71 -64.11 18.29
C GLU T 245 26.84 -62.65 18.71
N ALA T 246 26.81 -61.73 17.75
CA ALA T 246 26.90 -60.31 18.08
C ALA T 246 25.74 -59.87 18.96
N GLU T 247 24.52 -60.32 18.64
CA GLU T 247 23.37 -59.97 19.46
C GLU T 247 23.52 -60.57 20.86
N LYS T 248 23.99 -61.81 20.95
CA LYS T 248 24.20 -62.44 22.24
C LYS T 248 25.22 -61.68 23.08
N LEU T 249 26.33 -61.27 22.46
CA LEU T 249 27.34 -60.51 23.18
C LEU T 249 26.77 -59.17 23.65
N ARG T 250 26.01 -58.50 22.78
CA ARG T 250 25.37 -57.24 23.16
C ARG T 250 24.38 -57.47 24.29
N ALA T 251 23.67 -58.61 24.26
CA ALA T 251 22.68 -58.90 25.30
C ALA T 251 23.32 -59.01 26.66
N THR T 252 24.40 -59.79 26.78
CA THR T 252 25.08 -59.92 28.07
C THR T 252 25.73 -58.60 28.49
N ALA T 253 26.24 -57.81 27.53
CA ALA T 253 26.91 -56.56 27.87
C ALA T 253 25.97 -55.59 28.58
N ASP T 254 24.74 -55.44 28.08
CA ASP T 254 23.79 -54.55 28.75
C ASP T 254 23.47 -55.08 30.14
N TYR T 255 23.36 -56.39 30.29
CA TYR T 255 23.09 -56.99 31.59
C TYR T 255 24.21 -56.65 32.57
N GLU T 256 25.47 -56.77 32.14
CA GLU T 256 26.57 -56.41 33.01
C GLU T 256 26.55 -54.93 33.34
N VAL T 257 26.21 -54.09 32.36
CA VAL T 257 26.11 -52.65 32.60
C VAL T 257 25.05 -52.37 33.65
N THR T 258 23.88 -53.02 33.52
CA THR T 258 22.81 -52.83 34.49
C THR T 258 23.25 -53.30 35.87
N ARG T 259 23.98 -54.42 35.93
CA ARG T 259 24.45 -54.93 37.21
C ARG T 259 25.39 -53.94 37.88
N THR T 260 26.33 -53.38 37.11
CA THR T 260 27.27 -52.41 37.68
C THR T 260 26.52 -51.16 38.15
N LEU T 261 25.57 -50.67 37.35
CA LEU T 261 24.81 -49.49 37.75
C LEU T 261 24.00 -49.78 39.01
N ALA T 262 23.42 -50.98 39.12
CA ALA T 262 22.65 -51.33 40.30
C ALA T 262 23.55 -51.37 41.53
N GLU T 263 24.76 -51.90 41.38
CA GLU T 263 25.71 -51.93 42.50
C GLU T 263 25.99 -50.52 43.00
N ALA T 264 26.22 -49.58 42.08
CA ALA T 264 26.47 -48.20 42.46
C ALA T 264 25.30 -47.62 43.25
N GLU T 265 24.07 -47.94 42.83
CA GLU T 265 22.91 -47.44 43.55
C GLU T 265 22.85 -48.03 44.96
N ARG T 266 23.24 -49.29 45.10
CA ARG T 266 23.25 -49.92 46.42
C ARG T 266 24.22 -49.18 47.34
N GLN T 267 25.41 -48.88 46.83
CA GLN T 267 26.39 -48.11 47.62
C GLN T 267 25.84 -46.72 47.92
N GLY T 268 25.20 -46.09 46.93
CA GLY T 268 24.62 -44.77 47.15
C GLY T 268 23.53 -44.80 48.20
N ARG T 269 22.71 -45.85 48.20
CA ARG T 269 21.64 -45.96 49.18
C ARG T 269 22.21 -46.05 50.59
N ILE T 270 23.32 -46.78 50.75
CA ILE T 270 23.95 -46.91 52.06
C ILE T 270 24.35 -45.52 52.58
N MET T 271 24.95 -44.71 51.71
CA MET T 271 25.35 -43.36 52.12
C MET T 271 24.13 -42.53 52.52
N ARG T 272 23.04 -42.62 51.75
CA ARG T 272 21.83 -41.87 52.08
C ARG T 272 21.25 -42.31 53.42
N GLY T 273 21.24 -43.63 53.67
CA GLY T 273 20.73 -44.12 54.94
C GLY T 273 21.54 -43.64 56.13
N GLU T 274 22.86 -43.62 55.99
CA GLU T 274 23.73 -43.16 57.07
C GLU T 274 23.44 -41.70 57.42
N GLY T 275 23.35 -40.84 56.40
CA GLY T 275 23.07 -39.44 56.65
C GLY T 275 21.74 -39.22 57.34
N ASP T 276 20.70 -39.93 56.89
CA ASP T 276 19.39 -39.82 57.53
C ASP T 276 19.45 -40.30 58.97
N ALA T 277 20.17 -41.41 59.20
CA ALA T 277 20.31 -41.93 60.55
C ALA T 277 21.10 -40.96 61.42
N GLU T 278 22.21 -40.42 60.90
CA GLU T 278 23.01 -39.47 61.64
C GLU T 278 22.20 -38.22 61.98
N ALA T 279 21.45 -37.70 61.00
CA ALA T 279 20.64 -36.52 61.25
C ALA T 279 19.54 -36.82 62.27
N ALA T 280 18.98 -38.03 62.22
CA ALA T 280 17.93 -38.39 63.17
C ALA T 280 18.47 -38.39 64.60
N LYS T 281 19.74 -38.79 64.78
CA LYS T 281 20.34 -38.79 66.10
C LYS T 281 20.37 -37.37 66.67
N LEU T 282 20.90 -36.42 65.88
CA LEU T 282 20.93 -35.03 66.31
C LEU T 282 19.52 -34.51 66.55
N PHE T 283 18.61 -34.81 65.62
CA PHE T 283 17.21 -34.40 65.78
C PHE T 283 16.62 -34.95 67.08
N ALA T 284 16.88 -36.23 67.37
CA ALA T 284 16.36 -36.84 68.59
C ALA T 284 16.85 -36.12 69.84
N ASP T 285 18.13 -35.73 69.87
CA ASP T 285 18.65 -35.07 71.07
C ASP T 285 18.11 -33.66 71.23
N ALA T 286 17.90 -32.93 70.13
CA ALA T 286 17.41 -31.56 70.21
C ALA T 286 15.91 -31.48 70.40
N PHE T 287 15.15 -32.04 69.45
CA PHE T 287 13.69 -31.98 69.49
C PHE T 287 13.13 -32.57 70.78
N SER T 288 13.75 -33.64 71.30
CA SER T 288 13.26 -34.27 72.53
C SER T 288 13.27 -33.31 73.72
N LYS T 289 14.10 -32.25 73.67
CA LYS T 289 14.12 -31.26 74.74
C LYS T 289 12.73 -30.69 74.99
N ASP T 290 12.03 -30.36 73.91
CA ASP T 290 10.68 -29.81 73.98
C ASP T 290 9.97 -30.13 72.66
N PRO T 291 9.58 -31.39 72.44
CA PRO T 291 8.94 -31.74 71.16
C PRO T 291 7.58 -31.13 70.95
N ASP T 292 6.90 -30.69 72.02
CA ASP T 292 5.60 -30.06 71.83
C ASP T 292 5.74 -28.74 71.09
N PHE T 293 6.78 -27.96 71.42
CA PHE T 293 7.02 -26.70 70.73
C PHE T 293 7.60 -26.94 69.35
N TYR T 294 8.40 -28.00 69.18
CA TYR T 294 8.95 -28.28 67.86
C TYR T 294 7.85 -28.65 66.88
N ALA T 295 6.87 -29.44 67.34
CA ALA T 295 5.76 -29.80 66.46
C ALA T 295 4.92 -28.56 66.17
N PHE T 296 4.80 -27.67 67.16
CA PHE T 296 4.10 -26.41 66.94
C PHE T 296 4.81 -25.61 65.84
N ILE T 297 6.14 -25.50 65.95
CA ILE T 297 6.92 -24.79 64.94
C ILE T 297 6.89 -25.58 63.63
N ARG T 298 7.07 -26.89 63.70
CA ARG T 298 7.09 -27.72 62.50
C ARG T 298 5.72 -27.76 61.82
N SER T 299 4.65 -27.78 62.61
CA SER T 299 3.32 -27.82 62.02
C SER T 299 2.96 -26.46 61.42
N LEU T 300 3.20 -25.39 62.18
CA LEU T 300 2.98 -24.04 61.65
C LEU T 300 3.82 -23.83 60.40
N ARG T 301 5.04 -24.36 60.40
CA ARG T 301 5.92 -24.27 59.24
C ARG T 301 5.31 -25.01 58.04
N ALA T 302 4.90 -26.26 58.26
CA ALA T 302 4.36 -27.10 57.18
C ALA T 302 3.11 -26.50 56.56
N TYR T 303 2.27 -25.82 57.34
CA TYR T 303 1.06 -25.22 56.78
C TYR T 303 1.39 -24.22 55.67
N GLU T 304 2.22 -23.22 56.00
CA GLU T 304 2.59 -22.19 55.05
C GLU T 304 3.20 -22.76 53.77
N ASN T 305 4.13 -23.72 53.92
CA ASN T 305 4.78 -24.31 52.75
C ASN T 305 3.76 -24.96 51.81
N SER T 306 2.75 -25.62 52.37
CA SER T 306 1.75 -26.30 51.54
C SER T 306 0.69 -25.31 51.04
N PHE T 307 0.00 -24.65 51.96
CA PHE T 307 -1.06 -23.68 51.64
C PHE T 307 -0.61 -22.51 50.77
N SER T 308 0.69 -22.33 50.55
CA SER T 308 1.25 -21.23 49.75
C SER T 308 0.45 -20.91 48.47
N GLY T 309 0.13 -21.94 47.70
CA GLY T 309 -0.60 -21.70 46.44
C GLY T 309 -2.05 -21.35 46.70
N ASN T 310 -2.55 -20.38 45.92
CA ASN T 310 -3.92 -19.89 46.06
C ASN T 310 -4.97 -20.88 45.61
N GLN T 311 -4.59 -21.97 44.92
CA GLN T 311 -5.56 -22.98 44.52
C GLN T 311 -6.31 -23.51 45.75
N ASP T 312 -5.58 -23.67 46.85
CA ASP T 312 -6.13 -24.14 48.11
C ASP T 312 -7.01 -23.07 48.73
N VAL T 313 -7.98 -23.51 49.55
CA VAL T 313 -8.92 -22.63 50.22
C VAL T 313 -9.17 -23.20 51.61
N MET T 314 -9.67 -22.34 52.51
CA MET T 314 -9.99 -22.71 53.88
C MET T 314 -11.33 -22.09 54.25
N VAL T 315 -12.17 -22.88 54.92
CA VAL T 315 -13.49 -22.42 55.36
C VAL T 315 -13.42 -22.20 56.86
N MET T 316 -13.63 -20.95 57.27
CA MET T 316 -13.61 -20.54 58.67
C MET T 316 -14.90 -19.79 58.99
N SER T 317 -14.99 -19.22 60.19
CA SER T 317 -16.17 -18.48 60.62
C SER T 317 -15.72 -17.37 61.54
N PRO T 318 -16.49 -16.28 61.67
CA PRO T 318 -16.07 -15.19 62.56
C PRO T 318 -16.06 -15.58 64.04
N ASP T 319 -16.67 -16.71 64.41
CA ASP T 319 -16.67 -17.20 65.78
C ASP T 319 -15.44 -18.04 66.09
N SER T 320 -14.60 -18.31 65.09
CA SER T 320 -13.39 -19.10 65.27
C SER T 320 -12.51 -18.50 66.36
N ASP T 321 -11.68 -19.37 66.95
CA ASP T 321 -10.82 -18.92 68.04
C ASP T 321 -9.77 -17.93 67.56
N PHE T 322 -9.26 -18.09 66.33
CA PHE T 322 -8.30 -17.11 65.83
C PHE T 322 -8.99 -15.77 65.58
N PHE T 323 -10.24 -15.82 65.15
CA PHE T 323 -11.05 -14.64 64.88
C PHE T 323 -11.83 -14.19 66.11
N ARG T 324 -11.36 -14.55 67.31
CA ARG T 324 -12.01 -14.18 68.55
C ARG T 324 -12.17 -12.67 68.67
N TYR T 325 -11.22 -11.89 68.12
CA TYR T 325 -11.28 -10.44 68.22
C TYR T 325 -12.07 -9.81 67.07
N MET T 326 -12.88 -10.60 66.35
CA MET T 326 -13.76 -10.09 65.32
C MET T 326 -15.08 -9.61 65.89
N LYS T 327 -15.23 -9.64 67.22
CA LYS T 327 -16.47 -9.26 67.91
C LYS T 327 -16.26 -7.95 68.63
N THR T 328 -17.28 -7.08 68.52
CA THR T 328 -17.29 -5.76 69.15
C THR T 328 -16.80 -5.84 70.60
N PRO T 329 -15.96 -4.91 71.07
CA PRO T 329 -15.49 -5.00 72.45
C PRO T 329 -16.55 -4.62 73.47
N ARG U 79 42.50 -119.41 -101.42
CA ARG U 79 43.28 -119.29 -100.19
C ARG U 79 42.92 -118.02 -99.43
N VAL U 80 42.50 -116.98 -100.16
CA VAL U 80 42.14 -115.73 -99.52
C VAL U 80 40.89 -115.90 -98.66
N VAL U 81 39.97 -116.77 -99.06
CA VAL U 81 38.75 -116.99 -98.29
C VAL U 81 39.08 -117.65 -96.96
N THR U 82 40.06 -118.57 -96.95
CA THR U 82 40.44 -119.24 -95.72
C THR U 82 40.98 -118.27 -94.68
N ILE U 83 41.75 -117.27 -95.12
CA ILE U 83 42.31 -116.28 -94.20
C ILE U 83 41.21 -115.50 -93.53
N ALA U 84 40.18 -115.12 -94.29
CA ALA U 84 39.08 -114.34 -93.72
C ALA U 84 38.34 -115.13 -92.64
N ALA U 85 38.12 -116.42 -92.86
CA ALA U 85 37.43 -117.24 -91.86
C ALA U 85 38.22 -117.31 -90.57
N ALA U 86 39.54 -117.49 -90.68
CA ALA U 86 40.40 -117.57 -89.51
C ALA U 86 40.35 -116.28 -88.69
N ALA U 87 40.37 -115.14 -89.37
CA ALA U 87 40.38 -113.85 -88.68
C ALA U 87 39.11 -113.64 -87.85
N ILE U 88 37.95 -113.98 -88.40
CA ILE U 88 36.70 -113.78 -87.66
C ILE U 88 36.59 -114.76 -86.49
N VAL U 89 37.06 -116.00 -86.68
CA VAL U 89 36.94 -117.00 -85.62
C VAL U 89 37.83 -116.69 -84.42
N ILE U 90 39.02 -116.12 -84.65
CA ILE U 90 39.89 -115.81 -83.51
C ILE U 90 39.27 -114.74 -82.63
N ILE U 91 38.67 -113.71 -83.23
CA ILE U 91 38.03 -112.66 -82.46
C ILE U 91 36.84 -113.21 -81.69
N TRP U 92 36.10 -114.14 -82.31
CA TRP U 92 34.94 -114.74 -81.66
C TRP U 92 35.32 -115.45 -80.38
N ALA U 93 36.38 -116.26 -80.42
CA ALA U 93 36.81 -116.99 -79.22
C ALA U 93 37.39 -116.05 -78.17
N ALA U 94 38.25 -115.12 -78.60
CA ALA U 94 38.87 -114.18 -77.66
C ALA U 94 37.83 -113.40 -76.87
N SER U 95 37.01 -112.62 -77.58
CA SER U 95 35.96 -111.83 -76.92
C SER U 95 34.97 -112.72 -76.18
N GLY U 96 34.66 -113.89 -76.75
CA GLY U 96 33.69 -114.78 -76.13
C GLY U 96 34.04 -115.16 -74.70
N PHE U 97 35.31 -115.40 -74.41
CA PHE U 97 35.69 -115.78 -73.05
C PHE U 97 35.48 -114.60 -72.10
N TYR U 98 34.84 -114.89 -70.96
CA TYR U 98 34.54 -113.87 -69.97
C TYR U 98 34.45 -114.51 -68.59
N THR U 99 34.93 -113.80 -67.58
CA THR U 99 34.88 -114.23 -66.20
C THR U 99 34.09 -113.21 -65.38
N ILE U 100 33.37 -113.69 -64.38
CA ILE U 100 32.55 -112.87 -63.50
C ILE U 100 33.19 -112.84 -62.12
N LYS U 101 33.25 -111.65 -61.53
CA LYS U 101 33.84 -111.48 -60.21
C LYS U 101 33.06 -112.28 -59.17
N GLU U 102 33.64 -112.38 -57.97
CA GLU U 102 33.04 -113.21 -56.93
C GLU U 102 31.78 -112.58 -56.37
N ALA U 103 31.74 -111.26 -56.24
CA ALA U 103 30.56 -110.61 -55.70
C ALA U 103 29.45 -110.43 -56.73
N GLU U 104 29.68 -110.79 -58.00
CA GLU U 104 28.71 -110.65 -59.07
C GLU U 104 28.32 -112.01 -59.63
N ARG U 105 27.11 -112.06 -60.21
CA ARG U 105 26.56 -113.29 -60.80
C ARG U 105 26.04 -112.97 -62.20
N GLY U 106 26.77 -113.41 -63.22
CA GLY U 106 26.34 -113.19 -64.60
C GLY U 106 25.00 -113.86 -64.89
N VAL U 107 24.26 -113.26 -65.82
CA VAL U 107 22.96 -113.77 -66.26
C VAL U 107 23.01 -113.93 -67.78
N VAL U 108 23.33 -115.13 -68.26
CA VAL U 108 23.34 -115.38 -69.69
C VAL U 108 21.90 -115.45 -70.17
N THR U 109 21.60 -114.78 -71.29
CA THR U 109 20.24 -114.73 -71.83
C THR U 109 20.20 -114.93 -73.34
N ARG U 110 19.35 -115.85 -73.79
CA ARG U 110 19.11 -116.01 -75.23
C ARG U 110 18.46 -114.74 -75.76
N PHE U 111 18.32 -114.65 -77.09
CA PHE U 111 17.76 -113.47 -77.75
C PHE U 111 16.52 -112.93 -77.03
N GLY U 112 15.48 -113.77 -76.88
CA GLY U 112 14.31 -113.37 -76.13
C GLY U 112 14.23 -113.95 -74.73
N LYS U 113 14.58 -115.23 -74.63
CA LYS U 113 14.54 -116.02 -73.40
C LYS U 113 15.85 -116.00 -72.60
N PHE U 114 15.71 -116.13 -71.28
CA PHE U 114 16.87 -116.26 -70.41
C PHE U 114 17.41 -117.68 -70.58
N SER U 115 18.73 -117.85 -70.51
CA SER U 115 19.34 -119.15 -70.76
C SER U 115 19.82 -119.90 -69.51
N HIS U 116 20.66 -119.28 -68.69
CA HIS U 116 21.19 -119.94 -67.50
C HIS U 116 22.02 -118.94 -66.72
N LEU U 117 22.27 -119.27 -65.45
CA LEU U 117 23.10 -118.47 -64.57
C LEU U 117 24.49 -119.10 -64.53
N VAL U 118 25.51 -118.33 -64.93
CA VAL U 118 26.88 -118.82 -64.96
C VAL U 118 27.54 -118.52 -63.63
N GLU U 119 28.32 -119.48 -63.13
CA GLU U 119 29.03 -119.37 -61.88
C GLU U 119 30.45 -118.89 -62.15
N PRO U 120 31.14 -118.31 -61.13
CA PRO U 120 32.50 -117.79 -61.35
C PRO U 120 33.50 -118.73 -62.01
N GLY U 121 34.53 -118.15 -62.63
CA GLY U 121 35.56 -118.88 -63.33
C GLY U 121 35.60 -118.38 -64.77
N LEU U 122 36.23 -119.13 -65.67
CA LEU U 122 36.33 -118.73 -67.08
C LEU U 122 35.29 -119.52 -67.87
N ASN U 123 34.30 -118.80 -68.41
CA ASN U 123 33.24 -119.38 -69.23
C ASN U 123 33.31 -118.79 -70.63
N TRP U 124 32.52 -119.38 -71.53
CA TRP U 124 32.44 -118.91 -72.92
C TRP U 124 30.99 -118.67 -73.28
N LYS U 125 30.73 -117.57 -74.00
CA LYS U 125 29.40 -117.21 -74.47
C LYS U 125 29.50 -116.87 -75.95
N PRO U 126 28.68 -117.48 -76.83
CA PRO U 126 28.73 -117.08 -78.24
C PRO U 126 28.45 -115.60 -78.41
N THR U 127 29.44 -114.88 -78.92
CA THR U 127 29.34 -113.44 -79.11
C THR U 127 28.27 -113.09 -80.13
N PHE U 128 27.48 -112.05 -79.81
CA PHE U 128 26.36 -111.53 -80.61
C PHE U 128 25.12 -112.39 -80.49
N ILE U 129 25.15 -113.48 -79.72
CA ILE U 129 24.01 -114.37 -79.53
C ILE U 129 23.42 -114.19 -78.14
N ASP U 130 24.27 -114.21 -77.10
CA ASP U 130 23.85 -114.05 -75.72
C ASP U 130 24.68 -112.95 -75.07
N GLU U 131 24.11 -112.37 -74.00
CA GLU U 131 24.74 -111.30 -73.25
C GLU U 131 24.62 -111.63 -71.77
N VAL U 132 25.59 -111.14 -70.99
CA VAL U 132 25.66 -111.37 -69.55
C VAL U 132 25.38 -110.06 -68.81
N LYS U 133 24.68 -110.17 -67.69
CA LYS U 133 24.32 -109.03 -66.84
C LYS U 133 24.85 -109.29 -65.44
N PRO U 134 25.91 -108.62 -64.97
CA PRO U 134 26.41 -108.90 -63.62
C PRO U 134 25.53 -108.26 -62.55
N VAL U 135 25.09 -109.08 -61.59
CA VAL U 135 24.26 -108.66 -60.47
C VAL U 135 25.07 -108.90 -59.20
N ASN U 136 25.20 -107.87 -58.37
CA ASN U 136 26.02 -107.94 -57.16
C ASN U 136 25.28 -108.73 -56.08
N VAL U 137 25.63 -110.00 -55.94
CA VAL U 137 24.98 -110.88 -54.96
C VAL U 137 25.64 -110.86 -53.57
N GLU U 138 26.82 -110.24 -53.42
CA GLU U 138 27.51 -110.18 -52.14
C GLU U 138 27.64 -108.78 -51.57
N ALA U 139 27.94 -107.78 -52.40
CA ALA U 139 28.11 -106.41 -51.93
C ALA U 139 26.86 -105.92 -51.22
N VAL U 140 27.03 -105.35 -50.03
CA VAL U 140 25.91 -104.81 -49.28
C VAL U 140 25.39 -103.56 -49.99
N ARG U 141 24.08 -103.33 -49.88
CA ARG U 141 23.41 -102.18 -50.47
C ARG U 141 22.75 -101.39 -49.35
N GLU U 142 23.21 -100.16 -49.12
CA GLU U 142 22.64 -99.33 -48.07
C GLU U 142 21.33 -98.70 -48.54
N LEU U 143 20.44 -98.46 -47.58
CA LEU U 143 19.15 -97.85 -47.87
C LEU U 143 18.72 -97.04 -46.65
N ALA U 144 18.96 -95.74 -46.69
CA ALA U 144 18.58 -94.86 -45.58
C ALA U 144 17.14 -94.40 -45.77
N ALA U 145 16.30 -94.67 -44.78
CA ALA U 145 14.90 -94.26 -44.78
C ALA U 145 14.66 -93.40 -43.56
N SER U 146 14.18 -92.17 -43.78
CA SER U 146 13.91 -91.23 -42.70
C SER U 146 12.62 -90.48 -43.00
N GLY U 147 12.22 -89.64 -42.06
CA GLY U 147 11.03 -88.84 -42.20
C GLY U 147 10.46 -88.43 -40.87
N VAL U 148 9.63 -87.38 -40.89
CA VAL U 148 8.99 -86.84 -39.70
C VAL U 148 7.67 -87.59 -39.54
N MET U 149 7.71 -88.73 -38.85
CA MET U 149 6.50 -89.52 -38.68
C MET U 149 5.63 -88.96 -37.55
N LEU U 150 4.38 -89.41 -37.53
CA LEU U 150 3.38 -89.01 -36.54
C LEU U 150 3.14 -90.16 -35.55
N THR U 151 3.14 -89.84 -34.26
CA THR U 151 2.90 -90.84 -33.23
C THR U 151 1.40 -91.00 -32.99
N SER U 152 1.03 -91.75 -31.95
CA SER U 152 -0.38 -91.98 -31.62
C SER U 152 -0.97 -90.94 -30.68
N ASP U 153 -0.15 -90.05 -30.11
CA ASP U 153 -0.61 -89.01 -29.18
C ASP U 153 -0.54 -87.62 -29.80
N GLU U 154 -0.56 -87.53 -31.13
CA GLU U 154 -0.48 -86.26 -31.85
C GLU U 154 0.89 -85.59 -31.68
N ASN U 155 1.90 -86.35 -31.28
CA ASN U 155 3.26 -85.86 -31.07
C ASN U 155 4.11 -86.20 -32.30
N VAL U 156 5.15 -85.40 -32.50
CA VAL U 156 6.05 -85.55 -33.63
C VAL U 156 7.38 -86.13 -33.15
N VAL U 157 7.95 -87.03 -33.95
CA VAL U 157 9.23 -87.66 -33.65
C VAL U 157 10.05 -87.70 -34.94
N ARG U 158 11.30 -87.24 -34.86
CA ARG U 158 12.22 -87.26 -36.00
C ARG U 158 12.92 -88.62 -36.00
N VAL U 159 12.46 -89.53 -36.85
CA VAL U 159 13.03 -90.88 -36.93
C VAL U 159 13.80 -91.03 -38.23
N GLU U 160 14.94 -91.71 -38.15
CA GLU U 160 15.78 -92.04 -39.29
C GLU U 160 16.11 -93.52 -39.19
N MET U 161 16.11 -94.21 -40.34
CA MET U 161 16.38 -95.64 -40.36
C MET U 161 17.31 -95.98 -41.52
N ASN U 162 18.06 -97.07 -41.34
CA ASN U 162 18.96 -97.60 -42.35
C ASN U 162 18.58 -99.07 -42.51
N VAL U 163 18.44 -99.52 -43.74
CA VAL U 163 18.05 -100.90 -44.05
C VAL U 163 19.10 -101.52 -44.92
N GLN U 164 19.90 -102.43 -44.35
CA GLN U 164 20.92 -103.16 -45.09
C GLN U 164 20.31 -104.48 -45.53
N TYR U 165 20.38 -104.76 -46.83
CA TYR U 165 19.79 -105.97 -47.40
C TYR U 165 20.73 -106.51 -48.47
N ARG U 166 20.34 -107.65 -49.04
CA ARG U 166 21.08 -108.31 -50.10
C ARG U 166 20.10 -108.72 -51.18
N VAL U 167 20.62 -109.37 -52.22
CA VAL U 167 19.83 -109.82 -53.37
C VAL U 167 19.98 -111.33 -53.51
N THR U 168 19.26 -111.91 -54.45
CA THR U 168 19.21 -113.36 -54.69
C THR U 168 19.21 -113.54 -56.20
N ASN U 169 18.90 -114.77 -56.66
CA ASN U 169 18.91 -115.17 -58.07
C ASN U 169 18.30 -114.07 -58.95
N PRO U 170 19.04 -113.53 -59.94
CA PRO U 170 18.49 -112.42 -60.73
C PRO U 170 17.25 -112.71 -61.55
N GLU U 171 16.77 -113.94 -61.64
CA GLU U 171 15.57 -114.18 -62.44
C GLU U 171 14.37 -113.46 -61.83
N LYS U 172 14.31 -113.40 -60.50
CA LYS U 172 13.24 -112.68 -59.83
C LYS U 172 13.56 -111.19 -59.73
N TYR U 173 14.74 -110.87 -59.18
CA TYR U 173 15.17 -109.49 -58.98
C TYR U 173 15.08 -108.64 -60.24
N LEU U 174 15.42 -109.22 -61.40
CA LEU U 174 15.47 -108.44 -62.64
C LEU U 174 14.14 -108.35 -63.38
N TYR U 175 13.27 -109.38 -63.32
CA TYR U 175 12.03 -109.37 -64.09
C TYR U 175 10.80 -109.63 -63.24
N SER U 176 10.75 -109.09 -62.02
CA SER U 176 9.57 -109.19 -61.15
C SER U 176 8.92 -107.84 -60.92
N VAL U 177 9.69 -106.86 -60.47
CA VAL U 177 9.21 -105.51 -60.23
C VAL U 177 10.30 -104.53 -60.65
N THR U 178 9.89 -103.37 -61.15
CA THR U 178 10.84 -102.35 -61.56
C THR U 178 11.48 -101.70 -60.33
N SER U 179 12.75 -101.31 -60.48
CA SER U 179 13.56 -100.68 -59.43
C SER U 179 13.40 -101.36 -58.08
N PRO U 180 13.87 -102.61 -57.92
CA PRO U 180 13.71 -103.28 -56.62
C PRO U 180 14.41 -102.56 -55.48
N ASP U 181 15.56 -101.93 -55.73
CA ASP U 181 16.25 -101.19 -54.67
C ASP U 181 15.41 -100.01 -54.22
N ASP U 182 14.87 -99.25 -55.18
CA ASP U 182 14.01 -98.12 -54.85
C ASP U 182 12.69 -98.60 -54.27
N SER U 183 12.15 -99.70 -54.80
CA SER U 183 10.90 -100.25 -54.30
C SER U 183 10.99 -100.59 -52.81
N LEU U 184 12.15 -101.11 -52.39
CA LEU U 184 12.32 -101.44 -50.98
C LEU U 184 12.29 -100.17 -50.13
N ARG U 185 12.80 -99.06 -50.67
CA ARG U 185 12.79 -97.81 -49.93
C ARG U 185 11.35 -97.33 -49.70
N GLN U 186 10.48 -97.50 -50.70
CA GLN U 186 9.10 -97.10 -50.51
C GLN U 186 8.42 -98.00 -49.49
N ALA U 187 8.71 -99.31 -49.54
CA ALA U 187 8.17 -100.23 -48.55
C ALA U 187 8.64 -99.88 -47.15
N THR U 188 9.91 -99.46 -47.02
CA THR U 188 10.45 -99.10 -45.72
C THR U 188 9.71 -97.89 -45.14
N ASP U 189 9.39 -96.90 -45.98
CA ASP U 189 8.67 -95.73 -45.49
C ASP U 189 7.29 -96.12 -44.98
N SER U 190 6.56 -96.92 -45.76
CA SER U 190 5.24 -97.36 -45.33
C SER U 190 5.33 -98.22 -44.08
N ALA U 191 6.32 -99.11 -44.02
CA ALA U 191 6.49 -99.97 -42.86
C ALA U 191 6.89 -99.15 -41.63
N LEU U 192 7.90 -98.29 -41.78
CA LEU U 192 8.38 -97.48 -40.67
C LEU U 192 7.27 -96.56 -40.16
N ARG U 193 6.53 -95.93 -41.08
CA ARG U 193 5.44 -95.04 -40.68
C ARG U 193 4.38 -95.78 -39.88
N GLY U 194 3.96 -96.95 -40.37
CA GLY U 194 2.94 -97.74 -39.70
C GLY U 194 3.30 -98.11 -38.27
N VAL U 195 4.49 -98.68 -38.09
CA VAL U 195 4.91 -99.15 -36.77
C VAL U 195 4.99 -97.99 -35.78
N ILE U 196 5.73 -96.93 -36.14
CA ILE U 196 5.87 -95.77 -35.26
C ILE U 196 4.52 -95.18 -34.91
N GLY U 197 3.58 -95.19 -35.87
CA GLY U 197 2.26 -94.63 -35.63
C GLY U 197 1.53 -95.26 -34.47
N LYS U 198 1.78 -96.55 -34.19
CA LYS U 198 1.08 -97.24 -33.11
C LYS U 198 1.61 -96.87 -31.73
N TYR U 199 2.92 -96.75 -31.58
CA TYR U 199 3.53 -96.46 -30.28
C TYR U 199 3.68 -94.95 -30.06
N THR U 200 3.80 -94.57 -28.79
CA THR U 200 3.93 -93.17 -28.40
C THR U 200 5.39 -92.71 -28.53
N MET U 201 5.57 -91.39 -28.52
CA MET U 201 6.90 -90.81 -28.64
C MET U 201 7.81 -91.22 -27.48
N ASP U 202 7.34 -91.06 -26.25
CA ASP U 202 8.16 -91.40 -25.08
C ASP U 202 8.56 -92.86 -25.07
N ARG U 203 7.63 -93.76 -25.40
CA ARG U 203 7.93 -95.19 -25.42
C ARG U 203 8.99 -95.51 -26.47
N ILE U 204 8.78 -95.05 -27.70
CA ILE U 204 9.68 -95.33 -28.82
C ILE U 204 11.11 -94.87 -28.53
N LEU U 205 11.29 -93.84 -27.70
CA LEU U 205 12.64 -93.32 -27.49
C LEU U 205 13.50 -94.26 -26.64
N THR U 206 12.96 -94.82 -25.55
CA THR U 206 13.73 -95.69 -24.66
C THR U 206 13.27 -97.14 -24.63
N GLU U 207 11.99 -97.39 -24.37
CA GLU U 207 11.49 -98.76 -24.26
C GLU U 207 11.15 -99.36 -25.63
N GLY U 208 10.44 -98.62 -26.45
CA GLY U 208 10.01 -99.10 -27.76
C GLY U 208 11.14 -99.48 -28.70
N ARG U 209 12.35 -98.97 -28.47
CA ARG U 209 13.52 -99.25 -29.29
C ARG U 209 13.63 -100.73 -29.67
N THR U 210 13.39 -101.62 -28.71
CA THR U 210 13.48 -103.05 -29.00
C THR U 210 12.27 -103.57 -29.79
N VAL U 211 11.05 -103.22 -29.38
CA VAL U 211 9.87 -103.72 -30.09
C VAL U 211 9.73 -103.08 -31.46
N ILE U 212 10.08 -101.80 -31.58
CA ILE U 212 10.00 -101.12 -32.88
C ILE U 212 10.87 -101.83 -33.91
N ARG U 213 12.08 -102.23 -33.50
CA ARG U 213 12.98 -102.94 -34.41
C ARG U 213 12.39 -104.27 -34.84
N SER U 214 11.77 -104.99 -33.91
CA SER U 214 11.16 -106.28 -34.24
C SER U 214 9.95 -106.09 -35.16
N ASP U 215 9.05 -105.18 -34.80
CA ASP U 215 7.84 -104.96 -35.59
C ASP U 215 8.17 -104.43 -36.99
N THR U 216 9.05 -103.43 -37.07
CA THR U 216 9.42 -102.86 -38.36
C THR U 216 10.06 -103.91 -39.27
N GLN U 217 10.82 -104.84 -38.69
CA GLN U 217 11.45 -105.89 -39.49
C GLN U 217 10.40 -106.86 -40.04
N ARG U 218 9.46 -107.28 -39.22
CA ARG U 218 8.44 -108.22 -39.66
C ARG U 218 7.51 -107.61 -40.71
N GLU U 219 7.06 -106.38 -40.49
CA GLU U 219 6.15 -105.76 -41.44
C GLU U 219 6.80 -105.53 -42.80
N LEU U 220 8.05 -105.04 -42.82
CA LEU U 220 8.73 -104.78 -44.09
C LEU U 220 8.80 -106.04 -44.96
N GLU U 221 9.09 -107.18 -44.34
CA GLU U 221 9.17 -108.44 -45.09
C GLU U 221 7.81 -108.78 -45.70
N GLU U 222 6.74 -108.64 -44.93
CA GLU U 222 5.39 -108.93 -45.40
C GLU U 222 5.00 -108.00 -46.54
N THR U 223 5.46 -106.75 -46.51
CA THR U 223 5.08 -105.77 -47.53
C THR U 223 5.62 -106.12 -48.90
N ILE U 224 6.80 -106.74 -48.99
CA ILE U 224 7.39 -107.09 -50.28
C ILE U 224 7.19 -108.55 -50.65
N ARG U 225 6.41 -109.31 -49.86
CA ARG U 225 6.16 -110.70 -50.21
C ARG U 225 5.33 -110.83 -51.49
N PRO U 226 4.18 -110.15 -51.63
CA PRO U 226 3.40 -110.28 -52.88
C PRO U 226 4.18 -109.91 -54.13
N TYR U 227 5.06 -108.90 -54.04
CA TYR U 227 5.84 -108.46 -55.20
C TYR U 227 6.62 -109.61 -55.83
N ASP U 228 7.16 -110.50 -55.01
CA ASP U 228 7.96 -111.67 -55.42
C ASP U 228 9.38 -111.31 -55.82
N MET U 229 9.83 -110.07 -55.57
CA MET U 229 11.19 -109.64 -55.89
C MET U 229 12.19 -110.58 -55.24
N GLY U 230 13.40 -110.68 -55.78
CA GLY U 230 14.36 -111.59 -55.22
C GLY U 230 15.23 -111.01 -54.12
N ILE U 231 14.88 -109.85 -53.58
CA ILE U 231 15.60 -109.29 -52.45
C ILE U 231 15.10 -110.00 -51.19
N THR U 232 16.03 -110.41 -50.33
CA THR U 232 15.68 -111.10 -49.09
C THR U 232 16.17 -110.27 -47.92
N LEU U 233 15.26 -109.93 -47.01
CA LEU U 233 15.59 -109.17 -45.81
C LEU U 233 15.97 -110.14 -44.69
N LEU U 234 17.17 -109.99 -44.15
CA LEU U 234 17.63 -110.82 -43.05
C LEU U 234 17.33 -110.16 -41.71
N ASP U 235 17.66 -108.88 -41.56
CA ASP U 235 17.37 -108.16 -40.32
C ASP U 235 17.25 -106.68 -40.60
N VAL U 236 16.34 -106.03 -39.88
CA VAL U 236 16.07 -104.60 -39.96
C VAL U 236 16.26 -104.05 -38.55
N ASN U 237 17.36 -103.36 -38.31
CA ASN U 237 17.71 -102.85 -36.99
C ASN U 237 17.39 -101.35 -36.90
N PHE U 238 16.36 -101.03 -36.11
CA PHE U 238 15.95 -99.65 -35.87
C PHE U 238 17.16 -98.85 -35.40
N GLN U 239 17.35 -97.66 -35.99
CA GLN U 239 18.55 -96.87 -35.71
C GLN U 239 18.35 -95.70 -34.76
N ALA U 240 17.40 -94.80 -35.01
CA ALA U 240 17.23 -93.66 -34.12
C ALA U 240 15.80 -93.15 -34.15
N ALA U 241 15.38 -92.57 -33.03
CA ALA U 241 14.05 -91.99 -32.86
C ALA U 241 14.12 -90.65 -32.12
N ARG U 242 15.25 -89.96 -32.24
CA ARG U 242 15.46 -88.69 -31.54
C ARG U 242 14.28 -87.74 -31.76
N PRO U 243 13.84 -87.02 -30.73
CA PRO U 243 12.69 -86.12 -30.91
C PRO U 243 13.05 -84.93 -31.78
N PRO U 244 12.05 -84.19 -32.29
CA PRO U 244 12.36 -83.00 -33.09
C PRO U 244 13.20 -82.00 -32.30
N GLU U 245 14.07 -81.29 -33.02
CA GLU U 245 14.94 -80.32 -32.38
C GLU U 245 14.16 -79.26 -31.60
N GLU U 246 12.92 -78.97 -32.00
CA GLU U 246 12.14 -77.96 -31.29
C GLU U 246 11.82 -78.39 -29.87
N VAL U 247 11.59 -79.69 -29.65
CA VAL U 247 11.27 -80.21 -28.32
C VAL U 247 12.48 -80.83 -27.63
N LYS U 248 13.65 -80.88 -28.29
CA LYS U 248 14.83 -81.46 -27.66
C LYS U 248 15.18 -80.72 -26.38
N ALA U 249 14.99 -79.40 -26.36
CA ALA U 249 15.23 -78.57 -25.18
C ALA U 249 13.94 -77.89 -24.74
N ALA U 250 12.82 -78.57 -24.95
CA ALA U 250 11.49 -78.10 -24.56
C ALA U 250 10.73 -79.32 -24.05
N PHE U 251 9.41 -79.15 -23.85
CA PHE U 251 8.56 -80.22 -23.33
C PHE U 251 9.11 -80.74 -22.00
N ASP U 252 9.66 -79.81 -21.21
CA ASP U 252 10.26 -80.10 -19.92
C ASP U 252 9.78 -79.13 -18.85
N ASP U 253 8.62 -78.50 -19.07
CA ASP U 253 8.08 -77.58 -18.08
C ASP U 253 7.86 -78.28 -16.74
N ALA U 254 7.42 -79.55 -16.79
CA ALA U 254 7.29 -80.33 -15.57
C ALA U 254 8.64 -80.43 -14.86
N ILE U 255 9.72 -80.56 -15.64
CA ILE U 255 11.06 -80.61 -15.07
C ILE U 255 11.46 -79.23 -14.60
N ALA U 256 11.19 -78.20 -15.41
CA ALA U 256 11.50 -76.84 -15.01
C ALA U 256 10.67 -76.44 -13.79
N ALA U 257 9.45 -76.97 -13.70
CA ALA U 257 8.63 -76.72 -12.51
C ALA U 257 9.24 -77.42 -11.31
N ARG U 258 9.75 -78.64 -11.52
CA ARG U 258 10.41 -79.36 -10.44
C ARG U 258 11.64 -78.59 -9.96
N GLU U 259 12.45 -78.10 -10.91
CA GLU U 259 13.60 -77.30 -10.54
C GLU U 259 13.17 -76.02 -9.85
N ASN U 260 12.11 -75.38 -10.35
CA ASN U 260 11.59 -74.19 -9.68
C ASN U 260 10.99 -74.58 -8.34
N GLU U 261 10.34 -75.74 -8.27
CA GLU U 261 9.81 -76.24 -7.02
C GLU U 261 10.94 -76.45 -6.02
N GLN U 262 11.99 -77.16 -6.45
CA GLN U 262 13.15 -77.39 -5.58
C GLN U 262 13.78 -76.05 -5.22
N GLN U 263 13.89 -75.14 -6.18
CA GLN U 263 14.44 -73.82 -5.90
C GLN U 263 13.56 -73.09 -4.89
N TYR U 264 12.25 -73.19 -5.05
CA TYR U 264 11.33 -72.56 -4.10
C TYR U 264 11.43 -73.23 -2.74
N ILE U 265 11.49 -74.56 -2.72
CA ILE U 265 11.60 -75.31 -1.49
C ILE U 265 12.94 -75.05 -0.82
N ARG U 266 14.04 -75.07 -1.60
CA ARG U 266 15.36 -74.86 -1.01
C ARG U 266 15.49 -73.47 -0.42
N GLU U 267 15.05 -72.44 -1.14
CA GLU U 267 15.09 -71.10 -0.54
C GLU U 267 14.12 -71.01 0.63
N ALA U 268 12.98 -71.69 0.53
CA ALA U 268 12.03 -71.71 1.64
C ALA U 268 12.63 -72.41 2.84
N GLU U 269 13.27 -73.57 2.62
CA GLU U 269 13.92 -74.27 3.72
C GLU U 269 15.06 -73.42 4.28
N ALA U 270 15.79 -72.73 3.39
CA ALA U 270 16.86 -71.85 3.84
C ALA U 270 16.30 -70.74 4.72
N TYR U 271 15.19 -70.13 4.30
CA TYR U 271 14.61 -69.03 5.09
C TYR U 271 14.20 -69.51 6.47
N THR U 272 13.62 -70.72 6.58
CA THR U 272 13.29 -71.26 7.89
C THR U 272 14.54 -71.39 8.74
N ASN U 273 15.62 -71.90 8.14
CA ASN U 273 16.88 -72.03 8.87
C ASN U 273 17.47 -70.66 9.20
N GLU U 274 17.29 -69.68 8.30
CA GLU U 274 17.79 -68.33 8.55
C GLU U 274 17.16 -67.70 9.80
N VAL U 275 15.85 -67.84 9.96
CA VAL U 275 15.13 -67.18 11.05
C VAL U 275 15.32 -67.87 12.40
N GLN U 276 15.53 -69.19 12.43
CA GLN U 276 15.65 -69.89 13.72
C GLN U 276 16.77 -69.33 14.61
N PRO U 277 18.00 -69.07 14.12
CA PRO U 277 19.00 -68.45 15.00
C PRO U 277 18.55 -67.10 15.53
N ARG U 278 17.76 -66.35 14.75
CA ARG U 278 17.28 -65.05 15.21
C ARG U 278 16.42 -65.23 16.45
N ALA U 279 15.59 -66.28 16.47
CA ALA U 279 14.79 -66.55 17.66
C ALA U 279 15.69 -66.91 18.83
N ASN U 280 16.73 -67.72 18.56
CA ASN U 280 17.69 -68.07 19.61
C ASN U 280 18.38 -66.83 20.14
N GLY U 281 18.78 -65.92 19.26
CA GLY U 281 19.40 -64.69 19.71
C GLY U 281 18.43 -63.86 20.52
N GLN U 282 17.18 -63.76 20.06
CA GLN U 282 16.16 -63.06 20.81
C GLN U 282 15.88 -63.77 22.13
N ALA U 283 15.92 -65.11 22.11
CA ALA U 283 15.70 -65.88 23.33
C ALA U 283 16.79 -65.59 24.34
N GLN U 284 18.05 -65.60 23.90
CA GLN U 284 19.16 -65.26 24.80
C GLN U 284 19.02 -63.82 25.27
N ARG U 285 18.61 -62.93 24.36
CA ARG U 285 18.44 -61.53 24.72
C ARG U 285 17.38 -61.37 25.82
N ILE U 286 16.25 -62.08 25.67
CA ILE U 286 15.22 -62.01 26.69
C ILE U 286 15.71 -62.68 27.97
N LEU U 287 16.53 -63.74 27.82
CA LEU U 287 17.09 -64.41 28.98
C LEU U 287 17.99 -63.46 29.77
N GLU U 288 18.85 -62.71 29.06
CA GLU U 288 19.72 -61.76 29.73
C GLU U 288 18.93 -60.62 30.35
N GLU U 289 17.87 -60.18 29.69
CA GLU U 289 17.04 -59.11 30.24
C GLU U 289 16.41 -59.57 31.55
N ALA U 290 15.93 -60.81 31.59
CA ALA U 290 15.37 -61.35 32.82
C ALA U 290 16.45 -61.46 33.89
N ARG U 291 17.65 -61.89 33.49
CA ARG U 291 18.77 -61.98 34.42
C ARG U 291 19.08 -60.63 35.03
N ALA U 292 19.07 -59.57 34.21
CA ALA U 292 19.33 -58.23 34.71
C ALA U 292 18.30 -57.81 35.76
N TYR U 293 17.03 -58.16 35.54
CA TYR U 293 15.98 -57.78 36.49
C TYR U 293 16.23 -58.39 37.86
N LYS U 294 16.53 -59.70 37.90
CA LYS U 294 16.78 -60.33 39.20
C LYS U 294 18.03 -59.73 39.84
N ALA U 295 19.10 -59.54 39.08
CA ALA U 295 20.31 -58.94 39.61
C ALA U 295 20.05 -57.51 40.08
N GLN U 296 19.31 -56.75 39.27
CA GLN U 296 18.99 -55.37 39.65
C GLN U 296 18.10 -55.34 40.88
N THR U 297 17.10 -56.22 40.95
CA THR U 297 16.21 -56.25 42.10
C THR U 297 16.95 -56.74 43.34
N ILE U 298 17.84 -57.72 43.19
CA ILE U 298 18.61 -58.21 44.33
C ILE U 298 19.52 -57.11 44.86
N LEU U 299 20.24 -56.45 43.96
CA LEU U 299 21.13 -55.36 44.39
C LEU U 299 20.33 -54.20 44.96
N GLU U 300 19.20 -53.86 44.32
CA GLU U 300 18.36 -52.78 44.83
C GLU U 300 17.78 -53.15 46.19
N ALA U 301 17.39 -54.41 46.36
CA ALA U 301 16.83 -54.86 47.63
C ALA U 301 17.86 -54.75 48.75
N GLN U 302 19.11 -55.13 48.47
CA GLN U 302 20.15 -55.08 49.50
C GLN U 302 20.36 -53.64 49.98
N GLY U 303 20.38 -52.68 49.06
CA GLY U 303 20.55 -51.29 49.46
C GLY U 303 19.42 -50.82 50.37
N GLU U 304 18.18 -51.14 50.00
CA GLU U 304 17.04 -50.77 50.82
C GLU U 304 17.11 -51.43 52.19
N VAL U 305 17.53 -52.70 52.23
CA VAL U 305 17.66 -53.43 53.48
C VAL U 305 18.67 -52.73 54.39
N ALA U 306 19.81 -52.32 53.83
CA ALA U 306 20.83 -51.63 54.61
C ALA U 306 20.28 -50.31 55.16
N ARG U 307 19.56 -49.56 54.33
CA ARG U 307 19.00 -48.28 54.77
C ARG U 307 18.03 -48.50 55.94
N PHE U 308 17.16 -49.50 55.83
CA PHE U 308 16.23 -49.78 56.93
C PHE U 308 16.98 -50.19 58.19
N ALA U 309 18.14 -50.84 58.04
CA ALA U 309 18.95 -51.24 59.17
C ALA U 309 19.67 -50.06 59.83
N LYS U 310 19.60 -48.86 59.24
CA LYS U 310 20.23 -47.66 59.75
C LYS U 310 19.25 -46.73 60.45
N LEU U 311 18.03 -46.58 59.90
CA LEU U 311 17.06 -45.70 60.53
C LEU U 311 16.33 -46.41 61.67
N LEU U 312 16.17 -47.74 61.57
CA LEU U 312 15.54 -48.48 62.66
C LEU U 312 16.29 -48.28 63.98
N PRO U 313 17.62 -48.48 64.06
CA PRO U 313 18.34 -48.18 65.31
C PRO U 313 18.06 -46.79 65.84
N GLU U 314 17.97 -45.80 64.96
CA GLU U 314 17.68 -44.43 65.36
C GLU U 314 16.21 -44.25 65.70
N TYR U 315 15.34 -45.10 65.14
CA TYR U 315 13.92 -45.01 65.46
C TYR U 315 13.65 -45.56 66.85
N LYS U 316 14.42 -46.57 67.27
CA LYS U 316 14.28 -47.09 68.62
C LYS U 316 14.77 -46.08 69.65
N ALA U 317 15.80 -45.32 69.30
CA ALA U 317 16.35 -44.30 70.20
C ALA U 317 15.29 -43.25 70.53
N ALA U 318 14.58 -42.76 69.51
CA ALA U 318 13.55 -41.74 69.69
C ALA U 318 12.49 -41.92 68.61
N PRO U 319 11.55 -42.84 68.82
CA PRO U 319 10.49 -43.03 67.80
C PRO U 319 9.64 -41.79 67.56
N GLU U 320 9.19 -41.15 68.64
CA GLU U 320 8.33 -39.98 68.53
C GLU U 320 8.96 -38.87 67.70
N ILE U 321 10.25 -38.62 67.89
CA ILE U 321 10.91 -37.54 67.16
C ILE U 321 10.96 -37.84 65.67
N THR U 322 11.52 -39.00 65.30
CA THR U 322 11.60 -39.35 63.89
C THR U 322 10.21 -39.54 63.29
N ARG U 323 9.30 -40.18 64.03
CA ARG U 323 7.95 -40.39 63.52
C ARG U 323 7.23 -39.06 63.32
N GLU U 324 7.36 -38.15 64.29
CA GLU U 324 6.72 -36.83 64.15
C GLU U 324 7.33 -36.05 62.99
N ARG U 325 8.66 -36.06 62.89
CA ARG U 325 9.35 -35.36 61.81
C ARG U 325 8.96 -35.95 60.45
N LEU U 326 9.14 -37.26 60.29
CA LEU U 326 8.80 -37.92 59.03
C LEU U 326 7.32 -37.77 58.70
N TYR U 327 6.46 -37.79 59.70
CA TYR U 327 5.02 -37.64 59.45
C TYR U 327 4.70 -36.25 58.93
N ILE U 328 5.10 -35.21 59.67
CA ILE U 328 4.87 -33.84 59.21
C ILE U 328 5.51 -33.62 57.85
N GLU U 329 6.70 -34.18 57.63
CA GLU U 329 7.37 -34.03 56.35
C GLU U 329 6.55 -34.65 55.23
N THR U 330 6.18 -35.92 55.38
CA THR U 330 5.36 -36.59 54.39
C THR U 330 4.02 -35.89 54.22
N MET U 331 3.43 -35.42 55.32
CA MET U 331 2.16 -34.72 55.26
C MET U 331 2.30 -33.43 54.47
N GLU U 332 3.34 -32.65 54.76
CA GLU U 332 3.58 -31.40 54.05
C GLU U 332 3.74 -31.67 52.55
N LYS U 333 4.44 -32.74 52.19
CA LYS U 333 4.63 -33.08 50.79
C LYS U 333 3.29 -33.32 50.09
N VAL U 334 2.46 -34.21 50.64
CA VAL U 334 1.16 -34.49 50.02
C VAL U 334 0.29 -33.24 50.07
N LEU U 335 0.33 -32.50 51.18
CA LEU U 335 -0.44 -31.28 51.29
C LEU U 335 -0.07 -30.28 50.21
N GLY U 336 1.23 -30.14 49.92
CA GLY U 336 1.67 -29.17 48.93
C GLY U 336 1.52 -29.61 47.49
N ASN U 337 1.61 -30.91 47.21
CA ASN U 337 1.49 -31.37 45.83
C ASN U 337 0.06 -31.68 45.42
N THR U 338 -0.91 -31.59 46.33
CA THR U 338 -2.31 -31.80 46.03
C THR U 338 -3.11 -30.58 46.49
N ARG U 339 -4.30 -30.43 45.93
CA ARG U 339 -5.16 -29.32 46.35
C ARG U 339 -5.63 -29.56 47.78
N LYS U 340 -6.03 -28.49 48.44
CA LYS U 340 -6.53 -28.53 49.80
C LYS U 340 -7.88 -27.85 49.88
N VAL U 341 -8.70 -28.29 50.83
CA VAL U 341 -10.05 -27.79 51.05
C VAL U 341 -10.22 -27.27 52.47
N LEU U 342 -9.87 -28.08 53.46
CA LEU U 342 -9.97 -27.73 54.89
C LEU U 342 -11.38 -27.28 55.29
N VAL U 343 -12.41 -27.65 54.53
CA VAL U 343 -13.76 -27.25 54.87
C VAL U 343 -14.19 -27.94 56.16
N ASN U 344 -14.90 -27.19 57.01
CA ASN U 344 -15.45 -27.67 58.28
C ASN U 344 -16.07 -29.06 58.14
N ASP U 345 -15.67 -29.98 59.03
CA ASP U 345 -16.21 -31.34 59.04
C ASP U 345 -17.74 -31.37 58.96
N LYS U 346 -18.40 -30.35 59.51
CA LYS U 346 -19.85 -30.18 59.46
C LYS U 346 -20.46 -30.55 58.12
N GLY U 347 -19.88 -30.03 57.04
CA GLY U 347 -20.37 -30.24 55.67
C GLY U 347 -20.80 -31.65 55.32
N GLY U 348 -22.07 -31.77 54.93
CA GLY U 348 -22.66 -33.05 54.58
C GLY U 348 -22.61 -33.40 53.10
N ASN U 349 -22.70 -32.38 52.24
CA ASN U 349 -22.68 -32.56 50.80
C ASN U 349 -21.42 -31.97 50.21
N LEU U 350 -21.03 -32.50 49.05
CA LEU U 350 -19.82 -32.09 48.33
C LEU U 350 -19.88 -32.66 46.92
N MET U 351 -19.51 -31.84 45.94
CA MET U 351 -19.45 -32.27 44.54
C MET U 351 -17.98 -32.29 44.15
N VAL U 352 -17.60 -33.28 43.33
CA VAL U 352 -16.18 -33.41 42.93
C VAL U 352 -15.92 -32.93 41.51
N LEU U 353 -16.91 -33.07 40.62
CA LEU U 353 -16.79 -32.66 39.22
C LEU U 353 -15.46 -33.10 38.59
N PRO U 354 -15.21 -34.40 38.49
CA PRO U 354 -13.93 -34.87 37.95
C PRO U 354 -13.94 -34.88 36.42
N LEU U 355 -12.83 -35.36 35.87
CA LEU U 355 -12.67 -35.44 34.42
C LEU U 355 -13.38 -36.67 33.87
N ASN V 225 -39.32 -46.02 -34.46
CA ASN V 225 -38.75 -46.03 -33.13
C ASN V 225 -39.26 -47.21 -32.30
N ARG V 226 -40.40 -47.78 -32.69
CA ARG V 226 -40.95 -48.92 -31.97
C ARG V 226 -40.09 -50.16 -32.17
N MET V 227 -39.60 -50.37 -33.39
CA MET V 227 -38.72 -51.50 -33.67
C MET V 227 -37.50 -51.47 -32.77
N ARG V 228 -36.91 -50.30 -32.59
CA ARG V 228 -35.76 -50.12 -31.70
C ARG V 228 -36.05 -50.67 -30.31
N ALA V 229 -37.19 -50.27 -29.74
CA ALA V 229 -37.60 -50.73 -28.42
C ALA V 229 -37.64 -52.24 -28.30
N GLU V 230 -38.35 -52.91 -29.23
CA GLU V 230 -38.48 -54.36 -29.15
C GLU V 230 -37.13 -55.05 -29.21
N ARG V 231 -36.23 -54.59 -30.08
CA ARG V 231 -34.89 -55.18 -30.10
C ARG V 231 -34.14 -54.78 -28.82
N GLU V 232 -34.27 -53.52 -28.42
CA GLU V 232 -33.62 -53.05 -27.20
C GLU V 232 -34.09 -53.84 -25.99
N ALA V 233 -35.37 -54.18 -25.94
CA ALA V 233 -35.89 -54.98 -24.82
C ALA V 233 -35.23 -56.35 -24.81
N VAL V 234 -35.23 -57.03 -25.95
CA VAL V 234 -34.57 -58.34 -26.09
C VAL V 234 -33.11 -58.21 -25.69
N ALA V 235 -32.44 -57.13 -26.11
CA ALA V 235 -31.04 -56.92 -25.78
C ALA V 235 -30.82 -56.89 -24.28
N ARG V 236 -31.62 -56.07 -23.56
CA ARG V 236 -31.48 -56.01 -22.11
C ARG V 236 -31.73 -57.37 -21.48
N ARG V 237 -32.71 -58.13 -22.01
CA ARG V 237 -32.98 -59.47 -21.51
C ARG V 237 -31.75 -60.35 -21.62
N HIS V 238 -31.14 -60.40 -22.82
CA HIS V 238 -29.94 -61.19 -23.02
C HIS V 238 -28.80 -60.72 -22.12
N ARG V 239 -28.68 -59.40 -21.95
CA ARG V 239 -27.65 -58.86 -21.08
C ARG V 239 -27.98 -59.14 -19.61
N SER V 240 -29.24 -58.90 -19.21
CA SER V 240 -29.63 -59.08 -17.82
C SER V 240 -29.64 -60.56 -17.41
N GLN V 241 -30.11 -61.44 -18.30
CA GLN V 241 -30.14 -62.86 -17.96
C GLN V 241 -28.74 -63.38 -17.65
N GLY V 242 -27.74 -63.01 -18.48
CA GLY V 242 -26.38 -63.43 -18.21
C GLY V 242 -25.90 -62.99 -16.84
N GLN V 243 -26.28 -61.78 -16.44
CA GLN V 243 -25.92 -61.27 -15.11
C GLN V 243 -26.47 -62.17 -14.01
N GLU V 244 -27.71 -62.63 -14.17
CA GLU V 244 -28.36 -63.49 -13.18
C GLU V 244 -27.51 -64.73 -12.88
N GLU V 245 -27.05 -65.43 -13.92
CA GLU V 245 -26.25 -66.63 -13.72
C GLU V 245 -25.01 -66.34 -12.89
N ALA V 246 -24.37 -65.18 -13.13
CA ALA V 246 -23.21 -64.77 -12.33
C ALA V 246 -23.53 -64.80 -10.84
N GLU V 247 -24.64 -64.17 -10.47
CA GLU V 247 -25.07 -64.14 -9.07
C GLU V 247 -25.22 -65.56 -8.50
N LYS V 248 -25.83 -66.46 -9.28
CA LYS V 248 -26.01 -67.84 -8.82
C LYS V 248 -24.67 -68.49 -8.50
N LEU V 249 -23.75 -68.49 -9.47
CA LEU V 249 -22.44 -69.12 -9.25
C LEU V 249 -21.63 -68.37 -8.19
N ARG V 250 -21.71 -67.04 -8.18
CA ARG V 250 -20.98 -66.26 -7.19
C ARG V 250 -21.38 -66.67 -5.77
N ALA V 251 -22.68 -66.86 -5.54
CA ALA V 251 -23.15 -67.23 -4.21
C ALA V 251 -22.62 -68.60 -3.78
N THR V 252 -22.64 -69.58 -4.70
CA THR V 252 -22.16 -70.91 -4.36
C THR V 252 -20.69 -70.89 -3.94
N ALA V 253 -19.89 -70.03 -4.59
CA ALA V 253 -18.48 -69.90 -4.24
C ALA V 253 -18.32 -69.50 -2.78
N ASP V 254 -19.16 -68.56 -2.32
CA ASP V 254 -19.10 -68.10 -0.93
C ASP V 254 -19.36 -69.25 0.04
N TYR V 255 -20.27 -70.16 -0.31
CA TYR V 255 -20.59 -71.29 0.56
C TYR V 255 -19.37 -72.18 0.76
N GLU V 256 -18.63 -72.47 -0.31
CA GLU V 256 -17.46 -73.33 -0.19
C GLU V 256 -16.43 -72.72 0.76
N VAL V 257 -16.25 -71.40 0.71
CA VAL V 257 -15.32 -70.75 1.63
C VAL V 257 -15.80 -70.91 3.07
N THR V 258 -17.12 -70.81 3.28
CA THR V 258 -17.67 -70.94 4.62
C THR V 258 -17.57 -72.39 5.11
N ARG V 259 -17.64 -73.35 4.19
CA ARG V 259 -17.54 -74.76 4.58
C ARG V 259 -16.13 -75.08 5.06
N THR V 260 -15.12 -74.47 4.43
CA THR V 260 -13.73 -74.72 4.83
C THR V 260 -13.33 -73.87 6.02
N LEU V 261 -13.85 -72.65 6.12
CA LEU V 261 -13.51 -71.78 7.25
C LEU V 261 -14.00 -72.41 8.56
N ALA V 262 -15.25 -72.86 8.58
CA ALA V 262 -15.78 -73.49 9.78
C ALA V 262 -15.05 -74.79 10.09
N GLU V 263 -14.79 -75.61 9.06
CA GLU V 263 -14.07 -76.86 9.24
C GLU V 263 -12.73 -76.62 9.93
N ALA V 264 -11.97 -75.64 9.43
CA ALA V 264 -10.68 -75.31 10.03
C ALA V 264 -10.85 -74.87 11.48
N GLU V 265 -11.82 -73.98 11.74
CA GLU V 265 -12.06 -73.52 13.10
C GLU V 265 -12.40 -74.66 14.03
N ARG V 266 -13.12 -75.67 13.52
CA ARG V 266 -13.47 -76.82 14.35
C ARG V 266 -12.22 -77.56 14.81
N GLN V 267 -11.33 -77.90 13.87
CA GLN V 267 -10.08 -78.55 14.23
C GLN V 267 -9.26 -77.69 15.17
N GLY V 268 -9.34 -76.38 15.03
CA GLY V 268 -8.59 -75.49 15.91
C GLY V 268 -9.07 -75.55 17.34
N ARG V 269 -10.39 -75.48 17.54
CA ARG V 269 -10.95 -75.52 18.89
C ARG V 269 -10.54 -76.79 19.63
N ILE V 270 -10.62 -77.94 18.94
CA ILE V 270 -10.20 -79.22 19.52
C ILE V 270 -8.80 -79.10 20.12
N MET V 271 -7.85 -78.64 19.32
CA MET V 271 -6.48 -78.48 19.80
C MET V 271 -6.39 -77.31 20.77
N ARG V 272 -7.08 -76.20 20.47
CA ARG V 272 -7.07 -75.03 21.34
C ARG V 272 -7.65 -75.33 22.71
N GLY V 273 -8.46 -76.38 22.83
CA GLY V 273 -9.03 -76.74 24.11
C GLY V 273 -8.00 -77.51 24.91
N GLU V 274 -7.39 -78.51 24.27
CA GLU V 274 -6.32 -79.30 24.89
C GLU V 274 -5.26 -78.41 25.50
N GLY V 275 -4.96 -77.28 24.85
CA GLY V 275 -3.97 -76.34 25.33
C GLY V 275 -4.31 -75.82 26.71
N ASP V 276 -5.44 -75.09 26.82
CA ASP V 276 -5.85 -74.57 28.12
C ASP V 276 -6.19 -75.72 29.06
N ALA V 277 -6.73 -76.81 28.54
CA ALA V 277 -7.03 -77.97 29.38
C ALA V 277 -5.76 -78.56 29.96
N GLU V 278 -4.69 -78.61 29.16
CA GLU V 278 -3.43 -79.15 29.65
C GLU V 278 -2.83 -78.22 30.70
N ALA V 279 -2.90 -76.92 30.49
CA ALA V 279 -2.38 -75.98 31.46
C ALA V 279 -3.24 -75.93 32.72
N ALA V 280 -4.54 -76.24 32.60
CA ALA V 280 -5.43 -76.17 33.75
C ALA V 280 -4.98 -77.08 34.88
N LYS V 281 -4.47 -78.28 34.54
CA LYS V 281 -3.97 -79.17 35.59
C LYS V 281 -2.73 -78.57 36.24
N LEU V 282 -1.92 -77.84 35.47
CA LEU V 282 -0.72 -77.22 36.00
C LEU V 282 -1.08 -76.10 36.96
N PHE V 283 -1.93 -75.17 36.52
CA PHE V 283 -2.37 -74.08 37.38
C PHE V 283 -3.06 -74.63 38.62
N ALA V 284 -3.92 -75.64 38.44
CA ALA V 284 -4.64 -76.26 39.54
C ALA V 284 -3.73 -76.67 40.70
N ASP V 285 -2.67 -77.44 40.39
CA ASP V 285 -1.78 -77.91 41.46
C ASP V 285 -0.91 -76.78 42.01
N ALA V 286 -0.43 -75.89 41.14
CA ALA V 286 0.43 -74.79 41.57
C ALA V 286 -0.30 -73.89 42.58
N PHE V 287 -1.53 -73.52 42.27
CA PHE V 287 -2.31 -72.65 43.13
C PHE V 287 -3.07 -73.40 44.22
N SER V 288 -3.26 -74.71 44.05
CA SER V 288 -3.90 -75.50 45.10
C SER V 288 -3.12 -75.41 46.41
N LYS V 289 -1.79 -75.28 46.30
CA LYS V 289 -0.92 -75.16 47.47
C LYS V 289 -1.41 -74.04 48.39
N ASP V 290 -1.65 -72.87 47.81
CA ASP V 290 -2.10 -71.70 48.57
C ASP V 290 -2.95 -70.83 47.66
N PRO V 291 -4.24 -71.14 47.51
CA PRO V 291 -5.11 -70.32 46.65
C PRO V 291 -5.43 -68.97 47.24
N ASP V 292 -5.26 -68.80 48.55
CA ASP V 292 -5.51 -67.50 49.16
C ASP V 292 -4.39 -66.53 48.83
N PHE V 293 -3.14 -67.00 48.88
CA PHE V 293 -2.02 -66.14 48.51
C PHE V 293 -1.97 -65.94 47.01
N TYR V 294 -2.35 -66.96 46.23
CA TYR V 294 -2.37 -66.81 44.78
C TYR V 294 -3.43 -65.81 44.37
N ALA V 295 -4.59 -65.85 45.02
CA ALA V 295 -5.64 -64.89 44.73
C ALA V 295 -5.21 -63.50 45.16
N PHE V 296 -4.44 -63.42 46.25
CA PHE V 296 -3.95 -62.14 46.74
C PHE V 296 -2.95 -61.52 45.76
N ILE V 297 -1.92 -62.28 45.37
CA ILE V 297 -0.94 -61.76 44.42
C ILE V 297 -1.59 -61.54 43.05
N ARG V 298 -2.48 -62.44 42.65
CA ARG V 298 -3.13 -62.29 41.35
C ARG V 298 -4.11 -61.12 41.36
N SER V 299 -4.86 -60.94 42.45
CA SER V 299 -5.80 -59.82 42.49
C SER V 299 -5.05 -58.50 42.59
N LEU V 300 -3.96 -58.46 43.37
CA LEU V 300 -3.14 -57.25 43.43
C LEU V 300 -2.65 -56.88 42.05
N ARG V 301 -2.19 -57.88 41.29
CA ARG V 301 -1.76 -57.65 39.91
C ARG V 301 -2.94 -57.18 39.06
N ALA V 302 -4.10 -57.84 39.22
CA ALA V 302 -5.28 -57.48 38.44
C ALA V 302 -5.70 -56.04 38.69
N TYR V 303 -5.52 -55.54 39.92
CA TYR V 303 -5.87 -54.15 40.20
C TYR V 303 -4.97 -53.21 39.39
N GLU V 304 -3.65 -53.43 39.46
CA GLU V 304 -2.72 -52.62 38.68
C GLU V 304 -3.06 -52.66 37.20
N ASN V 305 -3.52 -53.81 36.71
CA ASN V 305 -3.91 -53.94 35.31
C ASN V 305 -5.22 -53.22 35.04
N SER V 306 -6.22 -53.46 35.89
CA SER V 306 -7.53 -52.82 35.71
C SER V 306 -7.44 -51.31 35.90
N PHE V 307 -6.74 -50.87 36.94
CA PHE V 307 -6.59 -49.44 37.22
C PHE V 307 -5.42 -48.81 36.46
N SER V 308 -4.84 -49.53 35.49
CA SER V 308 -3.75 -48.99 34.66
C SER V 308 -4.05 -47.60 34.14
N GLY V 309 -5.31 -47.35 33.76
CA GLY V 309 -5.71 -46.07 33.23
C GLY V 309 -6.18 -45.09 34.30
N ASN V 310 -6.31 -43.84 33.90
CA ASN V 310 -6.71 -42.73 34.77
C ASN V 310 -8.15 -42.33 34.56
N GLN V 311 -9.01 -43.32 34.28
CA GLN V 311 -10.43 -43.12 34.05
C GLN V 311 -11.28 -43.46 35.27
N ASP V 312 -10.64 -43.74 36.41
CA ASP V 312 -11.31 -44.08 37.66
C ASP V 312 -10.86 -43.10 38.74
N VAL V 313 -11.55 -43.13 39.87
CA VAL V 313 -11.24 -42.25 41.00
C VAL V 313 -11.44 -43.03 42.29
N MET V 314 -10.37 -43.19 43.06
CA MET V 314 -10.40 -43.92 44.32
C MET V 314 -10.84 -42.98 45.44
N VAL V 315 -12.13 -43.01 45.78
CA VAL V 315 -12.65 -42.13 46.83
C VAL V 315 -12.41 -42.78 48.19
N MET V 316 -11.26 -42.49 48.77
CA MET V 316 -10.81 -42.98 50.06
C MET V 316 -11.03 -41.89 51.12
N SER V 317 -10.55 -42.14 52.33
CA SER V 317 -10.65 -41.20 53.44
C SER V 317 -9.33 -41.26 54.21
N PRO V 318 -8.99 -40.20 54.95
CA PRO V 318 -7.70 -40.20 55.67
C PRO V 318 -7.54 -41.28 56.74
N ASP V 319 -8.60 -42.02 57.08
CA ASP V 319 -8.53 -43.09 58.07
C ASP V 319 -8.69 -44.48 57.45
N SER V 320 -8.68 -44.56 56.12
CA SER V 320 -8.82 -45.84 55.44
C SER V 320 -7.67 -46.77 55.78
N ASP V 321 -7.89 -48.05 55.49
CA ASP V 321 -6.91 -49.13 55.70
C ASP V 321 -5.49 -48.75 55.31
N PHE V 322 -5.31 -48.22 54.10
CA PHE V 322 -3.98 -47.82 53.65
C PHE V 322 -3.51 -46.58 54.40
N PHE V 323 -4.42 -45.63 54.62
CA PHE V 323 -4.13 -44.39 55.32
C PHE V 323 -4.21 -44.59 56.84
N ARG V 324 -3.31 -45.45 57.33
CA ARG V 324 -3.20 -45.79 58.74
C ARG V 324 -2.08 -45.01 59.42
N TYR V 325 -1.01 -44.71 58.69
CA TYR V 325 0.10 -43.92 59.19
C TYR V 325 -0.01 -42.47 58.75
N MET V 326 -1.14 -42.08 58.15
CA MET V 326 -1.43 -40.73 57.71
C MET V 326 -1.90 -39.84 58.86
N LYS V 327 -2.08 -40.39 60.06
CA LYS V 327 -2.55 -39.66 61.22
C LYS V 327 -1.38 -39.29 62.12
N THR V 328 -1.62 -38.38 63.03
CA THR V 328 -0.56 -37.90 63.92
C THR V 328 -0.24 -38.96 64.97
N PRO V 329 1.06 -39.21 65.26
CA PRO V 329 1.36 -40.22 66.27
C PRO V 329 1.06 -39.77 67.69
N ALA W 233 -2.41 -82.23 -18.07
CA ALA W 233 -2.23 -81.33 -16.93
C ALA W 233 -1.37 -81.98 -15.86
N VAL W 234 -0.41 -82.83 -16.29
CA VAL W 234 0.47 -83.51 -15.34
C VAL W 234 1.32 -82.49 -14.58
N ALA W 235 1.90 -81.54 -15.32
CA ALA W 235 2.74 -80.52 -14.70
C ALA W 235 1.95 -79.64 -13.73
N ARG W 236 0.67 -79.37 -14.03
CA ARG W 236 -0.12 -78.51 -13.17
C ARG W 236 -0.32 -79.14 -11.80
N ARG W 237 -0.55 -80.46 -11.75
CA ARG W 237 -0.72 -81.11 -10.46
C ARG W 237 0.55 -81.05 -9.63
N HIS W 238 1.71 -81.29 -10.27
CA HIS W 238 3.00 -81.24 -9.59
C HIS W 238 3.21 -79.90 -8.90
N ARG W 239 2.83 -78.80 -9.55
CA ARG W 239 3.01 -77.48 -8.95
C ARG W 239 2.21 -77.34 -7.67
N SER W 240 0.95 -77.75 -7.69
CA SER W 240 0.12 -77.66 -6.48
C SER W 240 0.72 -78.48 -5.34
N GLN W 241 1.25 -79.66 -5.64
CA GLN W 241 1.91 -80.49 -4.62
C GLN W 241 3.06 -79.74 -3.99
N GLY W 242 3.88 -79.06 -4.80
CA GLY W 242 5.01 -78.32 -4.26
C GLY W 242 4.59 -77.18 -3.37
N GLN W 243 3.47 -76.53 -3.70
CA GLN W 243 2.96 -75.44 -2.86
C GLN W 243 2.71 -75.94 -1.44
N GLU W 244 2.02 -77.08 -1.31
CA GLU W 244 1.75 -77.70 -0.02
C GLU W 244 3.03 -77.82 0.81
N GLU W 245 4.02 -78.53 0.27
CA GLU W 245 5.32 -78.73 0.92
C GLU W 245 5.88 -77.43 1.46
N ALA W 246 6.05 -76.43 0.59
CA ALA W 246 6.57 -75.13 0.99
C ALA W 246 5.75 -74.53 2.12
N GLU W 247 4.46 -74.33 1.90
CA GLU W 247 3.60 -73.75 2.93
C GLU W 247 3.56 -74.61 4.18
N LYS W 248 3.57 -75.94 4.02
CA LYS W 248 3.56 -76.82 5.19
C LYS W 248 4.85 -76.68 5.97
N LEU W 249 6.00 -76.77 5.29
CA LEU W 249 7.28 -76.59 5.97
C LEU W 249 7.38 -75.20 6.58
N ARG W 250 6.79 -74.20 5.93
CA ARG W 250 6.80 -72.84 6.46
C ARG W 250 6.01 -72.79 7.76
N ALA W 251 4.79 -73.35 7.74
CA ALA W 251 3.99 -73.38 8.96
C ALA W 251 4.59 -74.32 10.00
N THR W 252 5.41 -75.29 9.57
CA THR W 252 6.07 -76.18 10.51
C THR W 252 7.19 -75.43 11.23
N ALA W 253 7.94 -74.60 10.51
CA ALA W 253 9.00 -73.81 11.11
C ALA W 253 8.44 -72.65 11.91
N ASP W 254 7.23 -72.19 11.58
CA ASP W 254 6.62 -71.10 12.35
C ASP W 254 6.31 -71.58 13.77
N TYR W 255 5.78 -72.79 13.89
CA TYR W 255 5.51 -73.36 15.21
C TYR W 255 6.79 -73.49 16.01
N GLU W 256 7.85 -74.02 15.38
CA GLU W 256 9.13 -74.15 16.07
C GLU W 256 9.73 -72.79 16.41
N VAL W 257 9.50 -71.78 15.58
CA VAL W 257 10.06 -70.45 15.85
C VAL W 257 9.34 -69.80 17.02
N THR W 258 8.02 -69.98 17.12
CA THR W 258 7.27 -69.43 18.24
C THR W 258 7.39 -70.30 19.48
N ARG W 259 7.85 -71.54 19.34
CA ARG W 259 8.04 -72.42 20.48
C ARG W 259 9.28 -72.01 21.27
N THR W 260 10.25 -71.37 20.61
CA THR W 260 11.46 -70.94 21.29
C THR W 260 11.23 -69.58 21.94
N LEU W 261 10.44 -68.72 21.31
CA LEU W 261 10.12 -67.42 21.91
C LEU W 261 9.40 -67.62 23.24
N ALA W 262 8.37 -68.47 23.25
CA ALA W 262 7.65 -68.74 24.49
C ALA W 262 8.52 -69.52 25.47
N GLU W 263 9.44 -70.34 24.96
CA GLU W 263 10.34 -71.09 25.83
C GLU W 263 11.22 -70.12 26.61
N ALA W 264 11.79 -69.13 25.93
CA ALA W 264 12.63 -68.15 26.61
C ALA W 264 11.81 -67.33 27.57
N GLU W 265 10.56 -67.01 27.21
CA GLU W 265 9.69 -66.28 28.13
C GLU W 265 9.49 -67.08 29.41
N ARG W 266 9.38 -68.41 29.28
CA ARG W 266 9.28 -69.26 30.46
C ARG W 266 10.58 -69.24 31.24
N GLN W 267 11.70 -69.36 30.53
CA GLN W 267 13.00 -69.33 31.19
C GLN W 267 13.25 -67.97 31.84
N GLY W 268 12.76 -66.90 31.21
CA GLY W 268 12.91 -65.58 31.81
C GLY W 268 12.15 -65.47 33.11
N ARG W 269 10.93 -66.01 33.15
CA ARG W 269 10.13 -66.00 34.37
C ARG W 269 10.86 -66.66 35.53
N ILE W 270 11.65 -67.70 35.23
CA ILE W 270 12.42 -68.37 36.28
C ILE W 270 13.37 -67.38 36.93
N MET W 271 14.11 -66.64 36.11
CA MET W 271 15.03 -65.62 36.61
C MET W 271 14.28 -64.59 37.46
N ARG W 272 13.19 -64.04 36.92
CA ARG W 272 12.41 -63.06 37.66
C ARG W 272 11.87 -63.66 38.95
N GLY W 273 11.38 -64.91 38.88
CA GLY W 273 10.91 -65.56 40.10
C GLY W 273 12.01 -65.70 41.12
N GLU W 274 13.17 -66.22 40.68
CA GLU W 274 14.32 -66.36 41.56
C GLU W 274 14.69 -65.01 42.16
N GLY W 275 14.80 -63.97 41.32
CA GLY W 275 15.13 -62.65 41.82
C GLY W 275 14.16 -62.15 42.87
N ASP W 276 12.85 -62.29 42.60
CA ASP W 276 11.87 -61.87 43.59
C ASP W 276 11.97 -62.73 44.83
N ALA W 277 12.15 -64.05 44.66
CA ALA W 277 12.28 -64.93 45.81
C ALA W 277 13.51 -64.56 46.64
N GLU W 278 14.67 -64.44 45.98
CA GLU W 278 15.89 -64.06 46.69
C GLU W 278 15.73 -62.68 47.31
N ALA W 279 15.24 -61.71 46.52
CA ALA W 279 14.98 -60.37 47.03
C ALA W 279 14.03 -60.41 48.22
N ALA W 280 12.98 -61.22 48.11
CA ALA W 280 11.99 -61.32 49.17
C ALA W 280 12.62 -61.76 50.49
N LYS W 281 13.49 -62.78 50.43
CA LYS W 281 14.20 -63.25 51.62
C LYS W 281 14.87 -62.09 52.34
N LEU W 282 15.57 -61.24 51.59
CA LEU W 282 16.24 -60.08 52.16
C LEU W 282 15.23 -59.16 52.84
N PHE W 283 14.17 -58.77 52.12
CA PHE W 283 13.15 -57.90 52.68
C PHE W 283 12.45 -58.55 53.87
N ALA W 284 12.29 -59.88 53.84
CA ALA W 284 11.63 -60.59 54.92
C ALA W 284 12.35 -60.38 56.26
N ASP W 285 13.62 -60.81 56.33
CA ASP W 285 14.37 -60.68 57.57
C ASP W 285 14.60 -59.23 57.96
N ALA W 286 14.87 -58.37 56.98
CA ALA W 286 15.12 -56.96 57.25
C ALA W 286 13.95 -56.30 57.99
N PHE W 287 12.77 -56.35 57.39
CA PHE W 287 11.59 -55.74 58.01
C PHE W 287 11.08 -56.54 59.20
N SER W 288 11.50 -57.80 59.37
CA SER W 288 11.08 -58.59 60.51
C SER W 288 11.52 -57.92 61.81
N LYS W 289 12.66 -57.24 61.78
CA LYS W 289 13.17 -56.53 62.96
C LYS W 289 12.13 -55.54 63.47
N ASP W 290 11.44 -54.84 62.57
CA ASP W 290 10.45 -53.85 62.93
C ASP W 290 9.46 -53.65 61.79
N PRO W 291 8.41 -54.49 61.72
CA PRO W 291 7.42 -54.31 60.63
C PRO W 291 6.63 -53.02 60.75
N ASP W 292 6.47 -52.50 61.97
CA ASP W 292 5.73 -51.26 62.17
C ASP W 292 6.48 -50.09 61.56
N PHE W 293 7.76 -49.95 61.89
CA PHE W 293 8.55 -48.86 61.34
C PHE W 293 8.69 -49.01 59.82
N TYR W 294 8.85 -50.25 59.34
CA TYR W 294 8.93 -50.47 57.90
C TYR W 294 7.65 -50.03 57.21
N ALA W 295 6.51 -50.50 57.71
CA ALA W 295 5.24 -50.12 57.09
C ALA W 295 4.97 -48.64 57.26
N PHE W 296 5.49 -48.04 58.33
CA PHE W 296 5.36 -46.60 58.53
C PHE W 296 6.16 -45.86 57.47
N ILE W 297 7.44 -46.23 57.31
CA ILE W 297 8.29 -45.62 56.30
C ILE W 297 7.77 -45.94 54.91
N ARG W 298 7.33 -47.18 54.70
CA ARG W 298 6.84 -47.59 53.38
C ARG W 298 5.50 -46.93 53.05
N SER W 299 4.64 -46.72 54.06
CA SER W 299 3.36 -46.08 53.79
C SER W 299 3.55 -44.61 53.49
N LEU W 300 4.38 -43.93 54.29
CA LEU W 300 4.69 -42.53 54.03
C LEU W 300 5.32 -42.39 52.65
N ARG W 301 6.24 -43.30 52.32
CA ARG W 301 6.88 -43.30 51.02
C ARG W 301 5.86 -43.53 49.92
N ALA W 302 4.96 -44.49 50.12
CA ALA W 302 3.94 -44.80 49.12
C ALA W 302 3.02 -43.62 48.86
N TYR W 303 2.69 -42.85 49.90
CA TYR W 303 1.81 -41.70 49.73
C TYR W 303 2.42 -40.67 48.79
N GLU W 304 3.69 -40.31 49.02
CA GLU W 304 4.36 -39.33 48.17
C GLU W 304 4.51 -39.84 46.74
N ASN W 305 4.65 -41.17 46.57
CA ASN W 305 4.80 -41.74 45.24
C ASN W 305 3.52 -41.65 44.40
N SER W 306 2.36 -41.47 45.04
CA SER W 306 1.07 -41.41 44.35
C SER W 306 0.44 -40.03 44.37
N PHE W 307 0.30 -39.41 45.54
CA PHE W 307 -0.31 -38.09 45.66
C PHE W 307 0.42 -36.98 44.89
N SER W 308 1.63 -37.24 44.38
CA SER W 308 2.41 -36.28 43.61
C SER W 308 1.57 -35.48 42.60
N GLY W 309 0.70 -36.16 41.86
CA GLY W 309 -0.11 -35.48 40.86
C GLY W 309 -1.04 -34.45 41.50
N ASN W 310 -1.11 -33.27 40.88
CA ASN W 310 -1.94 -32.19 41.39
C ASN W 310 -3.42 -32.48 41.24
N GLN W 311 -3.80 -33.31 40.25
CA GLN W 311 -5.20 -33.65 40.06
C GLN W 311 -5.78 -34.31 41.31
N ASP W 312 -4.94 -35.00 42.08
CA ASP W 312 -5.36 -35.62 43.33
C ASP W 312 -5.59 -34.53 44.37
N VAL W 313 -6.62 -34.70 45.20
CA VAL W 313 -6.98 -33.72 46.21
C VAL W 313 -7.26 -34.45 47.53
N MET W 314 -7.19 -33.70 48.62
CA MET W 314 -7.47 -34.19 49.97
C MET W 314 -8.38 -33.19 50.66
N VAL W 315 -9.56 -33.64 51.08
CA VAL W 315 -10.51 -32.81 51.80
C VAL W 315 -10.31 -33.05 53.29
N MET W 316 -10.01 -31.98 54.02
CA MET W 316 -9.77 -32.06 55.47
C MET W 316 -10.63 -31.03 56.19
N SER W 317 -10.43 -30.88 57.49
CA SER W 317 -11.17 -29.95 58.32
C SER W 317 -10.20 -29.10 59.12
N PRO W 318 -10.64 -27.95 59.65
CA PRO W 318 -9.72 -27.11 60.44
C PRO W 318 -9.33 -27.72 61.77
N ASP W 319 -10.01 -28.77 62.23
CA ASP W 319 -9.73 -29.43 63.49
C ASP W 319 -9.04 -30.78 63.32
N SER W 320 -8.71 -31.16 62.09
CA SER W 320 -8.04 -32.44 61.85
C SER W 320 -6.70 -32.47 62.57
N ASP W 321 -6.27 -33.70 62.90
CA ASP W 321 -5.02 -33.98 63.61
C ASP W 321 -3.83 -33.13 63.15
N PHE W 322 -3.55 -33.11 61.84
CA PHE W 322 -2.42 -32.34 61.34
C PHE W 322 -2.54 -30.86 61.67
N PHE W 323 -3.76 -30.34 61.73
CA PHE W 323 -4.01 -28.94 62.03
C PHE W 323 -4.37 -28.72 63.50
N ARG W 324 -3.81 -29.56 64.37
CA ARG W 324 -4.04 -29.45 65.81
C ARG W 324 -3.49 -28.12 66.34
N TYR W 325 -2.41 -27.62 65.74
CA TYR W 325 -1.81 -26.36 66.15
C TYR W 325 -2.36 -25.17 65.37
N MET W 326 -3.44 -25.37 64.61
CA MET W 326 -4.10 -24.31 63.86
C MET W 326 -5.07 -23.52 64.73
N LYS W 327 -5.12 -23.78 66.03
CA LYS W 327 -6.01 -23.13 66.98
C LYS W 327 -5.20 -22.28 67.94
N THR W 328 -5.85 -21.23 68.46
CA THR W 328 -5.24 -20.28 69.38
C THR W 328 -4.50 -21.02 70.51
N PRO W 329 -3.21 -20.71 70.76
CA PRO W 329 -2.55 -21.42 71.86
C PRO W 329 -3.05 -21.00 73.22
N GLU X 269 -11.11 -84.33 -15.55
CA GLU X 269 -9.93 -84.67 -14.75
C GLU X 269 -9.11 -83.41 -14.47
N ALA X 270 -8.29 -83.47 -13.43
CA ALA X 270 -7.40 -82.41 -12.94
C ALA X 270 -8.15 -81.31 -12.20
N TYR X 271 -9.49 -81.36 -12.13
CA TYR X 271 -10.24 -80.33 -11.42
C TYR X 271 -10.24 -80.61 -9.92
N THR X 272 -10.60 -81.83 -9.53
CA THR X 272 -10.62 -82.20 -8.11
C THR X 272 -9.22 -82.37 -7.56
N ASN X 273 -8.26 -82.83 -8.38
CA ASN X 273 -6.89 -83.04 -7.92
C ASN X 273 -6.21 -81.77 -7.43
N GLU X 274 -6.77 -80.58 -7.73
CA GLU X 274 -6.19 -79.32 -7.28
C GLU X 274 -6.93 -78.72 -6.09
N VAL X 275 -8.19 -79.11 -5.86
CA VAL X 275 -8.95 -78.60 -4.74
C VAL X 275 -8.29 -79.02 -3.41
N GLN X 276 -7.94 -80.30 -3.31
CA GLN X 276 -7.32 -80.84 -2.09
C GLN X 276 -6.12 -80.04 -1.60
N PRO X 277 -5.08 -79.75 -2.43
CA PRO X 277 -3.93 -78.93 -1.97
C PRO X 277 -4.31 -77.71 -1.13
N ARG X 278 -5.21 -76.87 -1.67
CA ARG X 278 -5.72 -75.69 -0.97
C ARG X 278 -6.09 -76.03 0.47
N ALA X 279 -7.01 -76.98 0.64
CA ALA X 279 -7.43 -77.38 1.97
C ALA X 279 -6.30 -78.06 2.74
N ASN X 280 -5.53 -78.92 2.05
CA ASN X 280 -4.42 -79.61 2.69
C ASN X 280 -3.45 -78.64 3.36
N GLY X 281 -3.05 -77.60 2.63
CA GLY X 281 -2.16 -76.60 3.21
C GLY X 281 -2.79 -75.92 4.40
N GLN X 282 -4.05 -75.49 4.26
CA GLN X 282 -4.77 -74.85 5.36
C GLN X 282 -4.90 -75.79 6.56
N ALA X 283 -5.09 -77.08 6.30
CA ALA X 283 -5.23 -78.04 7.40
C ALA X 283 -3.96 -78.10 8.24
N GLN X 284 -2.80 -78.28 7.59
CA GLN X 284 -1.56 -78.31 8.35
C GLN X 284 -1.30 -76.96 9.02
N ARG X 285 -1.76 -75.87 8.40
CA ARG X 285 -1.58 -74.53 8.96
C ARG X 285 -2.19 -74.43 10.36
N ILE X 286 -3.50 -74.73 10.46
CA ILE X 286 -4.18 -74.66 11.76
C ILE X 286 -3.53 -75.60 12.77
N LEU X 287 -3.19 -76.82 12.33
CA LEU X 287 -2.50 -77.78 13.20
C LEU X 287 -1.31 -77.14 13.90
N GLU X 288 -0.36 -76.61 13.12
CA GLU X 288 0.79 -75.93 13.70
C GLU X 288 0.35 -74.70 14.49
N GLU X 289 -0.61 -73.96 13.95
CA GLU X 289 -1.11 -72.76 14.63
C GLU X 289 -1.65 -73.12 16.02
N ALA X 290 -2.54 -74.10 16.09
CA ALA X 290 -3.10 -74.49 17.38
C ALA X 290 -2.04 -75.15 18.25
N ARG X 291 -1.14 -75.93 17.65
CA ARG X 291 -0.07 -76.54 18.42
C ARG X 291 0.82 -75.47 19.06
N ALA X 292 0.98 -74.33 18.40
CA ALA X 292 1.77 -73.24 18.96
C ALA X 292 1.10 -72.70 20.21
N TYR X 293 -0.21 -72.45 20.13
CA TYR X 293 -0.97 -71.99 21.29
C TYR X 293 -0.83 -72.98 22.45
N LYS X 294 -1.01 -74.27 22.15
CA LYS X 294 -0.86 -75.29 23.18
C LYS X 294 0.56 -75.32 23.72
N ALA X 295 1.55 -75.22 22.83
CA ALA X 295 2.94 -75.17 23.26
C ALA X 295 3.18 -73.94 24.13
N GLN X 296 2.71 -72.78 23.68
CA GLN X 296 2.85 -71.56 24.46
C GLN X 296 2.06 -71.65 25.75
N THR X 297 0.85 -72.20 25.68
CA THR X 297 0.03 -72.37 26.88
C THR X 297 0.76 -73.20 27.93
N ILE X 298 1.31 -74.33 27.52
CA ILE X 298 2.08 -75.18 28.43
C ILE X 298 3.28 -74.42 28.96
N LEU X 299 4.05 -73.81 28.06
CA LEU X 299 5.23 -73.04 28.44
C LEU X 299 4.86 -71.92 29.43
N GLU X 300 3.98 -71.02 29.00
CA GLU X 300 3.54 -69.92 29.87
C GLU X 300 3.00 -70.45 31.19
N ALA X 301 2.17 -71.50 31.13
CA ALA X 301 1.66 -72.15 32.35
C ALA X 301 2.80 -72.53 33.27
N GLN X 302 3.79 -73.26 32.73
CA GLN X 302 4.95 -73.68 33.53
C GLN X 302 5.66 -72.46 34.11
N GLY X 303 5.86 -71.42 33.30
CA GLY X 303 6.50 -70.21 33.79
C GLY X 303 5.73 -69.61 34.95
N GLU X 304 4.42 -69.41 34.77
CA GLU X 304 3.58 -68.89 35.85
C GLU X 304 3.58 -69.84 37.03
N VAL X 305 3.51 -71.15 36.75
CA VAL X 305 3.57 -72.16 37.81
C VAL X 305 4.86 -72.01 38.58
N ALA X 306 5.98 -71.84 37.87
CA ALA X 306 7.27 -71.67 38.53
C ALA X 306 7.36 -70.31 39.22
N ARG X 307 6.67 -69.30 38.67
CA ARG X 307 6.68 -67.98 39.30
C ARG X 307 6.06 -68.04 40.68
N PHE X 308 4.92 -68.72 40.82
CA PHE X 308 4.27 -68.85 42.11
C PHE X 308 4.94 -69.90 42.98
N ALA X 309 5.64 -70.87 42.39
CA ALA X 309 6.35 -71.87 43.16
C ALA X 309 7.63 -71.34 43.79
N LYS X 310 8.02 -70.11 43.47
CA LYS X 310 9.21 -69.46 44.04
C LYS X 310 8.85 -68.39 45.05
N LEU X 311 7.69 -67.76 44.90
CA LEU X 311 7.23 -66.75 45.84
C LEU X 311 6.50 -67.37 47.02
N LEU X 312 5.88 -68.54 46.82
CA LEU X 312 5.17 -69.22 47.90
C LEU X 312 6.12 -69.63 49.01
N PRO X 313 7.25 -70.31 48.76
CA PRO X 313 8.16 -70.65 49.88
C PRO X 313 8.64 -69.42 50.62
N GLU X 314 9.00 -68.36 49.89
CA GLU X 314 9.45 -67.13 50.56
C GLU X 314 8.28 -66.43 51.22
N TYR X 315 7.07 -66.57 50.66
CA TYR X 315 5.90 -65.96 51.28
C TYR X 315 5.63 -66.60 52.63
N LYS X 316 5.71 -67.93 52.71
CA LYS X 316 5.48 -68.62 53.98
C LYS X 316 6.52 -68.22 55.01
N ALA X 317 7.73 -67.86 54.58
CA ALA X 317 8.76 -67.42 55.52
C ALA X 317 8.32 -66.18 56.28
N ALA X 318 7.72 -65.22 55.59
CA ALA X 318 7.24 -63.98 56.21
C ALA X 318 5.95 -63.56 55.51
N PRO X 319 4.84 -64.23 55.79
CA PRO X 319 3.57 -63.86 55.14
C PRO X 319 3.14 -62.42 55.36
N GLU X 320 3.19 -61.95 56.61
CA GLU X 320 2.77 -60.58 56.92
C GLU X 320 3.63 -59.56 56.18
N ILE X 321 4.94 -59.75 56.16
CA ILE X 321 5.83 -58.81 55.50
C ILE X 321 5.61 -58.84 53.99
N THR X 322 5.58 -60.04 53.41
CA THR X 322 5.39 -60.15 51.95
C THR X 322 4.02 -59.59 51.56
N ARG X 323 2.99 -59.90 52.34
CA ARG X 323 1.66 -59.36 52.05
C ARG X 323 1.66 -57.84 52.17
N GLU X 324 2.26 -57.31 53.25
CA GLU X 324 2.30 -55.87 53.46
C GLU X 324 3.08 -55.15 52.36
N ARG X 325 4.25 -55.68 51.98
CA ARG X 325 5.04 -55.02 50.93
C ARG X 325 4.29 -55.04 49.60
N LEU X 326 3.78 -56.22 49.20
CA LEU X 326 3.02 -56.33 47.96
C LEU X 326 1.81 -55.40 47.99
N TYR X 327 1.11 -55.35 49.12
CA TYR X 327 -0.06 -54.50 49.25
C TYR X 327 0.31 -53.03 49.13
N ILE X 328 1.28 -52.57 49.93
CA ILE X 328 1.70 -51.17 49.87
C ILE X 328 2.25 -50.85 48.48
N GLU X 329 2.99 -51.79 47.88
CA GLU X 329 3.53 -51.56 46.54
C GLU X 329 2.40 -51.48 45.53
N THR X 330 1.46 -52.44 45.60
CA THR X 330 0.31 -52.44 44.71
C THR X 330 -0.50 -51.16 44.86
N MET X 331 -0.63 -50.67 46.09
CA MET X 331 -1.43 -49.47 46.35
C MET X 331 -0.83 -48.24 45.68
N GLU X 332 0.47 -47.99 45.87
CA GLU X 332 1.09 -46.83 45.24
C GLU X 332 1.03 -46.89 43.72
N LYS X 333 0.86 -48.08 43.15
CA LYS X 333 0.72 -48.19 41.69
C LYS X 333 -0.65 -47.72 41.23
N VAL X 334 -1.71 -48.36 41.75
CA VAL X 334 -3.07 -47.96 41.41
C VAL X 334 -3.29 -46.48 41.70
N LEU X 335 -2.90 -46.03 42.90
CA LEU X 335 -3.07 -44.63 43.27
C LEU X 335 -2.23 -43.72 42.38
N GLY X 336 -1.04 -44.17 41.98
CA GLY X 336 -0.17 -43.35 41.15
C GLY X 336 -0.83 -42.86 39.87
N ASN X 337 -1.70 -43.68 39.28
CA ASN X 337 -2.38 -43.30 38.03
C ASN X 337 -3.79 -42.78 38.27
N THR X 338 -4.64 -43.57 38.93
CA THR X 338 -6.01 -43.13 39.21
C THR X 338 -6.02 -41.88 40.07
N ARG X 339 -7.05 -41.06 39.88
CA ARG X 339 -7.19 -39.85 40.69
C ARG X 339 -7.62 -40.24 42.10
N LYS X 340 -7.45 -39.30 43.03
CA LYS X 340 -7.82 -39.51 44.43
C LYS X 340 -8.68 -38.35 44.91
N VAL X 341 -9.44 -38.63 45.98
CA VAL X 341 -10.37 -37.68 46.58
C VAL X 341 -10.07 -37.47 48.06
N LEU X 342 -9.96 -38.56 48.84
CA LEU X 342 -9.67 -38.50 50.28
C LEU X 342 -10.70 -37.66 51.05
N VAL X 343 -11.95 -37.69 50.61
CA VAL X 343 -13.02 -36.92 51.23
C VAL X 343 -13.56 -37.66 52.45
N ASN X 344 -13.87 -36.89 53.49
CA ASN X 344 -14.43 -37.42 54.72
C ASN X 344 -15.71 -38.19 54.44
N ASP X 345 -15.97 -39.20 55.27
CA ASP X 345 -17.11 -40.09 55.11
C ASP X 345 -18.38 -39.43 55.64
N LYS X 346 -19.45 -40.22 55.73
CA LYS X 346 -20.78 -39.78 56.16
C LYS X 346 -21.38 -38.71 55.26
N GLY X 347 -20.97 -38.66 53.99
CA GLY X 347 -21.56 -37.76 53.02
C GLY X 347 -21.94 -38.50 51.76
N GLY X 348 -23.24 -38.51 51.43
CA GLY X 348 -23.72 -39.16 50.22
C GLY X 348 -23.82 -38.25 49.02
N ASN X 349 -22.72 -37.63 48.58
CA ASN X 349 -22.75 -36.73 47.45
C ASN X 349 -21.53 -36.89 46.55
N LEU X 350 -21.78 -36.94 45.24
CA LEU X 350 -20.71 -37.02 44.25
C LEU X 350 -21.29 -36.74 42.88
N MET X 351 -20.40 -36.46 41.93
CA MET X 351 -20.76 -36.20 40.53
C MET X 351 -19.98 -37.18 39.65
N VAL X 352 -20.65 -38.25 39.21
CA VAL X 352 -19.98 -39.24 38.35
C VAL X 352 -19.38 -38.58 37.10
N LEU X 353 -20.10 -37.61 36.53
CA LEU X 353 -19.70 -36.84 35.35
C LEU X 353 -19.02 -37.67 34.26
N PRO X 354 -19.71 -38.69 33.72
CA PRO X 354 -19.08 -39.53 32.69
C PRO X 354 -19.23 -38.96 31.29
N LEU X 355 -18.71 -39.66 30.30
CA LEU X 355 -18.77 -39.23 28.91
C LEU X 355 -18.84 -40.43 27.97
N LYS Y 31 -45.26 8.35 -70.43
CA LYS Y 31 -45.07 9.28 -69.33
C LYS Y 31 -46.08 9.02 -68.22
N VAL Y 32 -45.58 8.64 -67.04
CA VAL Y 32 -46.41 8.37 -65.88
C VAL Y 32 -46.21 9.52 -64.89
N ASP Y 33 -47.06 9.55 -63.87
CA ASP Y 33 -47.05 10.61 -62.87
C ASP Y 33 -46.11 10.25 -61.73
N TYR Y 34 -45.47 11.29 -61.18
CA TYR Y 34 -44.48 11.10 -60.12
C TYR Y 34 -45.10 10.53 -58.85
N SER Y 35 -46.33 10.91 -58.54
CA SER Y 35 -47.01 10.36 -57.36
C SER Y 35 -47.07 8.85 -57.43
N THR Y 36 -47.70 8.32 -58.48
CA THR Y 36 -47.79 6.87 -58.68
C THR Y 36 -46.43 6.22 -58.66
N PHE Y 37 -45.41 6.91 -59.20
CA PHE Y 37 -44.05 6.37 -59.17
C PHE Y 37 -43.59 6.16 -57.73
N LEU Y 38 -43.89 7.12 -56.85
CA LEU Y 38 -43.51 6.99 -55.45
C LEU Y 38 -44.24 5.81 -54.81
N GLN Y 39 -45.56 5.73 -55.01
CA GLN Y 39 -46.34 4.63 -54.45
C GLN Y 39 -45.85 3.29 -54.98
N GLU Y 40 -45.57 3.22 -56.29
CA GLU Y 40 -45.06 1.98 -56.86
C GLU Y 40 -43.70 1.63 -56.27
N VAL Y 41 -42.85 2.64 -56.06
CA VAL Y 41 -41.54 2.41 -55.45
C VAL Y 41 -41.70 1.85 -54.04
N ASN Y 42 -42.69 2.36 -53.30
CA ASN Y 42 -42.92 1.88 -51.94
C ASN Y 42 -43.31 0.41 -51.87
N ASN Y 43 -43.72 -0.19 -52.99
CA ASN Y 43 -44.09 -1.60 -53.02
C ASN Y 43 -42.95 -2.51 -53.44
N ASP Y 44 -41.76 -1.95 -53.72
CA ASP Y 44 -40.57 -2.74 -54.09
C ASP Y 44 -40.85 -3.60 -55.34
N GLN Y 45 -41.16 -2.92 -56.43
CA GLN Y 45 -41.43 -3.58 -57.71
C GLN Y 45 -40.54 -3.07 -58.84
N VAL Y 46 -39.46 -2.35 -58.52
CA VAL Y 46 -38.50 -1.87 -59.50
C VAL Y 46 -37.19 -2.61 -59.30
N ARG Y 47 -36.48 -2.91 -60.40
CA ARG Y 47 -35.18 -3.56 -60.34
C ARG Y 47 -34.05 -2.71 -60.91
N GLU Y 48 -34.34 -1.60 -61.58
CA GLU Y 48 -33.32 -0.73 -62.14
C GLU Y 48 -33.87 0.68 -62.24
N ALA Y 49 -33.00 1.66 -62.02
CA ALA Y 49 -33.39 3.07 -62.12
C ALA Y 49 -32.20 3.85 -62.66
N ARG Y 50 -32.46 4.72 -63.62
CA ARG Y 50 -31.45 5.56 -64.25
C ARG Y 50 -31.93 7.00 -64.20
N ILE Y 51 -31.03 7.93 -63.86
CA ILE Y 51 -31.37 9.34 -63.75
C ILE Y 51 -30.41 10.16 -64.60
N ASN Y 52 -30.96 10.98 -65.49
CA ASN Y 52 -30.22 11.90 -66.33
C ASN Y 52 -30.86 13.27 -66.16
N GLY Y 53 -30.10 14.24 -65.70
CA GLY Y 53 -30.67 15.57 -65.46
C GLY Y 53 -31.87 15.44 -64.52
N ARG Y 54 -33.04 15.88 -64.99
CA ARG Y 54 -34.27 15.80 -64.21
C ARG Y 54 -35.22 14.69 -64.65
N GLU Y 55 -34.89 13.91 -65.69
CA GLU Y 55 -35.79 12.85 -66.13
C GLU Y 55 -35.47 11.55 -65.40
N ILE Y 56 -36.41 10.61 -65.48
CA ILE Y 56 -36.28 9.32 -64.81
C ILE Y 56 -36.70 8.18 -65.74
N ASN Y 57 -35.75 7.48 -66.34
CA ASN Y 57 -36.05 6.33 -67.20
C ASN Y 57 -35.94 5.09 -66.33
N VAL Y 58 -37.02 4.32 -66.25
CA VAL Y 58 -37.12 3.15 -65.38
C VAL Y 58 -37.40 1.88 -66.16
N THR Y 59 -36.90 0.76 -65.62
CA THR Y 59 -37.13 -0.58 -66.12
C THR Y 59 -37.48 -1.35 -64.85
N LYS Y 60 -38.77 -1.64 -64.64
CA LYS Y 60 -39.20 -2.27 -63.40
C LYS Y 60 -38.94 -3.78 -63.40
N LYS Y 61 -39.41 -4.42 -62.32
CA LYS Y 61 -39.21 -5.86 -62.13
C LYS Y 61 -39.89 -6.69 -63.21
N ASP Y 62 -41.07 -6.25 -63.67
CA ASP Y 62 -41.83 -6.99 -64.66
C ASP Y 62 -41.46 -6.64 -66.09
N SER Y 63 -40.27 -6.08 -66.31
CA SER Y 63 -39.74 -5.70 -67.62
C SER Y 63 -40.43 -4.50 -68.24
N ASN Y 64 -41.44 -3.92 -67.60
CA ASN Y 64 -42.12 -2.77 -68.17
C ASN Y 64 -41.23 -1.54 -68.01
N ARG Y 65 -41.43 -0.57 -68.91
CA ARG Y 65 -40.66 0.67 -68.89
C ARG Y 65 -41.62 1.85 -68.95
N TYR Y 66 -41.15 2.98 -68.43
CA TYR Y 66 -41.92 4.22 -68.41
C TYR Y 66 -40.93 5.36 -68.26
N THR Y 67 -41.44 6.58 -68.06
CA THR Y 67 -40.60 7.74 -67.92
C THR Y 67 -41.30 8.76 -67.03
N THR Y 68 -40.51 9.48 -66.24
CA THR Y 68 -41.04 10.50 -65.34
C THR Y 68 -39.92 11.48 -65.03
N TYR Y 69 -40.32 12.70 -64.69
CA TYR Y 69 -39.41 13.78 -64.34
C TYR Y 69 -39.66 14.19 -62.90
N ILE Y 70 -38.58 14.37 -62.13
CA ILE Y 70 -38.77 14.77 -60.72
C ILE Y 70 -39.40 16.15 -60.70
N PRO Y 71 -40.49 16.40 -59.93
CA PRO Y 71 -41.07 17.75 -59.91
C PRO Y 71 -40.09 18.82 -59.45
N VAL Y 72 -39.53 18.63 -58.25
CA VAL Y 72 -38.54 19.53 -57.67
C VAL Y 72 -37.56 18.71 -56.85
N GLN Y 73 -36.52 19.37 -56.34
CA GLN Y 73 -35.57 18.74 -55.43
C GLN Y 73 -36.31 18.14 -54.23
N ASP Y 74 -35.94 16.91 -53.86
CA ASP Y 74 -36.57 16.22 -52.74
C ASP Y 74 -35.53 15.94 -51.66
N PRO Y 75 -35.82 16.19 -50.36
CA PRO Y 75 -34.81 15.95 -49.32
C PRO Y 75 -34.61 14.49 -48.95
N LYS Y 76 -35.69 13.70 -48.98
CA LYS Y 76 -35.67 12.30 -48.56
C LYS Y 76 -35.93 11.30 -49.67
N LEU Y 77 -36.14 11.75 -50.91
CA LEU Y 77 -36.40 10.81 -52.00
C LEU Y 77 -35.26 9.81 -52.15
N LEU Y 78 -34.03 10.30 -52.21
CA LEU Y 78 -32.88 9.41 -52.32
C LEU Y 78 -32.77 8.47 -51.13
N ASP Y 79 -33.13 8.96 -49.94
CA ASP Y 79 -33.07 8.14 -48.72
C ASP Y 79 -33.96 6.91 -48.85
N ASN Y 80 -35.26 7.12 -49.05
CA ASN Y 80 -36.22 6.01 -49.15
C ASN Y 80 -35.80 4.97 -50.19
N LEU Y 81 -35.13 5.39 -51.27
CA LEU Y 81 -34.72 4.45 -52.30
C LEU Y 81 -33.72 3.42 -51.76
N LEU Y 82 -32.65 3.88 -51.11
CA LEU Y 82 -31.64 2.97 -50.59
C LEU Y 82 -32.15 2.12 -49.43
N THR Y 83 -33.11 2.64 -48.66
CA THR Y 83 -33.64 1.90 -47.52
C THR Y 83 -34.26 0.56 -47.95
N LYS Y 84 -34.95 0.55 -49.10
CA LYS Y 84 -35.63 -0.65 -49.59
C LYS Y 84 -34.78 -1.41 -50.61
N ASN Y 85 -33.50 -1.07 -50.76
CA ASN Y 85 -32.57 -1.75 -51.65
C ASN Y 85 -33.06 -1.75 -53.10
N VAL Y 86 -33.35 -0.56 -53.63
CA VAL Y 86 -33.74 -0.38 -55.02
C VAL Y 86 -32.46 0.00 -55.77
N LYS Y 87 -32.35 -0.44 -57.02
CA LYS Y 87 -31.15 -0.17 -57.80
C LYS Y 87 -31.27 1.18 -58.50
N VAL Y 88 -30.19 1.94 -58.48
CA VAL Y 88 -30.10 3.26 -59.10
C VAL Y 88 -28.81 3.35 -59.91
N VAL Y 89 -28.84 4.16 -60.97
CA VAL Y 89 -27.69 4.35 -61.84
C VAL Y 89 -27.63 5.81 -62.28
N GLY Y 90 -26.42 6.36 -62.31
CA GLY Y 90 -26.19 7.72 -62.76
C GLY Y 90 -25.43 7.71 -64.07
N GLU Y 91 -25.44 8.82 -64.79
CA GLU Y 91 -24.76 8.95 -66.07
C GLU Y 91 -23.81 10.14 -66.06
N PRO Y 92 -22.72 10.09 -66.83
CA PRO Y 92 -21.78 11.22 -66.86
C PRO Y 92 -22.41 12.42 -67.55
N PRO Y 93 -21.77 13.58 -67.50
CA PRO Y 93 -22.31 14.76 -68.19
C PRO Y 93 -21.91 14.79 -69.66
N GLU Y 94 -22.79 15.36 -70.47
CA GLU Y 94 -22.58 15.46 -71.91
C GLU Y 94 -21.87 16.77 -72.21
N GLU Y 95 -20.60 16.68 -72.59
CA GLU Y 95 -19.80 17.85 -72.93
C GLU Y 95 -20.08 18.25 -74.38
N PRO Y 96 -20.49 19.48 -74.67
CA PRO Y 96 -20.78 19.84 -76.06
C PRO Y 96 -19.54 19.85 -76.95
N SER Y 97 -19.74 19.49 -78.21
CA SER Y 97 -18.66 19.45 -79.17
C SER Y 97 -18.15 20.85 -79.50
N LYS Z 31 -56.84 34.54 -59.97
CA LYS Z 31 -55.71 33.88 -59.33
C LYS Z 31 -55.98 33.66 -57.84
N VAL Z 32 -55.63 32.47 -57.34
CA VAL Z 32 -55.84 32.09 -55.96
C VAL Z 32 -54.52 32.19 -55.22
N ASP Z 33 -54.54 32.87 -54.07
CA ASP Z 33 -53.34 33.07 -53.27
C ASP Z 33 -52.71 31.74 -52.85
N TYR Z 34 -51.38 31.76 -52.76
CA TYR Z 34 -50.60 30.58 -52.35
C TYR Z 34 -51.06 30.02 -51.01
N SER Z 35 -51.27 30.91 -50.03
CA SER Z 35 -51.64 30.48 -48.68
C SER Z 35 -52.96 29.70 -48.67
N THR Z 36 -54.00 30.24 -49.33
CA THR Z 36 -55.29 29.56 -49.39
C THR Z 36 -55.16 28.14 -49.92
N PHE Z 37 -54.24 27.92 -50.88
CA PHE Z 37 -54.02 26.57 -51.39
C PHE Z 37 -53.60 25.63 -50.27
N LEU Z 38 -52.71 26.08 -49.39
CA LEU Z 38 -52.28 25.24 -48.27
C LEU Z 38 -53.45 24.88 -47.38
N GLN Z 39 -54.28 25.87 -47.02
CA GLN Z 39 -55.44 25.60 -46.19
C GLN Z 39 -56.41 24.65 -46.87
N GLU Z 40 -56.58 24.81 -48.19
CA GLU Z 40 -57.48 23.91 -48.91
C GLU Z 40 -56.89 22.51 -49.02
N VAL Z 41 -55.56 22.39 -49.05
CA VAL Z 41 -54.92 21.08 -49.08
C VAL Z 41 -55.25 20.32 -47.80
N ASN Z 42 -55.14 21.02 -46.67
CA ASN Z 42 -55.43 20.40 -45.37
C ASN Z 42 -56.86 19.88 -45.30
N ASN Z 43 -57.79 20.55 -45.99
CA ASN Z 43 -59.19 20.14 -45.98
C ASN Z 43 -59.46 18.96 -46.93
N ASP Z 44 -58.49 18.56 -47.75
CA ASP Z 44 -58.64 17.44 -48.68
C ASP Z 44 -59.77 17.72 -49.68
N GLN Z 45 -59.70 18.89 -50.31
CA GLN Z 45 -60.68 19.34 -51.29
C GLN Z 45 -60.10 19.47 -52.69
N VAL Z 46 -58.86 19.01 -52.91
CA VAL Z 46 -58.20 19.08 -54.21
C VAL Z 46 -58.03 17.66 -54.73
N ARG Z 47 -58.10 17.52 -56.06
CA ARG Z 47 -57.97 16.21 -56.71
C ARG Z 47 -56.55 15.94 -57.15
N GLU Z 48 -55.93 16.88 -57.87
CA GLU Z 48 -54.55 16.71 -58.31
C GLU Z 48 -54.00 18.09 -58.66
N ALA Z 49 -52.69 18.15 -58.89
CA ALA Z 49 -52.03 19.39 -59.26
C ALA Z 49 -50.77 19.08 -60.05
N ARG Z 50 -50.42 19.99 -60.97
CA ARG Z 50 -49.22 19.87 -61.79
C ARG Z 50 -48.26 20.98 -61.40
N ILE Z 51 -47.05 20.61 -60.99
CA ILE Z 51 -46.02 21.57 -60.59
C ILE Z 51 -45.02 21.74 -61.73
N ASN Z 52 -44.67 22.98 -62.02
CA ASN Z 52 -43.67 23.31 -63.03
C ASN Z 52 -43.02 24.61 -62.59
N GLY Z 53 -41.69 24.67 -62.60
CA GLY Z 53 -41.00 25.88 -62.16
C GLY Z 53 -41.48 26.23 -60.76
N ARG Z 54 -41.82 27.51 -60.57
CA ARG Z 54 -42.38 27.97 -59.30
C ARG Z 54 -43.87 28.26 -59.42
N GLU Z 55 -44.48 28.00 -60.59
CA GLU Z 55 -45.92 28.18 -60.80
C GLU Z 55 -46.60 26.84 -60.58
N ILE Z 56 -47.68 26.83 -59.78
CA ILE Z 56 -48.43 25.62 -59.49
C ILE Z 56 -49.82 25.77 -60.10
N ASN Z 57 -50.07 25.08 -61.21
CA ASN Z 57 -51.39 25.07 -61.82
C ASN Z 57 -52.12 23.89 -61.20
N VAL Z 58 -53.35 24.10 -60.76
CA VAL Z 58 -54.07 23.07 -60.03
C VAL Z 58 -55.57 23.13 -60.33
N THR Z 59 -56.18 21.95 -60.32
CA THR Z 59 -57.62 21.75 -60.48
C THR Z 59 -58.09 21.03 -59.23
N LYS Z 60 -59.18 21.50 -58.64
CA LYS Z 60 -59.69 20.93 -57.40
C LYS Z 60 -60.91 20.04 -57.66
N LYS Z 61 -61.37 19.38 -56.59
CA LYS Z 61 -62.48 18.43 -56.66
C LYS Z 61 -63.73 19.00 -57.30
N ASP Z 62 -63.97 20.32 -57.20
CA ASP Z 62 -65.14 20.95 -57.78
C ASP Z 62 -64.87 21.49 -59.19
N SER Z 63 -63.88 20.91 -59.89
CA SER Z 63 -63.51 21.27 -61.26
C SER Z 63 -63.30 22.77 -61.45
N ASN Z 64 -62.44 23.35 -60.59
CA ASN Z 64 -62.05 24.74 -60.69
C ASN Z 64 -60.54 24.78 -60.89
N ARG Z 65 -60.10 25.31 -62.04
CA ARG Z 65 -58.69 25.37 -62.39
C ARG Z 65 -58.16 26.78 -62.10
N TYR Z 66 -57.07 26.85 -61.34
CA TYR Z 66 -56.41 28.11 -61.02
C TYR Z 66 -54.91 27.86 -60.94
N THR Z 67 -54.15 28.95 -60.82
CA THR Z 67 -52.69 28.88 -60.73
C THR Z 67 -52.16 29.82 -59.67
N THR Z 68 -51.17 29.35 -58.91
CA THR Z 68 -50.49 30.14 -57.87
C THR Z 68 -48.98 30.08 -58.12
N TYR Z 69 -48.23 30.78 -57.27
CA TYR Z 69 -46.77 30.86 -57.37
C TYR Z 69 -46.12 30.64 -56.01
N ILE Z 70 -45.01 29.89 -56.00
CA ILE Z 70 -44.29 29.58 -54.76
C ILE Z 70 -43.61 30.86 -54.25
N PRO Z 71 -43.88 31.34 -53.02
CA PRO Z 71 -43.15 32.53 -52.56
C PRO Z 71 -41.65 32.27 -52.38
N VAL Z 72 -41.32 31.19 -51.68
CA VAL Z 72 -39.93 30.80 -51.43
C VAL Z 72 -39.87 29.28 -51.31
N GLN Z 73 -38.65 28.75 -51.32
CA GLN Z 73 -38.43 27.31 -51.16
C GLN Z 73 -39.02 26.82 -49.85
N ASP Z 74 -39.79 25.73 -49.93
CA ASP Z 74 -40.43 25.13 -48.76
C ASP Z 74 -40.22 23.62 -48.83
N PRO Z 75 -39.33 23.03 -48.02
CA PRO Z 75 -39.13 21.58 -48.12
C PRO Z 75 -40.29 20.77 -47.56
N LYS Z 76 -41.00 21.28 -46.57
CA LYS Z 76 -42.13 20.56 -46.00
C LYS Z 76 -43.34 20.54 -46.95
N LEU Z 77 -43.30 21.31 -48.04
CA LEU Z 77 -44.40 21.31 -49.01
C LEU Z 77 -44.66 19.91 -49.53
N LEU Z 78 -43.64 19.25 -50.07
CA LEU Z 78 -43.81 17.89 -50.58
C LEU Z 78 -44.23 16.95 -49.46
N ASP Z 79 -43.63 17.09 -48.28
CA ASP Z 79 -44.01 16.26 -47.14
C ASP Z 79 -45.47 16.44 -46.80
N ASN Z 80 -45.96 17.69 -46.85
CA ASN Z 80 -47.37 17.96 -46.55
C ASN Z 80 -48.28 17.34 -47.59
N LEU Z 81 -47.93 17.47 -48.87
CA LEU Z 81 -48.76 16.88 -49.92
C LEU Z 81 -48.74 15.36 -49.86
N LEU Z 82 -47.57 14.77 -49.56
CA LEU Z 82 -47.49 13.32 -49.46
C LEU Z 82 -48.28 12.79 -48.28
N THR Z 83 -48.17 13.47 -47.13
CA THR Z 83 -48.93 13.05 -45.95
C THR Z 83 -50.43 13.21 -46.18
N LYS Z 84 -50.82 14.16 -47.02
CA LYS Z 84 -52.21 14.42 -47.34
C LYS Z 84 -52.73 13.52 -48.46
N ASN Z 85 -51.88 12.70 -49.07
CA ASN Z 85 -52.22 11.80 -50.17
C ASN Z 85 -52.74 12.52 -51.42
N VAL Z 86 -52.61 13.84 -51.49
CA VAL Z 86 -53.07 14.57 -52.66
C VAL Z 86 -52.16 14.22 -53.84
N LYS Z 87 -52.75 14.20 -55.03
CA LYS Z 87 -52.02 13.83 -56.24
C LYS Z 87 -51.18 15.00 -56.75
N VAL Z 88 -49.96 14.69 -57.18
CA VAL Z 88 -49.05 15.67 -57.74
C VAL Z 88 -48.34 15.05 -58.94
N VAL Z 89 -48.15 15.85 -59.99
CA VAL Z 89 -47.46 15.41 -61.20
C VAL Z 89 -46.39 16.43 -61.57
N GLY Z 90 -45.18 15.93 -61.91
CA GLY Z 90 -44.11 16.80 -62.32
C GLY Z 90 -44.23 17.23 -63.77
N GLU Z 91 -43.38 18.18 -64.16
CA GLU Z 91 -43.35 18.72 -65.52
C GLU Z 91 -41.95 18.54 -66.11
N PRO Z 92 -41.81 18.09 -67.36
CA PRO Z 92 -40.48 17.93 -67.94
C PRO Z 92 -39.69 19.23 -67.89
N PRO Z 93 -38.35 19.13 -67.81
CA PRO Z 93 -37.53 20.36 -67.79
C PRO Z 93 -37.70 21.17 -69.06
N GLU Z 94 -38.22 22.40 -68.90
CA GLU Z 94 -38.43 23.27 -70.04
C GLU Z 94 -37.09 23.67 -70.66
N GLU Z 95 -37.03 23.65 -71.99
CA GLU Z 95 -35.81 24.01 -72.72
C GLU Z 95 -36.20 24.67 -74.04
N PRO Z 96 -35.71 25.91 -74.36
CA PRO Z 96 -36.07 26.53 -75.64
C PRO Z 96 -35.25 25.96 -76.79
N SER Z 97 -35.92 25.23 -77.66
CA SER Z 97 -35.25 24.61 -78.82
C SER Z 97 -34.68 25.67 -79.74
N LYS AA 31 -36.23 50.32 -45.20
CA LYS AA 31 -36.67 51.51 -44.47
C LYS AA 31 -36.69 51.28 -42.97
N VAL AA 32 -36.79 50.02 -42.54
CA VAL AA 32 -36.82 49.66 -41.13
C VAL AA 32 -35.87 48.48 -40.93
N ASP AA 33 -35.44 48.30 -39.68
CA ASP AA 33 -34.53 47.21 -39.34
C ASP AA 33 -35.18 45.87 -39.63
N TYR AA 34 -34.36 44.91 -40.06
CA TYR AA 34 -34.87 43.57 -40.36
C TYR AA 34 -35.34 42.88 -39.09
N SER AA 35 -34.61 43.06 -37.99
CA SER AA 35 -34.99 42.44 -36.73
C SER AA 35 -36.32 43.00 -36.22
N THR AA 36 -36.53 44.31 -36.38
CA THR AA 36 -37.78 44.94 -35.97
C THR AA 36 -38.98 44.23 -36.60
N PHE AA 37 -38.88 43.93 -37.90
CA PHE AA 37 -39.92 43.18 -38.61
C PHE AA 37 -40.31 41.92 -37.85
N LEU AA 38 -39.32 41.19 -37.33
CA LEU AA 38 -39.59 39.96 -36.61
C LEU AA 38 -40.38 40.22 -35.32
N GLN AA 39 -39.91 41.17 -34.50
CA GLN AA 39 -40.59 41.43 -33.24
C GLN AA 39 -41.99 41.97 -33.43
N GLU AA 40 -42.20 42.85 -34.41
CA GLU AA 40 -43.56 43.34 -34.63
C GLU AA 40 -44.44 42.24 -35.23
N VAL AA 41 -43.85 41.31 -35.97
CA VAL AA 41 -44.61 40.19 -36.51
C VAL AA 41 -45.00 39.23 -35.39
N ASN AA 42 -44.09 39.03 -34.42
CA ASN AA 42 -44.37 38.16 -33.28
C ASN AA 42 -45.58 38.64 -32.49
N ASN AA 43 -45.88 39.93 -32.52
CA ASN AA 43 -47.01 40.51 -31.82
C ASN AA 43 -48.23 40.71 -32.72
N ASP AA 44 -48.20 40.18 -33.95
CA ASP AA 44 -49.32 40.21 -34.90
C ASP AA 44 -49.81 41.63 -35.23
N GLN AA 45 -48.91 42.44 -35.80
CA GLN AA 45 -49.24 43.79 -36.25
C GLN AA 45 -49.26 43.90 -37.78
N VAL AA 46 -49.17 42.77 -38.50
CA VAL AA 46 -49.14 42.76 -39.97
C VAL AA 46 -50.44 42.15 -40.48
N ARG AA 47 -51.12 42.87 -41.37
CA ARG AA 47 -52.35 42.36 -41.95
C ARG AA 47 -52.08 41.25 -42.97
N GLU AA 48 -51.21 41.52 -43.95
CA GLU AA 48 -50.89 40.56 -44.99
C GLU AA 48 -49.42 40.65 -45.36
N ALA AA 49 -48.84 39.50 -45.71
CA ALA AA 49 -47.42 39.39 -46.10
C ALA AA 49 -47.29 38.81 -47.51
N ARG AA 50 -47.01 39.68 -48.49
CA ARG AA 50 -46.80 39.27 -49.89
C ARG AA 50 -45.32 39.49 -50.19
N ILE AA 51 -44.62 38.43 -50.58
CA ILE AA 51 -43.18 38.47 -50.82
C ILE AA 51 -42.85 38.29 -52.29
N ASN AA 52 -41.94 39.11 -52.78
CA ASN AA 52 -41.41 39.07 -54.13
C ASN AA 52 -39.91 39.34 -54.01
N GLY AA 53 -39.11 38.65 -54.83
CA GLY AA 53 -37.66 38.76 -54.81
C GLY AA 53 -37.03 38.81 -53.42
N ARG AA 54 -36.24 39.85 -53.15
CA ARG AA 54 -35.60 40.05 -51.85
C ARG AA 54 -36.06 41.33 -51.15
N GLU AA 55 -37.09 42.00 -51.67
CA GLU AA 55 -37.63 43.22 -51.09
C GLU AA 55 -39.11 43.00 -50.82
N ILE AA 56 -39.52 43.17 -49.56
CA ILE AA 56 -40.89 42.94 -49.16
C ILE AA 56 -41.40 44.15 -48.39
N ASN AA 57 -42.60 44.61 -48.74
CA ASN AA 57 -43.26 45.70 -48.05
C ASN AA 57 -44.28 45.09 -47.09
N VAL AA 58 -44.48 45.77 -45.96
CA VAL AA 58 -45.40 45.31 -44.94
C VAL AA 58 -46.66 46.16 -44.98
N THR AA 59 -47.76 45.58 -44.52
CA THR AA 59 -49.07 46.24 -44.48
C THR AA 59 -49.55 46.07 -43.04
N LYS AA 60 -49.19 47.05 -42.21
CA LYS AA 60 -49.52 47.02 -40.80
C LYS AA 60 -51.02 47.30 -40.57
N LYS AA 61 -51.47 46.97 -39.37
CA LYS AA 61 -52.87 47.17 -38.99
C LYS AA 61 -53.28 48.63 -39.15
N ASP AA 62 -52.35 49.57 -38.97
CA ASP AA 62 -52.64 50.99 -39.09
C ASP AA 62 -52.39 51.54 -40.49
N SER AA 63 -52.44 50.69 -41.51
CA SER AA 63 -52.27 51.06 -42.92
C SER AA 63 -50.88 51.59 -43.25
N ASN AA 64 -49.93 51.57 -42.31
CA ASN AA 64 -48.59 52.07 -42.59
C ASN AA 64 -47.93 51.22 -43.67
N ARG AA 65 -47.01 51.83 -44.41
CA ARG AA 65 -46.29 51.16 -45.48
C ARG AA 65 -44.81 51.55 -45.43
N TYR AA 66 -43.95 50.56 -45.67
CA TYR AA 66 -42.50 50.77 -45.71
C TYR AA 66 -41.87 49.51 -46.33
N THR AA 67 -40.55 49.56 -46.50
CA THR AA 67 -39.78 48.48 -47.09
C THR AA 67 -38.73 47.98 -46.13
N THR AA 68 -38.53 46.66 -46.11
CA THR AA 68 -37.53 46.00 -45.27
C THR AA 68 -36.60 45.19 -46.16
N TYR AA 69 -35.51 44.71 -45.58
CA TYR AA 69 -34.51 43.93 -46.30
C TYR AA 69 -34.27 42.60 -45.59
N ILE AA 70 -33.94 41.58 -46.38
CA ILE AA 70 -33.65 40.24 -45.89
C ILE AA 70 -32.14 40.07 -45.91
N PRO AA 71 -31.46 39.95 -44.74
CA PRO AA 71 -29.99 39.80 -44.79
C PRO AA 71 -29.54 38.51 -45.45
N VAL AA 72 -30.08 37.37 -45.04
CA VAL AA 72 -29.73 36.08 -45.63
C VAL AA 72 -30.95 35.17 -45.59
N GLN AA 73 -30.87 34.07 -46.33
CA GLN AA 73 -31.93 33.06 -46.34
C GLN AA 73 -32.13 32.51 -44.93
N ASP AA 74 -33.39 32.46 -44.49
CA ASP AA 74 -33.73 31.96 -43.16
C ASP AA 74 -34.64 30.74 -43.31
N PRO AA 75 -34.28 29.55 -42.81
CA PRO AA 75 -35.18 28.40 -42.97
C PRO AA 75 -36.49 28.53 -42.24
N LYS AA 76 -36.51 29.17 -41.05
CA LYS AA 76 -37.71 29.26 -40.24
C LYS AA 76 -38.55 30.51 -40.49
N LEU AA 77 -38.09 31.46 -41.32
CA LEU AA 77 -38.91 32.63 -41.61
C LEU AA 77 -40.29 32.23 -42.12
N LEU AA 78 -40.32 31.36 -43.15
CA LEU AA 78 -41.59 30.88 -43.66
C LEU AA 78 -42.34 30.10 -42.60
N ASP AA 79 -41.61 29.30 -41.81
CA ASP AA 79 -42.23 28.51 -40.74
C ASP AA 79 -42.85 29.42 -39.69
N ASN AA 80 -42.14 30.48 -39.29
CA ASN AA 80 -42.65 31.39 -38.27
C ASN AA 80 -43.96 32.04 -38.71
N LEU AA 81 -44.04 32.47 -39.97
CA LEU AA 81 -45.26 33.12 -40.45
C LEU AA 81 -46.46 32.18 -40.36
N LEU AA 82 -46.33 30.95 -40.87
CA LEU AA 82 -47.45 30.01 -40.80
C LEU AA 82 -47.74 29.59 -39.36
N THR AA 83 -46.78 29.74 -38.45
CA THR AA 83 -47.01 29.37 -37.05
C THR AA 83 -48.11 30.24 -36.43
N LYS AA 84 -48.11 31.54 -36.75
CA LYS AA 84 -49.08 32.49 -36.21
C LYS AA 84 -50.15 32.85 -37.23
N ASN AA 85 -50.55 31.90 -38.07
CA ASN AA 85 -51.59 32.05 -39.09
C ASN AA 85 -51.39 33.31 -39.95
N VAL AA 86 -50.14 33.72 -40.16
CA VAL AA 86 -49.88 34.89 -40.98
C VAL AA 86 -50.16 34.55 -42.44
N LYS AA 87 -50.79 35.49 -43.14
CA LYS AA 87 -51.14 35.28 -44.54
C LYS AA 87 -49.91 35.44 -45.42
N VAL AA 88 -49.58 34.40 -46.19
CA VAL AA 88 -48.46 34.41 -47.11
C VAL AA 88 -49.03 34.48 -48.53
N VAL AA 89 -48.35 35.20 -49.41
CA VAL AA 89 -48.77 35.33 -50.81
C VAL AA 89 -47.55 35.31 -51.71
N GLY AA 90 -47.67 34.60 -52.84
CA GLY AA 90 -46.61 34.55 -53.83
C GLY AA 90 -46.88 35.57 -54.94
N GLU AA 91 -45.89 35.74 -55.80
CA GLU AA 91 -45.98 36.66 -56.94
C GLU AA 91 -45.49 35.98 -58.20
N PRO AA 92 -45.95 36.43 -59.38
CA PRO AA 92 -45.49 35.83 -60.63
C PRO AA 92 -44.10 36.32 -60.99
N PRO AA 93 -43.43 35.69 -61.94
CA PRO AA 93 -42.10 36.18 -62.35
C PRO AA 93 -42.23 37.32 -63.36
N GLU AA 94 -41.37 38.32 -63.22
CA GLU AA 94 -41.36 39.48 -64.11
C GLU AA 94 -40.30 39.25 -65.17
N GLU AA 95 -40.67 38.55 -66.23
CA GLU AA 95 -39.74 38.27 -67.32
C GLU AA 95 -39.61 39.51 -68.21
N PRO AA 96 -38.40 39.96 -68.55
CA PRO AA 96 -38.27 41.17 -69.38
C PRO AA 96 -38.89 41.01 -70.76
N SER AA 97 -39.57 42.07 -71.20
CA SER AA 97 -40.22 42.07 -72.50
C SER AA 97 -39.19 41.99 -73.62
N LYS BA 31 -9.95 44.55 -40.66
CA LYS BA 31 -10.09 43.14 -41.00
C LYS BA 31 -9.93 42.27 -39.75
N VAL BA 32 -10.99 41.51 -39.44
CA VAL BA 32 -11.03 40.62 -38.29
C VAL BA 32 -11.47 39.25 -38.77
N ASP BA 33 -10.80 38.21 -38.26
CA ASP BA 33 -11.10 36.84 -38.68
C ASP BA 33 -12.49 36.41 -38.19
N TYR BA 34 -13.14 35.57 -39.00
CA TYR BA 34 -14.48 35.10 -38.67
C TYR BA 34 -14.51 34.42 -37.31
N SER BA 35 -13.49 33.60 -37.00
CA SER BA 35 -13.44 32.96 -35.68
C SER BA 35 -13.46 34.00 -34.58
N THR BA 36 -12.63 35.05 -34.71
CA THR BA 36 -12.61 36.12 -33.73
C THR BA 36 -13.91 36.89 -33.70
N PHE BA 37 -14.61 36.95 -34.84
CA PHE BA 37 -15.91 37.64 -34.89
C PHE BA 37 -16.91 36.97 -33.98
N LEU BA 38 -16.92 35.64 -33.96
CA LEU BA 38 -17.84 34.91 -33.09
C LEU BA 38 -17.56 35.22 -31.62
N GLN BA 39 -16.28 35.34 -31.26
CA GLN BA 39 -15.91 35.62 -29.87
C GLN BA 39 -16.46 36.93 -29.34
N GLU BA 40 -16.76 37.89 -30.21
CA GLU BA 40 -17.32 39.17 -29.78
C GLU BA 40 -18.84 39.19 -29.81
N VAL BA 41 -19.46 38.62 -30.84
CA VAL BA 41 -20.93 38.61 -30.92
C VAL BA 41 -21.53 37.76 -29.81
N ASN BA 42 -20.85 36.68 -29.40
CA ASN BA 42 -21.38 35.82 -28.34
C ASN BA 42 -21.32 36.49 -26.96
N ASN BA 43 -20.71 37.67 -26.85
CA ASN BA 43 -20.60 38.42 -25.62
C ASN BA 43 -21.52 39.64 -25.60
N ASP BA 44 -22.28 39.88 -26.67
CA ASP BA 44 -23.20 41.00 -26.77
C ASP BA 44 -22.48 42.34 -26.61
N GLN BA 45 -21.53 42.60 -27.51
CA GLN BA 45 -20.78 43.84 -27.55
C GLN BA 45 -20.90 44.54 -28.89
N VAL BA 46 -21.80 44.09 -29.77
CA VAL BA 46 -22.01 44.67 -31.10
C VAL BA 46 -23.45 45.12 -31.20
N ARG BA 47 -23.68 46.36 -31.64
CA ARG BA 47 -25.04 46.88 -31.75
C ARG BA 47 -25.64 46.67 -33.14
N GLU BA 48 -24.92 47.01 -34.22
CA GLU BA 48 -25.43 46.88 -35.58
C GLU BA 48 -24.35 46.34 -36.50
N ALA BA 49 -24.76 45.52 -37.47
CA ALA BA 49 -23.87 44.96 -38.49
C ALA BA 49 -24.53 45.07 -39.85
N ARG BA 50 -23.77 45.52 -40.85
CA ARG BA 50 -24.29 45.61 -42.21
C ARG BA 50 -24.16 44.25 -42.87
N ILE BA 51 -25.19 43.85 -43.62
CA ILE BA 51 -25.20 42.56 -44.31
C ILE BA 51 -25.43 42.79 -45.81
N ASN BA 52 -24.55 42.20 -46.61
CA ASN BA 52 -24.64 42.22 -48.07
C ASN BA 52 -23.66 41.19 -48.59
N GLY BA 53 -24.09 40.40 -49.59
CA GLY BA 53 -23.24 39.35 -50.13
C GLY BA 53 -22.77 38.46 -49.00
N ARG BA 54 -21.44 38.31 -48.90
CA ARG BA 54 -20.81 37.60 -47.80
C ARG BA 54 -19.94 38.55 -46.96
N GLU BA 55 -19.91 39.84 -47.28
CA GLU BA 55 -19.16 40.84 -46.54
C GLU BA 55 -20.02 41.39 -45.41
N ILE BA 56 -19.38 41.74 -44.30
CA ILE BA 56 -20.06 42.27 -43.13
C ILE BA 56 -19.28 43.47 -42.61
N ASN BA 57 -19.91 44.65 -42.64
CA ASN BA 57 -19.31 45.88 -42.13
C ASN BA 57 -19.84 46.05 -40.71
N VAL BA 58 -18.97 45.80 -39.74
CA VAL BA 58 -19.34 45.82 -38.32
C VAL BA 58 -19.23 47.22 -37.73
N THR BA 59 -20.22 47.57 -36.91
CA THR BA 59 -20.27 48.81 -36.16
C THR BA 59 -20.72 48.37 -34.77
N LYS BA 60 -19.77 48.23 -33.84
CA LYS BA 60 -20.10 47.70 -32.53
C LYS BA 60 -20.42 48.81 -31.53
N LYS BA 61 -20.60 48.42 -30.26
CA LYS BA 61 -21.06 49.32 -29.20
C LYS BA 61 -20.04 50.32 -28.69
N ASP BA 62 -18.75 50.20 -29.04
CA ASP BA 62 -17.75 51.15 -28.55
C ASP BA 62 -17.48 52.29 -29.55
N SER BA 63 -18.43 52.53 -30.46
CA SER BA 63 -18.34 53.57 -31.49
C SER BA 63 -17.25 53.30 -32.53
N ASN BA 64 -16.72 52.07 -32.59
CA ASN BA 64 -15.71 51.68 -33.55
C ASN BA 64 -16.38 50.89 -34.67
N ARG BA 65 -15.81 50.98 -35.87
CA ARG BA 65 -16.33 50.27 -37.03
C ARG BA 65 -15.19 49.60 -37.78
N TYR BA 66 -15.51 48.47 -38.40
CA TYR BA 66 -14.53 47.70 -39.17
C TYR BA 66 -15.32 46.79 -40.11
N THR BA 67 -14.62 45.87 -40.77
CA THR BA 67 -15.24 44.96 -41.72
C THR BA 67 -14.75 43.53 -41.51
N THR BA 68 -15.60 42.57 -41.85
CA THR BA 68 -15.29 41.15 -41.75
C THR BA 68 -16.04 40.44 -42.87
N TYR BA 69 -15.53 39.27 -43.24
CA TYR BA 69 -16.08 38.47 -44.33
C TYR BA 69 -16.52 37.10 -43.83
N ILE BA 70 -17.60 36.59 -44.41
CA ILE BA 70 -18.14 35.27 -44.10
C ILE BA 70 -17.60 34.31 -45.16
N PRO BA 71 -16.81 33.27 -44.79
CA PRO BA 71 -16.27 32.41 -45.86
C PRO BA 71 -17.20 31.39 -46.48
N VAL BA 72 -18.13 30.81 -45.71
CA VAL BA 72 -19.07 29.82 -46.22
C VAL BA 72 -20.46 30.11 -45.69
N GLN BA 73 -21.40 29.25 -46.08
CA GLN BA 73 -22.78 29.33 -45.60
C GLN BA 73 -22.86 28.63 -44.24
N ASP BA 74 -23.47 29.29 -43.27
CA ASP BA 74 -23.61 28.75 -41.92
C ASP BA 74 -25.09 28.80 -41.54
N PRO BA 75 -25.71 27.67 -41.13
CA PRO BA 75 -27.13 27.75 -40.77
C PRO BA 75 -27.39 28.35 -39.40
N LYS BA 76 -26.38 28.44 -38.53
CA LYS BA 76 -26.53 29.01 -37.21
C LYS BA 76 -26.00 30.44 -37.13
N LEU BA 77 -25.83 31.11 -38.28
CA LEU BA 77 -25.37 32.49 -38.27
C LEU BA 77 -26.50 33.41 -37.84
N LEU BA 78 -27.59 33.41 -38.60
CA LEU BA 78 -28.76 34.24 -38.26
C LEU BA 78 -29.36 33.82 -36.93
N ASP BA 79 -29.37 32.52 -36.64
CA ASP BA 79 -29.96 32.03 -35.40
C ASP BA 79 -29.27 32.61 -34.18
N ASN BA 80 -27.93 32.69 -34.22
CA ASN BA 80 -27.20 33.27 -33.09
C ASN BA 80 -27.59 34.74 -32.90
N LEU BA 81 -27.80 35.46 -33.99
CA LEU BA 81 -28.19 36.87 -33.92
C LEU BA 81 -29.57 37.02 -33.29
N LEU BA 82 -30.56 36.28 -33.79
CA LEU BA 82 -31.92 36.40 -33.26
C LEU BA 82 -31.99 35.96 -31.81
N THR BA 83 -31.33 34.84 -31.48
CA THR BA 83 -31.35 34.37 -30.09
C THR BA 83 -30.71 35.40 -29.16
N LYS BA 84 -29.57 35.96 -29.57
CA LYS BA 84 -28.90 36.98 -28.78
C LYS BA 84 -29.63 38.31 -28.79
N ASN BA 85 -30.64 38.49 -29.65
CA ASN BA 85 -31.42 39.71 -29.75
C ASN BA 85 -30.54 40.92 -30.09
N VAL BA 86 -29.86 40.82 -31.22
CA VAL BA 86 -29.01 41.89 -31.75
C VAL BA 86 -29.69 42.47 -32.98
N LYS BA 87 -29.68 43.80 -33.08
CA LYS BA 87 -30.29 44.49 -34.21
C LYS BA 87 -29.37 44.38 -35.42
N VAL BA 88 -29.88 43.80 -36.51
CA VAL BA 88 -29.11 43.61 -37.73
C VAL BA 88 -30.02 43.87 -38.93
N VAL BA 89 -29.58 44.78 -39.81
CA VAL BA 89 -30.31 45.16 -41.01
C VAL BA 89 -29.35 45.12 -42.20
N GLY BA 90 -29.90 44.82 -43.37
CA GLY BA 90 -29.15 44.75 -44.60
C GLY BA 90 -29.54 45.87 -45.56
N GLU BA 91 -28.89 45.86 -46.72
CA GLU BA 91 -29.10 46.87 -47.74
C GLU BA 91 -29.62 46.25 -49.04
N PRO BA 92 -30.23 47.05 -49.92
CA PRO BA 92 -30.73 46.50 -51.19
C PRO BA 92 -29.59 46.24 -52.16
N PRO BA 93 -29.83 45.46 -53.21
CA PRO BA 93 -28.77 45.19 -54.19
C PRO BA 93 -28.56 46.41 -55.08
N GLU BA 94 -27.47 46.37 -55.86
CA GLU BA 94 -27.09 47.45 -56.74
C GLU BA 94 -27.37 47.05 -58.18
N GLU BA 95 -28.08 47.92 -58.90
CA GLU BA 95 -28.44 47.64 -60.28
C GLU BA 95 -27.19 47.53 -61.15
N PRO BA 96 -27.14 46.59 -62.11
CA PRO BA 96 -25.92 46.48 -62.93
C PRO BA 96 -25.71 47.70 -63.82
N SER BA 97 -24.44 47.94 -64.14
CA SER BA 97 -24.08 49.06 -65.00
C SER BA 97 -24.57 48.85 -66.43
N LYS CA 31 0.54 18.82 -50.21
CA LYS CA 31 -0.90 18.68 -50.18
C LYS CA 31 -1.29 17.43 -49.41
N VAL CA 32 -2.40 17.52 -48.66
CA VAL CA 32 -2.92 16.43 -47.85
C VAL CA 32 -4.40 16.25 -48.17
N ASP CA 33 -4.89 15.04 -47.94
CA ASP CA 33 -6.28 14.70 -48.22
C ASP CA 33 -7.20 15.37 -47.20
N TYR CA 34 -8.46 15.53 -47.59
CA TYR CA 34 -9.43 16.19 -46.72
C TYR CA 34 -9.74 15.35 -45.50
N SER CA 35 -9.75 14.01 -45.65
CA SER CA 35 -9.97 13.15 -44.49
C SER CA 35 -8.85 13.36 -43.48
N THR CA 36 -7.62 13.48 -43.96
CA THR CA 36 -6.49 13.75 -43.08
C THR CA 36 -6.64 15.10 -42.41
N PHE CA 37 -7.15 16.09 -43.16
CA PHE CA 37 -7.34 17.43 -42.61
C PHE CA 37 -8.31 17.41 -41.44
N LEU CA 38 -9.43 16.69 -41.58
CA LEU CA 38 -10.39 16.63 -40.48
C LEU CA 38 -9.78 15.89 -39.30
N GLN CA 39 -9.06 14.80 -39.55
CA GLN CA 39 -8.39 14.09 -38.47
C GLN CA 39 -7.40 15.00 -37.77
N GLU CA 40 -6.75 15.89 -38.52
CA GLU CA 40 -5.83 16.86 -37.93
C GLU CA 40 -6.59 17.86 -37.08
N VAL CA 41 -7.70 18.38 -37.60
CA VAL CA 41 -8.51 19.34 -36.86
C VAL CA 41 -9.12 18.69 -35.62
N ASN CA 42 -9.55 17.43 -35.76
CA ASN CA 42 -10.15 16.74 -34.61
C ASN CA 42 -9.17 16.55 -33.47
N ASN CA 43 -7.87 16.60 -33.72
CA ASN CA 43 -6.85 16.44 -32.69
C ASN CA 43 -6.32 17.78 -32.18
N ASP CA 44 -6.98 18.89 -32.50
CA ASP CA 44 -6.57 20.22 -32.04
C ASP CA 44 -5.11 20.51 -32.47
N GLN CA 45 -4.90 20.51 -33.80
CA GLN CA 45 -3.58 20.75 -34.36
C GLN CA 45 -3.53 21.76 -35.50
N VAL CA 46 -4.67 22.24 -35.98
CA VAL CA 46 -4.72 23.25 -37.03
C VAL CA 46 -4.93 24.60 -36.36
N ARG CA 47 -4.14 25.60 -36.75
CA ARG CA 47 -4.22 26.93 -36.14
C ARG CA 47 -5.04 27.92 -36.96
N GLU CA 48 -4.68 28.12 -38.24
CA GLU CA 48 -5.38 29.06 -39.12
C GLU CA 48 -5.78 28.37 -40.42
N ALA CA 49 -6.93 28.78 -40.93
CA ALA CA 49 -7.46 28.24 -42.18
C ALA CA 49 -8.09 29.36 -42.99
N ARG CA 50 -7.98 29.24 -44.32
CA ARG CA 50 -8.52 30.21 -45.27
C ARG CA 50 -9.44 29.47 -46.24
N ILE CA 51 -10.51 30.13 -46.67
CA ILE CA 51 -11.49 29.53 -47.55
C ILE CA 51 -11.69 30.41 -48.78
N ASN CA 52 -11.45 29.84 -49.95
CA ASN CA 52 -11.62 30.48 -51.25
C ASN CA 52 -12.36 29.49 -52.12
N GLY CA 53 -13.68 29.63 -52.24
CA GLY CA 53 -14.43 28.64 -53.01
C GLY CA 53 -14.30 27.30 -52.32
N ARG CA 54 -13.78 26.29 -53.03
CA ARG CA 54 -13.61 24.95 -52.50
C ARG CA 54 -12.13 24.56 -52.44
N GLU CA 55 -11.29 25.51 -52.05
CA GLU CA 55 -9.85 25.30 -51.86
C GLU CA 55 -9.52 25.93 -50.52
N ILE CA 56 -8.65 25.29 -49.75
CA ILE CA 56 -8.32 25.75 -48.41
C ILE CA 56 -6.83 25.71 -48.16
N ASN CA 57 -6.33 26.78 -47.53
CA ASN CA 57 -4.94 26.89 -47.11
C ASN CA 57 -4.94 26.73 -45.60
N VAL CA 58 -3.96 26.00 -45.08
CA VAL CA 58 -3.88 25.69 -43.65
C VAL CA 58 -2.46 25.92 -43.13
N THR CA 59 -2.38 26.42 -41.90
CA THR CA 59 -1.12 26.66 -41.22
C THR CA 59 -1.26 26.07 -39.82
N LYS CA 60 -0.59 24.95 -39.57
CA LYS CA 60 -0.68 24.29 -38.27
C LYS CA 60 0.30 24.95 -37.29
N LYS CA 61 0.21 24.53 -36.02
CA LYS CA 61 1.02 25.14 -34.97
C LYS CA 61 2.51 24.88 -35.12
N ASP CA 62 2.93 23.91 -35.94
CA ASP CA 62 4.36 23.65 -36.14
C ASP CA 62 4.95 24.48 -37.29
N SER CA 63 4.32 25.59 -37.65
CA SER CA 63 4.79 26.49 -38.71
C SER CA 63 4.89 25.84 -40.08
N ASN CA 64 4.05 24.85 -40.37
CA ASN CA 64 4.02 24.19 -41.67
C ASN CA 64 2.80 24.68 -42.45
N ARG CA 65 2.80 24.43 -43.76
CA ARG CA 65 1.71 24.85 -44.64
C ARG CA 65 1.43 23.77 -45.67
N TYR CA 66 0.20 23.76 -46.17
CA TYR CA 66 -0.25 22.83 -47.19
C TYR CA 66 -1.57 23.36 -47.75
N THR CA 67 -2.17 22.59 -48.65
CA THR CA 67 -3.44 22.95 -49.27
C THR CA 67 -4.36 21.74 -49.29
N THR CA 68 -5.66 22.00 -49.12
CA THR CA 68 -6.68 20.95 -49.15
C THR CA 68 -7.84 21.41 -50.03
N TYR CA 69 -8.85 20.55 -50.13
CA TYR CA 69 -10.03 20.83 -50.94
C TYR CA 69 -11.22 20.09 -50.34
N ILE CA 70 -12.37 20.78 -50.27
CA ILE CA 70 -13.60 20.20 -49.74
C ILE CA 70 -14.33 19.54 -50.91
N PRO CA 71 -14.40 18.18 -50.99
CA PRO CA 71 -15.11 17.56 -52.12
C PRO CA 71 -16.57 18.00 -52.24
N VAL CA 72 -17.33 17.82 -51.15
CA VAL CA 72 -18.75 18.21 -51.11
C VAL CA 72 -19.00 19.05 -49.86
N GLN CA 73 -19.98 19.94 -49.96
CA GLN CA 73 -20.38 20.79 -48.83
C GLN CA 73 -20.69 19.94 -47.60
N ASP CA 74 -20.16 20.35 -46.45
CA ASP CA 74 -20.36 19.66 -45.18
C ASP CA 74 -20.87 20.68 -44.17
N PRO CA 75 -22.03 20.45 -43.50
CA PRO CA 75 -22.51 21.45 -42.54
C PRO CA 75 -21.76 21.42 -41.22
N LYS CA 76 -21.32 20.24 -40.79
CA LYS CA 76 -20.62 20.09 -39.53
C LYS CA 76 -19.14 20.47 -39.62
N LEU CA 77 -18.61 20.69 -40.83
CA LEU CA 77 -17.22 21.08 -40.99
C LEU CA 77 -16.93 22.39 -40.23
N LEU CA 78 -17.68 23.44 -40.56
CA LEU CA 78 -17.48 24.73 -39.91
C LEU CA 78 -17.72 24.63 -38.41
N ASP CA 79 -18.78 23.93 -38.00
CA ASP CA 79 -19.07 23.78 -36.58
C ASP CA 79 -17.94 23.03 -35.87
N ASN CA 80 -17.47 21.93 -36.47
CA ASN CA 80 -16.37 21.17 -35.90
C ASN CA 80 -15.13 22.04 -35.72
N LEU CA 81 -14.84 22.90 -36.70
CA LEU CA 81 -13.69 23.78 -36.63
C LEU CA 81 -13.78 24.73 -35.44
N LEU CA 82 -14.94 25.38 -35.29
CA LEU CA 82 -15.13 26.33 -34.19
C LEU CA 82 -15.02 25.65 -32.84
N THR CA 83 -15.63 24.46 -32.69
CA THR CA 83 -15.55 23.72 -31.43
C THR CA 83 -14.11 23.49 -31.01
N LYS CA 84 -13.24 23.17 -31.97
CA LYS CA 84 -11.82 22.97 -31.70
C LYS CA 84 -11.04 24.28 -31.64
N ASN CA 85 -11.71 25.42 -31.83
CA ASN CA 85 -11.11 26.75 -31.80
C ASN CA 85 -10.13 26.97 -32.96
N VAL CA 86 -10.42 26.36 -34.10
CA VAL CA 86 -9.59 26.57 -35.29
C VAL CA 86 -9.90 27.94 -35.87
N LYS CA 87 -8.87 28.76 -36.07
CA LYS CA 87 -9.07 30.09 -36.63
C LYS CA 87 -9.43 29.95 -38.11
N VAL CA 88 -10.62 30.44 -38.47
CA VAL CA 88 -11.09 30.42 -39.85
C VAL CA 88 -10.98 31.83 -40.40
N VAL CA 89 -10.60 31.94 -41.68
CA VAL CA 89 -10.41 33.23 -42.33
C VAL CA 89 -11.06 33.20 -43.71
N GLY CA 90 -11.43 34.40 -44.19
CA GLY CA 90 -12.01 34.57 -45.50
C GLY CA 90 -11.15 35.50 -46.32
N GLU CA 91 -11.51 35.66 -47.59
CA GLU CA 91 -10.77 36.52 -48.51
C GLU CA 91 -11.74 37.35 -49.34
N PRO CA 92 -11.33 38.53 -49.80
CA PRO CA 92 -12.24 39.34 -50.61
C PRO CA 92 -12.44 38.72 -51.98
N PRO CA 93 -13.60 38.94 -52.62
CA PRO CA 93 -13.81 38.35 -53.94
C PRO CA 93 -12.94 39.02 -54.99
N GLU CA 94 -12.63 38.26 -56.04
CA GLU CA 94 -11.77 38.74 -57.13
C GLU CA 94 -12.67 39.31 -58.22
N GLU CA 95 -12.85 40.63 -58.20
CA GLU CA 95 -13.67 41.31 -59.20
C GLU CA 95 -12.82 41.59 -60.44
N PRO CA 96 -13.18 41.09 -61.63
CA PRO CA 96 -12.34 41.36 -62.80
C PRO CA 96 -12.36 42.83 -63.19
N SER CA 97 -11.17 43.38 -63.40
CA SER CA 97 -11.03 44.80 -63.76
C SER CA 97 -11.62 45.06 -65.15
N LYS DA 31 -17.66 1.25 -65.43
CA LYS DA 31 -18.55 2.01 -64.57
C LYS DA 31 -19.31 1.08 -63.63
N VAL DA 32 -19.60 1.57 -62.42
CA VAL DA 32 -20.31 0.83 -61.39
C VAL DA 32 -21.49 1.67 -60.94
N ASP DA 33 -22.53 0.99 -60.46
CA ASP DA 33 -23.74 1.65 -60.01
C ASP DA 33 -23.56 2.29 -58.64
N TYR DA 34 -24.31 3.38 -58.42
CA TYR DA 34 -24.24 4.12 -57.18
C TYR DA 34 -24.69 3.27 -55.99
N SER DA 35 -25.83 2.60 -56.13
CA SER DA 35 -26.34 1.76 -55.05
C SER DA 35 -25.36 0.65 -54.70
N THR DA 36 -24.80 -0.02 -55.71
CA THR DA 36 -23.83 -1.07 -55.44
C THR DA 36 -22.57 -0.51 -54.81
N PHE DA 37 -22.20 0.73 -55.18
CA PHE DA 37 -21.02 1.36 -54.60
C PHE DA 37 -21.22 1.60 -53.11
N LEU DA 38 -22.39 2.15 -52.74
CA LEU DA 38 -22.69 2.41 -51.34
C LEU DA 38 -22.66 1.12 -50.52
N GLN DA 39 -23.25 0.05 -51.06
CA GLN DA 39 -23.27 -1.23 -50.36
C GLN DA 39 -21.85 -1.74 -50.12
N GLU DA 40 -20.98 -1.61 -51.12
CA GLU DA 40 -19.61 -2.07 -50.97
C GLU DA 40 -18.83 -1.17 -50.02
N VAL DA 41 -19.14 0.13 -50.00
CA VAL DA 41 -18.46 1.05 -49.09
C VAL DA 41 -18.73 0.65 -47.64
N ASN DA 42 -19.99 0.35 -47.32
CA ASN DA 42 -20.33 -0.04 -45.96
C ASN DA 42 -19.79 -1.42 -45.60
N ASN DA 43 -19.45 -2.24 -46.60
CA ASN DA 43 -18.89 -3.57 -46.36
C ASN DA 43 -17.40 -3.54 -46.06
N ASP DA 44 -16.80 -2.36 -45.91
CA ASP DA 44 -15.36 -2.21 -45.62
C ASP DA 44 -14.53 -2.89 -46.71
N GLN DA 45 -14.69 -2.40 -47.95
CA GLN DA 45 -13.95 -2.92 -49.09
C GLN DA 45 -13.43 -1.82 -50.00
N VAL DA 46 -13.27 -0.60 -49.47
CA VAL DA 46 -12.73 0.53 -50.24
C VAL DA 46 -11.65 1.18 -49.40
N ARG DA 47 -10.62 1.71 -50.06
CA ARG DA 47 -9.51 2.37 -49.39
C ARG DA 47 -9.34 3.83 -49.80
N GLU DA 48 -9.47 4.15 -51.08
CA GLU DA 48 -9.33 5.51 -51.58
C GLU DA 48 -10.51 5.89 -52.46
N ALA DA 49 -10.86 7.17 -52.45
CA ALA DA 49 -11.91 7.69 -53.31
C ALA DA 49 -11.57 9.12 -53.67
N ARG DA 50 -11.42 9.40 -54.96
CA ARG DA 50 -11.13 10.75 -55.45
C ARG DA 50 -12.40 11.31 -56.07
N ILE DA 51 -12.93 12.39 -55.49
CA ILE DA 51 -14.17 13.00 -55.96
C ILE DA 51 -13.82 14.26 -56.74
N ASN DA 52 -14.20 14.27 -58.02
CA ASN DA 52 -13.99 15.40 -58.93
C ASN DA 52 -15.31 15.62 -59.66
N GLY DA 53 -16.18 16.46 -59.11
CA GLY DA 53 -17.47 16.70 -59.74
C GLY DA 53 -18.46 15.63 -59.34
N ARG DA 54 -18.79 14.72 -60.28
CA ARG DA 54 -19.72 13.63 -60.02
C ARG DA 54 -19.12 12.25 -60.28
N GLU DA 55 -17.83 12.17 -60.62
CA GLU DA 55 -17.15 10.90 -60.81
C GLU DA 55 -16.32 10.59 -59.57
N ILE DA 56 -16.06 9.29 -59.36
CA ILE DA 56 -15.28 8.85 -58.22
C ILE DA 56 -14.35 7.74 -58.67
N ASN DA 57 -13.04 7.91 -58.47
CA ASN DA 57 -12.07 6.88 -58.79
C ASN DA 57 -11.97 6.05 -57.51
N VAL DA 58 -12.65 4.90 -57.50
CA VAL DA 58 -12.70 4.03 -56.33
C VAL DA 58 -11.62 2.96 -56.46
N THR DA 59 -10.88 2.75 -55.38
CA THR DA 59 -9.84 1.72 -55.33
C THR DA 59 -10.19 0.77 -54.20
N LYS DA 60 -10.38 -0.51 -54.52
CA LYS DA 60 -10.70 -1.49 -53.51
C LYS DA 60 -9.45 -1.81 -52.68
N LYS DA 61 -9.61 -2.72 -51.73
CA LYS DA 61 -8.48 -3.15 -50.92
C LYS DA 61 -7.62 -4.19 -51.61
N ASP DA 62 -8.06 -4.72 -52.76
CA ASP DA 62 -7.31 -5.70 -53.54
C ASP DA 62 -6.62 -5.06 -54.75
N SER DA 63 -6.52 -3.72 -54.78
CA SER DA 63 -5.89 -2.92 -55.84
C SER DA 63 -6.75 -2.75 -57.09
N ASN DA 64 -8.00 -3.20 -57.11
CA ASN DA 64 -8.82 -3.02 -58.30
C ASN DA 64 -9.33 -1.57 -58.35
N ARG DA 65 -9.71 -1.14 -59.56
CA ARG DA 65 -10.21 0.22 -59.78
C ARG DA 65 -11.46 0.21 -60.66
N TYR DA 66 -12.31 1.21 -60.45
CA TYR DA 66 -13.53 1.37 -61.23
C TYR DA 66 -14.06 2.79 -60.99
N THR DA 67 -15.20 3.09 -61.61
CA THR DA 67 -15.85 4.40 -61.48
C THR DA 67 -17.35 4.24 -61.20
N THR DA 68 -17.95 5.33 -60.76
CA THR DA 68 -19.39 5.39 -60.50
C THR DA 68 -19.82 6.85 -60.56
N TYR DA 69 -21.13 7.08 -60.72
CA TYR DA 69 -21.69 8.41 -60.78
C TYR DA 69 -22.89 8.53 -59.84
N ILE DA 70 -22.92 9.59 -59.04
CA ILE DA 70 -24.02 9.81 -58.11
C ILE DA 70 -25.27 10.27 -58.88
N PRO DA 71 -26.46 9.70 -58.63
CA PRO DA 71 -27.64 10.21 -59.35
C PRO DA 71 -27.96 11.67 -59.06
N VAL DA 72 -28.10 12.05 -57.78
CA VAL DA 72 -28.39 13.42 -57.36
C VAL DA 72 -27.68 13.70 -56.05
N GLN DA 73 -27.75 14.95 -55.60
CA GLN DA 73 -27.11 15.40 -54.37
C GLN DA 73 -27.54 14.56 -53.16
N ASP DA 74 -26.55 13.94 -52.51
CA ASP DA 74 -26.77 13.09 -51.34
C ASP DA 74 -26.08 13.69 -50.12
N PRO DA 75 -26.79 14.44 -49.26
CA PRO DA 75 -26.16 14.99 -48.05
C PRO DA 75 -25.46 13.97 -47.16
N LYS DA 76 -26.08 12.80 -46.95
CA LYS DA 76 -25.54 11.76 -46.08
C LYS DA 76 -24.40 10.96 -46.70
N LEU DA 77 -24.06 11.19 -47.96
CA LEU DA 77 -22.99 10.43 -48.60
C LEU DA 77 -21.65 10.65 -47.90
N LEU DA 78 -21.25 11.91 -47.73
CA LEU DA 78 -19.97 12.20 -47.09
C LEU DA 78 -19.91 11.65 -45.68
N ASP DA 79 -20.99 11.83 -44.90
CA ASP DA 79 -21.04 11.30 -43.55
C ASP DA 79 -20.80 9.80 -43.53
N ASN DA 80 -21.53 9.06 -44.36
CA ASN DA 80 -21.38 7.61 -44.44
C ASN DA 80 -19.97 7.20 -44.84
N LEU DA 81 -19.39 7.89 -45.82
CA LEU DA 81 -18.04 7.56 -46.29
C LEU DA 81 -17.00 7.75 -45.20
N LEU DA 82 -16.96 8.92 -44.58
CA LEU DA 82 -15.97 9.21 -43.54
C LEU DA 82 -16.14 8.31 -42.32
N THR DA 83 -17.38 7.93 -42.01
CA THR DA 83 -17.65 7.10 -40.83
C THR DA 83 -17.13 5.67 -40.95
N LYS DA 84 -16.63 5.25 -42.11
CA LYS DA 84 -16.13 3.89 -42.31
C LYS DA 84 -14.64 3.87 -42.67
N ASN DA 85 -13.89 4.86 -42.19
CA ASN DA 85 -12.44 4.94 -42.36
C ASN DA 85 -12.01 4.87 -43.83
N VAL DA 86 -12.56 5.77 -44.65
CA VAL DA 86 -12.21 5.84 -46.06
C VAL DA 86 -11.40 7.10 -46.31
N LYS DA 87 -10.56 7.05 -47.33
CA LYS DA 87 -9.71 8.17 -47.73
C LYS DA 87 -10.38 8.92 -48.88
N VAL DA 88 -10.74 10.18 -48.63
CA VAL DA 88 -11.37 11.01 -49.66
C VAL DA 88 -10.32 11.97 -50.21
N VAL DA 89 -10.59 12.51 -51.40
CA VAL DA 89 -9.67 13.44 -52.05
C VAL DA 89 -10.49 14.47 -52.81
N GLY DA 90 -9.94 15.69 -52.90
CA GLY DA 90 -10.54 16.79 -53.62
C GLY DA 90 -9.61 17.23 -54.73
N GLU DA 91 -10.12 17.89 -55.78
CA GLU DA 91 -9.31 18.32 -56.91
C GLU DA 91 -9.61 19.77 -57.27
N PRO DA 92 -8.61 20.55 -57.71
CA PRO DA 92 -8.86 21.94 -58.08
C PRO DA 92 -9.61 22.04 -59.39
N PRO DA 93 -10.20 23.20 -59.69
CA PRO DA 93 -10.93 23.34 -60.96
C PRO DA 93 -9.99 23.56 -62.13
N GLU DA 94 -10.29 22.87 -63.22
CA GLU DA 94 -9.49 22.95 -64.45
C GLU DA 94 -9.92 24.18 -65.24
N GLU DA 95 -9.35 25.33 -64.89
CA GLU DA 95 -9.68 26.57 -65.58
C GLU DA 95 -9.14 26.51 -67.01
N PRO DA 96 -9.93 26.92 -68.02
CA PRO DA 96 -9.43 26.86 -69.41
C PRO DA 96 -8.23 27.78 -69.60
N SER DA 97 -7.16 27.21 -70.17
CA SER DA 97 -5.95 27.96 -70.43
C SER DA 97 -6.20 29.04 -71.49
N LYS EA 31 23.82 76.43 5.31
CA LYS EA 31 23.86 75.03 4.92
C LYS EA 31 23.90 74.14 6.16
N VAL EA 32 22.94 73.21 6.24
CA VAL EA 32 22.83 72.28 7.35
C VAL EA 32 23.26 70.90 6.87
N ASP EA 33 23.43 69.99 7.83
CA ASP EA 33 23.89 68.64 7.55
C ASP EA 33 22.73 67.72 7.18
N TYR EA 34 23.03 66.75 6.30
CA TYR EA 34 22.02 65.81 5.85
C TYR EA 34 21.51 64.94 6.98
N SER EA 35 22.40 64.51 7.88
CA SER EA 35 21.99 63.68 9.01
C SER EA 35 20.94 64.37 9.87
N THR EA 36 21.28 65.55 10.42
CA THR EA 36 20.33 66.31 11.23
C THR EA 36 19.04 66.58 10.44
N PHE EA 37 19.17 66.79 9.13
CA PHE EA 37 17.98 66.99 8.30
C PHE EA 37 17.09 65.76 8.34
N LEU EA 38 17.68 64.56 8.28
CA LEU EA 38 16.89 63.34 8.39
C LEU EA 38 16.22 63.27 9.75
N GLN EA 39 17.00 63.49 10.82
CA GLN EA 39 16.43 63.50 12.16
C GLN EA 39 15.35 64.57 12.26
N GLU EA 40 15.61 65.75 11.69
CA GLU EA 40 14.61 66.80 11.67
C GLU EA 40 13.39 66.37 10.88
N VAL EA 41 13.62 65.73 9.72
CA VAL EA 41 12.51 65.22 8.92
C VAL EA 41 11.76 64.14 9.70
N ASN EA 42 12.50 63.27 10.40
CA ASN EA 42 11.88 62.23 11.21
C ASN EA 42 11.08 62.80 12.38
N ASN EA 43 11.32 64.07 12.73
CA ASN EA 43 10.64 64.73 13.83
C ASN EA 43 9.39 65.49 13.40
N ASP EA 44 9.00 65.42 12.11
CA ASP EA 44 7.83 66.12 11.60
C ASP EA 44 7.98 67.63 11.86
N GLN EA 45 9.03 68.19 11.25
CA GLN EA 45 9.39 69.60 11.41
C GLN EA 45 9.44 70.35 10.08
N VAL EA 46 8.99 69.74 8.97
CA VAL EA 46 8.98 70.39 7.67
C VAL EA 46 7.53 70.50 7.18
N ARG EA 47 7.22 71.62 6.53
CA ARG EA 47 5.92 71.87 5.94
C ARG EA 47 5.98 72.03 4.42
N GLU EA 48 7.16 72.22 3.85
CA GLU EA 48 7.34 72.38 2.42
C GLU EA 48 8.74 71.91 2.08
N ALA EA 49 8.88 71.26 0.92
CA ALA EA 49 10.18 70.78 0.48
C ALA EA 49 10.27 70.90 -1.04
N ARG EA 50 11.40 71.41 -1.51
CA ARG EA 50 11.69 71.59 -2.92
C ARG EA 50 13.05 70.98 -3.21
N ILE EA 51 13.16 70.27 -4.33
CA ILE EA 51 14.39 69.61 -4.72
C ILE EA 51 14.76 70.04 -6.13
N ASN EA 52 16.01 70.50 -6.30
CA ASN EA 52 16.57 70.89 -7.58
C ASN EA 52 17.89 70.17 -7.73
N GLY EA 53 18.02 69.36 -8.77
CA GLY EA 53 19.25 68.59 -8.97
C GLY EA 53 19.54 67.76 -7.73
N ARG EA 54 20.71 68.00 -7.14
CA ARG EA 54 21.14 67.32 -5.92
C ARG EA 54 21.01 68.20 -4.67
N GLU EA 55 20.55 69.44 -4.81
CA GLU EA 55 20.41 70.36 -3.69
C GLU EA 55 19.03 70.20 -3.06
N ILE EA 56 18.88 70.69 -1.83
CA ILE EA 56 17.63 70.61 -1.08
C ILE EA 56 17.37 71.96 -0.43
N ASN EA 57 16.48 72.76 -1.04
CA ASN EA 57 16.09 74.04 -0.46
C ASN EA 57 14.78 73.78 0.28
N VAL EA 58 14.75 74.08 1.58
CA VAL EA 58 13.61 73.81 2.45
C VAL EA 58 13.08 75.09 3.09
N THR EA 59 11.77 75.11 3.30
CA THR EA 59 11.05 76.19 3.98
C THR EA 59 10.11 75.45 4.91
N LYS EA 60 10.46 75.41 6.20
CA LYS EA 60 9.67 74.64 7.16
C LYS EA 60 8.41 75.40 7.59
N LYS EA 61 7.70 74.78 8.55
CA LYS EA 61 6.48 75.35 9.09
C LYS EA 61 6.72 76.67 9.80
N ASP EA 62 7.86 76.79 10.49
CA ASP EA 62 8.17 77.99 11.26
C ASP EA 62 8.89 79.06 10.45
N SER EA 63 8.77 79.02 9.11
CA SER EA 63 9.36 79.99 8.19
C SER EA 63 10.87 79.91 8.10
N ASN EA 64 11.53 79.02 8.84
CA ASN EA 64 12.98 78.92 8.77
C ASN EA 64 13.39 78.24 7.48
N ARG EA 65 14.59 78.57 7.02
CA ARG EA 65 15.15 78.02 5.78
C ARG EA 65 16.55 77.50 6.06
N TYR EA 66 16.98 76.56 5.21
CA TYR EA 66 18.30 75.97 5.28
C TYR EA 66 18.60 75.37 3.91
N THR EA 67 19.72 74.66 3.79
CA THR EA 67 20.10 74.05 2.53
C THR EA 67 20.91 72.79 2.82
N THR EA 68 20.73 71.78 1.98
CA THR EA 68 21.47 70.53 2.09
C THR EA 68 21.48 69.84 0.74
N TYR EA 69 22.50 69.01 0.54
CA TYR EA 69 22.69 68.25 -0.69
C TYR EA 69 22.62 66.76 -0.38
N ILE EA 70 21.93 66.00 -1.21
CA ILE EA 70 21.81 64.55 -0.97
C ILE EA 70 23.19 63.93 -1.12
N PRO EA 71 23.66 63.09 -0.15
CA PRO EA 71 24.97 62.45 -0.34
C PRO EA 71 25.04 61.60 -1.60
N VAL EA 72 24.13 60.63 -1.69
CA VAL EA 72 24.00 59.74 -2.85
C VAL EA 72 22.54 59.40 -3.05
N GLN EA 73 22.25 58.68 -4.13
CA GLN EA 73 20.90 58.20 -4.41
C GLN EA 73 20.44 57.28 -3.28
N ASP EA 74 19.20 57.47 -2.83
CA ASP EA 74 18.64 56.66 -1.76
C ASP EA 74 17.40 55.91 -2.28
N PRO EA 75 17.24 54.59 -2.00
CA PRO EA 75 16.06 53.89 -2.52
C PRO EA 75 14.75 54.10 -1.77
N LYS EA 76 14.80 54.30 -0.44
CA LYS EA 76 13.60 54.42 0.38
C LYS EA 76 13.38 55.79 1.01
N LEU EA 77 14.23 56.78 0.72
CA LEU EA 77 14.04 58.11 1.30
C LEU EA 77 12.67 58.67 0.96
N LEU EA 78 12.28 58.62 -0.31
CA LEU EA 78 10.99 59.13 -0.73
C LEU EA 78 9.83 58.44 -0.01
N ASP EA 79 9.97 57.14 0.28
CA ASP EA 79 8.91 56.39 0.93
C ASP EA 79 8.55 57.01 2.28
N ASN EA 80 9.52 57.04 3.21
CA ASN EA 80 9.28 57.62 4.55
C ASN EA 80 8.72 59.03 4.48
N LEU EA 81 9.09 59.80 3.46
CA LEU EA 81 8.63 61.18 3.34
C LEU EA 81 7.11 61.24 3.17
N LEU EA 82 6.58 60.50 2.19
CA LEU EA 82 5.14 60.54 1.94
C LEU EA 82 4.33 59.92 3.08
N THR EA 83 4.92 58.95 3.80
CA THR EA 83 4.22 58.32 4.91
C THR EA 83 3.87 59.31 6.02
N LYS EA 84 4.73 60.30 6.26
CA LYS EA 84 4.51 61.29 7.30
C LYS EA 84 3.77 62.53 6.81
N ASN EA 85 3.22 62.48 5.59
CA ASN EA 85 2.46 63.58 5.00
C ASN EA 85 3.28 64.87 4.95
N VAL EA 86 4.45 64.77 4.33
CA VAL EA 86 5.32 65.92 4.11
C VAL EA 86 5.05 66.46 2.71
N LYS EA 87 5.11 67.77 2.55
CA LYS EA 87 4.88 68.40 1.26
C LYS EA 87 6.19 68.40 0.48
N VAL EA 88 6.12 67.99 -0.78
CA VAL EA 88 7.29 67.94 -1.66
C VAL EA 88 6.90 68.47 -3.02
N VAL EA 89 7.85 69.13 -3.70
CA VAL EA 89 7.63 69.74 -5.00
C VAL EA 89 8.89 69.56 -5.85
N GLY EA 90 8.68 69.26 -7.13
CA GLY EA 90 9.76 69.10 -8.09
C GLY EA 90 9.73 70.24 -9.08
N GLU EA 91 10.82 70.46 -9.82
CA GLU EA 91 10.93 71.56 -10.77
C GLU EA 91 11.29 71.06 -12.17
N PRO EA 92 10.87 71.77 -13.22
CA PRO EA 92 11.20 71.33 -14.58
C PRO EA 92 12.66 71.54 -14.91
N PRO EA 93 13.14 71.02 -16.04
CA PRO EA 93 14.54 71.22 -16.43
C PRO EA 93 14.72 72.52 -17.21
N GLU EA 94 15.90 73.10 -17.06
CA GLU EA 94 16.24 74.36 -17.73
C GLU EA 94 16.88 74.04 -19.07
N GLU EA 95 16.14 74.30 -20.16
CA GLU EA 95 16.64 74.05 -21.50
C GLU EA 95 17.50 75.24 -21.94
N PRO EA 96 18.76 75.03 -22.35
CA PRO EA 96 19.60 76.18 -22.74
C PRO EA 96 19.11 76.85 -24.02
N SER EA 97 19.31 78.17 -24.06
CA SER EA 97 18.91 78.97 -25.21
C SER EA 97 19.69 78.56 -26.46
N LYS FA 31 46.45 55.28 3.29
CA LYS FA 31 45.11 54.86 2.90
C LYS FA 31 44.61 53.72 3.78
N VAL FA 32 43.36 53.83 4.23
CA VAL FA 32 42.71 52.82 5.06
C VAL FA 32 41.77 52.02 4.17
N ASP FA 33 41.89 50.70 4.22
CA ASP FA 33 41.06 49.82 3.41
C ASP FA 33 39.58 50.02 3.71
N TYR FA 34 38.76 49.86 2.67
CA TYR FA 34 37.30 49.99 2.79
C TYR FA 34 36.75 49.04 3.84
N SER FA 35 37.25 47.80 3.87
CA SER FA 35 36.74 46.80 4.81
C SER FA 35 36.88 47.25 6.25
N THR FA 36 38.07 47.72 6.64
CA THR FA 36 38.29 48.15 8.02
C THR FA 36 37.30 49.23 8.45
N PHE FA 37 36.89 50.11 7.53
CA PHE FA 37 35.90 51.12 7.88
C PHE FA 37 34.61 50.47 8.35
N LEU FA 38 34.17 49.41 7.67
CA LEU FA 38 32.97 48.70 8.06
C LEU FA 38 33.11 48.13 9.47
N GLN FA 39 34.25 47.49 9.74
CA GLN FA 39 34.49 46.95 11.07
C GLN FA 39 34.54 48.06 12.12
N GLU FA 40 35.14 49.20 11.76
CA GLU FA 40 35.19 50.31 12.70
C GLU FA 40 33.82 50.93 12.90
N VAL FA 41 32.96 50.88 11.88
CA VAL FA 41 31.61 51.40 12.02
C VAL FA 41 30.84 50.54 13.03
N ASN FA 42 31.01 49.22 12.95
CA ASN FA 42 30.34 48.30 13.88
C ASN FA 42 30.75 48.59 15.31
N ASN FA 43 31.99 49.04 15.54
CA ASN FA 43 32.47 49.34 16.88
C ASN FA 43 31.99 50.70 17.39
N ASP FA 44 31.39 51.54 16.54
CA ASP FA 44 30.88 52.85 16.96
C ASP FA 44 32.01 53.74 17.48
N GLN FA 45 33.07 53.84 16.67
CA GLN FA 45 34.25 54.63 17.00
C GLN FA 45 34.45 55.81 16.07
N VAL FA 46 33.47 56.10 15.20
CA VAL FA 46 33.53 57.23 14.27
C VAL FA 46 32.54 58.29 14.71
N ARG FA 47 32.89 59.56 14.49
CA ARG FA 47 32.05 60.69 14.84
C ARG FA 47 31.19 61.18 13.67
N GLU FA 48 31.79 61.38 12.51
CA GLU FA 48 31.07 61.86 11.33
C GLU FA 48 31.95 61.53 10.11
N ALA FA 49 31.38 61.70 8.92
CA ALA FA 49 32.10 61.41 7.69
C ALA FA 49 31.54 62.26 6.55
N ARG FA 50 32.42 62.62 5.61
CA ARG FA 50 32.04 63.41 4.45
C ARG FA 50 32.18 62.55 3.20
N ILE FA 51 31.08 62.40 2.46
CA ILE FA 51 31.06 61.62 1.23
C ILE FA 51 31.10 62.56 0.03
N ASN FA 52 31.95 62.24 -0.95
CA ASN FA 52 32.04 62.99 -2.19
C ASN FA 52 32.42 61.99 -3.27
N GLY FA 53 31.67 61.96 -4.38
CA GLY FA 53 31.98 61.00 -5.43
C GLY FA 53 32.05 59.60 -4.85
N ARG FA 54 33.10 58.87 -5.21
CA ARG FA 54 33.37 57.55 -4.67
C ARG FA 54 34.50 57.58 -3.65
N GLU FA 55 34.95 58.77 -3.26
CA GLU FA 55 36.00 58.97 -2.26
C GLU FA 55 35.31 59.18 -0.91
N ILE FA 56 35.75 58.47 0.12
CA ILE FA 56 35.19 58.60 1.45
C ILE FA 56 36.25 59.22 2.35
N ASN FA 57 36.10 60.50 2.65
CA ASN FA 57 36.97 61.20 3.58
C ASN FA 57 36.22 61.13 4.91
N VAL FA 58 36.92 60.76 5.98
CA VAL FA 58 36.26 60.58 7.27
C VAL FA 58 37.18 60.96 8.42
N THR FA 59 36.55 61.48 9.48
CA THR FA 59 37.18 61.84 10.73
C THR FA 59 36.47 61.04 11.81
N LYS FA 60 37.23 60.32 12.63
CA LYS FA 60 36.63 59.44 13.63
C LYS FA 60 36.63 60.08 15.02
N LYS FA 61 36.00 59.38 15.96
CA LYS FA 61 35.86 59.84 17.34
C LYS FA 61 37.21 60.16 17.98
N ASP FA 62 38.28 59.52 17.53
CA ASP FA 62 39.62 59.78 18.06
C ASP FA 62 40.38 60.84 17.27
N SER FA 63 39.66 61.72 16.58
CA SER FA 63 40.22 62.80 15.76
C SER FA 63 41.36 62.29 14.87
N ASN FA 64 41.07 61.23 14.11
CA ASN FA 64 42.01 60.63 13.17
C ASN FA 64 41.36 60.68 11.79
N ARG FA 65 42.01 61.37 10.86
CA ARG FA 65 41.51 61.54 9.50
C ARG FA 65 42.20 60.55 8.57
N TYR FA 66 41.39 59.79 7.85
CA TYR FA 66 41.88 58.81 6.88
C TYR FA 66 40.89 58.80 5.73
N THR FA 67 41.24 58.09 4.65
CA THR FA 67 40.39 58.04 3.47
C THR FA 67 40.37 56.67 2.83
N THR FA 68 39.17 56.25 2.40
CA THR FA 68 38.96 55.00 1.69
C THR FA 68 38.19 55.32 0.40
N TYR FA 69 37.94 54.29 -0.40
CA TYR FA 69 37.23 54.43 -1.68
C TYR FA 69 36.16 53.35 -1.78
N ILE FA 70 34.96 53.76 -2.19
CA ILE FA 70 33.83 52.83 -2.34
C ILE FA 70 34.10 51.94 -3.54
N PRO FA 71 34.24 50.60 -3.39
CA PRO FA 71 34.47 49.77 -4.58
C PRO FA 71 33.29 49.76 -5.53
N VAL FA 72 32.08 49.51 -5.02
CA VAL FA 72 30.87 49.48 -5.84
C VAL FA 72 29.70 49.99 -5.00
N GLN FA 73 28.56 50.22 -5.67
CA GLN FA 73 27.34 50.67 -5.00
C GLN FA 73 26.86 49.65 -3.97
N ASP FA 74 26.55 50.13 -2.76
CA ASP FA 74 26.07 49.30 -1.67
C ASP FA 74 24.74 49.87 -1.19
N PRO FA 75 23.59 49.25 -1.52
CA PRO FA 75 22.31 49.83 -1.08
C PRO FA 75 22.11 49.89 0.43
N LYS FA 76 22.31 48.77 1.13
CA LYS FA 76 22.08 48.72 2.57
C LYS FA 76 23.10 49.51 3.39
N LEU FA 77 24.14 50.07 2.78
CA LEU FA 77 25.11 50.86 3.53
C LEU FA 77 24.45 52.00 4.28
N LEU FA 78 23.63 52.80 3.58
CA LEU FA 78 22.95 53.90 4.24
C LEU FA 78 21.97 53.38 5.29
N ASP FA 79 21.35 52.23 5.05
CA ASP FA 79 20.47 51.63 6.04
C ASP FA 79 21.25 51.29 7.31
N ASN FA 80 22.39 50.61 7.13
CA ASN FA 80 23.24 50.22 8.25
C ASN FA 80 23.75 51.44 9.00
N LEU FA 81 24.25 52.44 8.26
CA LEU FA 81 24.80 53.65 8.89
C LEU FA 81 23.76 54.35 9.77
N LEU FA 82 22.56 54.57 9.24
CA LEU FA 82 21.52 55.23 10.04
C LEU FA 82 21.18 54.41 11.29
N THR FA 83 21.08 53.08 11.13
CA THR FA 83 20.81 52.23 12.29
C THR FA 83 21.91 52.35 13.33
N LYS FA 84 23.13 52.65 12.90
CA LYS FA 84 24.28 52.82 13.78
C LYS FA 84 24.36 54.23 14.36
N ASN FA 85 23.46 55.13 13.96
CA ASN FA 85 23.42 56.52 14.40
C ASN FA 85 24.66 57.32 14.02
N VAL FA 86 25.54 56.80 13.16
CA VAL FA 86 26.71 57.57 12.77
C VAL FA 86 26.25 58.73 11.90
N LYS FA 87 26.96 59.85 12.01
CA LYS FA 87 26.62 61.05 11.26
C LYS FA 87 27.14 60.94 9.82
N VAL FA 88 26.32 61.40 8.88
CA VAL FA 88 26.66 61.41 7.46
C VAL FA 88 26.16 62.72 6.86
N VAL FA 89 26.99 63.34 6.03
CA VAL FA 89 26.69 64.63 5.40
C VAL FA 89 26.98 64.53 3.90
N GLY FA 90 26.07 65.05 3.08
CA GLY FA 90 26.25 65.06 1.64
C GLY FA 90 27.14 66.21 1.19
N GLU FA 91 27.55 66.15 -0.08
CA GLU FA 91 28.44 67.15 -0.69
C GLU FA 91 27.77 67.76 -1.92
N PRO FA 92 27.81 69.08 -2.11
CA PRO FA 92 27.15 69.67 -3.28
C PRO FA 92 27.68 69.10 -4.58
N PRO FA 93 26.85 69.07 -5.63
CA PRO FA 93 27.31 68.54 -6.92
C PRO FA 93 28.47 69.34 -7.50
N GLU FA 94 29.62 68.68 -7.65
CA GLU FA 94 30.79 69.34 -8.19
C GLU FA 94 30.55 69.71 -9.65
N GLU FA 95 30.97 70.92 -10.02
CA GLU FA 95 30.80 71.43 -11.39
C GLU FA 95 31.98 72.32 -11.75
N PRO FA 96 32.71 72.08 -12.86
CA PRO FA 96 33.84 72.95 -13.21
C PRO FA 96 33.38 74.25 -13.86
N SER FA 97 33.54 75.35 -13.14
CA SER FA 97 33.13 76.65 -13.66
C SER FA 97 33.90 77.02 -14.93
N LYS GA 31 41.07 35.43 -16.91
CA LYS GA 31 41.88 34.23 -17.07
C LYS GA 31 41.19 32.98 -16.54
N VAL GA 32 40.20 33.17 -15.66
CA VAL GA 32 39.44 32.07 -15.07
C VAL GA 32 37.96 32.41 -15.12
N ASP GA 33 37.13 31.38 -15.11
CA ASP GA 33 35.69 31.54 -15.19
C ASP GA 33 35.14 32.34 -14.01
N TYR GA 34 34.08 33.10 -14.28
CA TYR GA 34 33.44 33.91 -13.25
C TYR GA 34 32.78 33.02 -12.19
N SER GA 35 32.14 31.94 -12.61
CA SER GA 35 31.49 31.06 -11.65
C SER GA 35 32.50 30.37 -10.75
N THR GA 36 33.64 29.96 -11.31
CA THR GA 36 34.70 29.34 -10.52
C THR GA 36 35.09 30.22 -9.34
N PHE GA 37 35.30 31.52 -9.60
CA PHE GA 37 35.59 32.49 -8.54
C PHE GA 37 34.61 32.39 -7.40
N LEU GA 38 33.32 32.25 -7.72
CA LEU GA 38 32.29 32.15 -6.68
C LEU GA 38 32.47 30.89 -5.84
N GLN GA 39 32.59 29.73 -6.50
CA GLN GA 39 32.69 28.48 -5.75
C GLN GA 39 33.96 28.41 -4.91
N GLU GA 40 35.08 28.94 -5.41
CA GLU GA 40 36.29 28.93 -4.59
C GLU GA 40 36.17 29.93 -3.46
N VAL GA 41 35.38 30.99 -3.64
CA VAL GA 41 35.15 31.96 -2.57
C VAL GA 41 34.28 31.34 -1.49
N ASN GA 42 33.31 30.51 -1.90
CA ASN GA 42 32.42 29.84 -0.95
C ASN GA 42 33.20 28.97 0.03
N ASN GA 43 34.38 28.49 -0.37
CA ASN GA 43 35.24 27.66 0.47
C ASN GA 43 36.37 28.46 1.11
N ASP GA 44 36.33 29.79 1.01
CA ASP GA 44 37.36 30.67 1.57
C ASP GA 44 38.74 30.32 1.03
N GLN GA 45 38.87 30.45 -0.29
CA GLN GA 45 40.12 30.20 -0.99
C GLN GA 45 40.77 31.48 -1.51
N VAL GA 46 40.24 32.65 -1.14
CA VAL GA 46 40.80 33.94 -1.55
C VAL GA 46 41.38 34.61 -0.31
N ARG GA 47 42.65 35.01 -0.39
CA ARG GA 47 43.28 35.68 0.74
C ARG GA 47 42.73 37.10 0.91
N GLU GA 48 42.76 37.90 -0.15
CA GLU GA 48 42.29 39.27 -0.12
C GLU GA 48 41.62 39.60 -1.46
N ALA GA 49 40.59 40.45 -1.39
CA ALA GA 49 39.82 40.85 -2.57
C ALA GA 49 39.87 42.37 -2.76
N ARG GA 50 40.69 42.83 -3.71
CA ARG GA 50 40.80 44.24 -4.07
C ARG GA 50 40.20 44.38 -5.46
N ILE GA 51 39.15 45.19 -5.58
CA ILE GA 51 38.41 45.33 -6.83
C ILE GA 51 38.60 46.72 -7.41
N ASN GA 52 38.78 46.75 -8.74
CA ASN GA 52 38.90 47.95 -9.54
C ASN GA 52 38.16 47.67 -10.84
N GLY GA 53 37.47 48.69 -11.37
CA GLY GA 53 36.70 48.56 -12.60
C GLY GA 53 35.90 47.28 -12.73
N ARG GA 54 36.07 46.56 -13.84
CA ARG GA 54 35.39 45.30 -14.10
C ARG GA 54 36.34 44.10 -14.20
N GLU GA 55 37.61 44.28 -13.84
CA GLU GA 55 38.61 43.22 -13.88
C GLU GA 55 39.19 43.08 -12.48
N ILE GA 56 39.13 41.86 -11.94
CA ILE GA 56 39.61 41.57 -10.58
C ILE GA 56 40.59 40.40 -10.62
N ASN GA 57 41.71 40.58 -9.94
CA ASN GA 57 42.72 39.53 -9.78
C ASN GA 57 42.51 38.90 -8.41
N VAL GA 58 42.75 37.59 -8.31
CA VAL GA 58 42.56 36.87 -7.06
C VAL GA 58 43.92 36.53 -6.47
N THR GA 59 43.92 36.35 -5.14
CA THR GA 59 45.12 36.05 -4.36
C THR GA 59 44.77 34.84 -3.49
N LYS GA 60 45.02 33.64 -4.02
CA LYS GA 60 44.68 32.42 -3.30
C LYS GA 60 45.61 32.19 -2.13
N LYS GA 61 45.15 31.34 -1.20
CA LYS GA 61 45.91 31.00 -0.01
C LYS GA 61 47.29 30.46 -0.34
N ASP GA 62 47.43 29.77 -1.48
CA ASP GA 62 48.70 29.20 -1.92
C ASP GA 62 49.48 30.16 -2.82
N SER GA 63 49.24 31.46 -2.71
CA SER GA 63 49.93 32.50 -3.48
C SER GA 63 49.67 32.47 -4.99
N ASN GA 64 48.81 31.58 -5.47
CA ASN GA 64 48.52 31.56 -6.89
C ASN GA 64 47.82 32.86 -7.30
N ARG GA 65 48.00 33.25 -8.56
CA ARG GA 65 47.40 34.48 -9.09
C ARG GA 65 46.74 34.24 -10.44
N TYR GA 66 45.58 34.86 -10.64
CA TYR GA 66 44.87 34.81 -11.91
C TYR GA 66 43.85 35.94 -11.91
N THR GA 67 43.24 36.17 -13.08
CA THR GA 67 42.26 37.22 -13.28
C THR GA 67 40.94 36.64 -13.76
N THR GA 68 39.85 37.23 -13.28
CA THR GA 68 38.48 36.84 -13.63
C THR GA 68 37.75 38.04 -14.21
N TYR GA 69 36.58 37.77 -14.77
CA TYR GA 69 35.73 38.78 -15.39
C TYR GA 69 34.33 38.74 -14.78
N ILE GA 70 33.69 39.91 -14.74
CA ILE GA 70 32.33 40.04 -14.20
C ILE GA 70 31.38 40.14 -15.39
N PRO GA 71 30.49 39.13 -15.63
CA PRO GA 71 29.60 39.25 -16.79
C PRO GA 71 28.59 40.38 -16.68
N VAL GA 72 27.89 40.49 -15.55
CA VAL GA 72 26.90 41.54 -15.32
C VAL GA 72 26.93 41.86 -13.83
N GLN GA 73 26.35 43.01 -13.48
CA GLN GA 73 26.26 43.43 -12.08
C GLN GA 73 25.49 42.39 -11.28
N ASP GA 74 26.03 42.03 -10.11
CA ASP GA 74 25.41 41.06 -9.20
C ASP GA 74 25.13 41.78 -7.89
N PRO GA 75 23.88 41.89 -7.43
CA PRO GA 75 23.63 42.62 -6.17
C PRO GA 75 24.19 41.95 -4.93
N LYS GA 76 24.24 40.62 -4.88
CA LYS GA 76 24.66 39.89 -3.68
C LYS GA 76 26.14 39.51 -3.67
N LEU GA 77 26.89 39.80 -4.74
CA LEU GA 77 28.32 39.48 -4.77
C LEU GA 77 29.04 40.10 -3.59
N LEU GA 78 28.85 41.40 -3.36
CA LEU GA 78 29.47 42.04 -2.21
C LEU GA 78 28.99 41.42 -0.91
N ASP GA 79 27.70 41.11 -0.84
CA ASP GA 79 27.14 40.48 0.36
C ASP GA 79 27.76 39.09 0.56
N ASN GA 80 27.95 38.35 -0.53
CA ASN GA 80 28.52 37.01 -0.44
C ASN GA 80 29.93 37.06 0.14
N LEU GA 81 30.75 38.00 -0.32
CA LEU GA 81 32.11 38.10 0.20
C LEU GA 81 32.10 38.44 1.69
N LEU GA 82 31.23 39.37 2.10
CA LEU GA 82 31.14 39.73 3.50
C LEU GA 82 30.59 38.59 4.36
N THR GA 83 29.88 37.63 3.75
CA THR GA 83 29.33 36.52 4.49
C THR GA 83 30.42 35.66 5.12
N LYS GA 84 31.52 35.43 4.39
CA LYS GA 84 32.62 34.58 4.84
C LYS GA 84 33.83 35.41 5.27
N ASN GA 85 33.58 36.58 5.87
CA ASN GA 85 34.62 37.49 6.40
C ASN GA 85 35.75 37.76 5.40
N VAL GA 86 35.42 37.76 4.11
CA VAL GA 86 36.43 38.00 3.09
C VAL GA 86 36.83 39.47 3.13
N LYS GA 87 38.14 39.72 3.02
CA LYS GA 87 38.68 41.07 3.11
C LYS GA 87 38.46 41.80 1.78
N VAL GA 88 37.77 42.94 1.85
CA VAL GA 88 37.47 43.78 0.70
C VAL GA 88 38.35 45.03 0.77
N VAL GA 89 38.78 45.51 -0.39
CA VAL GA 89 39.59 46.72 -0.48
C VAL GA 89 39.16 47.52 -1.70
N GLY GA 90 39.09 48.85 -1.54
CA GLY GA 90 38.73 49.74 -2.61
C GLY GA 90 39.97 50.35 -3.26
N GLU GA 91 39.74 51.02 -4.38
CA GLU GA 91 40.79 51.69 -5.14
C GLU GA 91 40.36 53.11 -5.51
N PRO GA 92 41.31 54.00 -5.77
CA PRO GA 92 40.94 55.38 -6.16
C PRO GA 92 40.44 55.42 -7.59
N PRO GA 93 39.83 56.54 -8.01
CA PRO GA 93 39.37 56.65 -9.40
C PRO GA 93 40.52 57.07 -10.29
N GLU GA 94 40.56 56.48 -11.50
CA GLU GA 94 41.64 56.75 -12.46
C GLU GA 94 41.16 57.82 -13.43
N GLU GA 95 41.34 59.08 -13.04
CA GLU GA 95 40.96 60.21 -13.88
C GLU GA 95 42.06 60.42 -14.94
N PRO GA 96 41.72 60.56 -16.23
CA PRO GA 96 42.77 60.74 -17.24
C PRO GA 96 43.59 62.00 -17.01
N SER GA 97 44.90 61.87 -17.20
CA SER GA 97 45.82 62.99 -17.01
C SER GA 97 45.55 64.09 -18.04
N LYS HA 31 20.25 32.75 -34.63
CA LYS HA 31 19.34 33.66 -33.96
C LYS HA 31 18.18 32.88 -33.32
N VAL HA 32 18.08 33.00 -32.00
CA VAL HA 32 17.03 32.32 -31.22
C VAL HA 32 16.35 33.36 -30.34
N ASP HA 33 15.04 33.29 -30.26
CA ASP HA 33 14.27 34.25 -29.46
C ASP HA 33 14.53 34.06 -27.97
N TYR HA 34 14.49 35.17 -27.24
CA TYR HA 34 14.77 35.18 -25.81
C TYR HA 34 13.87 34.23 -25.03
N SER HA 35 12.57 34.19 -25.35
CA SER HA 35 11.66 33.27 -24.67
C SER HA 35 12.13 31.83 -24.81
N THR HA 36 12.47 31.42 -26.04
CA THR HA 36 12.94 30.07 -26.28
C THR HA 36 14.26 29.80 -25.58
N PHE HA 37 15.08 30.85 -25.39
CA PHE HA 37 16.36 30.67 -24.70
C PHE HA 37 16.14 30.21 -23.26
N LEU HA 38 15.14 30.79 -22.59
CA LEU HA 38 14.84 30.40 -21.22
C LEU HA 38 14.37 28.94 -21.16
N GLN HA 39 13.58 28.51 -22.14
CA GLN HA 39 13.07 27.15 -22.15
C GLN HA 39 14.16 26.10 -22.21
N GLU HA 40 15.35 26.43 -22.73
CA GLU HA 40 16.45 25.47 -22.80
C GLU HA 40 17.37 25.56 -21.58
N VAL HA 41 17.67 26.77 -21.10
CA VAL HA 41 18.52 26.89 -19.91
C VAL HA 41 17.79 26.34 -18.69
N ASN HA 42 16.45 26.43 -18.67
CA ASN HA 42 15.66 25.91 -17.57
C ASN HA 42 15.64 24.39 -17.50
N ASN HA 43 16.21 23.71 -18.50
CA ASN HA 43 16.30 22.26 -18.55
C ASN HA 43 17.73 21.76 -18.37
N ASP HA 44 18.70 22.68 -18.22
CA ASP HA 44 20.11 22.35 -18.05
C ASP HA 44 20.64 21.53 -19.22
N GLN HA 45 20.56 22.15 -20.41
CA GLN HA 45 21.06 21.56 -21.65
C GLN HA 45 22.08 22.46 -22.32
N VAL HA 46 22.58 23.50 -21.63
CA VAL HA 46 23.57 24.44 -22.15
C VAL HA 46 24.79 24.39 -21.23
N ARG HA 47 25.98 24.25 -21.82
CA ARG HA 47 27.19 24.16 -20.99
C ARG HA 47 27.88 25.51 -20.75
N GLU HA 48 28.08 26.34 -21.79
CA GLU HA 48 28.73 27.64 -21.63
C GLU HA 48 28.06 28.67 -22.51
N ALA HA 49 28.00 29.92 -22.01
CA ALA HA 49 27.44 31.04 -22.75
C ALA HA 49 28.34 32.25 -22.60
N ARG HA 50 28.58 32.97 -23.71
CA ARG HA 50 29.39 34.18 -23.69
C ARG HA 50 28.55 35.36 -23.22
N ILE HA 51 29.14 36.22 -22.38
CA ILE HA 51 28.45 37.41 -21.91
C ILE HA 51 29.28 38.65 -22.24
N ASN HA 52 28.63 39.62 -22.87
CA ASN HA 52 29.20 40.94 -23.18
C ASN HA 52 28.04 41.83 -23.60
N GLY HA 53 28.03 43.07 -23.09
CA GLY HA 53 26.96 44.00 -23.41
C GLY HA 53 25.63 43.34 -23.05
N ARG HA 54 24.74 43.28 -24.04
CA ARG HA 54 23.47 42.55 -23.93
C ARG HA 54 23.42 41.37 -24.90
N GLU HA 55 24.49 41.12 -25.65
CA GLU HA 55 24.57 40.01 -26.59
C GLU HA 55 25.05 38.75 -25.87
N ILE HA 56 24.52 37.60 -26.28
CA ILE HA 56 24.88 36.31 -25.69
C ILE HA 56 25.12 35.30 -26.81
N ASN HA 57 26.36 34.80 -26.91
CA ASN HA 57 26.71 33.76 -27.88
C ASN HA 57 26.65 32.43 -27.14
N VAL HA 58 25.62 31.65 -27.43
CA VAL HA 58 25.37 30.39 -26.75
C VAL HA 58 26.12 29.24 -27.40
N THR HA 59 26.68 28.37 -26.54
CA THR HA 59 27.38 27.15 -26.95
C THR HA 59 26.85 26.08 -26.00
N LYS HA 60 25.90 25.27 -26.48
CA LYS HA 60 25.26 24.28 -25.63
C LYS HA 60 25.98 22.93 -25.73
N LYS HA 61 25.38 21.90 -25.09
CA LYS HA 61 26.01 20.59 -24.95
C LYS HA 61 26.02 19.73 -26.20
N ASP HA 62 25.35 20.10 -27.30
CA ASP HA 62 25.37 19.27 -28.50
C ASP HA 62 26.42 19.72 -29.51
N SER HA 63 27.44 20.46 -29.06
CA SER HA 63 28.53 20.95 -29.90
C SER HA 63 28.08 22.00 -30.92
N ASN HA 64 26.87 22.55 -30.75
CA ASN HA 64 26.33 23.57 -31.64
C ASN HA 64 26.48 24.93 -30.97
N ARG HA 65 26.62 25.97 -31.79
CA ARG HA 65 26.77 27.34 -31.30
C ARG HA 65 25.87 28.27 -32.09
N TYR HA 66 25.41 29.31 -31.42
CA TYR HA 66 24.52 30.31 -32.01
C TYR HA 66 24.58 31.56 -31.13
N THR HA 67 23.71 32.52 -31.41
CA THR HA 67 23.68 33.78 -30.65
C THR HA 67 22.26 34.16 -30.28
N THR HA 68 22.16 34.88 -29.15
CA THR HA 68 20.88 35.38 -28.66
C THR HA 68 21.15 36.70 -27.95
N TYR HA 69 20.11 37.53 -27.86
CA TYR HA 69 20.20 38.85 -27.26
C TYR HA 69 19.26 39.01 -26.07
N ILE HA 70 19.71 39.76 -25.09
CA ILE HA 70 18.94 40.07 -23.89
C ILE HA 70 18.29 41.44 -24.12
N PRO HA 71 16.94 41.56 -24.13
CA PRO HA 71 16.36 42.88 -24.44
C PRO HA 71 16.36 43.92 -23.33
N VAL HA 72 16.22 43.52 -22.06
CA VAL HA 72 16.21 44.47 -20.94
C VAL HA 72 17.07 43.92 -19.81
N GLN HA 73 17.12 44.68 -18.72
CA GLN HA 73 17.84 44.26 -17.52
C GLN HA 73 16.92 43.36 -16.70
N ASP HA 74 17.42 42.19 -16.33
CA ASP HA 74 16.67 41.21 -15.55
C ASP HA 74 17.52 40.80 -14.35
N PRO HA 75 17.00 40.92 -13.11
CA PRO HA 75 17.83 40.55 -11.94
C PRO HA 75 17.98 39.06 -11.70
N LYS HA 76 17.14 38.19 -12.30
CA LYS HA 76 17.19 36.76 -12.04
C LYS HA 76 17.96 35.99 -13.12
N LEU HA 77 18.81 36.66 -13.91
CA LEU HA 77 19.59 35.95 -14.91
C LEU HA 77 20.72 35.18 -14.26
N LEU HA 78 21.61 35.88 -13.56
CA LEU HA 78 22.73 35.22 -12.90
C LEU HA 78 22.23 34.24 -11.83
N ASP HA 79 21.17 34.61 -11.11
CA ASP HA 79 20.64 33.73 -10.09
C ASP HA 79 20.17 32.41 -10.69
N ASN HA 80 19.50 32.46 -11.84
CA ASN HA 80 19.07 31.25 -12.50
C ASN HA 80 20.27 30.39 -12.92
N LEU HA 81 21.35 31.04 -13.36
CA LEU HA 81 22.55 30.32 -13.76
C LEU HA 81 23.23 29.69 -12.56
N LEU HA 82 23.49 30.48 -11.52
CA LEU HA 82 24.16 29.98 -10.32
C LEU HA 82 23.30 28.94 -9.61
N THR HA 83 22.00 29.19 -9.46
CA THR HA 83 21.13 28.22 -8.81
C THR HA 83 21.14 26.89 -9.56
N LYS HA 84 21.03 26.96 -10.88
CA LYS HA 84 21.11 25.75 -11.71
C LYS HA 84 22.52 25.19 -11.77
N ASN HA 85 23.53 25.95 -11.32
CA ASN HA 85 24.93 25.54 -11.32
C ASN HA 85 25.42 25.24 -12.73
N VAL HA 86 25.31 26.27 -13.59
CA VAL HA 86 25.76 26.22 -14.97
C VAL HA 86 26.99 27.11 -15.10
N LYS HA 87 27.99 26.61 -15.83
CA LYS HA 87 29.24 27.35 -16.02
C LYS HA 87 29.02 28.48 -17.04
N VAL HA 88 29.27 29.72 -16.62
CA VAL HA 88 29.05 30.90 -17.47
C VAL HA 88 30.17 31.91 -17.23
N VAL HA 89 30.84 32.32 -18.32
CA VAL HA 89 31.93 33.28 -18.28
C VAL HA 89 31.70 34.36 -19.33
N GLY HA 90 32.19 35.57 -19.02
CA GLY HA 90 32.12 36.69 -19.93
C GLY HA 90 33.53 37.07 -20.39
N GLU HA 91 33.59 38.07 -21.25
CA GLU HA 91 34.84 38.54 -21.83
C GLU HA 91 35.11 40.00 -21.47
N PRO HA 92 36.37 40.45 -21.57
CA PRO HA 92 36.69 41.86 -21.28
C PRO HA 92 36.26 42.76 -22.42
N PRO HA 93 36.17 44.07 -22.19
CA PRO HA 93 35.77 44.97 -23.28
C PRO HA 93 36.90 45.18 -24.27
N GLU HA 94 36.56 45.80 -25.40
CA GLU HA 94 37.49 46.06 -26.49
C GLU HA 94 37.85 47.53 -26.52
N GLU HA 95 39.16 47.81 -26.55
CA GLU HA 95 39.63 49.19 -26.57
C GLU HA 95 39.16 49.88 -27.86
N PRO HA 96 38.76 51.17 -27.79
CA PRO HA 96 38.28 51.84 -29.01
C PRO HA 96 39.39 52.02 -30.03
N SER HA 97 38.98 52.08 -31.30
CA SER HA 97 39.92 52.25 -32.40
C SER HA 97 40.62 53.60 -32.31
N LYS IA 31 -2.10 52.43 -32.47
CA LYS IA 31 -1.45 52.88 -31.24
C LYS IA 31 -2.36 52.63 -30.04
N VAL IA 32 -1.81 52.01 -29.01
CA VAL IA 32 -2.54 51.70 -27.79
C VAL IA 32 -1.73 52.19 -26.59
N ASP IA 33 -2.43 52.46 -25.49
CA ASP IA 33 -1.82 52.90 -24.26
C ASP IA 33 -1.07 51.75 -23.60
N TYR IA 34 -0.09 52.09 -22.76
CA TYR IA 34 0.70 51.05 -22.11
C TYR IA 34 -0.13 50.31 -21.07
N SER IA 35 -1.04 51.00 -20.38
CA SER IA 35 -1.90 50.31 -19.42
C SER IA 35 -2.79 49.31 -20.13
N THR IA 36 -3.33 49.68 -21.30
CA THR IA 36 -4.17 48.78 -22.07
C THR IA 36 -3.38 47.56 -22.54
N PHE IA 37 -2.12 47.76 -22.93
CA PHE IA 37 -1.29 46.65 -23.40
C PHE IA 37 -1.11 45.60 -22.32
N LEU IA 38 -0.90 46.03 -21.07
CA LEU IA 38 -0.73 45.07 -19.99
C LEU IA 38 -1.98 44.23 -19.80
N GLN IA 39 -3.17 44.85 -19.89
CA GLN IA 39 -4.41 44.11 -19.76
C GLN IA 39 -4.53 43.02 -20.82
N GLU IA 40 -4.01 43.29 -22.02
CA GLU IA 40 -4.06 42.29 -23.08
C GLU IA 40 -3.17 41.09 -22.75
N VAL IA 41 -1.96 41.34 -22.26
CA VAL IA 41 -1.03 40.26 -21.93
C VAL IA 41 -1.59 39.41 -20.79
N ASN IA 42 -2.23 40.04 -19.80
CA ASN IA 42 -2.76 39.28 -18.68
C ASN IA 42 -3.88 38.32 -19.09
N ASN IA 43 -4.47 38.50 -20.28
CA ASN IA 43 -5.53 37.62 -20.76
C ASN IA 43 -5.03 36.55 -21.71
N ASP IA 44 -3.71 36.36 -21.82
CA ASP IA 44 -3.12 35.35 -22.72
C ASP IA 44 -3.57 35.60 -24.16
N GLN IA 45 -3.21 36.78 -24.67
CA GLN IA 45 -3.58 37.19 -26.02
C GLN IA 45 -2.45 37.75 -26.86
N VAL IA 46 -1.26 37.96 -26.30
CA VAL IA 46 -0.12 38.47 -27.04
C VAL IA 46 0.76 37.28 -27.41
N ARG IA 47 1.21 37.22 -28.66
CA ARG IA 47 2.03 36.12 -29.15
C ARG IA 47 3.52 36.45 -29.17
N GLU IA 48 3.90 37.53 -29.86
CA GLU IA 48 5.30 37.94 -29.97
C GLU IA 48 5.45 39.42 -29.58
N ALA IA 49 6.60 39.73 -28.99
CA ALA IA 49 6.90 41.09 -28.57
C ALA IA 49 8.37 41.39 -28.85
N ARG IA 50 8.64 42.65 -29.18
CA ARG IA 50 9.98 43.15 -29.47
C ARG IA 50 10.27 44.33 -28.56
N ILE IA 51 11.53 44.47 -28.15
CA ILE IA 51 11.95 45.52 -27.24
C ILE IA 51 13.13 46.27 -27.85
N ASN IA 52 12.95 47.56 -28.08
CA ASN IA 52 13.97 48.43 -28.68
C ASN IA 52 13.98 49.71 -27.84
N GLY IA 53 14.90 49.81 -26.89
CA GLY IA 53 14.92 50.98 -26.03
C GLY IA 53 13.64 51.02 -25.22
N ARG IA 54 12.86 52.10 -25.38
CA ARG IA 54 11.60 52.27 -24.66
C ARG IA 54 10.42 52.31 -25.62
N GLU IA 55 10.50 51.51 -26.69
CA GLU IA 55 9.44 51.36 -27.67
C GLU IA 55 9.28 49.87 -27.89
N ILE IA 56 8.05 49.41 -28.04
CA ILE IA 56 7.76 47.98 -28.16
C ILE IA 56 6.78 47.72 -29.28
N ASN IA 57 7.06 46.68 -30.06
CA ASN IA 57 6.21 46.21 -31.14
C ASN IA 57 5.58 44.91 -30.65
N VAL IA 58 4.29 44.73 -30.93
CA VAL IA 58 3.54 43.56 -30.48
C VAL IA 58 2.73 42.97 -31.63
N THR IA 59 2.65 41.65 -31.66
CA THR IA 59 1.88 40.91 -32.66
C THR IA 59 1.04 39.92 -31.89
N LYS IA 60 -0.27 40.18 -31.80
CA LYS IA 60 -1.17 39.30 -31.07
C LYS IA 60 -1.58 38.12 -31.93
N LYS IA 61 -2.31 37.18 -31.30
CA LYS IA 61 -2.73 35.97 -31.99
C LYS IA 61 -3.74 36.24 -33.10
N ASP IA 62 -4.34 37.43 -33.14
CA ASP IA 62 -5.32 37.78 -34.17
C ASP IA 62 -4.66 38.39 -35.40
N SER IA 63 -3.36 38.18 -35.60
CA SER IA 63 -2.63 38.69 -36.76
C SER IA 63 -2.65 40.22 -36.83
N ASN IA 64 -2.75 40.88 -35.68
CA ASN IA 64 -2.78 42.34 -35.61
C ASN IA 64 -1.44 42.87 -35.10
N ARG IA 65 -1.22 44.17 -35.29
CA ARG IA 65 0.01 44.82 -34.86
C ARG IA 65 -0.34 46.21 -34.31
N TYR IA 66 0.52 46.70 -33.42
CA TYR IA 66 0.38 48.04 -32.85
C TYR IA 66 1.71 48.38 -32.19
N THR IA 67 1.75 49.55 -31.53
CA THR IA 67 2.96 50.01 -30.83
C THR IA 67 2.58 50.56 -29.46
N THR IA 68 3.46 50.35 -28.49
CA THR IA 68 3.30 50.87 -27.13
C THR IA 68 4.62 51.50 -26.69
N TYR IA 69 4.66 51.99 -25.46
CA TYR IA 69 5.86 52.60 -24.90
C TYR IA 69 5.86 52.39 -23.40
N ILE IA 70 7.01 52.03 -22.85
CA ILE IA 70 7.17 51.82 -21.41
C ILE IA 70 7.57 53.15 -20.77
N PRO IA 71 6.68 53.82 -19.98
CA PRO IA 71 7.10 55.09 -19.36
C PRO IA 71 8.32 54.95 -18.46
N VAL IA 72 8.26 54.05 -17.49
CA VAL IA 72 9.36 53.80 -16.56
C VAL IA 72 9.67 52.31 -16.53
N GLN IA 73 10.93 51.99 -16.27
CA GLN IA 73 11.38 50.61 -16.14
C GLN IA 73 10.56 49.88 -15.07
N ASP IA 74 10.15 48.65 -15.40
CA ASP IA 74 9.36 47.81 -14.49
C ASP IA 74 10.10 46.49 -14.38
N PRO IA 75 10.46 46.01 -13.15
CA PRO IA 75 11.19 44.74 -13.06
C PRO IA 75 10.32 43.50 -13.22
N LYS IA 76 9.06 43.55 -12.77
CA LYS IA 76 8.16 42.40 -12.87
C LYS IA 76 7.53 42.26 -14.24
N LEU IA 77 7.71 43.25 -15.13
CA LEU IA 77 7.16 43.16 -16.48
C LEU IA 77 7.69 41.94 -17.21
N LEU IA 78 9.02 41.84 -17.32
CA LEU IA 78 9.62 40.71 -18.02
C LEU IA 78 9.26 39.40 -17.33
N ASP IA 79 9.30 39.36 -16.00
CA ASP IA 79 8.95 38.14 -15.28
C ASP IA 79 7.49 37.77 -15.54
N ASN IA 80 6.59 38.76 -15.48
CA ASN IA 80 5.18 38.51 -15.76
C ASN IA 80 5.00 38.02 -17.19
N LEU IA 81 5.74 38.60 -18.13
CA LEU IA 81 5.65 38.20 -19.54
C LEU IA 81 5.98 36.73 -19.72
N LEU IA 82 7.09 36.29 -19.13
CA LEU IA 82 7.50 34.89 -19.26
C LEU IA 82 6.48 33.94 -18.65
N THR IA 83 5.90 34.31 -17.51
CA THR IA 83 4.88 33.48 -16.87
C THR IA 83 3.74 33.18 -17.83
N LYS IA 84 3.33 34.17 -18.62
CA LYS IA 84 2.27 34.00 -19.60
C LYS IA 84 2.76 33.35 -20.89
N ASN IA 85 4.05 33.07 -21.00
CA ASN IA 85 4.67 32.43 -22.17
C ASN IA 85 4.63 33.34 -23.40
N VAL IA 86 4.77 34.65 -23.20
CA VAL IA 86 4.80 35.58 -24.32
C VAL IA 86 6.16 35.48 -24.99
N LYS IA 87 6.16 35.26 -26.30
CA LYS IA 87 7.41 35.14 -27.06
C LYS IA 87 8.13 36.48 -27.08
N VAL IA 88 9.33 36.53 -26.49
CA VAL IA 88 10.15 37.74 -26.43
C VAL IA 88 11.31 37.56 -27.39
N VAL IA 89 11.67 38.65 -28.08
CA VAL IA 89 12.76 38.67 -29.05
C VAL IA 89 13.59 39.91 -28.83
N GLY IA 90 14.86 39.83 -29.26
CA GLY IA 90 15.80 40.94 -29.16
C GLY IA 90 16.31 41.33 -30.53
N GLU IA 91 17.08 42.41 -30.56
CA GLU IA 91 17.65 42.95 -31.79
C GLU IA 91 19.10 43.36 -31.59
N PRO IA 92 19.93 43.32 -32.63
CA PRO IA 92 21.33 43.72 -32.47
C PRO IA 92 21.44 45.24 -32.42
N PRO IA 93 22.47 45.79 -31.78
CA PRO IA 93 22.59 47.25 -31.70
C PRO IA 93 22.94 47.86 -33.05
N GLU IA 94 22.52 49.11 -33.23
CA GLU IA 94 22.76 49.86 -34.47
C GLU IA 94 24.04 50.66 -34.31
N GLU IA 95 25.16 50.11 -34.82
CA GLU IA 95 26.45 50.78 -34.73
C GLU IA 95 26.57 51.75 -35.91
N PRO IA 96 26.76 53.06 -35.69
CA PRO IA 96 26.89 53.97 -36.84
C PRO IA 96 28.16 53.70 -37.63
N SER IA 97 28.01 53.58 -38.94
CA SER IA 97 29.14 53.32 -39.84
C SER IA 97 30.12 54.49 -39.82
N LYS JA 31 1.20 74.01 -12.93
CA LYS JA 31 2.08 73.23 -12.10
C LYS JA 31 1.38 72.82 -10.81
N VAL JA 32 1.53 71.54 -10.45
CA VAL JA 32 0.93 70.98 -9.25
C VAL JA 32 2.05 70.29 -8.48
N ASP JA 33 1.89 70.22 -7.15
CA ASP JA 33 2.88 69.60 -6.29
C ASP JA 33 2.78 68.08 -6.38
N TYR JA 34 3.93 67.42 -6.19
CA TYR JA 34 3.96 65.97 -6.22
C TYR JA 34 3.11 65.37 -5.10
N SER JA 35 3.29 65.85 -3.87
CA SER JA 35 2.56 65.32 -2.73
C SER JA 35 1.05 65.50 -2.88
N THR JA 36 0.60 66.70 -3.24
CA THR JA 36 -0.84 66.92 -3.42
C THR JA 36 -1.35 66.09 -4.60
N PHE JA 37 -0.52 65.88 -5.62
CA PHE JA 37 -0.93 65.06 -6.75
C PHE JA 37 -1.13 63.61 -6.33
N LEU JA 38 -0.17 63.05 -5.58
CA LEU JA 38 -0.27 61.65 -5.14
C LEU JA 38 -1.51 61.40 -4.28
N GLN JA 39 -1.81 62.28 -3.33
CA GLN JA 39 -3.01 62.09 -2.52
C GLN JA 39 -4.25 62.12 -3.39
N GLU JA 40 -4.29 63.03 -4.37
CA GLU JA 40 -5.44 63.11 -5.27
C GLU JA 40 -5.51 61.88 -6.15
N VAL JA 41 -4.35 61.31 -6.51
CA VAL JA 41 -4.33 60.08 -7.29
C VAL JA 41 -4.97 58.95 -6.48
N ASN JA 42 -4.62 58.86 -5.20
CA ASN JA 42 -5.18 57.83 -4.33
C ASN JA 42 -6.66 58.10 -4.02
N ASN JA 43 -7.13 59.33 -4.20
CA ASN JA 43 -8.53 59.67 -3.98
C ASN JA 43 -9.42 59.30 -5.16
N ASP JA 44 -8.89 58.59 -6.17
CA ASP JA 44 -9.64 58.19 -7.36
C ASP JA 44 -10.22 59.41 -8.06
N GLN JA 45 -9.31 60.30 -8.50
CA GLN JA 45 -9.69 61.52 -9.19
C GLN JA 45 -8.80 61.79 -10.41
N VAL JA 46 -8.15 60.75 -10.96
CA VAL JA 46 -7.32 60.87 -12.15
C VAL JA 46 -7.72 59.75 -13.10
N ARG JA 47 -7.73 60.05 -14.41
CA ARG JA 47 -8.08 59.07 -15.42
C ARG JA 47 -6.98 58.79 -16.44
N GLU JA 48 -6.27 59.82 -16.91
CA GLU JA 48 -5.21 59.67 -17.89
C GLU JA 48 -3.94 60.38 -17.44
N ALA JA 49 -2.80 59.83 -17.85
CA ALA JA 49 -1.50 60.41 -17.55
C ALA JA 49 -0.55 60.14 -18.70
N ARG JA 50 0.01 61.20 -19.28
CA ARG JA 50 0.96 61.11 -20.38
C ARG JA 50 2.35 61.41 -19.83
N ILE JA 51 3.25 60.44 -19.89
CA ILE JA 51 4.60 60.58 -19.34
C ILE JA 51 5.56 60.82 -20.50
N ASN JA 52 6.14 62.03 -20.55
CA ASN JA 52 7.12 62.42 -21.54
C ASN JA 52 8.26 63.10 -20.78
N GLY JA 53 9.26 62.32 -20.38
CA GLY JA 53 10.38 62.84 -19.63
C GLY JA 53 10.05 62.95 -18.16
N ARG JA 54 9.85 64.18 -17.68
CA ARG JA 54 9.48 64.45 -16.30
C ARG JA 54 8.19 65.25 -16.18
N GLU JA 55 7.50 65.52 -17.29
CA GLU JA 55 6.24 66.25 -17.29
C GLU JA 55 5.10 65.25 -17.42
N ILE JA 56 3.96 65.59 -16.83
CA ILE JA 56 2.77 64.73 -16.87
C ILE JA 56 1.55 65.61 -17.03
N ASN JA 57 0.77 65.38 -18.08
CA ASN JA 57 -0.47 66.10 -18.31
C ASN JA 57 -1.54 65.31 -17.58
N VAL JA 58 -1.99 65.82 -16.44
CA VAL JA 58 -2.96 65.14 -15.60
C VAL JA 58 -4.35 65.65 -15.94
N THR JA 59 -5.29 64.72 -16.11
CA THR JA 59 -6.67 65.03 -16.42
C THR JA 59 -7.54 64.45 -15.30
N LYS JA 60 -8.25 65.31 -14.60
CA LYS JA 60 -9.15 64.87 -13.54
C LYS JA 60 -10.41 64.27 -14.14
N LYS JA 61 -11.32 63.83 -13.29
CA LYS JA 61 -12.58 63.26 -13.76
C LYS JA 61 -13.60 64.33 -14.14
N ASP JA 62 -13.32 65.61 -13.85
CA ASP JA 62 -14.21 66.72 -14.18
C ASP JA 62 -13.74 67.48 -15.42
N SER JA 63 -12.84 66.90 -16.21
CA SER JA 63 -12.30 67.46 -17.46
C SER JA 63 -11.24 68.54 -17.24
N ASN JA 64 -10.79 68.79 -16.02
CA ASN JA 64 -9.78 69.83 -15.81
C ASN JA 64 -8.40 69.30 -16.19
N ARG JA 65 -7.46 70.23 -16.39
CA ARG JA 65 -6.10 69.92 -16.78
C ARG JA 65 -5.11 70.69 -15.91
N TYR JA 66 -3.93 70.10 -15.72
CA TYR JA 66 -2.84 70.67 -14.93
C TYR JA 66 -1.58 69.89 -15.29
N THR JA 67 -0.47 70.24 -14.63
CA THR JA 67 0.82 69.58 -14.83
C THR JA 67 1.46 69.26 -13.48
N THR JA 68 2.46 68.39 -13.51
CA THR JA 68 3.19 67.98 -12.32
C THR JA 68 4.56 67.48 -12.73
N TYR JA 69 5.52 67.53 -11.80
CA TYR JA 69 6.87 67.04 -12.00
C TYR JA 69 7.28 66.19 -10.82
N ILE JA 70 7.82 65.01 -11.09
CA ILE JA 70 8.25 64.10 -10.01
C ILE JA 70 9.58 64.61 -9.44
N PRO JA 71 9.73 64.71 -8.11
CA PRO JA 71 11.05 65.16 -7.59
C PRO JA 71 12.21 64.22 -7.94
N VAL JA 72 12.08 62.93 -7.63
CA VAL JA 72 13.14 61.95 -7.88
C VAL JA 72 12.51 60.60 -8.24
N GLN JA 73 13.37 59.65 -8.61
CA GLN JA 73 12.97 58.30 -8.99
C GLN JA 73 12.12 57.63 -7.91
N ASP JA 74 10.87 57.32 -8.26
CA ASP JA 74 9.92 56.67 -7.36
C ASP JA 74 9.56 55.30 -7.94
N PRO JA 75 10.24 54.22 -7.52
CA PRO JA 75 9.92 52.89 -8.06
C PRO JA 75 8.46 52.47 -7.91
N LYS JA 76 7.86 52.74 -6.75
CA LYS JA 76 6.49 52.33 -6.46
C LYS JA 76 5.43 53.20 -7.14
N LEU JA 77 5.83 54.21 -7.90
CA LEU JA 77 4.86 55.08 -8.56
C LEU JA 77 4.00 54.30 -9.54
N LEU JA 78 4.64 53.49 -10.40
CA LEU JA 78 3.89 52.70 -11.37
C LEU JA 78 2.94 51.74 -10.67
N ASP JA 79 3.39 51.09 -9.60
CA ASP JA 79 2.54 50.19 -8.84
C ASP JA 79 1.31 50.92 -8.31
N ASN JA 80 1.52 52.07 -7.65
CA ASN JA 80 0.42 52.83 -7.08
C ASN JA 80 -0.60 53.24 -8.15
N LEU JA 81 -0.11 53.74 -9.28
CA LEU JA 81 -1.02 54.19 -10.34
C LEU JA 81 -1.81 53.03 -10.94
N LEU JA 82 -1.11 51.98 -11.38
CA LEU JA 82 -1.79 50.84 -11.99
C LEU JA 82 -2.68 50.11 -10.98
N THR JA 83 -2.30 50.08 -9.70
CA THR JA 83 -3.11 49.42 -8.68
C THR JA 83 -4.43 50.15 -8.41
N LYS JA 84 -4.62 51.36 -8.94
CA LYS JA 84 -5.85 52.14 -8.76
C LYS JA 84 -6.57 52.34 -10.09
N ASN JA 85 -6.37 51.41 -11.03
CA ASN JA 85 -7.01 51.42 -12.34
C ASN JA 85 -6.89 52.76 -13.05
N VAL JA 86 -5.66 53.25 -13.20
CA VAL JA 86 -5.39 54.50 -13.89
C VAL JA 86 -4.76 54.16 -15.24
N LYS JA 87 -4.96 55.06 -16.20
CA LYS JA 87 -4.46 54.90 -17.56
C LYS JA 87 -3.16 55.68 -17.74
N VAL JA 88 -2.07 54.96 -18.02
CA VAL JA 88 -0.77 55.58 -18.26
C VAL JA 88 -0.51 55.57 -19.76
N VAL JA 89 0.41 56.44 -20.19
CA VAL JA 89 0.78 56.56 -21.60
C VAL JA 89 2.27 56.89 -21.69
N GLY JA 90 2.90 56.43 -22.77
CA GLY JA 90 4.30 56.68 -23.03
C GLY JA 90 4.45 57.46 -24.33
N GLU JA 91 5.57 58.17 -24.51
CA GLU JA 91 5.80 59.00 -25.67
C GLU JA 91 7.20 58.77 -26.25
N PRO JA 92 7.36 58.83 -27.57
CA PRO JA 92 8.67 58.60 -28.17
C PRO JA 92 9.60 59.79 -27.97
N PRO JA 93 10.91 59.61 -28.15
CA PRO JA 93 11.84 60.73 -27.98
C PRO JA 93 11.84 61.65 -29.20
N GLU JA 94 11.83 62.96 -28.93
CA GLU JA 94 11.80 63.97 -29.98
C GLU JA 94 13.23 64.19 -30.48
N GLU JA 95 13.63 63.35 -31.43
CA GLU JA 95 14.98 63.46 -32.00
C GLU JA 95 15.05 64.74 -32.84
N PRO JA 96 16.10 65.56 -32.72
CA PRO JA 96 16.15 66.80 -33.51
C PRO JA 96 16.18 66.53 -35.01
N SER JA 97 15.28 67.20 -35.73
CA SER JA 97 15.19 67.05 -37.18
C SER JA 97 16.44 67.59 -37.86
#